data_6ZVH
#
_entry.id   6ZVH
#
_cell.length_a   1.00
_cell.length_b   1.00
_cell.length_c   1.00
_cell.angle_alpha   90.00
_cell.angle_beta   90.00
_cell.angle_gamma   90.00
#
_symmetry.space_group_name_H-M   'P 1'
#
loop_
_entity.id
_entity.type
_entity.pdbx_description
1 polymer '18S rRNA'
2 polymer '40S ribosomal protein SA'
3 polymer '40S ribosomal protein S3a'
4 polymer '40S ribosomal protein S3'
5 polymer '40S ribosomal protein S4, X isoform'
6 polymer '40S ribosomal protein S5'
7 polymer '40S ribosomal protein S7'
8 polymer '40S ribosomal protein S8'
9 polymer '40S ribosomal protein S10'
10 polymer '40S ribosomal protein S11'
11 polymer '40S ribosomal protein S15'
12 polymer '40S ribosomal protein S16'
13 polymer '40S ribosomal protein S17'
14 polymer '40S ribosomal protein S18'
15 polymer '40S ribosomal protein S19'
16 polymer '40S ribosomal protein S20'
17 polymer '40S ribosomal protein S21'
18 polymer '40S ribosomal protein S23'
19 polymer '40S ribosomal protein S26'
20 polymer '40S ribosomal protein S28'
21 polymer '40S ribosomal protein S29'
22 polymer 'Receptor of activated protein C kinase 1'
23 polymer '40S ribosomal protein S2'
24 polymer '40S ribosomal protein S6'
25 polymer '40S ribosomal protein S9'
26 polymer '40S ribosomal protein S12'
27 polymer '40S ribosomal protein S13'
28 polymer '40S ribosomal protein S14'
29 polymer '40S ribosomal protein S15a'
30 polymer '40S ribosomal protein S24'
31 polymer '40S ribosomal protein S25'
32 polymer '40S ribosomal protein S27'
33 polymer '40S ribosomal protein S30'
34 polymer 'Ubiquitin-40S ribosomal protein S27a'
35 polymer 'E-site tRNA'
36 polymer 'Cell growth-regulating nucleolar protein'
37 polymer 'Endothelial differentiation-related factor 1'
38 non-polymer 'MAGNESIUM ION'
39 non-polymer 'ZINC ION'
#
loop_
_entity_poly.entity_id
_entity_poly.type
_entity_poly.pdbx_seq_one_letter_code
_entity_poly.pdbx_strand_id
1 'polyribonucleotide'
;UACCUGGUUGAUCCUGCCAGUAGCAUAUGCUUGUCUCAAAGAUUAAGCCAUGCAUGUCUAAGUACGCACGGCCGGUACAG
UGAAACUGCGAAUGGCUCAUUAAAUCAGUUAUGGUUCCUUUGGUCGCUCGCUCCUCUCCCACUUGGAUAACUGUGGUAAU
UCUAGAGCUAAUACAUGCCGACGGGCGCUGACCCCCUUCGCGGGGGGGAUGCGUGCAUUUAUCAGUGGUGACUCUAGAUA
ACCUCGGGCCGAUCGCACGCCCCCCGUGGCGGCGACGACCCAUUCGAACGUCUGCCCUAUCAACUUUCGAUGGUAGUCGC
CGUGCCUACCAUGGUGACCACGGGUGACGGGGAAUCAGGGUUCGAUUCCGGAGAGGGAGCCUGAGAAACGGCUACCACAU
CCAAGGAAGGCAGCAGGCGCGCAAAUUACCCACUCCCGACCCGGGGAGGUAGUGACGAAAAAUAACAAUACAGGACUCUU
UCGAGGCCCUGUAAUUGGAAUGAGUCCACUUUAAAUCCUUCCGCGAGGAUCCAUUGGAGGGCAAGUCUGGUGCCAGCAGC
CGCGGUAAUUCCAGCUCCAAUAGCGUAUAUUAAAGUUGCUGCAGUUAAAAAGCUCGUAGUUGGAUCUUGGGAGCGGGCGU
CCCCGCCCUCUCGGCCGGGGCCCGAAGCAUUUACUUUGAAAAAAUUAGAGUGUUCAAAGCAGGCCCGAGCCGCCUGGAUA
CCGCAGCUAGGAAUAAUGGAAUAGGACCGCGGUUCUAUUUUGUUGGUUUUCGGAACUGAGGCCAUGAUUAAGAGGGACGG
CCGGGGGCAUUCGUAUUGCGCCGCUAGAGGUGAAAUUCUUGGACCGGCGCAAGACGGACCAGAGCGAAAGCAUUUGCCAA
GAAUGUUUUCAUUAAUCAAGAACGAAAGUCGGAGGUUCGAAGACGAUCAGAUACCGUCGUAGUUCCGACCAUAAACGAUG
CCGACUGGCGAUGCGGCGGCGUUAUUCCCAUGACCCGCCGGGCAGCUUCCGGGAAACCAAAGUCUUUGGGUUCCGGGGGG
AGUAUGGUUGCAAAGCUGAAACUUAAAGGAAUUGACGGAAGGGCACCACCAGGAGUGGAGCCUGCGGCUUAAUUUGACUC
AACACGGGAAACCUCACCCGGCCCGGACACGGACAGGAUUGACAGAUUGAUAGCUCUUUCUCGAUUCCGUGGGUGGUGGU
GCAUGGCCGUUCUUAGUUGGUGGAGCGAUUUGUCUGGUUAAUUCCGAUAACGAACGAGACUCUGGCAUGCUAACUAGUUA
CGCGACCCCCGAGCGGUCGGCGUCCCCCAACUUCUUAGAGGGACAAGUGGCGUUCAGCCACCCGAGAUUGAGCAAUAACA
GGUCUGUGAUGCCCUUAGAUGUCCGGGGCUGCACGCGCGCUACACUGACUGGCUCAGCGUGUGCCUACCCUACGCCGGCA
GGCGCGGGUAACCCGUUGAACCCCAUUCGUGAUGGGGAUCGGGGAUUGCAAUUAUUCCCCAUGAACGAGGAAUUCCCAGU
AAGUGCGGGUCAUAAGCUUGCGUUGAUUAAGUCCCUGCCCUUUGUACACACCGCCCGUCGCUACUACCGAUUGGAUGGUU
UAGUGAGGCCCUCGGAUCGGCCCCGCCGGGGUCGGCCCACGGCCCUGGCGGAGCGCUGAGAAGACGGUCGAACUUGACUA
UCUAGAGGAAGUAAAAGUCGUAACAAGGUUUCCGUAGGUGAACCUGCGGAAGGAUCAUUA
;
2
2 'polypeptide(L)'
;GALDVLQMKEEDVLKFLAAGTHLGGTNLDFQMEQYIYKRKSDGIYIINLKRTWEKLLLAARAIVAIENPADVSVISSRNT
GQRAVLKFAAATGATPIAGRFTPGTFTNQIQAAFREPRLLVVTDPRADHQPLTEASYVNLPTIALCNTDSPLRYVDIAIP
CNNKGAHSVGLMWWMLAREVLRMRGTISREHPWEVMPDLYFYRDPEEIEKEEQAAAEKAVT
;
A
3 'polypeptide(L)'
;MAVGKNKRLTKGGKKGAKKKVVDPFSKKDWYDVKAPAMFNIRNIGKTLVTRTQGTKIASDGLKGRVFEVSLADLQNDEVA
FRKFKLITEDVQGKNCLTNFHGMDLTRDKMCSMVKKWQTMIEAHVDVKTTDGYLLRLFCVGFTKKRNNQIRKTSYAQHQQ
VRQIRKKMMEIMTREVQTNDLKEVVNKLIPDSIGKDIEKACQSIYPLHDVFVRKVKMLKKPKFELGKLMELHGEGSSSGK
ATGDETGAKVERADGYEPPVQESV
;
B
4 'polypeptide(L)'
;MAVQISKKRKFVADGIFKAELNEFLTRELAEDGYSGVEVRVTPTRTEIIILATRTQNVLGEKGRRIRELTAVVQKRFGFP
EGSVELYAEKVATRGLCAIAQAESLRYKLLGGLAVRRACYGVLRFIMESGAKGCEVVVSGKLRGQRAKSMKFVDGLMIHS
GDPVNYYVDTAVRHVLLRQGVLGIKVKIMLPWDPTGKIGPKKPLPDHVSIVEPKDEILPTTPISEQK
;
D
5 'polypeptide(L)'
;ARGPKKHLKRVAAPKHWMLDKLTGVFAPRPSTGPHKLRECLPLIIFLRNRLKYALTGDEVKKICMQRFIKIDGKVRTDIT
YPAGFMDVISIDKTGENFRLIYDTKGRFAVHRITPEEAKYKLCKVRKIFVGTKGIPHLVTHDARTIRYPDPLIKVNDTIQ
IDLETGKITDFIKFDTGNLCMVTGGANLGRIGVITNRERHPGSFDVVHVKDANGNSFATRLSNIFVIGKGNKPWISLPRG
KGIRLTIAEERDKRLAAKQSSG
;
E
6 'polypeptide(L)'
;DIKLFGKWSTDDVQINDISLQDYIAVKEKYAKYLPHSAGRYAAKRFRKAQCPIVERLTNSMMMHGRNNGKKLMTVRIVKH
AFEIIHLLTGENPLQVLVNAIINSGPREDSTRIGRAGTVRRQAVDVSPLRRVNQAIWLLCTGAREAAFRNIKTIAECLAD
ELINAAKGSSNSYAIKKKDELERVAKSNR
;
F
7 'polypeptide(L)'
;SAKIVKPNGEKPDEFESGISQALLELEMNSDLKAQLRELNITAAKEIEVGGGRKAIIIFVPVPQLKSFQKIQVRLVRELE
KKFSGKHVVFIAQRRILPKPTRKSRTKNKQKRPRSRTLTAVHDAILEDLVFPSEIVGKRIRVKLDGSRLIKVHLDKAQQN
NVEHKVETFSGVYKKLTGKDVNFEFPEFQ
;
H
8 'polypeptide(L)'
;GISRDNWHKRRKTGGKRKPYHKKRKYELGRPAANTKIGPRRIHTVRVRGGNKKYRALRLDVGNFSWGSECCTRKTRIIDV
VYNASNNELVRTKTLVKNCIVLIDSTPYRQWYESHYALPLGRKKGAKLTPEEEEILNKKRSKKIQKKYDERKKNAKISSL
LEEQFQQGKLLACIASRPGQCGRADGYVLEGKELEFYLRKIKARKG
;
I
9 'polypeptide(L)'
;MLMPKKNRIAIYELLFKEGVMVAKKDVHMPKHPELADKNVPNLHVMKAMQSLKSRGYVKEQFAWRHFYWYLTNEGIQYLR
DYLHLPPEIVPATLRRSR
;
K
10 'polypeptide(L)'
;ADIQTERAYQKQPTIFQNKKRVLLGETGKEKLPRYYKNIGLGFKTPKEAIEGTYIDKKCPFTGNVSIRGRILSGVVTKMK
MQRTIVIRRDYLHYIRKYNRFEKRHKNMSVHLSPCFRDVQIGDIVTVGECRPLSKTVRFNVLKVTKAAGTKKQ
;
L
11 'polypeptide(L)'
;RTFRKFTYRGVDLDQLLDMSYEQLMQLYSARQRRRLNRGLRRKQHSLLKRLRKAKKEAPPMEKPEVVKTHLRDMIILPEM
VGSMVGVYNGKTFNQVEIKPEMIGHYLGEFSITYKPVKHGRPGIGATHS
;
P
12 'polypeptide(L)'
;SKGPLQSVQVFGRKKTATAVAHCKRGNGLIKVNGRPLEMIEPRTLQYKLLEPVLLLGKERFAGVDIRVRVKGGGHVAQIY
AIRQSISKALVAYYQKYVDEASKKEIKDILIQYDRTLLVADPRRCESKKFGGPGARARYQKSYR
;
Q
13 'polypeptide(L)'
;MGRVRTKTVKKAARVIIEKYYTRLGNDFHTNKRVCEEIAIIPSKKLRNKIAGYVTHLMKRIQRGPVRGISIKLQEEERER
RDNYVPEVSALDQEIIEVDPDTKEMLKLLDFGSLSNLQVTQPTVGMNFKTPRGPV
;
R
14 'polypeptide(L)'
;MSLVIPEKFQHILRVLNTNIDGRRKIAFAITAIKGVGRRYAHVVLRKADIDLTKRAGELTEDEVERVITIMQNPRQYKIP
DWFLNRQKDVKDGKYSQVLANGLDNKLREDLERLKKIRAHRGLRHFWGLRVRGQHTKTTGRRGRT
;
S
15 'polypeptide(L)'
;PGVTVKDVNQQEFVRALAAFLKKSGKLKVPEWVDTVKLAKHKELAPYDENWFYTRAASTARHLYLRGGAGVGSMTKIYGG
RQRNGVMPSHFSRGSKSVARRVLQALEGLKMVEKDQDGGRKLTPQGQRDLDRIAGQVAAANKK
;
T
16 'polypeptide(L)'
;AIHRIRITLTSRNVKSLEKVCADLIRGAKEKNLKVKGPVRMPTKTLRITTRKTPCGEGSKTWDRFQMRIHKRLIDLHSPS
EIVKQITSISIEPGVEVEVTIADA
;
U
17 'polypeptide(L)'
;MQNDAGEFVDLYVPRKCSASNRIIGAKDHASIQMNVAEVDKVTGRFNGQFKTYAICGAIRRMGESDDSILRLAKADGIVS
KNF
;
V
18 'polypeptide(L)'
;GKCRGLRTARKLRSHRRDQKWHDKQYKKAHLGTALKANPFGGASHAKGIVLEKVGVEAKQPNSAIRKCVRVQLIKNGKKI
TAFVPNDGCLNFIEENDEVLVAGFGRKGHAVGDIPGVRFKVVKVANVSLLALYKGKKERPR
;
X
19 'polypeptide(L)'
;TKKRRNNGRAKKGRGHVQPIRCTNCARCVPKDKAIKKFVIRNIVEAAAVRDISEASVFDAYVLPKLYVKLHYCVSCAIHS
KVVRNRSREARKDRTPPPRFRP
;
a
20 'polypeptide(L)' RVQPIKLARVTKVLGRTGSQGQCTQVRVEFMDDTSRSIIRNVKGPVREGDVLTLLESEREARRL c
21 'polypeptide(L)' GHQQLYWSHPRKFGQGSRSCRVCSNRHGLIRKYGLNMCRQCFRQYAKDIGFIKLD d
22 'polypeptide(L)'
;TEQMTLRGTLKGHNGWVTQIATTPQFPDMILSASRDKTIIMWKLTRDETNYGIPQRALRGHSHFVSDVVISSDGQFALSG
SWDGTLRLWDLTTGTTTRRFVGHTKDVLSVAFSSDNRQIVSGSRDKTIKLWNTLGVCKYTVQDESHSEWVSCVRFSPNSS
NPIIVSCGWDKLVKVWNLANCKLKTNHIGHTGYLNTVTVSPDGSLCASGGKDGQAMLWDLNEGKHLYTLDGGDIINALCF
SPNRYWLCAATGPSIKIWDLEGKIIVDELKQEVISTSSKAEPPQCTSLAWSADGQTLFAGYTDNLVRVWQVTI
;
g
23 'polypeptide(L)'
;EWMPVTKLGRLVKDMKIKSLEEIYLFSLPIKESEIIDFFLGASLKDEVLKIMPVQKQTRAGQRTRFKAFVAIGDYNGHVG
LGVKCSKEVATAIRGAIILAKLSIVPVRRGYWGNKIGKPHTVPCKVTGRCGSVLVRLIPAPRGTGIVSAPVPKKLLMMAG
IDDCYTSARGCTATLGNFAKATFDAISKTYSYLTPDLWKETVFTKSPYQEFTDHLVKTHTRV
;
C
24 'polypeptide(L)'
;MKLNISFPATGCQKLIEVDDERKLRTFYEKRMATEVAADALGEEWKGYVVRISGGNDKQGFPMKQGVLTHGRVRLLLSKG
HSCYRPRRTGERKRKSVRGCIVDANLSVLNLVIVKKGEKDIPGLTDTTVPRRLGPKRASRIRKLFNLSKEDDVRQYVVRK
PLNKEGKKPRTKAPKIQRLVTPRVLQHKRRRIALKKQRTKKNKEEAAEYAKLLAKRMKEAKEKRQEQIAKRRRLSSL
;
G
25 'polypeptide(L)'
;PVARSWVCRKTYVTPRRPFEKSRLDQELKLIGEYGLRNKREVWRVKFTLAKIRKAARELLTLDEKDPRRLFEGNALLRRL
VRIGVLDEGKMKLDYILGLKIEDFLERRLQTQVFKLGLAKSIHHARVLIRQRHIRVRKQVVNIPSFIVRLDSQKHIDFSL
RSPYGGGRPGRVKRKNAKKGQGGAG
;
J
26 'polypeptide(L)'
;VMDVNTALQEVLKTALIHDGLARGIREAAKALDKRQAHLCVQASNCDEPMYVKLVEALLAEHQINLIKVDDNKKLGEWVG
LCKIDREGNPRKVVGCSCVVVKDYGKESQAKDVIEEYFKCKK
;
M
27 'polypeptide(L)'
;GRMHAPGKGLSQSALPYRRSVPTWLKLTSDDVKEQIYKLAKKGLTPSQIGVILRDSHGVAQVRFVTGNKILRILKSKGLA
PDLPEDLYHLIKKAVAVRKHLERNRKDKDAKFRLILIESRIHRLARYYKTKRVLPPNWKYESSTASALVA
;
N
28 'polypeptide(L)'
;EQVISLGPQVAEGENVFGVCHIFASFNDTFVHVTDLSGKETICRVTGGMKVKADRDESSPYAAMLAAQDVAQRCKELGIT
ALHIKLRATGGNRTKTPGPGAQSALRALARSGMKIGRIEDVTPIPSDSTRRKGGRRGRRL
;
O
29 'polypeptide(L)'
;VRMNVLADALKSINNAEKRGKRQVLIRPCSKVIVRFLTVMMKHGYIGEFEIIDDHRAGKIVVNLTGRLNKCGVISPRFDV
QLKDLEKWQNNLLPSRQFGFIVLTTSAGIMDHEEARRKHTGGKILGFFF
;
W
30 'polypeptide(L)'
;NDTVTIRTRKFMTNRLLQRKQMVIDVLHPGKATVPKTEIREKLAKMYKTTPDVIFVFGFRTHFGGGKTTGFGMIYDSLDY
AKKNEPKHRLARHGLYEKKKTSRKQRKERKNRMKKVRGTAKANVGAGKKPK
;
Y
31 'polypeptide(L)' RDKLNNLVLFDKATYDKLCKEVPNYKLITPAVVSERLKIRGSLARAALQELLSKGLIKLVSKHRAQVIYTRNTKG Z
32 'polypeptide(L)'
;PLAKDLLHPSPEEEKRKHKKKRLVQSPNSYFMDVKCPGCYKITTVFSHAQTVVLCVGCSTVLCQPTGGKARLTEGCSFRR
KQH
;
b
33 'polypeptide(L)' VHGSLARAGKVRGQTPKVAKQEKKKKKTGRAKRRMQYNRRFV e
34 'polypeptide(L)' YTTPKKNKHKRKKVKLAVLKYYKVDENGKISRLRRECPSDECGAGVFMASHFDRHYCGKCCLTYCFN f
35 'polyribonucleotide' UCCGAUAUAGCGUAACGGCUAUCACAUCACGCUUUCACCGUGGAGACCGGGGUUCGACUCCCCGUAUCGGAGCCA x
36 'polypeptide(L)' KFNWKGTIKAILKQAPDNEITIKKLRKKVLAQYYTVTDEHHRSEEELLVIFNKKISKNPTFKLLKDKVKLVK y
37 'polypeptide(L)'
;SKQAILAAQRRGEDVETSKKWAAGQNKQHSITKNTAKLDRETEELHHDRVTLEVGKVIQQGRQSKGLTQKDLATKINEKP
QVIADYESGRAIPNNQVLGKIERAIGLKLR
;
i
#
loop_
_chem_comp.id
_chem_comp.type
_chem_comp.name
_chem_comp.formula
A RNA linking ADENOSINE-5'-MONOPHOSPHATE 'C10 H14 N5 O7 P'
C RNA linking CYTIDINE-5'-MONOPHOSPHATE 'C9 H14 N3 O8 P'
G RNA linking GUANOSINE-5'-MONOPHOSPHATE 'C10 H14 N5 O8 P'
MG non-polymer 'MAGNESIUM ION' 'Mg 2'
U RNA linking URIDINE-5'-MONOPHOSPHATE 'C9 H13 N2 O9 P'
ZN non-polymer 'ZINC ION' 'Zn 2'
#
# COMPACT_ATOMS: atom_id res chain seq x y z
N GLY B 1 37.66 39.86 20.76
CA GLY B 1 37.10 41.19 20.88
C GLY B 1 37.95 42.20 20.15
N ALA B 2 37.41 43.39 19.91
CA ALA B 2 38.19 44.50 19.39
C ALA B 2 38.99 45.18 20.49
N LEU B 3 38.79 44.79 21.74
CA LEU B 3 39.42 45.38 22.88
C LEU B 3 40.89 44.96 22.93
N ASP B 4 41.72 45.79 23.57
CA ASP B 4 43.12 45.43 23.73
C ASP B 4 43.30 44.33 24.77
N VAL B 5 42.39 44.24 25.73
CA VAL B 5 42.49 43.20 26.74
C VAL B 5 42.20 41.82 26.15
N LEU B 6 41.25 41.72 25.22
CA LEU B 6 40.98 40.47 24.53
C LEU B 6 41.81 40.34 23.26
N GLN B 7 43.12 40.49 23.39
CA GLN B 7 44.02 40.27 22.27
C GLN B 7 44.85 39.02 22.53
N MET B 8 45.75 38.76 21.59
CA MET B 8 46.24 37.41 21.41
C MET B 8 47.19 37.00 22.54
N LYS B 9 48.11 37.88 22.94
CA LYS B 9 49.06 37.59 24.04
C LYS B 9 49.94 36.37 23.78
N GLU B 10 50.95 36.53 22.92
CA GLU B 10 51.69 35.49 22.21
C GLU B 10 52.18 34.26 22.97
N GLU B 11 52.11 34.26 24.30
CA GLU B 11 52.31 33.02 25.06
C GLU B 11 51.42 31.89 24.53
N ASP B 12 50.15 32.22 24.27
CA ASP B 12 49.29 31.20 23.70
C ASP B 12 49.56 30.96 22.22
N VAL B 13 50.21 31.89 21.52
CA VAL B 13 50.69 31.59 20.18
C VAL B 13 51.75 30.51 20.23
N LEU B 14 52.64 30.60 21.22
CA LEU B 14 53.62 29.54 21.41
C LEU B 14 52.93 28.22 21.76
N LYS B 15 51.88 28.27 22.57
CA LYS B 15 51.11 27.06 22.86
C LYS B 15 50.48 26.47 21.60
N PHE B 16 49.88 27.33 20.77
CA PHE B 16 49.30 26.91 19.50
C PHE B 16 50.33 26.25 18.61
N LEU B 17 51.46 26.91 18.39
CA LEU B 17 52.47 26.37 17.48
C LEU B 17 53.09 25.11 18.03
N ALA B 18 53.19 24.97 19.35
CA ALA B 18 53.70 23.74 19.92
C ALA B 18 52.71 22.59 19.75
N ALA B 19 51.42 22.85 19.92
CA ALA B 19 50.45 21.77 19.86
C ALA B 19 50.10 21.35 18.44
N GLY B 20 50.36 22.21 17.46
CA GLY B 20 49.77 22.01 16.16
C GLY B 20 48.78 23.12 15.87
N THR B 21 47.49 22.76 15.74
CA THR B 21 46.35 23.68 15.82
C THR B 21 46.28 24.61 14.61
N HIS B 22 47.29 24.57 13.74
CA HIS B 22 47.30 25.40 12.56
C HIS B 22 47.64 24.61 11.32
N LEU B 23 47.59 23.28 11.39
CA LEU B 23 47.89 22.40 10.27
C LEU B 23 46.71 21.46 10.09
N GLY B 24 46.00 21.59 8.98
CA GLY B 24 44.76 20.87 8.84
C GLY B 24 44.45 20.17 7.54
N GLY B 25 45.44 19.98 6.68
CA GLY B 25 45.20 19.46 5.34
C GLY B 25 44.71 18.02 5.30
N THR B 26 44.51 17.46 4.11
CA THR B 26 44.81 18.12 2.85
C THR B 26 43.55 18.48 2.08
N ASN B 27 42.39 18.15 2.64
CA ASN B 27 41.12 18.48 2.02
C ASN B 27 40.54 19.74 2.63
N LEU B 28 39.95 20.58 1.78
CA LEU B 28 39.31 21.81 2.22
C LEU B 28 37.82 21.74 1.95
N ASP B 29 37.04 21.96 3.00
CA ASP B 29 35.58 22.08 2.89
C ASP B 29 35.26 23.50 2.47
N PHE B 30 34.27 23.66 1.59
CA PHE B 30 34.08 24.94 0.92
C PHE B 30 33.55 26.03 1.83
N GLN B 31 33.01 25.69 2.99
CA GLN B 31 32.63 26.69 3.97
C GLN B 31 33.73 26.98 4.98
N MET B 32 34.82 26.21 4.95
CA MET B 32 35.94 26.45 5.84
C MET B 32 37.05 27.27 5.22
N GLU B 33 36.94 27.64 3.94
CA GLU B 33 38.01 28.37 3.27
C GLU B 33 38.13 29.81 3.74
N GLN B 34 37.14 30.28 4.51
CA GLN B 34 37.20 31.59 5.14
C GLN B 34 38.25 31.66 6.25
N TYR B 35 38.66 30.51 6.78
CA TYR B 35 39.54 30.46 7.92
C TYR B 35 40.97 30.02 7.59
N ILE B 36 41.23 29.53 6.38
CA ILE B 36 42.58 29.13 6.04
C ILE B 36 43.40 30.36 5.63
N TYR B 37 44.72 30.23 5.73
CA TYR B 37 45.63 31.25 5.25
C TYR B 37 46.16 30.91 3.86
N LYS B 38 46.80 29.76 3.70
CA LYS B 38 47.13 29.22 2.39
C LYS B 38 47.47 27.75 2.56
N ARG B 39 47.93 27.13 1.49
CA ARG B 39 48.23 25.71 1.44
C ARG B 39 49.73 25.50 1.34
N LYS B 40 50.26 24.59 2.14
CA LYS B 40 51.67 24.25 2.12
C LYS B 40 52.03 23.54 0.81
N SER B 41 53.34 23.44 0.56
CA SER B 41 53.82 22.71 -0.61
C SER B 41 53.62 21.21 -0.48
N ASP B 42 53.49 20.71 0.74
CA ASP B 42 53.22 19.30 0.97
C ASP B 42 51.75 18.99 1.19
N GLY B 43 50.86 19.89 0.78
CA GLY B 43 49.43 19.62 0.73
C GLY B 43 48.64 20.05 1.94
N ILE B 44 49.27 20.38 3.04
CA ILE B 44 48.57 20.72 4.27
C ILE B 44 48.11 22.17 4.20
N TYR B 45 46.87 22.43 4.57
CA TYR B 45 46.38 23.78 4.69
C TYR B 45 46.81 24.38 6.01
N ILE B 46 47.08 25.68 6.00
CA ILE B 46 47.44 26.43 7.20
C ILE B 46 46.25 27.27 7.62
N ILE B 47 45.93 27.24 8.90
CA ILE B 47 44.77 27.93 9.44
C ILE B 47 45.22 29.20 10.11
N ASN B 48 44.58 30.31 9.75
CA ASN B 48 44.91 31.59 10.33
C ASN B 48 44.47 31.64 11.78
N LEU B 49 45.41 31.90 12.69
CA LEU B 49 45.11 31.79 14.11
C LEU B 49 44.34 32.98 14.63
N LYS B 50 44.28 34.09 13.90
CA LYS B 50 43.40 35.18 14.30
C LYS B 50 41.94 34.75 14.21
N ARG B 51 41.58 34.07 13.13
CA ARG B 51 40.21 33.59 12.99
C ARG B 51 39.88 32.56 14.06
N THR B 52 40.83 31.67 14.34
CA THR B 52 40.64 30.67 15.38
C THR B 52 40.43 31.32 16.73
N TRP B 53 41.26 32.32 17.06
CA TRP B 53 41.17 32.99 18.35
C TRP B 53 39.84 33.72 18.49
N GLU B 54 39.40 34.41 17.44
CA GLU B 54 38.19 35.19 17.59
C GLU B 54 36.93 34.34 17.49
N LYS B 55 36.95 33.24 16.73
CA LYS B 55 35.84 32.31 16.80
C LYS B 55 35.77 31.63 18.16
N LEU B 56 36.93 31.36 18.76
CA LEU B 56 36.96 30.82 20.11
C LEU B 56 36.39 31.81 21.12
N LEU B 57 36.72 33.09 20.98
CA LEU B 57 36.20 34.10 21.88
C LEU B 57 34.70 34.28 21.71
N LEU B 58 34.22 34.22 20.47
CA LEU B 58 32.78 34.30 20.22
C LEU B 58 32.05 33.11 20.83
N ALA B 59 32.64 31.92 20.72
CA ALA B 59 32.07 30.75 21.37
C ALA B 59 32.05 30.90 22.88
N ALA B 60 33.12 31.46 23.45
CA ALA B 60 33.16 31.67 24.89
C ALA B 60 32.11 32.66 25.35
N ARG B 61 31.87 33.70 24.55
CA ARG B 61 30.79 34.64 24.83
C ARG B 61 29.44 33.94 24.85
N ALA B 62 29.20 33.10 23.85
CA ALA B 62 27.92 32.39 23.78
C ALA B 62 27.75 31.41 24.94
N ILE B 63 28.85 30.80 25.39
CA ILE B 63 28.78 29.89 26.53
C ILE B 63 28.53 30.66 27.82
N VAL B 64 29.15 31.83 27.97
CA VAL B 64 28.93 32.66 29.16
C VAL B 64 27.50 33.15 29.24
N ALA B 65 26.87 33.41 28.09
CA ALA B 65 25.51 33.95 28.08
C ALA B 65 24.47 32.99 28.64
N ILE B 66 24.80 31.72 28.82
CA ILE B 66 23.90 30.78 29.48
C ILE B 66 23.99 30.99 30.99
N GLU B 67 22.86 31.32 31.61
CA GLU B 67 22.86 31.65 33.03
C GLU B 67 23.11 30.43 33.90
N ASN B 68 22.38 29.36 33.64
CA ASN B 68 22.58 28.13 34.39
C ASN B 68 23.73 27.36 33.77
N PRO B 69 24.83 27.15 34.49
CA PRO B 69 26.00 26.51 33.87
C PRO B 69 25.77 25.07 33.47
N ALA B 70 24.89 24.35 34.16
CA ALA B 70 24.60 22.99 33.76
C ALA B 70 23.48 22.91 32.74
N ASP B 71 23.56 23.73 31.70
CA ASP B 71 22.74 23.60 30.51
C ASP B 71 23.59 23.56 29.25
N VAL B 72 24.83 24.00 29.33
CA VAL B 72 25.79 23.70 28.29
C VAL B 72 26.13 22.22 28.37
N SER B 73 26.05 21.53 27.24
CA SER B 73 26.35 20.11 27.17
C SER B 73 27.53 19.91 26.24
N VAL B 74 28.55 19.22 26.71
CA VAL B 74 29.78 19.01 25.96
C VAL B 74 29.88 17.55 25.56
N ILE B 75 30.27 17.32 24.30
CA ILE B 75 30.13 16.01 23.67
C ILE B 75 31.49 15.62 23.12
N SER B 76 31.87 14.36 23.29
CA SER B 76 33.00 13.84 22.54
C SER B 76 32.82 12.34 22.35
N SER B 77 32.61 11.92 21.11
CA SER B 77 32.56 10.50 20.80
C SER B 77 33.92 9.85 20.96
N ARG B 78 34.96 10.47 20.41
CA ARG B 78 36.29 9.90 20.47
C ARG B 78 36.94 10.17 21.82
N ASN B 79 37.86 9.29 22.20
CA ASN B 79 38.54 9.39 23.49
C ASN B 79 39.40 10.64 23.58
N THR B 80 40.05 10.97 22.47
CA THR B 80 40.90 12.14 22.30
C THR B 80 39.99 13.37 22.28
N GLY B 81 39.59 13.76 23.47
CA GLY B 81 38.52 14.71 23.62
C GLY B 81 37.54 14.25 24.67
N GLN B 82 37.45 12.93 24.91
CA GLN B 82 36.68 12.46 26.06
C GLN B 82 37.29 12.98 27.35
N ARG B 83 38.61 12.87 27.45
CA ARG B 83 39.26 13.41 28.65
C ARG B 83 39.08 14.92 28.77
N ALA B 84 39.18 15.62 27.65
CA ALA B 84 39.08 17.07 27.65
C ALA B 84 37.68 17.53 28.03
N VAL B 85 36.63 16.83 27.57
CA VAL B 85 35.29 17.29 27.90
C VAL B 85 34.97 16.98 29.36
N LEU B 86 35.50 15.87 29.89
CA LEU B 86 35.29 15.60 31.32
C LEU B 86 35.94 16.68 32.18
N LYS B 87 37.15 17.07 31.84
CA LYS B 87 37.81 18.10 32.64
C LYS B 87 37.22 19.48 32.39
N PHE B 88 36.70 19.74 31.19
CA PHE B 88 36.03 21.00 30.92
C PHE B 88 34.76 21.13 31.73
N ALA B 89 33.98 20.05 31.82
CA ALA B 89 32.78 20.10 32.65
C ALA B 89 33.13 20.23 34.12
N ALA B 90 34.27 19.65 34.53
CA ALA B 90 34.73 19.86 35.90
C ALA B 90 35.07 21.32 36.15
N ALA B 91 35.73 21.97 35.18
CA ALA B 91 36.18 23.35 35.39
C ALA B 91 35.03 24.34 35.33
N THR B 92 34.14 24.20 34.36
CA THR B 92 33.14 25.23 34.11
C THR B 92 31.76 24.90 34.64
N GLY B 93 31.42 23.64 34.84
CA GLY B 93 30.10 23.27 35.28
C GLY B 93 29.16 22.82 34.19
N ALA B 94 29.66 22.42 33.04
CA ALA B 94 28.82 21.92 31.96
C ALA B 94 28.37 20.49 32.29
N THR B 95 27.69 19.86 31.34
CA THR B 95 27.22 18.48 31.52
C THR B 95 27.79 17.60 30.43
N PRO B 96 28.70 16.69 30.73
CA PRO B 96 29.38 15.94 29.68
C PRO B 96 28.70 14.64 29.28
N ILE B 97 28.81 14.32 28.00
CA ILE B 97 28.54 12.99 27.49
C ILE B 97 29.81 12.56 26.76
N ALA B 98 30.66 11.81 27.46
CA ALA B 98 31.90 11.30 26.90
C ALA B 98 31.69 9.84 26.55
N GLY B 99 31.95 9.49 25.30
CA GLY B 99 31.73 8.14 24.84
C GLY B 99 30.55 8.03 23.92
N ARG B 100 29.83 6.91 23.99
CA ARG B 100 28.69 6.71 23.12
C ARG B 100 27.52 7.62 23.48
N PHE B 101 27.01 8.32 22.48
CA PHE B 101 25.80 9.13 22.59
C PHE B 101 24.63 8.24 22.17
N THR B 102 23.77 7.92 23.11
CA THR B 102 22.61 7.10 22.78
C THR B 102 21.58 7.93 22.02
N PRO B 103 21.07 7.46 20.89
CA PRO B 103 20.14 8.27 20.09
C PRO B 103 18.81 8.41 20.79
N GLY B 104 18.26 9.60 20.75
CA GLY B 104 17.07 9.89 21.52
C GLY B 104 17.33 10.52 22.86
N THR B 105 18.57 10.92 23.13
CA THR B 105 18.88 11.62 24.37
C THR B 105 18.16 12.95 24.43
N PHE B 106 18.07 13.64 23.32
CA PHE B 106 17.42 14.94 23.28
C PHE B 106 15.97 14.88 22.82
N THR B 107 15.53 13.77 22.22
CA THR B 107 14.19 13.70 21.65
C THR B 107 13.23 12.78 22.37
N ASN B 108 13.70 11.71 22.99
CA ASN B 108 12.82 10.73 23.63
C ASN B 108 12.65 11.12 25.08
N GLN B 109 11.53 11.78 25.40
CA GLN B 109 11.31 12.31 26.73
C GLN B 109 11.00 11.24 27.76
N ILE B 110 10.71 10.01 27.34
CA ILE B 110 10.35 8.97 28.28
C ILE B 110 11.57 8.37 28.94
N GLN B 111 12.65 8.20 28.17
CA GLN B 111 13.79 7.43 28.65
C GLN B 111 14.53 8.16 29.76
N ALA B 112 15.40 7.41 30.44
CA ALA B 112 15.98 7.87 31.70
C ALA B 112 17.02 8.96 31.47
N ALA B 113 17.90 8.78 30.49
CA ALA B 113 18.91 9.79 30.21
C ALA B 113 18.40 10.82 29.22
N PHE B 114 17.29 11.48 29.54
CA PHE B 114 16.71 12.49 28.67
C PHE B 114 17.22 13.85 29.12
N ARG B 115 18.32 14.29 28.50
CA ARG B 115 18.87 15.60 28.78
C ARG B 115 18.19 16.64 27.90
N GLU B 116 17.99 17.83 28.47
CA GLU B 116 17.31 18.92 27.78
C GLU B 116 18.18 20.17 27.89
N PRO B 117 19.23 20.27 27.08
CA PRO B 117 20.20 21.35 27.25
C PRO B 117 19.81 22.61 26.46
N ARG B 118 20.56 23.67 26.71
CA ARG B 118 20.37 24.94 26.02
C ARG B 118 21.49 25.28 25.07
N LEU B 119 22.65 24.64 25.20
CA LEU B 119 23.75 24.82 24.29
C LEU B 119 24.46 23.48 24.14
N LEU B 120 25.13 23.30 23.01
CA LEU B 120 25.80 22.04 22.72
C LEU B 120 27.15 22.34 22.10
N VAL B 121 28.23 21.83 22.71
CA VAL B 121 29.57 22.07 22.22
C VAL B 121 30.17 20.71 21.85
N VAL B 122 30.71 20.60 20.65
CA VAL B 122 31.03 19.33 20.01
C VAL B 122 32.47 19.31 19.55
N THR B 123 33.18 18.22 19.83
CA THR B 123 34.56 18.10 19.42
C THR B 123 34.71 17.92 17.91
N ASP B 124 33.86 17.11 17.29
CA ASP B 124 33.97 16.86 15.87
C ASP B 124 32.59 16.81 15.23
N PRO B 125 32.29 17.66 14.25
CA PRO B 125 31.03 17.53 13.52
C PRO B 125 30.89 16.23 12.78
N ARG B 126 31.99 15.66 12.30
CA ARG B 126 31.96 14.42 11.55
C ARG B 126 31.84 13.19 12.43
N ALA B 127 32.37 13.23 13.65
CA ALA B 127 32.29 12.10 14.56
C ALA B 127 31.09 12.17 15.48
N ASP B 128 30.46 13.33 15.61
CA ASP B 128 29.34 13.56 16.52
C ASP B 128 28.12 14.04 15.75
N HIS B 129 27.87 13.42 14.60
CA HIS B 129 26.74 13.81 13.77
C HIS B 129 25.40 13.55 14.45
N GLN B 130 25.29 12.51 15.27
CA GLN B 130 24.01 12.22 15.92
C GLN B 130 23.57 13.29 16.92
N PRO B 131 24.41 13.80 17.83
CA PRO B 131 23.97 14.96 18.61
C PRO B 131 23.68 16.19 17.78
N LEU B 132 24.37 16.39 16.66
CA LEU B 132 24.04 17.52 15.80
C LEU B 132 22.64 17.40 15.20
N THR B 133 22.28 16.21 14.72
CA THR B 133 20.95 16.01 14.17
C THR B 133 19.87 16.15 15.24
N GLU B 134 20.10 15.61 16.43
CA GLU B 134 19.11 15.76 17.48
C GLU B 134 18.98 17.22 17.93
N ALA B 135 20.10 17.95 17.90
CA ALA B 135 20.02 19.39 18.15
C ALA B 135 19.19 20.10 17.11
N SER B 136 19.24 19.62 15.86
CA SER B 136 18.32 20.14 14.85
C SER B 136 16.88 19.79 15.17
N TYR B 137 16.65 18.69 15.90
CA TYR B 137 15.28 18.35 16.28
C TYR B 137 14.74 19.19 17.43
N VAL B 138 15.59 19.69 18.32
CA VAL B 138 15.07 20.25 19.55
C VAL B 138 15.45 21.73 19.71
N ASN B 139 15.64 22.41 18.56
CA ASN B 139 16.09 23.79 18.34
C ASN B 139 17.17 24.24 19.33
N LEU B 140 18.28 23.51 19.30
CA LEU B 140 19.41 23.64 20.19
C LEU B 140 20.61 24.20 19.45
N PRO B 141 21.12 25.38 19.79
CA PRO B 141 22.29 25.92 19.09
C PRO B 141 23.56 25.15 19.40
N THR B 142 24.51 25.21 18.47
CA THR B 142 25.64 24.29 18.45
C THR B 142 26.95 25.04 18.20
N ILE B 143 27.98 24.67 18.96
CA ILE B 143 29.35 25.10 18.76
C ILE B 143 30.18 23.86 18.47
N ALA B 144 31.13 23.96 17.53
CA ALA B 144 31.94 22.79 17.19
C ALA B 144 33.37 23.19 16.92
N LEU B 145 34.26 22.21 17.07
CA LEU B 145 35.66 22.33 16.70
C LEU B 145 35.83 21.72 15.33
N CYS B 146 36.31 22.50 14.38
CA CYS B 146 36.25 22.10 12.98
C CYS B 146 37.62 22.13 12.34
N ASN B 147 37.95 21.07 11.62
CA ASN B 147 39.16 21.02 10.83
C ASN B 147 38.86 21.60 9.45
N THR B 148 39.82 21.50 8.52
CA THR B 148 39.63 22.08 7.21
C THR B 148 38.61 21.34 6.35
N ASP B 149 38.21 20.14 6.76
CA ASP B 149 37.32 19.32 5.94
C ASP B 149 36.08 18.90 6.71
N SER B 150 35.76 19.61 7.76
CA SER B 150 34.60 19.26 8.57
C SER B 150 33.35 19.91 8.00
N PRO B 151 32.31 19.14 7.70
CA PRO B 151 31.08 19.74 7.14
C PRO B 151 30.30 20.50 8.21
N LEU B 152 29.82 21.68 7.84
CA LEU B 152 29.27 22.65 8.79
C LEU B 152 27.76 22.66 8.78
N ARG B 153 27.11 21.51 8.64
CA ARG B 153 25.68 21.46 8.36
C ARG B 153 24.88 22.14 9.47
N TYR B 154 24.90 21.58 10.68
CA TYR B 154 24.11 22.14 11.77
C TYR B 154 24.96 22.91 12.77
N VAL B 155 26.00 23.55 12.31
CA VAL B 155 26.98 24.22 13.18
C VAL B 155 26.79 25.72 13.07
N ASP B 156 26.88 26.38 14.20
CA ASP B 156 26.71 27.83 14.28
C ASP B 156 27.99 28.59 14.61
N ILE B 157 28.80 28.09 15.52
CA ILE B 157 29.94 28.84 16.02
C ILE B 157 31.18 27.99 15.77
N ALA B 158 31.25 27.36 14.60
CA ALA B 158 32.39 26.55 14.19
C ALA B 158 33.74 27.22 14.48
N ILE B 159 34.56 26.57 15.30
CA ILE B 159 35.86 27.08 15.69
C ILE B 159 36.92 26.32 14.90
N PRO B 160 37.69 26.96 14.06
CA PRO B 160 38.55 26.24 13.11
C PRO B 160 39.96 25.93 13.61
N CYS B 161 40.13 24.95 14.51
CA CYS B 161 41.51 24.66 14.85
C CYS B 161 42.14 23.43 14.22
N ASN B 162 41.80 22.27 14.76
CA ASN B 162 42.35 20.98 14.40
C ASN B 162 41.67 19.99 15.32
N ASN B 163 41.37 18.79 14.86
CA ASN B 163 40.82 17.84 15.82
C ASN B 163 41.41 16.44 15.64
N LYS B 164 42.54 16.31 14.95
CA LYS B 164 43.18 15.02 14.85
C LYS B 164 44.15 14.78 16.00
N GLY B 165 45.08 15.72 16.21
CA GLY B 165 46.10 15.52 17.23
C GLY B 165 45.53 15.70 18.62
N ALA B 166 46.01 14.89 19.56
CA ALA B 166 45.52 14.96 20.93
C ALA B 166 45.90 16.27 21.59
N HIS B 167 47.09 16.79 21.27
CA HIS B 167 47.56 18.02 21.87
C HIS B 167 46.69 19.20 21.47
N SER B 168 46.30 19.28 20.20
CA SER B 168 45.50 20.40 19.74
C SER B 168 44.09 20.36 20.34
N VAL B 169 43.51 19.17 20.46
CA VAL B 169 42.18 19.04 21.05
C VAL B 169 42.21 19.44 22.52
N GLY B 170 43.19 18.92 23.27
CA GLY B 170 43.32 19.28 24.66
C GLY B 170 43.58 20.76 24.86
N LEU B 171 44.42 21.34 23.99
CA LEU B 171 44.73 22.76 24.11
C LEU B 171 43.51 23.62 23.83
N MET B 172 42.70 23.26 22.84
CA MET B 172 41.58 24.14 22.52
C MET B 172 40.48 24.02 23.55
N TRP B 173 40.27 22.83 24.11
CA TRP B 173 39.34 22.74 25.23
C TRP B 173 39.86 23.50 26.44
N TRP B 174 41.18 23.51 26.63
CA TRP B 174 41.78 24.28 27.71
C TRP B 174 41.54 25.77 27.55
N MET B 175 41.73 26.29 26.34
CA MET B 175 41.55 27.72 26.16
C MET B 175 40.09 28.12 26.15
N LEU B 176 39.20 27.23 25.71
CA LEU B 176 37.78 27.51 25.85
C LEU B 176 37.38 27.60 27.32
N ALA B 177 37.90 26.68 28.15
CA ALA B 177 37.62 26.76 29.59
C ALA B 177 38.21 28.02 30.21
N ARG B 178 39.43 28.37 29.81
CA ARG B 178 40.08 29.56 30.36
C ARG B 178 39.31 30.83 29.99
N GLU B 179 38.86 30.93 28.74
CA GLU B 179 38.14 32.13 28.33
C GLU B 179 36.76 32.19 28.96
N VAL B 180 36.09 31.05 29.11
CA VAL B 180 34.78 31.04 29.74
C VAL B 180 34.90 31.45 31.21
N LEU B 181 35.91 30.93 31.91
CA LEU B 181 36.07 31.30 33.31
C LEU B 181 36.61 32.71 33.47
N ARG B 182 37.26 33.26 32.44
CA ARG B 182 37.78 34.62 32.55
C ARG B 182 36.71 35.65 32.22
N MET B 183 35.75 35.30 31.37
CA MET B 183 34.67 36.24 31.08
C MET B 183 33.71 36.35 32.26
N ARG B 184 33.45 35.24 32.93
CA ARG B 184 32.90 35.28 34.27
C ARG B 184 34.01 35.71 35.22
N GLY B 185 33.67 35.93 36.48
CA GLY B 185 34.79 36.20 37.35
C GLY B 185 35.24 34.96 38.08
N THR B 186 36.31 34.36 37.61
CA THR B 186 37.03 33.39 38.42
C THR B 186 38.54 33.63 38.37
N ILE B 187 39.05 34.11 37.25
CA ILE B 187 40.47 34.35 37.06
C ILE B 187 40.64 35.82 36.68
N SER B 188 41.62 36.47 37.30
CA SER B 188 41.74 37.91 37.19
C SER B 188 42.41 38.35 35.88
N ARG B 189 42.76 37.39 35.01
CA ARG B 189 43.21 37.65 33.64
C ARG B 189 44.54 38.39 33.57
N GLU B 190 45.25 38.51 34.69
CA GLU B 190 46.56 39.15 34.66
C GLU B 190 47.70 38.16 34.84
N HIS B 191 47.53 37.13 35.65
CA HIS B 191 48.52 36.10 35.82
C HIS B 191 48.02 34.81 35.19
N PRO B 192 48.91 33.93 34.73
CA PRO B 192 48.44 32.74 34.00
C PRO B 192 47.68 31.77 34.89
N TRP B 193 46.84 30.97 34.24
CA TRP B 193 46.03 29.99 34.93
C TRP B 193 46.90 28.92 35.56
N GLU B 194 46.50 28.45 36.75
CA GLU B 194 47.28 27.44 37.44
C GLU B 194 47.10 26.06 36.81
N VAL B 195 45.99 25.83 36.13
CA VAL B 195 45.78 24.54 35.48
C VAL B 195 46.63 24.46 34.23
N MET B 196 47.48 23.46 34.17
CA MET B 196 48.37 23.41 33.02
C MET B 196 47.70 22.62 31.90
N PRO B 197 47.84 23.02 30.64
CA PRO B 197 47.03 22.40 29.57
C PRO B 197 47.34 20.94 29.30
N ASP B 198 48.40 20.38 29.89
CA ASP B 198 48.61 18.94 29.80
C ASP B 198 47.56 18.14 30.53
N LEU B 199 46.75 18.78 31.37
CA LEU B 199 45.71 18.06 32.08
C LEU B 199 44.65 17.53 31.14
N TYR B 200 44.47 18.14 29.97
CA TYR B 200 43.35 17.74 29.15
C TYR B 200 43.76 16.81 28.02
N PHE B 201 45.01 16.35 28.00
CA PHE B 201 45.52 15.63 26.85
C PHE B 201 45.18 14.16 26.93
N TYR B 202 44.89 13.57 25.77
CA TYR B 202 44.60 12.15 25.70
C TYR B 202 45.88 11.34 25.89
N ARG B 203 45.77 10.22 26.58
CA ARG B 203 46.88 9.35 26.89
C ARG B 203 46.51 7.93 26.53
N ASP B 204 47.13 7.39 25.49
CA ASP B 204 46.86 6.01 25.11
C ASP B 204 47.46 5.05 26.13
N PRO B 205 46.92 3.83 26.27
CA PRO B 205 47.37 2.96 27.37
C PRO B 205 48.83 2.57 27.33
N GLU B 206 49.43 2.47 26.15
CA GLU B 206 50.81 2.00 26.08
C GLU B 206 51.78 3.06 26.61
N GLU B 207 51.55 4.33 26.29
CA GLU B 207 52.45 5.33 26.86
C GLU B 207 52.13 5.56 28.33
N ILE B 208 50.89 5.30 28.74
CA ILE B 208 50.53 5.36 30.15
C ILE B 208 51.33 4.34 30.95
N GLU B 209 51.37 3.09 30.46
CA GLU B 209 52.08 2.06 31.21
C GLU B 209 53.60 2.29 31.12
N LYS B 210 54.08 2.80 29.98
CA LYS B 210 55.50 3.13 29.88
C LYS B 210 55.89 4.22 30.87
N GLU B 211 55.08 5.28 30.94
CA GLU B 211 55.35 6.36 31.89
C GLU B 211 55.26 5.88 33.32
N GLU B 212 54.27 5.04 33.63
CA GLU B 212 54.09 4.61 35.01
C GLU B 212 55.20 3.66 35.44
N GLN B 213 55.72 2.84 34.53
CA GLN B 213 56.83 1.97 34.91
C GLN B 213 58.13 2.77 35.00
N ALA B 214 58.29 3.79 34.16
CA ALA B 214 59.45 4.67 34.28
C ALA B 214 59.41 5.44 35.60
N ALA B 215 58.24 5.92 35.99
CA ALA B 215 58.09 6.62 37.26
C ALA B 215 58.32 5.68 38.43
N ALA B 216 57.87 4.43 38.33
CA ALA B 216 58.09 3.47 39.39
C ALA B 216 59.58 3.15 39.55
N GLU B 217 60.29 2.93 38.44
CA GLU B 217 61.69 2.59 38.53
C GLU B 217 62.54 3.80 38.92
N LYS B 218 62.04 5.01 38.64
CA LYS B 218 62.74 6.20 39.13
C LYS B 218 62.51 6.40 40.63
N ALA B 219 61.28 6.14 41.10
CA ALA B 219 60.97 6.36 42.50
C ALA B 219 61.64 5.34 43.40
N VAL B 220 61.70 4.08 42.95
CA VAL B 220 62.35 3.06 43.77
C VAL B 220 63.87 3.22 43.75
N THR B 221 64.42 3.87 42.73
CA THR B 221 65.86 4.10 42.66
C THR B 221 66.17 5.59 42.80
N VAL C 21 56.21 -56.05 -39.32
CA VAL C 21 56.21 -56.94 -38.17
C VAL C 21 57.18 -56.44 -37.11
N VAL C 22 58.42 -56.21 -37.52
CA VAL C 22 59.49 -55.82 -36.62
C VAL C 22 59.27 -54.36 -36.22
N ASP C 23 59.76 -54.01 -35.02
CA ASP C 23 59.66 -52.64 -34.55
C ASP C 23 60.51 -51.73 -35.44
N PRO C 24 60.06 -50.51 -35.73
CA PRO C 24 60.81 -49.64 -36.62
C PRO C 24 62.02 -48.99 -35.98
N PHE C 25 62.21 -49.13 -34.68
CA PHE C 25 63.32 -48.46 -34.02
C PHE C 25 64.61 -49.24 -34.09
N SER C 26 64.61 -50.42 -34.70
CA SER C 26 65.85 -51.09 -35.03
C SER C 26 66.42 -50.65 -36.38
N LYS C 27 65.66 -49.86 -37.14
CA LYS C 27 66.09 -49.35 -38.43
C LYS C 27 66.53 -47.91 -38.37
N LYS C 28 66.73 -47.37 -37.17
CA LYS C 28 67.03 -45.96 -37.01
C LYS C 28 68.41 -45.78 -36.38
N ASP C 29 69.10 -44.72 -36.79
CA ASP C 29 70.39 -44.39 -36.23
C ASP C 29 70.41 -42.92 -35.84
N TRP C 30 71.15 -42.62 -34.79
CA TRP C 30 71.09 -41.32 -34.13
C TRP C 30 72.19 -40.43 -34.66
N TYR C 31 71.84 -39.18 -34.93
CA TYR C 31 72.76 -38.15 -35.37
C TYR C 31 72.88 -37.10 -34.30
N ASP C 32 73.77 -36.13 -34.53
CA ASP C 32 74.05 -35.09 -33.57
C ASP C 32 73.84 -33.74 -34.25
N VAL C 33 73.21 -32.81 -33.55
CA VAL C 33 72.86 -31.53 -34.13
C VAL C 33 73.80 -30.46 -33.58
N LYS C 34 74.46 -29.73 -34.48
CA LYS C 34 75.48 -28.77 -34.11
C LYS C 34 75.00 -27.36 -34.41
N ALA C 35 75.07 -26.50 -33.41
CA ALA C 35 74.74 -25.09 -33.57
C ALA C 35 75.90 -24.39 -34.28
N PRO C 36 75.64 -23.22 -34.89
CA PRO C 36 76.73 -22.47 -35.52
C PRO C 36 77.70 -21.87 -34.50
N ALA C 37 78.73 -21.18 -34.99
CA ALA C 37 79.77 -20.68 -34.10
C ALA C 37 79.44 -19.33 -33.47
N MET C 38 78.24 -18.78 -33.70
CA MET C 38 77.83 -17.64 -32.90
C MET C 38 77.66 -18.01 -31.44
N PHE C 39 77.12 -19.20 -31.17
CA PHE C 39 76.91 -19.65 -29.81
C PHE C 39 78.10 -20.48 -29.34
N ASN C 40 78.29 -20.48 -28.02
CA ASN C 40 79.43 -21.20 -27.45
C ASN C 40 79.09 -22.63 -27.08
N ILE C 41 77.82 -22.94 -26.81
CA ILE C 41 77.39 -24.32 -26.64
C ILE C 41 77.06 -24.85 -28.02
N ARG C 42 77.99 -25.59 -28.61
CA ARG C 42 77.86 -26.02 -29.99
C ARG C 42 76.88 -27.17 -30.18
N ASN C 43 76.77 -28.07 -29.22
CA ASN C 43 75.96 -29.27 -29.39
C ASN C 43 74.54 -28.97 -28.93
N ILE C 44 73.58 -29.18 -29.82
CA ILE C 44 72.18 -28.95 -29.49
C ILE C 44 71.57 -30.17 -28.82
N GLY C 45 71.72 -31.33 -29.45
CA GLY C 45 71.10 -32.53 -28.96
C GLY C 45 71.28 -33.64 -29.98
N LYS C 46 70.40 -34.62 -29.90
CA LYS C 46 70.45 -35.76 -30.81
C LYS C 46 69.10 -35.92 -31.50
N THR C 47 69.14 -36.05 -32.81
CA THR C 47 68.00 -36.42 -33.60
C THR C 47 68.25 -37.79 -34.22
N LEU C 48 67.19 -38.41 -34.70
CA LEU C 48 67.26 -39.75 -35.26
C LEU C 48 66.54 -39.77 -36.59
N VAL C 49 66.85 -40.78 -37.40
CA VAL C 49 66.24 -40.93 -38.71
C VAL C 49 66.38 -42.40 -39.10
N THR C 50 65.48 -42.86 -39.97
CA THR C 50 65.59 -44.21 -40.50
C THR C 50 66.82 -44.31 -41.40
N ARG C 51 67.49 -45.46 -41.33
CA ARG C 51 68.66 -45.68 -42.18
C ARG C 51 68.26 -45.71 -43.65
N THR C 52 69.20 -45.35 -44.51
CA THR C 52 68.91 -45.26 -45.92
C THR C 52 68.71 -46.65 -46.53
N GLN C 53 67.64 -46.79 -47.31
CA GLN C 53 67.36 -48.01 -48.03
C GLN C 53 66.40 -47.66 -49.15
N GLY C 54 66.39 -48.50 -50.18
CA GLY C 54 65.56 -48.23 -51.34
C GLY C 54 66.02 -46.97 -52.04
N THR C 55 65.07 -46.09 -52.34
CA THR C 55 65.36 -44.85 -53.02
C THR C 55 65.31 -43.64 -52.12
N LYS C 56 64.89 -43.78 -50.86
CA LYS C 56 64.87 -42.67 -49.92
C LYS C 56 66.14 -42.68 -49.09
N ILE C 57 66.74 -41.51 -48.93
CA ILE C 57 68.05 -41.37 -48.36
C ILE C 57 67.87 -40.86 -46.93
N ALA C 58 68.88 -41.07 -46.08
CA ALA C 58 68.84 -40.50 -44.74
C ALA C 58 69.01 -38.99 -44.78
N SER C 59 69.93 -38.51 -45.62
CA SER C 59 70.31 -37.10 -45.56
C SER C 59 69.21 -36.19 -46.08
N ASP C 60 68.51 -36.58 -47.15
CA ASP C 60 67.48 -35.69 -47.67
C ASP C 60 66.24 -35.71 -46.80
N GLY C 61 65.97 -36.82 -46.13
CA GLY C 61 64.90 -36.84 -45.14
C GLY C 61 65.28 -36.22 -43.83
N LEU C 62 66.56 -35.95 -43.64
CA LEU C 62 67.07 -35.33 -42.42
C LEU C 62 67.17 -33.82 -42.54
N LYS C 63 67.43 -33.31 -43.73
CA LYS C 63 67.55 -31.87 -43.93
C LYS C 63 66.18 -31.21 -43.82
N GLY C 64 66.19 -29.93 -43.48
CA GLY C 64 64.97 -29.18 -43.34
C GLY C 64 64.27 -29.33 -42.01
N ARG C 65 64.80 -30.13 -41.10
CA ARG C 65 64.28 -30.17 -39.75
C ARG C 65 64.61 -28.88 -39.02
N VAL C 66 63.74 -28.48 -38.11
CA VAL C 66 63.84 -27.21 -37.40
C VAL C 66 63.87 -27.51 -35.91
N PHE C 67 64.84 -26.94 -35.21
CA PHE C 67 65.06 -27.19 -33.79
C PHE C 67 64.89 -25.89 -33.04
N GLU C 68 63.73 -25.68 -32.42
CA GLU C 68 63.50 -24.47 -31.64
C GLU C 68 64.22 -24.61 -30.31
N VAL C 69 65.37 -23.96 -30.18
CA VAL C 69 66.25 -24.08 -29.03
C VAL C 69 66.19 -22.78 -28.24
N SER C 70 66.11 -22.90 -26.91
CA SER C 70 66.20 -21.74 -26.06
C SER C 70 67.59 -21.11 -26.15
N LEU C 71 67.66 -19.81 -25.87
CA LEU C 71 68.95 -19.13 -25.89
C LEU C 71 69.82 -19.51 -24.71
N ALA C 72 69.21 -19.81 -23.57
CA ALA C 72 69.97 -20.24 -22.41
C ALA C 72 70.59 -21.62 -22.59
N ASP C 73 70.09 -22.41 -23.53
CA ASP C 73 70.72 -23.68 -23.87
C ASP C 73 71.80 -23.54 -24.93
N LEU C 74 71.93 -22.36 -25.53
CA LEU C 74 73.01 -22.09 -26.47
C LEU C 74 74.07 -21.15 -25.92
N GLN C 75 73.68 -20.17 -25.13
CA GLN C 75 74.58 -19.33 -24.36
C GLN C 75 74.41 -19.64 -22.87
N ASN C 76 75.54 -19.82 -22.20
CA ASN C 76 75.54 -20.30 -20.83
C ASN C 76 75.10 -19.26 -19.81
N ASP C 77 74.99 -17.99 -20.21
CA ASP C 77 74.63 -16.96 -19.24
C ASP C 77 73.55 -16.00 -19.73
N GLU C 78 72.89 -16.30 -20.84
CA GLU C 78 71.92 -15.37 -21.41
C GLU C 78 70.51 -15.69 -20.92
N VAL C 79 69.55 -14.91 -21.40
CA VAL C 79 68.18 -15.02 -20.94
C VAL C 79 67.52 -16.28 -21.49
N ALA C 80 66.41 -16.66 -20.86
CA ALA C 80 65.74 -17.90 -21.20
C ALA C 80 64.47 -17.70 -22.01
N PHE C 81 63.96 -16.48 -22.10
CA PHE C 81 62.69 -16.25 -22.78
C PHE C 81 62.86 -16.01 -24.27
N ARG C 82 64.08 -15.97 -24.76
CA ARG C 82 64.36 -15.80 -26.19
C ARG C 82 64.78 -17.16 -26.73
N LYS C 83 64.28 -17.52 -27.92
CA LYS C 83 64.60 -18.82 -28.47
C LYS C 83 64.84 -18.71 -29.97
N PHE C 84 65.67 -19.61 -30.48
CA PHE C 84 66.15 -19.58 -31.86
C PHE C 84 65.72 -20.84 -32.60
N LYS C 85 65.73 -20.74 -33.92
CA LYS C 85 65.02 -21.69 -34.77
C LYS C 85 65.91 -22.74 -35.43
N LEU C 86 67.04 -22.35 -36.03
CA LEU C 86 68.17 -23.25 -36.34
C LEU C 86 67.79 -24.43 -37.25
N ILE C 87 67.44 -24.11 -38.49
CA ILE C 87 67.16 -25.15 -39.48
C ILE C 87 68.44 -25.88 -39.86
N THR C 88 68.34 -27.18 -40.12
CA THR C 88 69.50 -27.96 -40.53
C THR C 88 69.72 -27.89 -42.04
N GLU C 89 70.98 -27.78 -42.43
CA GLU C 89 71.31 -27.48 -43.82
C GLU C 89 72.18 -28.53 -44.49
N ASP C 90 73.08 -29.17 -43.77
CA ASP C 90 73.94 -30.17 -44.38
C ASP C 90 74.32 -31.22 -43.36
N VAL C 91 74.76 -32.37 -43.85
CA VAL C 91 75.09 -33.53 -43.03
C VAL C 91 76.55 -33.89 -43.27
N GLN C 92 77.29 -34.10 -42.18
CA GLN C 92 78.72 -34.37 -42.23
C GLN C 92 79.05 -35.69 -41.56
N GLY C 93 78.22 -36.71 -41.80
CA GLY C 93 78.45 -37.97 -41.14
C GLY C 93 77.45 -38.17 -40.03
N LYS C 94 77.92 -38.11 -38.78
CA LYS C 94 77.04 -38.19 -37.62
C LYS C 94 76.64 -36.82 -37.11
N ASN C 95 76.80 -35.78 -37.91
CA ASN C 95 76.52 -34.42 -37.48
C ASN C 95 75.57 -33.74 -38.44
N CYS C 96 74.61 -33.01 -37.88
CA CYS C 96 73.70 -32.17 -38.66
C CYS C 96 74.08 -30.73 -38.39
N LEU C 97 74.58 -30.05 -39.41
CA LEU C 97 75.03 -28.68 -39.27
C LEU C 97 73.86 -27.75 -39.55
N THR C 98 73.61 -26.82 -38.64
CA THR C 98 72.45 -25.96 -38.72
C THR C 98 72.86 -24.51 -39.03
N ASN C 99 71.87 -23.74 -39.46
CA ASN C 99 72.03 -22.32 -39.71
C ASN C 99 70.81 -21.61 -39.15
N PHE C 100 70.96 -20.30 -38.92
CA PHE C 100 69.91 -19.51 -38.29
C PHE C 100 68.65 -19.48 -39.15
N HIS C 101 67.49 -19.60 -38.50
CA HIS C 101 66.23 -19.66 -39.21
C HIS C 101 65.20 -18.66 -38.68
N GLY C 102 65.36 -18.22 -37.44
CA GLY C 102 64.43 -17.26 -36.88
C GLY C 102 64.59 -17.18 -35.39
N MET C 103 64.01 -16.12 -34.83
CA MET C 103 64.06 -15.86 -33.40
C MET C 103 62.65 -15.53 -32.93
N ASP C 104 62.33 -15.90 -31.70
CA ASP C 104 61.02 -15.61 -31.14
C ASP C 104 61.15 -15.52 -29.63
N LEU C 105 60.18 -14.86 -29.02
CA LEU C 105 60.06 -14.87 -27.57
C LEU C 105 59.14 -16.00 -27.13
N THR C 106 59.25 -16.37 -25.86
CA THR C 106 58.36 -17.38 -25.32
C THR C 106 56.95 -16.81 -25.16
N ARG C 107 55.99 -17.72 -25.01
CA ARG C 107 54.60 -17.31 -24.88
C ARG C 107 54.36 -16.57 -23.57
N ASP C 108 54.95 -17.06 -22.49
CA ASP C 108 54.65 -16.49 -21.18
C ASP C 108 55.30 -15.12 -21.00
N LYS C 109 56.45 -14.88 -21.62
CA LYS C 109 57.06 -13.56 -21.54
C LYS C 109 56.23 -12.52 -22.27
N MET C 110 55.81 -12.86 -23.48
CA MET C 110 54.99 -11.93 -24.27
C MET C 110 53.64 -11.68 -23.59
N CYS C 111 53.05 -12.73 -23.02
CA CYS C 111 51.81 -12.54 -22.28
C CYS C 111 52.02 -11.78 -20.98
N SER C 112 53.23 -11.86 -20.42
CA SER C 112 53.53 -11.17 -19.17
C SER C 112 53.73 -9.69 -19.37
N MET C 113 54.24 -9.27 -20.54
CA MET C 113 54.47 -7.84 -20.73
C MET C 113 53.19 -7.07 -20.98
N VAL C 114 52.20 -7.68 -21.64
CA VAL C 114 51.01 -6.96 -22.05
C VAL C 114 50.09 -6.81 -20.84
N LYS C 115 49.88 -5.57 -20.41
CA LYS C 115 48.97 -5.32 -19.31
C LYS C 115 48.27 -3.99 -19.54
N LYS C 116 47.27 -3.71 -18.70
CA LYS C 116 46.37 -2.61 -18.92
C LYS C 116 46.98 -1.29 -18.47
N TRP C 117 46.28 -0.21 -18.83
CA TRP C 117 46.64 1.17 -18.50
C TRP C 117 47.99 1.58 -19.06
N GLN C 118 48.36 1.05 -20.22
CA GLN C 118 49.53 1.52 -20.93
C GLN C 118 49.34 1.24 -22.42
N THR C 119 50.08 1.96 -23.24
CA THR C 119 50.01 1.81 -24.68
C THR C 119 51.09 0.88 -25.19
N MET C 120 50.68 -0.07 -26.04
CA MET C 120 51.57 -0.97 -26.74
C MET C 120 51.83 -0.43 -28.14
N ILE C 121 53.10 -0.30 -28.51
CA ILE C 121 53.48 0.14 -29.84
C ILE C 121 54.27 -0.98 -30.50
N GLU C 122 53.80 -1.42 -31.66
CA GLU C 122 54.45 -2.49 -32.41
C GLU C 122 54.80 -2.00 -33.81
N ALA C 123 55.90 -2.51 -34.35
CA ALA C 123 56.36 -2.15 -35.67
C ALA C 123 56.97 -3.37 -36.33
N HIS C 124 56.95 -3.39 -37.66
CA HIS C 124 57.59 -4.45 -38.42
C HIS C 124 58.21 -3.87 -39.67
N VAL C 125 59.31 -4.48 -40.11
CA VAL C 125 59.99 -4.01 -41.31
C VAL C 125 60.52 -5.23 -42.07
N ASP C 126 60.40 -5.18 -43.39
CA ASP C 126 61.00 -6.15 -44.29
C ASP C 126 62.30 -5.56 -44.81
N VAL C 127 63.36 -6.36 -44.77
CA VAL C 127 64.70 -5.82 -44.93
C VAL C 127 65.65 -6.96 -45.26
N LYS C 128 66.65 -6.65 -46.10
CA LYS C 128 67.58 -7.64 -46.61
C LYS C 128 68.97 -7.36 -46.09
N THR C 129 69.66 -8.40 -45.62
CA THR C 129 71.05 -8.26 -45.26
C THR C 129 71.91 -8.17 -46.52
N THR C 130 73.21 -8.04 -46.33
CA THR C 130 74.11 -7.83 -47.47
C THR C 130 74.23 -9.08 -48.33
N ASP C 131 74.10 -10.26 -47.73
CA ASP C 131 74.30 -11.51 -48.45
C ASP C 131 73.00 -12.16 -48.92
N GLY C 132 71.88 -11.46 -48.82
CA GLY C 132 70.65 -11.93 -49.44
C GLY C 132 69.76 -12.80 -48.58
N TYR C 133 69.63 -12.43 -47.31
CA TYR C 133 68.82 -13.14 -46.33
C TYR C 133 67.63 -12.33 -45.85
N LEU C 134 66.84 -11.80 -46.79
CA LEU C 134 65.66 -10.97 -46.53
C LEU C 134 64.84 -11.46 -45.34
N LEU C 135 64.70 -10.58 -44.35
CA LEU C 135 64.12 -10.89 -43.05
C LEU C 135 62.85 -10.08 -42.84
N ARG C 136 62.14 -10.42 -41.79
CA ARG C 136 61.05 -9.59 -41.28
C ARG C 136 61.20 -9.52 -39.78
N LEU C 137 61.55 -8.34 -39.27
CA LEU C 137 61.76 -8.14 -37.85
C LEU C 137 60.55 -7.48 -37.24
N PHE C 138 60.10 -8.01 -36.12
CA PHE C 138 58.97 -7.48 -35.38
C PHE C 138 59.47 -6.88 -34.07
N CYS C 139 59.02 -5.69 -33.75
CA CYS C 139 59.40 -4.99 -32.54
C CYS C 139 58.18 -4.73 -31.67
N VAL C 140 58.41 -4.52 -30.38
CA VAL C 140 57.34 -4.22 -29.45
C VAL C 140 57.90 -3.36 -28.33
N GLY C 141 57.10 -2.43 -27.84
CA GLY C 141 57.49 -1.58 -26.74
C GLY C 141 56.27 -1.04 -26.05
N PHE C 142 56.40 -0.77 -24.76
CA PHE C 142 55.28 -0.40 -23.92
C PHE C 142 55.61 0.89 -23.19
N THR C 143 54.62 1.77 -23.05
CA THR C 143 54.84 3.03 -22.37
C THR C 143 55.06 2.81 -20.88
N LYS C 144 55.94 3.60 -20.30
CA LYS C 144 56.42 3.40 -18.94
C LYS C 144 55.84 4.43 -17.99
N LYS C 145 55.37 3.96 -16.85
CA LYS C 145 54.90 4.85 -15.79
C LYS C 145 56.08 5.44 -15.05
N ARG C 146 56.04 6.75 -14.79
CA ARG C 146 57.09 7.36 -14.01
C ARG C 146 57.00 6.94 -12.56
N ASN C 147 58.09 7.18 -11.81
CA ASN C 147 58.12 6.74 -10.42
C ASN C 147 57.30 7.63 -9.50
N ASN C 148 57.18 8.92 -9.82
CA ASN C 148 56.35 9.83 -9.03
C ASN C 148 54.99 10.08 -9.66
N GLN C 149 54.64 9.33 -10.70
CA GLN C 149 53.36 9.50 -11.36
C GLN C 149 52.24 8.95 -10.50
N ILE C 150 51.17 9.72 -10.36
CA ILE C 150 50.00 9.28 -9.61
C ILE C 150 48.77 9.09 -10.48
N ARG C 151 48.81 9.48 -11.76
CA ARG C 151 47.75 9.10 -12.66
C ARG C 151 47.79 7.61 -12.92
N LYS C 152 46.63 7.04 -13.21
CA LYS C 152 46.54 5.59 -13.35
C LYS C 152 47.16 5.11 -14.65
N THR C 153 46.93 5.82 -15.74
CA THR C 153 47.27 5.36 -17.07
C THR C 153 48.48 6.09 -17.61
N SER C 154 49.20 5.43 -18.50
CA SER C 154 50.31 6.05 -19.24
C SER C 154 50.07 5.82 -20.71
N TYR C 155 49.36 6.74 -21.35
CA TYR C 155 48.93 6.60 -22.73
C TYR C 155 49.61 7.63 -23.61
N ALA C 156 50.31 7.16 -24.63
CA ALA C 156 50.88 8.04 -25.63
C ALA C 156 49.79 8.47 -26.61
N GLN C 157 49.86 9.73 -27.03
CA GLN C 157 48.95 10.19 -28.07
C GLN C 157 49.38 9.61 -29.42
N HIS C 158 48.49 9.78 -30.40
CA HIS C 158 48.65 9.07 -31.66
C HIS C 158 49.89 9.53 -32.43
N GLN C 159 50.22 10.82 -32.37
CA GLN C 159 51.42 11.27 -33.05
C GLN C 159 52.67 10.78 -32.35
N GLN C 160 52.64 10.66 -31.02
CA GLN C 160 53.76 10.10 -30.29
C GLN C 160 53.96 8.63 -30.66
N VAL C 161 52.88 7.88 -30.77
CA VAL C 161 52.95 6.48 -31.20
C VAL C 161 53.51 6.39 -32.60
N ARG C 162 53.09 7.29 -33.49
CA ARG C 162 53.55 7.23 -34.87
C ARG C 162 55.04 7.54 -34.99
N GLN C 163 55.54 8.53 -34.25
CA GLN C 163 56.97 8.78 -34.39
C GLN C 163 57.82 7.79 -33.62
N ILE C 164 57.31 7.19 -32.54
CA ILE C 164 58.01 6.08 -31.91
C ILE C 164 58.13 4.91 -32.88
N ARG C 165 57.04 4.59 -33.57
CA ARG C 165 57.05 3.52 -34.56
C ARG C 165 58.01 3.82 -35.70
N LYS C 166 58.06 5.07 -36.13
CA LYS C 166 58.98 5.48 -37.18
C LYS C 166 60.43 5.30 -36.74
N LYS C 167 60.73 5.67 -35.49
CA LYS C 167 62.08 5.45 -34.95
C LYS C 167 62.42 3.97 -34.90
N MET C 168 61.47 3.13 -34.49
CA MET C 168 61.72 1.70 -34.42
C MET C 168 62.08 1.13 -35.78
N MET C 169 61.30 1.49 -36.81
CA MET C 169 61.57 0.96 -38.14
C MET C 169 62.90 1.47 -38.68
N GLU C 170 63.23 2.74 -38.45
CA GLU C 170 64.49 3.27 -38.98
C GLU C 170 65.69 2.64 -38.26
N ILE C 171 65.56 2.35 -36.96
CA ILE C 171 66.68 1.75 -36.24
C ILE C 171 66.89 0.31 -36.69
N MET C 172 65.81 -0.46 -36.82
CA MET C 172 65.96 -1.85 -37.26
C MET C 172 66.54 -1.92 -38.67
N THR C 173 66.07 -1.04 -39.55
CA THR C 173 66.58 -1.02 -40.92
C THR C 173 68.06 -0.67 -40.97
N ARG C 174 68.48 0.34 -40.20
CA ARG C 174 69.89 0.70 -40.23
C ARG C 174 70.75 -0.34 -39.54
N GLU C 175 70.18 -1.14 -38.64
CA GLU C 175 71.02 -2.11 -37.93
C GLU C 175 71.26 -3.35 -38.76
N VAL C 176 70.23 -3.87 -39.43
CA VAL C 176 70.40 -5.11 -40.19
C VAL C 176 70.74 -4.87 -41.65
N GLN C 177 70.45 -3.69 -42.20
CA GLN C 177 70.60 -3.44 -43.63
C GLN C 177 72.06 -3.42 -44.06
N THR C 178 72.96 -3.00 -43.17
CA THR C 178 74.36 -2.86 -43.51
C THR C 178 75.22 -4.01 -43.00
N ASN C 179 74.61 -5.10 -42.58
CA ASN C 179 75.34 -6.25 -42.05
C ASN C 179 74.90 -7.51 -42.78
N ASP C 180 75.52 -8.62 -42.42
CA ASP C 180 75.08 -9.94 -42.84
C ASP C 180 74.75 -10.75 -41.59
N LEU C 181 74.34 -12.01 -41.82
CA LEU C 181 73.60 -12.76 -40.80
C LEU C 181 74.44 -13.01 -39.54
N LYS C 182 75.75 -13.06 -39.67
CA LYS C 182 76.59 -13.41 -38.53
C LYS C 182 76.51 -12.35 -37.43
N GLU C 183 76.85 -11.10 -37.76
CA GLU C 183 76.74 -10.10 -36.71
C GLU C 183 75.31 -9.61 -36.50
N VAL C 184 74.39 -9.91 -37.41
CA VAL C 184 72.99 -9.65 -37.12
C VAL C 184 72.48 -10.56 -36.01
N VAL C 185 72.82 -11.85 -36.08
CA VAL C 185 72.51 -12.77 -35.00
C VAL C 185 73.30 -12.38 -33.74
N ASN C 186 74.52 -11.90 -33.91
CA ASN C 186 75.30 -11.45 -32.76
C ASN C 186 74.70 -10.20 -32.12
N LYS C 187 73.93 -9.43 -32.88
CA LYS C 187 73.13 -8.36 -32.27
C LYS C 187 71.88 -8.90 -31.61
N LEU C 188 71.29 -9.96 -32.18
CA LEU C 188 70.07 -10.51 -31.62
C LEU C 188 70.31 -11.31 -30.35
N ILE C 189 71.54 -11.77 -30.13
CA ILE C 189 71.83 -12.56 -28.92
C ILE C 189 71.67 -11.74 -27.64
N PRO C 190 72.24 -10.55 -27.49
CA PRO C 190 71.91 -9.74 -26.31
C PRO C 190 70.76 -8.76 -26.51
N ASP C 191 70.19 -8.71 -27.71
CA ASP C 191 69.15 -7.75 -28.10
C ASP C 191 69.62 -6.31 -27.88
N SER C 192 70.70 -5.95 -28.57
CA SER C 192 71.17 -4.57 -28.52
C SER C 192 70.26 -3.63 -29.30
N ILE C 193 69.50 -4.18 -30.25
CA ILE C 193 68.57 -3.37 -31.05
C ILE C 193 67.47 -2.81 -30.18
N GLY C 194 66.93 -3.63 -29.28
CA GLY C 194 65.88 -3.15 -28.39
C GLY C 194 66.38 -2.08 -27.44
N LYS C 195 67.61 -2.22 -26.97
CA LYS C 195 68.19 -1.20 -26.11
C LYS C 195 68.44 0.10 -26.86
N ASP C 196 68.85 0.00 -28.12
CA ASP C 196 68.99 1.20 -28.94
C ASP C 196 67.66 1.90 -29.15
N ILE C 197 66.60 1.13 -29.43
CA ILE C 197 65.28 1.71 -29.65
C ILE C 197 64.78 2.39 -28.37
N GLU C 198 64.94 1.70 -27.24
CA GLU C 198 64.48 2.24 -25.96
C GLU C 198 65.25 3.50 -25.60
N LYS C 199 66.55 3.53 -25.88
CA LYS C 199 67.33 4.72 -25.60
C LYS C 199 66.92 5.87 -26.52
N ALA C 200 66.60 5.57 -27.78
CA ALA C 200 66.27 6.62 -28.73
C ALA C 200 64.90 7.22 -28.48
N CYS C 201 63.96 6.43 -27.97
CA CYS C 201 62.58 6.89 -27.88
C CYS C 201 62.26 7.57 -26.56
N GLN C 202 63.26 7.86 -25.72
CA GLN C 202 62.98 8.46 -24.42
C GLN C 202 62.52 9.89 -24.53
N SER C 203 62.85 10.58 -25.62
CA SER C 203 62.48 11.97 -25.77
C SER C 203 61.08 12.15 -26.33
N ILE C 204 60.41 11.08 -26.74
CA ILE C 204 59.04 11.13 -27.19
C ILE C 204 58.08 10.67 -26.10
N TYR C 205 58.27 9.46 -25.61
CA TYR C 205 57.59 8.90 -24.46
C TYR C 205 58.46 7.77 -23.95
N PRO C 206 58.75 7.70 -22.66
CA PRO C 206 59.63 6.64 -22.14
C PRO C 206 59.00 5.26 -22.27
N LEU C 207 59.74 4.36 -22.89
CA LEU C 207 59.33 2.97 -23.07
C LEU C 207 60.20 2.07 -22.22
N HIS C 208 59.62 1.00 -21.68
CA HIS C 208 60.46 0.13 -20.86
C HIS C 208 60.66 -1.27 -21.38
N ASP C 209 59.63 -1.94 -21.87
CA ASP C 209 59.77 -3.36 -22.24
C ASP C 209 60.00 -3.52 -23.74
N VAL C 210 61.11 -3.00 -24.23
CA VAL C 210 61.37 -2.95 -25.67
C VAL C 210 62.21 -4.15 -26.06
N PHE C 211 61.68 -4.94 -27.00
CA PHE C 211 62.33 -6.15 -27.47
C PHE C 211 62.13 -6.26 -28.97
N VAL C 212 62.99 -7.05 -29.62
CA VAL C 212 62.68 -7.55 -30.95
C VAL C 212 61.85 -8.80 -30.74
N ARG C 213 60.58 -8.74 -31.16
CA ARG C 213 59.61 -9.74 -30.74
C ARG C 213 59.79 -11.04 -31.51
N LYS C 214 60.16 -10.97 -32.78
CA LYS C 214 60.15 -12.12 -33.65
C LYS C 214 60.97 -11.79 -34.90
N VAL C 215 61.75 -12.74 -35.36
CA VAL C 215 62.51 -12.61 -36.61
C VAL C 215 62.11 -13.74 -37.52
N LYS C 216 61.73 -13.40 -38.75
CA LYS C 216 61.23 -14.37 -39.70
C LYS C 216 62.13 -14.36 -40.92
N MET C 217 62.43 -15.54 -41.47
CA MET C 217 63.23 -15.65 -42.67
C MET C 217 62.33 -15.77 -43.90
N LEU C 218 62.58 -14.94 -44.90
CA LEU C 218 61.72 -14.90 -46.08
C LEU C 218 62.37 -15.43 -47.34
N LYS C 219 63.71 -15.39 -47.45
CA LYS C 219 64.37 -15.82 -48.67
C LYS C 219 65.83 -16.11 -48.38
N LYS C 220 66.34 -17.20 -48.94
CA LYS C 220 67.73 -17.63 -48.78
C LYS C 220 68.33 -18.00 -50.14
N PRO C 221 69.49 -17.45 -50.48
CA PRO C 221 70.12 -17.80 -51.76
C PRO C 221 70.99 -19.04 -51.77
N LYS C 222 70.57 -20.04 -52.53
CA LYS C 222 71.44 -20.93 -53.30
C LYS C 222 72.34 -21.87 -52.51
N PHE C 223 72.35 -21.78 -51.17
CA PHE C 223 73.09 -22.71 -50.30
C PHE C 223 74.56 -22.86 -50.69
N GLU C 224 75.30 -21.78 -50.52
CA GLU C 224 76.76 -21.88 -50.60
C GLU C 224 77.27 -22.74 -49.43
N LEU C 225 77.84 -23.90 -49.76
CA LEU C 225 78.35 -24.80 -48.72
C LEU C 225 79.57 -24.22 -48.02
N GLY C 226 80.41 -23.48 -48.74
CA GLY C 226 81.56 -22.86 -48.12
C GLY C 226 81.16 -21.85 -47.06
N LYS C 227 80.04 -21.15 -47.28
CA LYS C 227 79.53 -20.25 -46.26
C LYS C 227 79.09 -21.00 -45.02
N LEU C 228 78.46 -22.16 -45.19
CA LEU C 228 78.05 -22.94 -44.03
C LEU C 228 79.26 -23.47 -43.27
N MET C 229 80.32 -23.84 -43.99
CA MET C 229 81.56 -24.22 -43.31
C MET C 229 82.16 -23.05 -42.56
N GLU C 230 82.08 -21.84 -43.14
CA GLU C 230 82.61 -20.66 -42.46
C GLU C 230 81.82 -20.35 -41.19
N LEU C 231 80.49 -20.50 -41.26
CA LEU C 231 79.66 -20.32 -40.08
C LEU C 231 79.98 -21.37 -39.02
N HIS C 232 80.18 -22.61 -39.43
CA HIS C 232 80.46 -23.66 -38.45
C HIS C 232 81.94 -23.75 -38.09
N GLY C 233 82.81 -23.08 -38.82
CA GLY C 233 84.22 -23.09 -38.55
C GLY C 233 84.67 -21.83 -37.83
N GLU C 234 85.89 -21.41 -38.12
CA GLU C 234 86.44 -20.18 -37.56
C GLU C 234 86.46 -19.06 -38.60
N MET D 1 -15.59 -48.97 61.47
CA MET D 1 -15.04 -50.27 61.79
C MET D 1 -15.86 -51.39 61.13
N ALA D 2 -17.18 -51.35 61.30
CA ALA D 2 -18.04 -52.36 60.70
C ALA D 2 -18.03 -52.27 59.18
N VAL D 3 -18.26 -51.07 58.64
CA VAL D 3 -18.15 -50.82 57.21
C VAL D 3 -16.78 -50.20 56.96
N GLN D 4 -16.08 -50.70 55.95
CA GLN D 4 -14.73 -50.28 55.68
C GLN D 4 -14.53 -50.07 54.19
N ILE D 5 -13.69 -49.09 53.87
CA ILE D 5 -13.37 -48.72 52.50
C ILE D 5 -11.87 -48.55 52.43
N SER D 6 -11.25 -49.11 51.40
CA SER D 6 -9.82 -48.98 51.21
C SER D 6 -9.44 -47.52 50.98
N LYS D 7 -8.19 -47.19 51.29
CA LYS D 7 -7.78 -45.78 51.31
C LYS D 7 -7.82 -45.15 49.92
N LYS D 8 -7.52 -45.94 48.89
CA LYS D 8 -7.61 -45.41 47.52
C LYS D 8 -9.04 -45.03 47.19
N ARG D 9 -9.98 -45.93 47.45
CA ARG D 9 -11.38 -45.65 47.17
C ARG D 9 -11.90 -44.55 48.07
N LYS D 10 -11.40 -44.47 49.30
CA LYS D 10 -11.83 -43.43 50.22
C LYS D 10 -11.42 -42.04 49.75
N PHE D 11 -10.16 -41.89 49.32
CA PHE D 11 -9.71 -40.59 48.85
C PHE D 11 -10.36 -40.21 47.53
N VAL D 12 -10.58 -41.19 46.64
CA VAL D 12 -11.28 -40.90 45.39
C VAL D 12 -12.72 -40.47 45.67
N ALA D 13 -13.38 -41.11 46.64
CA ALA D 13 -14.73 -40.73 46.98
C ALA D 13 -14.79 -39.34 47.61
N ASP D 14 -13.77 -38.98 48.40
CA ASP D 14 -13.71 -37.63 48.96
C ASP D 14 -13.57 -36.59 47.86
N GLY D 15 -12.72 -36.87 46.87
CA GLY D 15 -12.59 -35.96 45.74
C GLY D 15 -13.87 -35.84 44.93
N ILE D 16 -14.58 -36.96 44.78
CA ILE D 16 -15.83 -36.94 44.02
C ILE D 16 -16.90 -36.15 44.76
N PHE D 17 -16.93 -36.28 46.09
CA PHE D 17 -17.84 -35.45 46.89
C PHE D 17 -17.53 -33.98 46.73
N LYS D 18 -16.25 -33.60 46.76
CA LYS D 18 -15.89 -32.21 46.57
C LYS D 18 -16.28 -31.70 45.19
N ALA D 19 -16.09 -32.53 44.16
CA ALA D 19 -16.41 -32.12 42.80
C ALA D 19 -17.90 -31.93 42.60
N GLU D 20 -18.71 -32.88 43.09
CA GLU D 20 -20.15 -32.77 42.91
C GLU D 20 -20.72 -31.64 43.74
N LEU D 21 -20.22 -31.45 44.96
CA LEU D 21 -20.67 -30.33 45.78
C LEU D 21 -20.33 -29.01 45.14
N ASN D 22 -19.12 -28.88 44.60
CA ASN D 22 -18.72 -27.64 43.96
C ASN D 22 -19.55 -27.36 42.71
N GLU D 23 -19.87 -28.41 41.96
CA GLU D 23 -20.65 -28.18 40.74
C GLU D 23 -22.09 -27.83 41.05
N PHE D 24 -22.70 -28.50 42.04
CA PHE D 24 -24.06 -28.18 42.42
C PHE D 24 -24.13 -26.77 42.99
N LEU D 25 -23.14 -26.39 43.80
CA LEU D 25 -23.19 -25.09 44.43
C LEU D 25 -22.83 -23.99 43.45
N THR D 26 -22.06 -24.32 42.40
CA THR D 26 -21.87 -23.40 41.28
C THR D 26 -23.17 -23.19 40.53
N ARG D 27 -23.86 -24.28 40.21
CA ARG D 27 -25.10 -24.21 39.45
C ARG D 27 -26.19 -23.49 40.20
N GLU D 28 -26.19 -23.61 41.53
CA GLU D 28 -27.30 -23.04 42.30
C GLU D 28 -27.12 -21.54 42.53
N LEU D 29 -26.08 -21.16 43.26
CA LEU D 29 -25.82 -19.77 43.60
C LEU D 29 -24.75 -19.14 42.74
N ALA D 30 -24.95 -19.18 41.43
CA ALA D 30 -24.05 -18.51 40.49
C ALA D 30 -24.30 -17.02 40.44
N GLU D 31 -25.54 -16.60 40.60
CA GLU D 31 -25.93 -15.20 40.62
C GLU D 31 -25.62 -14.51 41.94
N ASP D 32 -24.86 -15.16 42.81
CA ASP D 32 -24.47 -14.59 44.09
C ASP D 32 -22.96 -14.50 44.24
N GLY D 33 -22.21 -14.74 43.16
CA GLY D 33 -20.77 -14.71 43.23
C GLY D 33 -20.21 -15.83 44.06
N TYR D 34 -20.41 -17.07 43.63
CA TYR D 34 -20.07 -18.25 44.41
C TYR D 34 -18.59 -18.36 44.72
N SER D 35 -17.75 -18.52 43.69
CA SER D 35 -16.29 -18.42 43.78
C SER D 35 -15.67 -19.39 44.80
N GLY D 36 -16.01 -20.67 44.66
CA GLY D 36 -15.27 -21.71 45.34
C GLY D 36 -15.85 -22.13 46.68
N VAL D 37 -15.31 -23.24 47.19
CA VAL D 37 -15.79 -23.86 48.42
C VAL D 37 -14.62 -24.55 49.10
N GLU D 38 -14.72 -24.70 50.42
CA GLU D 38 -13.79 -25.49 51.21
C GLU D 38 -14.58 -26.44 52.08
N VAL D 39 -14.07 -27.66 52.24
CA VAL D 39 -14.67 -28.64 53.13
C VAL D 39 -13.66 -28.99 54.21
N ARG D 40 -14.13 -29.14 55.43
CA ARG D 40 -13.29 -29.54 56.56
C ARG D 40 -13.88 -30.83 57.11
N VAL D 41 -13.38 -31.94 56.64
CA VAL D 41 -13.85 -33.25 57.04
C VAL D 41 -13.10 -33.68 58.30
N THR D 42 -13.85 -34.29 59.21
CA THR D 42 -13.35 -34.71 60.51
C THR D 42 -14.20 -35.90 60.94
N PRO D 43 -13.67 -36.77 61.82
CA PRO D 43 -14.50 -37.91 62.26
C PRO D 43 -15.55 -37.53 63.30
N THR D 44 -16.27 -36.46 63.01
CA THR D 44 -17.35 -35.88 63.79
C THR D 44 -18.07 -34.93 62.84
N ARG D 45 -18.92 -34.06 63.39
CA ARG D 45 -19.59 -33.03 62.61
C ARG D 45 -18.63 -32.22 61.75
N THR D 46 -18.87 -32.22 60.43
CA THR D 46 -18.03 -31.57 59.44
C THR D 46 -18.52 -30.15 59.13
N GLU D 47 -17.67 -29.40 58.42
CA GLU D 47 -17.99 -28.04 58.02
C GLU D 47 -17.72 -27.86 56.54
N ILE D 48 -18.54 -27.02 55.91
CA ILE D 48 -18.37 -26.65 54.52
C ILE D 48 -18.43 -25.14 54.44
N ILE D 49 -17.38 -24.51 53.91
CA ILE D 49 -17.24 -23.06 53.90
C ILE D 49 -17.43 -22.57 52.49
N ILE D 50 -18.38 -21.67 52.29
CA ILE D 50 -18.72 -21.13 50.98
C ILE D 50 -18.12 -19.75 50.85
N LEU D 51 -17.25 -19.56 49.85
CA LEU D 51 -16.50 -18.32 49.71
C LEU D 51 -17.18 -17.37 48.73
N ALA D 52 -18.39 -16.95 49.08
CA ALA D 52 -19.17 -16.10 48.18
C ALA D 52 -18.66 -14.66 48.20
N THR D 53 -19.12 -13.87 47.22
CA THR D 53 -18.83 -12.44 47.18
C THR D 53 -19.86 -11.64 47.96
N ARG D 54 -21.13 -11.89 47.72
CA ARG D 54 -22.23 -11.26 48.44
C ARG D 54 -22.82 -12.33 49.34
N THR D 55 -22.53 -12.26 50.63
CA THR D 55 -23.03 -13.28 51.54
C THR D 55 -24.42 -12.95 52.08
N GLN D 56 -24.85 -11.70 51.93
CA GLN D 56 -26.12 -11.29 52.52
C GLN D 56 -27.32 -11.87 51.77
N ASN D 57 -27.13 -12.38 50.55
CA ASN D 57 -28.19 -13.09 49.86
C ASN D 57 -27.86 -14.56 49.64
N VAL D 58 -26.64 -14.99 49.94
CA VAL D 58 -26.40 -16.43 50.12
C VAL D 58 -27.13 -16.91 51.35
N LEU D 59 -26.96 -16.19 52.46
CA LEU D 59 -27.89 -16.31 53.56
C LEU D 59 -29.21 -15.67 53.16
N GLY D 60 -30.31 -16.39 53.32
CA GLY D 60 -31.59 -15.83 52.91
C GLY D 60 -32.17 -14.88 53.94
N GLU D 61 -33.49 -14.84 54.04
CA GLU D 61 -34.14 -14.08 55.09
C GLU D 61 -34.00 -14.84 56.40
N LYS D 62 -33.27 -14.26 57.35
CA LYS D 62 -32.88 -14.90 58.61
C LYS D 62 -32.16 -16.22 58.36
N GLY D 63 -31.37 -16.26 57.30
CA GLY D 63 -30.64 -17.47 56.94
C GLY D 63 -31.50 -18.63 56.51
N ARG D 64 -32.56 -18.37 55.73
CA ARG D 64 -33.37 -19.48 55.25
C ARG D 64 -32.68 -20.24 54.14
N ARG D 65 -31.99 -19.52 53.24
CA ARG D 65 -31.37 -20.17 52.09
C ARG D 65 -30.22 -21.06 52.53
N ILE D 66 -29.42 -20.61 53.49
CA ILE D 66 -28.32 -21.44 53.98
C ILE D 66 -28.87 -22.67 54.70
N ARG D 67 -30.06 -22.54 55.29
CA ARG D 67 -30.67 -23.67 55.99
C ARG D 67 -31.18 -24.70 55.00
N GLU D 68 -31.84 -24.26 53.92
CA GLU D 68 -32.30 -25.23 52.94
C GLU D 68 -31.13 -25.82 52.16
N LEU D 69 -30.03 -25.09 52.03
CA LEU D 69 -28.86 -25.64 51.36
C LEU D 69 -28.21 -26.73 52.21
N THR D 70 -28.08 -26.51 53.52
CA THR D 70 -27.54 -27.58 54.34
C THR D 70 -28.52 -28.73 54.45
N ALA D 71 -29.82 -28.46 54.30
CA ALA D 71 -30.81 -29.54 54.27
C ALA D 71 -30.64 -30.42 53.03
N VAL D 72 -30.49 -29.80 51.85
CA VAL D 72 -30.35 -30.62 50.65
C VAL D 72 -29.01 -31.33 50.63
N VAL D 73 -27.96 -30.72 51.19
CA VAL D 73 -26.67 -31.38 51.26
C VAL D 73 -26.75 -32.61 52.15
N GLN D 74 -27.37 -32.46 53.33
CA GLN D 74 -27.50 -33.57 54.25
C GLN D 74 -28.44 -34.65 53.73
N LYS D 75 -29.42 -34.28 52.91
CA LYS D 75 -30.33 -35.28 52.38
C LYS D 75 -29.78 -35.98 51.14
N ARG D 76 -28.91 -35.33 50.37
CA ARG D 76 -28.34 -35.98 49.20
C ARG D 76 -27.14 -36.82 49.54
N PHE D 77 -26.20 -36.29 50.31
CA PHE D 77 -24.95 -36.99 50.53
C PHE D 77 -25.00 -37.97 51.70
N GLY D 78 -26.18 -38.18 52.27
CA GLY D 78 -26.35 -39.21 53.26
C GLY D 78 -25.62 -38.96 54.56
N PHE D 79 -25.42 -37.70 54.91
CA PHE D 79 -24.86 -37.40 56.21
C PHE D 79 -25.90 -37.68 57.30
N PRO D 80 -25.47 -38.14 58.47
CA PRO D 80 -26.39 -38.19 59.60
C PRO D 80 -26.75 -36.79 60.07
N GLU D 81 -27.89 -36.70 60.74
CA GLU D 81 -28.46 -35.40 61.09
C GLU D 81 -27.56 -34.65 62.07
N GLY D 82 -27.30 -33.39 61.76
CA GLY D 82 -26.46 -32.55 62.60
C GLY D 82 -24.97 -32.72 62.39
N SER D 83 -24.57 -33.63 61.52
CA SER D 83 -23.14 -33.87 61.29
C SER D 83 -22.56 -32.99 60.21
N VAL D 84 -23.37 -32.15 59.57
CA VAL D 84 -22.90 -31.23 58.55
C VAL D 84 -23.44 -29.84 58.86
N GLU D 85 -22.57 -28.85 58.80
CA GLU D 85 -22.97 -27.46 58.98
C GLU D 85 -22.30 -26.63 57.90
N LEU D 86 -23.01 -25.59 57.48
CA LEU D 86 -22.69 -24.87 56.27
C LEU D 86 -22.45 -23.41 56.61
N TYR D 87 -21.30 -22.88 56.21
CA TYR D 87 -20.90 -21.53 56.56
C TYR D 87 -20.78 -20.69 55.29
N ALA D 88 -20.64 -19.39 55.48
CA ALA D 88 -20.47 -18.47 54.37
C ALA D 88 -19.42 -17.44 54.76
N GLU D 89 -18.55 -17.11 53.80
CA GLU D 89 -17.53 -16.10 54.02
C GLU D 89 -17.47 -15.19 52.81
N LYS D 90 -17.30 -13.90 53.07
CA LYS D 90 -17.16 -12.93 51.99
C LYS D 90 -15.73 -12.97 51.49
N VAL D 91 -15.57 -13.02 50.18
CA VAL D 91 -14.24 -13.07 49.58
C VAL D 91 -13.70 -11.64 49.46
N ALA D 92 -12.44 -11.46 49.87
CA ALA D 92 -11.80 -10.17 49.71
C ALA D 92 -11.19 -10.05 48.32
N THR D 93 -11.19 -8.83 47.80
CA THR D 93 -10.66 -8.50 46.47
C THR D 93 -11.35 -9.35 45.39
N ARG D 94 -12.66 -9.11 45.24
CA ARG D 94 -13.44 -9.79 44.22
C ARG D 94 -12.93 -9.52 42.82
N GLY D 95 -12.19 -8.44 42.60
CA GLY D 95 -11.58 -8.21 41.32
C GLY D 95 -10.43 -9.11 40.99
N LEU D 96 -9.92 -9.85 41.96
CA LEU D 96 -8.86 -10.82 41.73
C LEU D 96 -9.38 -12.24 41.59
N CYS D 97 -10.69 -12.44 41.56
CA CYS D 97 -11.26 -13.77 41.42
C CYS D 97 -11.77 -13.95 40.00
N ALA D 98 -11.33 -15.00 39.34
CA ALA D 98 -11.70 -15.20 37.95
C ALA D 98 -13.15 -15.61 37.81
N ILE D 99 -13.67 -16.38 38.76
CA ILE D 99 -15.05 -16.86 38.66
C ILE D 99 -16.02 -15.68 38.80
N ALA D 100 -15.77 -14.81 39.77
CA ALA D 100 -16.64 -13.66 39.98
C ALA D 100 -16.59 -12.70 38.79
N GLN D 101 -15.41 -12.50 38.21
CA GLN D 101 -15.30 -11.60 37.07
C GLN D 101 -15.94 -12.18 35.83
N ALA D 102 -15.83 -13.50 35.65
CA ALA D 102 -16.50 -14.14 34.53
C ALA D 102 -18.02 -14.07 34.69
N GLU D 103 -18.51 -14.21 35.92
CA GLU D 103 -19.93 -14.02 36.16
C GLU D 103 -20.37 -12.59 35.93
N SER D 104 -19.53 -11.62 36.30
CA SER D 104 -19.86 -10.22 36.06
C SER D 104 -19.93 -9.93 34.57
N LEU D 105 -19.02 -10.51 33.79
CA LEU D 105 -19.07 -10.38 32.34
C LEU D 105 -20.31 -11.04 31.78
N ARG D 106 -20.70 -12.21 32.31
CA ARG D 106 -21.94 -12.85 31.88
C ARG D 106 -23.15 -11.98 32.19
N TYR D 107 -23.16 -11.35 33.37
CA TYR D 107 -24.27 -10.48 33.75
C TYR D 107 -24.39 -9.30 32.80
N LYS D 108 -23.25 -8.67 32.48
CA LYS D 108 -23.28 -7.54 31.56
C LYS D 108 -23.72 -7.96 30.17
N LEU D 109 -23.23 -9.11 29.70
CA LEU D 109 -23.60 -9.58 28.37
C LEU D 109 -25.08 -9.94 28.28
N LEU D 110 -25.62 -10.59 29.33
CA LEU D 110 -27.04 -10.92 29.34
C LEU D 110 -27.88 -9.66 29.42
N GLY D 111 -27.43 -8.66 30.17
CA GLY D 111 -28.12 -7.38 30.20
C GLY D 111 -28.12 -6.71 28.84
N GLY D 112 -27.07 -6.91 28.07
CA GLY D 112 -27.01 -6.48 26.69
C GLY D 112 -26.29 -5.17 26.57
N LEU D 113 -25.11 -5.22 25.97
CA LEU D 113 -24.37 -4.03 25.56
C LEU D 113 -23.29 -4.50 24.62
N ALA D 114 -22.44 -3.58 24.19
CA ALA D 114 -21.30 -3.92 23.37
C ALA D 114 -20.38 -4.88 24.13
N VAL D 115 -19.94 -5.91 23.43
CA VAL D 115 -18.99 -6.86 24.02
C VAL D 115 -17.67 -6.16 24.31
N ARG D 116 -17.27 -5.23 23.44
CA ARG D 116 -16.07 -4.44 23.66
C ARG D 116 -16.13 -3.69 24.97
N ARG D 117 -17.24 -2.99 25.20
CA ARG D 117 -17.39 -2.13 26.37
C ARG D 117 -17.40 -2.95 27.65
N ALA D 118 -18.09 -4.08 27.64
CA ALA D 118 -18.14 -4.95 28.80
C ALA D 118 -16.76 -5.52 29.13
N CYS D 119 -16.05 -6.00 28.11
CA CYS D 119 -14.73 -6.57 28.34
C CYS D 119 -13.73 -5.51 28.80
N TYR D 120 -13.81 -4.31 28.24
CA TYR D 120 -12.94 -3.22 28.68
C TYR D 120 -13.20 -2.87 30.14
N GLY D 121 -14.47 -2.81 30.52
CA GLY D 121 -14.80 -2.46 31.90
C GLY D 121 -14.34 -3.51 32.90
N VAL D 122 -14.56 -4.79 32.55
CA VAL D 122 -14.11 -5.87 33.42
C VAL D 122 -12.59 -5.88 33.53
N LEU D 123 -11.91 -5.66 32.41
CA LEU D 123 -10.45 -5.68 32.39
C LEU D 123 -9.86 -4.55 33.23
N ARG D 124 -10.42 -3.35 33.11
CA ARG D 124 -9.85 -2.24 33.85
C ARG D 124 -10.20 -2.34 35.33
N PHE D 125 -11.36 -2.94 35.67
CA PHE D 125 -11.66 -3.21 37.08
C PHE D 125 -10.68 -4.21 37.67
N ILE D 126 -10.32 -5.24 36.89
CA ILE D 126 -9.37 -6.24 37.36
C ILE D 126 -8.00 -5.61 37.58
N MET D 127 -7.59 -4.71 36.68
CA MET D 127 -6.31 -4.03 36.84
C MET D 127 -6.29 -3.13 38.05
N GLU D 128 -7.33 -2.32 38.25
CA GLU D 128 -7.26 -1.42 39.39
C GLU D 128 -7.63 -2.10 40.69
N SER D 129 -8.07 -3.36 40.64
CA SER D 129 -8.20 -4.16 41.84
C SER D 129 -6.87 -4.72 42.32
N GLY D 130 -5.84 -4.73 41.48
CA GLY D 130 -4.52 -5.08 41.94
C GLY D 130 -3.79 -6.21 41.25
N ALA D 131 -4.30 -6.65 40.09
CA ALA D 131 -3.68 -7.77 39.39
C ALA D 131 -2.41 -7.35 38.69
N LYS D 132 -1.50 -8.31 38.52
CA LYS D 132 -0.32 -8.09 37.68
C LYS D 132 -0.65 -8.15 36.20
N GLY D 133 -1.69 -8.86 35.82
CA GLY D 133 -2.12 -8.88 34.44
C GLY D 133 -3.37 -9.70 34.30
N CYS D 134 -4.05 -9.50 33.18
CA CYS D 134 -5.34 -10.13 32.93
C CYS D 134 -5.45 -10.51 31.47
N GLU D 135 -6.37 -11.41 31.19
CA GLU D 135 -6.63 -11.85 29.83
C GLU D 135 -8.07 -12.31 29.76
N VAL D 136 -8.88 -11.65 28.93
CA VAL D 136 -10.29 -11.96 28.79
C VAL D 136 -10.54 -12.32 27.34
N VAL D 137 -11.09 -13.51 27.11
CA VAL D 137 -11.40 -14.00 25.78
C VAL D 137 -12.89 -14.25 25.69
N VAL D 138 -13.52 -13.72 24.64
CA VAL D 138 -14.91 -13.99 24.33
C VAL D 138 -14.98 -14.60 22.94
N SER D 139 -15.73 -15.67 22.80
CA SER D 139 -15.74 -16.45 21.57
C SER D 139 -17.14 -16.91 21.26
N GLY D 140 -17.56 -16.74 20.03
CA GLY D 140 -18.84 -17.23 19.60
C GLY D 140 -19.43 -16.35 18.53
N LYS D 141 -20.74 -16.47 18.36
CA LYS D 141 -21.46 -15.73 17.32
C LYS D 141 -21.64 -14.30 17.81
N LEU D 142 -20.62 -13.51 17.55
CA LEU D 142 -20.63 -12.08 17.79
C LEU D 142 -21.43 -11.41 16.68
N ARG D 143 -21.26 -10.10 16.50
CA ARG D 143 -21.92 -9.39 15.41
C ARG D 143 -21.57 -10.05 14.08
N GLY D 144 -22.57 -10.64 13.44
CA GLY D 144 -22.38 -11.51 12.29
C GLY D 144 -22.92 -12.91 12.53
N GLN D 145 -22.93 -13.74 11.50
CA GLN D 145 -23.40 -15.11 11.64
C GLN D 145 -22.26 -16.12 11.78
N ARG D 146 -21.02 -15.70 11.48
CA ARG D 146 -19.85 -16.54 11.65
C ARG D 146 -19.16 -16.22 12.96
N ALA D 147 -18.70 -17.27 13.64
CA ALA D 147 -18.11 -17.12 14.94
C ALA D 147 -16.70 -16.56 14.87
N LYS D 148 -16.38 -15.69 15.81
CA LYS D 148 -15.06 -15.11 15.98
C LYS D 148 -14.59 -15.38 17.40
N SER D 149 -13.38 -14.97 17.69
CA SER D 149 -12.86 -14.90 19.04
C SER D 149 -12.21 -13.55 19.23
N MET D 150 -12.30 -13.00 20.43
CA MET D 150 -11.70 -11.71 20.72
C MET D 150 -11.01 -11.78 22.07
N LYS D 151 -9.72 -11.45 22.13
CA LYS D 151 -9.06 -11.37 23.42
C LYS D 151 -8.62 -9.96 23.72
N PHE D 152 -8.65 -9.64 25.01
CA PHE D 152 -8.49 -8.31 25.57
C PHE D 152 -7.36 -8.30 26.57
N VAL D 153 -6.22 -8.91 26.19
CA VAL D 153 -5.09 -9.04 27.12
C VAL D 153 -4.59 -7.66 27.57
N ASP D 154 -4.00 -7.65 28.77
CA ASP D 154 -3.40 -6.43 29.29
C ASP D 154 -2.46 -6.80 30.42
N GLY D 155 -1.31 -6.15 30.48
CA GLY D 155 -0.43 -6.33 31.60
C GLY D 155 0.55 -7.46 31.38
N LEU D 156 0.58 -8.40 32.31
CA LEU D 156 1.61 -9.42 32.41
C LEU D 156 0.97 -10.77 32.60
N MET D 157 1.47 -11.79 31.93
CA MET D 157 0.83 -13.09 31.99
C MET D 157 1.82 -14.17 31.59
N ILE D 158 1.94 -15.19 32.44
CA ILE D 158 2.78 -16.33 32.13
C ILE D 158 1.90 -17.45 31.60
N HIS D 159 2.52 -18.34 30.83
CA HIS D 159 1.77 -19.41 30.18
C HIS D 159 2.33 -20.79 30.49
N SER D 160 3.64 -20.88 30.71
CA SER D 160 4.30 -22.18 30.74
C SER D 160 4.93 -22.43 32.09
N GLY D 161 5.26 -23.71 32.32
CA GLY D 161 5.99 -24.12 33.49
C GLY D 161 5.09 -24.37 34.68
N ASP D 162 5.73 -24.75 35.77
CA ASP D 162 5.01 -24.99 37.02
C ASP D 162 4.44 -23.74 37.70
N PRO D 163 5.06 -22.54 37.64
CA PRO D 163 4.43 -21.37 38.26
C PRO D 163 3.02 -21.10 37.81
N VAL D 164 2.67 -21.41 36.57
CA VAL D 164 1.26 -21.32 36.22
C VAL D 164 0.59 -22.63 36.64
N ASN D 165 0.44 -22.80 37.95
CA ASN D 165 -0.45 -23.79 38.54
C ASN D 165 -1.12 -23.15 39.74
N TYR D 166 -0.42 -22.18 40.32
CA TYR D 166 -0.82 -21.56 41.56
C TYR D 166 -0.74 -20.06 41.51
N TYR D 167 -0.25 -19.48 40.43
CA TYR D 167 0.09 -18.09 40.46
C TYR D 167 -0.83 -17.30 39.54
N VAL D 168 -1.60 -17.98 38.68
CA VAL D 168 -2.76 -17.41 38.01
C VAL D 168 -3.96 -18.28 38.36
N ASP D 169 -5.15 -17.77 38.03
CA ASP D 169 -6.36 -18.58 38.18
C ASP D 169 -7.33 -18.24 37.07
N THR D 170 -8.02 -19.27 36.57
CA THR D 170 -8.82 -19.18 35.36
C THR D 170 -10.26 -19.52 35.65
N ALA D 171 -11.13 -19.19 34.71
CA ALA D 171 -12.55 -19.52 34.80
C ALA D 171 -13.14 -19.55 33.40
N VAL D 172 -13.99 -20.52 33.15
CA VAL D 172 -14.68 -20.65 31.86
C VAL D 172 -16.18 -20.63 32.15
N ARG D 173 -16.90 -19.76 31.46
CA ARG D 173 -18.35 -19.73 31.57
C ARG D 173 -18.96 -19.83 30.18
N HIS D 174 -20.21 -20.26 30.13
CA HIS D 174 -21.03 -20.23 28.93
C HIS D 174 -22.16 -19.23 29.13
N VAL D 175 -22.46 -18.45 28.10
CA VAL D 175 -23.54 -17.48 28.14
C VAL D 175 -24.59 -17.90 27.13
N LEU D 176 -25.76 -18.28 27.61
CA LEU D 176 -26.85 -18.73 26.75
C LEU D 176 -27.54 -17.51 26.18
N LEU D 177 -27.07 -17.04 25.03
CA LEU D 177 -27.63 -15.87 24.40
C LEU D 177 -28.75 -16.27 23.45
N ARG D 178 -29.24 -15.31 22.67
CA ARG D 178 -30.36 -15.55 21.77
C ARG D 178 -30.00 -16.43 20.58
N GLN D 179 -28.75 -16.37 20.12
CA GLN D 179 -28.29 -17.18 19.00
C GLN D 179 -27.01 -17.92 19.41
N GLY D 180 -27.19 -19.13 19.90
CA GLY D 180 -26.06 -19.92 20.38
C GLY D 180 -25.45 -19.34 21.64
N VAL D 181 -24.35 -19.95 22.04
CA VAL D 181 -23.67 -19.58 23.28
C VAL D 181 -22.38 -18.86 22.95
N LEU D 182 -21.99 -17.95 23.84
CA LEU D 182 -20.68 -17.36 23.84
C LEU D 182 -19.85 -17.97 24.95
N GLY D 183 -18.54 -18.04 24.74
CA GLY D 183 -17.61 -18.57 25.72
C GLY D 183 -16.78 -17.46 26.32
N ILE D 184 -16.67 -17.48 27.64
CA ILE D 184 -15.94 -16.47 28.40
C ILE D 184 -14.77 -17.15 29.09
N LYS D 185 -13.57 -16.62 28.90
CA LYS D 185 -12.39 -17.17 29.53
C LYS D 185 -11.59 -16.03 30.14
N VAL D 186 -11.47 -16.04 31.46
CA VAL D 186 -10.81 -14.99 32.21
C VAL D 186 -9.62 -15.60 32.93
N LYS D 187 -8.44 -15.02 32.73
CA LYS D 187 -7.24 -15.40 33.46
C LYS D 187 -6.68 -14.18 34.17
N ILE D 188 -6.35 -14.34 35.45
CA ILE D 188 -5.82 -13.26 36.25
C ILE D 188 -4.51 -13.72 36.88
N MET D 189 -3.43 -12.97 36.63
CA MET D 189 -2.14 -13.23 37.26
C MET D 189 -2.10 -12.51 38.60
N LEU D 190 -1.85 -13.23 39.63
CA LEU D 190 -1.95 -12.68 40.98
C LEU D 190 -0.64 -12.02 41.39
N PRO D 191 -0.69 -11.00 42.25
CA PRO D 191 0.54 -10.45 42.80
C PRO D 191 1.14 -11.40 43.82
N TRP D 192 2.41 -11.17 44.13
CA TRP D 192 3.11 -12.00 45.10
C TRP D 192 3.18 -11.35 46.47
N ASP D 193 3.18 -10.02 46.51
CA ASP D 193 3.91 -9.21 47.48
C ASP D 193 3.82 -9.65 48.93
N PRO D 194 2.65 -9.72 49.59
CA PRO D 194 2.67 -9.75 51.05
C PRO D 194 3.07 -11.08 51.64
N THR D 195 3.23 -12.11 50.80
CA THR D 195 3.35 -13.51 51.22
C THR D 195 2.18 -13.93 52.13
N GLY D 196 1.02 -13.32 51.92
CA GLY D 196 -0.17 -13.56 52.71
C GLY D 196 -1.31 -14.14 51.91
N LYS D 197 -2.46 -13.45 51.96
CA LYS D 197 -3.72 -13.97 51.47
C LYS D 197 -4.10 -13.47 50.08
N ILE D 198 -3.65 -12.27 49.69
CA ILE D 198 -4.09 -11.69 48.43
C ILE D 198 -3.44 -12.38 47.24
N GLY D 199 -2.30 -13.03 47.47
CA GLY D 199 -1.62 -13.77 46.43
C GLY D 199 -0.87 -14.93 47.04
N PRO D 200 -0.01 -15.58 46.26
CA PRO D 200 0.80 -16.66 46.81
C PRO D 200 2.15 -16.19 47.33
N LYS D 201 2.73 -17.03 48.18
CA LYS D 201 4.13 -16.94 48.57
C LYS D 201 4.98 -17.55 47.46
N LYS D 202 6.27 -17.77 47.71
CA LYS D 202 7.27 -18.37 46.81
C LYS D 202 7.23 -17.73 45.43
N PRO D 203 7.89 -16.58 45.26
CA PRO D 203 7.78 -15.80 44.02
C PRO D 203 8.29 -16.56 42.80
N LEU D 204 8.15 -15.91 41.65
CA LEU D 204 8.46 -16.52 40.38
C LEU D 204 9.92 -16.97 40.34
N PRO D 205 10.21 -18.16 39.82
CA PRO D 205 11.50 -18.81 40.08
C PRO D 205 12.70 -18.10 39.49
N ASP D 206 12.51 -17.21 38.53
CA ASP D 206 13.62 -16.48 37.94
C ASP D 206 13.66 -15.03 38.40
N HIS D 207 13.09 -14.73 39.54
CA HIS D 207 13.11 -13.39 40.10
C HIS D 207 14.01 -13.41 41.33
N VAL D 208 15.24 -12.97 41.18
CA VAL D 208 16.16 -12.88 42.30
C VAL D 208 16.10 -11.47 42.84
N SER D 209 16.36 -11.34 44.13
CA SER D 209 16.37 -10.04 44.80
C SER D 209 17.62 -9.97 45.65
N ILE D 210 18.34 -8.86 45.54
CA ILE D 210 19.63 -8.69 46.18
C ILE D 210 19.50 -7.57 47.20
N VAL D 211 19.78 -7.89 48.47
CA VAL D 211 19.65 -6.89 49.51
C VAL D 211 20.81 -5.91 49.41
N GLU D 212 20.53 -4.65 49.69
CA GLU D 212 21.56 -3.64 49.58
C GLU D 212 22.44 -3.64 50.82
N PRO D 213 23.72 -3.32 50.67
CA PRO D 213 24.62 -3.28 51.82
C PRO D 213 24.40 -2.04 52.67
N LYS D 214 25.05 -2.04 53.82
CA LYS D 214 25.02 -0.93 54.75
C LYS D 214 26.12 0.08 54.41
N ASP D 215 26.32 1.06 55.28
CA ASP D 215 27.29 2.12 55.02
C ASP D 215 28.72 1.60 55.04
N GLU D 216 29.07 0.82 56.07
CA GLU D 216 30.42 0.25 56.28
C GLU D 216 31.46 1.37 56.32
N ILE D 217 31.37 2.17 57.38
CA ILE D 217 32.27 3.29 57.57
C ILE D 217 33.28 2.95 58.65
N LEU D 218 34.27 3.83 58.83
CA LEU D 218 35.38 3.75 59.79
C LEU D 218 36.21 2.48 59.64
N PRO D 219 36.94 2.29 58.52
CA PRO D 219 37.94 1.24 58.49
C PRO D 219 39.30 1.74 58.95
N THR D 220 39.34 2.94 59.50
CA THR D 220 40.58 3.65 59.80
C THR D 220 41.22 3.11 61.07
N THR D 221 42.21 3.84 61.59
CA THR D 221 43.18 3.51 62.64
C THR D 221 42.59 2.75 63.81
N PRO D 222 43.31 1.79 64.36
CA PRO D 222 42.70 0.83 65.28
C PRO D 222 42.35 1.44 66.64
N ILE D 223 41.17 1.09 67.13
CA ILE D 223 40.74 1.43 68.49
C ILE D 223 40.17 0.18 69.13
N SER D 224 40.23 0.12 70.45
CA SER D 224 39.71 -1.01 71.21
C SER D 224 38.79 -0.51 72.31
N GLU D 225 37.62 -1.13 72.43
CA GLU D 225 36.64 -0.74 73.43
C GLU D 225 36.48 -1.88 74.44
N GLN D 226 36.85 -1.61 75.69
CA GLN D 226 36.85 -2.62 76.73
C GLN D 226 35.61 -2.49 77.60
N LYS D 227 35.26 -3.59 78.28
CA LYS D 227 34.12 -3.60 79.19
C LYS D 227 34.57 -3.97 80.60
N ALA E 1 -40.06 40.66 -49.65
CA ALA E 1 -41.14 41.60 -49.91
C ALA E 1 -41.23 41.92 -51.39
N ARG E 2 -42.45 41.93 -51.92
CA ARG E 2 -42.68 42.33 -53.29
C ARG E 2 -43.05 43.80 -53.44
N GLY E 3 -43.08 44.56 -52.35
CA GLY E 3 -43.47 45.93 -52.42
C GLY E 3 -43.38 46.62 -51.09
N PRO E 4 -43.95 47.81 -51.00
CA PRO E 4 -43.85 48.58 -49.75
C PRO E 4 -44.68 47.99 -48.63
N LYS E 5 -44.18 48.15 -47.42
CA LYS E 5 -44.84 47.64 -46.23
C LYS E 5 -45.86 48.66 -45.72
N LYS E 6 -46.96 48.14 -45.18
CA LYS E 6 -48.03 48.99 -44.68
C LYS E 6 -48.34 48.79 -43.21
N HIS E 7 -47.61 47.93 -42.52
CA HIS E 7 -47.86 47.66 -41.11
C HIS E 7 -46.65 48.08 -40.30
N LEU E 8 -46.78 47.97 -38.99
CA LEU E 8 -45.70 48.28 -38.06
C LEU E 8 -45.98 47.52 -36.79
N LYS E 9 -45.08 46.62 -36.42
CA LYS E 9 -45.28 45.86 -35.19
C LYS E 9 -45.02 46.75 -33.98
N ARG E 10 -45.55 46.32 -32.84
CA ARG E 10 -45.57 47.19 -31.67
C ARG E 10 -44.19 47.35 -31.05
N VAL E 11 -43.41 46.26 -30.94
CA VAL E 11 -42.06 46.41 -30.39
C VAL E 11 -41.08 46.99 -31.39
N ALA E 12 -41.45 47.07 -32.67
CA ALA E 12 -40.61 47.71 -33.67
C ALA E 12 -40.89 49.19 -33.81
N ALA E 13 -41.82 49.73 -33.03
CA ALA E 13 -42.14 51.14 -33.07
C ALA E 13 -40.99 51.96 -32.47
N PRO E 14 -40.92 53.26 -32.79
CA PRO E 14 -39.90 54.11 -32.15
C PRO E 14 -40.05 54.14 -30.64
N LYS E 15 -38.91 54.14 -29.95
CA LYS E 15 -38.91 54.02 -28.50
C LYS E 15 -39.47 55.26 -27.83
N HIS E 16 -39.23 56.44 -28.41
CA HIS E 16 -39.68 57.68 -27.80
C HIS E 16 -41.17 57.88 -27.88
N TRP E 17 -41.89 57.06 -28.64
CA TRP E 17 -43.35 57.09 -28.62
C TRP E 17 -43.91 56.64 -27.29
N MET E 18 -43.15 55.82 -26.56
CA MET E 18 -43.55 55.23 -25.28
C MET E 18 -44.87 54.47 -25.40
N LEU E 19 -44.91 53.56 -26.35
CA LEU E 19 -45.99 52.59 -26.42
C LEU E 19 -45.68 51.43 -25.50
N ASP E 20 -46.71 50.88 -24.88
CA ASP E 20 -46.53 49.74 -23.99
C ASP E 20 -46.58 48.46 -24.81
N LYS E 21 -46.63 47.31 -24.13
CA LYS E 21 -46.51 46.02 -24.80
C LYS E 21 -47.82 45.27 -24.92
N LEU E 22 -48.64 45.25 -23.88
CA LEU E 22 -49.76 44.32 -23.83
C LEU E 22 -51.00 44.80 -24.57
N THR E 23 -51.03 46.05 -25.02
CA THR E 23 -52.28 46.53 -25.57
C THR E 23 -52.43 46.32 -27.07
N GLY E 24 -51.50 45.66 -27.73
CA GLY E 24 -51.71 45.38 -29.14
C GLY E 24 -50.51 44.70 -29.76
N VAL E 25 -50.70 44.29 -31.00
CA VAL E 25 -49.64 43.68 -31.79
C VAL E 25 -49.03 44.77 -32.67
N PHE E 26 -49.85 45.73 -33.07
CA PHE E 26 -49.43 46.72 -34.04
C PHE E 26 -49.25 48.08 -33.41
N ALA E 27 -48.58 48.94 -34.15
CA ALA E 27 -48.29 50.32 -33.83
C ALA E 27 -48.87 51.17 -34.95
N PRO E 28 -49.12 52.46 -34.69
CA PRO E 28 -49.90 53.27 -35.65
C PRO E 28 -49.36 53.43 -37.05
N ARG E 29 -48.06 53.17 -37.34
CA ARG E 29 -47.53 53.17 -38.71
C ARG E 29 -47.75 54.52 -39.41
N PRO E 30 -46.95 55.53 -39.10
CA PRO E 30 -47.20 56.87 -39.65
C PRO E 30 -47.19 56.89 -41.17
N SER E 31 -48.10 57.66 -41.74
CA SER E 31 -48.19 57.73 -43.19
C SER E 31 -47.03 58.54 -43.74
N THR E 32 -46.85 58.45 -45.05
CA THR E 32 -45.82 59.23 -45.71
C THR E 32 -46.13 60.71 -45.57
N GLY E 33 -45.10 61.50 -45.35
CA GLY E 33 -45.29 62.91 -45.08
C GLY E 33 -44.01 63.69 -45.08
N PRO E 34 -44.05 64.90 -44.52
CA PRO E 34 -42.87 65.76 -44.51
C PRO E 34 -41.84 65.40 -43.46
N HIS E 35 -42.02 64.30 -42.73
CA HIS E 35 -41.10 63.89 -41.68
C HIS E 35 -40.83 62.40 -41.80
N LYS E 36 -39.66 61.99 -41.34
CA LYS E 36 -39.27 60.59 -41.42
C LYS E 36 -40.03 59.76 -40.38
N LEU E 37 -40.05 58.45 -40.62
CA LEU E 37 -40.83 57.54 -39.78
C LEU E 37 -40.30 57.48 -38.36
N ARG E 38 -38.99 57.44 -38.20
CA ARG E 38 -38.41 57.34 -36.87
C ARG E 38 -38.34 58.67 -36.14
N GLU E 39 -38.61 59.78 -36.83
CA GLU E 39 -38.44 61.11 -36.28
C GLU E 39 -39.74 61.91 -36.29
N CYS E 40 -40.86 61.25 -36.04
CA CYS E 40 -42.16 61.90 -36.11
C CYS E 40 -43.03 61.42 -34.97
N LEU E 41 -44.24 61.94 -34.94
CA LEU E 41 -45.22 61.58 -33.91
C LEU E 41 -46.58 61.64 -34.57
N PRO E 42 -47.16 60.50 -34.95
CA PRO E 42 -48.46 60.53 -35.61
C PRO E 42 -49.55 61.06 -34.69
N LEU E 43 -50.59 61.64 -35.30
CA LEU E 43 -51.61 62.38 -34.55
C LEU E 43 -52.34 61.51 -33.56
N ILE E 44 -52.47 60.21 -33.85
CA ILE E 44 -53.24 59.32 -32.99
C ILE E 44 -52.57 59.20 -31.63
N ILE E 45 -51.25 59.13 -31.57
CA ILE E 45 -50.64 58.94 -30.27
C ILE E 45 -50.51 60.26 -29.55
N PHE E 46 -50.35 61.37 -30.27
CA PHE E 46 -50.34 62.67 -29.63
C PHE E 46 -51.70 63.00 -29.01
N LEU E 47 -52.78 62.64 -29.71
CA LEU E 47 -54.12 62.93 -29.21
C LEU E 47 -54.64 61.92 -28.20
N ARG E 48 -54.13 60.69 -28.21
CA ARG E 48 -54.64 59.67 -27.30
C ARG E 48 -53.70 59.38 -26.14
N ASN E 49 -52.40 59.25 -26.40
CA ASN E 49 -51.47 58.81 -25.38
C ASN E 49 -50.92 59.96 -24.55
N ARG E 50 -50.79 61.16 -25.13
CA ARG E 50 -50.21 62.28 -24.40
C ARG E 50 -51.28 63.21 -23.83
N LEU E 51 -52.23 63.63 -24.66
CA LEU E 51 -53.25 64.56 -24.18
C LEU E 51 -54.44 63.85 -23.58
N LYS E 52 -54.67 62.59 -23.97
CA LYS E 52 -55.74 61.75 -23.44
C LYS E 52 -57.12 62.36 -23.69
N TYR E 53 -57.28 63.11 -24.78
CA TYR E 53 -58.58 63.54 -25.23
C TYR E 53 -59.40 62.41 -25.81
N ALA E 54 -58.80 61.24 -25.98
CA ALA E 54 -59.47 60.09 -26.56
C ALA E 54 -59.02 58.85 -25.81
N LEU E 55 -59.80 57.79 -25.91
CA LEU E 55 -59.44 56.52 -25.28
C LEU E 55 -59.19 55.40 -26.26
N THR E 56 -59.68 55.52 -27.50
CA THR E 56 -59.50 54.51 -28.53
C THR E 56 -59.03 55.21 -29.79
N GLY E 57 -58.89 54.45 -30.87
CA GLY E 57 -58.59 55.06 -32.16
C GLY E 57 -59.80 55.61 -32.87
N ASP E 58 -60.99 55.09 -32.56
CA ASP E 58 -62.22 55.60 -33.16
C ASP E 58 -62.51 57.01 -32.69
N GLU E 59 -62.25 57.30 -31.41
CA GLU E 59 -62.46 58.65 -30.89
C GLU E 59 -61.51 59.63 -31.55
N VAL E 60 -60.25 59.22 -31.75
CA VAL E 60 -59.30 60.04 -32.48
C VAL E 60 -59.81 60.29 -33.89
N LYS E 61 -60.35 59.25 -34.52
CA LYS E 61 -60.79 59.37 -35.90
C LYS E 61 -61.96 60.35 -36.03
N LYS E 62 -62.90 60.32 -35.09
CA LYS E 62 -64.01 61.25 -35.20
C LYS E 62 -63.66 62.67 -34.79
N ILE E 63 -62.74 62.87 -33.85
CA ILE E 63 -62.35 64.25 -33.58
C ILE E 63 -61.46 64.80 -34.69
N CYS E 64 -60.81 63.93 -35.45
CA CYS E 64 -60.13 64.42 -36.65
C CYS E 64 -61.12 64.72 -37.76
N MET E 65 -62.12 63.85 -37.93
CA MET E 65 -63.07 64.03 -39.02
C MET E 65 -64.06 65.14 -38.75
N GLN E 66 -64.11 65.66 -37.52
CA GLN E 66 -64.87 66.88 -37.29
C GLN E 66 -64.13 68.13 -37.78
N ARG E 67 -62.91 67.95 -38.31
CA ARG E 67 -62.16 68.96 -39.07
C ARG E 67 -61.76 70.16 -38.23
N PHE E 68 -61.53 69.93 -36.96
CA PHE E 68 -60.72 70.83 -36.16
C PHE E 68 -59.58 70.11 -35.44
N ILE E 69 -58.49 69.94 -36.19
CA ILE E 69 -57.11 69.73 -35.77
C ILE E 69 -56.30 70.38 -36.86
N LYS E 70 -55.44 71.33 -36.51
CA LYS E 70 -54.67 72.04 -37.52
C LYS E 70 -53.18 71.85 -37.27
N ILE E 71 -52.47 71.38 -38.29
CA ILE E 71 -51.03 71.22 -38.25
C ILE E 71 -50.43 72.18 -39.26
N ASP E 72 -49.60 73.11 -38.76
CA ASP E 72 -49.01 74.20 -39.55
C ASP E 72 -50.05 75.07 -40.22
N GLY E 73 -51.24 75.18 -39.63
CA GLY E 73 -52.28 76.03 -40.17
C GLY E 73 -53.23 75.37 -41.14
N LYS E 74 -52.99 74.13 -41.53
CA LYS E 74 -53.88 73.39 -42.42
C LYS E 74 -54.60 72.32 -41.65
N VAL E 75 -55.85 72.06 -42.02
CA VAL E 75 -56.63 71.05 -41.33
C VAL E 75 -56.23 69.68 -41.87
N ARG E 76 -55.77 68.81 -40.97
CA ARG E 76 -55.38 67.46 -41.32
C ARG E 76 -56.38 66.49 -40.70
N THR E 77 -56.97 65.64 -41.53
CA THR E 77 -57.91 64.63 -41.07
C THR E 77 -57.32 63.24 -41.04
N ASP E 78 -56.03 63.09 -41.32
CA ASP E 78 -55.39 61.78 -41.35
C ASP E 78 -54.80 61.50 -39.97
N ILE E 79 -55.31 60.48 -39.29
CA ILE E 79 -54.95 60.27 -37.89
C ILE E 79 -53.56 59.69 -37.72
N THR E 80 -52.92 59.24 -38.79
CA THR E 80 -51.53 58.81 -38.74
C THR E 80 -50.62 59.76 -39.51
N TYR E 81 -50.99 61.03 -39.55
CA TYR E 81 -50.15 62.03 -40.19
C TYR E 81 -48.92 62.28 -39.34
N PRO E 82 -47.72 62.27 -39.93
CA PRO E 82 -46.51 62.52 -39.14
C PRO E 82 -46.39 64.00 -38.76
N ALA E 83 -46.45 64.27 -37.46
CA ALA E 83 -46.43 65.66 -37.03
C ALA E 83 -45.03 66.24 -37.11
N GLY E 84 -44.07 65.64 -36.42
CA GLY E 84 -42.69 65.99 -36.61
C GLY E 84 -42.22 67.18 -35.80
N PHE E 85 -40.91 67.43 -35.88
CA PHE E 85 -40.26 68.41 -35.02
C PHE E 85 -40.59 69.83 -35.44
N MET E 86 -40.72 70.70 -34.44
CA MET E 86 -40.86 72.15 -34.57
C MET E 86 -42.17 72.51 -35.30
N ASP E 87 -43.15 71.63 -35.25
CA ASP E 87 -44.40 71.80 -35.95
C ASP E 87 -45.48 72.20 -34.95
N VAL E 88 -46.41 73.04 -35.39
CA VAL E 88 -47.39 73.67 -34.51
C VAL E 88 -48.73 72.99 -34.69
N ILE E 89 -49.27 72.45 -33.61
CA ILE E 89 -50.58 71.81 -33.60
C ILE E 89 -51.55 72.73 -32.90
N SER E 90 -52.57 73.19 -33.62
CA SER E 90 -53.56 74.12 -33.10
C SER E 90 -54.91 73.44 -33.05
N ILE E 91 -55.54 73.47 -31.88
CA ILE E 91 -56.85 72.83 -31.74
C ILE E 91 -57.97 73.82 -32.02
N ASP E 92 -57.83 75.05 -31.52
CA ASP E 92 -58.58 76.31 -31.70
C ASP E 92 -60.09 76.14 -31.62
N LYS E 93 -60.55 75.04 -31.01
CA LYS E 93 -61.83 74.95 -30.35
C LYS E 93 -61.67 75.02 -28.85
N THR E 94 -60.68 74.32 -28.33
CA THR E 94 -60.30 74.47 -26.93
C THR E 94 -59.23 75.56 -26.80
N GLY E 95 -58.46 75.80 -27.86
CA GLY E 95 -57.48 76.86 -27.90
C GLY E 95 -56.14 76.59 -27.23
N GLU E 96 -55.43 75.56 -27.67
CA GLU E 96 -54.17 75.14 -27.06
C GLU E 96 -52.90 75.62 -27.77
N ASN E 97 -52.77 75.34 -29.07
CA ASN E 97 -51.60 75.70 -29.86
C ASN E 97 -50.30 75.13 -29.26
N PHE E 98 -50.18 73.80 -29.33
CA PHE E 98 -48.93 73.18 -28.93
C PHE E 98 -47.84 73.40 -29.99
N ARG E 99 -46.62 73.08 -29.62
CA ARG E 99 -45.50 72.96 -30.54
C ARG E 99 -44.70 71.72 -30.17
N LEU E 100 -44.21 70.99 -31.17
CA LEU E 100 -43.50 69.74 -30.95
C LEU E 100 -41.99 69.99 -30.94
N ILE E 101 -41.40 69.95 -29.76
CA ILE E 101 -39.96 70.02 -29.57
C ILE E 101 -39.56 68.99 -28.53
N TYR E 102 -38.36 68.46 -28.66
CA TYR E 102 -37.88 67.39 -27.78
C TYR E 102 -37.61 67.92 -26.38
N ASP E 103 -37.88 67.09 -25.39
CA ASP E 103 -37.40 67.37 -24.05
C ASP E 103 -35.99 66.79 -23.93
N THR E 104 -35.43 66.83 -22.73
CA THR E 104 -34.04 66.43 -22.62
C THR E 104 -33.87 64.92 -22.51
N LYS E 105 -34.95 64.15 -22.50
CA LYS E 105 -34.86 62.70 -22.58
C LYS E 105 -35.03 62.18 -24.00
N GLY E 106 -35.14 63.06 -24.99
CA GLY E 106 -35.31 62.61 -26.36
C GLY E 106 -36.71 62.27 -26.75
N ARG E 107 -37.71 62.79 -26.04
CA ARG E 107 -39.10 62.44 -26.27
C ARG E 107 -39.90 63.70 -26.58
N PHE E 108 -40.91 63.57 -27.42
CA PHE E 108 -41.72 64.72 -27.77
C PHE E 108 -42.57 65.14 -26.59
N ALA E 109 -42.29 66.31 -26.05
CA ALA E 109 -43.02 66.80 -24.88
C ALA E 109 -44.24 67.59 -25.31
N VAL E 110 -45.24 67.59 -24.44
CA VAL E 110 -46.38 68.49 -24.59
C VAL E 110 -45.90 69.88 -24.20
N HIS E 111 -45.95 70.81 -25.14
CA HIS E 111 -45.43 72.16 -24.92
C HIS E 111 -46.43 73.17 -25.45
N ARG E 112 -47.15 73.83 -24.54
CA ARG E 112 -48.16 74.81 -24.93
C ARG E 112 -47.51 76.15 -25.20
N ILE E 113 -47.83 76.74 -26.35
CA ILE E 113 -47.31 78.05 -26.70
C ILE E 113 -48.47 79.02 -26.87
N THR E 114 -48.15 80.31 -26.87
CA THR E 114 -49.14 81.36 -26.93
C THR E 114 -49.72 81.47 -28.34
N PRO E 115 -50.93 82.02 -28.48
CA PRO E 115 -51.50 82.21 -29.82
C PRO E 115 -50.68 83.11 -30.72
N GLU E 116 -49.96 84.09 -30.17
CA GLU E 116 -49.13 84.94 -31.03
C GLU E 116 -47.89 84.21 -31.52
N GLU E 117 -47.40 83.24 -30.75
CA GLU E 117 -46.24 82.47 -31.16
C GLU E 117 -46.58 81.44 -32.22
N ALA E 118 -47.83 80.97 -32.25
CA ALA E 118 -48.24 79.93 -33.18
C ALA E 118 -48.34 80.39 -34.62
N LYS E 119 -47.96 81.63 -34.93
CA LYS E 119 -48.02 82.11 -36.30
C LYS E 119 -46.85 81.62 -37.14
N TYR E 120 -45.74 81.24 -36.53
CA TYR E 120 -44.50 81.00 -37.25
C TYR E 120 -43.88 79.68 -36.83
N LYS E 121 -42.82 79.30 -37.54
CA LYS E 121 -42.05 78.11 -37.21
C LYS E 121 -40.64 78.30 -37.73
N LEU E 122 -39.73 77.46 -37.25
CA LEU E 122 -38.34 77.47 -37.67
C LEU E 122 -38.07 76.27 -38.56
N CYS E 123 -37.44 76.51 -39.70
CA CYS E 123 -37.12 75.45 -40.64
C CYS E 123 -35.63 75.48 -40.92
N LYS E 124 -35.04 74.30 -41.11
CA LYS E 124 -33.61 74.18 -41.31
C LYS E 124 -33.30 73.87 -42.76
N VAL E 125 -32.43 74.68 -43.37
CA VAL E 125 -32.20 74.57 -44.80
C VAL E 125 -31.36 73.33 -45.09
N ARG E 126 -31.86 72.47 -45.97
CA ARG E 126 -31.16 71.25 -46.31
C ARG E 126 -30.61 71.22 -47.72
N LYS E 127 -31.01 72.17 -48.56
CA LYS E 127 -30.56 72.19 -49.94
C LYS E 127 -30.85 73.57 -50.50
N ILE E 128 -29.95 74.08 -51.34
CA ILE E 128 -30.24 75.24 -52.18
C ILE E 128 -29.84 74.87 -53.59
N PHE E 129 -30.73 75.16 -54.53
CA PHE E 129 -30.44 74.85 -55.93
C PHE E 129 -31.16 75.85 -56.80
N VAL E 130 -30.71 75.95 -58.04
CA VAL E 130 -31.25 76.90 -59.00
C VAL E 130 -32.14 76.13 -59.96
N GLY E 131 -33.40 76.52 -60.05
CA GLY E 131 -34.34 75.90 -60.95
C GLY E 131 -34.29 76.51 -62.33
N THR E 132 -35.27 76.12 -63.16
CA THR E 132 -35.32 76.56 -64.54
C THR E 132 -35.57 78.06 -64.59
N LYS E 133 -35.02 78.70 -65.63
CA LYS E 133 -34.98 80.15 -65.86
C LYS E 133 -34.15 80.86 -64.80
N GLY E 134 -33.27 80.14 -64.13
CA GLY E 134 -32.33 80.75 -63.21
C GLY E 134 -32.93 81.36 -61.97
N ILE E 135 -33.85 80.65 -61.33
CA ILE E 135 -34.48 81.10 -60.09
C ILE E 135 -34.10 80.13 -58.99
N PRO E 136 -33.67 80.61 -57.83
CA PRO E 136 -33.18 79.71 -56.79
C PRO E 136 -34.29 79.17 -55.90
N HIS E 137 -34.03 78.00 -55.35
CA HIS E 137 -34.96 77.30 -54.49
C HIS E 137 -34.22 76.85 -53.23
N LEU E 138 -34.97 76.59 -52.17
CA LEU E 138 -34.41 75.89 -51.02
C LEU E 138 -35.41 74.88 -50.49
N VAL E 139 -34.89 73.81 -49.90
CA VAL E 139 -35.68 72.76 -49.30
C VAL E 139 -35.36 72.69 -47.82
N THR E 140 -36.38 72.71 -46.99
CA THR E 140 -36.21 72.77 -45.55
C THR E 140 -36.08 71.35 -44.98
N HIS E 141 -36.10 71.25 -43.65
CA HIS E 141 -36.12 69.94 -42.99
C HIS E 141 -37.49 69.31 -43.07
N ASP E 142 -38.50 70.10 -43.40
CA ASP E 142 -39.78 69.63 -43.90
C ASP E 142 -39.66 69.43 -45.39
N ALA E 143 -40.76 69.20 -46.08
CA ALA E 143 -40.69 69.13 -47.52
C ALA E 143 -40.94 70.46 -48.19
N ARG E 144 -40.82 71.55 -47.45
CA ARG E 144 -41.17 72.86 -47.99
C ARG E 144 -40.14 73.33 -49.01
N THR E 145 -40.62 73.76 -50.16
CA THR E 145 -39.80 74.35 -51.20
C THR E 145 -40.13 75.83 -51.27
N ILE E 146 -39.21 76.67 -50.86
CA ILE E 146 -39.35 78.11 -50.92
C ILE E 146 -38.66 78.59 -52.18
N ARG E 147 -39.37 79.40 -52.97
CA ARG E 147 -38.77 80.03 -54.14
C ARG E 147 -38.37 81.46 -53.80
N TYR E 148 -37.32 81.92 -54.47
CA TYR E 148 -36.73 83.23 -54.26
C TYR E 148 -36.39 83.52 -52.79
N PRO E 149 -35.43 82.81 -52.21
CA PRO E 149 -35.00 83.15 -50.86
C PRO E 149 -33.95 84.25 -50.90
N ASP E 150 -33.53 84.67 -49.72
CA ASP E 150 -32.42 85.61 -49.62
C ASP E 150 -31.15 84.94 -50.09
N PRO E 151 -30.32 85.60 -50.90
CA PRO E 151 -29.09 84.98 -51.38
C PRO E 151 -28.04 84.74 -50.30
N LEU E 152 -28.21 85.29 -49.10
CA LEU E 152 -27.28 85.03 -48.02
C LEU E 152 -27.55 83.71 -47.30
N ILE E 153 -28.69 83.08 -47.56
CA ILE E 153 -29.06 81.85 -46.86
C ILE E 153 -28.35 80.68 -47.51
N LYS E 154 -27.65 79.89 -46.70
CA LYS E 154 -26.93 78.71 -47.15
C LYS E 154 -27.51 77.47 -46.49
N VAL E 155 -26.91 76.33 -46.77
CA VAL E 155 -27.38 75.05 -46.25
C VAL E 155 -27.12 75.00 -44.75
N ASN E 156 -27.85 74.13 -44.05
CA ASN E 156 -27.87 73.91 -42.59
C ASN E 156 -27.81 75.20 -41.78
N ASP E 157 -28.51 76.21 -42.27
CA ASP E 157 -28.92 77.38 -41.53
C ASP E 157 -30.40 77.24 -41.24
N THR E 158 -30.92 78.05 -40.34
CA THR E 158 -32.35 78.01 -40.09
C THR E 158 -33.02 79.28 -40.57
N ILE E 159 -34.29 79.16 -40.92
CA ILE E 159 -35.10 80.27 -41.38
C ILE E 159 -36.38 80.29 -40.57
N GLN E 160 -36.87 81.47 -40.28
CA GLN E 160 -38.17 81.62 -39.63
C GLN E 160 -39.19 81.95 -40.70
N ILE E 161 -40.08 81.01 -40.95
CA ILE E 161 -41.18 81.25 -41.87
C ILE E 161 -42.43 81.44 -41.04
N ASP E 162 -43.38 82.17 -41.60
CA ASP E 162 -44.68 82.30 -40.97
C ASP E 162 -45.66 81.38 -41.66
N LEU E 163 -46.58 80.83 -40.90
CA LEU E 163 -47.55 79.92 -41.47
C LEU E 163 -48.58 80.70 -42.25
N GLU E 164 -49.38 79.97 -43.04
CA GLU E 164 -50.47 80.41 -43.92
C GLU E 164 -50.04 81.42 -44.99
N THR E 165 -48.76 81.74 -45.07
CA THR E 165 -48.20 82.34 -46.27
C THR E 165 -47.02 81.55 -46.82
N GLY E 166 -46.25 80.89 -45.96
CA GLY E 166 -45.08 80.17 -46.38
C GLY E 166 -43.87 81.03 -46.70
N LYS E 167 -43.95 82.33 -46.50
CA LYS E 167 -42.85 83.22 -46.83
C LYS E 167 -41.80 83.19 -45.74
N ILE E 168 -40.57 83.51 -46.12
CA ILE E 168 -39.47 83.61 -45.17
C ILE E 168 -39.50 84.97 -44.49
N THR E 169 -39.50 84.97 -43.16
CA THR E 169 -39.44 86.21 -42.40
C THR E 169 -38.01 86.59 -42.04
N ASP E 170 -37.26 85.67 -41.45
CA ASP E 170 -35.89 85.96 -41.03
C ASP E 170 -35.11 84.67 -40.96
N PHE E 171 -33.80 84.79 -40.77
CA PHE E 171 -32.89 83.66 -40.76
C PHE E 171 -31.69 83.99 -39.91
N ILE E 172 -31.02 82.95 -39.42
CA ILE E 172 -29.71 83.08 -38.80
C ILE E 172 -28.76 82.08 -39.44
N LYS E 173 -27.49 82.45 -39.51
CA LYS E 173 -26.49 81.58 -40.11
C LYS E 173 -26.01 80.55 -39.11
N PHE E 174 -25.55 79.42 -39.63
CA PHE E 174 -24.88 78.43 -38.79
C PHE E 174 -23.48 78.96 -38.49
N ASP E 175 -23.30 79.53 -37.30
CA ASP E 175 -22.03 80.14 -36.98
C ASP E 175 -21.68 79.80 -35.54
N THR E 176 -20.39 79.92 -35.23
CA THR E 176 -19.91 79.61 -33.89
C THR E 176 -20.47 80.60 -32.89
N GLY E 177 -21.06 80.09 -31.83
CA GLY E 177 -21.62 80.93 -30.81
C GLY E 177 -23.11 81.09 -30.84
N ASN E 178 -23.83 80.35 -31.68
CA ASN E 178 -25.27 80.46 -31.80
C ASN E 178 -25.95 79.31 -31.07
N LEU E 179 -27.17 79.57 -30.61
CA LEU E 179 -27.91 78.56 -29.85
C LEU E 179 -28.45 77.48 -30.76
N CYS E 180 -28.30 76.22 -30.34
CA CYS E 180 -28.71 75.09 -31.15
C CYS E 180 -29.41 74.04 -30.30
N MET E 181 -30.22 73.23 -30.95
CA MET E 181 -30.85 72.06 -30.35
C MET E 181 -30.44 70.82 -31.12
N VAL E 182 -30.10 69.75 -30.41
CA VAL E 182 -29.72 68.50 -31.06
C VAL E 182 -30.98 67.72 -31.41
N THR E 183 -31.14 67.38 -32.68
CA THR E 183 -32.35 66.76 -33.20
C THR E 183 -32.12 65.32 -33.63
N GLY E 184 -31.23 64.61 -32.94
CA GLY E 184 -31.01 63.20 -33.23
C GLY E 184 -29.75 62.68 -32.58
N GLY E 185 -29.76 61.42 -32.15
CA GLY E 185 -28.59 60.82 -31.56
C GLY E 185 -28.66 60.73 -30.05
N ALA E 186 -27.49 60.61 -29.44
CA ALA E 186 -27.42 60.39 -28.00
C ALA E 186 -27.77 61.64 -27.21
N ASN E 187 -27.38 62.81 -27.72
CA ASN E 187 -27.64 64.08 -27.05
C ASN E 187 -28.94 64.72 -27.51
N LEU E 188 -29.90 63.92 -27.98
CA LEU E 188 -31.14 64.43 -28.52
C LEU E 188 -31.91 65.24 -27.49
N GLY E 189 -32.35 66.42 -27.88
CA GLY E 189 -33.10 67.29 -27.01
C GLY E 189 -32.27 68.27 -26.20
N ARG E 190 -30.96 68.14 -26.20
CA ARG E 190 -30.13 69.05 -25.43
C ARG E 190 -29.95 70.37 -26.18
N ILE E 191 -29.77 71.44 -25.42
CA ILE E 191 -29.64 72.78 -25.96
C ILE E 191 -28.32 73.37 -25.48
N GLY E 192 -27.55 73.93 -26.39
CA GLY E 192 -26.31 74.58 -26.02
C GLY E 192 -25.88 75.56 -27.09
N VAL E 193 -24.63 75.99 -26.98
CA VAL E 193 -24.06 77.02 -27.84
C VAL E 193 -22.91 76.42 -28.62
N ILE E 194 -22.91 76.62 -29.93
CA ILE E 194 -21.90 76.05 -30.80
C ILE E 194 -20.55 76.68 -30.50
N THR E 195 -19.54 75.83 -30.28
CA THR E 195 -18.19 76.30 -30.00
C THR E 195 -17.20 75.93 -31.08
N ASN E 196 -17.39 74.83 -31.77
CA ASN E 196 -16.43 74.39 -32.76
C ASN E 196 -17.14 73.52 -33.79
N ARG E 197 -16.62 73.56 -35.00
CA ARG E 197 -17.07 72.67 -36.06
C ARG E 197 -15.84 72.27 -36.85
N GLU E 198 -15.38 71.03 -36.67
CA GLU E 198 -14.23 70.55 -37.43
C GLU E 198 -14.71 69.63 -38.55
N ARG E 199 -14.15 69.87 -39.73
CA ARG E 199 -14.65 69.26 -40.95
C ARG E 199 -13.85 68.01 -41.30
N HIS E 200 -14.56 67.01 -41.78
CA HIS E 200 -13.95 65.79 -42.27
C HIS E 200 -14.42 65.57 -43.70
N PRO E 201 -13.60 65.87 -44.69
CA PRO E 201 -14.02 65.73 -46.09
C PRO E 201 -14.33 64.28 -46.44
N GLY E 202 -15.43 64.08 -47.13
CA GLY E 202 -15.97 62.76 -47.36
C GLY E 202 -16.89 62.30 -46.26
N SER E 203 -16.42 62.36 -45.03
CA SER E 203 -17.15 61.88 -43.87
C SER E 203 -18.09 62.98 -43.36
N PHE E 204 -18.64 62.80 -42.16
CA PHE E 204 -19.55 63.74 -41.55
C PHE E 204 -18.78 64.74 -40.71
N ASP E 205 -19.27 65.97 -40.66
CA ASP E 205 -18.71 66.96 -39.75
C ASP E 205 -19.29 66.77 -38.36
N VAL E 206 -18.44 66.93 -37.36
CA VAL E 206 -18.87 66.89 -35.96
C VAL E 206 -18.80 68.29 -35.40
N VAL E 207 -19.83 68.66 -34.64
CA VAL E 207 -19.96 69.99 -34.08
C VAL E 207 -19.93 69.85 -32.57
N HIS E 208 -19.08 70.64 -31.92
CA HIS E 208 -18.97 70.61 -30.47
C HIS E 208 -19.84 71.69 -29.88
N VAL E 209 -20.67 71.29 -28.91
CA VAL E 209 -21.66 72.16 -28.31
C VAL E 209 -21.38 72.22 -26.82
N LYS E 210 -21.48 73.43 -26.25
CA LYS E 210 -21.37 73.62 -24.80
C LYS E 210 -22.68 74.19 -24.30
N ASP E 211 -23.27 73.55 -23.30
CA ASP E 211 -24.54 74.00 -22.76
C ASP E 211 -24.32 75.09 -21.72
N ALA E 212 -25.38 75.43 -20.98
CA ALA E 212 -25.29 76.50 -19.99
C ALA E 212 -24.37 76.15 -18.83
N ASN E 213 -24.33 74.89 -18.42
CA ASN E 213 -23.54 74.47 -17.27
C ASN E 213 -22.12 74.08 -17.64
N GLY E 214 -21.72 74.29 -18.88
CA GLY E 214 -20.37 73.96 -19.30
C GLY E 214 -20.15 72.53 -19.69
N ASN E 215 -21.19 71.70 -19.70
CA ASN E 215 -21.06 70.33 -20.15
C ASN E 215 -20.92 70.33 -21.66
N SER E 216 -19.72 70.10 -22.16
CA SER E 216 -19.48 70.11 -23.58
C SER E 216 -19.77 68.75 -24.18
N PHE E 217 -20.41 68.73 -25.34
CA PHE E 217 -20.69 67.48 -26.03
C PHE E 217 -20.57 67.70 -27.52
N ALA E 218 -20.42 66.59 -28.24
CA ALA E 218 -20.28 66.61 -29.69
C ALA E 218 -21.34 65.75 -30.33
N THR E 219 -21.65 66.09 -31.58
CA THR E 219 -22.66 65.39 -32.36
C THR E 219 -22.40 65.69 -33.82
N ARG E 220 -23.07 64.93 -34.69
CA ARG E 220 -22.91 65.15 -36.12
C ARG E 220 -23.63 66.42 -36.55
N LEU E 221 -23.18 66.97 -37.67
CA LEU E 221 -23.75 68.21 -38.21
C LEU E 221 -25.19 68.04 -38.64
N SER E 222 -25.60 66.83 -39.02
CA SER E 222 -26.97 66.60 -39.43
C SER E 222 -27.95 66.66 -38.28
N ASN E 223 -27.47 66.52 -37.05
CA ASN E 223 -28.32 66.58 -35.86
C ASN E 223 -28.22 67.91 -35.15
N ILE E 224 -28.02 69.00 -35.87
CA ILE E 224 -27.91 70.32 -35.28
C ILE E 224 -28.97 71.21 -35.88
N PHE E 225 -29.77 71.84 -35.02
CA PHE E 225 -30.84 72.76 -35.42
C PHE E 225 -30.59 74.05 -34.65
N VAL E 226 -30.06 75.07 -35.32
CA VAL E 226 -29.85 76.35 -34.66
C VAL E 226 -31.20 77.00 -34.38
N ILE E 227 -31.36 77.52 -33.16
CA ILE E 227 -32.64 78.04 -32.72
C ILE E 227 -32.55 79.46 -32.18
N GLY E 228 -31.39 80.09 -32.21
CA GLY E 228 -31.31 81.43 -31.67
C GLY E 228 -30.09 82.21 -32.04
N LYS E 229 -30.19 83.53 -31.98
CA LYS E 229 -29.10 84.42 -32.35
C LYS E 229 -28.18 84.61 -31.16
N GLY E 230 -27.13 83.81 -31.10
CA GLY E 230 -26.11 83.91 -30.09
C GLY E 230 -26.43 83.27 -28.76
N ASN E 231 -27.38 83.83 -28.02
CA ASN E 231 -27.77 83.19 -26.78
C ASN E 231 -29.27 83.12 -26.55
N LYS E 232 -30.07 83.91 -27.25
CA LYS E 232 -31.49 83.99 -26.96
C LYS E 232 -32.25 83.15 -27.96
N PRO E 233 -33.01 82.15 -27.51
CA PRO E 233 -33.78 81.34 -28.45
C PRO E 233 -34.90 82.14 -29.09
N TRP E 234 -35.21 81.78 -30.33
CA TRP E 234 -36.27 82.44 -31.07
C TRP E 234 -37.64 81.80 -30.83
N ILE E 235 -37.68 80.68 -30.13
CA ILE E 235 -38.91 80.05 -29.71
C ILE E 235 -38.86 79.89 -28.19
N SER E 236 -39.96 79.46 -27.61
CA SER E 236 -40.02 79.20 -26.19
C SER E 236 -39.45 77.81 -25.91
N LEU E 237 -38.41 77.76 -25.12
CA LEU E 237 -37.83 76.51 -24.72
C LEU E 237 -38.77 75.77 -23.76
N PRO E 238 -38.75 74.45 -23.75
CA PRO E 238 -39.65 73.70 -22.87
C PRO E 238 -39.13 73.75 -21.44
N ARG E 239 -39.88 73.11 -20.55
CA ARG E 239 -39.47 73.03 -19.16
C ARG E 239 -38.18 72.23 -19.05
N GLY E 240 -37.20 72.79 -18.34
CA GLY E 240 -35.89 72.19 -18.22
C GLY E 240 -34.85 72.81 -19.12
N LYS E 241 -35.28 73.54 -20.17
CA LYS E 241 -34.42 74.39 -20.99
C LYS E 241 -33.31 73.62 -21.69
N GLY E 242 -33.52 72.35 -21.96
CA GLY E 242 -32.53 71.58 -22.68
C GLY E 242 -31.29 71.23 -21.89
N ILE E 243 -31.32 71.39 -20.58
CA ILE E 243 -30.20 71.03 -19.72
C ILE E 243 -30.43 69.61 -19.22
N ARG E 244 -29.51 68.71 -19.53
CA ARG E 244 -29.66 67.32 -19.14
C ARG E 244 -29.06 67.13 -17.75
N LEU E 245 -29.90 66.68 -16.81
CA LEU E 245 -29.46 66.39 -15.46
C LEU E 245 -28.95 64.96 -15.40
N THR E 246 -27.89 64.74 -14.63
CA THR E 246 -27.45 63.39 -14.38
C THR E 246 -28.47 62.67 -13.50
N ILE E 247 -28.36 61.33 -13.47
CA ILE E 247 -29.35 60.54 -12.76
C ILE E 247 -29.29 60.80 -11.27
N ALA E 248 -28.10 61.10 -10.75
CA ALA E 248 -27.97 61.36 -9.32
C ALA E 248 -28.65 62.67 -8.93
N GLU E 249 -28.38 63.74 -9.67
CA GLU E 249 -28.99 65.01 -9.32
C GLU E 249 -30.48 65.04 -9.67
N GLU E 250 -30.89 64.26 -10.67
CA GLU E 250 -32.32 64.12 -10.93
C GLU E 250 -33.01 63.36 -9.81
N ARG E 251 -32.33 62.35 -9.25
CA ARG E 251 -32.86 61.66 -8.08
C ARG E 251 -32.97 62.60 -6.89
N ASP E 252 -31.97 63.44 -6.69
CA ASP E 252 -32.01 64.42 -5.61
C ASP E 252 -33.15 65.42 -5.79
N LYS E 253 -33.35 65.89 -7.02
CA LYS E 253 -34.43 66.82 -7.30
C LYS E 253 -35.79 66.16 -7.08
N ARG E 254 -35.93 64.90 -7.50
CA ARG E 254 -37.19 64.19 -7.29
C ARG E 254 -37.47 63.98 -5.81
N LEU E 255 -36.44 63.65 -5.03
CA LEU E 255 -36.61 63.47 -3.59
C LEU E 255 -36.98 64.79 -2.91
N ALA E 256 -36.35 65.89 -3.31
CA ALA E 256 -36.70 67.18 -2.74
C ALA E 256 -38.12 67.58 -3.09
N ALA E 257 -38.54 67.30 -4.33
CA ALA E 257 -39.91 67.62 -4.74
C ALA E 257 -40.94 66.79 -3.97
N LYS E 258 -40.66 65.51 -3.75
CA LYS E 258 -41.62 64.69 -3.00
C LYS E 258 -41.57 65.00 -1.51
N GLN E 259 -40.48 65.59 -1.03
CA GLN E 259 -40.45 66.04 0.36
C GLN E 259 -41.22 67.34 0.54
N SER E 260 -41.18 68.23 -0.46
CA SER E 260 -41.92 69.48 -0.36
C SER E 260 -43.42 69.25 -0.41
N SER E 261 -43.88 68.39 -1.32
CA SER E 261 -45.29 68.14 -1.51
C SER E 261 -45.81 66.97 -0.70
N GLY E 262 -44.92 66.20 -0.06
CA GLY E 262 -45.34 65.06 0.73
C GLY E 262 -45.14 65.27 2.22
N ASP F 1 49.02 -64.52 31.70
CA ASP F 1 48.58 -64.57 33.09
C ASP F 1 47.07 -64.66 33.18
N ILE F 2 46.37 -63.80 32.45
CA ILE F 2 44.91 -63.78 32.52
C ILE F 2 44.33 -64.98 31.79
N LYS F 3 44.81 -65.26 30.58
CA LYS F 3 44.65 -66.56 29.92
C LYS F 3 43.17 -66.89 29.69
N LEU F 4 42.57 -66.09 28.80
CA LEU F 4 41.14 -66.10 28.45
C LEU F 4 40.54 -67.49 28.25
N PHE F 5 39.41 -67.72 28.94
CA PHE F 5 38.71 -69.01 29.06
C PHE F 5 39.49 -70.04 29.85
N GLY F 6 40.46 -69.63 30.64
CA GLY F 6 41.24 -70.58 31.39
C GLY F 6 42.27 -71.34 30.59
N LYS F 7 42.46 -70.98 29.32
CA LYS F 7 43.51 -71.54 28.49
C LYS F 7 43.94 -70.44 27.53
N TRP F 8 44.81 -70.78 26.57
CA TRP F 8 45.19 -69.87 25.49
C TRP F 8 45.81 -68.58 26.03
N SER F 9 46.98 -68.74 26.63
CA SER F 9 47.74 -67.62 27.16
C SER F 9 47.96 -66.56 26.09
N THR F 10 47.75 -65.31 26.47
CA THR F 10 47.51 -64.25 25.51
C THR F 10 48.80 -63.58 25.03
N ASP F 11 49.84 -63.53 25.85
CA ASP F 11 50.99 -62.71 25.48
C ASP F 11 51.97 -63.47 24.59
N ASP F 12 51.48 -64.03 23.50
CA ASP F 12 52.35 -64.49 22.43
C ASP F 12 51.87 -64.07 21.05
N VAL F 13 50.72 -63.43 20.95
CA VAL F 13 50.15 -63.07 19.67
C VAL F 13 50.88 -61.86 19.11
N GLN F 14 50.93 -61.77 17.79
CA GLN F 14 51.57 -60.66 17.11
C GLN F 14 50.61 -60.08 16.08
N ILE F 15 50.44 -58.78 16.11
CA ILE F 15 49.70 -58.05 15.08
C ILE F 15 50.72 -57.39 14.18
N ASN F 16 50.80 -57.86 12.93
CA ASN F 16 51.86 -57.41 12.04
C ASN F 16 51.62 -55.98 11.56
N ASP F 17 50.39 -55.67 11.18
CA ASP F 17 50.11 -54.36 10.61
C ASP F 17 50.10 -53.29 11.70
N ILE F 18 50.76 -52.16 11.42
CA ILE F 18 50.73 -51.03 12.33
C ILE F 18 49.34 -50.43 12.41
N SER F 19 48.74 -50.26 11.22
CA SER F 19 47.45 -49.59 11.08
C SER F 19 46.36 -50.30 11.87
N LEU F 20 46.44 -51.62 11.98
CA LEU F 20 45.44 -52.33 12.73
C LEU F 20 45.88 -52.69 14.13
N GLN F 21 47.18 -52.66 14.44
CA GLN F 21 47.54 -52.90 15.83
C GLN F 21 47.23 -51.69 16.68
N ASP F 22 47.02 -50.53 16.05
CA ASP F 22 46.46 -49.42 16.83
C ASP F 22 45.01 -49.66 17.23
N TYR F 23 44.28 -50.56 16.58
CA TYR F 23 42.84 -50.70 16.77
C TYR F 23 42.39 -52.13 17.04
N ILE F 24 43.30 -52.99 17.48
CA ILE F 24 42.98 -54.35 17.86
C ILE F 24 43.46 -54.54 19.30
N ALA F 25 42.60 -55.10 20.14
CA ALA F 25 42.75 -55.00 21.59
C ALA F 25 42.93 -56.37 22.24
N VAL F 26 43.80 -57.22 21.68
CA VAL F 26 44.09 -58.51 22.27
C VAL F 26 45.36 -58.51 23.10
N LYS F 27 45.90 -57.35 23.45
CA LYS F 27 47.22 -57.30 24.07
C LYS F 27 47.05 -57.40 25.59
N GLU F 28 48.11 -57.16 26.38
CA GLU F 28 48.14 -57.66 27.75
C GLU F 28 47.25 -56.84 28.67
N LYS F 29 47.00 -55.57 28.35
CA LYS F 29 46.17 -54.77 29.23
C LYS F 29 44.69 -54.96 28.92
N TYR F 30 44.34 -55.18 27.66
CA TYR F 30 43.02 -55.68 27.32
C TYR F 30 43.01 -57.21 27.30
N ALA F 31 43.42 -57.84 28.39
CA ALA F 31 43.44 -59.29 28.49
C ALA F 31 42.52 -59.68 29.64
N LYS F 32 41.40 -60.31 29.31
CA LYS F 32 40.34 -60.58 30.28
C LYS F 32 39.91 -62.02 30.18
N TYR F 33 39.24 -62.47 31.23
CA TYR F 33 38.91 -63.89 31.38
C TYR F 33 37.81 -64.32 30.41
N LEU F 34 36.80 -63.47 30.23
CA LEU F 34 35.63 -63.79 29.44
C LEU F 34 35.36 -62.69 28.44
N PRO F 35 34.76 -63.01 27.30
CA PRO F 35 34.32 -61.99 26.35
C PRO F 35 32.94 -61.45 26.67
N HIS F 36 32.74 -61.00 27.91
CA HIS F 36 31.45 -60.49 28.35
C HIS F 36 31.71 -59.42 29.39
N SER F 37 31.21 -58.22 29.15
CA SER F 37 31.17 -57.19 30.17
C SER F 37 30.08 -56.20 29.80
N ALA F 38 29.63 -55.45 30.81
CA ALA F 38 28.73 -54.32 30.58
C ALA F 38 29.60 -53.10 30.36
N GLY F 39 30.10 -52.97 29.12
CA GLY F 39 31.25 -52.12 28.88
C GLY F 39 30.97 -50.64 28.90
N ARG F 40 29.78 -50.21 28.47
CA ARG F 40 29.50 -48.83 28.07
C ARG F 40 30.53 -48.34 27.07
N TYR F 41 30.72 -49.14 26.02
CA TYR F 41 31.68 -48.82 24.97
C TYR F 41 31.10 -47.94 23.89
N ALA F 42 29.82 -47.63 23.91
CA ALA F 42 29.18 -46.85 22.86
C ALA F 42 28.94 -45.41 23.26
N ALA F 43 29.54 -44.96 24.36
CA ALA F 43 29.23 -43.62 24.86
C ALA F 43 29.91 -42.52 24.05
N LYS F 44 31.11 -42.78 23.52
CA LYS F 44 31.80 -41.82 22.66
C LYS F 44 32.41 -42.52 21.46
N ARG F 45 33.04 -41.73 20.59
CA ARG F 45 33.76 -42.29 19.46
C ARG F 45 35.02 -43.00 19.93
N PHE F 46 35.40 -44.02 19.17
CA PHE F 46 36.66 -44.74 19.33
C PHE F 46 36.81 -45.42 20.68
N ARG F 47 35.74 -45.50 21.47
CA ARG F 47 35.80 -46.31 22.66
C ARG F 47 35.62 -47.78 22.34
N LYS F 48 35.08 -48.10 21.18
CA LYS F 48 35.07 -49.47 20.70
C LYS F 48 36.43 -49.90 20.18
N ALA F 49 37.36 -48.96 20.02
CA ALA F 49 38.73 -49.34 19.65
C ALA F 49 39.43 -50.04 20.79
N GLN F 50 39.05 -49.76 22.03
CA GLN F 50 39.67 -50.35 23.19
C GLN F 50 38.80 -51.42 23.84
N CYS F 51 37.72 -51.79 23.20
CA CYS F 51 37.00 -53.00 23.59
C CYS F 51 37.75 -54.21 23.06
N PRO F 52 37.92 -55.27 23.85
CA PRO F 52 38.69 -56.42 23.36
C PRO F 52 38.00 -57.12 22.20
N ILE F 53 38.81 -57.73 21.35
CA ILE F 53 38.35 -58.22 20.05
C ILE F 53 37.37 -59.37 20.20
N VAL F 54 37.61 -60.27 21.16
CA VAL F 54 36.72 -61.40 21.36
C VAL F 54 35.32 -60.94 21.75
N GLU F 55 35.23 -59.86 22.50
CA GLU F 55 33.90 -59.39 22.88
C GLU F 55 33.21 -58.70 21.70
N ARG F 56 33.97 -58.07 20.81
CA ARG F 56 33.38 -57.54 19.59
C ARG F 56 32.87 -58.66 18.69
N LEU F 57 33.60 -59.78 18.64
CA LEU F 57 33.13 -60.92 17.86
C LEU F 57 31.85 -61.52 18.44
N THR F 58 31.79 -61.66 19.77
CA THR F 58 30.57 -62.16 20.41
C THR F 58 29.42 -61.19 20.21
N ASN F 59 29.70 -59.89 20.22
CA ASN F 59 28.67 -58.89 19.98
C ASN F 59 28.11 -58.99 18.57
N SER F 60 28.97 -59.17 17.58
CA SER F 60 28.48 -59.27 16.21
C SER F 60 27.88 -60.64 15.92
N MET F 61 28.12 -61.62 16.76
CA MET F 61 27.55 -62.93 16.55
C MET F 61 26.11 -63.03 17.03
N MET F 62 25.68 -62.10 17.87
CA MET F 62 24.34 -62.09 18.51
C MET F 62 23.33 -61.37 17.61
N MET F 63 23.22 -61.88 16.38
CA MET F 63 22.48 -61.14 15.37
C MET F 63 21.92 -62.11 14.33
N HIS F 64 20.62 -62.34 14.35
CA HIS F 64 19.90 -62.15 13.10
C HIS F 64 18.48 -61.65 13.37
N GLY F 65 18.14 -61.33 14.61
CA GLY F 65 16.80 -60.89 14.95
C GLY F 65 16.09 -61.82 15.91
N ARG F 66 16.27 -63.12 15.72
CA ARG F 66 15.81 -64.09 16.71
C ARG F 66 16.85 -64.30 17.79
N ASN F 67 17.98 -63.64 17.68
CA ASN F 67 19.07 -63.68 18.65
C ASN F 67 19.43 -62.22 18.85
N ASN F 68 18.89 -61.57 19.87
CA ASN F 68 19.26 -60.17 20.09
C ASN F 68 19.78 -59.87 21.48
N GLY F 69 19.40 -60.61 22.49
CA GLY F 69 19.99 -60.39 23.79
C GLY F 69 20.75 -61.61 24.24
N LYS F 70 20.74 -62.63 23.39
CA LYS F 70 21.26 -63.95 23.74
C LYS F 70 22.79 -63.95 23.65
N LYS F 71 23.41 -63.37 24.68
CA LYS F 71 24.86 -63.23 24.66
C LYS F 71 25.57 -64.44 25.24
N LEU F 72 24.97 -65.13 26.21
CA LEU F 72 25.61 -66.32 26.78
C LEU F 72 25.72 -67.42 25.75
N MET F 73 24.72 -67.52 24.87
CA MET F 73 24.80 -68.45 23.74
C MET F 73 25.98 -68.14 22.87
N THR F 74 26.19 -66.86 22.55
CA THR F 74 27.31 -66.50 21.68
C THR F 74 28.65 -66.65 22.39
N VAL F 75 28.68 -66.50 23.72
CA VAL F 75 29.91 -66.74 24.47
C VAL F 75 30.30 -68.21 24.38
N ARG F 76 29.34 -69.12 24.56
CA ARG F 76 29.74 -70.52 24.42
C ARG F 76 29.95 -70.92 22.96
N ILE F 77 29.31 -70.23 22.01
CA ILE F 77 29.59 -70.46 20.60
C ILE F 77 31.05 -70.12 20.29
N VAL F 78 31.52 -68.98 20.80
CA VAL F 78 32.88 -68.56 20.56
C VAL F 78 33.87 -69.48 21.28
N LYS F 79 33.51 -69.93 22.49
CA LYS F 79 34.38 -70.85 23.21
C LYS F 79 34.55 -72.15 22.45
N HIS F 80 33.45 -72.72 21.96
CA HIS F 80 33.53 -73.96 21.19
C HIS F 80 34.29 -73.76 19.89
N ALA F 81 34.09 -72.62 19.23
CA ALA F 81 34.82 -72.34 18.00
C ALA F 81 36.31 -72.26 18.26
N PHE F 82 36.71 -71.68 19.38
CA PHE F 82 38.13 -71.56 19.68
C PHE F 82 38.76 -72.91 19.99
N GLU F 83 38.03 -73.77 20.70
CA GLU F 83 38.55 -75.13 20.93
C GLU F 83 38.67 -75.89 19.62
N ILE F 84 37.70 -75.76 18.73
CA ILE F 84 37.76 -76.43 17.42
C ILE F 84 38.94 -75.93 16.62
N ILE F 85 39.21 -74.63 16.67
CA ILE F 85 40.32 -74.05 15.90
C ILE F 85 41.66 -74.55 16.43
N HIS F 86 41.86 -74.49 17.74
CA HIS F 86 43.12 -74.97 18.31
C HIS F 86 43.30 -76.46 18.08
N LEU F 87 42.21 -77.21 18.07
CA LEU F 87 42.30 -78.63 17.78
C LEU F 87 42.62 -78.89 16.32
N LEU F 88 42.13 -78.04 15.42
CA LEU F 88 42.39 -78.26 13.99
C LEU F 88 43.80 -77.89 13.60
N THR F 89 44.32 -76.77 14.09
CA THR F 89 45.59 -76.26 13.59
C THR F 89 46.73 -76.28 14.61
N GLY F 90 46.43 -76.26 15.89
CA GLY F 90 47.46 -76.22 16.90
C GLY F 90 47.98 -74.83 17.21
N GLU F 91 47.54 -73.82 16.49
CA GLU F 91 47.90 -72.44 16.72
C GLU F 91 46.99 -71.86 17.80
N ASN F 92 47.47 -70.79 18.44
CA ASN F 92 46.64 -70.04 19.38
C ASN F 92 45.40 -69.52 18.67
N PRO F 93 44.19 -69.75 19.21
CA PRO F 93 42.98 -69.24 18.57
C PRO F 93 42.93 -67.73 18.47
N LEU F 94 43.55 -67.03 19.42
CA LEU F 94 43.60 -65.57 19.33
C LEU F 94 44.41 -65.13 18.12
N GLN F 95 45.54 -65.81 17.86
CA GLN F 95 46.40 -65.42 16.76
C GLN F 95 45.73 -65.62 15.41
N VAL F 96 45.04 -66.74 15.24
CA VAL F 96 44.37 -67.00 13.98
C VAL F 96 43.15 -66.10 13.81
N LEU F 97 42.48 -65.74 14.91
CA LEU F 97 41.40 -64.74 14.81
C LEU F 97 41.96 -63.39 14.38
N VAL F 98 43.10 -62.99 14.93
CA VAL F 98 43.73 -61.72 14.56
C VAL F 98 44.14 -61.74 13.10
N ASN F 99 44.71 -62.85 12.63
CA ASN F 99 45.10 -62.95 11.23
C ASN F 99 43.89 -62.91 10.30
N ALA F 100 42.78 -63.51 10.72
CA ALA F 100 41.55 -63.44 9.93
C ALA F 100 41.05 -62.00 9.84
N ILE F 101 41.11 -61.26 10.93
CA ILE F 101 40.67 -59.86 10.91
C ILE F 101 41.60 -59.02 10.05
N ILE F 102 42.90 -59.30 10.08
CA ILE F 102 43.85 -58.62 9.20
C ILE F 102 43.52 -58.89 7.75
N ASN F 103 43.30 -60.16 7.39
CA ASN F 103 43.18 -60.54 6.00
C ASN F 103 41.80 -60.28 5.42
N SER F 104 40.79 -60.03 6.24
CA SER F 104 39.45 -59.87 5.71
C SER F 104 39.00 -58.42 5.61
N GLY F 105 39.69 -57.49 6.28
CA GLY F 105 39.32 -56.10 6.19
C GLY F 105 39.77 -55.47 4.88
N PRO F 106 38.83 -54.91 4.14
CA PRO F 106 39.19 -54.25 2.88
C PRO F 106 39.98 -52.97 3.13
N ARG F 107 40.78 -52.61 2.14
CA ARG F 107 41.70 -51.49 2.26
C ARG F 107 41.37 -50.34 1.34
N GLU F 108 40.42 -50.52 0.42
CA GLU F 108 39.98 -49.47 -0.48
C GLU F 108 38.50 -49.69 -0.74
N ASP F 109 37.75 -48.60 -0.83
CA ASP F 109 36.31 -48.71 -1.01
C ASP F 109 35.86 -47.57 -1.90
N SER F 110 34.66 -47.68 -2.44
CA SER F 110 34.11 -46.66 -3.32
C SER F 110 32.78 -46.18 -2.79
N THR F 111 32.56 -44.87 -2.83
CA THR F 111 31.27 -44.35 -2.39
C THR F 111 30.94 -43.04 -3.08
N ARG F 112 29.69 -42.95 -3.57
CA ARG F 112 28.92 -41.73 -3.81
C ARG F 112 27.53 -42.15 -4.26
N ILE F 113 26.70 -41.19 -4.65
CA ILE F 113 25.39 -41.48 -5.21
C ILE F 113 25.30 -41.11 -6.68
N GLY F 114 25.87 -39.97 -7.08
CA GLY F 114 25.71 -39.47 -8.43
C GLY F 114 26.53 -40.21 -9.47
N ARG F 120 28.42 -44.89 -6.44
CA ARG F 120 29.80 -45.34 -6.36
C ARG F 120 30.61 -44.71 -7.47
N ARG F 121 31.04 -43.48 -7.27
CA ARG F 121 31.77 -42.78 -8.30
C ARG F 121 33.28 -42.80 -8.05
N GLN F 122 33.71 -42.20 -6.95
CA GLN F 122 35.12 -42.21 -6.62
C GLN F 122 35.44 -43.31 -5.62
N ALA F 123 36.65 -43.83 -5.73
CA ALA F 123 37.18 -44.82 -4.80
C ALA F 123 37.96 -44.10 -3.72
N VAL F 124 37.65 -44.42 -2.46
CA VAL F 124 38.27 -43.73 -1.34
C VAL F 124 39.06 -44.74 -0.54
N ASP F 125 39.72 -44.29 0.51
CA ASP F 125 40.45 -45.17 1.39
C ASP F 125 39.61 -45.47 2.63
N VAL F 126 40.00 -46.51 3.35
CA VAL F 126 39.23 -47.00 4.47
C VAL F 126 40.00 -46.71 5.75
N SER F 127 39.32 -46.11 6.72
CA SER F 127 39.91 -45.87 8.02
C SER F 127 40.26 -47.18 8.70
N PRO F 128 41.32 -47.23 9.49
CA PRO F 128 41.64 -48.48 10.17
C PRO F 128 40.88 -48.66 11.47
N LEU F 129 39.63 -48.33 11.47
CA LEU F 129 38.62 -48.81 12.39
C LEU F 129 37.42 -49.32 11.64
N ARG F 130 37.13 -48.74 10.48
CA ARG F 130 36.08 -49.27 9.62
C ARG F 130 36.47 -50.63 9.08
N ARG F 131 37.75 -50.86 8.80
CA ARG F 131 38.10 -52.17 8.28
C ARG F 131 38.09 -53.24 9.36
N VAL F 132 38.31 -52.88 10.62
CA VAL F 132 38.13 -53.84 11.71
C VAL F 132 36.66 -54.22 11.83
N ASN F 133 35.77 -53.22 11.85
CA ASN F 133 34.33 -53.47 11.92
C ASN F 133 33.85 -54.28 10.73
N GLN F 134 34.33 -53.92 9.55
CA GLN F 134 33.93 -54.58 8.32
C GLN F 134 34.41 -56.02 8.29
N ALA F 135 35.62 -56.27 8.80
CA ALA F 135 36.14 -57.62 8.85
C ALA F 135 35.35 -58.50 9.81
N ILE F 136 35.04 -57.97 11.00
CA ILE F 136 34.25 -58.73 11.97
C ILE F 136 32.86 -59.01 11.42
N TRP F 137 32.25 -58.01 10.80
CA TRP F 137 30.93 -58.19 10.21
C TRP F 137 30.94 -59.24 9.11
N LEU F 138 31.96 -59.21 8.26
CA LEU F 138 32.04 -60.18 7.17
C LEU F 138 32.26 -61.59 7.70
N LEU F 139 33.10 -61.75 8.71
CA LEU F 139 33.36 -63.07 9.27
C LEU F 139 32.10 -63.65 9.91
N CYS F 140 31.40 -62.85 10.70
CA CYS F 140 30.20 -63.32 11.36
C CYS F 140 29.10 -63.62 10.35
N THR F 141 28.99 -62.80 9.30
CA THR F 141 28.01 -63.07 8.25
C THR F 141 28.33 -64.36 7.50
N GLY F 142 29.61 -64.62 7.23
CA GLY F 142 29.98 -65.85 6.55
C GLY F 142 29.67 -67.07 7.38
N ALA F 143 29.97 -67.03 8.68
CA ALA F 143 29.62 -68.13 9.56
C ALA F 143 28.11 -68.32 9.63
N ARG F 144 27.36 -67.23 9.70
CA ARG F 144 25.91 -67.30 9.82
C ARG F 144 25.27 -67.90 8.57
N GLU F 145 25.74 -67.50 7.38
CA GLU F 145 25.18 -68.04 6.16
C GLU F 145 25.63 -69.47 5.90
N ALA F 146 26.81 -69.85 6.40
CA ALA F 146 27.26 -71.22 6.16
C ALA F 146 26.49 -72.23 7.00
N ALA F 147 26.02 -71.83 8.18
CA ALA F 147 25.39 -72.74 9.12
C ALA F 147 23.89 -72.78 9.02
N PHE F 148 23.27 -72.05 8.10
CA PHE F 148 21.84 -71.81 8.16
C PHE F 148 20.98 -73.06 7.98
N ARG F 149 20.97 -73.65 6.80
CA ARG F 149 20.12 -74.82 6.58
C ARG F 149 20.93 -76.09 6.56
N ASN F 150 21.95 -76.15 7.41
CA ASN F 150 23.02 -77.12 7.30
C ASN F 150 23.11 -77.94 8.59
N ILE F 151 23.64 -79.16 8.45
CA ILE F 151 23.83 -80.02 9.61
C ILE F 151 24.93 -79.47 10.50
N LYS F 152 25.92 -78.79 9.92
CA LYS F 152 27.03 -78.24 10.69
C LYS F 152 26.54 -77.20 11.69
N THR F 153 27.03 -77.28 12.91
CA THR F 153 26.63 -76.33 13.91
C THR F 153 27.39 -75.03 13.72
N ILE F 154 26.94 -74.00 14.44
CA ILE F 154 27.44 -72.65 14.21
C ILE F 154 28.89 -72.52 14.68
N ALA F 155 29.31 -73.36 15.63
CA ALA F 155 30.66 -73.24 16.19
C ALA F 155 31.73 -73.65 15.19
N GLU F 156 31.59 -74.80 14.53
CA GLU F 156 32.64 -75.19 13.60
C GLU F 156 32.51 -74.46 12.27
N CYS F 157 31.32 -73.92 11.97
CA CYS F 157 31.21 -73.01 10.84
C CYS F 157 32.01 -71.74 11.10
N LEU F 158 31.91 -71.19 12.31
CA LEU F 158 32.73 -70.04 12.68
C LEU F 158 34.21 -70.41 12.65
N ALA F 159 34.54 -71.60 13.12
CA ALA F 159 35.93 -72.05 13.15
C ALA F 159 36.52 -72.15 11.75
N ASP F 160 35.79 -72.75 10.82
CA ASP F 160 36.33 -72.92 9.48
C ASP F 160 36.36 -71.59 8.74
N GLU F 161 35.40 -70.69 9.02
CA GLU F 161 35.46 -69.34 8.49
C GLU F 161 36.74 -68.63 8.93
N LEU F 162 37.05 -68.70 10.22
CA LEU F 162 38.25 -68.03 10.72
C LEU F 162 39.53 -68.64 10.17
N ILE F 163 39.61 -69.98 10.08
CA ILE F 163 40.86 -70.55 9.60
C ILE F 163 41.06 -70.30 8.11
N ASN F 164 39.98 -70.33 7.32
CA ASN F 164 40.12 -70.06 5.90
C ASN F 164 40.43 -68.60 5.65
N ALA F 165 39.89 -67.70 6.47
CA ALA F 165 40.20 -66.30 6.30
C ALA F 165 41.63 -65.99 6.74
N ALA F 166 42.11 -66.68 7.77
CA ALA F 166 43.44 -66.37 8.28
C ALA F 166 44.53 -66.94 7.39
N LYS F 167 44.30 -68.10 6.78
CA LYS F 167 45.21 -68.53 5.73
C LYS F 167 45.13 -67.59 4.53
N GLY F 168 43.91 -67.36 4.06
CA GLY F 168 43.64 -66.61 2.86
C GLY F 168 43.51 -67.66 1.77
N SER F 169 42.30 -67.86 1.27
CA SER F 169 42.07 -68.96 0.36
C SER F 169 41.20 -68.63 -0.83
N SER F 170 40.61 -67.43 -0.88
CA SER F 170 39.46 -67.12 -1.73
C SER F 170 38.36 -68.14 -1.56
N ASN F 171 38.17 -68.61 -0.33
CA ASN F 171 37.17 -69.63 -0.02
C ASN F 171 36.28 -69.24 1.14
N SER F 172 36.69 -68.28 1.97
CA SER F 172 35.80 -67.70 2.95
C SER F 172 34.82 -66.78 2.24
N TYR F 173 33.67 -66.57 2.88
CA TYR F 173 32.77 -65.50 2.45
C TYR F 173 33.45 -64.15 2.59
N ALA F 174 34.25 -63.99 3.65
CA ALA F 174 34.80 -62.69 4.00
C ALA F 174 35.83 -62.23 2.99
N ILE F 175 36.75 -63.11 2.61
CA ILE F 175 37.82 -62.69 1.71
C ILE F 175 37.32 -62.62 0.27
N LYS F 176 36.30 -63.40 -0.08
CA LYS F 176 35.62 -63.22 -1.35
C LYS F 176 34.98 -61.84 -1.43
N LYS F 177 34.28 -61.42 -0.36
CA LYS F 177 33.67 -60.10 -0.34
C LYS F 177 34.71 -59.00 -0.33
N LYS F 178 35.82 -59.20 0.39
CA LYS F 178 36.88 -58.22 0.43
C LYS F 178 37.51 -58.04 -0.94
N ASP F 179 37.79 -59.14 -1.63
CA ASP F 179 38.38 -59.06 -2.96
C ASP F 179 37.43 -58.41 -3.95
N GLU F 180 36.13 -58.71 -3.82
CA GLU F 180 35.16 -58.10 -4.73
C GLU F 180 35.04 -56.60 -4.49
N LEU F 181 35.07 -56.18 -3.23
CA LEU F 181 35.01 -54.75 -2.92
C LEU F 181 36.26 -54.03 -3.42
N GLU F 182 37.43 -54.66 -3.26
CA GLU F 182 38.67 -54.09 -3.77
C GLU F 182 38.63 -53.98 -5.29
N ARG F 183 38.05 -54.98 -5.96
CA ARG F 183 37.98 -54.98 -7.41
C ARG F 183 37.06 -53.88 -7.92
N VAL F 184 35.91 -53.72 -7.28
CA VAL F 184 34.98 -52.67 -7.69
C VAL F 184 35.57 -51.29 -7.41
N ALA F 185 36.28 -51.15 -6.28
CA ALA F 185 36.95 -49.89 -6.00
C ALA F 185 38.05 -49.60 -7.01
N LYS F 186 38.77 -50.63 -7.43
CA LYS F 186 39.81 -50.44 -8.45
C LYS F 186 39.21 -50.06 -9.79
N SER F 187 37.99 -50.52 -10.07
CA SER F 187 37.37 -50.27 -11.36
C SER F 187 37.14 -48.79 -11.62
N ASN F 188 36.90 -48.02 -10.57
CA ASN F 188 36.65 -46.59 -10.70
C ASN F 188 37.61 -45.77 -9.84
N ARG F 189 38.86 -46.19 -9.75
CA ARG F 189 39.84 -45.40 -8.99
C ARG F 189 40.40 -44.31 -9.88
N SER G 1 38.70 95.93 -27.07
CA SER G 1 39.54 94.77 -26.80
C SER G 1 39.60 93.83 -27.99
N ALA G 2 40.80 93.34 -28.30
CA ALA G 2 40.99 92.45 -29.44
C ALA G 2 40.37 91.08 -29.17
N LYS G 3 39.30 90.78 -29.89
CA LYS G 3 38.54 89.55 -29.68
C LYS G 3 38.60 88.71 -30.95
N ILE G 4 39.77 88.65 -31.58
CA ILE G 4 39.91 87.99 -32.87
C ILE G 4 39.66 86.49 -32.74
N VAL G 5 40.14 85.87 -31.67
CA VAL G 5 39.85 84.45 -31.48
C VAL G 5 38.67 84.24 -30.52
N LYS G 6 37.44 84.41 -31.02
CA LYS G 6 36.17 83.90 -30.49
C LYS G 6 35.01 84.00 -31.48
N PRO G 7 34.89 83.08 -32.44
CA PRO G 7 33.64 82.97 -33.20
C PRO G 7 32.50 82.55 -32.29
N ASN G 8 31.29 82.92 -32.70
CA ASN G 8 30.12 82.83 -31.85
C ASN G 8 28.95 82.35 -32.69
N GLY G 9 27.75 82.37 -32.11
CA GLY G 9 26.57 82.15 -32.91
C GLY G 9 26.46 83.25 -33.96
N GLU G 10 26.06 84.46 -33.56
CA GLU G 10 26.53 85.62 -34.31
C GLU G 10 27.21 86.66 -33.43
N LYS G 11 26.48 87.14 -32.41
CA LYS G 11 26.86 88.29 -31.60
C LYS G 11 27.76 88.01 -30.39
N PRO G 12 27.38 87.12 -29.47
CA PRO G 12 27.63 87.40 -28.04
C PRO G 12 29.09 87.25 -27.63
N ASP G 13 29.66 88.37 -27.16
CA ASP G 13 30.93 88.40 -26.41
C ASP G 13 30.62 89.11 -25.09
N GLU G 14 30.25 88.34 -24.07
CA GLU G 14 29.73 88.88 -22.81
C GLU G 14 30.87 89.01 -21.80
N PHE G 15 31.62 90.12 -21.93
CA PHE G 15 32.74 90.54 -21.08
C PHE G 15 33.78 89.43 -20.83
N GLU G 16 33.81 88.41 -21.67
CA GLU G 16 34.78 87.33 -21.54
C GLU G 16 36.00 87.55 -22.40
N SER G 17 36.35 88.81 -22.64
CA SER G 17 37.56 89.13 -23.37
C SER G 17 38.81 88.69 -22.64
N GLY G 18 38.71 88.39 -21.34
CA GLY G 18 39.85 87.95 -20.55
C GLY G 18 40.55 86.73 -21.11
N ILE G 19 39.78 85.74 -21.58
CA ILE G 19 40.38 84.53 -22.12
C ILE G 19 41.06 84.82 -23.47
N SER G 20 40.42 85.62 -24.32
CA SER G 20 41.02 85.98 -25.60
C SER G 20 42.29 86.80 -25.40
N GLN G 21 42.26 87.76 -24.49
CA GLN G 21 43.45 88.54 -24.19
C GLN G 21 44.55 87.66 -23.62
N ALA G 22 44.19 86.75 -22.71
CA ALA G 22 45.17 85.83 -22.12
C ALA G 22 45.83 84.98 -23.18
N LEU G 23 45.05 84.48 -24.15
CA LEU G 23 45.63 83.79 -25.29
C LEU G 23 46.46 84.74 -26.14
N LEU G 24 46.16 86.04 -26.10
CA LEU G 24 46.88 86.99 -26.93
C LEU G 24 48.24 87.37 -26.34
N GLU G 25 48.40 87.35 -25.01
CA GLU G 25 49.77 87.34 -24.51
C GLU G 25 50.26 85.94 -24.17
N LEU G 26 49.49 84.89 -24.47
CA LEU G 26 50.11 83.64 -24.86
C LEU G 26 50.43 83.60 -26.35
N GLU G 27 50.47 84.75 -27.02
CA GLU G 27 51.30 84.90 -28.20
C GLU G 27 52.71 85.23 -27.75
N MET G 28 53.64 85.27 -28.71
CA MET G 28 55.09 85.48 -28.54
C MET G 28 55.68 84.65 -27.40
N ASN G 29 55.15 83.44 -27.19
CA ASN G 29 55.61 82.53 -26.16
C ASN G 29 56.59 81.52 -26.76
N SER G 30 57.02 80.59 -25.93
CA SER G 30 57.95 79.55 -26.33
C SER G 30 57.20 78.42 -27.04
N ASP G 31 57.61 78.15 -28.29
CA ASP G 31 57.21 77.04 -29.16
C ASP G 31 55.73 76.68 -29.12
N LEU G 32 54.86 77.69 -29.10
CA LEU G 32 53.43 77.44 -29.12
C LEU G 32 52.72 78.12 -30.29
N LYS G 33 53.43 78.87 -31.13
CA LYS G 33 52.75 79.53 -32.24
C LYS G 33 52.59 78.64 -33.45
N ALA G 34 53.31 77.52 -33.51
CA ALA G 34 53.12 76.59 -34.61
C ALA G 34 51.78 75.88 -34.51
N GLN G 35 51.18 75.85 -33.31
CA GLN G 35 49.93 75.14 -33.11
C GLN G 35 48.90 75.95 -32.34
N LEU G 36 48.93 77.29 -32.45
CA LEU G 36 47.85 78.03 -31.78
C LEU G 36 47.19 79.10 -32.64
N ARG G 37 47.81 79.57 -33.74
CA ARG G 37 47.22 80.71 -34.44
C ARG G 37 45.97 80.33 -35.22
N GLU G 38 45.84 79.07 -35.62
CA GLU G 38 44.80 78.67 -36.56
C GLU G 38 43.53 78.17 -35.88
N LEU G 39 43.53 78.05 -34.55
CA LEU G 39 42.43 77.45 -33.83
C LEU G 39 42.07 78.30 -32.62
N ASN G 40 40.79 78.30 -32.29
CA ASN G 40 40.22 79.33 -31.44
C ASN G 40 39.04 78.76 -30.65
N ILE G 41 38.42 79.60 -29.83
CA ILE G 41 37.39 79.15 -28.90
C ILE G 41 36.05 79.74 -29.31
N THR G 42 34.98 79.19 -28.73
CA THR G 42 33.65 79.71 -28.99
C THR G 42 33.07 80.49 -27.81
N ALA G 43 33.11 79.95 -26.61
CA ALA G 43 32.50 80.61 -25.47
C ALA G 43 33.20 80.18 -24.19
N ALA G 44 33.02 80.96 -23.14
CA ALA G 44 33.63 80.66 -21.86
C ALA G 44 32.69 81.04 -20.73
N LYS G 45 32.69 80.21 -19.69
CA LYS G 45 31.85 80.42 -18.52
C LYS G 45 32.71 80.41 -17.27
N GLU G 46 32.26 81.09 -16.23
CA GLU G 46 32.98 81.27 -14.99
C GLU G 46 32.17 80.75 -13.81
N ILE G 47 31.58 79.56 -13.98
CA ILE G 47 30.60 79.03 -13.03
C ILE G 47 31.20 78.81 -11.64
N GLU G 48 30.30 78.74 -10.65
CA GLU G 48 30.65 78.50 -9.26
C GLU G 48 30.73 77.00 -9.01
N VAL G 49 31.69 76.58 -8.20
CA VAL G 49 31.84 75.17 -7.88
C VAL G 49 32.22 75.01 -6.41
N GLY G 50 31.63 74.01 -5.77
CA GLY G 50 32.04 73.62 -4.42
C GLY G 50 31.72 74.69 -3.40
N GLY G 51 32.77 75.23 -2.78
CA GLY G 51 32.64 76.33 -1.85
C GLY G 51 32.87 77.63 -2.57
N GLY G 52 33.85 78.41 -2.12
CA GLY G 52 34.19 79.65 -2.78
C GLY G 52 35.06 79.49 -4.00
N ARG G 53 35.40 78.27 -4.38
CA ARG G 53 36.29 78.04 -5.51
C ARG G 53 35.56 78.34 -6.82
N LYS G 54 36.33 78.76 -7.81
CA LYS G 54 35.82 79.10 -9.12
C LYS G 54 36.49 78.23 -10.17
N ALA G 55 35.73 77.80 -11.15
CA ALA G 55 36.27 77.05 -12.28
C ALA G 55 35.76 77.67 -13.56
N ILE G 56 36.60 77.68 -14.58
CA ILE G 56 36.23 78.27 -15.87
C ILE G 56 36.20 77.17 -16.92
N ILE G 57 35.18 77.21 -17.76
CA ILE G 57 34.93 76.21 -18.80
C ILE G 57 35.11 76.90 -20.14
N ILE G 58 35.83 76.25 -21.06
CA ILE G 58 36.09 76.81 -22.37
C ILE G 58 35.50 75.87 -23.40
N PHE G 59 34.67 76.41 -24.30
CA PHE G 59 34.01 75.63 -25.32
C PHE G 59 34.72 75.79 -26.66
N VAL G 60 34.94 74.67 -27.33
CA VAL G 60 35.79 74.59 -28.52
C VAL G 60 35.06 73.82 -29.61
N PRO G 61 35.24 74.24 -30.87
CA PRO G 61 34.77 73.40 -31.99
C PRO G 61 35.48 72.06 -32.02
N VAL G 62 34.77 71.05 -32.57
CA VAL G 62 35.16 69.65 -32.34
C VAL G 62 36.50 69.27 -33.00
N PRO G 63 36.74 69.57 -34.30
CA PRO G 63 38.10 69.31 -34.81
C PRO G 63 39.15 70.16 -34.12
N GLN G 64 38.78 71.41 -33.84
CA GLN G 64 39.61 72.24 -33.00
C GLN G 64 39.70 71.68 -31.59
N LEU G 65 38.70 70.94 -31.10
CA LEU G 65 38.86 70.27 -29.81
C LEU G 65 39.99 69.27 -29.84
N LYS G 66 40.04 68.42 -30.86
CA LYS G 66 41.13 67.44 -30.90
C LYS G 66 42.48 68.14 -30.99
N SER G 67 42.54 69.25 -31.74
CA SER G 67 43.79 69.99 -31.83
C SER G 67 44.16 70.68 -30.52
N PHE G 68 43.18 71.10 -29.71
CA PHE G 68 43.49 71.49 -28.33
C PHE G 68 43.96 70.32 -27.49
N GLN G 69 43.34 69.14 -27.69
CA GLN G 69 43.63 67.98 -26.85
C GLN G 69 45.09 67.59 -26.98
N LYS G 70 45.67 67.80 -28.16
CA LYS G 70 47.09 67.47 -28.31
C LYS G 70 48.02 68.42 -27.56
N ILE G 71 47.59 69.63 -27.19
CA ILE G 71 48.47 70.56 -26.49
C ILE G 71 47.87 71.10 -25.20
N GLN G 72 46.89 70.40 -24.64
CA GLN G 72 46.04 71.01 -23.60
C GLN G 72 46.77 71.23 -22.29
N VAL G 73 47.65 70.31 -21.89
CA VAL G 73 48.21 70.36 -20.54
C VAL G 73 49.14 71.57 -20.36
N ARG G 74 49.93 71.89 -21.38
CA ARG G 74 50.84 73.03 -21.33
C ARG G 74 50.05 74.34 -21.28
N LEU G 75 49.05 74.44 -22.15
CA LEU G 75 48.25 75.65 -22.23
C LEU G 75 47.46 75.85 -20.95
N VAL G 76 46.90 74.76 -20.40
CA VAL G 76 46.11 74.88 -19.18
C VAL G 76 47.03 75.19 -18.00
N ARG G 77 48.30 74.76 -18.05
CA ARG G 77 49.24 75.08 -16.97
C ARG G 77 49.48 76.57 -16.87
N GLU G 78 49.97 77.18 -17.95
CA GLU G 78 50.22 78.63 -17.85
C GLU G 78 48.94 79.46 -17.85
N LEU G 79 47.81 78.93 -18.34
CA LEU G 79 46.59 79.74 -18.26
C LEU G 79 46.00 79.71 -16.86
N GLU G 80 46.19 78.61 -16.11
CA GLU G 80 45.89 78.63 -14.69
C GLU G 80 46.86 79.51 -13.93
N LYS G 81 48.11 79.58 -14.40
CA LYS G 81 49.09 80.47 -13.77
C LYS G 81 48.66 81.92 -13.90
N LYS G 82 48.16 82.31 -15.08
CA LYS G 82 47.63 83.66 -15.23
C LYS G 82 46.36 83.86 -14.41
N PHE G 83 45.40 82.95 -14.54
CA PHE G 83 44.15 83.02 -13.79
C PHE G 83 44.31 82.21 -12.50
N SER G 84 45.02 82.81 -11.55
CA SER G 84 45.38 82.10 -10.33
C SER G 84 44.16 81.85 -9.47
N GLY G 85 44.14 80.68 -8.81
CA GLY G 85 43.04 80.32 -7.95
C GLY G 85 41.83 79.75 -8.65
N LYS G 86 41.92 79.45 -9.94
CA LYS G 86 40.80 78.93 -10.71
C LYS G 86 41.25 77.72 -11.51
N HIS G 87 40.30 76.84 -11.81
CA HIS G 87 40.56 75.65 -12.60
C HIS G 87 39.95 75.79 -13.99
N VAL G 88 40.63 75.24 -14.98
CA VAL G 88 40.28 75.39 -16.38
C VAL G 88 40.02 74.01 -16.97
N VAL G 89 38.90 73.87 -17.68
CA VAL G 89 38.57 72.66 -18.40
C VAL G 89 38.24 73.02 -19.84
N PHE G 90 38.38 72.05 -20.73
CA PHE G 90 38.07 72.23 -22.14
C PHE G 90 36.98 71.25 -22.55
N ILE G 91 35.88 71.78 -23.08
CA ILE G 91 34.71 70.99 -23.47
C ILE G 91 34.41 71.33 -24.92
N ALA G 92 33.92 70.34 -25.67
CA ALA G 92 33.46 70.62 -27.02
C ALA G 92 32.15 71.38 -26.99
N GLN G 93 31.76 71.89 -28.15
CA GLN G 93 30.42 72.41 -28.35
C GLN G 93 29.69 71.37 -29.20
N ARG G 94 28.65 70.75 -28.63
CA ARG G 94 28.26 69.43 -29.08
C ARG G 94 26.93 69.34 -29.81
N ARG G 95 26.06 70.34 -29.71
CA ARG G 95 24.86 70.48 -30.57
C ARG G 95 23.94 69.26 -30.46
N ILE G 96 23.34 69.11 -29.28
CA ILE G 96 22.31 68.09 -29.09
C ILE G 96 21.12 68.38 -29.99
N LEU G 97 20.60 67.34 -30.65
CA LEU G 97 19.39 67.47 -31.44
C LEU G 97 18.21 66.84 -30.70
N PRO G 98 17.03 67.43 -30.79
CA PRO G 98 15.88 66.88 -30.05
C PRO G 98 15.40 65.57 -30.63
N LYS G 99 14.77 64.77 -29.78
CA LYS G 99 14.25 63.49 -30.22
C LYS G 99 13.01 63.70 -31.08
N PRO G 100 12.94 63.10 -32.26
CA PRO G 100 11.78 63.31 -33.14
C PRO G 100 10.54 62.66 -32.57
N THR G 101 9.53 63.48 -32.27
CA THR G 101 8.24 62.98 -31.82
C THR G 101 7.36 62.69 -33.02
N ARG G 102 6.09 62.44 -32.77
CA ARG G 102 5.12 62.19 -33.84
C ARG G 102 4.60 63.47 -34.49
N LYS G 103 5.15 64.63 -34.13
CA LYS G 103 4.81 65.87 -34.80
C LYS G 103 5.93 66.28 -35.74
N LYS G 107 10.55 70.96 -43.39
CA LYS G 107 9.53 69.96 -43.63
C LYS G 107 10.15 68.57 -43.69
N ASN G 108 11.03 68.37 -44.68
CA ASN G 108 11.69 67.07 -44.90
C ASN G 108 12.96 67.03 -44.06
N LYS G 109 12.79 66.66 -42.79
CA LYS G 109 13.91 66.54 -41.87
C LYS G 109 14.80 65.37 -42.24
N GLN G 110 16.07 65.47 -41.86
CA GLN G 110 17.02 64.39 -42.03
C GLN G 110 17.12 63.56 -40.76
N LYS G 111 17.66 62.35 -40.93
CA LYS G 111 17.81 61.43 -39.81
C LYS G 111 18.83 61.98 -38.82
N ARG G 112 18.44 62.04 -37.56
CA ARG G 112 19.30 62.57 -36.52
C ARG G 112 20.49 61.67 -36.31
N PRO G 113 21.72 62.20 -36.37
CA PRO G 113 22.89 61.36 -36.13
C PRO G 113 22.92 60.85 -34.71
N ARG G 114 23.49 59.66 -34.54
CA ARG G 114 23.57 59.06 -33.21
C ARG G 114 24.51 59.86 -32.31
N SER G 115 25.48 60.56 -32.88
CA SER G 115 26.38 61.38 -32.10
C SER G 115 25.76 62.69 -31.65
N ARG G 116 24.59 63.05 -32.18
CA ARG G 116 23.89 64.25 -31.76
C ARG G 116 22.82 63.96 -30.72
N THR G 117 22.69 62.71 -30.30
CA THR G 117 21.78 62.38 -29.22
C THR G 117 22.35 62.86 -27.89
N LEU G 118 21.46 63.04 -26.93
CA LEU G 118 21.86 63.58 -25.63
C LEU G 118 22.70 62.60 -24.84
N THR G 119 22.43 61.30 -24.98
CA THR G 119 23.22 60.29 -24.28
C THR G 119 24.67 60.32 -24.74
N ALA G 120 24.87 60.31 -26.06
CA ALA G 120 26.21 60.33 -26.61
C ALA G 120 26.92 61.64 -26.29
N VAL G 121 26.18 62.75 -26.31
CA VAL G 121 26.78 64.05 -26.02
C VAL G 121 27.24 64.10 -24.57
N HIS G 122 26.43 63.60 -23.64
CA HIS G 122 26.83 63.62 -22.25
C HIS G 122 28.01 62.70 -21.99
N ASP G 123 28.06 61.55 -22.67
CA ASP G 123 29.23 60.68 -22.57
C ASP G 123 30.49 61.37 -23.07
N ALA G 124 30.39 62.03 -24.23
CA ALA G 124 31.55 62.69 -24.80
C ALA G 124 32.01 63.86 -23.96
N ILE G 125 31.06 64.57 -23.34
CA ILE G 125 31.40 65.67 -22.45
C ILE G 125 32.15 65.15 -21.22
N LEU G 126 31.67 64.05 -20.65
CA LEU G 126 32.35 63.46 -19.50
C LEU G 126 33.74 62.98 -19.87
N GLU G 127 33.91 62.49 -21.10
CA GLU G 127 35.24 62.05 -21.52
C GLU G 127 36.17 63.23 -21.73
N ASP G 128 35.68 64.31 -22.33
CA ASP G 128 36.54 65.46 -22.61
C ASP G 128 36.86 66.27 -21.37
N LEU G 129 36.03 66.16 -20.34
CA LEU G 129 36.18 67.00 -19.16
C LEU G 129 37.41 66.65 -18.34
N VAL G 130 37.87 65.40 -18.42
CA VAL G 130 38.87 64.90 -17.50
C VAL G 130 40.19 64.60 -18.20
N PHE G 131 40.46 65.31 -19.32
CA PHE G 131 41.34 64.88 -20.41
C PHE G 131 42.63 64.13 -20.06
N PRO G 132 43.53 64.63 -19.20
CA PRO G 132 44.82 63.92 -19.04
C PRO G 132 44.64 62.50 -18.53
N SER G 133 43.66 62.28 -17.67
CA SER G 133 43.28 60.93 -17.27
C SER G 133 42.25 60.37 -18.23
N GLU G 134 42.14 59.05 -18.24
CA GLU G 134 41.21 58.33 -19.10
C GLU G 134 40.17 57.62 -18.25
N ILE G 135 38.95 57.59 -18.75
CA ILE G 135 37.88 56.85 -18.08
C ILE G 135 38.09 55.37 -18.33
N VAL G 136 38.11 54.58 -17.25
CA VAL G 136 38.24 53.14 -17.38
C VAL G 136 37.03 52.40 -16.86
N GLY G 137 36.00 53.09 -16.39
CA GLY G 137 34.80 52.41 -15.95
C GLY G 137 33.70 53.39 -15.63
N LYS G 138 32.51 52.83 -15.40
CA LYS G 138 31.36 53.62 -15.00
C LYS G 138 30.45 52.75 -14.16
N ARG G 139 30.00 53.28 -13.03
CA ARG G 139 29.34 52.51 -11.99
C ARG G 139 28.03 53.16 -11.56
N ILE G 140 27.25 53.64 -12.54
CA ILE G 140 25.99 54.33 -12.26
C ILE G 140 25.10 53.53 -11.30
N ARG G 141 24.64 54.21 -10.26
CA ARG G 141 23.98 53.57 -9.12
C ARG G 141 22.68 54.28 -8.77
N VAL G 142 21.59 53.53 -8.68
CA VAL G 142 20.27 54.06 -8.38
C VAL G 142 20.06 53.97 -6.88
N LYS G 143 20.04 55.13 -6.20
CA LYS G 143 20.04 55.17 -4.74
C LYS G 143 18.63 55.37 -4.18
N LEU G 144 17.80 54.33 -4.31
CA LEU G 144 16.62 54.08 -3.49
C LEU G 144 15.51 55.13 -3.62
N ASP G 145 15.70 56.12 -4.48
CA ASP G 145 14.80 57.25 -4.55
C ASP G 145 14.37 57.55 -5.98
N GLY G 146 14.88 56.80 -6.95
CA GLY G 146 14.74 57.15 -8.35
C GLY G 146 15.91 57.99 -8.80
N SER G 147 16.67 58.51 -7.84
CA SER G 147 17.84 59.30 -8.15
C SER G 147 19.02 58.38 -8.43
N ARG G 148 19.86 58.77 -9.38
CA ARG G 148 21.00 57.96 -9.76
C ARG G 148 22.28 58.77 -9.67
N LEU G 149 23.29 58.17 -9.05
CA LEU G 149 24.62 58.73 -8.93
C LEU G 149 25.57 57.95 -9.83
N ILE G 150 26.34 58.64 -10.63
CA ILE G 150 27.32 57.99 -11.49
C ILE G 150 28.66 57.98 -10.78
N LYS G 151 29.38 56.87 -10.92
CA LYS G 151 30.73 56.76 -10.40
C LYS G 151 31.67 56.42 -11.55
N VAL G 152 32.69 57.25 -11.73
CA VAL G 152 33.58 57.17 -12.87
C VAL G 152 34.96 56.80 -12.38
N HIS G 153 35.57 55.80 -13.01
CA HIS G 153 36.89 55.31 -12.63
C HIS G 153 37.92 55.88 -13.58
N LEU G 154 38.95 56.51 -13.03
CA LEU G 154 40.02 57.09 -13.82
C LEU G 154 41.23 56.15 -13.82
N ASP G 155 42.19 56.45 -14.68
CA ASP G 155 43.13 55.45 -15.15
C ASP G 155 44.29 55.17 -14.20
N LYS G 156 44.40 55.89 -13.09
CA LYS G 156 45.36 55.64 -12.01
C LYS G 156 46.79 55.98 -12.45
N ALA G 157 46.96 56.43 -13.70
CA ALA G 157 48.25 56.83 -14.22
C ALA G 157 48.43 58.33 -14.27
N GLN G 158 47.36 59.09 -14.11
CA GLN G 158 47.43 60.54 -14.01
C GLN G 158 46.86 61.03 -12.69
N GLN G 159 46.85 60.17 -11.67
CA GLN G 159 46.31 60.55 -10.37
C GLN G 159 47.12 61.68 -9.75
N ASN G 160 48.44 61.63 -9.88
CA ASN G 160 49.29 62.71 -9.39
C ASN G 160 49.01 64.00 -10.15
N ASN G 161 48.72 63.90 -11.45
CA ASN G 161 48.42 65.09 -12.23
C ASN G 161 47.05 65.65 -11.86
N VAL G 162 46.04 64.80 -11.80
CA VAL G 162 44.67 65.22 -11.52
C VAL G 162 44.08 64.34 -10.42
N GLU G 163 44.11 64.86 -9.19
CA GLU G 163 43.32 64.31 -8.10
C GLU G 163 42.62 65.39 -7.31
N HIS G 164 43.04 66.64 -7.43
CA HIS G 164 42.44 67.75 -6.71
C HIS G 164 41.33 68.43 -7.49
N LYS G 165 41.17 68.09 -8.76
CA LYS G 165 40.17 68.71 -9.60
C LYS G 165 38.85 67.96 -9.61
N VAL G 166 38.74 66.87 -8.85
CA VAL G 166 37.59 65.98 -8.97
C VAL G 166 36.32 66.66 -8.50
N GLU G 167 36.42 67.52 -7.49
CA GLU G 167 35.23 68.27 -7.07
C GLU G 167 34.86 69.33 -8.10
N THR G 168 35.85 69.90 -8.79
CA THR G 168 35.54 70.83 -9.87
C THR G 168 34.91 70.10 -11.04
N PHE G 169 35.38 68.88 -11.32
CA PHE G 169 34.75 68.05 -12.34
C PHE G 169 33.30 67.75 -11.99
N SER G 170 33.04 67.41 -10.73
CA SER G 170 31.68 67.10 -10.29
C SER G 170 30.79 68.31 -10.42
N GLY G 171 31.29 69.48 -10.02
CA GLY G 171 30.48 70.69 -10.13
C GLY G 171 30.22 71.10 -11.55
N VAL G 172 31.22 70.99 -12.42
CA VAL G 172 31.05 71.35 -13.83
C VAL G 172 30.06 70.41 -14.50
N TYR G 173 30.21 69.11 -14.25
CA TYR G 173 29.31 68.14 -14.86
C TYR G 173 27.89 68.29 -14.32
N LYS G 174 27.75 68.67 -13.05
CA LYS G 174 26.41 68.96 -12.53
C LYS G 174 25.84 70.21 -13.20
N LYS G 175 26.69 71.21 -13.46
CA LYS G 175 26.22 72.46 -14.00
C LYS G 175 25.73 72.32 -15.43
N LEU G 176 26.54 71.70 -16.30
CA LEU G 176 26.21 71.72 -17.71
C LEU G 176 25.56 70.45 -18.22
N THR G 177 25.38 69.45 -17.37
CA THR G 177 24.62 68.26 -17.76
C THR G 177 23.39 68.03 -16.90
N GLY G 178 23.49 68.27 -15.59
CA GLY G 178 22.37 68.13 -14.69
C GLY G 178 22.47 66.97 -13.72
N LYS G 179 23.31 65.98 -14.01
CA LYS G 179 23.48 64.83 -13.14
C LYS G 179 24.81 64.90 -12.41
N ASP G 180 24.91 64.16 -11.32
CA ASP G 180 26.06 64.23 -10.43
C ASP G 180 26.94 62.99 -10.54
N VAL G 181 28.25 63.20 -10.40
CA VAL G 181 29.24 62.16 -10.58
C VAL G 181 30.25 62.20 -9.44
N ASN G 182 30.89 61.04 -9.22
CA ASN G 182 32.02 60.90 -8.33
C ASN G 182 33.15 60.27 -9.13
N PHE G 183 34.38 60.53 -8.72
CA PHE G 183 35.55 60.05 -9.44
C PHE G 183 36.43 59.24 -8.51
N GLU G 184 36.90 58.09 -9.00
CA GLU G 184 37.69 57.17 -8.21
C GLU G 184 38.90 56.72 -8.99
N PHE G 185 39.88 56.17 -8.28
CA PHE G 185 41.11 55.65 -8.87
C PHE G 185 41.30 54.23 -8.37
N PRO G 186 40.82 53.24 -9.11
CA PRO G 186 40.85 51.87 -8.62
C PRO G 186 42.27 51.30 -8.65
N GLU G 187 42.42 50.15 -7.99
CA GLU G 187 43.67 49.41 -8.07
C GLU G 187 43.81 48.83 -9.48
N PHE G 188 45.06 48.56 -9.86
CA PHE G 188 45.39 48.25 -11.25
C PHE G 188 44.71 46.97 -11.72
N GLN G 189 44.38 46.96 -13.00
CA GLN G 189 43.51 45.93 -13.57
C GLN G 189 44.33 44.78 -14.14
N GLY H 1 -37.16 34.86 -67.99
CA GLY H 1 -36.79 34.98 -69.39
C GLY H 1 -35.31 35.16 -69.59
N ILE H 2 -34.93 35.95 -70.59
CA ILE H 2 -33.54 36.36 -70.72
C ILE H 2 -33.19 37.27 -69.55
N SER H 3 -32.08 36.96 -68.89
CA SER H 3 -31.78 37.53 -67.60
C SER H 3 -30.35 38.01 -67.58
N ARG H 4 -30.11 39.10 -66.87
CA ARG H 4 -28.79 39.70 -66.76
C ARG H 4 -28.36 39.78 -65.31
N ASP H 5 -28.64 38.72 -64.56
CA ASP H 5 -28.29 38.65 -63.15
C ASP H 5 -26.80 38.41 -63.00
N ASN H 6 -26.35 38.34 -61.76
CA ASN H 6 -24.95 38.14 -61.44
C ASN H 6 -24.66 36.73 -60.94
N TRP H 7 -25.60 36.10 -60.23
CA TRP H 7 -25.35 34.88 -59.50
C TRP H 7 -25.23 33.64 -60.38
N HIS H 8 -25.16 33.77 -61.70
CA HIS H 8 -24.88 32.62 -62.56
C HIS H 8 -23.45 32.62 -63.06
N LYS H 9 -22.70 33.67 -62.82
CA LYS H 9 -21.27 33.70 -63.12
C LYS H 9 -20.50 33.02 -62.02
N ARG H 10 -19.32 32.50 -62.37
CA ARG H 10 -18.46 31.89 -61.39
C ARG H 10 -17.83 32.96 -60.49
N ARG H 11 -17.35 32.53 -59.34
CA ARG H 11 -16.71 33.46 -58.42
C ARG H 11 -15.34 33.87 -58.93
N LYS H 12 -14.75 34.87 -58.27
CA LYS H 12 -13.43 35.37 -58.64
C LYS H 12 -12.38 34.28 -58.52
N THR H 13 -12.54 33.38 -57.56
CA THR H 13 -11.65 32.25 -57.39
C THR H 13 -11.88 31.16 -58.42
N GLY H 14 -12.92 31.26 -59.24
CA GLY H 14 -13.29 30.21 -60.16
C GLY H 14 -14.29 29.22 -59.60
N GLY H 15 -14.67 29.36 -58.33
CA GLY H 15 -15.64 28.45 -57.76
C GLY H 15 -17.03 28.67 -58.31
N LYS H 16 -17.85 27.64 -58.21
CA LYS H 16 -19.20 27.68 -58.73
C LYS H 16 -20.17 27.99 -57.60
N ARG H 17 -21.05 28.95 -57.84
CA ARG H 17 -21.97 29.38 -56.79
C ARG H 17 -23.37 28.83 -57.05
N LYS H 18 -24.12 28.65 -55.98
CA LYS H 18 -25.47 28.13 -56.12
C LYS H 18 -26.48 29.25 -56.07
N PRO H 19 -27.57 29.18 -56.83
CA PRO H 19 -28.62 30.19 -56.73
C PRO H 19 -29.44 29.98 -55.47
N TYR H 20 -29.74 31.08 -54.78
CA TYR H 20 -30.59 31.02 -53.60
C TYR H 20 -31.98 31.57 -53.86
N HIS H 21 -32.26 32.05 -55.07
CA HIS H 21 -33.61 32.45 -55.42
C HIS H 21 -33.81 32.30 -56.92
N LYS H 22 -35.08 32.27 -57.32
CA LYS H 22 -35.44 32.27 -58.73
C LYS H 22 -35.11 33.61 -59.35
N LYS H 23 -35.05 33.64 -60.67
CA LYS H 23 -34.73 34.89 -61.34
C LYS H 23 -35.89 35.86 -61.20
N ARG H 24 -35.55 37.10 -60.89
CA ARG H 24 -36.53 38.12 -60.54
C ARG H 24 -36.88 38.95 -61.76
N LYS H 25 -37.95 39.71 -61.64
CA LYS H 25 -38.38 40.56 -62.75
C LYS H 25 -37.44 41.74 -62.92
N TYR H 26 -36.83 42.22 -61.84
CA TYR H 26 -35.96 43.39 -61.95
C TYR H 26 -34.64 43.10 -62.64
N GLU H 27 -34.31 41.85 -62.90
CA GLU H 27 -33.04 41.51 -63.53
C GLU H 27 -33.23 40.88 -64.90
N LEU H 28 -34.26 41.31 -65.63
CA LEU H 28 -34.54 40.79 -66.96
C LEU H 28 -33.70 41.49 -68.02
N GLY H 29 -33.66 40.87 -69.19
CA GLY H 29 -33.19 41.53 -70.40
C GLY H 29 -34.26 41.44 -71.47
N ARG H 30 -33.93 41.98 -72.63
CA ARG H 30 -34.84 41.96 -73.76
C ARG H 30 -34.06 41.71 -75.03
N PRO H 31 -34.71 41.22 -76.08
CA PRO H 31 -34.02 41.07 -77.37
C PRO H 31 -33.58 42.40 -77.95
N ALA H 32 -32.45 42.37 -78.65
CA ALA H 32 -31.87 43.57 -79.22
C ALA H 32 -32.75 44.12 -80.34
N ALA H 33 -32.67 45.43 -80.53
CA ALA H 33 -33.47 46.08 -81.57
C ALA H 33 -33.00 45.68 -82.96
N ASN H 34 -31.69 45.70 -83.17
CA ASN H 34 -31.07 45.51 -84.48
C ASN H 34 -31.63 46.49 -85.51
N THR H 35 -31.43 47.77 -85.22
CA THR H 35 -31.96 48.83 -86.06
C THR H 35 -31.34 48.79 -87.44
N LYS H 36 -32.18 48.84 -88.47
CA LYS H 36 -31.74 48.77 -89.85
C LYS H 36 -32.13 50.04 -90.58
N ILE H 37 -31.72 50.13 -91.83
CA ILE H 37 -31.99 51.31 -92.64
C ILE H 37 -33.20 51.01 -93.53
N GLY H 38 -34.24 51.82 -93.40
CA GLY H 38 -35.46 51.63 -94.12
C GLY H 38 -36.48 52.66 -93.69
N PRO H 39 -37.72 52.57 -94.19
CA PRO H 39 -38.76 53.48 -93.74
C PRO H 39 -39.04 53.31 -92.26
N ARG H 40 -39.40 54.42 -91.61
CA ARG H 40 -39.39 54.51 -90.15
C ARG H 40 -40.36 53.52 -89.51
N ARG H 41 -39.85 52.76 -88.54
CA ARG H 41 -40.64 51.77 -87.82
C ARG H 41 -40.13 51.73 -86.40
N ILE H 42 -40.92 52.22 -85.46
CA ILE H 42 -40.52 52.34 -84.07
C ILE H 42 -41.58 51.67 -83.21
N HIS H 43 -41.17 50.75 -82.35
CA HIS H 43 -42.05 50.09 -81.41
C HIS H 43 -41.71 50.56 -80.00
N THR H 44 -42.73 50.88 -79.22
CA THR H 44 -42.53 51.31 -77.85
C THR H 44 -42.64 50.11 -76.93
N VAL H 45 -41.87 50.14 -75.86
CA VAL H 45 -41.89 49.09 -74.86
C VAL H 45 -42.05 49.73 -73.48
N ARG H 46 -42.95 49.19 -72.68
CA ARG H 46 -43.20 49.73 -71.35
C ARG H 46 -42.13 49.19 -70.41
N VAL H 47 -41.46 50.08 -69.68
CA VAL H 47 -40.28 49.69 -68.93
C VAL H 47 -40.52 49.90 -67.44
N ARG H 48 -39.49 49.62 -66.65
CA ARG H 48 -39.56 49.70 -65.20
C ARG H 48 -39.94 51.09 -64.71
N GLY H 49 -40.94 51.14 -63.84
CA GLY H 49 -41.49 52.38 -63.34
C GLY H 49 -42.61 52.95 -64.16
N GLY H 50 -43.03 52.26 -65.23
CA GLY H 50 -44.05 52.75 -66.10
C GLY H 50 -43.58 53.69 -67.18
N ASN H 51 -42.28 53.88 -67.32
CA ASN H 51 -41.76 54.80 -68.31
C ASN H 51 -41.75 54.14 -69.68
N LYS H 52 -41.17 54.80 -70.66
CA LYS H 52 -41.20 54.30 -72.02
C LYS H 52 -39.81 54.24 -72.62
N LYS H 53 -39.61 53.29 -73.51
CA LYS H 53 -38.46 53.21 -74.37
C LYS H 53 -38.96 53.06 -75.80
N TYR H 54 -38.05 53.24 -76.75
CA TYR H 54 -38.42 53.24 -78.17
C TYR H 54 -37.47 52.32 -78.94
N ARG H 55 -37.91 51.11 -79.22
CA ARG H 55 -37.14 50.25 -80.12
C ARG H 55 -37.26 50.83 -81.52
N ALA H 56 -36.25 51.55 -81.96
CA ALA H 56 -36.20 51.91 -83.37
C ALA H 56 -35.87 50.65 -84.15
N LEU H 57 -36.81 50.17 -84.94
CA LEU H 57 -36.54 48.98 -85.72
C LEU H 57 -35.98 49.30 -87.09
N ARG H 58 -36.47 50.37 -87.73
CA ARG H 58 -35.95 50.83 -89.01
C ARG H 58 -35.93 52.34 -89.00
N LEU H 59 -34.80 52.93 -89.36
CA LEU H 59 -34.67 54.38 -89.43
C LEU H 59 -34.09 54.78 -90.77
N ASP H 60 -34.48 55.96 -91.24
CA ASP H 60 -33.95 56.50 -92.48
C ASP H 60 -33.39 57.91 -92.39
N VAL H 61 -33.82 58.72 -91.42
CA VAL H 61 -33.31 60.08 -91.27
C VAL H 61 -32.66 60.21 -89.90
N GLY H 62 -31.88 61.27 -89.76
CA GLY H 62 -31.20 61.51 -88.51
C GLY H 62 -30.80 62.96 -88.42
N ASN H 63 -30.41 63.36 -87.23
CA ASN H 63 -30.06 64.74 -86.92
C ASN H 63 -28.57 64.80 -86.62
N PHE H 64 -27.78 65.26 -87.57
CA PHE H 64 -26.33 65.26 -87.45
C PHE H 64 -25.81 66.68 -87.39
N SER H 65 -24.69 66.86 -86.72
CA SER H 65 -24.11 68.18 -86.46
C SER H 65 -22.76 68.30 -87.16
N TRP H 66 -22.52 69.44 -87.79
CA TRP H 66 -21.19 69.70 -88.34
C TRP H 66 -20.18 69.92 -87.21
N GLY H 67 -20.53 70.75 -86.25
CA GLY H 67 -19.64 70.95 -85.12
C GLY H 67 -18.65 72.08 -85.29
N SER H 68 -17.84 72.04 -86.35
CA SER H 68 -16.92 73.14 -86.58
C SER H 68 -17.68 74.41 -86.96
N GLU H 69 -18.71 74.27 -87.78
CA GLU H 69 -19.53 75.42 -88.17
C GLU H 69 -20.75 75.61 -87.30
N CYS H 70 -21.01 74.68 -86.37
CA CYS H 70 -22.20 74.68 -85.52
C CYS H 70 -23.48 74.73 -86.35
N CYS H 71 -23.58 73.79 -87.28
CA CYS H 71 -24.75 73.64 -88.14
C CYS H 71 -25.31 72.24 -87.92
N THR H 72 -26.54 72.16 -87.40
CA THR H 72 -27.22 70.90 -87.19
C THR H 72 -28.41 70.82 -88.12
N ARG H 73 -28.45 69.79 -88.95
CA ARG H 73 -29.51 69.64 -89.93
C ARG H 73 -30.00 68.20 -89.93
N LYS H 74 -31.31 68.03 -90.09
CA LYS H 74 -31.84 66.70 -90.33
C LYS H 74 -31.47 66.27 -91.73
N THR H 75 -31.03 65.03 -91.89
CA THR H 75 -30.55 64.55 -93.17
C THR H 75 -30.77 63.04 -93.25
N ARG H 76 -30.66 62.51 -94.46
CA ARG H 76 -30.93 61.11 -94.70
C ARG H 76 -29.64 60.30 -94.56
N ILE H 77 -29.76 59.13 -93.93
CA ILE H 77 -28.66 58.19 -93.79
C ILE H 77 -28.63 57.28 -95.00
N ILE H 78 -27.49 57.17 -95.65
CA ILE H 78 -27.38 56.36 -96.86
C ILE H 78 -26.96 54.94 -96.55
N ASP H 79 -25.87 54.77 -95.82
CA ASP H 79 -25.22 53.48 -95.69
C ASP H 79 -24.46 53.43 -94.38
N VAL H 80 -24.09 52.23 -93.97
CA VAL H 80 -23.17 52.00 -92.86
C VAL H 80 -21.86 51.51 -93.45
N VAL H 81 -20.75 52.14 -93.09
CA VAL H 81 -19.48 51.86 -93.74
C VAL H 81 -18.42 51.30 -92.80
N TYR H 82 -18.50 51.54 -91.49
CA TYR H 82 -17.52 51.00 -90.58
C TYR H 82 -18.17 50.80 -89.22
N ASN H 83 -17.70 49.80 -88.49
CA ASN H 83 -18.16 49.52 -87.14
C ASN H 83 -17.01 48.91 -86.36
N ALA H 84 -16.70 49.48 -85.20
CA ALA H 84 -15.58 49.00 -84.40
C ALA H 84 -15.88 47.70 -83.66
N SER H 85 -17.14 47.35 -83.48
CA SER H 85 -17.48 46.13 -82.76
C SER H 85 -17.45 44.91 -83.66
N ASN H 86 -18.22 44.93 -84.74
CA ASN H 86 -18.42 43.76 -85.57
C ASN H 86 -18.53 44.18 -87.03
N ASN H 87 -17.94 43.39 -87.92
CA ASN H 87 -18.09 43.65 -89.36
C ASN H 87 -19.45 43.23 -89.88
N GLU H 88 -20.09 42.26 -89.25
CA GLU H 88 -21.42 41.86 -89.70
C GLU H 88 -22.45 42.94 -89.42
N LEU H 89 -22.18 43.80 -88.45
CA LEU H 89 -23.05 44.96 -88.26
C LEU H 89 -22.89 45.95 -89.41
N VAL H 90 -21.77 45.91 -90.12
CA VAL H 90 -21.65 46.70 -91.34
C VAL H 90 -22.35 46.01 -92.50
N ARG H 91 -22.07 44.72 -92.70
CA ARG H 91 -22.59 44.05 -93.88
C ARG H 91 -24.09 43.79 -93.80
N THR H 92 -24.68 43.87 -92.61
CA THR H 92 -26.13 43.80 -92.47
C THR H 92 -26.77 45.17 -92.29
N LYS H 93 -25.98 46.24 -92.33
CA LYS H 93 -26.45 47.63 -92.25
C LYS H 93 -27.25 47.90 -90.98
N THR H 94 -26.59 47.72 -89.84
CA THR H 94 -27.20 47.90 -88.54
C THR H 94 -26.75 49.23 -87.93
N LEU H 95 -27.71 49.99 -87.43
CA LEU H 95 -27.44 51.27 -86.77
C LEU H 95 -27.30 51.02 -85.27
N VAL H 96 -26.10 51.25 -84.75
CA VAL H 96 -25.81 51.16 -83.33
C VAL H 96 -25.09 52.44 -82.94
N LYS H 97 -24.65 52.52 -81.68
CA LYS H 97 -24.25 53.79 -81.12
C LYS H 97 -22.98 54.35 -81.75
N ASN H 98 -21.98 53.53 -82.03
CA ASN H 98 -20.70 54.08 -82.48
C ASN H 98 -20.38 53.72 -83.93
N CYS H 99 -21.38 53.46 -84.75
CA CYS H 99 -21.07 53.07 -86.11
C CYS H 99 -20.83 54.30 -86.97
N ILE H 100 -20.19 54.09 -88.12
CA ILE H 100 -19.83 55.15 -89.04
C ILE H 100 -20.73 55.04 -90.26
N VAL H 101 -21.44 56.11 -90.57
CA VAL H 101 -22.47 56.10 -91.60
C VAL H 101 -22.12 57.12 -92.68
N LEU H 102 -22.86 57.04 -93.77
CA LEU H 102 -22.79 58.02 -94.85
C LEU H 102 -24.11 58.77 -94.91
N ILE H 103 -24.04 60.10 -94.86
CA ILE H 103 -25.25 60.90 -94.81
C ILE H 103 -25.29 61.82 -96.02
N ASP H 104 -26.49 62.25 -96.38
CA ASP H 104 -26.65 63.19 -97.47
C ASP H 104 -26.11 64.56 -97.06
N SER H 105 -25.39 65.21 -97.97
CA SER H 105 -24.68 66.43 -97.65
C SER H 105 -25.37 67.69 -98.15
N THR H 106 -26.54 67.57 -98.77
CA THR H 106 -27.20 68.76 -99.31
C THR H 106 -27.63 69.80 -98.26
N PRO H 107 -28.18 69.47 -97.08
CA PRO H 107 -28.51 70.56 -96.15
C PRO H 107 -27.29 71.31 -95.65
N TYR H 108 -26.16 70.64 -95.46
CA TYR H 108 -24.96 71.30 -94.99
C TYR H 108 -24.40 72.23 -96.06
N ARG H 109 -24.32 71.76 -97.30
CA ARG H 109 -23.82 72.64 -98.35
C ARG H 109 -24.81 73.76 -98.63
N GLN H 110 -26.10 73.52 -98.45
CA GLN H 110 -27.07 74.59 -98.65
C GLN H 110 -26.91 75.68 -97.59
N TRP H 111 -26.69 75.28 -96.34
CA TRP H 111 -26.38 76.25 -95.31
C TRP H 111 -25.09 76.98 -95.60
N TYR H 112 -24.07 76.27 -96.11
CA TYR H 112 -22.81 76.90 -96.42
C TYR H 112 -22.95 77.95 -97.52
N GLU H 113 -23.73 77.63 -98.55
CA GLU H 113 -23.94 78.59 -99.63
C GLU H 113 -24.72 79.79 -99.13
N SER H 114 -25.72 79.55 -98.29
CA SER H 114 -26.52 80.66 -97.78
C SER H 114 -25.78 81.52 -96.77
N HIS H 115 -24.76 80.99 -96.12
CA HIS H 115 -24.08 81.71 -95.04
C HIS H 115 -22.80 82.38 -95.48
N TYR H 116 -21.94 81.66 -96.19
CA TYR H 116 -20.65 82.21 -96.59
C TYR H 116 -20.65 82.77 -98.00
N ALA H 117 -21.61 82.35 -98.83
CA ALA H 117 -21.71 82.73 -100.24
C ALA H 117 -20.43 82.36 -101.02
N LEU H 118 -20.03 81.10 -100.91
CA LEU H 118 -19.03 80.51 -101.78
C LEU H 118 -19.58 79.20 -102.33
N PRO H 119 -19.26 78.86 -103.58
CA PRO H 119 -19.75 77.59 -104.12
C PRO H 119 -18.99 76.42 -103.52
N LEU H 120 -19.75 75.50 -102.92
CA LEU H 120 -19.18 74.35 -102.23
C LEU H 120 -19.69 73.07 -102.87
N GLY H 121 -18.77 72.15 -103.15
CA GLY H 121 -19.15 70.89 -103.77
C GLY H 121 -19.61 71.03 -105.20
N ARG H 122 -18.96 71.90 -105.98
CA ARG H 122 -19.28 72.07 -107.39
C ARG H 122 -18.09 71.57 -108.21
N LYS H 123 -18.36 70.66 -109.14
CA LYS H 123 -17.28 70.08 -109.95
C LYS H 123 -16.70 71.10 -110.91
N LYS H 124 -17.55 71.67 -111.76
CA LYS H 124 -17.10 72.61 -112.79
C LYS H 124 -17.85 73.93 -112.78
N GLY H 125 -18.97 74.04 -112.06
CA GLY H 125 -19.65 75.30 -111.89
C GLY H 125 -20.50 75.72 -113.08
N ALA H 126 -21.36 76.71 -112.86
CA ALA H 126 -22.22 77.32 -113.88
C ALA H 126 -23.12 76.29 -114.57
N LYS H 127 -23.57 75.28 -113.83
CA LYS H 127 -24.42 74.24 -114.38
C LYS H 127 -25.84 74.27 -113.82
N LEU H 128 -25.99 74.57 -112.53
CA LEU H 128 -27.29 74.71 -111.89
C LEU H 128 -27.74 76.17 -111.82
N THR H 129 -27.26 76.99 -112.78
CA THR H 129 -27.28 78.45 -112.85
C THR H 129 -28.53 79.17 -112.34
N PRO H 130 -29.76 78.86 -112.77
CA PRO H 130 -30.90 79.70 -112.36
C PRO H 130 -31.25 79.59 -110.88
N GLU H 131 -30.65 78.68 -110.13
CA GLU H 131 -30.76 78.68 -108.69
C GLU H 131 -29.48 79.13 -108.02
N GLU H 132 -28.32 78.65 -108.50
CA GLU H 132 -27.07 78.94 -107.80
C GLU H 132 -26.62 80.38 -108.00
N GLU H 133 -26.84 80.97 -109.17
CA GLU H 133 -26.40 82.35 -109.35
C GLU H 133 -27.23 83.31 -108.51
N GLU H 134 -28.54 83.06 -108.43
CA GLU H 134 -29.37 83.93 -107.60
C GLU H 134 -29.16 83.66 -106.11
N ILE H 135 -28.73 82.46 -105.73
CA ILE H 135 -28.49 82.19 -104.31
C ILE H 135 -27.08 82.62 -103.89
N LEU H 136 -26.17 82.83 -104.84
CA LEU H 136 -24.86 83.36 -104.52
C LEU H 136 -24.73 84.88 -104.65
N ASN H 137 -25.49 85.54 -105.53
CA ASN H 137 -25.15 86.92 -105.82
C ASN H 137 -26.05 87.95 -105.12
N LYS H 138 -27.37 87.85 -105.28
CA LYS H 138 -28.40 88.75 -104.73
C LYS H 138 -28.31 90.23 -105.15
N LYS H 139 -27.25 90.64 -105.84
CA LYS H 139 -26.92 92.05 -106.05
C LYS H 139 -27.13 92.87 -104.76
N ARG H 140 -26.47 92.43 -103.69
CA ARG H 140 -26.77 92.88 -102.35
C ARG H 140 -26.14 94.25 -102.05
N SER H 141 -26.52 94.83 -100.91
CA SER H 141 -26.10 96.17 -100.55
C SER H 141 -24.65 96.19 -100.09
N LYS H 142 -24.16 97.36 -99.69
CA LYS H 142 -22.72 97.53 -99.49
C LYS H 142 -22.25 96.98 -98.15
N LYS H 143 -22.84 97.43 -97.04
CA LYS H 143 -22.36 97.01 -95.72
C LYS H 143 -22.63 95.53 -95.47
N ILE H 144 -23.74 95.02 -96.00
CA ILE H 144 -24.00 93.60 -95.92
C ILE H 144 -23.00 92.81 -96.74
N GLN H 145 -22.58 93.35 -97.88
CA GLN H 145 -21.49 92.73 -98.63
C GLN H 145 -20.19 92.77 -97.83
N LYS H 146 -19.98 93.83 -97.05
CA LYS H 146 -18.80 93.92 -96.21
C LYS H 146 -18.80 92.84 -95.13
N LYS H 147 -19.94 92.63 -94.48
CA LYS H 147 -20.00 91.59 -93.45
C LYS H 147 -19.91 90.20 -94.08
N TYR H 148 -20.41 90.05 -95.31
CA TYR H 148 -20.26 88.79 -96.01
C TYR H 148 -18.81 88.53 -96.37
N ASP H 149 -18.06 89.58 -96.70
CA ASP H 149 -16.63 89.41 -96.96
C ASP H 149 -15.87 89.08 -95.69
N GLU H 150 -16.28 89.68 -94.56
CA GLU H 150 -15.70 89.34 -93.28
C GLU H 150 -15.95 87.88 -92.93
N ARG H 151 -17.11 87.36 -93.30
CA ARG H 151 -17.32 85.92 -93.20
C ARG H 151 -16.46 85.17 -94.20
N LYS H 152 -16.24 85.76 -95.38
CA LYS H 152 -15.54 85.08 -96.46
C LYS H 152 -14.09 84.81 -96.13
N LYS H 153 -13.46 85.70 -95.36
CA LYS H 153 -12.04 85.50 -95.08
C LYS H 153 -11.75 84.33 -94.15
N ASN H 154 -12.77 83.79 -93.49
CA ASN H 154 -12.60 82.68 -92.55
C ASN H 154 -13.48 81.51 -92.99
N ALA H 155 -13.54 81.27 -94.30
CA ALA H 155 -14.47 80.29 -94.86
C ALA H 155 -13.77 79.10 -95.46
N LYS H 156 -12.50 78.89 -95.16
CA LYS H 156 -11.77 77.76 -95.73
C LYS H 156 -12.20 76.46 -95.07
N ILE H 157 -12.39 75.42 -95.88
CA ILE H 157 -12.78 74.10 -95.43
C ILE H 157 -11.65 73.13 -95.79
N SER H 158 -11.42 72.14 -94.95
CA SER H 158 -10.34 71.18 -95.17
C SER H 158 -10.59 70.37 -96.44
N SER H 159 -9.51 69.78 -96.95
CA SER H 159 -9.59 69.12 -98.26
C SER H 159 -10.39 67.83 -98.21
N LEU H 160 -10.34 67.14 -97.07
CA LEU H 160 -11.11 65.90 -96.93
C LEU H 160 -12.61 66.18 -96.97
N LEU H 161 -13.04 67.22 -96.25
CA LEU H 161 -14.43 67.62 -96.31
C LEU H 161 -14.79 68.14 -97.69
N GLU H 162 -13.83 68.76 -98.37
CA GLU H 162 -14.08 69.27 -99.72
C GLU H 162 -14.36 68.14 -100.70
N GLU H 163 -13.54 67.10 -100.69
CA GLU H 163 -13.77 66.00 -101.62
C GLU H 163 -15.02 65.20 -101.23
N GLN H 164 -15.32 65.13 -99.93
CA GLN H 164 -16.57 64.49 -99.51
C GLN H 164 -17.78 65.27 -100.00
N PHE H 165 -17.71 66.61 -99.97
CA PHE H 165 -18.80 67.41 -100.48
C PHE H 165 -18.91 67.31 -102.00
N GLN H 166 -17.78 67.11 -102.69
CA GLN H 166 -17.84 66.81 -104.11
C GLN H 166 -18.58 65.50 -104.36
N GLN H 167 -18.33 64.49 -103.53
CA GLN H 167 -19.01 63.21 -103.72
C GLN H 167 -20.49 63.27 -103.35
N GLY H 168 -20.89 64.26 -102.55
CA GLY H 168 -22.27 64.39 -102.15
C GLY H 168 -22.65 63.68 -100.86
N LYS H 169 -21.74 62.88 -100.30
CA LYS H 169 -22.00 62.12 -99.09
C LYS H 169 -20.92 62.41 -98.06
N LEU H 170 -21.33 62.56 -96.80
CA LEU H 170 -20.41 62.85 -95.71
C LEU H 170 -20.35 61.67 -94.75
N LEU H 171 -19.18 61.47 -94.16
CA LEU H 171 -19.00 60.45 -93.14
C LEU H 171 -19.39 61.01 -91.78
N ALA H 172 -20.25 60.30 -91.08
CA ALA H 172 -20.73 60.73 -89.77
C ALA H 172 -20.62 59.60 -88.78
N CYS H 173 -20.78 59.92 -87.50
CA CYS H 173 -20.77 58.94 -86.44
C CYS H 173 -22.03 59.12 -85.61
N ILE H 174 -22.74 58.02 -85.35
CA ILE H 174 -23.90 58.07 -84.47
C ILE H 174 -23.45 58.43 -83.07
N ALA H 175 -24.27 59.18 -82.35
CA ALA H 175 -23.98 59.51 -80.97
C ALA H 175 -25.08 59.09 -80.01
N SER H 176 -26.28 58.85 -80.51
CA SER H 176 -27.37 58.35 -79.68
C SER H 176 -27.38 56.83 -79.73
N ARG H 177 -28.28 56.23 -78.96
CA ARG H 177 -28.45 54.79 -78.98
C ARG H 177 -29.83 54.51 -79.57
N PRO H 178 -29.91 54.15 -80.85
CA PRO H 178 -31.18 53.68 -81.40
C PRO H 178 -31.57 52.37 -80.73
N GLY H 179 -32.86 52.17 -80.55
CA GLY H 179 -33.32 51.07 -79.75
C GLY H 179 -33.49 51.38 -78.30
N GLN H 180 -32.92 52.47 -77.82
CA GLN H 180 -33.22 53.02 -76.51
C GLN H 180 -34.00 54.32 -76.59
N CYS H 181 -33.62 55.21 -77.50
CA CYS H 181 -34.28 56.49 -77.66
C CYS H 181 -35.08 56.60 -78.94
N GLY H 182 -34.87 55.71 -79.90
CA GLY H 182 -35.63 55.74 -81.13
C GLY H 182 -35.09 56.69 -82.17
N ARG H 183 -33.91 57.26 -81.96
CA ARG H 183 -33.34 58.24 -82.87
C ARG H 183 -31.91 57.85 -83.19
N ALA H 184 -31.43 58.30 -84.34
CA ALA H 184 -30.04 58.10 -84.75
C ALA H 184 -29.44 59.48 -85.05
N ASP H 185 -28.83 60.08 -84.04
CA ASP H 185 -28.24 61.39 -84.14
C ASP H 185 -26.74 61.29 -83.97
N GLY H 186 -26.03 62.32 -84.40
CA GLY H 186 -24.59 62.29 -84.28
C GLY H 186 -23.87 63.51 -84.79
N TYR H 187 -22.66 63.32 -85.29
CA TYR H 187 -21.83 64.43 -85.72
C TYR H 187 -21.06 64.02 -86.96
N VAL H 188 -20.61 65.02 -87.70
CA VAL H 188 -19.83 64.80 -88.91
C VAL H 188 -18.37 64.64 -88.53
N LEU H 189 -17.73 63.59 -89.03
CA LEU H 189 -16.34 63.34 -88.72
C LEU H 189 -15.43 64.39 -89.36
N GLU H 190 -14.51 64.93 -88.58
CA GLU H 190 -13.58 65.93 -89.08
C GLU H 190 -12.20 65.71 -88.48
N GLY H 191 -11.18 66.08 -89.24
CA GLY H 191 -9.85 66.17 -88.66
C GLY H 191 -9.18 64.82 -88.47
N LYS H 192 -8.61 64.63 -87.27
CA LYS H 192 -7.79 63.46 -87.01
C LYS H 192 -8.61 62.18 -87.03
N GLU H 193 -9.83 62.21 -86.50
CA GLU H 193 -10.64 61.00 -86.55
C GLU H 193 -11.19 60.75 -87.94
N LEU H 194 -11.39 61.79 -88.75
CA LEU H 194 -11.72 61.57 -90.15
C LEU H 194 -10.58 60.87 -90.87
N GLU H 195 -9.35 61.31 -90.63
CA GLU H 195 -8.20 60.62 -91.22
C GLU H 195 -8.09 59.19 -90.72
N PHE H 196 -8.31 58.98 -89.43
CA PHE H 196 -8.25 57.65 -88.82
C PHE H 196 -9.25 56.70 -89.46
N TYR H 197 -10.51 57.12 -89.57
CA TYR H 197 -11.53 56.23 -90.08
C TYR H 197 -11.42 56.06 -91.58
N LEU H 198 -10.97 57.09 -92.30
CA LEU H 198 -10.70 56.91 -93.72
C LEU H 198 -9.61 55.91 -93.96
N ARG H 199 -8.57 55.94 -93.13
CA ARG H 199 -7.49 54.96 -93.23
C ARG H 199 -8.00 53.56 -92.93
N LYS H 200 -8.90 53.42 -91.96
CA LYS H 200 -9.45 52.10 -91.64
C LYS H 200 -10.27 51.55 -92.80
N ILE H 201 -11.15 52.38 -93.37
CA ILE H 201 -12.00 51.94 -94.47
C ILE H 201 -11.17 51.62 -95.70
N LYS H 202 -10.10 52.38 -95.94
CA LYS H 202 -9.15 52.05 -96.98
C LYS H 202 -8.47 50.71 -96.70
N ALA H 203 -8.16 50.46 -95.43
CA ALA H 203 -7.39 49.27 -95.07
C ALA H 203 -8.20 47.99 -95.26
N ARG H 204 -9.50 48.01 -95.02
CA ARG H 204 -10.27 46.78 -95.27
C ARG H 204 -10.42 46.54 -96.76
N LYS H 205 -10.39 47.59 -97.57
CA LYS H 205 -10.37 47.44 -99.03
C LYS H 205 -8.99 46.97 -99.45
N GLY H 206 -8.86 45.69 -99.74
CA GLY H 206 -7.59 45.14 -100.18
C GLY H 206 -6.60 44.98 -99.04
N MET I 1 -50.70 -37.85 36.05
CA MET I 1 -50.23 -39.19 36.37
C MET I 1 -51.18 -39.81 37.40
N LEU I 2 -51.30 -41.14 37.41
CA LEU I 2 -52.33 -41.78 38.23
C LEU I 2 -52.13 -41.58 39.72
N MET I 3 -51.08 -42.14 40.30
CA MET I 3 -50.53 -41.75 41.61
C MET I 3 -51.61 -41.78 42.70
N PRO I 4 -51.99 -42.94 43.23
CA PRO I 4 -53.09 -43.00 44.19
C PRO I 4 -52.86 -42.11 45.40
N LYS I 5 -53.96 -41.54 45.92
CA LYS I 5 -53.92 -40.29 46.68
C LYS I 5 -53.00 -40.36 47.88
N LYS I 6 -52.90 -41.53 48.52
CA LYS I 6 -52.06 -41.65 49.71
C LYS I 6 -50.60 -41.40 49.40
N ASN I 7 -50.15 -41.75 48.20
CA ASN I 7 -48.78 -41.43 47.79
C ASN I 7 -48.60 -39.92 47.66
N ARG I 8 -49.57 -39.23 47.07
CA ARG I 8 -49.47 -37.78 46.90
C ARG I 8 -49.48 -37.08 48.26
N ILE I 9 -50.31 -37.55 49.18
CA ILE I 9 -50.32 -37.00 50.53
C ILE I 9 -48.98 -37.22 51.21
N ALA I 10 -48.39 -38.42 51.05
CA ALA I 10 -47.11 -38.71 51.66
C ALA I 10 -46.00 -37.82 51.11
N ILE I 11 -45.95 -37.65 49.78
CA ILE I 11 -44.93 -36.80 49.16
C ILE I 11 -45.09 -35.37 49.62
N TYR I 12 -46.33 -34.89 49.66
CA TYR I 12 -46.57 -33.50 50.04
C TYR I 12 -46.22 -33.25 51.49
N GLU I 13 -46.58 -34.17 52.39
CA GLU I 13 -46.28 -33.93 53.79
C GLU I 13 -44.79 -34.05 54.05
N LEU I 14 -44.09 -34.88 53.29
CA LEU I 14 -42.65 -34.94 53.49
C LEU I 14 -41.97 -33.70 52.94
N LEU I 15 -42.51 -33.13 51.86
CA LEU I 15 -42.02 -31.83 51.41
C LEU I 15 -42.38 -30.74 52.42
N PHE I 16 -43.42 -30.94 53.22
CA PHE I 16 -43.78 -29.90 54.17
C PHE I 16 -43.03 -30.00 55.50
N LYS I 17 -42.55 -31.19 55.87
CA LYS I 17 -41.84 -31.29 57.15
C LYS I 17 -40.52 -30.54 57.10
N GLU I 18 -39.75 -30.74 56.04
CA GLU I 18 -38.61 -29.88 55.74
C GLU I 18 -38.78 -29.42 54.31
N GLY I 19 -38.44 -28.17 54.04
CA GLY I 19 -38.89 -27.54 52.81
C GLY I 19 -38.17 -27.96 51.54
N VAL I 20 -37.56 -29.14 51.54
CA VAL I 20 -36.72 -29.59 50.45
C VAL I 20 -37.11 -31.01 50.04
N MET I 21 -36.76 -31.37 48.81
CA MET I 21 -37.07 -32.70 48.29
C MET I 21 -36.00 -33.03 47.26
N VAL I 22 -35.30 -34.15 47.44
CA VAL I 22 -33.99 -34.33 46.84
C VAL I 22 -33.99 -35.63 46.00
N ALA I 23 -35.09 -35.88 45.29
CA ALA I 23 -35.17 -37.12 44.52
C ALA I 23 -34.13 -37.20 43.40
N LYS I 24 -33.78 -38.44 43.05
CA LYS I 24 -32.75 -38.75 42.06
C LYS I 24 -33.39 -39.06 40.71
N LYS I 25 -32.76 -38.60 39.64
CA LYS I 25 -33.32 -38.79 38.29
C LYS I 25 -33.00 -40.19 37.78
N ASP I 26 -33.85 -41.12 38.16
CA ASP I 26 -34.09 -42.34 37.39
C ASP I 26 -35.50 -42.83 37.67
N VAL I 27 -36.18 -43.29 36.63
CA VAL I 27 -37.58 -43.66 36.80
C VAL I 27 -37.72 -45.10 37.23
N HIS I 28 -36.77 -45.96 36.92
CA HIS I 28 -36.85 -47.38 37.27
C HIS I 28 -36.29 -47.65 38.64
N MET I 29 -36.84 -47.02 39.68
CA MET I 29 -36.39 -47.30 41.03
C MET I 29 -37.63 -47.59 41.86
N PRO I 30 -37.73 -48.76 42.48
CA PRO I 30 -39.03 -49.18 43.04
C PRO I 30 -39.48 -48.37 44.24
N LYS I 31 -38.56 -47.80 45.00
CA LYS I 31 -38.93 -46.96 46.13
C LYS I 31 -38.05 -45.73 46.16
N HIS I 32 -38.61 -44.61 46.59
CA HIS I 32 -37.80 -43.48 46.99
C HIS I 32 -36.95 -43.91 48.20
N PRO I 33 -35.68 -43.50 48.26
CA PRO I 33 -34.78 -44.04 49.30
C PRO I 33 -35.24 -43.77 50.71
N GLU I 34 -35.87 -42.63 50.93
CA GLU I 34 -36.22 -42.22 52.28
C GLU I 34 -37.71 -42.17 52.56
N LEU I 35 -38.56 -42.25 51.55
CA LEU I 35 -39.94 -42.60 51.86
C LEU I 35 -39.99 -44.06 52.26
N ALA I 36 -39.78 -44.96 51.29
CA ALA I 36 -39.29 -46.33 51.48
C ALA I 36 -40.15 -47.23 52.36
N ASP I 37 -41.23 -46.72 52.93
CA ASP I 37 -42.16 -47.54 53.71
C ASP I 37 -43.60 -47.32 53.33
N LYS I 38 -43.90 -46.24 52.62
CA LYS I 38 -45.24 -45.94 52.17
C LYS I 38 -45.45 -46.35 50.72
N ASN I 39 -44.53 -47.16 50.18
CA ASN I 39 -44.62 -47.75 48.85
C ASN I 39 -44.68 -46.69 47.76
N VAL I 40 -43.76 -45.73 47.83
CA VAL I 40 -43.74 -44.61 46.89
C VAL I 40 -42.57 -44.82 45.94
N PRO I 41 -42.80 -45.13 44.68
CA PRO I 41 -41.69 -45.21 43.73
C PRO I 41 -41.18 -43.82 43.36
N ASN I 42 -39.96 -43.82 42.80
CA ASN I 42 -39.27 -42.58 42.51
C ASN I 42 -39.97 -41.78 41.42
N LEU I 43 -40.62 -42.47 40.48
CA LEU I 43 -41.32 -41.82 39.37
C LEU I 43 -42.44 -40.92 39.87
N HIS I 44 -43.17 -41.38 40.89
CA HIS I 44 -44.23 -40.57 41.48
C HIS I 44 -43.68 -39.28 42.08
N VAL I 45 -42.55 -39.36 42.78
CA VAL I 45 -41.96 -38.18 43.38
C VAL I 45 -41.53 -37.19 42.30
N MET I 46 -40.88 -37.72 41.25
CA MET I 46 -40.43 -36.89 40.13
C MET I 46 -41.60 -36.15 39.48
N LYS I 47 -42.67 -36.86 39.16
CA LYS I 47 -43.77 -36.23 38.43
C LYS I 47 -44.61 -35.32 39.32
N ALA I 48 -44.77 -35.66 40.60
CA ALA I 48 -45.48 -34.78 41.52
C ALA I 48 -44.73 -33.47 41.71
N MET I 49 -43.41 -33.54 41.87
CA MET I 49 -42.64 -32.32 42.03
C MET I 49 -42.58 -31.53 40.72
N GLN I 50 -42.66 -32.21 39.58
CA GLN I 50 -42.74 -31.50 38.31
C GLN I 50 -44.03 -30.71 38.20
N SER I 51 -45.14 -31.30 38.64
CA SER I 51 -46.41 -30.57 38.67
C SER I 51 -46.33 -29.37 39.61
N LEU I 52 -45.68 -29.57 40.76
CA LEU I 52 -45.50 -28.47 41.70
C LEU I 52 -44.68 -27.34 41.09
N LYS I 53 -43.66 -27.68 40.30
CA LYS I 53 -42.88 -26.66 39.61
C LYS I 53 -43.72 -25.93 38.58
N SER I 54 -44.55 -26.66 37.85
CA SER I 54 -45.35 -26.05 36.80
C SER I 54 -46.34 -25.04 37.37
N ARG I 55 -46.93 -25.34 38.54
CA ARG I 55 -47.73 -24.30 39.16
C ARG I 55 -46.90 -23.20 39.82
N GLY I 56 -45.59 -23.35 39.89
CA GLY I 56 -44.75 -22.32 40.47
C GLY I 56 -44.62 -22.36 41.97
N TYR I 57 -45.04 -23.44 42.61
CA TYR I 57 -44.93 -23.57 44.04
C TYR I 57 -43.56 -24.05 44.50
N VAL I 58 -42.74 -24.57 43.60
CA VAL I 58 -41.45 -25.17 43.95
C VAL I 58 -40.43 -24.73 42.91
N LYS I 59 -39.25 -24.30 43.37
CA LYS I 59 -38.12 -24.03 42.50
C LYS I 59 -37.20 -25.25 42.49
N GLU I 60 -36.69 -25.60 41.31
CA GLU I 60 -35.79 -26.74 41.22
C GLU I 60 -34.41 -26.33 40.73
N GLN I 61 -33.45 -27.19 41.03
CA GLN I 61 -32.10 -27.16 40.51
C GLN I 61 -31.71 -28.58 40.16
N PHE I 62 -30.73 -28.73 39.28
CA PHE I 62 -30.30 -30.05 38.83
C PHE I 62 -28.78 -30.15 38.92
N ALA I 63 -28.30 -31.07 39.75
CA ALA I 63 -26.90 -31.44 39.83
C ALA I 63 -26.54 -32.42 38.73
N TRP I 64 -25.44 -33.15 38.93
CA TRP I 64 -25.03 -34.23 38.06
C TRP I 64 -26.18 -35.15 37.64
N ARG I 65 -26.78 -35.84 38.60
CA ARG I 65 -27.90 -36.73 38.28
C ARG I 65 -29.04 -36.62 39.28
N HIS I 66 -29.10 -35.55 40.05
CA HIS I 66 -30.05 -35.43 41.14
C HIS I 66 -30.88 -34.17 40.97
N PHE I 67 -32.14 -34.27 41.36
CA PHE I 67 -33.01 -33.11 41.45
C PHE I 67 -32.94 -32.53 42.84
N TYR I 68 -33.05 -31.22 42.95
CA TYR I 68 -33.23 -30.55 44.22
C TYR I 68 -34.46 -29.68 44.11
N TRP I 69 -35.22 -29.58 45.19
CA TRP I 69 -36.45 -28.83 45.15
C TRP I 69 -36.55 -27.99 46.41
N TYR I 70 -36.98 -26.74 46.25
CA TYR I 70 -37.20 -25.83 47.37
C TYR I 70 -38.64 -25.38 47.36
N LEU I 71 -39.22 -25.27 48.55
CA LEU I 71 -40.62 -24.91 48.65
C LEU I 71 -40.75 -23.40 48.84
N THR I 72 -41.42 -22.74 47.90
CA THR I 72 -41.60 -21.30 47.93
C THR I 72 -42.76 -20.92 48.84
N ASN I 73 -42.95 -19.60 49.00
CA ASN I 73 -44.00 -19.12 49.90
C ASN I 73 -45.39 -19.42 49.36
N GLU I 74 -45.56 -19.29 48.04
CA GLU I 74 -46.81 -19.77 47.43
C GLU I 74 -46.96 -21.26 47.62
N GLY I 75 -45.84 -21.99 47.62
CA GLY I 75 -45.89 -23.39 47.96
C GLY I 75 -46.30 -23.63 49.40
N ILE I 76 -45.84 -22.77 50.31
CA ILE I 76 -46.28 -22.86 51.71
C ILE I 76 -47.77 -22.71 51.80
N GLN I 77 -48.31 -21.69 51.13
CA GLN I 77 -49.74 -21.44 51.16
C GLN I 77 -50.54 -22.57 50.53
N TYR I 78 -50.06 -23.09 49.39
CA TYR I 78 -50.80 -24.14 48.70
C TYR I 78 -50.77 -25.44 49.48
N LEU I 79 -49.62 -25.81 50.05
CA LEU I 79 -49.54 -27.03 50.82
C LEU I 79 -50.34 -26.90 52.11
N ARG I 80 -50.35 -25.70 52.68
CA ARG I 80 -51.17 -25.43 53.86
C ARG I 80 -52.65 -25.61 53.56
N ASP I 81 -53.09 -25.14 52.40
CA ASP I 81 -54.49 -25.29 52.02
C ASP I 81 -54.82 -26.72 51.62
N TYR I 82 -53.86 -27.44 51.03
CA TYR I 82 -54.12 -28.79 50.57
C TYR I 82 -54.17 -29.77 51.74
N LEU I 83 -53.28 -29.61 52.71
CA LEU I 83 -53.22 -30.54 53.83
C LEU I 83 -54.22 -30.21 54.93
N HIS I 84 -54.96 -29.11 54.79
CA HIS I 84 -55.95 -28.63 55.76
C HIS I 84 -55.34 -28.39 57.14
N LEU I 85 -54.06 -28.07 57.19
CA LEU I 85 -53.36 -27.82 58.43
C LEU I 85 -53.51 -26.37 58.87
N PRO I 86 -53.46 -26.10 60.18
CA PRO I 86 -53.70 -24.74 60.66
C PRO I 86 -52.57 -23.82 60.27
N PRO I 87 -52.85 -22.52 60.04
CA PRO I 87 -51.84 -21.59 59.52
C PRO I 87 -50.92 -21.00 60.59
N GLU I 88 -50.32 -21.87 61.39
CA GLU I 88 -49.25 -21.46 62.29
C GLU I 88 -48.07 -22.41 62.32
N ILE I 89 -48.19 -23.61 61.77
CA ILE I 89 -47.06 -24.53 61.71
C ILE I 89 -46.32 -24.31 60.40
N VAL I 90 -45.01 -24.49 60.46
CA VAL I 90 -44.11 -24.08 59.38
C VAL I 90 -43.18 -25.25 59.06
N PRO I 91 -42.62 -25.29 57.86
CA PRO I 91 -41.57 -26.27 57.58
C PRO I 91 -40.31 -25.96 58.38
N ALA I 92 -39.42 -26.96 58.43
CA ALA I 92 -38.24 -26.88 59.27
C ALA I 92 -37.30 -25.76 58.82
N THR I 93 -37.13 -25.59 57.51
CA THR I 93 -36.20 -24.58 57.02
C THR I 93 -36.65 -23.16 57.35
N LEU I 94 -37.93 -22.95 57.61
CA LEU I 94 -38.40 -21.61 57.94
C LEU I 94 -37.92 -21.18 59.33
N ARG I 95 -38.08 -22.04 60.33
CA ARG I 95 -37.50 -21.76 61.65
C ARG I 95 -37.32 -23.06 62.42
N ARG I 96 -36.08 -23.43 62.72
CA ARG I 96 -35.79 -24.42 63.75
C ARG I 96 -34.85 -23.90 64.83
N SER I 97 -33.91 -23.05 64.48
CA SER I 97 -32.90 -22.58 65.42
C SER I 97 -32.79 -21.06 65.36
N ARG I 98 -32.00 -20.50 66.27
CA ARG I 98 -31.81 -19.06 66.36
C ARG I 98 -31.02 -18.56 65.15
N ALA J 1 2.94 52.41 -79.00
CA ALA J 1 3.70 53.57 -79.45
C ALA J 1 2.80 54.79 -79.51
N ASP J 2 1.89 54.79 -80.48
CA ASP J 2 0.87 55.82 -80.57
C ASP J 2 -0.27 55.44 -79.64
N ILE J 3 -1.24 56.34 -79.48
CA ILE J 3 -2.37 56.07 -78.60
C ILE J 3 -3.55 55.46 -79.34
N GLN J 4 -3.59 55.55 -80.66
CA GLN J 4 -4.69 55.03 -81.46
C GLN J 4 -4.32 53.63 -81.93
N THR J 5 -4.44 52.67 -81.02
CA THR J 5 -4.15 51.27 -81.29
C THR J 5 -5.39 50.39 -81.29
N GLU J 6 -6.57 50.96 -81.14
CA GLU J 6 -7.80 50.20 -81.08
C GLU J 6 -8.52 50.26 -82.43
N ARG J 7 -9.67 49.60 -82.50
CA ARG J 7 -10.49 49.66 -83.69
C ARG J 7 -11.30 50.96 -83.75
N ALA J 8 -11.54 51.60 -82.63
CA ALA J 8 -12.26 52.85 -82.57
C ALA J 8 -11.32 53.98 -82.16
N TYR J 9 -11.65 55.19 -82.58
CA TYR J 9 -10.82 56.34 -82.29
C TYR J 9 -10.88 56.67 -80.81
N GLN J 10 -9.71 56.78 -80.18
CA GLN J 10 -9.62 57.02 -78.75
C GLN J 10 -9.51 58.51 -78.49
N LYS J 11 -10.43 59.07 -77.72
CA LYS J 11 -10.39 60.48 -77.42
C LYS J 11 -11.08 60.75 -76.10
N GLN J 12 -10.72 61.84 -75.48
CA GLN J 12 -11.41 62.30 -74.29
C GLN J 12 -12.75 62.91 -74.71
N PRO J 13 -13.86 62.47 -74.11
CA PRO J 13 -15.17 62.87 -74.62
C PRO J 13 -15.51 64.33 -74.47
N THR J 14 -14.81 65.06 -73.60
CA THR J 14 -15.15 66.45 -73.32
C THR J 14 -14.19 67.44 -73.94
N ILE J 15 -13.42 67.01 -74.93
CA ILE J 15 -12.49 67.88 -75.64
C ILE J 15 -12.87 67.88 -77.10
N PHE J 16 -13.18 69.06 -77.64
CA PHE J 16 -13.50 69.21 -79.04
C PHE J 16 -12.21 69.53 -79.79
N GLN J 17 -11.76 68.61 -80.64
CA GLN J 17 -10.47 68.77 -81.29
C GLN J 17 -10.54 69.60 -82.56
N ASN J 18 -11.66 69.61 -83.24
CA ASN J 18 -11.77 70.23 -84.55
C ASN J 18 -12.29 71.66 -84.42
N LYS J 19 -11.53 72.47 -83.69
CA LYS J 19 -11.96 73.84 -83.39
C LYS J 19 -11.49 74.84 -84.45
N LYS J 20 -11.84 74.57 -85.71
CA LYS J 20 -11.66 75.50 -86.83
C LYS J 20 -10.21 75.97 -86.96
N ARG J 21 -9.32 75.01 -87.14
CA ARG J 21 -7.89 75.32 -87.24
C ARG J 21 -7.63 76.00 -88.58
N VAL J 22 -7.29 77.29 -88.52
CA VAL J 22 -7.17 78.11 -89.72
C VAL J 22 -5.77 78.69 -89.80
N LEU J 23 -5.52 79.51 -90.82
CA LEU J 23 -4.17 79.94 -91.18
C LEU J 23 -3.52 80.77 -90.08
N LEU J 24 -4.31 81.44 -89.22
CA LEU J 24 -3.76 82.23 -88.13
C LEU J 24 -3.05 81.38 -87.09
N GLY J 25 -3.33 80.08 -87.02
CA GLY J 25 -2.59 79.19 -86.17
C GLY J 25 -1.34 78.66 -86.84
N GLU J 26 -0.51 78.00 -86.05
CA GLU J 26 0.75 77.44 -86.52
C GLU J 26 0.59 75.95 -86.82
N THR J 27 1.23 75.49 -87.89
CA THR J 27 1.09 74.11 -88.37
C THR J 27 2.51 73.47 -88.48
N GLY J 28 3.31 73.49 -87.41
CA GLY J 28 2.88 73.58 -86.03
C GLY J 28 3.71 74.56 -85.21
N LYS J 29 3.84 74.32 -83.90
CA LYS J 29 3.33 73.13 -83.24
C LYS J 29 1.97 73.36 -82.58
N GLU J 30 1.04 72.46 -82.83
CA GLU J 30 -0.24 72.44 -82.16
C GLU J 30 -0.30 71.27 -81.17
N LYS J 31 -0.91 71.50 -80.02
CA LYS J 31 -1.13 70.46 -79.03
C LYS J 31 -2.58 70.53 -78.59
N LEU J 32 -3.31 69.43 -78.79
CA LEU J 32 -4.73 69.41 -78.48
C LEU J 32 -4.94 69.51 -76.96
N PRO J 33 -5.98 70.22 -76.54
CA PRO J 33 -6.18 70.47 -75.11
C PRO J 33 -6.51 69.20 -74.34
N ARG J 34 -6.13 69.19 -73.08
CA ARG J 34 -6.20 68.00 -72.24
C ARG J 34 -7.20 68.25 -71.12
N TYR J 35 -8.16 67.34 -70.98
CA TYR J 35 -9.10 67.42 -69.87
C TYR J 35 -8.51 66.66 -68.68
N TYR J 36 -8.44 67.34 -67.54
CA TYR J 36 -8.09 66.69 -66.30
C TYR J 36 -8.88 67.36 -65.19
N LYS J 37 -9.02 66.65 -64.09
CA LYS J 37 -9.74 67.19 -62.93
C LYS J 37 -8.94 66.94 -61.67
N ASN J 38 -9.24 67.75 -60.68
CA ASN J 38 -8.68 67.61 -59.34
C ASN J 38 -9.66 66.75 -58.55
N ILE J 39 -9.24 65.55 -58.18
CA ILE J 39 -10.04 64.80 -57.22
C ILE J 39 -9.79 65.38 -55.83
N GLY J 40 -10.77 65.26 -54.96
CA GLY J 40 -10.68 65.87 -53.65
C GLY J 40 -9.77 65.12 -52.72
N LEU J 41 -10.03 65.31 -51.42
CA LEU J 41 -9.38 64.59 -50.34
C LEU J 41 -7.86 64.80 -50.30
N GLY J 42 -7.40 65.93 -50.82
CA GLY J 42 -6.00 66.29 -50.75
C GLY J 42 -5.05 65.43 -51.55
N PHE J 43 -5.48 64.91 -52.69
CA PHE J 43 -4.64 64.09 -53.54
C PHE J 43 -4.23 64.91 -54.75
N LYS J 44 -2.93 65.05 -54.95
CA LYS J 44 -2.41 65.86 -56.05
C LYS J 44 -2.59 65.13 -57.38
N THR J 45 -2.87 65.90 -58.43
CA THR J 45 -2.89 65.36 -59.77
C THR J 45 -1.46 65.23 -60.27
N PRO J 46 -1.01 64.04 -60.65
CA PRO J 46 0.36 63.89 -61.16
C PRO J 46 0.54 64.62 -62.48
N LYS J 47 1.77 65.10 -62.70
CA LYS J 47 2.07 65.91 -63.87
C LYS J 47 2.00 65.09 -65.16
N GLU J 48 2.27 63.78 -65.06
CA GLU J 48 2.11 62.90 -66.21
C GLU J 48 0.65 62.83 -66.66
N ALA J 49 -0.29 63.03 -65.75
CA ALA J 49 -1.68 63.15 -66.17
C ALA J 49 -1.98 64.50 -66.80
N ILE J 50 -1.19 65.53 -66.45
CA ILE J 50 -1.45 66.86 -66.99
C ILE J 50 -1.00 66.96 -68.43
N GLU J 51 0.25 66.58 -68.73
CA GLU J 51 0.70 66.65 -70.11
C GLU J 51 1.01 65.29 -70.73
N GLY J 52 0.40 64.23 -70.23
CA GLY J 52 0.45 62.98 -70.96
C GLY J 52 -0.49 63.02 -72.13
N THR J 53 -0.42 61.98 -72.96
CA THR J 53 -1.29 61.88 -74.11
C THR J 53 -2.11 60.60 -74.10
N TYR J 54 -2.10 59.85 -73.00
CA TYR J 54 -2.86 58.62 -72.94
C TYR J 54 -4.36 58.93 -72.88
N ILE J 55 -5.15 57.96 -73.30
CA ILE J 55 -6.60 57.99 -73.14
C ILE J 55 -6.96 56.82 -72.24
N ASP J 56 -7.60 57.13 -71.12
CA ASP J 56 -8.02 56.13 -70.16
C ASP J 56 -9.33 56.62 -69.56
N LYS J 57 -10.43 55.93 -69.86
CA LYS J 57 -11.73 56.36 -69.37
C LYS J 57 -11.99 55.93 -67.94
N LYS J 58 -11.11 55.16 -67.34
CA LYS J 58 -11.22 54.79 -65.94
C LYS J 58 -10.15 55.43 -65.08
N CYS J 59 -9.38 56.36 -65.65
CA CYS J 59 -8.38 57.07 -64.87
C CYS J 59 -9.08 58.06 -63.95
N PRO J 60 -8.67 58.14 -62.68
CA PRO J 60 -9.33 59.08 -61.77
C PRO J 60 -9.05 60.54 -62.09
N PHE J 61 -8.04 60.85 -62.90
CA PHE J 61 -7.70 62.23 -63.18
C PHE J 61 -8.15 62.69 -64.55
N THR J 62 -8.13 61.82 -65.55
CA THR J 62 -8.52 62.19 -66.90
C THR J 62 -9.70 61.39 -67.42
N GLY J 63 -10.42 60.70 -66.53
CA GLY J 63 -11.52 59.88 -66.98
C GLY J 63 -12.85 60.25 -66.36
N ASN J 64 -13.73 59.27 -66.27
CA ASN J 64 -15.10 59.52 -65.82
C ASN J 64 -15.42 58.70 -64.58
N VAL J 65 -14.48 58.61 -63.65
CA VAL J 65 -14.78 57.99 -62.37
C VAL J 65 -14.67 59.05 -61.29
N SER J 66 -15.38 58.84 -60.20
CA SER J 66 -15.39 59.76 -59.07
C SER J 66 -15.13 58.96 -57.80
N ILE J 67 -14.21 59.46 -56.98
CA ILE J 67 -13.76 58.71 -55.81
C ILE J 67 -14.65 59.07 -54.63
N ARG J 68 -15.25 58.07 -54.02
CA ARG J 68 -16.15 58.26 -52.89
C ARG J 68 -16.26 56.94 -52.16
N GLY J 69 -16.37 57.01 -50.85
CA GLY J 69 -16.41 55.80 -50.05
C GLY J 69 -15.18 55.62 -49.20
N ARG J 70 -14.44 54.55 -49.44
CA ARG J 70 -13.34 54.17 -48.57
C ARG J 70 -12.00 54.39 -49.25
N ILE J 71 -11.01 54.78 -48.44
CA ILE J 71 -9.64 54.94 -48.88
C ILE J 71 -8.80 53.89 -48.16
N LEU J 72 -8.18 53.00 -48.92
CA LEU J 72 -7.45 51.87 -48.38
C LEU J 72 -6.02 51.89 -48.88
N SER J 73 -5.26 50.86 -48.51
CA SER J 73 -3.86 50.76 -48.88
C SER J 73 -3.49 49.29 -49.02
N GLY J 74 -2.38 49.04 -49.71
CA GLY J 74 -1.93 47.67 -49.93
C GLY J 74 -0.60 47.68 -50.64
N VAL J 75 -0.13 46.47 -50.94
CA VAL J 75 1.19 46.23 -51.51
C VAL J 75 1.03 45.52 -52.85
N VAL J 76 1.68 46.04 -53.89
CA VAL J 76 1.57 45.46 -55.23
C VAL J 76 2.20 44.08 -55.27
N THR J 77 1.47 43.11 -55.82
CA THR J 77 1.98 41.76 -55.98
C THR J 77 2.00 41.25 -57.40
N LYS J 78 1.08 41.69 -58.26
CA LYS J 78 1.09 41.28 -59.66
C LYS J 78 0.86 42.49 -60.55
N MET J 79 1.57 42.52 -61.68
CA MET J 79 1.41 43.60 -62.63
C MET J 79 1.22 43.06 -64.04
N LYS J 80 0.58 41.91 -64.16
CA LYS J 80 0.02 41.45 -65.43
C LYS J 80 -1.32 42.09 -65.63
N MET J 81 -2.09 41.64 -66.63
CA MET J 81 -3.52 41.97 -66.77
C MET J 81 -3.70 43.48 -66.96
N GLN J 82 -3.42 43.89 -68.19
CA GLN J 82 -3.21 45.26 -68.64
C GLN J 82 -4.13 46.30 -67.99
N ARG J 83 -3.51 47.39 -67.53
CA ARG J 83 -4.15 48.52 -66.85
C ARG J 83 -4.83 48.12 -65.54
N THR J 84 -4.39 47.03 -64.93
CA THR J 84 -5.00 46.53 -63.70
C THR J 84 -3.91 45.79 -62.94
N ILE J 85 -3.84 45.99 -61.64
CA ILE J 85 -2.83 45.31 -60.83
C ILE J 85 -3.52 44.64 -59.66
N VAL J 86 -2.83 43.70 -59.05
CA VAL J 86 -3.31 43.00 -57.87
C VAL J 86 -2.48 43.46 -56.69
N ILE J 87 -3.15 43.91 -55.63
CA ILE J 87 -2.49 44.32 -54.41
C ILE J 87 -2.91 43.37 -53.31
N ARG J 88 -2.08 43.30 -52.27
CA ARG J 88 -2.31 42.42 -51.14
C ARG J 88 -2.44 43.25 -49.87
N ARG J 89 -3.47 42.99 -49.08
CA ARG J 89 -3.73 43.71 -47.85
C ARG J 89 -3.66 42.75 -46.67
N ASP J 90 -2.59 42.83 -45.89
CA ASP J 90 -2.41 42.02 -44.70
C ASP J 90 -3.04 42.68 -43.49
N TYR J 91 -3.57 41.86 -42.59
CA TYR J 91 -4.18 42.35 -41.37
C TYR J 91 -4.22 41.21 -40.35
N LEU J 92 -4.44 41.57 -39.10
CA LEU J 92 -4.51 40.63 -38.00
C LEU J 92 -5.95 40.48 -37.55
N HIS J 93 -6.41 39.25 -37.40
CA HIS J 93 -7.77 38.96 -36.97
C HIS J 93 -7.76 38.46 -35.53
N TYR J 94 -8.54 39.11 -34.68
CA TYR J 94 -8.57 38.79 -33.27
C TYR J 94 -9.48 37.60 -33.02
N ILE J 95 -9.00 36.64 -32.25
CA ILE J 95 -9.77 35.47 -31.87
C ILE J 95 -9.94 35.52 -30.36
N ARG J 96 -11.18 35.51 -29.89
CA ARG J 96 -11.47 35.89 -28.52
C ARG J 96 -11.06 34.80 -27.53
N LYS J 97 -11.31 33.52 -27.86
CA LYS J 97 -11.14 32.44 -26.90
C LYS J 97 -9.69 32.29 -26.48
N TYR J 98 -8.79 32.31 -27.46
CA TYR J 98 -7.37 32.22 -27.20
C TYR J 98 -6.74 33.57 -26.98
N ASN J 99 -7.55 34.63 -27.05
CA ASN J 99 -7.22 36.05 -26.93
C ASN J 99 -5.86 36.39 -27.53
N ARG J 100 -5.72 35.96 -28.78
CA ARG J 100 -4.56 36.15 -29.62
C ARG J 100 -5.05 36.52 -31.01
N PHE J 101 -4.11 36.74 -31.92
CA PHE J 101 -4.41 37.13 -33.27
C PHE J 101 -3.99 36.04 -34.25
N GLU J 102 -4.52 36.13 -35.45
CA GLU J 102 -4.03 35.33 -36.56
C GLU J 102 -3.92 36.23 -37.77
N LYS J 103 -3.03 35.86 -38.68
CA LYS J 103 -2.68 36.71 -39.79
C LYS J 103 -3.49 36.31 -41.01
N ARG J 104 -4.23 37.27 -41.55
CA ARG J 104 -5.07 37.06 -42.71
C ARG J 104 -4.64 38.03 -43.80
N HIS J 105 -5.19 37.85 -44.98
CA HIS J 105 -4.88 38.71 -46.11
C HIS J 105 -6.02 38.64 -47.10
N LYS J 106 -6.16 39.69 -47.89
CA LYS J 106 -7.12 39.71 -48.98
C LYS J 106 -6.50 40.39 -50.19
N ASN J 107 -6.73 39.82 -51.36
CA ASN J 107 -6.37 40.46 -52.61
C ASN J 107 -7.55 41.26 -53.13
N MET J 108 -7.28 42.44 -53.67
CA MET J 108 -8.25 43.10 -54.53
C MET J 108 -7.57 43.61 -55.79
N SER J 109 -8.28 43.50 -56.91
CA SER J 109 -7.82 44.04 -58.16
C SER J 109 -8.19 45.51 -58.25
N VAL J 110 -7.24 46.34 -58.63
CA VAL J 110 -7.45 47.77 -58.70
C VAL J 110 -7.00 48.27 -60.06
N HIS J 111 -7.57 49.38 -60.48
CA HIS J 111 -7.24 49.98 -61.75
C HIS J 111 -6.05 50.89 -61.58
N LEU J 112 -5.03 50.68 -62.40
CA LEU J 112 -3.80 51.48 -62.36
C LEU J 112 -3.75 52.31 -63.61
N SER J 113 -3.94 53.62 -63.46
CA SER J 113 -3.89 54.53 -64.59
C SER J 113 -2.46 54.69 -65.09
N PRO J 114 -2.26 54.97 -66.38
CA PRO J 114 -0.90 55.12 -66.90
C PRO J 114 -0.23 56.44 -66.54
N CYS J 115 -0.82 57.23 -65.65
CA CYS J 115 -0.10 58.36 -65.08
C CYS J 115 0.91 57.93 -64.03
N PHE J 116 0.86 56.68 -63.58
CA PHE J 116 1.87 56.11 -62.71
C PHE J 116 2.74 55.18 -63.55
N ARG J 117 3.95 55.62 -63.86
CA ARG J 117 4.77 54.92 -64.83
C ARG J 117 5.71 53.91 -64.20
N ASP J 118 6.51 54.34 -63.22
CA ASP J 118 7.47 53.45 -62.57
C ASP J 118 6.79 52.90 -61.33
N VAL J 119 6.02 51.84 -61.54
CA VAL J 119 5.40 51.06 -60.47
C VAL J 119 6.02 49.67 -60.49
N GLN J 120 6.44 49.18 -59.33
CA GLN J 120 7.11 47.90 -59.21
C GLN J 120 6.41 47.04 -58.17
N ILE J 121 6.76 45.75 -58.17
CA ILE J 121 6.30 44.85 -57.13
C ILE J 121 6.92 45.27 -55.81
N GLY J 122 6.10 45.30 -54.76
CA GLY J 122 6.54 45.71 -53.46
C GLY J 122 6.21 47.14 -53.12
N ASP J 123 5.71 47.91 -54.07
CA ASP J 123 5.33 49.29 -53.81
C ASP J 123 4.02 49.34 -53.05
N ILE J 124 3.86 50.40 -52.26
CA ILE J 124 2.65 50.64 -51.48
C ILE J 124 1.81 51.65 -52.23
N VAL J 125 0.55 51.31 -52.47
CA VAL J 125 -0.36 52.18 -53.20
C VAL J 125 -1.52 52.57 -52.30
N THR J 126 -2.07 53.74 -52.58
CA THR J 126 -3.30 54.19 -51.95
C THR J 126 -4.42 54.05 -52.97
N VAL J 127 -5.52 53.46 -52.57
CA VAL J 127 -6.64 53.21 -53.47
C VAL J 127 -7.87 53.92 -52.93
N GLY J 128 -8.73 54.36 -53.85
CA GLY J 128 -9.99 54.97 -53.48
C GLY J 128 -11.13 54.22 -54.14
N GLU J 129 -12.24 54.13 -53.43
CA GLU J 129 -13.39 53.41 -53.93
C GLU J 129 -14.10 54.21 -55.00
N CYS J 130 -14.45 53.53 -56.08
CA CYS J 130 -15.24 54.12 -57.14
C CYS J 130 -16.40 53.18 -57.45
N ARG J 131 -17.16 53.50 -58.48
CA ARG J 131 -18.20 52.60 -58.96
C ARG J 131 -17.56 51.33 -59.53
N PRO J 132 -18.33 50.25 -59.66
CA PRO J 132 -17.77 49.03 -60.29
C PRO J 132 -17.28 49.30 -61.70
N LEU J 133 -16.01 48.98 -61.94
CA LEU J 133 -15.38 49.19 -63.23
C LEU J 133 -15.29 47.91 -64.06
N SER J 134 -15.42 46.76 -63.43
CA SER J 134 -15.42 45.47 -64.10
C SER J 134 -16.07 44.51 -63.15
N LYS J 135 -15.96 43.21 -63.45
CA LYS J 135 -16.56 42.19 -62.61
C LYS J 135 -15.98 42.22 -61.19
N THR J 136 -14.68 42.49 -61.05
CA THR J 136 -14.03 42.40 -59.76
C THR J 136 -13.33 43.68 -59.31
N VAL J 137 -13.23 44.69 -60.16
CA VAL J 137 -12.51 45.91 -59.83
C VAL J 137 -13.48 46.94 -59.29
N ARG J 138 -13.22 47.42 -58.08
CA ARG J 138 -14.01 48.48 -57.48
C ARG J 138 -13.17 49.62 -56.94
N PHE J 139 -11.86 49.50 -56.94
CA PHE J 139 -10.99 50.52 -56.43
C PHE J 139 -10.07 51.01 -57.54
N ASN J 140 -9.45 52.15 -57.31
CA ASN J 140 -8.69 52.84 -58.33
C ASN J 140 -7.46 53.42 -57.65
N VAL J 141 -6.29 53.34 -58.28
CA VAL J 141 -5.07 53.77 -57.62
C VAL J 141 -4.97 55.28 -57.65
N LEU J 142 -4.70 55.87 -56.50
CA LEU J 142 -4.57 57.30 -56.33
C LEU J 142 -3.15 57.78 -56.09
N LYS J 143 -2.31 56.99 -55.43
CA LYS J 143 -0.96 57.43 -55.09
C LYS J 143 -0.07 56.21 -54.93
N VAL J 144 1.15 56.29 -55.45
CA VAL J 144 2.10 55.19 -55.41
C VAL J 144 3.29 55.60 -54.57
N THR J 145 3.64 54.77 -53.58
CA THR J 145 4.79 55.00 -52.72
C THR J 145 5.80 53.90 -52.92
N LYS J 146 7.05 54.27 -53.21
CA LYS J 146 8.09 53.29 -53.39
C LYS J 146 8.49 52.70 -52.04
N ALA J 147 9.06 51.50 -52.07
CA ALA J 147 9.46 50.80 -50.86
C ALA J 147 10.94 50.43 -50.95
N ALA J 148 11.76 51.07 -50.09
CA ALA J 148 13.17 50.75 -49.85
C ALA J 148 14.02 50.82 -51.10
N GLY J 149 13.60 51.58 -52.10
CA GLY J 149 14.28 51.57 -53.38
C GLY J 149 14.97 52.87 -53.71
N THR J 150 14.66 53.40 -54.91
CA THR J 150 15.09 54.68 -55.49
C THR J 150 16.58 54.63 -55.87
N LYS J 151 17.26 53.53 -55.53
CA LYS J 151 18.68 53.35 -55.83
C LYS J 151 18.88 51.96 -56.40
N LYS J 152 19.54 51.86 -57.55
CA LYS J 152 19.63 50.61 -58.29
C LYS J 152 21.07 50.30 -58.67
N GLN J 153 21.27 49.12 -59.23
CA GLN J 153 22.59 48.70 -59.69
C GLN J 153 22.54 48.17 -61.13
N ARG K 1 -32.38 -96.18 3.78
CA ARG K 1 -33.78 -96.52 3.68
C ARG K 1 -34.00 -98.02 3.87
N THR K 2 -32.89 -98.77 3.89
CA THR K 2 -32.97 -100.21 4.12
C THR K 2 -33.38 -100.52 5.55
N PHE K 3 -32.76 -99.83 6.51
CA PHE K 3 -33.03 -100.02 7.93
C PHE K 3 -33.81 -98.84 8.47
N ARG K 4 -34.58 -99.09 9.52
CA ARG K 4 -35.50 -98.10 10.09
C ARG K 4 -35.17 -97.83 11.55
N LYS K 5 -33.89 -97.80 11.87
CA LYS K 5 -33.44 -97.61 13.24
C LYS K 5 -32.97 -96.18 13.43
N PHE K 6 -33.38 -95.54 14.52
CA PHE K 6 -32.96 -94.18 14.77
C PHE K 6 -31.70 -94.10 15.64
N THR K 7 -31.72 -94.78 16.80
CA THR K 7 -30.56 -95.07 17.66
C THR K 7 -29.65 -93.86 17.91
N TYR K 8 -30.19 -92.91 18.69
CA TYR K 8 -29.52 -91.62 18.92
C TYR K 8 -28.15 -91.78 19.58
N ARG K 9 -28.07 -92.48 20.69
CA ARG K 9 -26.77 -92.77 21.29
C ARG K 9 -26.66 -94.26 21.58
N GLY K 10 -27.22 -95.05 20.69
CA GLY K 10 -27.42 -96.45 20.97
C GLY K 10 -28.81 -96.80 21.44
N VAL K 11 -29.67 -95.81 21.64
CA VAL K 11 -31.05 -96.02 22.06
C VAL K 11 -31.97 -95.39 21.03
N ASP K 12 -33.00 -96.12 20.62
CA ASP K 12 -33.93 -95.63 19.62
C ASP K 12 -35.08 -94.88 20.28
N LEU K 13 -36.00 -94.39 19.46
CA LEU K 13 -36.82 -93.25 19.85
C LEU K 13 -37.89 -93.57 20.89
N ASP K 14 -38.26 -94.84 21.09
CA ASP K 14 -39.36 -95.13 21.98
C ASP K 14 -38.96 -95.02 23.45
N GLN K 15 -37.97 -95.81 23.86
CA GLN K 15 -37.43 -95.64 25.20
C GLN K 15 -36.68 -94.33 25.36
N LEU K 16 -36.41 -93.62 24.27
CA LEU K 16 -35.94 -92.26 24.35
C LEU K 16 -37.07 -91.26 24.50
N LEU K 17 -38.32 -91.68 24.26
CA LEU K 17 -39.45 -90.83 24.61
C LEU K 17 -39.84 -91.00 26.07
N ASP K 18 -39.90 -92.22 26.57
CA ASP K 18 -40.45 -92.36 27.92
C ASP K 18 -39.43 -92.09 29.03
N MET K 19 -38.19 -91.78 28.67
CA MET K 19 -37.14 -91.56 29.65
C MET K 19 -37.13 -90.09 30.10
N SER K 20 -36.83 -89.90 31.38
CA SER K 20 -37.02 -88.61 32.03
C SER K 20 -35.88 -87.66 31.70
N TYR K 21 -35.93 -86.48 32.30
CA TYR K 21 -34.93 -85.45 32.01
C TYR K 21 -33.56 -85.85 32.53
N GLU K 22 -33.50 -86.40 33.74
CA GLU K 22 -32.24 -86.55 34.45
C GLU K 22 -31.31 -87.59 33.82
N GLN K 23 -31.81 -88.46 32.96
CA GLN K 23 -30.90 -89.37 32.24
C GLN K 23 -30.78 -89.05 30.75
N LEU K 24 -31.70 -88.28 30.18
CA LEU K 24 -31.31 -87.74 28.88
C LEU K 24 -30.41 -86.51 29.01
N MET K 25 -30.18 -86.01 30.22
CA MET K 25 -29.03 -85.14 30.45
C MET K 25 -27.73 -85.90 30.17
N GLN K 26 -27.62 -87.10 30.74
CA GLN K 26 -26.46 -87.93 30.49
C GLN K 26 -26.41 -88.41 29.06
N LEU K 27 -27.54 -88.44 28.37
CA LEU K 27 -27.52 -88.88 26.98
C LEU K 27 -27.02 -87.79 26.04
N TYR K 28 -27.29 -86.52 26.33
CA TYR K 28 -26.88 -85.41 25.48
C TYR K 28 -25.40 -85.10 25.60
N SER K 29 -24.98 -84.04 24.92
CA SER K 29 -23.64 -83.50 24.99
C SER K 29 -23.62 -82.35 26.00
N ALA K 30 -22.44 -81.76 26.16
CA ALA K 30 -22.14 -80.94 27.34
C ALA K 30 -23.00 -79.68 27.41
N ARG K 31 -23.17 -78.99 26.27
CA ARG K 31 -23.91 -77.74 26.27
C ARG K 31 -25.39 -77.97 26.55
N GLN K 32 -25.97 -78.98 25.92
CA GLN K 32 -27.38 -79.28 26.14
C GLN K 32 -27.61 -79.82 27.55
N ARG K 33 -26.65 -80.58 28.06
CA ARG K 33 -26.73 -81.06 29.43
C ARG K 33 -26.69 -79.91 30.43
N ARG K 34 -25.85 -78.91 30.18
CA ARG K 34 -25.81 -77.76 31.07
C ARG K 34 -27.09 -76.95 30.98
N ARG K 35 -27.66 -76.82 29.78
CA ARG K 35 -28.92 -76.10 29.63
C ARG K 35 -30.04 -76.81 30.37
N LEU K 36 -30.07 -78.13 30.32
CA LEU K 36 -31.15 -78.86 30.99
C LEU K 36 -30.94 -78.90 32.49
N ASN K 37 -29.69 -79.08 32.94
CA ASN K 37 -29.39 -79.11 34.37
C ASN K 37 -29.70 -77.76 34.98
N ARG K 38 -29.35 -76.68 34.29
CA ARG K 38 -29.80 -75.37 34.70
C ARG K 38 -31.29 -75.22 34.39
N GLY K 39 -31.87 -74.15 34.91
CA GLY K 39 -33.30 -73.94 34.77
C GLY K 39 -33.82 -73.81 33.36
N LEU K 40 -34.91 -74.50 33.06
CA LEU K 40 -35.64 -74.35 31.81
C LEU K 40 -36.92 -73.57 32.11
N ARG K 41 -36.98 -72.34 31.63
CA ARG K 41 -37.85 -71.31 32.18
C ARG K 41 -39.27 -71.42 31.64
N ARG K 42 -40.07 -70.39 31.92
CA ARG K 42 -41.52 -70.45 31.73
C ARG K 42 -41.91 -70.52 30.26
N LYS K 43 -41.32 -69.68 29.42
CA LYS K 43 -41.77 -69.61 28.03
C LYS K 43 -41.40 -70.86 27.25
N GLN K 44 -40.32 -71.53 27.64
CA GLN K 44 -40.00 -72.82 27.06
C GLN K 44 -41.08 -73.84 27.38
N HIS K 45 -41.55 -73.85 28.63
CA HIS K 45 -42.63 -74.76 29.00
C HIS K 45 -43.92 -74.42 28.29
N SER K 46 -44.18 -73.12 28.07
CA SER K 46 -45.36 -72.73 27.32
C SER K 46 -45.30 -73.22 25.88
N LEU K 47 -44.11 -73.15 25.27
CA LEU K 47 -43.94 -73.69 23.93
C LEU K 47 -44.17 -75.21 23.90
N LEU K 48 -43.65 -75.92 24.90
CA LEU K 48 -43.90 -77.37 24.97
C LEU K 48 -45.37 -77.69 25.16
N LYS K 49 -46.07 -76.88 25.96
CA LYS K 49 -47.49 -77.08 26.15
C LYS K 49 -48.26 -76.86 24.85
N ARG K 50 -47.90 -75.81 24.11
CA ARG K 50 -48.56 -75.56 22.82
C ARG K 50 -48.25 -76.66 21.83
N LEU K 51 -47.03 -77.19 21.84
CA LEU K 51 -46.67 -78.26 20.92
C LEU K 51 -47.43 -79.54 21.25
N ARG K 52 -47.56 -79.88 22.54
CA ARG K 52 -48.36 -81.05 22.92
C ARG K 52 -49.82 -80.87 22.52
N LYS K 53 -50.38 -79.68 22.74
CA LYS K 53 -51.78 -79.47 22.41
C LYS K 53 -52.01 -79.56 20.90
N ALA K 54 -51.14 -78.93 20.11
CA ALA K 54 -51.29 -79.00 18.66
C ALA K 54 -51.04 -80.41 18.14
N LYS K 55 -50.21 -81.18 18.84
CA LYS K 55 -49.96 -82.56 18.44
C LYS K 55 -51.18 -83.43 18.69
N LYS K 56 -51.77 -83.33 19.88
CA LYS K 56 -52.87 -84.22 20.20
C LYS K 56 -54.20 -83.75 19.58
N GLU K 57 -54.29 -82.49 19.16
CA GLU K 57 -55.48 -82.07 18.44
C GLU K 57 -55.42 -82.39 16.95
N ALA K 58 -54.27 -82.85 16.46
CA ALA K 58 -54.17 -83.18 15.05
C ALA K 58 -54.94 -84.46 14.74
N PRO K 59 -55.71 -84.47 13.65
CA PRO K 59 -56.37 -85.70 13.22
C PRO K 59 -55.35 -86.71 12.73
N PRO K 60 -55.65 -88.00 12.81
CA PRO K 60 -54.62 -89.01 12.55
C PRO K 60 -54.17 -89.04 11.10
N MET K 61 -52.87 -89.30 10.93
CA MET K 61 -52.20 -89.47 9.64
C MET K 61 -52.25 -88.20 8.78
N GLU K 62 -52.06 -87.05 9.42
CA GLU K 62 -51.48 -85.90 8.73
C GLU K 62 -50.79 -85.00 9.75
N LYS K 63 -50.06 -84.03 9.22
CA LYS K 63 -49.17 -83.21 10.03
C LYS K 63 -49.97 -82.24 10.89
N PRO K 64 -49.48 -81.90 12.08
CA PRO K 64 -50.23 -80.98 12.95
C PRO K 64 -50.18 -79.54 12.47
N GLU K 65 -50.83 -78.65 13.20
CA GLU K 65 -50.85 -77.24 12.86
C GLU K 65 -49.53 -76.59 13.23
N VAL K 66 -49.09 -75.64 12.40
CA VAL K 66 -47.82 -74.96 12.64
C VAL K 66 -47.94 -74.07 13.87
N VAL K 67 -46.93 -74.12 14.73
CA VAL K 67 -46.87 -73.33 15.94
C VAL K 67 -45.69 -72.38 15.81
N LYS K 68 -45.96 -71.09 15.89
CA LYS K 68 -44.91 -70.10 15.75
C LYS K 68 -44.20 -69.88 17.08
N THR K 69 -42.94 -69.45 17.00
CA THR K 69 -42.19 -69.12 18.20
C THR K 69 -41.07 -68.15 17.85
N HIS K 70 -40.70 -67.33 18.83
CA HIS K 70 -39.47 -66.56 18.78
C HIS K 70 -38.32 -67.30 19.42
N LEU K 71 -38.59 -68.39 20.13
CA LEU K 71 -37.59 -69.08 20.94
C LEU K 71 -36.68 -69.89 20.03
N ARG K 72 -35.80 -69.19 19.34
CA ARG K 72 -34.77 -69.91 18.60
C ARG K 72 -33.52 -70.14 19.42
N ASP K 73 -33.71 -70.56 20.66
CA ASP K 73 -32.66 -71.12 21.49
C ASP K 73 -33.20 -72.32 22.27
N MET K 74 -34.37 -72.82 21.89
CA MET K 74 -34.92 -74.02 22.49
C MET K 74 -34.13 -75.24 22.07
N ILE K 75 -33.80 -76.09 23.04
CA ILE K 75 -33.26 -77.40 22.74
C ILE K 75 -34.36 -78.23 22.10
N ILE K 76 -34.03 -78.91 21.01
CA ILE K 76 -35.00 -79.80 20.38
C ILE K 76 -35.03 -81.08 21.20
N LEU K 77 -36.07 -81.25 21.98
CA LEU K 77 -36.27 -82.40 22.83
C LEU K 77 -36.91 -83.54 22.03
N PRO K 78 -36.77 -84.79 22.49
CA PRO K 78 -37.51 -85.89 21.87
C PRO K 78 -39.01 -85.73 21.92
N GLU K 79 -39.51 -85.00 22.91
CA GLU K 79 -40.93 -84.70 23.00
C GLU K 79 -41.41 -83.88 21.82
N MET K 80 -40.49 -83.13 21.19
CA MET K 80 -40.82 -82.19 20.15
C MET K 80 -40.84 -82.79 18.75
N VAL K 81 -40.54 -84.08 18.60
CA VAL K 81 -40.33 -84.63 17.26
C VAL K 81 -41.65 -84.72 16.50
N GLY K 82 -41.55 -84.61 15.18
CA GLY K 82 -42.73 -84.68 14.34
C GLY K 82 -43.68 -83.51 14.48
N SER K 83 -43.19 -82.39 14.98
CA SER K 83 -44.02 -81.21 15.18
C SER K 83 -43.86 -80.26 14.01
N MET K 84 -44.54 -79.12 14.10
CA MET K 84 -44.60 -78.12 13.04
C MET K 84 -44.30 -76.77 13.67
N VAL K 85 -43.06 -76.33 13.57
CA VAL K 85 -42.62 -75.14 14.29
C VAL K 85 -42.23 -74.06 13.30
N GLY K 86 -42.74 -72.85 13.52
CA GLY K 86 -42.30 -71.69 12.79
C GLY K 86 -41.30 -70.91 13.61
N VAL K 87 -40.08 -70.86 13.14
CA VAL K 87 -38.99 -70.22 13.88
C VAL K 87 -38.68 -68.87 13.24
N TYR K 88 -38.61 -67.84 14.08
CA TYR K 88 -38.46 -66.47 13.62
C TYR K 88 -37.04 -66.21 13.11
N ASN K 89 -36.94 -65.38 12.09
CA ASN K 89 -35.68 -64.91 11.54
C ASN K 89 -35.30 -63.53 11.99
N GLY K 90 -36.15 -62.87 12.76
CA GLY K 90 -36.18 -61.44 12.80
C GLY K 90 -37.17 -60.84 11.83
N LYS K 91 -37.39 -61.49 10.70
CA LYS K 91 -38.26 -60.96 9.65
C LYS K 91 -39.48 -61.83 9.38
N THR K 92 -39.31 -63.15 9.32
CA THR K 92 -40.38 -64.05 8.94
C THR K 92 -40.34 -65.29 9.83
N PHE K 93 -41.40 -66.09 9.75
CA PHE K 93 -41.56 -67.32 10.51
C PHE K 93 -41.33 -68.47 9.55
N ASN K 94 -40.30 -69.27 9.80
CA ASN K 94 -39.86 -70.27 8.83
C ASN K 94 -40.36 -71.66 9.22
N GLN K 95 -40.92 -72.36 8.24
CA GLN K 95 -41.54 -73.65 8.47
C GLN K 95 -40.47 -74.71 8.65
N VAL K 96 -40.46 -75.38 9.80
CA VAL K 96 -39.43 -76.36 10.13
C VAL K 96 -40.10 -77.66 10.52
N GLU K 97 -39.68 -78.76 9.90
CA GLU K 97 -40.13 -80.09 10.26
C GLU K 97 -39.21 -80.64 11.33
N ILE K 98 -39.73 -80.90 12.51
CA ILE K 98 -38.87 -81.46 13.54
C ILE K 98 -38.70 -82.94 13.26
N LYS K 99 -37.61 -83.30 12.60
CA LYS K 99 -37.31 -84.67 12.28
C LYS K 99 -36.73 -85.37 13.50
N PRO K 100 -36.81 -86.71 13.55
CA PRO K 100 -36.21 -87.44 14.68
C PRO K 100 -34.72 -87.23 14.86
N GLU K 101 -33.96 -87.05 13.79
CA GLU K 101 -32.51 -86.97 13.87
C GLU K 101 -31.98 -85.55 14.05
N MET K 102 -32.77 -84.64 14.62
CA MET K 102 -32.32 -83.30 14.97
C MET K 102 -32.57 -82.98 16.45
N ILE K 103 -32.41 -83.97 17.33
CA ILE K 103 -32.80 -83.83 18.73
C ILE K 103 -31.68 -83.40 19.65
N GLY K 104 -30.59 -82.88 19.11
CA GLY K 104 -29.59 -82.34 19.99
C GLY K 104 -29.28 -80.90 19.66
N HIS K 105 -30.11 -80.30 18.83
CA HIS K 105 -29.79 -79.03 18.22
C HIS K 105 -30.70 -77.94 18.79
N TYR K 106 -30.45 -76.72 18.37
CA TYR K 106 -31.29 -75.59 18.69
C TYR K 106 -32.26 -75.35 17.54
N LEU K 107 -33.36 -74.66 17.82
CA LEU K 107 -34.24 -74.27 16.72
C LEU K 107 -33.62 -73.19 15.87
N GLY K 108 -32.61 -72.48 16.39
CA GLY K 108 -32.04 -71.37 15.65
C GLY K 108 -31.21 -71.79 14.47
N GLU K 109 -30.72 -73.02 14.46
CA GLU K 109 -29.89 -73.47 13.36
C GLU K 109 -30.67 -74.17 12.27
N PHE K 110 -31.99 -73.99 12.24
CA PHE K 110 -32.80 -74.47 11.14
C PHE K 110 -33.58 -73.36 10.46
N SER K 111 -33.40 -72.12 10.91
CA SER K 111 -34.03 -70.95 10.33
C SER K 111 -32.94 -69.90 10.16
N ILE K 112 -32.44 -69.76 8.93
CA ILE K 112 -31.25 -68.96 8.69
C ILE K 112 -31.59 -67.48 8.73
N THR K 113 -30.73 -66.71 9.39
CA THR K 113 -30.99 -65.30 9.68
C THR K 113 -30.61 -64.36 8.54
N TYR K 114 -29.91 -64.85 7.53
CA TYR K 114 -29.40 -64.01 6.47
C TYR K 114 -29.61 -64.69 5.13
N LYS K 115 -29.63 -63.90 4.10
CA LYS K 115 -29.63 -64.46 2.74
C LYS K 115 -28.20 -64.71 2.29
N PRO K 116 -27.87 -65.94 1.88
CA PRO K 116 -26.52 -66.21 1.40
C PRO K 116 -26.20 -65.39 0.17
N VAL K 117 -24.97 -64.92 0.07
CA VAL K 117 -24.64 -63.83 -0.83
C VAL K 117 -24.11 -64.38 -2.14
N LYS K 118 -24.58 -63.81 -3.25
CA LYS K 118 -23.97 -63.99 -4.55
C LYS K 118 -23.57 -62.61 -5.05
N HIS K 119 -22.32 -62.51 -5.50
CA HIS K 119 -21.69 -61.21 -5.63
C HIS K 119 -22.03 -60.55 -6.95
N GLY K 120 -22.13 -59.23 -6.91
CA GLY K 120 -22.27 -58.45 -8.12
C GLY K 120 -20.91 -58.09 -8.69
N ARG K 121 -20.78 -56.89 -9.22
CA ARG K 121 -19.55 -56.45 -9.82
C ARG K 121 -18.89 -55.43 -8.90
N PRO K 122 -17.57 -55.52 -8.67
CA PRO K 122 -16.90 -54.56 -7.79
C PRO K 122 -17.03 -53.14 -8.32
N GLY K 123 -17.52 -52.24 -7.48
CA GLY K 123 -18.05 -51.01 -8.03
C GLY K 123 -17.12 -49.98 -8.63
N ILE K 124 -16.45 -49.15 -7.83
CA ILE K 124 -15.59 -48.13 -8.43
C ILE K 124 -14.18 -48.15 -7.88
N GLY K 125 -14.06 -47.98 -6.57
CA GLY K 125 -12.74 -47.90 -5.97
C GLY K 125 -12.41 -49.23 -5.33
N ALA K 126 -13.13 -50.26 -5.75
CA ALA K 126 -12.99 -51.57 -5.15
C ALA K 126 -11.63 -52.17 -5.46
N THR K 127 -10.99 -51.75 -6.54
CA THR K 127 -9.65 -52.19 -6.87
C THR K 127 -8.73 -50.98 -6.94
N HIS K 128 -7.83 -50.86 -5.98
CA HIS K 128 -6.84 -49.79 -5.96
C HIS K 128 -5.67 -50.19 -6.86
N SER K 129 -4.62 -49.39 -6.83
CA SER K 129 -3.45 -49.59 -7.70
C SER K 129 -2.72 -50.91 -7.44
N SER L 1 43.97 -63.30 67.29
CA SER L 1 43.28 -64.10 68.29
C SER L 1 41.80 -64.26 67.93
N LYS L 2 40.93 -63.84 68.84
CA LYS L 2 39.48 -63.99 68.67
C LYS L 2 38.81 -62.63 68.86
N GLY L 3 39.45 -61.57 68.35
CA GLY L 3 38.91 -60.24 68.42
C GLY L 3 37.57 -60.12 67.70
N PRO L 4 36.51 -59.85 68.44
CA PRO L 4 35.17 -59.88 67.88
C PRO L 4 34.84 -58.56 67.18
N LEU L 5 33.62 -58.51 66.63
CA LEU L 5 33.03 -57.32 66.01
C LEU L 5 33.81 -56.85 64.80
N GLN L 6 34.62 -57.71 64.20
CA GLN L 6 35.37 -57.35 63.00
C GLN L 6 34.54 -57.77 61.79
N SER L 7 33.66 -56.88 61.36
CA SER L 7 32.75 -57.20 60.28
C SER L 7 32.29 -55.93 59.59
N VAL L 8 32.03 -56.03 58.28
CA VAL L 8 31.44 -54.95 57.51
C VAL L 8 30.35 -55.53 56.63
N GLN L 9 29.45 -54.67 56.19
CA GLN L 9 28.36 -55.04 55.30
C GLN L 9 28.29 -54.04 54.17
N VAL L 10 28.61 -54.50 52.95
CA VAL L 10 28.77 -53.62 51.80
C VAL L 10 27.93 -54.17 50.65
N PHE L 11 27.20 -53.29 49.97
CA PHE L 11 26.33 -53.70 48.87
C PHE L 11 26.95 -53.43 47.51
N GLY L 12 26.38 -54.08 46.51
CA GLY L 12 26.70 -53.79 45.12
C GLY L 12 25.45 -53.95 44.28
N ARG L 13 25.34 -53.11 43.24
CA ARG L 13 24.12 -53.01 42.46
C ARG L 13 24.39 -53.20 40.97
N LYS L 14 23.49 -53.93 40.29
CA LYS L 14 23.43 -53.91 38.83
C LYS L 14 21.96 -53.90 38.43
N LYS L 15 21.44 -52.71 38.16
CA LYS L 15 20.16 -52.33 37.57
C LYS L 15 18.91 -52.65 38.35
N THR L 16 18.89 -53.69 39.17
CA THR L 16 17.93 -53.80 40.26
C THR L 16 18.57 -54.62 41.36
N ALA L 17 19.50 -55.47 40.95
CA ALA L 17 19.96 -56.54 41.82
C ALA L 17 20.90 -55.98 42.87
N THR L 18 20.56 -56.21 44.13
CA THR L 18 21.36 -55.75 45.25
C THR L 18 21.92 -56.98 45.94
N ALA L 19 23.24 -57.07 46.02
CA ALA L 19 23.91 -58.11 46.77
C ALA L 19 24.65 -57.44 47.91
N VAL L 20 24.41 -57.88 49.13
CA VAL L 20 25.07 -57.33 50.31
C VAL L 20 26.00 -58.38 50.87
N ALA L 21 27.27 -58.03 51.03
CA ALA L 21 28.31 -58.95 51.46
C ALA L 21 28.66 -58.67 52.91
N HIS L 22 28.61 -59.70 53.73
CA HIS L 22 29.04 -59.62 55.12
C HIS L 22 30.44 -60.22 55.23
N CYS L 23 31.40 -59.40 55.59
CA CYS L 23 32.81 -59.81 55.62
C CYS L 23 33.26 -59.89 57.07
N LYS L 24 33.23 -61.11 57.61
CA LYS L 24 33.72 -61.35 58.96
C LYS L 24 35.21 -61.66 58.95
N ARG L 25 35.77 -61.78 60.14
CA ARG L 25 37.13 -62.27 60.32
C ARG L 25 37.07 -63.78 60.54
N GLY L 26 37.37 -64.54 59.51
CA GLY L 26 37.40 -65.99 59.60
C GLY L 26 38.57 -66.53 58.82
N ASN L 27 38.44 -67.73 58.26
CA ASN L 27 39.48 -68.31 57.42
C ASN L 27 38.97 -68.79 56.06
N GLY L 28 39.02 -67.89 55.08
CA GLY L 28 38.87 -68.21 53.68
C GLY L 28 37.61 -68.91 53.22
N LEU L 29 36.45 -68.52 53.75
CA LEU L 29 35.18 -69.09 53.32
C LEU L 29 34.34 -68.00 52.66
N ILE L 30 33.87 -68.29 51.45
CA ILE L 30 33.08 -67.35 50.68
C ILE L 30 31.88 -68.09 50.08
N LYS L 31 30.68 -67.56 50.31
CA LYS L 31 29.47 -68.25 49.91
C LYS L 31 28.38 -67.24 49.61
N VAL L 32 27.57 -67.55 48.60
CA VAL L 32 26.49 -66.68 48.15
C VAL L 32 25.17 -67.43 48.34
N ASN L 33 24.29 -66.88 49.17
CA ASN L 33 23.00 -67.48 49.53
C ASN L 33 23.18 -68.89 50.10
N GLY L 34 24.26 -69.12 50.81
CA GLY L 34 24.48 -70.39 51.46
C GLY L 34 25.13 -71.46 50.61
N ARG L 35 25.39 -71.20 49.34
CA ARG L 35 26.05 -72.15 48.47
C ARG L 35 27.35 -71.54 47.93
N PRO L 36 28.33 -72.36 47.59
CA PRO L 36 29.65 -71.82 47.19
C PRO L 36 29.61 -71.10 45.86
N LEU L 37 30.77 -70.53 45.53
CA LEU L 37 30.87 -69.69 44.33
C LEU L 37 30.95 -70.53 43.07
N GLU L 38 31.30 -71.80 43.19
CA GLU L 38 31.43 -72.67 42.04
C GLU L 38 30.17 -73.45 41.74
N MET L 39 29.13 -73.28 42.57
CA MET L 39 27.88 -73.99 42.44
C MET L 39 26.77 -72.99 42.21
N ILE L 40 27.05 -72.02 41.35
CA ILE L 40 26.25 -70.80 41.28
C ILE L 40 25.58 -70.85 39.91
N GLU L 41 24.80 -69.84 39.59
CA GLU L 41 23.94 -69.62 38.44
C GLU L 41 24.86 -69.48 37.20
N PRO L 42 24.37 -69.23 35.99
CA PRO L 42 24.62 -70.18 34.87
C PRO L 42 26.01 -70.77 34.63
N ARG L 43 27.06 -70.27 35.30
CA ARG L 43 28.44 -70.76 35.26
C ARG L 43 29.11 -70.56 33.91
N THR L 44 28.41 -69.96 32.95
CA THR L 44 29.11 -69.36 31.82
C THR L 44 29.95 -68.19 32.31
N LEU L 45 29.43 -67.46 33.28
CA LEU L 45 30.08 -66.30 33.88
C LEU L 45 30.72 -66.63 35.21
N GLN L 46 31.27 -67.83 35.36
CA GLN L 46 31.88 -68.20 36.63
C GLN L 46 33.18 -67.44 36.86
N TYR L 47 33.98 -67.31 35.80
CA TYR L 47 35.18 -66.47 35.88
C TYR L 47 34.80 -65.02 36.14
N LYS L 48 33.66 -64.57 35.61
CA LYS L 48 33.14 -63.25 35.93
C LYS L 48 32.81 -63.11 37.40
N LEU L 49 32.54 -64.21 38.09
CA LEU L 49 32.22 -64.17 39.51
C LEU L 49 33.44 -64.30 40.39
N LEU L 50 34.44 -65.07 39.97
CA LEU L 50 35.62 -65.30 40.79
C LEU L 50 36.86 -64.63 40.23
N GLU L 51 36.71 -63.64 39.37
CA GLU L 51 37.85 -62.82 39.00
C GLU L 51 38.41 -61.90 40.09
N PRO L 52 37.66 -61.42 41.11
CA PRO L 52 38.36 -60.75 42.23
C PRO L 52 39.33 -61.65 42.99
N VAL L 53 38.97 -62.91 43.20
CA VAL L 53 39.88 -63.78 43.95
C VAL L 53 41.05 -64.21 43.07
N LEU L 54 40.87 -64.15 41.75
CA LEU L 54 41.99 -64.43 40.87
C LEU L 54 42.94 -63.24 40.78
N LEU L 55 42.39 -62.02 40.78
CA LEU L 55 43.23 -60.84 40.73
C LEU L 55 44.00 -60.65 42.03
N LEU L 56 43.30 -60.72 43.16
CA LEU L 56 43.93 -60.47 44.44
C LEU L 56 44.65 -61.68 45.02
N GLY L 57 44.40 -62.86 44.47
CA GLY L 57 45.01 -64.06 45.03
C GLY L 57 44.31 -64.52 46.30
N LYS L 58 44.59 -65.75 46.71
CA LYS L 58 43.94 -66.27 47.92
C LYS L 58 44.55 -65.75 49.20
N GLU L 59 45.69 -65.06 49.15
CA GLU L 59 46.30 -64.59 50.39
C GLU L 59 45.57 -63.38 50.96
N ARG L 60 44.94 -62.58 50.09
CA ARG L 60 44.14 -61.46 50.59
C ARG L 60 42.85 -61.94 51.23
N PHE L 61 42.29 -63.02 50.70
CA PHE L 61 41.03 -63.56 51.17
C PHE L 61 41.20 -64.64 52.22
N ALA L 62 42.43 -64.93 52.63
CA ALA L 62 42.67 -66.03 53.56
C ALA L 62 42.25 -65.70 54.98
N GLY L 63 42.14 -64.43 55.34
CA GLY L 63 41.76 -64.03 56.67
C GLY L 63 40.36 -63.49 56.84
N VAL L 64 39.48 -63.65 55.86
CA VAL L 64 38.16 -63.06 55.89
C VAL L 64 37.12 -64.16 55.74
N ASP L 65 35.87 -63.78 55.96
CA ASP L 65 34.72 -64.69 55.83
C ASP L 65 33.58 -63.94 55.18
N ILE L 66 33.36 -64.18 53.89
CA ILE L 66 32.36 -63.47 53.12
C ILE L 66 31.07 -64.27 53.10
N ARG L 67 29.94 -63.58 53.24
CA ARG L 67 28.64 -64.22 53.16
C ARG L 67 27.70 -63.24 52.49
N VAL L 68 27.21 -63.58 51.30
CA VAL L 68 26.51 -62.65 50.42
C VAL L 68 25.08 -63.11 50.23
N ARG L 69 24.13 -62.21 50.46
CA ARG L 69 22.75 -62.45 50.06
C ARG L 69 22.38 -61.45 48.97
N VAL L 70 21.59 -61.91 48.00
CA VAL L 70 21.33 -61.13 46.80
C VAL L 70 19.86 -61.23 46.43
N LYS L 71 19.26 -60.09 46.08
CA LYS L 71 17.84 -60.00 45.77
C LYS L 71 17.64 -59.14 44.53
N GLY L 72 16.56 -59.40 43.81
CA GLY L 72 16.20 -58.59 42.66
C GLY L 72 17.04 -58.91 41.43
N GLY L 73 16.71 -58.23 40.34
CA GLY L 73 17.48 -58.35 39.12
C GLY L 73 17.25 -59.65 38.36
N GLY L 74 18.14 -59.89 37.39
CA GLY L 74 18.13 -61.11 36.62
C GLY L 74 19.26 -62.04 37.02
N HIS L 75 19.67 -62.88 36.07
CA HIS L 75 20.78 -63.79 36.33
C HIS L 75 22.11 -63.05 36.23
N VAL L 76 22.32 -62.36 35.12
CA VAL L 76 23.57 -61.67 34.87
C VAL L 76 23.72 -60.47 35.80
N ALA L 77 22.62 -59.75 36.03
CA ALA L 77 22.68 -58.60 36.92
C ALA L 77 23.05 -59.02 38.33
N GLN L 78 22.53 -60.18 38.77
CA GLN L 78 22.90 -60.70 40.07
C GLN L 78 24.37 -61.11 40.12
N ILE L 79 24.88 -61.66 39.02
CA ILE L 79 26.32 -61.99 38.97
C ILE L 79 27.17 -60.74 39.16
N TYR L 80 26.82 -59.66 38.45
CA TYR L 80 27.62 -58.44 38.53
C TYR L 80 27.50 -57.77 39.90
N ALA L 81 26.29 -57.79 40.47
CA ALA L 81 26.10 -57.26 41.81
C ALA L 81 26.89 -58.05 42.84
N ILE L 82 26.95 -59.37 42.69
CA ILE L 82 27.69 -60.21 43.63
C ILE L 82 29.17 -59.86 43.60
N ARG L 83 29.76 -59.80 42.40
CA ARG L 83 31.21 -59.59 42.34
C ARG L 83 31.57 -58.17 42.77
N GLN L 84 30.72 -57.18 42.45
CA GLN L 84 30.98 -55.82 42.93
C GLN L 84 30.89 -55.74 44.44
N SER L 85 29.93 -56.44 45.04
CA SER L 85 29.78 -56.43 46.49
C SER L 85 30.97 -57.09 47.17
N ILE L 86 31.46 -58.20 46.62
CA ILE L 86 32.62 -58.88 47.22
C ILE L 86 33.86 -57.98 47.19
N SER L 87 34.11 -57.35 46.04
CA SER L 87 35.31 -56.51 45.93
C SER L 87 35.21 -55.29 46.85
N LYS L 88 34.06 -54.62 46.84
CA LYS L 88 33.89 -53.45 47.69
C LYS L 88 33.92 -53.82 49.16
N ALA L 89 33.43 -55.01 49.52
CA ALA L 89 33.45 -55.45 50.90
C ALA L 89 34.87 -55.73 51.37
N LEU L 90 35.69 -56.34 50.51
CA LEU L 90 37.08 -56.55 50.88
C LEU L 90 37.82 -55.23 51.06
N VAL L 91 37.55 -54.28 50.17
CA VAL L 91 38.19 -52.97 50.29
C VAL L 91 37.78 -52.27 51.59
N ALA L 92 36.49 -52.33 51.93
CA ALA L 92 36.03 -51.71 53.17
C ALA L 92 36.61 -52.40 54.40
N TYR L 93 36.68 -53.73 54.38
CA TYR L 93 37.23 -54.48 55.50
C TYR L 93 38.70 -54.15 55.71
N TYR L 94 39.46 -54.09 54.62
CA TYR L 94 40.86 -53.71 54.73
C TYR L 94 41.02 -52.28 55.21
N GLN L 95 40.16 -51.37 54.77
CA GLN L 95 40.40 -50.00 55.14
C GLN L 95 40.05 -49.74 56.59
N LYS L 96 39.02 -50.41 57.11
CA LYS L 96 38.63 -50.21 58.49
C LYS L 96 39.52 -50.91 59.50
N TYR L 97 40.19 -52.01 59.11
CA TYR L 97 40.84 -52.85 60.10
C TYR L 97 42.31 -53.19 59.84
N VAL L 98 42.82 -52.98 58.62
CA VAL L 98 44.27 -53.10 58.42
C VAL L 98 44.76 -51.80 57.78
N ASP L 99 46.05 -51.77 57.44
CA ASP L 99 46.69 -50.51 57.07
C ASP L 99 46.17 -49.96 55.75
N GLU L 100 46.27 -48.64 55.60
CA GLU L 100 45.65 -47.95 54.47
C GLU L 100 46.37 -48.21 53.16
N ALA L 101 47.68 -48.48 53.21
CA ALA L 101 48.42 -48.77 51.98
C ALA L 101 47.97 -50.09 51.37
N SER L 102 47.59 -51.06 52.20
CA SER L 102 47.04 -52.30 51.70
C SER L 102 45.70 -52.06 50.99
N LYS L 103 44.87 -51.18 51.56
CA LYS L 103 43.63 -50.83 50.88
C LYS L 103 43.93 -50.16 49.55
N LYS L 104 44.93 -49.28 49.53
CA LYS L 104 45.27 -48.58 48.29
C LYS L 104 45.74 -49.55 47.22
N GLU L 105 46.54 -50.55 47.59
CA GLU L 105 47.06 -51.46 46.58
C GLU L 105 45.97 -52.42 46.09
N ILE L 106 45.09 -52.90 46.97
CA ILE L 106 44.00 -53.75 46.46
C ILE L 106 43.04 -52.91 45.63
N LYS L 107 42.82 -51.66 46.02
CA LYS L 107 41.88 -50.81 45.30
C LYS L 107 42.41 -50.49 43.91
N ASP L 108 43.68 -50.13 43.79
CA ASP L 108 44.14 -49.75 42.45
C ASP L 108 44.36 -50.97 41.58
N ILE L 109 44.71 -52.14 42.16
CA ILE L 109 44.80 -53.31 41.31
C ILE L 109 43.40 -53.75 40.86
N LEU L 110 42.36 -53.35 41.59
CA LEU L 110 41.02 -53.55 41.07
C LEU L 110 40.62 -52.49 40.04
N ILE L 111 41.10 -51.25 40.18
CA ILE L 111 40.72 -50.20 39.23
C ILE L 111 41.36 -50.43 37.86
N GLN L 112 42.63 -50.87 37.81
CA GLN L 112 43.09 -51.12 36.43
C GLN L 112 42.53 -52.40 35.80
N TYR L 113 41.52 -53.05 36.36
CA TYR L 113 40.83 -54.14 35.68
C TYR L 113 39.34 -53.97 35.99
N ASP L 114 38.59 -53.46 35.01
CA ASP L 114 37.14 -53.43 35.04
C ASP L 114 36.62 -52.61 36.22
N ARG L 115 36.71 -51.28 36.12
CA ARG L 115 36.29 -50.30 37.13
C ARG L 115 34.96 -50.58 37.83
N THR L 116 34.03 -51.27 37.16
CA THR L 116 32.77 -51.63 37.80
C THR L 116 32.92 -52.61 38.95
N LEU L 117 34.12 -53.15 39.17
CA LEU L 117 34.41 -53.87 40.40
C LEU L 117 34.30 -53.01 41.65
N LEU L 118 34.33 -51.68 41.51
CA LEU L 118 34.25 -50.82 42.68
C LEU L 118 33.23 -49.69 42.55
N VAL L 119 32.87 -49.32 41.33
CA VAL L 119 31.94 -48.21 41.10
C VAL L 119 30.71 -48.76 40.42
N ALA L 120 29.54 -48.41 40.94
CA ALA L 120 28.28 -48.91 40.40
C ALA L 120 27.99 -48.30 39.04
N ASP L 121 27.28 -49.08 38.22
CA ASP L 121 26.88 -48.63 36.89
C ASP L 121 25.52 -47.96 36.99
N PRO L 122 25.39 -46.69 36.64
CA PRO L 122 24.18 -45.94 36.99
C PRO L 122 23.03 -46.08 36.00
N ARG L 123 23.22 -46.71 34.86
CA ARG L 123 22.21 -46.72 33.80
C ARG L 123 21.11 -47.71 34.14
N ARG L 124 19.89 -47.22 34.37
CA ARG L 124 18.86 -48.16 34.81
C ARG L 124 17.94 -48.69 33.72
N CYS L 125 17.05 -47.85 33.20
CA CYS L 125 16.05 -48.25 32.21
C CYS L 125 15.21 -47.03 31.85
N GLU L 126 14.65 -47.01 30.64
CA GLU L 126 13.88 -45.85 30.19
C GLU L 126 12.41 -46.22 30.09
N SER L 127 11.57 -45.23 30.34
CA SER L 127 10.14 -45.45 30.37
C SER L 127 9.58 -45.58 28.96
N LYS L 128 8.49 -46.32 28.83
CA LYS L 128 7.77 -46.38 27.58
C LYS L 128 6.93 -45.12 27.42
N LYS L 129 6.88 -44.59 26.21
CA LYS L 129 6.04 -43.45 25.89
C LYS L 129 4.87 -43.92 25.03
N PHE L 130 3.84 -43.09 24.95
CA PHE L 130 2.54 -43.56 24.50
C PHE L 130 2.38 -43.55 22.99
N GLY L 131 3.43 -43.63 22.21
CA GLY L 131 3.21 -43.64 20.79
C GLY L 131 3.82 -44.84 20.10
N GLY L 132 4.34 -45.78 20.87
CA GLY L 132 5.07 -46.88 20.32
C GLY L 132 5.31 -47.95 21.35
N PRO L 133 5.98 -49.02 20.94
CA PRO L 133 6.11 -50.18 21.83
C PRO L 133 7.10 -49.98 22.94
N GLY L 134 8.00 -49.01 22.84
CA GLY L 134 9.04 -48.86 23.83
C GLY L 134 9.42 -47.42 24.08
N ALA L 135 10.60 -47.22 24.66
CA ALA L 135 11.05 -45.88 24.98
C ALA L 135 11.27 -45.03 23.73
N ARG L 136 12.05 -45.54 22.78
CA ARG L 136 12.37 -44.77 21.59
C ARG L 136 11.55 -45.17 20.39
N ALA L 137 11.30 -46.47 20.20
CA ALA L 137 10.65 -46.95 19.00
C ALA L 137 9.22 -46.44 18.91
N ARG L 138 8.76 -46.24 17.68
CA ARG L 138 7.44 -45.70 17.43
C ARG L 138 6.66 -46.69 16.56
N TYR L 139 5.34 -46.64 16.66
CA TYR L 139 4.50 -47.53 15.88
C TYR L 139 4.62 -47.18 14.40
N GLN L 140 4.45 -48.19 13.56
CA GLN L 140 4.59 -48.03 12.12
C GLN L 140 3.56 -47.05 11.58
N LYS L 141 4.01 -46.13 10.74
CA LYS L 141 3.19 -45.05 10.23
C LYS L 141 2.74 -45.36 8.81
N SER L 142 1.45 -45.18 8.55
CA SER L 142 0.86 -45.45 7.25
C SER L 142 0.50 -44.15 6.56
N TYR L 143 0.73 -44.07 5.26
CA TYR L 143 0.50 -42.84 4.52
C TYR L 143 -0.72 -42.89 3.62
N ARG L 144 -0.88 -43.95 2.83
CA ARG L 144 -2.06 -44.07 1.96
C ARG L 144 -2.67 -45.46 2.06
N MET M 1 29.03 -28.12 25.91
CA MET M 1 28.30 -27.93 24.67
C MET M 1 26.85 -27.57 25.01
N GLY M 2 26.52 -26.29 24.92
CA GLY M 2 25.20 -25.85 25.31
C GLY M 2 25.16 -25.37 26.74
N ARG M 3 26.16 -24.59 27.13
CA ARG M 3 26.27 -24.08 28.49
C ARG M 3 26.31 -22.56 28.52
N VAL M 4 25.60 -21.92 27.60
CA VAL M 4 25.47 -20.46 27.65
C VAL M 4 24.53 -20.08 28.78
N ARG M 5 24.94 -19.09 29.57
CA ARG M 5 24.14 -18.60 30.68
C ARG M 5 23.20 -17.51 30.20
N THR M 6 21.94 -17.57 30.64
CA THR M 6 20.95 -16.62 30.21
C THR M 6 21.15 -15.28 30.90
N LYS M 7 20.35 -14.29 30.48
CA LYS M 7 20.53 -12.94 31.03
C LYS M 7 20.09 -12.83 32.48
N THR M 8 19.27 -13.77 32.96
CA THR M 8 18.94 -13.79 34.38
C THR M 8 20.18 -14.03 35.22
N VAL M 9 20.93 -15.08 34.89
CA VAL M 9 22.16 -15.40 35.60
C VAL M 9 23.18 -14.28 35.44
N LYS M 10 23.33 -13.77 34.22
CA LYS M 10 24.37 -12.80 33.95
C LYS M 10 24.11 -11.47 34.66
N LYS M 11 22.89 -10.96 34.59
CA LYS M 11 22.64 -9.68 35.24
C LYS M 11 22.52 -9.82 36.76
N ALA M 12 22.05 -10.96 37.26
CA ALA M 12 22.08 -11.20 38.70
C ALA M 12 23.52 -11.23 39.21
N ALA M 13 24.41 -11.92 38.50
CA ALA M 13 25.80 -11.99 38.90
C ALA M 13 26.47 -10.62 38.82
N ARG M 14 26.10 -9.82 37.81
CA ARG M 14 26.69 -8.49 37.70
C ARG M 14 26.29 -7.59 38.85
N VAL M 15 25.01 -7.63 39.26
CA VAL M 15 24.59 -6.81 40.39
C VAL M 15 25.22 -7.31 41.69
N ILE M 16 25.36 -8.63 41.84
CA ILE M 16 26.01 -9.20 43.03
C ILE M 16 27.46 -8.75 43.11
N ILE M 17 28.17 -8.77 41.97
CA ILE M 17 29.56 -8.34 41.95
C ILE M 17 29.66 -6.85 42.26
N GLU M 18 28.77 -6.05 41.69
CA GLU M 18 28.79 -4.61 41.91
C GLU M 18 28.56 -4.26 43.38
N LYS M 19 27.63 -4.94 44.03
CA LYS M 19 27.30 -4.57 45.40
C LYS M 19 28.22 -5.18 46.45
N TYR M 20 28.61 -6.45 46.30
CA TYR M 20 29.27 -7.21 47.36
C TYR M 20 30.62 -7.73 46.91
N TYR M 21 31.38 -6.88 46.21
CA TYR M 21 32.68 -7.29 45.69
C TYR M 21 33.66 -7.68 46.79
N THR M 22 33.54 -7.07 47.97
CA THR M 22 34.53 -7.27 49.00
C THR M 22 34.46 -8.65 49.65
N ARG M 23 33.30 -9.30 49.62
CA ARG M 23 33.11 -10.57 50.31
C ARG M 23 33.20 -11.77 49.39
N LEU M 24 33.59 -11.58 48.13
CA LEU M 24 33.66 -12.66 47.17
C LEU M 24 35.11 -12.92 46.77
N GLY M 25 35.38 -14.13 46.31
CA GLY M 25 36.71 -14.51 45.89
C GLY M 25 36.65 -15.47 44.72
N ASN M 26 37.79 -16.00 44.29
CA ASN M 26 37.78 -17.01 43.23
C ASN M 26 37.69 -18.42 43.78
N ASP M 27 36.69 -18.67 44.61
CA ASP M 27 36.38 -20.01 45.10
C ASP M 27 34.88 -20.20 44.99
N PHE M 28 34.48 -21.28 44.32
CA PHE M 28 33.07 -21.44 43.96
C PHE M 28 32.19 -21.64 45.19
N HIS M 29 32.68 -22.37 46.18
CA HIS M 29 31.83 -22.76 47.30
C HIS M 29 31.59 -21.62 48.29
N THR M 30 32.61 -20.82 48.57
CA THR M 30 32.40 -19.66 49.44
C THR M 30 31.53 -18.61 48.76
N ASN M 31 31.72 -18.43 47.44
CA ASN M 31 30.83 -17.55 46.67
C ASN M 31 29.41 -18.07 46.69
N LYS M 32 29.26 -19.39 46.63
CA LYS M 32 27.95 -20.03 46.70
C LYS M 32 27.27 -19.72 48.03
N ARG M 33 28.01 -19.82 49.12
CA ARG M 33 27.44 -19.52 50.43
C ARG M 33 27.09 -18.04 50.58
N VAL M 34 27.95 -17.15 50.06
CA VAL M 34 27.69 -15.72 50.14
C VAL M 34 26.42 -15.38 49.37
N CYS M 35 26.32 -15.87 48.14
CA CYS M 35 25.16 -15.60 47.31
C CYS M 35 23.89 -16.22 47.89
N GLU M 36 24.05 -17.34 48.61
CA GLU M 36 22.93 -17.90 49.34
C GLU M 36 22.45 -16.95 50.43
N GLU M 37 23.37 -16.30 51.14
CA GLU M 37 22.94 -15.53 52.30
C GLU M 37 22.73 -14.03 52.04
N ILE M 38 23.05 -13.52 50.85
CA ILE M 38 22.80 -12.11 50.55
C ILE M 38 21.71 -11.91 49.52
N ALA M 39 21.14 -12.97 48.98
CA ALA M 39 20.11 -12.84 47.98
C ALA M 39 19.09 -13.95 48.14
N ILE M 40 17.83 -13.63 47.89
CA ILE M 40 16.75 -14.61 47.94
C ILE M 40 16.65 -15.17 46.53
N ILE M 41 17.37 -16.25 46.29
CA ILE M 41 17.33 -16.98 45.03
C ILE M 41 16.44 -18.20 45.24
N PRO M 42 15.37 -18.37 44.48
CA PRO M 42 14.35 -19.36 44.86
C PRO M 42 14.78 -20.81 44.68
N SER M 43 15.76 -21.09 43.83
CA SER M 43 16.09 -22.48 43.53
C SER M 43 17.59 -22.70 43.63
N LYS M 44 17.97 -23.94 43.92
CA LYS M 44 19.37 -24.28 44.13
C LYS M 44 20.17 -24.22 42.84
N LYS M 45 19.57 -24.67 41.74
CA LYS M 45 20.27 -24.68 40.45
C LYS M 45 20.59 -23.27 39.99
N LEU M 46 19.62 -22.36 40.11
CA LEU M 46 19.87 -20.97 39.79
C LEU M 46 20.92 -20.37 40.70
N ARG M 47 20.88 -20.72 41.98
CA ARG M 47 21.83 -20.23 42.98
C ARG M 47 23.26 -20.56 42.58
N ASN M 48 23.53 -21.83 42.29
CA ASN M 48 24.92 -22.13 42.00
C ASN M 48 25.31 -21.91 40.54
N LYS M 49 24.36 -21.71 39.64
CA LYS M 49 24.70 -21.14 38.33
C LYS M 49 25.18 -19.69 38.48
N ILE M 50 24.47 -18.91 39.30
CA ILE M 50 24.87 -17.53 39.57
C ILE M 50 26.23 -17.49 40.26
N ALA M 51 26.46 -18.40 41.21
CA ALA M 51 27.74 -18.48 41.89
C ALA M 51 28.88 -18.84 40.94
N GLY M 52 28.62 -19.75 40.00
CA GLY M 52 29.65 -20.08 39.02
C GLY M 52 30.00 -18.90 38.13
N TYR M 53 29.00 -18.15 37.70
CA TYR M 53 29.31 -16.98 36.88
C TYR M 53 30.00 -15.90 37.69
N VAL M 54 29.68 -15.78 38.98
CA VAL M 54 30.38 -14.83 39.84
C VAL M 54 31.86 -15.20 39.97
N THR M 55 32.15 -16.49 40.10
CA THR M 55 33.55 -16.92 40.18
C THR M 55 34.29 -16.60 38.88
N HIS M 56 33.66 -16.89 37.74
CA HIS M 56 34.26 -16.58 36.45
C HIS M 56 34.50 -15.08 36.28
N LEU M 57 33.54 -14.27 36.70
CA LEU M 57 33.68 -12.83 36.59
C LEU M 57 34.73 -12.29 37.52
N MET M 58 34.93 -12.89 38.69
CA MET M 58 36.01 -12.38 39.53
C MET M 58 37.37 -12.76 39.02
N LYS M 59 37.51 -13.90 38.35
CA LYS M 59 38.77 -14.15 37.64
C LYS M 59 39.00 -13.10 36.56
N ARG M 60 37.93 -12.73 35.84
CA ARG M 60 38.04 -11.69 34.82
C ARG M 60 38.43 -10.34 35.42
N ILE M 61 37.86 -9.99 36.57
CA ILE M 61 38.18 -8.72 37.21
C ILE M 61 39.61 -8.72 37.72
N GLN M 62 40.03 -9.83 38.33
CA GLN M 62 41.40 -9.93 38.82
C GLN M 62 42.41 -9.84 37.69
N ARG M 63 42.02 -10.22 36.47
CA ARG M 63 42.86 -9.93 35.32
C ARG M 63 42.89 -8.44 35.00
N GLY M 64 41.74 -7.86 34.70
CA GLY M 64 41.67 -6.47 34.29
C GLY M 64 40.30 -5.84 34.45
N PRO M 65 40.16 -4.58 34.01
CA PRO M 65 38.91 -3.84 34.25
C PRO M 65 37.77 -4.14 33.29
N VAL M 66 37.07 -5.25 33.49
CA VAL M 66 35.80 -5.50 32.83
C VAL M 66 34.73 -4.71 33.57
N ARG M 67 33.55 -4.57 32.99
CA ARG M 67 32.42 -3.98 33.71
C ARG M 67 31.75 -5.04 34.59
N GLY M 68 31.59 -4.74 35.88
CA GLY M 68 32.04 -3.49 36.46
C GLY M 68 30.88 -2.70 37.02
N ILE M 69 31.15 -1.72 37.87
CA ILE M 69 32.52 -1.29 38.15
C ILE M 69 32.89 -1.38 39.63
N SER M 70 34.07 -1.95 39.89
CA SER M 70 34.60 -2.00 41.24
C SER M 70 35.06 -0.62 41.67
N ILE M 71 35.04 -0.36 42.97
CA ILE M 71 35.42 0.95 43.47
C ILE M 71 36.92 1.16 43.38
N LYS M 72 37.72 0.10 43.59
CA LYS M 72 39.16 0.21 43.48
C LYS M 72 39.59 0.50 42.04
N LEU M 73 39.01 -0.23 41.09
CA LEU M 73 39.31 -0.03 39.68
C LEU M 73 38.92 1.37 39.24
N GLN M 74 37.78 1.85 39.71
CA GLN M 74 37.30 3.16 39.27
C GLN M 74 38.10 4.29 39.90
N GLU M 75 38.49 4.14 41.17
CA GLU M 75 39.30 5.18 41.79
C GLU M 75 40.69 5.22 41.18
N GLU M 76 41.25 4.06 40.80
CA GLU M 76 42.54 4.11 40.13
C GLU M 76 42.42 4.62 38.70
N GLU M 77 41.26 4.38 38.07
CA GLU M 77 41.00 4.94 36.75
C GLU M 77 40.94 6.46 36.79
N ARG M 78 40.24 7.02 37.78
CA ARG M 78 40.20 8.48 37.87
C ARG M 78 41.48 9.04 38.46
N GLU M 79 42.29 8.20 39.11
CA GLU M 79 43.62 8.64 39.53
C GLU M 79 44.54 8.79 38.33
N ARG M 80 44.52 7.80 37.42
CA ARG M 80 45.28 7.94 36.18
C ARG M 80 44.74 9.08 35.33
N ARG M 81 43.43 9.25 35.34
CA ARG M 81 42.79 10.29 34.54
C ARG M 81 43.14 11.68 35.07
N ASP M 82 43.14 11.82 36.38
CA ASP M 82 43.29 13.12 37.03
C ASP M 82 44.76 13.43 37.26
N ASN M 83 45.48 12.52 37.90
CA ASN M 83 46.89 12.75 38.16
C ASN M 83 47.70 12.54 36.88
N TYR M 84 49.01 12.48 37.08
CA TYR M 84 50.02 12.68 36.06
C TYR M 84 49.63 13.92 35.26
N VAL M 85 49.58 15.03 35.97
CA VAL M 85 49.88 16.30 35.35
C VAL M 85 51.39 16.35 35.48
N PRO M 86 52.13 16.51 34.38
CA PRO M 86 53.59 16.42 34.47
C PRO M 86 54.21 17.60 35.20
N GLU M 87 55.46 17.42 35.61
CA GLU M 87 56.16 18.49 36.30
C GLU M 87 56.61 19.59 35.34
N VAL M 88 56.75 19.28 34.06
CA VAL M 88 57.10 20.25 33.03
C VAL M 88 56.11 20.09 31.88
N SER M 89 55.71 21.21 31.30
CA SER M 89 54.68 21.17 30.27
C SER M 89 55.21 20.54 28.98
N ALA M 90 54.34 19.79 28.31
CA ALA M 90 54.71 19.20 27.04
C ALA M 90 54.68 20.21 25.90
N LEU M 91 54.09 21.37 26.11
CA LEU M 91 54.05 22.43 25.12
C LEU M 91 55.19 23.42 25.27
N ASP M 92 56.07 23.23 26.26
CA ASP M 92 57.26 24.07 26.39
C ASP M 92 58.42 23.42 25.66
N GLN M 93 58.32 23.44 24.33
CA GLN M 93 59.33 22.80 23.50
C GLN M 93 60.62 23.61 23.46
N GLU M 94 60.50 24.94 23.56
CA GLU M 94 61.58 25.95 23.60
C GLU M 94 62.29 26.08 22.25
N ILE M 95 61.98 25.19 21.31
CA ILE M 95 62.32 25.28 19.90
C ILE M 95 61.11 24.81 19.13
N ILE M 96 60.48 25.71 18.37
CA ILE M 96 59.30 25.38 17.59
C ILE M 96 59.70 25.40 16.13
N GLU M 97 59.49 24.29 15.44
CA GLU M 97 59.75 24.21 14.02
C GLU M 97 58.54 24.72 13.25
N VAL M 98 58.78 25.62 12.30
CA VAL M 98 57.73 26.25 11.52
C VAL M 98 58.09 26.23 10.03
N ASP M 99 57.08 26.02 9.21
CA ASP M 99 57.18 26.30 7.79
C ASP M 99 57.40 27.80 7.62
N PRO M 100 58.18 28.25 6.62
CA PRO M 100 58.21 29.68 6.30
C PRO M 100 56.87 30.28 5.94
N ASP M 101 55.93 29.44 5.49
CA ASP M 101 54.57 29.92 5.24
C ASP M 101 53.87 30.29 6.54
N THR M 102 54.01 29.45 7.57
CA THR M 102 53.46 29.81 8.88
C THR M 102 54.23 30.98 9.48
N LYS M 103 55.52 31.08 9.19
CA LYS M 103 56.29 32.24 9.61
C LYS M 103 55.72 33.51 8.99
N GLU M 104 55.35 33.45 7.72
CA GLU M 104 54.75 34.63 7.08
C GLU M 104 53.35 34.91 7.63
N MET M 105 52.61 33.86 7.97
CA MET M 105 51.31 34.05 8.61
C MET M 105 51.44 34.77 9.93
N LEU M 106 52.42 34.38 10.75
CA LEU M 106 52.67 35.08 12.00
C LEU M 106 53.23 36.48 11.76
N LYS M 107 53.99 36.64 10.67
CA LYS M 107 54.56 37.94 10.34
C LYS M 107 53.48 38.95 10.01
N LEU M 108 52.41 38.50 9.35
CA LEU M 108 51.33 39.41 9.03
C LEU M 108 50.29 39.53 10.15
N LEU M 109 50.51 38.86 11.28
CA LEU M 109 49.68 39.08 12.46
C LEU M 109 50.52 39.48 13.66
N ASP M 110 51.70 40.04 13.37
CA ASP M 110 52.54 40.82 14.29
C ASP M 110 53.15 39.98 15.40
N PHE M 111 53.41 38.70 15.13
CA PHE M 111 54.14 37.87 16.09
C PHE M 111 55.29 37.12 15.46
N GLY M 112 55.61 37.35 14.19
CA GLY M 112 56.62 36.56 13.54
C GLY M 112 58.05 36.99 13.77
N SER M 113 58.27 38.05 14.55
CA SER M 113 59.60 38.64 14.66
C SER M 113 59.98 38.88 16.12
N LEU M 114 59.38 38.16 17.06
CA LEU M 114 59.86 38.23 18.43
C LEU M 114 60.02 36.89 19.11
N SER M 115 59.61 35.79 18.47
CA SER M 115 59.65 34.48 19.10
C SER M 115 60.90 33.73 18.68
N ASN M 116 61.13 32.57 19.30
CA ASN M 116 62.30 31.75 18.98
C ASN M 116 62.24 31.19 17.56
N LEU M 117 61.29 30.28 17.29
CA LEU M 117 60.80 29.92 15.96
C LEU M 117 61.93 29.53 14.98
N GLN M 118 62.59 28.42 15.30
CA GLN M 118 63.54 27.86 14.35
C GLN M 118 62.81 27.38 13.09
N VAL M 119 63.32 27.76 11.93
CA VAL M 119 62.65 27.57 10.65
C VAL M 119 63.46 26.60 9.79
N THR M 120 62.77 25.70 9.09
CA THR M 120 63.40 24.91 8.04
C THR M 120 63.09 25.49 6.67
N GLN M 121 63.65 24.90 5.69
CA GLN M 121 63.39 25.12 4.28
C GLN M 121 62.16 24.33 3.85
N PRO M 122 61.40 24.81 2.87
CA PRO M 122 60.26 24.04 2.39
C PRO M 122 60.71 22.79 1.65
N THR M 123 59.86 21.77 1.68
CA THR M 123 60.21 20.50 1.08
C THR M 123 59.94 20.54 -0.43
N VAL M 124 61.01 20.41 -1.20
CA VAL M 124 60.89 20.26 -2.64
C VAL M 124 60.27 18.91 -2.95
N GLY M 125 59.25 18.90 -3.80
CA GLY M 125 58.26 17.86 -3.63
C GLY M 125 57.02 17.95 -4.48
N MET M 126 55.88 17.97 -3.77
CA MET M 126 54.50 17.86 -4.23
C MET M 126 54.20 16.40 -4.56
N ASN M 127 54.97 15.50 -3.97
CA ASN M 127 54.63 14.08 -3.99
C ASN M 127 53.82 13.64 -2.76
N PHE M 128 52.73 14.34 -2.50
CA PHE M 128 51.62 13.82 -1.71
C PHE M 128 50.66 13.14 -2.69
N LYS M 129 49.41 12.86 -2.27
CA LYS M 129 48.36 12.36 -3.16
C LYS M 129 48.72 10.98 -3.75
N THR M 130 48.62 9.98 -2.87
CA THR M 130 48.82 8.56 -3.16
C THR M 130 48.22 8.13 -4.50
N PRO M 131 48.88 7.25 -5.25
CA PRO M 131 48.54 7.04 -6.67
C PRO M 131 47.14 6.49 -6.87
N ARG M 132 46.51 6.93 -7.96
CA ARG M 132 45.11 6.63 -8.20
C ARG M 132 44.93 5.21 -8.72
N GLY M 133 43.79 4.62 -8.36
CA GLY M 133 43.47 3.28 -8.75
C GLY M 133 44.26 2.27 -7.96
N PRO M 134 44.05 0.98 -8.25
CA PRO M 134 44.98 -0.03 -7.74
C PRO M 134 46.30 0.05 -8.47
N VAL M 135 47.38 -0.04 -7.70
CA VAL M 135 48.81 0.00 -8.13
C VAL M 135 49.13 0.94 -9.30
N MET N 1 23.56 -99.14 20.90
CA MET N 1 22.79 -100.37 20.98
C MET N 1 23.06 -101.25 19.76
N SER N 2 22.29 -100.99 18.70
CA SER N 2 22.47 -101.73 17.45
C SER N 2 23.82 -101.40 16.85
N LEU N 3 24.66 -102.43 16.70
CA LEU N 3 26.03 -102.20 16.29
C LEU N 3 26.11 -101.74 14.85
N VAL N 4 25.66 -102.57 13.91
CA VAL N 4 25.80 -102.23 12.49
C VAL N 4 24.44 -102.05 11.82
N ILE N 5 23.59 -103.08 11.85
CA ILE N 5 22.31 -103.10 11.16
C ILE N 5 21.62 -104.39 11.61
N PRO N 6 20.29 -104.47 11.63
CA PRO N 6 19.66 -105.79 11.62
C PRO N 6 19.73 -106.36 10.21
N GLU N 7 19.99 -107.66 10.12
CA GLU N 7 20.13 -108.31 8.82
C GLU N 7 18.81 -108.28 8.06
N LYS N 8 17.71 -108.57 8.74
CA LYS N 8 16.38 -108.52 8.14
C LYS N 8 15.74 -107.18 8.52
N PHE N 9 16.05 -106.15 7.73
CA PHE N 9 15.57 -104.80 7.97
C PHE N 9 14.47 -104.50 6.96
N GLN N 10 13.25 -104.37 7.44
CA GLN N 10 12.12 -104.05 6.56
C GLN N 10 12.11 -102.54 6.32
N HIS N 11 12.46 -102.14 5.10
CA HIS N 11 12.61 -100.72 4.81
C HIS N 11 11.27 -99.99 4.78
N ILE N 12 10.24 -100.59 4.21
CA ILE N 12 8.92 -99.96 4.14
C ILE N 12 7.91 -100.95 4.70
N LEU N 13 7.17 -100.51 5.71
CA LEU N 13 6.10 -101.33 6.27
C LEU N 13 4.78 -101.00 5.57
N ARG N 14 3.84 -101.94 5.65
CA ARG N 14 2.54 -101.81 5.01
C ARG N 14 1.53 -102.33 6.04
N VAL N 15 0.82 -101.41 6.69
CA VAL N 15 0.15 -101.78 7.93
C VAL N 15 -1.36 -101.94 7.78
N LEU N 16 -2.10 -100.88 7.43
CA LEU N 16 -3.52 -101.07 7.17
C LEU N 16 -3.87 -100.81 5.72
N ASN N 17 -3.60 -99.61 5.23
CA ASN N 17 -3.54 -99.31 3.81
C ASN N 17 -2.38 -98.41 3.46
N THR N 18 -1.64 -97.92 4.45
CA THR N 18 -0.65 -96.89 4.23
C THR N 18 0.75 -97.46 4.36
N ASN N 19 1.68 -96.76 3.73
CA ASN N 19 3.08 -97.13 3.75
C ASN N 19 3.74 -96.45 4.94
N ILE N 20 4.23 -97.22 5.89
CA ILE N 20 4.93 -96.68 7.04
C ILE N 20 6.42 -96.69 6.74
N ASP N 21 7.03 -95.52 6.80
CA ASP N 21 8.46 -95.39 6.51
C ASP N 21 9.28 -96.02 7.63
N GLY N 22 9.98 -97.09 7.31
CA GLY N 22 10.68 -97.84 8.33
C GLY N 22 11.95 -97.23 8.84
N ARG N 23 12.38 -96.10 8.29
CA ARG N 23 13.57 -95.44 8.77
C ARG N 23 13.30 -94.46 9.91
N ARG N 24 12.05 -94.05 10.10
CA ARG N 24 11.73 -93.17 11.22
C ARG N 24 11.68 -93.97 12.51
N LYS N 25 11.85 -93.26 13.62
CA LYS N 25 11.65 -93.90 14.91
C LYS N 25 10.16 -94.20 15.09
N ILE N 26 9.89 -95.22 15.91
CA ILE N 26 8.69 -96.02 15.77
C ILE N 26 7.41 -95.22 16.04
N ALA N 27 7.39 -94.40 17.08
CA ALA N 27 6.19 -93.61 17.36
C ALA N 27 5.92 -92.60 16.25
N PHE N 28 6.95 -91.85 15.89
CA PHE N 28 6.87 -90.90 14.78
C PHE N 28 6.82 -91.59 13.43
N ALA N 29 7.04 -92.90 13.37
CA ALA N 29 6.83 -93.64 12.14
C ALA N 29 5.37 -94.03 11.97
N ILE N 30 4.75 -94.55 13.03
CA ILE N 30 3.38 -94.98 12.89
C ILE N 30 2.41 -93.84 12.99
N THR N 31 2.90 -92.63 13.29
CA THR N 31 1.98 -91.50 13.25
C THR N 31 1.52 -91.15 11.84
N ALA N 32 2.00 -91.85 10.80
CA ALA N 32 1.62 -91.61 9.42
C ALA N 32 0.27 -92.20 9.05
N ILE N 33 -0.35 -92.96 9.93
CA ILE N 33 -1.72 -93.42 9.71
C ILE N 33 -2.69 -92.40 10.30
N LYS N 34 -3.79 -92.16 9.59
CA LYS N 34 -4.78 -91.21 10.05
C LYS N 34 -5.44 -91.72 11.32
N GLY N 35 -5.91 -90.80 12.15
CA GLY N 35 -6.47 -91.14 13.43
C GLY N 35 -5.44 -91.36 14.52
N VAL N 36 -4.16 -91.46 14.18
CA VAL N 36 -3.10 -91.68 15.15
C VAL N 36 -2.14 -90.51 15.07
N GLY N 37 -2.00 -89.80 16.18
CA GLY N 37 -1.06 -88.71 16.30
C GLY N 37 0.12 -89.09 17.19
N ARG N 38 0.92 -88.08 17.51
CA ARG N 38 2.12 -88.29 18.32
C ARG N 38 1.75 -88.79 19.71
N ARG N 39 0.74 -88.17 20.29
CA ARG N 39 0.27 -88.49 21.64
C ARG N 39 -0.26 -89.92 21.72
N TYR N 40 -1.15 -90.27 20.79
CA TYR N 40 -1.77 -91.59 20.80
C TYR N 40 -0.76 -92.68 20.45
N ALA N 41 0.17 -92.40 19.54
CA ALA N 41 1.21 -93.36 19.22
C ALA N 41 2.08 -93.65 20.43
N HIS N 42 2.43 -92.59 21.17
CA HIS N 42 3.27 -92.80 22.34
C HIS N 42 2.56 -93.63 23.40
N VAL N 43 1.25 -93.40 23.58
CA VAL N 43 0.57 -94.20 24.61
C VAL N 43 0.38 -95.65 24.15
N VAL N 44 0.18 -95.89 22.84
CA VAL N 44 -0.05 -97.28 22.47
C VAL N 44 1.26 -98.05 22.44
N LEU N 45 2.39 -97.39 22.21
CA LEU N 45 3.63 -98.13 22.38
C LEU N 45 4.05 -98.26 23.83
N ARG N 46 3.60 -97.35 24.69
CA ARG N 46 3.84 -97.59 26.11
C ARG N 46 3.01 -98.78 26.60
N LYS N 47 1.81 -98.95 26.03
CA LYS N 47 0.98 -100.09 26.40
C LYS N 47 1.48 -101.37 25.75
N ALA N 48 2.06 -101.29 24.56
CA ALA N 48 2.56 -102.47 23.87
C ALA N 48 3.86 -102.99 24.47
N ASP N 49 4.54 -102.16 25.26
CA ASP N 49 5.79 -102.50 25.93
C ASP N 49 6.88 -102.90 24.93
N ILE N 50 7.15 -101.99 24.00
CA ILE N 50 8.31 -102.12 23.12
C ILE N 50 9.24 -100.96 23.44
N ASP N 51 10.52 -101.16 23.14
CA ASP N 51 11.52 -100.13 23.43
C ASP N 51 11.33 -99.02 22.40
N LEU N 52 11.04 -97.80 22.85
CA LEU N 52 10.79 -96.69 21.94
C LEU N 52 12.03 -96.25 21.17
N THR N 53 13.22 -96.64 21.61
CA THR N 53 14.44 -96.13 21.01
C THR N 53 14.83 -96.86 19.74
N LYS N 54 14.10 -97.89 19.34
CA LYS N 54 14.41 -98.59 18.10
C LYS N 54 13.51 -98.08 16.99
N ARG N 55 14.05 -98.12 15.77
CA ARG N 55 13.33 -97.57 14.63
C ARG N 55 12.30 -98.59 14.14
N ALA N 56 11.53 -98.17 13.14
CA ALA N 56 10.39 -98.97 12.72
C ALA N 56 10.80 -100.19 11.93
N GLY N 57 12.00 -100.18 11.34
CA GLY N 57 12.40 -101.29 10.50
C GLY N 57 12.79 -102.54 11.26
N GLU N 58 13.35 -102.37 12.46
CA GLU N 58 13.86 -103.51 13.22
C GLU N 58 12.85 -104.02 14.24
N LEU N 59 11.58 -103.65 14.12
CA LEU N 59 10.54 -104.36 14.83
C LEU N 59 10.22 -105.66 14.12
N THR N 60 10.08 -106.73 14.90
CA THR N 60 9.68 -108.00 14.31
C THR N 60 8.18 -107.98 14.00
N GLU N 61 7.76 -108.91 13.15
CA GLU N 61 6.39 -108.88 12.65
C GLU N 61 5.37 -109.20 13.75
N ASP N 62 5.76 -110.01 14.73
CA ASP N 62 4.87 -110.25 15.87
C ASP N 62 4.66 -108.99 16.71
N GLU N 63 5.72 -108.19 16.87
CA GLU N 63 5.60 -106.95 17.62
C GLU N 63 4.71 -105.95 16.88
N VAL N 64 4.84 -105.89 15.56
CA VAL N 64 3.97 -105.07 14.75
C VAL N 64 2.52 -105.52 14.87
N GLU N 65 2.31 -106.83 14.86
CA GLU N 65 0.96 -107.37 15.00
C GLU N 65 0.38 -107.03 16.36
N ARG N 66 1.20 -107.11 17.41
CA ARG N 66 0.73 -106.71 18.74
C ARG N 66 0.39 -105.24 18.80
N VAL N 67 1.23 -104.39 18.22
CA VAL N 67 0.97 -102.95 18.20
C VAL N 67 -0.33 -102.66 17.50
N ILE N 68 -0.61 -103.37 16.40
CA ILE N 68 -1.84 -103.13 15.66
C ILE N 68 -3.06 -103.62 16.45
N THR N 69 -2.96 -104.79 17.06
CA THR N 69 -4.13 -105.33 17.74
C THR N 69 -4.41 -104.60 19.04
N ILE N 70 -3.42 -103.86 19.57
CA ILE N 70 -3.75 -103.00 20.70
C ILE N 70 -4.05 -101.57 20.27
N MET N 71 -3.75 -101.22 19.02
CA MET N 71 -4.14 -99.94 18.47
C MET N 71 -5.59 -99.91 18.05
N GLN N 72 -6.08 -100.99 17.45
CA GLN N 72 -7.46 -101.07 17.00
C GLN N 72 -8.43 -101.33 18.15
N ASN N 73 -7.95 -101.84 19.28
CA ASN N 73 -8.81 -102.20 20.41
C ASN N 73 -8.28 -101.51 21.66
N PRO N 74 -8.42 -100.20 21.75
CA PRO N 74 -7.74 -99.48 22.83
C PRO N 74 -8.39 -99.66 24.19
N ARG N 75 -9.71 -99.77 24.26
CA ARG N 75 -10.38 -99.79 25.56
C ARG N 75 -10.16 -101.10 26.30
N GLN N 76 -9.99 -102.22 25.61
CA GLN N 76 -9.74 -103.49 26.29
C GLN N 76 -8.39 -103.51 27.00
N TYR N 77 -7.47 -102.65 26.61
CA TYR N 77 -6.11 -102.64 27.13
C TYR N 77 -5.81 -101.33 27.87
N LYS N 78 -6.85 -100.77 28.50
CA LYS N 78 -6.76 -99.74 29.53
C LYS N 78 -6.24 -98.41 28.96
N ILE N 79 -6.49 -98.14 27.68
CA ILE N 79 -6.33 -96.78 27.19
C ILE N 79 -7.44 -95.97 27.84
N PRO N 80 -7.13 -94.83 28.45
CA PRO N 80 -8.18 -94.07 29.14
C PRO N 80 -9.27 -93.60 28.20
N ASP N 81 -10.46 -93.45 28.77
CA ASP N 81 -11.66 -93.22 27.99
C ASP N 81 -11.62 -91.86 27.29
N TRP N 82 -11.14 -90.83 27.98
CA TRP N 82 -11.09 -89.47 27.45
C TRP N 82 -10.05 -89.28 26.37
N PHE N 83 -9.34 -90.32 26.00
CA PHE N 83 -8.18 -90.22 25.13
C PHE N 83 -8.58 -90.44 23.67
N LEU N 84 -9.78 -90.94 23.44
CA LEU N 84 -10.16 -91.52 22.16
C LEU N 84 -10.57 -90.46 21.15
N ASN N 85 -10.76 -90.90 19.92
CA ASN N 85 -11.04 -90.04 18.78
C ASN N 85 -12.53 -89.84 18.57
N ARG N 86 -13.28 -90.95 18.48
CA ARG N 86 -14.73 -90.93 18.32
C ARG N 86 -15.33 -91.53 19.56
N GLN N 87 -15.69 -90.68 20.50
CA GLN N 87 -16.25 -91.10 21.77
C GLN N 87 -17.67 -90.59 21.90
N LYS N 88 -18.58 -91.47 22.35
CA LYS N 88 -20.02 -91.24 22.42
C LYS N 88 -20.57 -90.84 21.05
N ASP N 89 -20.48 -91.81 20.13
CA ASP N 89 -20.87 -91.59 18.74
C ASP N 89 -22.36 -91.29 18.67
N VAL N 90 -22.74 -90.51 17.65
CA VAL N 90 -24.13 -90.12 17.44
C VAL N 90 -24.92 -91.19 16.69
N LYS N 91 -24.26 -92.23 16.23
CA LYS N 91 -24.98 -93.29 15.54
C LYS N 91 -25.19 -94.52 16.40
N ASP N 92 -24.19 -94.93 17.17
CA ASP N 92 -24.34 -96.12 17.99
C ASP N 92 -23.97 -95.93 19.45
N GLY N 93 -23.36 -94.81 19.82
CA GLY N 93 -23.10 -94.50 21.21
C GLY N 93 -21.85 -95.10 21.79
N LYS N 94 -21.20 -96.00 21.08
CA LYS N 94 -20.02 -96.64 21.62
C LYS N 94 -18.77 -95.80 21.38
N TYR N 95 -17.70 -96.16 22.07
CA TYR N 95 -16.51 -95.33 22.16
C TYR N 95 -15.40 -96.01 21.36
N SER N 96 -14.73 -95.25 20.50
CA SER N 96 -13.78 -95.86 19.59
C SER N 96 -12.72 -94.86 19.18
N GLN N 97 -11.69 -95.36 18.53
CA GLN N 97 -10.68 -94.53 17.89
C GLN N 97 -10.69 -94.92 16.41
N VAL N 98 -11.29 -94.08 15.57
CA VAL N 98 -11.28 -94.32 14.14
C VAL N 98 -9.89 -94.02 13.60
N LEU N 99 -9.31 -94.98 12.90
CA LEU N 99 -7.87 -94.96 12.70
C LEU N 99 -7.45 -95.26 11.27
N ALA N 100 -8.30 -94.97 10.30
CA ALA N 100 -8.07 -95.52 8.97
C ALA N 100 -8.77 -94.64 7.95
N ASN N 101 -8.96 -95.17 6.73
CA ASN N 101 -9.91 -94.62 5.79
C ASN N 101 -11.32 -94.59 6.37
N GLY N 102 -11.58 -95.44 7.37
CA GLY N 102 -12.80 -95.34 8.14
C GLY N 102 -12.97 -94.00 8.82
N LEU N 103 -11.87 -93.33 9.19
CA LEU N 103 -11.99 -91.97 9.71
C LEU N 103 -12.48 -91.01 8.64
N ASP N 104 -12.02 -91.18 7.41
CA ASP N 104 -12.53 -90.39 6.29
C ASP N 104 -14.01 -90.67 6.07
N ASN N 105 -14.40 -91.95 6.20
CA ASN N 105 -15.80 -92.34 6.08
C ASN N 105 -16.64 -91.68 7.17
N LYS N 106 -16.13 -91.64 8.40
CA LYS N 106 -16.88 -91.08 9.51
C LYS N 106 -17.04 -89.58 9.36
N LEU N 107 -15.99 -88.89 8.94
CA LEU N 107 -16.10 -87.46 8.66
C LEU N 107 -17.10 -87.20 7.55
N ARG N 108 -17.08 -88.03 6.50
CA ARG N 108 -18.03 -87.88 5.40
C ARG N 108 -19.46 -88.04 5.87
N GLU N 109 -19.72 -89.04 6.71
CA GLU N 109 -21.09 -89.30 7.11
C GLU N 109 -21.58 -88.24 8.10
N ASP N 110 -20.69 -87.70 8.94
CA ASP N 110 -21.07 -86.56 9.78
C ASP N 110 -21.47 -85.36 8.94
N LEU N 111 -20.65 -85.04 7.93
CA LEU N 111 -20.97 -83.92 7.06
C LEU N 111 -22.29 -84.13 6.34
N GLU N 112 -22.53 -85.34 5.82
CA GLU N 112 -23.74 -85.52 5.03
C GLU N 112 -24.98 -85.63 5.91
N ARG N 113 -24.86 -86.04 7.18
CA ARG N 113 -26.05 -86.02 8.02
C ARG N 113 -26.41 -84.60 8.47
N LEU N 114 -25.40 -83.77 8.73
CA LEU N 114 -25.68 -82.36 8.99
C LEU N 114 -26.27 -81.69 7.76
N LYS N 115 -25.79 -82.05 6.57
CA LYS N 115 -26.35 -81.54 5.33
C LYS N 115 -27.77 -82.05 5.10
N LYS N 116 -28.04 -83.28 5.52
CA LYS N 116 -29.33 -83.92 5.26
C LYS N 116 -30.41 -83.33 6.14
N ILE N 117 -30.09 -82.97 7.38
CA ILE N 117 -31.11 -82.30 8.20
C ILE N 117 -31.19 -80.82 7.89
N ARG N 118 -30.31 -80.31 7.03
CA ARG N 118 -30.25 -78.89 6.64
C ARG N 118 -30.10 -77.97 7.84
N ALA N 119 -29.13 -78.29 8.68
CA ALA N 119 -28.70 -77.39 9.74
C ALA N 119 -27.71 -76.37 9.18
N HIS N 120 -27.43 -75.34 9.97
CA HIS N 120 -26.61 -74.24 9.47
C HIS N 120 -25.17 -74.67 9.19
N ARG N 121 -24.61 -75.52 10.05
CA ARG N 121 -23.25 -76.01 9.80
C ARG N 121 -23.19 -76.85 8.55
N GLY N 122 -24.21 -77.68 8.32
CA GLY N 122 -24.25 -78.45 7.09
C GLY N 122 -24.41 -77.58 5.86
N LEU N 123 -25.16 -76.49 5.98
CA LEU N 123 -25.30 -75.56 4.87
C LEU N 123 -23.99 -74.87 4.55
N ARG N 124 -23.23 -74.48 5.58
CA ARG N 124 -21.97 -73.80 5.31
C ARG N 124 -20.89 -74.77 4.86
N HIS N 125 -20.99 -76.04 5.25
CA HIS N 125 -20.12 -77.05 4.66
C HIS N 125 -20.50 -77.33 3.22
N PHE N 126 -21.78 -77.24 2.89
CA PHE N 126 -22.24 -77.47 1.53
C PHE N 126 -21.75 -76.39 0.60
N TRP N 127 -21.77 -75.13 1.05
CA TRP N 127 -21.08 -74.06 0.36
C TRP N 127 -19.60 -74.13 0.74
N GLY N 128 -18.81 -73.18 0.27
CA GLY N 128 -17.39 -73.29 0.55
C GLY N 128 -16.95 -72.52 1.77
N LEU N 129 -17.88 -72.19 2.65
CA LEU N 129 -17.67 -71.15 3.64
C LEU N 129 -17.08 -71.71 4.94
N ARG N 130 -16.61 -70.79 5.77
CA ARG N 130 -16.09 -71.15 7.08
C ARG N 130 -17.23 -71.53 8.02
N VAL N 131 -16.94 -72.45 8.93
CA VAL N 131 -17.96 -73.10 9.73
C VAL N 131 -17.98 -72.55 11.16
N ARG N 132 -16.82 -72.26 11.72
CA ARG N 132 -16.70 -72.00 13.15
C ARG N 132 -16.83 -70.52 13.51
N GLY N 133 -17.55 -69.75 12.70
CA GLY N 133 -17.88 -68.40 13.09
C GLY N 133 -16.82 -67.36 12.83
N GLN N 134 -15.88 -67.62 11.94
CA GLN N 134 -14.86 -66.64 11.63
C GLN N 134 -15.42 -65.53 10.77
N HIS N 135 -14.67 -64.43 10.69
CA HIS N 135 -15.00 -63.36 9.76
C HIS N 135 -14.50 -63.74 8.38
N THR N 136 -15.33 -63.54 7.37
CA THR N 136 -14.98 -63.94 6.01
C THR N 136 -14.73 -62.78 5.08
N LYS N 137 -14.65 -61.55 5.60
CA LYS N 137 -14.49 -60.40 4.74
C LYS N 137 -13.06 -60.30 4.20
N THR N 138 -12.07 -60.59 5.03
CA THR N 138 -10.69 -60.32 4.68
C THR N 138 -9.84 -61.56 4.45
N THR N 139 -9.98 -62.60 5.26
CA THR N 139 -9.14 -63.77 5.12
C THR N 139 -9.89 -64.89 4.40
N GLY N 140 -9.15 -65.95 4.10
CA GLY N 140 -9.73 -67.13 3.52
C GLY N 140 -9.89 -67.12 2.03
N ARG N 141 -9.23 -66.20 1.34
CA ARG N 141 -9.38 -66.07 -0.11
C ARG N 141 -8.46 -66.98 -0.90
N ARG N 142 -7.56 -67.72 -0.24
CA ARG N 142 -6.58 -68.53 -0.95
C ARG N 142 -7.25 -69.68 -1.70
N GLY N 143 -8.21 -70.35 -1.07
CA GLY N 143 -9.00 -71.33 -1.79
C GLY N 143 -9.85 -70.71 -2.88
N ARG N 144 -10.32 -69.48 -2.65
CA ARG N 144 -11.16 -68.79 -3.61
C ARG N 144 -10.28 -68.14 -4.67
N THR N 145 -10.90 -67.42 -5.61
CA THR N 145 -10.18 -66.89 -6.75
C THR N 145 -9.29 -65.71 -6.34
N PRO O 1 34.30 -81.29 56.63
CA PRO O 1 32.99 -81.90 56.37
C PRO O 1 31.94 -81.44 57.39
N GLY O 2 30.70 -81.19 56.95
CA GLY O 2 30.31 -81.34 55.56
C GLY O 2 29.75 -82.72 55.27
N VAL O 3 28.87 -82.84 54.28
CA VAL O 3 28.37 -81.72 53.51
C VAL O 3 26.87 -81.69 53.61
N THR O 4 26.24 -80.70 52.97
CA THR O 4 24.80 -80.54 52.96
C THR O 4 24.31 -80.51 51.52
N VAL O 5 23.01 -80.30 51.36
CA VAL O 5 22.42 -80.23 50.02
C VAL O 5 22.93 -79.00 49.28
N LYS O 6 23.14 -77.90 50.00
CA LYS O 6 23.36 -76.60 49.36
C LYS O 6 24.68 -76.56 48.59
N ASP O 7 25.69 -77.27 49.07
CA ASP O 7 27.04 -77.14 48.49
C ASP O 7 27.39 -78.28 47.56
N VAL O 8 26.42 -78.81 46.83
CA VAL O 8 26.65 -79.79 45.78
C VAL O 8 25.79 -79.37 44.59
N ASN O 9 26.15 -79.84 43.40
CA ASN O 9 25.41 -79.49 42.21
C ASN O 9 24.06 -80.17 42.21
N GLN O 10 23.01 -79.41 41.96
CA GLN O 10 21.65 -79.87 42.15
C GLN O 10 21.15 -80.78 41.05
N GLN O 11 21.75 -80.72 39.85
CA GLN O 11 21.33 -81.58 38.76
C GLN O 11 21.58 -83.04 39.06
N GLU O 12 22.84 -83.41 39.28
CA GLU O 12 23.07 -84.79 39.63
C GLU O 12 22.67 -85.10 41.08
N PHE O 13 22.40 -84.08 41.90
CA PHE O 13 21.75 -84.39 43.16
C PHE O 13 20.33 -84.91 42.95
N VAL O 14 19.57 -84.30 42.05
CA VAL O 14 18.25 -84.81 41.74
C VAL O 14 18.35 -86.18 41.07
N ARG O 15 19.35 -86.36 40.20
CA ARG O 15 19.53 -87.67 39.56
C ARG O 15 19.83 -88.75 40.59
N ALA O 16 20.74 -88.46 41.53
CA ALA O 16 21.10 -89.42 42.56
C ALA O 16 19.95 -89.69 43.51
N LEU O 17 19.19 -88.66 43.87
CA LEU O 17 18.11 -88.87 44.82
C LEU O 17 16.98 -89.66 44.17
N ALA O 18 16.71 -89.40 42.89
CA ALA O 18 15.71 -90.19 42.19
C ALA O 18 16.15 -91.63 42.04
N ALA O 19 17.46 -91.85 41.84
CA ALA O 19 17.97 -93.22 41.78
C ALA O 19 17.80 -93.94 43.11
N PHE O 20 18.11 -93.25 44.22
CA PHE O 20 17.91 -93.83 45.54
C PHE O 20 16.44 -94.10 45.81
N LEU O 21 15.58 -93.20 45.36
CA LEU O 21 14.16 -93.26 45.66
C LEU O 21 13.47 -94.34 44.84
N LYS O 22 13.97 -94.58 43.63
CA LYS O 22 13.51 -95.71 42.82
C LYS O 22 14.04 -97.03 43.34
N LYS O 23 15.30 -97.03 43.82
CA LYS O 23 15.95 -98.28 44.23
C LYS O 23 15.26 -98.91 45.43
N SER O 24 14.87 -98.10 46.41
CA SER O 24 14.09 -98.58 47.55
C SER O 24 12.63 -98.52 47.14
N GLY O 25 12.05 -99.68 46.86
CA GLY O 25 10.73 -99.73 46.26
C GLY O 25 9.58 -99.53 47.22
N LYS O 26 9.51 -98.36 47.86
CA LYS O 26 8.40 -98.03 48.73
C LYS O 26 7.62 -96.80 48.30
N LEU O 27 8.08 -96.09 47.28
CA LEU O 27 7.37 -94.92 46.79
C LEU O 27 6.15 -95.35 45.99
N LYS O 28 4.98 -94.84 46.37
CA LYS O 28 3.73 -95.24 45.76
C LYS O 28 3.53 -94.50 44.45
N VAL O 29 3.46 -95.24 43.35
CA VAL O 29 3.34 -94.68 42.01
C VAL O 29 1.96 -95.00 41.47
N PRO O 30 1.17 -93.99 41.05
CA PRO O 30 -0.18 -94.28 40.57
C PRO O 30 -0.20 -95.02 39.24
N GLU O 31 -1.39 -95.41 38.79
CA GLU O 31 -1.51 -96.31 37.66
C GLU O 31 -1.51 -95.59 36.33
N TRP O 32 -1.76 -94.29 36.30
CA TRP O 32 -1.87 -93.56 35.05
C TRP O 32 -0.59 -92.82 34.69
N VAL O 33 0.56 -93.24 35.20
CA VAL O 33 1.79 -92.46 35.08
C VAL O 33 2.39 -92.49 33.68
N ASP O 34 1.76 -93.20 32.75
CA ASP O 34 2.20 -93.21 31.38
C ASP O 34 1.23 -92.54 30.41
N THR O 35 0.18 -91.89 30.90
CA THR O 35 -0.77 -91.16 30.05
C THR O 35 -1.01 -89.75 30.57
N VAL O 36 -0.08 -89.21 31.35
CA VAL O 36 -0.35 -88.02 32.17
C VAL O 36 -0.45 -86.74 31.35
N LYS O 37 0.49 -86.49 30.44
CA LYS O 37 0.84 -85.28 29.72
C LYS O 37 1.45 -84.19 30.60
N LEU O 38 1.48 -84.35 31.94
CA LEU O 38 2.25 -83.48 32.84
C LEU O 38 2.15 -81.97 32.63
N ALA O 39 1.09 -81.30 33.10
CA ALA O 39 0.91 -79.86 32.92
C ALA O 39 0.59 -79.44 31.50
N LYS O 40 -0.70 -79.45 31.19
CA LYS O 40 -1.33 -79.23 29.89
C LYS O 40 -0.75 -78.17 28.95
N HIS O 41 0.09 -77.27 29.44
CA HIS O 41 0.80 -76.39 28.51
C HIS O 41 1.87 -77.11 27.70
N LYS O 42 2.12 -78.38 27.91
CA LYS O 42 3.05 -79.13 27.10
C LYS O 42 2.38 -80.40 26.63
N GLU O 43 2.89 -80.95 25.54
CA GLU O 43 2.43 -82.22 24.99
C GLU O 43 3.48 -83.29 25.25
N LEU O 44 3.19 -84.50 24.77
CA LEU O 44 4.20 -85.56 24.64
C LEU O 44 4.81 -85.94 25.99
N ALA O 45 3.99 -86.61 26.81
CA ALA O 45 4.29 -87.14 28.15
C ALA O 45 5.71 -87.70 28.23
N PRO O 46 6.44 -87.45 29.32
CA PRO O 46 7.90 -87.25 29.25
C PRO O 46 8.67 -88.42 28.66
N TYR O 47 9.80 -88.08 28.04
CA TYR O 47 10.68 -89.06 27.39
C TYR O 47 11.47 -89.78 28.47
N ASP O 48 10.75 -90.52 29.30
CA ASP O 48 11.30 -91.25 30.44
C ASP O 48 10.23 -92.19 30.95
N GLU O 49 10.66 -93.40 31.32
CA GLU O 49 9.73 -94.33 31.96
C GLU O 49 9.53 -93.95 33.42
N ASN O 50 10.50 -93.28 34.02
CA ASN O 50 10.58 -93.11 35.45
C ASN O 50 10.56 -91.64 35.84
N TRP O 51 9.73 -90.86 35.15
CA TRP O 51 9.63 -89.44 35.43
C TRP O 51 9.08 -89.16 36.81
N PHE O 52 8.27 -90.09 37.35
CA PHE O 52 7.67 -89.88 38.66
C PHE O 52 8.71 -89.82 39.76
N TYR O 53 9.73 -90.66 39.68
CA TYR O 53 10.76 -90.66 40.69
C TYR O 53 11.57 -89.37 40.66
N THR O 54 11.87 -88.86 39.47
CA THR O 54 12.61 -87.60 39.38
C THR O 54 11.76 -86.42 39.84
N ARG O 55 10.45 -86.47 39.56
CA ARG O 55 9.58 -85.41 40.04
C ARG O 55 9.47 -85.43 41.55
N ALA O 56 9.38 -86.63 42.15
CA ALA O 56 9.39 -86.73 43.60
C ALA O 56 10.71 -86.24 44.18
N ALA O 57 11.81 -86.50 43.47
CA ALA O 57 13.12 -86.02 43.92
C ALA O 57 13.17 -84.50 43.94
N SER O 58 12.73 -83.86 42.86
CA SER O 58 12.82 -82.41 42.81
C SER O 58 11.83 -81.75 43.75
N THR O 59 10.68 -82.39 43.99
CA THR O 59 9.76 -81.90 45.00
C THR O 59 10.36 -81.97 46.39
N ALA O 60 11.05 -83.08 46.70
CA ALA O 60 11.69 -83.21 48.00
C ALA O 60 12.79 -82.19 48.18
N ARG O 61 13.56 -81.92 47.13
CA ARG O 61 14.61 -80.91 47.18
C ARG O 61 14.03 -79.51 47.42
N HIS O 62 12.96 -79.18 46.69
CA HIS O 62 12.34 -77.87 46.82
C HIS O 62 11.72 -77.69 48.19
N LEU O 63 11.14 -78.75 48.75
CA LEU O 63 10.61 -78.66 50.10
C LEU O 63 11.72 -78.61 51.13
N TYR O 64 12.90 -79.14 50.80
CA TYR O 64 14.03 -79.01 51.69
C TYR O 64 14.49 -77.57 51.80
N LEU O 65 14.70 -76.91 50.67
CA LEU O 65 15.27 -75.57 50.75
C LEU O 65 14.24 -74.45 50.82
N ARG O 66 12.95 -74.76 50.69
CA ARG O 66 11.91 -73.75 50.94
C ARG O 66 10.67 -74.49 51.43
N GLY O 67 10.37 -74.37 52.71
CA GLY O 67 9.30 -75.15 53.31
C GLY O 67 7.96 -74.45 53.28
N GLY O 68 6.93 -75.20 53.65
CA GLY O 68 5.58 -74.68 53.69
C GLY O 68 4.85 -74.66 52.37
N ALA O 69 5.37 -75.34 51.35
CA ALA O 69 4.77 -75.30 50.03
C ALA O 69 3.58 -76.23 49.93
N GLY O 70 2.60 -75.83 49.14
CA GLY O 70 1.42 -76.63 48.91
C GLY O 70 1.28 -77.03 47.47
N VAL O 71 0.08 -77.45 47.06
CA VAL O 71 -0.13 -77.85 45.67
C VAL O 71 -0.09 -76.64 44.75
N GLY O 72 -0.58 -75.49 45.22
CA GLY O 72 -0.46 -74.28 44.43
C GLY O 72 0.98 -73.83 44.24
N SER O 73 1.79 -73.97 45.30
CA SER O 73 3.20 -73.62 45.18
C SER O 73 3.90 -74.55 44.20
N MET O 74 3.57 -75.83 44.21
CA MET O 74 4.22 -76.77 43.31
C MET O 74 3.74 -76.58 41.88
N THR O 75 2.47 -76.25 41.69
CA THR O 75 1.98 -76.02 40.34
C THR O 75 2.46 -74.68 39.81
N LYS O 76 2.91 -73.78 40.68
CA LYS O 76 3.64 -72.60 40.23
C LYS O 76 5.10 -72.93 39.94
N ILE O 77 5.68 -73.88 40.68
CA ILE O 77 7.09 -74.19 40.51
C ILE O 77 7.33 -74.89 39.18
N TYR O 78 6.49 -75.86 38.84
CA TYR O 78 6.66 -76.63 37.63
C TYR O 78 5.85 -76.07 36.48
N GLY O 79 5.54 -74.79 36.52
CA GLY O 79 4.91 -74.15 35.40
C GLY O 79 5.88 -73.74 34.33
N GLY O 80 5.34 -73.39 33.17
CA GLY O 80 6.17 -73.04 32.04
C GLY O 80 5.42 -72.25 31.00
N ARG O 81 6.05 -72.02 29.87
CA ARG O 81 5.51 -71.16 28.84
C ARG O 81 4.67 -71.98 27.88
N GLN O 82 3.43 -71.56 27.67
CA GLN O 82 2.50 -72.25 26.79
C GLN O 82 2.54 -71.59 25.43
N ARG O 83 3.16 -72.26 24.46
CA ARG O 83 3.01 -71.84 23.07
C ARG O 83 1.58 -72.11 22.64
N ASN O 84 0.97 -71.12 22.02
CA ASN O 84 -0.47 -71.01 22.02
C ASN O 84 -1.03 -70.83 20.62
N GLY O 85 -0.40 -71.48 19.65
CA GLY O 85 -0.89 -71.39 18.29
C GLY O 85 -0.36 -70.17 17.60
N VAL O 86 -1.24 -69.44 16.90
CA VAL O 86 -0.85 -68.18 16.29
C VAL O 86 -1.00 -67.01 17.25
N MET O 87 -1.55 -67.22 18.42
CA MET O 87 -1.57 -66.20 19.45
C MET O 87 -0.28 -66.23 20.24
N PRO O 88 0.10 -65.13 20.89
CA PRO O 88 1.34 -65.12 21.67
C PRO O 88 1.26 -65.99 22.92
N SER O 89 2.44 -66.27 23.47
CA SER O 89 2.61 -67.24 24.55
C SER O 89 2.29 -66.64 25.91
N HIS O 90 2.01 -67.52 26.86
CA HIS O 90 1.72 -67.11 28.23
C HIS O 90 2.21 -68.19 29.19
N PHE O 91 2.12 -67.88 30.47
CA PHE O 91 2.58 -68.77 31.51
C PHE O 91 1.43 -69.61 32.01
N SER O 92 1.64 -70.92 32.11
CA SER O 92 0.62 -71.83 32.60
C SER O 92 1.17 -72.65 33.76
N ARG O 93 0.29 -72.98 34.69
CA ARG O 93 0.69 -73.71 35.87
C ARG O 93 0.84 -75.19 35.57
N GLY O 94 1.38 -75.92 36.55
CA GLY O 94 1.57 -77.35 36.42
C GLY O 94 0.29 -78.12 36.67
N SER O 95 0.41 -79.44 36.55
CA SER O 95 -0.72 -80.33 36.80
C SER O 95 -0.93 -80.49 38.29
N LYS O 96 -2.15 -80.26 38.76
CA LYS O 96 -2.40 -80.30 40.19
C LYS O 96 -2.40 -81.72 40.73
N SER O 97 -2.88 -82.67 39.93
CA SER O 97 -2.97 -84.05 40.40
C SER O 97 -1.60 -84.65 40.61
N VAL O 98 -0.64 -84.39 39.72
CA VAL O 98 0.67 -84.99 39.86
C VAL O 98 1.42 -84.38 41.05
N ALA O 99 1.16 -83.11 41.34
CA ALA O 99 1.76 -82.49 42.52
C ALA O 99 1.17 -83.06 43.80
N ARG O 100 -0.15 -83.24 43.82
CA ARG O 100 -0.79 -83.84 44.99
C ARG O 100 -0.33 -85.27 45.18
N ARG O 101 -0.16 -86.02 44.09
CA ARG O 101 0.25 -87.41 44.19
C ARG O 101 1.70 -87.54 44.64
N VAL O 102 2.61 -86.70 44.14
CA VAL O 102 3.99 -86.80 44.61
C VAL O 102 4.08 -86.37 46.06
N LEU O 103 3.27 -85.39 46.48
CA LEU O 103 3.28 -84.99 47.89
C LEU O 103 2.77 -86.11 48.78
N GLN O 104 1.68 -86.76 48.38
CA GLN O 104 1.12 -87.83 49.19
C GLN O 104 2.02 -89.05 49.23
N ALA O 105 2.66 -89.37 48.09
CA ALA O 105 3.61 -90.48 48.06
C ALA O 105 4.82 -90.20 48.94
N LEU O 106 5.30 -88.96 48.95
CA LEU O 106 6.42 -88.63 49.82
C LEU O 106 5.99 -88.63 51.29
N GLU O 107 4.73 -88.30 51.58
CA GLU O 107 4.22 -88.47 52.94
C GLU O 107 4.16 -89.93 53.32
N GLY O 108 3.91 -90.82 52.35
CA GLY O 108 3.91 -92.24 52.62
C GLY O 108 5.27 -92.79 53.01
N LEU O 109 6.34 -92.09 52.67
CA LEU O 109 7.69 -92.49 53.03
C LEU O 109 8.13 -91.91 54.36
N LYS O 110 7.25 -91.19 55.05
CA LYS O 110 7.54 -90.54 56.33
C LYS O 110 8.69 -89.55 56.23
N MET O 111 8.82 -88.88 55.09
CA MET O 111 9.82 -87.83 54.96
C MET O 111 9.24 -86.47 54.62
N VAL O 112 7.94 -86.28 54.75
CA VAL O 112 7.31 -84.97 54.64
C VAL O 112 5.96 -85.08 55.34
N GLU O 113 5.50 -83.98 55.92
CA GLU O 113 4.20 -83.98 56.57
C GLU O 113 3.60 -82.60 56.47
N LYS O 114 2.31 -82.51 56.72
CA LYS O 114 1.66 -81.21 56.77
C LYS O 114 2.04 -80.50 58.05
N ASP O 115 2.62 -79.32 57.92
CA ASP O 115 3.06 -78.57 59.09
C ASP O 115 1.89 -77.85 59.76
N GLN O 116 2.21 -76.98 60.74
CA GLN O 116 1.16 -76.38 61.56
C GLN O 116 0.34 -75.38 60.76
N ASP O 117 0.93 -74.73 59.78
CA ASP O 117 0.24 -73.91 58.80
C ASP O 117 -0.17 -74.80 57.63
N GLY O 118 -0.63 -74.18 56.56
CA GLY O 118 -0.84 -74.94 55.34
C GLY O 118 0.47 -75.38 54.72
N GLY O 119 0.37 -76.33 53.81
CA GLY O 119 1.54 -76.79 53.10
C GLY O 119 2.19 -78.00 53.76
N ARG O 120 3.40 -78.29 53.32
CA ARG O 120 4.16 -79.44 53.79
C ARG O 120 5.60 -79.05 54.03
N LYS O 121 6.31 -79.87 54.80
CA LYS O 121 7.72 -79.64 55.08
C LYS O 121 8.37 -80.95 55.47
N LEU O 122 9.68 -81.00 55.32
CA LEU O 122 10.43 -82.24 55.57
C LEU O 122 10.44 -82.64 57.03
N THR O 123 10.41 -83.94 57.27
CA THR O 123 10.70 -84.51 58.56
C THR O 123 12.19 -84.38 58.84
N PRO O 124 12.61 -84.57 60.10
CA PRO O 124 14.04 -84.82 60.35
C PRO O 124 14.58 -86.01 59.57
N GLN O 125 13.75 -87.05 59.39
CA GLN O 125 14.13 -88.18 58.53
C GLN O 125 14.40 -87.74 57.11
N GLY O 126 13.56 -86.85 56.57
CA GLY O 126 13.73 -86.40 55.21
C GLY O 126 14.99 -85.60 55.01
N GLN O 127 15.22 -84.61 55.86
CA GLN O 127 16.45 -83.85 55.68
C GLN O 127 17.67 -84.69 56.02
N ARG O 128 17.52 -85.71 56.87
CA ARG O 128 18.63 -86.60 57.14
C ARG O 128 19.05 -87.39 55.91
N ASP O 129 18.10 -88.03 55.23
CA ASP O 129 18.56 -88.86 54.12
C ASP O 129 18.84 -88.05 52.87
N LEU O 130 18.25 -86.85 52.72
CA LEU O 130 18.75 -85.95 51.68
C LEU O 130 20.17 -85.48 51.94
N ASP O 131 20.54 -85.17 53.18
CA ASP O 131 21.94 -84.81 53.43
C ASP O 131 22.87 -85.99 53.23
N ARG O 132 22.40 -87.22 53.50
CA ARG O 132 23.24 -88.38 53.22
C ARG O 132 23.45 -88.56 51.71
N ILE O 133 22.40 -88.37 50.91
CA ILE O 133 22.56 -88.46 49.46
C ILE O 133 23.46 -87.34 48.96
N ALA O 134 23.35 -86.15 49.55
CA ALA O 134 24.24 -85.06 49.18
C ALA O 134 25.69 -85.40 49.49
N GLY O 135 25.94 -86.03 50.63
CA GLY O 135 27.29 -86.47 50.93
C GLY O 135 27.79 -87.51 49.94
N GLN O 136 26.93 -88.43 49.56
CA GLN O 136 27.30 -89.45 48.58
C GLN O 136 27.67 -88.84 47.24
N VAL O 137 26.84 -87.93 46.74
CA VAL O 137 27.08 -87.36 45.41
C VAL O 137 28.28 -86.42 45.44
N ALA O 138 28.47 -85.70 46.56
CA ALA O 138 29.63 -84.82 46.66
C ALA O 138 30.92 -85.61 46.69
N ALA O 139 30.93 -86.73 47.42
CA ALA O 139 32.10 -87.60 47.44
C ALA O 139 32.34 -88.22 46.07
N ALA O 140 31.27 -88.53 45.33
CA ALA O 140 31.43 -89.07 44.00
C ALA O 140 32.04 -88.07 43.05
N ASN O 141 31.60 -86.81 43.10
CA ASN O 141 32.13 -85.81 42.18
C ASN O 141 33.56 -85.43 42.51
N LYS O 142 33.87 -85.22 43.80
CA LYS O 142 35.23 -84.78 44.11
C LYS O 142 36.28 -85.87 43.91
N LYS O 143 35.88 -87.13 43.92
CA LYS O 143 36.83 -88.22 43.79
C LYS O 143 36.53 -89.09 42.56
CA ALA P 1 -3.86 -47.79 82.84
C ALA P 1 -3.03 -47.50 81.59
N ILE P 2 -1.79 -47.99 81.58
CA ILE P 2 -0.86 -47.73 80.49
C ILE P 2 -1.33 -48.45 79.23
N HIS P 3 -1.78 -47.69 78.25
CA HIS P 3 -2.37 -48.22 77.03
C HIS P 3 -1.49 -47.91 75.85
N ARG P 4 -1.25 -48.92 75.01
CA ARG P 4 -0.55 -48.72 73.75
C ARG P 4 -1.58 -48.42 72.66
N ILE P 5 -1.50 -47.23 72.08
CA ILE P 5 -2.40 -46.87 70.99
C ILE P 5 -1.56 -46.48 69.78
N ARG P 6 -2.19 -46.54 68.61
CA ARG P 6 -1.54 -46.23 67.35
C ARG P 6 -2.37 -45.23 66.57
N ILE P 7 -1.71 -44.20 66.05
CA ILE P 7 -2.36 -43.16 65.27
C ILE P 7 -1.90 -43.26 63.83
N THR P 8 -2.85 -43.33 62.91
CA THR P 8 -2.58 -43.47 61.49
C THR P 8 -2.97 -42.17 60.79
N LEU P 9 -2.02 -41.57 60.09
CA LEU P 9 -2.22 -40.29 59.41
C LEU P 9 -2.03 -40.50 57.91
N THR P 10 -3.05 -40.14 57.13
CA THR P 10 -2.98 -40.23 55.68
C THR P 10 -3.37 -38.89 55.07
N SER P 11 -2.68 -38.52 54.00
CA SER P 11 -2.95 -37.27 53.31
C SER P 11 -2.42 -37.35 51.89
N ARG P 12 -2.89 -36.43 51.06
CA ARG P 12 -2.32 -36.25 49.73
C ARG P 12 -1.24 -35.19 49.69
N ASN P 13 -1.02 -34.46 50.78
CA ASN P 13 -0.04 -33.38 50.84
C ASN P 13 1.06 -33.78 51.80
N VAL P 14 2.31 -33.75 51.34
CA VAL P 14 3.42 -34.25 52.13
C VAL P 14 3.75 -33.29 53.28
N LYS P 15 3.89 -32.00 52.96
CA LYS P 15 4.48 -31.06 53.92
C LYS P 15 3.57 -30.83 55.10
N SER P 16 2.27 -30.71 54.84
CA SER P 16 1.31 -30.53 55.90
C SER P 16 1.17 -31.78 56.76
N LEU P 17 1.27 -32.95 56.13
CA LEU P 17 1.26 -34.21 56.87
C LEU P 17 2.46 -34.29 57.81
N GLU P 18 3.64 -33.92 57.33
CA GLU P 18 4.81 -33.93 58.20
C GLU P 18 4.71 -32.87 59.29
N LYS P 19 4.06 -31.75 59.01
CA LYS P 19 3.81 -30.76 60.05
C LYS P 19 2.94 -31.34 61.16
N VAL P 20 1.89 -32.06 60.79
CA VAL P 20 1.00 -32.67 61.78
C VAL P 20 1.73 -33.73 62.58
N CYS P 21 2.51 -34.58 61.90
CA CYS P 21 3.26 -35.62 62.60
C CYS P 21 4.26 -35.01 63.56
N ALA P 22 4.97 -33.97 63.13
CA ALA P 22 5.99 -33.34 63.96
C ALA P 22 5.38 -32.68 65.18
N ASP P 23 4.27 -31.96 65.01
CA ASP P 23 3.71 -31.27 66.15
C ASP P 23 3.08 -32.24 67.15
N LEU P 24 2.45 -33.30 66.65
CA LEU P 24 1.92 -34.33 67.55
C LEU P 24 3.03 -35.04 68.30
N ILE P 25 4.14 -35.34 67.63
CA ILE P 25 5.22 -36.05 68.28
C ILE P 25 5.91 -35.17 69.32
N ARG P 26 6.13 -33.89 69.03
CA ARG P 26 6.77 -33.05 70.03
C ARG P 26 5.83 -32.74 71.19
N GLY P 27 4.52 -32.64 70.91
CA GLY P 27 3.57 -32.52 72.00
C GLY P 27 3.48 -33.75 72.88
N ALA P 28 3.71 -34.93 72.29
CA ALA P 28 3.79 -36.14 73.09
C ALA P 28 5.07 -36.18 73.90
N LYS P 29 6.21 -35.84 73.27
CA LYS P 29 7.49 -35.95 73.95
C LYS P 29 7.64 -34.95 75.06
N GLU P 30 7.01 -33.78 74.96
CA GLU P 30 7.05 -32.85 76.08
C GLU P 30 6.17 -33.30 77.24
N LYS P 31 5.25 -34.24 77.01
CA LYS P 31 4.31 -34.67 78.03
C LYS P 31 4.72 -35.99 78.68
N ASN P 32 6.00 -36.36 78.58
CA ASN P 32 6.55 -37.59 79.13
C ASN P 32 5.82 -38.83 78.59
N LEU P 33 5.86 -38.95 77.26
CA LEU P 33 5.36 -40.09 76.53
C LEU P 33 6.50 -40.81 75.85
N LYS P 34 6.48 -42.14 75.88
CA LYS P 34 7.40 -42.91 75.07
C LYS P 34 6.74 -43.14 73.72
N VAL P 35 7.32 -42.57 72.67
CA VAL P 35 6.72 -42.56 71.35
C VAL P 35 7.66 -43.26 70.37
N LYS P 36 7.12 -44.14 69.55
CA LYS P 36 7.84 -44.68 68.41
C LYS P 36 7.58 -43.78 67.22
N GLY P 37 8.64 -43.39 66.52
CA GLY P 37 8.61 -42.30 65.58
C GLY P 37 7.76 -42.58 64.37
N PRO P 38 7.60 -41.59 63.50
CA PRO P 38 6.69 -41.75 62.37
C PRO P 38 7.24 -42.73 61.36
N VAL P 39 6.55 -43.86 61.22
CA VAL P 39 6.95 -44.88 60.27
C VAL P 39 6.23 -44.59 58.96
N ARG P 40 6.98 -44.28 57.92
CA ARG P 40 6.41 -43.90 56.64
C ARG P 40 6.16 -45.16 55.84
N MET P 41 4.89 -45.52 55.71
CA MET P 41 4.50 -46.60 54.81
C MET P 41 4.80 -46.16 53.38
N PRO P 42 5.09 -47.11 52.49
CA PRO P 42 5.39 -46.74 51.10
C PRO P 42 4.22 -46.05 50.45
N THR P 43 4.52 -45.01 49.68
CA THR P 43 3.49 -44.16 49.13
C THR P 43 2.78 -44.87 47.98
N LYS P 44 1.50 -44.57 47.84
CA LYS P 44 0.64 -45.18 46.84
C LYS P 44 0.34 -44.16 45.76
N THR P 45 0.55 -44.54 44.50
CA THR P 45 0.34 -43.65 43.36
C THR P 45 -0.74 -44.25 42.46
N LEU P 46 -1.83 -43.52 42.30
CA LEU P 46 -2.97 -43.97 41.50
C LEU P 46 -2.95 -43.29 40.14
N ARG P 47 -2.91 -44.09 39.08
CA ARG P 47 -2.27 -43.72 37.83
C ARG P 47 -3.20 -43.78 36.62
N ILE P 48 -4.38 -43.17 36.70
CA ILE P 48 -5.30 -43.14 35.56
C ILE P 48 -4.66 -42.46 34.36
N THR P 49 -4.62 -43.18 33.24
CA THR P 49 -4.11 -42.68 31.97
C THR P 49 -5.24 -42.74 30.95
N THR P 50 -5.53 -41.62 30.29
CA THR P 50 -6.70 -41.53 29.43
C THR P 50 -6.32 -40.85 28.12
N ARG P 51 -7.26 -40.82 27.18
CA ARG P 51 -7.00 -40.59 25.76
C ARG P 51 -7.01 -39.11 25.35
N LYS P 52 -7.35 -38.20 26.26
CA LYS P 52 -7.17 -36.77 26.09
C LYS P 52 -8.08 -36.12 25.03
N THR P 53 -8.88 -36.89 24.32
CA THR P 53 -9.72 -36.28 23.31
C THR P 53 -11.16 -36.76 23.48
N PRO P 54 -12.13 -35.89 23.25
CA PRO P 54 -13.52 -36.31 23.41
C PRO P 54 -14.01 -37.19 22.26
N CYS P 55 -13.56 -36.88 21.05
CA CYS P 55 -13.83 -37.68 19.88
C CYS P 55 -12.74 -38.73 19.75
N GLY P 56 -12.65 -39.38 18.58
CA GLY P 56 -11.52 -40.26 18.30
C GLY P 56 -10.50 -39.73 17.33
N GLU P 57 -10.50 -38.44 17.02
CA GLU P 57 -9.68 -37.89 15.96
C GLU P 57 -8.40 -37.29 16.50
N GLY P 58 -7.30 -37.56 15.82
CA GLY P 58 -6.06 -36.87 16.11
C GLY P 58 -4.91 -37.84 16.19
N SER P 59 -3.87 -37.41 16.89
CA SER P 59 -2.56 -38.05 16.85
C SER P 59 -2.34 -39.05 17.97
N LYS P 60 -3.40 -39.44 18.70
CA LYS P 60 -3.33 -40.40 19.81
C LYS P 60 -2.39 -39.92 20.91
N THR P 61 -2.74 -38.79 21.51
CA THR P 61 -2.07 -38.27 22.70
C THR P 61 -2.80 -38.76 23.94
N TRP P 62 -2.05 -38.89 25.03
CA TRP P 62 -2.61 -39.42 26.27
C TRP P 62 -2.30 -38.51 27.44
N ASP P 63 -3.25 -38.37 28.34
CA ASP P 63 -3.04 -37.73 29.62
C ASP P 63 -2.59 -38.75 30.64
N ARG P 64 -1.71 -38.34 31.54
CA ARG P 64 -1.19 -39.22 32.58
C ARG P 64 -1.43 -38.54 33.93
N PHE P 65 -2.56 -38.84 34.56
CA PHE P 65 -2.85 -38.29 35.85
C PHE P 65 -2.30 -39.18 36.95
N GLN P 66 -2.01 -38.58 38.10
CA GLN P 66 -1.64 -39.38 39.25
C GLN P 66 -1.98 -38.64 40.54
N MET P 67 -2.33 -39.43 41.55
CA MET P 67 -2.64 -38.95 42.89
C MET P 67 -1.85 -39.79 43.88
N ARG P 68 -1.17 -39.14 44.81
CA ARG P 68 -0.28 -39.83 45.74
C ARG P 68 -0.82 -39.77 47.16
N ILE P 69 -0.74 -40.91 47.85
CA ILE P 69 -1.20 -41.05 49.23
C ILE P 69 0.01 -41.37 50.11
N HIS P 70 0.15 -40.65 51.21
CA HIS P 70 1.25 -40.86 52.13
C HIS P 70 0.69 -41.26 53.49
N LYS P 71 1.35 -42.23 54.14
CA LYS P 71 0.88 -42.76 55.41
C LYS P 71 1.98 -42.65 56.46
N ARG P 72 1.56 -42.42 57.72
CA ARG P 72 2.47 -42.46 58.86
C ARG P 72 1.80 -43.15 60.04
N LEU P 73 2.64 -43.70 60.93
CA LEU P 73 2.19 -44.37 62.14
C LEU P 73 2.90 -43.78 63.34
N ILE P 74 2.14 -43.47 64.39
CA ILE P 74 2.68 -42.95 65.64
C ILE P 74 2.12 -43.77 66.78
N ASP P 75 2.97 -44.16 67.73
CA ASP P 75 2.59 -45.02 68.84
C ASP P 75 2.70 -44.28 70.15
N LEU P 76 1.69 -44.43 71.02
CA LEU P 76 1.62 -43.73 72.29
C LEU P 76 1.42 -44.73 73.41
N HIS P 77 1.82 -44.36 74.63
CA HIS P 77 1.85 -45.27 75.77
C HIS P 77 1.19 -44.67 77.01
N SER P 78 0.09 -43.95 76.83
CA SER P 78 -0.69 -43.42 77.95
C SER P 78 -2.18 -43.45 77.57
N PRO P 79 -3.08 -43.37 78.57
CA PRO P 79 -4.53 -43.39 78.27
C PRO P 79 -4.98 -42.29 77.32
N SER P 80 -6.19 -42.49 76.79
CA SER P 80 -6.69 -41.66 75.70
C SER P 80 -7.11 -40.28 76.15
N GLU P 81 -7.26 -40.06 77.47
CA GLU P 81 -7.81 -38.82 78.01
C GLU P 81 -6.90 -37.61 77.78
N ILE P 82 -5.64 -37.81 77.39
CA ILE P 82 -4.81 -36.72 76.94
C ILE P 82 -4.54 -36.76 75.44
N VAL P 83 -4.60 -37.93 74.80
CA VAL P 83 -4.22 -37.97 73.40
C VAL P 83 -5.38 -37.50 72.53
N LYS P 84 -6.63 -37.65 73.00
CA LYS P 84 -7.78 -37.16 72.22
C LYS P 84 -7.73 -35.65 72.10
N GLN P 85 -7.43 -34.96 73.20
CA GLN P 85 -7.34 -33.51 73.13
C GLN P 85 -6.05 -33.05 72.44
N ILE P 86 -4.96 -33.83 72.52
CA ILE P 86 -3.76 -33.37 71.84
C ILE P 86 -3.86 -33.59 70.34
N THR P 87 -4.72 -34.51 69.89
CA THR P 87 -4.89 -34.64 68.45
C THR P 87 -6.05 -33.79 67.93
N SER P 88 -6.97 -33.37 68.81
CA SER P 88 -8.04 -32.49 68.37
C SER P 88 -7.56 -31.07 68.07
N ILE P 89 -6.37 -30.70 68.55
CA ILE P 89 -5.80 -29.39 68.30
C ILE P 89 -4.83 -29.42 67.11
N SER P 90 -4.74 -30.54 66.40
CA SER P 90 -3.91 -30.66 65.22
C SER P 90 -4.81 -31.22 64.11
N ILE P 91 -5.42 -30.35 63.34
CA ILE P 91 -6.48 -30.78 62.44
C ILE P 91 -5.94 -30.85 61.01
N GLU P 92 -5.61 -29.67 60.45
CA GLU P 92 -5.02 -29.33 59.17
C GLU P 92 -5.78 -30.08 58.07
N PRO P 93 -6.86 -29.50 57.54
CA PRO P 93 -7.93 -30.26 56.86
C PRO P 93 -7.58 -31.29 55.79
N GLY P 94 -6.33 -31.36 55.33
CA GLY P 94 -5.98 -32.40 54.39
C GLY P 94 -5.67 -33.76 54.98
N VAL P 95 -5.58 -33.89 56.30
CA VAL P 95 -5.15 -35.11 56.96
C VAL P 95 -6.35 -35.82 57.55
N GLU P 96 -6.44 -37.13 57.32
CA GLU P 96 -7.53 -37.95 57.83
C GLU P 96 -6.96 -38.96 58.80
N VAL P 97 -7.59 -39.07 59.97
CA VAL P 97 -6.98 -39.75 61.12
C VAL P 97 -7.85 -40.92 61.54
N GLU P 98 -7.20 -42.07 61.79
CA GLU P 98 -7.76 -43.12 62.62
C GLU P 98 -6.90 -43.23 63.87
N VAL P 99 -7.51 -43.20 65.02
CA VAL P 99 -6.83 -43.58 66.25
C VAL P 99 -7.33 -44.96 66.66
N THR P 100 -6.40 -45.83 67.04
CA THR P 100 -6.76 -47.20 67.35
C THR P 100 -5.84 -47.73 68.44
N ILE P 101 -6.38 -48.65 69.21
CA ILE P 101 -5.63 -49.31 70.26
C ILE P 101 -4.72 -50.33 69.61
N ALA P 102 -3.60 -50.66 70.26
CA ALA P 102 -2.80 -51.80 69.80
C ALA P 102 -3.60 -53.09 69.84
N ASP P 103 -4.55 -53.20 70.78
CA ASP P 103 -5.51 -54.29 70.74
C ASP P 103 -6.54 -54.08 69.64
N ALA P 104 -6.86 -52.82 69.33
CA ALA P 104 -7.81 -52.40 68.28
C ALA P 104 -9.23 -52.92 68.46
N MET Q 1 -3.41 42.09 10.41
CA MET Q 1 -3.18 43.01 11.52
C MET Q 1 -3.51 44.43 11.08
N GLN Q 2 -3.81 45.30 12.05
CA GLN Q 2 -4.14 46.70 11.81
C GLN Q 2 -5.35 46.87 10.89
N ASN Q 3 -6.51 46.43 11.39
CA ASN Q 3 -7.76 46.82 10.76
C ASN Q 3 -7.95 48.33 10.86
N ASP Q 4 -8.91 48.86 10.09
CA ASP Q 4 -8.91 50.28 9.75
C ASP Q 4 -9.13 51.16 10.98
N ALA Q 5 -9.84 50.64 11.98
CA ALA Q 5 -9.98 51.35 13.25
C ALA Q 5 -8.64 51.51 13.94
N GLY Q 6 -7.78 50.49 13.86
CA GLY Q 6 -6.43 50.66 14.34
C GLY Q 6 -5.91 49.55 15.22
N GLU Q 7 -6.77 48.70 15.74
CA GLU Q 7 -6.26 47.71 16.68
C GLU Q 7 -5.64 46.52 15.93
N PHE Q 8 -4.86 45.74 16.67
CA PHE Q 8 -4.08 44.65 16.12
C PHE Q 8 -4.90 43.36 16.16
N VAL Q 9 -5.16 42.79 15.00
CA VAL Q 9 -5.89 41.52 14.96
C VAL Q 9 -5.00 40.37 14.50
N ASP Q 10 -4.26 39.82 15.47
CA ASP Q 10 -3.26 38.77 15.27
C ASP Q 10 -3.09 38.02 16.57
N LEU Q 11 -2.92 36.70 16.47
CA LEU Q 11 -2.62 35.93 17.66
C LEU Q 11 -1.27 36.30 18.24
N TYR Q 12 -0.27 36.47 17.38
CA TYR Q 12 1.06 36.92 17.76
C TYR Q 12 1.78 37.36 16.50
N VAL Q 13 2.94 37.97 16.69
CA VAL Q 13 3.79 38.41 15.59
C VAL Q 13 5.01 37.50 15.55
N PRO Q 14 5.16 36.67 14.52
CA PRO Q 14 6.26 35.69 14.51
C PRO Q 14 7.62 36.33 14.28
N ARG Q 15 8.65 35.60 14.67
CA ARG Q 15 10.01 36.07 14.50
C ARG Q 15 10.45 35.97 13.04
N LYS Q 16 11.41 36.82 12.68
CA LYS Q 16 12.05 36.76 11.37
C LYS Q 16 13.50 36.38 11.55
N CYS Q 17 14.02 35.58 10.63
CA CYS Q 17 15.42 35.20 10.67
C CYS Q 17 16.30 36.43 10.53
N SER Q 18 17.40 36.45 11.26
CA SER Q 18 18.26 37.62 11.19
C SER Q 18 19.25 37.54 10.04
N ALA Q 19 19.29 36.43 9.33
CA ALA Q 19 20.17 36.28 8.17
C ALA Q 19 19.41 36.35 6.85
N SER Q 20 18.32 35.61 6.72
CA SER Q 20 17.59 35.53 5.46
C SER Q 20 16.27 36.26 5.49
N ASN Q 21 15.88 36.82 6.64
CA ASN Q 21 14.68 37.64 6.82
C ASN Q 21 13.40 36.87 6.48
N ARG Q 22 13.36 35.59 6.84
CA ARG Q 22 12.16 34.80 6.62
C ARG Q 22 11.47 34.47 7.93
N ILE Q 23 10.18 34.18 7.84
CA ILE Q 23 9.38 33.94 9.04
C ILE Q 23 9.79 32.62 9.66
N ILE Q 24 10.02 32.64 10.96
CA ILE Q 24 10.33 31.43 11.71
C ILE Q 24 8.99 30.91 12.24
N GLY Q 25 8.51 29.84 11.63
CA GLY Q 25 7.17 29.36 11.92
C GLY Q 25 7.09 28.62 13.23
N ALA Q 26 5.85 28.37 13.65
CA ALA Q 26 5.56 27.78 14.95
C ALA Q 26 5.96 26.32 15.04
N LYS Q 27 6.23 25.66 13.93
CA LYS Q 27 6.67 24.27 13.92
C LYS Q 27 8.03 24.12 13.26
N ASP Q 28 8.89 25.13 13.42
CA ASP Q 28 10.25 25.07 12.89
C ASP Q 28 11.20 24.77 14.04
N HIS Q 29 11.44 23.49 14.27
CA HIS Q 29 12.23 23.07 15.40
C HIS Q 29 13.70 22.99 15.09
N ALA Q 30 14.12 23.42 13.90
CA ALA Q 30 15.54 23.52 13.59
C ALA Q 30 16.05 24.94 13.76
N SER Q 31 15.20 25.87 14.17
CA SER Q 31 15.54 27.28 14.21
C SER Q 31 15.96 27.69 15.61
N ILE Q 32 17.14 28.28 15.73
CA ILE Q 32 17.71 28.60 17.01
C ILE Q 32 17.54 30.09 17.28
N GLN Q 33 17.71 30.46 18.54
CA GLN Q 33 17.80 31.86 18.96
C GLN Q 33 18.92 31.91 20.00
N MET Q 34 20.01 32.59 19.69
CA MET Q 34 21.20 32.51 20.52
C MET Q 34 21.63 33.90 20.96
N ASN Q 35 21.85 34.06 22.25
CA ASN Q 35 22.37 35.28 22.83
C ASN Q 35 23.87 35.19 22.95
N VAL Q 36 24.55 36.28 22.62
CA VAL Q 36 26.01 36.36 22.70
C VAL Q 36 26.35 37.44 23.71
N ALA Q 37 27.12 37.06 24.72
CA ALA Q 37 27.40 37.94 25.84
C ALA Q 37 28.28 39.12 25.43
N GLU Q 38 28.05 40.27 26.05
CA GLU Q 38 28.89 41.43 25.88
C GLU Q 38 29.82 41.56 27.08
N VAL Q 39 30.94 42.24 26.86
CA VAL Q 39 31.88 42.52 27.91
C VAL Q 39 32.14 44.02 27.95
N ASP Q 40 32.57 44.50 29.11
CA ASP Q 40 32.91 45.90 29.22
C ASP Q 40 34.27 46.19 28.58
N LYS Q 41 34.51 47.47 28.30
CA LYS Q 41 35.66 47.86 27.50
C LYS Q 41 36.97 47.72 28.25
N VAL Q 42 36.96 47.69 29.57
CA VAL Q 42 38.15 47.89 30.37
C VAL Q 42 38.72 46.58 30.90
N THR Q 43 37.88 45.61 31.26
CA THR Q 43 38.38 44.39 31.87
C THR Q 43 37.83 43.11 31.27
N GLY Q 44 36.89 43.20 30.33
CA GLY Q 44 36.46 42.00 29.63
C GLY Q 44 35.59 41.05 30.42
N ARG Q 45 34.92 41.53 31.46
CA ARG Q 45 34.01 40.71 32.24
C ARG Q 45 32.61 40.80 31.66
N PHE Q 46 31.83 39.74 31.85
CA PHE Q 46 30.44 39.74 31.43
C PHE Q 46 29.65 40.73 32.28
N ASN Q 47 29.04 41.72 31.63
CA ASN Q 47 28.37 42.80 32.32
C ASN Q 47 26.85 42.63 32.39
N GLY Q 48 26.31 41.49 31.97
CA GLY Q 48 24.91 41.21 32.12
C GLY Q 48 24.04 41.49 30.90
N GLN Q 49 24.62 41.92 29.79
CA GLN Q 49 23.87 42.20 28.58
C GLN Q 49 24.30 41.26 27.48
N PHE Q 50 23.46 41.12 26.46
CA PHE Q 50 23.76 40.24 25.34
C PHE Q 50 23.04 40.73 24.09
N LYS Q 51 23.48 40.22 22.95
CA LYS Q 51 22.86 40.47 21.66
C LYS Q 51 22.28 39.17 21.12
N THR Q 52 21.13 39.26 20.48
CA THR Q 52 20.34 38.09 20.13
C THR Q 52 20.22 37.94 18.62
N TYR Q 53 20.44 36.73 18.14
CA TYR Q 53 20.30 36.39 16.74
C TYR Q 53 19.39 35.18 16.59
N ALA Q 54 18.53 35.22 15.58
CA ALA Q 54 17.67 34.10 15.24
C ALA Q 54 17.98 33.63 13.83
N ILE Q 55 18.12 32.33 13.67
CA ILE Q 55 18.41 31.72 12.38
C ILE Q 55 17.31 30.71 12.09
N CYS Q 56 16.75 30.75 10.88
CA CYS Q 56 15.73 29.80 10.51
C CYS Q 56 16.37 28.45 10.16
N GLY Q 57 15.53 27.42 10.05
CA GLY Q 57 16.03 26.08 9.87
C GLY Q 57 16.63 25.84 8.51
N ALA Q 58 16.19 26.58 7.50
CA ALA Q 58 16.72 26.41 6.16
C ALA Q 58 18.16 26.89 6.06
N ILE Q 59 18.46 28.05 6.64
CA ILE Q 59 19.82 28.56 6.67
C ILE Q 59 20.71 27.62 7.48
N ARG Q 60 20.20 27.16 8.61
CA ARG Q 60 20.93 26.26 9.48
C ARG Q 60 21.04 24.86 8.90
N ARG Q 61 20.34 24.57 7.82
CA ARG Q 61 20.52 23.30 7.14
C ARG Q 61 21.39 23.43 5.91
N MET Q 62 21.46 24.62 5.33
CA MET Q 62 22.39 24.90 4.24
C MET Q 62 23.83 24.77 4.67
N GLY Q 63 24.14 25.02 5.93
CA GLY Q 63 25.49 25.16 6.39
C GLY Q 63 25.97 26.57 6.50
N GLU Q 64 25.08 27.55 6.33
CA GLU Q 64 25.46 28.95 6.29
C GLU Q 64 25.18 29.67 7.59
N SER Q 65 24.85 28.95 8.65
CA SER Q 65 24.59 29.61 9.93
C SER Q 65 25.88 30.15 10.52
N ASP Q 66 27.00 29.48 10.28
CA ASP Q 66 28.29 29.94 10.79
C ASP Q 66 28.68 31.29 10.21
N ASP Q 67 28.67 31.41 8.89
CA ASP Q 67 29.06 32.65 8.24
C ASP Q 67 28.06 33.75 8.54
N SER Q 68 26.78 33.40 8.65
CA SER Q 68 25.76 34.41 8.93
C SER Q 68 25.92 34.99 10.33
N ILE Q 69 26.17 34.13 11.32
CA ILE Q 69 26.38 34.61 12.68
C ILE Q 69 27.67 35.41 12.78
N LEU Q 70 28.69 35.00 12.03
CA LEU Q 70 29.94 35.76 12.01
C LEU Q 70 29.73 37.16 11.41
N ARG Q 71 28.94 37.26 10.35
CA ARG Q 71 28.69 38.56 9.73
C ARG Q 71 27.82 39.44 10.63
N LEU Q 72 26.82 38.86 11.28
CA LEU Q 72 26.01 39.61 12.22
C LEU Q 72 26.84 40.12 13.39
N ALA Q 73 27.81 39.32 13.84
CA ALA Q 73 28.71 39.73 14.90
C ALA Q 73 29.67 40.82 14.43
N LYS Q 74 30.09 40.79 13.16
CA LYS Q 74 30.83 41.93 12.62
C LYS Q 74 29.98 43.18 12.67
N ALA Q 75 28.72 43.06 12.27
CA ALA Q 75 27.86 44.23 12.14
C ALA Q 75 27.53 44.82 13.50
N ASP Q 76 27.47 43.99 14.53
CA ASP Q 76 27.15 44.51 15.85
C ASP Q 76 28.36 44.84 16.70
N GLY Q 77 29.55 44.99 16.12
CA GLY Q 77 30.69 45.38 16.90
C GLY Q 77 31.32 44.28 17.73
N ILE Q 78 30.77 43.07 17.67
CA ILE Q 78 31.37 41.88 18.26
C ILE Q 78 32.58 41.54 17.39
N VAL Q 79 33.37 40.56 17.81
CA VAL Q 79 34.77 40.75 18.13
C VAL Q 79 35.59 41.70 17.26
N SER Q 80 35.75 41.46 15.95
CA SER Q 80 36.97 41.98 15.34
C SER Q 80 36.80 43.13 14.36
N LYS Q 81 35.94 42.98 13.34
CA LYS Q 81 35.84 43.80 12.12
C LYS Q 81 37.07 43.68 11.21
N ASN Q 82 38.13 42.99 11.67
CA ASN Q 82 39.30 42.78 10.82
C ASN Q 82 39.88 41.36 10.92
N PHE Q 83 39.02 40.37 11.17
CA PHE Q 83 39.46 39.13 11.82
C PHE Q 83 40.40 38.31 10.95
N GLY R 1 6.68 22.18 -25.28
CA GLY R 1 5.55 22.92 -24.76
C GLY R 1 4.67 23.48 -25.85
N LYS R 2 3.66 24.23 -25.46
CA LYS R 2 2.76 24.86 -26.41
C LYS R 2 3.30 26.22 -26.84
N CYS R 3 2.90 26.65 -28.02
CA CYS R 3 3.28 27.97 -28.52
C CYS R 3 2.46 29.04 -27.83
N ARG R 4 3.13 30.09 -27.36
CA ARG R 4 2.48 31.16 -26.63
C ARG R 4 2.48 32.47 -27.38
N GLY R 5 2.84 32.48 -28.66
CA GLY R 5 3.04 33.74 -29.35
C GLY R 5 1.75 34.51 -29.50
N LEU R 6 1.88 35.84 -29.61
CA LEU R 6 0.71 36.69 -29.71
C LEU R 6 -0.08 36.43 -30.98
N ARG R 7 0.61 36.14 -32.08
CA ARG R 7 -0.07 35.76 -33.31
C ARG R 7 -0.06 34.25 -33.54
N THR R 8 -0.57 33.45 -32.62
CA THR R 8 -0.59 32.00 -32.79
C THR R 8 -1.99 31.42 -32.65
N ALA R 9 -3.04 32.21 -32.90
CA ALA R 9 -4.40 31.74 -32.65
C ALA R 9 -4.81 30.64 -33.63
N ARG R 10 -4.34 30.71 -34.86
CA ARG R 10 -4.69 29.69 -35.85
C ARG R 10 -4.10 28.35 -35.49
N LYS R 11 -2.83 28.35 -35.04
CA LYS R 11 -2.16 27.13 -34.65
C LYS R 11 -2.85 26.48 -33.45
N LEU R 12 -3.20 27.31 -32.45
CA LEU R 12 -3.87 26.82 -31.27
C LEU R 12 -5.23 26.25 -31.59
N ARG R 13 -6.02 26.96 -32.40
CA ARG R 13 -7.38 26.50 -32.67
C ARG R 13 -7.38 25.26 -33.57
N SER R 14 -6.52 25.24 -34.58
CA SER R 14 -6.46 24.08 -35.46
C SER R 14 -6.00 22.85 -34.71
N HIS R 15 -5.00 23.02 -33.83
CA HIS R 15 -4.55 21.91 -33.02
C HIS R 15 -5.65 21.41 -32.10
N ARG R 16 -6.42 22.33 -31.51
CA ARG R 16 -7.46 21.93 -30.59
C ARG R 16 -8.55 21.13 -31.31
N ARG R 17 -8.94 21.50 -32.52
CA ARG R 17 -10.01 20.70 -33.11
C ARG R 17 -9.49 19.37 -33.66
N ASP R 18 -8.28 19.37 -34.22
CA ASP R 18 -7.65 18.11 -34.62
C ASP R 18 -7.49 17.16 -33.44
N GLN R 19 -7.23 17.68 -32.24
CA GLN R 19 -7.12 16.85 -31.06
C GLN R 19 -8.45 16.60 -30.38
N LYS R 20 -9.48 17.38 -30.70
CA LYS R 20 -10.80 17.09 -30.17
C LYS R 20 -11.37 15.85 -30.81
N TRP R 21 -10.93 15.53 -32.01
CA TRP R 21 -11.38 14.27 -32.60
C TRP R 21 -10.88 13.01 -31.88
N HIS R 22 -10.05 13.17 -30.83
CA HIS R 22 -9.41 12.04 -30.20
C HIS R 22 -10.06 11.60 -28.89
N ASP R 23 -11.20 12.17 -28.52
CA ASP R 23 -11.91 11.66 -27.36
C ASP R 23 -13.20 10.99 -27.81
N LYS R 24 -13.62 10.01 -27.01
CA LYS R 24 -14.68 9.10 -27.42
C LYS R 24 -16.03 9.80 -27.56
N GLN R 25 -16.33 10.74 -26.66
CA GLN R 25 -17.66 11.34 -26.65
C GLN R 25 -17.84 12.30 -27.80
N TYR R 26 -16.84 13.13 -28.09
CA TYR R 26 -16.94 14.07 -29.19
C TYR R 26 -17.06 13.32 -30.52
N LYS R 27 -16.30 12.25 -30.69
CA LYS R 27 -16.38 11.50 -31.93
C LYS R 27 -17.71 10.78 -32.05
N LYS R 28 -18.21 10.22 -30.94
CA LYS R 28 -19.49 9.54 -30.96
C LYS R 28 -20.63 10.49 -31.32
N ALA R 29 -20.58 11.71 -30.77
CA ALA R 29 -21.63 12.68 -31.04
C ALA R 29 -21.51 13.33 -32.42
N HIS R 30 -20.31 13.43 -32.97
CA HIS R 30 -20.10 14.28 -34.12
C HIS R 30 -19.71 13.54 -35.39
N LEU R 31 -19.66 12.22 -35.37
CA LEU R 31 -19.28 11.48 -36.58
C LEU R 31 -20.48 10.97 -37.36
N GLY R 32 -21.56 10.60 -36.70
CA GLY R 32 -22.74 10.11 -37.37
C GLY R 32 -22.79 8.62 -37.56
N THR R 33 -21.70 7.90 -37.30
CA THR R 33 -21.75 6.45 -37.36
C THR R 33 -22.59 5.89 -36.21
N ALA R 34 -22.47 6.49 -35.03
CA ALA R 34 -23.24 6.02 -33.89
C ALA R 34 -24.72 6.33 -34.05
N LEU R 35 -25.03 7.49 -34.66
CA LEU R 35 -26.42 7.85 -34.88
C LEU R 35 -27.08 6.93 -35.90
N LYS R 36 -26.32 6.48 -36.89
CA LYS R 36 -26.87 5.56 -37.87
C LYS R 36 -26.96 4.14 -37.32
N ALA R 37 -26.04 3.75 -36.45
CA ALA R 37 -26.03 2.39 -35.95
C ALA R 37 -27.13 2.11 -34.92
N ASN R 38 -27.55 3.12 -34.15
CA ASN R 38 -28.47 2.73 -33.09
C ASN R 38 -29.91 2.69 -33.61
N PRO R 39 -30.71 1.74 -33.13
CA PRO R 39 -32.02 1.49 -33.74
C PRO R 39 -33.03 2.59 -33.49
N PHE R 40 -32.88 3.35 -32.41
CA PHE R 40 -33.85 4.38 -32.11
C PHE R 40 -33.68 5.60 -32.99
N GLY R 41 -32.51 5.78 -33.60
CA GLY R 41 -32.26 6.91 -34.48
C GLY R 41 -32.26 8.26 -33.81
N GLY R 42 -31.76 8.34 -32.59
CA GLY R 42 -31.75 9.59 -31.84
C GLY R 42 -33.00 9.84 -31.03
N ALA R 43 -34.02 9.01 -31.15
CA ALA R 43 -35.21 9.13 -30.32
C ALA R 43 -34.96 8.56 -28.93
N SER R 44 -35.80 8.96 -28.00
CA SER R 44 -35.71 8.46 -26.64
C SER R 44 -36.53 7.20 -26.41
N HIS R 45 -37.66 7.06 -27.10
CA HIS R 45 -38.46 5.86 -27.04
C HIS R 45 -38.75 5.37 -28.45
N ALA R 46 -39.34 4.19 -28.55
CA ALA R 46 -39.78 3.66 -29.83
C ALA R 46 -40.88 2.64 -29.60
N LYS R 47 -41.70 2.45 -30.62
CA LYS R 47 -42.78 1.48 -30.63
C LYS R 47 -42.39 0.30 -31.52
N GLY R 48 -42.84 -0.88 -31.14
CA GLY R 48 -42.50 -2.07 -31.90
C GLY R 48 -43.52 -3.15 -31.64
N ILE R 49 -43.27 -4.31 -32.24
CA ILE R 49 -44.18 -5.45 -32.16
C ILE R 49 -43.38 -6.65 -31.67
N VAL R 50 -43.92 -7.34 -30.67
CA VAL R 50 -43.23 -8.47 -30.06
C VAL R 50 -43.22 -9.64 -31.02
N LEU R 51 -42.03 -10.20 -31.25
CA LEU R 51 -41.88 -11.36 -32.13
C LEU R 51 -41.88 -12.68 -31.36
N GLU R 52 -41.17 -12.75 -30.24
CA GLU R 52 -41.24 -13.90 -29.35
C GLU R 52 -40.71 -13.50 -27.99
N LYS R 53 -40.99 -14.35 -27.00
CA LYS R 53 -40.55 -14.16 -25.63
C LYS R 53 -39.32 -15.03 -25.41
N VAL R 54 -38.21 -14.40 -25.02
CA VAL R 54 -36.97 -15.13 -24.81
C VAL R 54 -36.51 -14.94 -23.38
N GLY R 55 -35.65 -15.83 -22.94
CA GLY R 55 -34.97 -15.68 -21.67
C GLY R 55 -33.48 -15.69 -21.90
N VAL R 56 -32.77 -14.69 -21.39
CA VAL R 56 -31.33 -14.61 -21.52
C VAL R 56 -30.70 -15.01 -20.19
N GLU R 57 -29.66 -15.84 -20.25
CA GLU R 57 -28.95 -16.22 -19.05
C GLU R 57 -28.08 -15.07 -18.56
N ALA R 58 -28.10 -14.82 -17.27
CA ALA R 58 -27.35 -13.72 -16.70
C ALA R 58 -25.86 -14.01 -16.72
N LYS R 59 -25.06 -12.95 -16.76
CA LYS R 59 -23.62 -13.09 -16.75
C LYS R 59 -23.12 -13.55 -15.38
N GLN R 60 -22.04 -14.30 -15.39
CA GLN R 60 -21.42 -14.77 -14.16
C GLN R 60 -20.85 -13.59 -13.39
N PRO R 61 -20.86 -13.63 -12.04
CA PRO R 61 -21.22 -14.74 -11.15
C PRO R 61 -22.69 -14.84 -10.79
N ASN R 62 -23.53 -14.01 -11.38
CA ASN R 62 -24.96 -14.11 -11.16
C ASN R 62 -25.54 -15.25 -11.97
N SER R 63 -26.69 -15.75 -11.53
CA SER R 63 -27.31 -16.91 -12.15
C SER R 63 -28.82 -16.75 -12.09
N ALA R 64 -29.43 -16.51 -13.23
CA ALA R 64 -30.87 -16.34 -13.36
C ALA R 64 -31.22 -16.40 -14.84
N ILE R 65 -32.50 -16.32 -15.13
CA ILE R 65 -33.02 -16.18 -16.48
C ILE R 65 -33.72 -14.84 -16.53
N ARG R 66 -33.19 -13.89 -17.30
CA ARG R 66 -33.80 -12.58 -17.41
C ARG R 66 -34.80 -12.61 -18.56
N LYS R 67 -36.06 -12.33 -18.25
CA LYS R 67 -37.13 -12.46 -19.22
C LYS R 67 -37.17 -11.26 -20.13
N CYS R 68 -36.95 -11.48 -21.42
CA CYS R 68 -36.93 -10.42 -22.42
C CYS R 68 -37.98 -10.70 -23.48
N VAL R 69 -38.09 -9.78 -24.43
CA VAL R 69 -38.88 -10.00 -25.63
C VAL R 69 -38.07 -9.57 -26.84
N ARG R 70 -38.36 -10.20 -27.97
CA ARG R 70 -37.79 -9.81 -29.24
C ARG R 70 -38.77 -8.89 -29.95
N VAL R 71 -38.34 -7.68 -30.25
CA VAL R 71 -39.21 -6.60 -30.72
C VAL R 71 -38.70 -6.12 -32.06
N GLN R 72 -39.60 -5.94 -33.03
CA GLN R 72 -39.27 -5.34 -34.31
C GLN R 72 -39.92 -3.97 -34.41
N LEU R 73 -39.12 -2.93 -34.60
CA LEU R 73 -39.62 -1.57 -34.52
C LEU R 73 -40.49 -1.22 -35.72
N ILE R 74 -41.39 -0.26 -35.54
CA ILE R 74 -42.38 0.05 -36.58
C ILE R 74 -41.75 0.87 -37.68
N LYS R 75 -41.14 2.00 -37.33
CA LYS R 75 -40.21 2.63 -38.23
C LYS R 75 -38.95 1.78 -38.33
N ASN R 76 -38.24 1.94 -39.45
CA ASN R 76 -36.90 1.38 -39.74
C ASN R 76 -36.70 -0.06 -39.24
N GLY R 77 -37.48 -1.02 -39.71
CA GLY R 77 -37.87 -2.12 -38.85
C GLY R 77 -36.79 -3.08 -38.41
N LYS R 78 -35.82 -2.54 -37.67
CA LYS R 78 -34.77 -3.29 -37.00
C LYS R 78 -35.38 -4.18 -35.91
N LYS R 79 -34.59 -5.14 -35.47
CA LYS R 79 -35.00 -6.05 -34.41
C LYS R 79 -34.08 -5.87 -33.21
N ILE R 80 -34.68 -5.61 -32.05
CA ILE R 80 -33.96 -5.39 -30.81
C ILE R 80 -34.45 -6.40 -29.80
N THR R 81 -33.76 -6.45 -28.67
CA THR R 81 -34.16 -7.25 -27.52
C THR R 81 -34.35 -6.30 -26.34
N ALA R 82 -35.52 -6.35 -25.72
CA ALA R 82 -35.87 -5.45 -24.64
C ALA R 82 -36.15 -6.24 -23.38
N PHE R 83 -35.67 -5.73 -22.26
CA PHE R 83 -35.96 -6.30 -20.96
C PHE R 83 -37.41 -6.06 -20.58
N VAL R 84 -37.97 -6.97 -19.81
CA VAL R 84 -39.31 -6.79 -19.25
C VAL R 84 -39.20 -6.75 -17.74
N PRO R 85 -38.98 -5.60 -17.14
CA PRO R 85 -38.74 -5.56 -15.69
C PRO R 85 -39.98 -5.60 -14.84
N ASN R 86 -40.19 -6.70 -14.12
CA ASN R 86 -40.55 -6.88 -12.69
C ASN R 86 -40.83 -8.36 -12.47
N ASP R 87 -41.27 -8.71 -11.26
CA ASP R 87 -41.35 -10.10 -10.83
C ASP R 87 -42.26 -10.94 -11.71
N GLY R 88 -43.35 -10.39 -12.20
CA GLY R 88 -44.20 -11.23 -13.01
C GLY R 88 -44.63 -10.63 -14.33
N CYS R 89 -43.97 -9.56 -14.74
CA CYS R 89 -44.46 -8.72 -15.83
C CYS R 89 -44.38 -9.38 -17.19
N LEU R 90 -43.66 -10.48 -17.35
CA LEU R 90 -43.63 -11.16 -18.63
C LEU R 90 -44.97 -11.78 -18.98
N ASN R 91 -45.73 -12.22 -17.97
CA ASN R 91 -47.04 -12.81 -18.22
C ASN R 91 -48.06 -11.82 -18.73
N PHE R 92 -47.83 -10.52 -18.54
CA PHE R 92 -48.72 -9.52 -19.12
C PHE R 92 -48.55 -9.44 -20.62
N ILE R 93 -47.33 -9.58 -21.11
CA ILE R 93 -47.05 -9.42 -22.53
C ILE R 93 -47.46 -10.70 -23.26
N GLU R 94 -48.36 -10.56 -24.21
CA GLU R 94 -48.75 -11.66 -25.07
C GLU R 94 -48.11 -11.43 -26.42
N GLU R 95 -47.90 -12.52 -27.15
CA GLU R 95 -47.30 -12.49 -28.48
C GLU R 95 -48.11 -11.59 -29.41
N ASN R 96 -47.40 -10.86 -30.28
CA ASN R 96 -47.92 -9.94 -31.27
C ASN R 96 -48.53 -8.70 -30.66
N ASP R 97 -48.24 -8.41 -29.40
CA ASP R 97 -48.62 -7.15 -28.80
C ASP R 97 -47.70 -6.05 -29.31
N GLU R 98 -48.07 -4.82 -28.98
CA GLU R 98 -47.41 -3.65 -29.54
C GLU R 98 -46.93 -2.80 -28.37
N VAL R 99 -45.62 -2.79 -28.14
CA VAL R 99 -45.04 -2.21 -26.94
C VAL R 99 -44.38 -0.88 -27.27
N LEU R 100 -44.16 -0.10 -26.22
CA LEU R 100 -43.25 1.03 -26.26
C LEU R 100 -41.95 0.59 -25.61
N VAL R 101 -40.83 1.12 -26.06
CA VAL R 101 -39.53 0.66 -25.62
C VAL R 101 -38.67 1.87 -25.30
N ALA R 102 -38.06 1.88 -24.14
CA ALA R 102 -37.16 2.96 -23.74
C ALA R 102 -35.73 2.45 -23.68
N GLY R 103 -34.81 3.37 -23.49
CA GLY R 103 -33.46 3.02 -23.15
C GLY R 103 -33.41 2.39 -21.76
N PHE R 104 -32.28 1.76 -21.48
CA PHE R 104 -32.17 1.01 -20.26
C PHE R 104 -31.20 1.67 -19.28
N GLY R 105 -30.64 2.82 -19.65
CA GLY R 105 -30.05 3.70 -18.66
C GLY R 105 -28.67 4.23 -18.93
N ARG R 106 -27.88 3.55 -19.74
CA ARG R 106 -26.48 3.88 -19.89
C ARG R 106 -26.14 4.33 -21.30
N LYS R 107 -27.12 4.92 -21.99
CA LYS R 107 -26.95 5.57 -23.30
C LYS R 107 -26.37 4.62 -24.33
N GLY R 108 -27.08 3.54 -24.60
CA GLY R 108 -26.64 2.57 -25.57
C GLY R 108 -25.64 1.55 -25.05
N HIS R 109 -25.43 1.49 -23.75
CA HIS R 109 -24.53 0.54 -23.12
C HIS R 109 -25.33 -0.52 -22.39
N ALA R 110 -24.82 -1.74 -22.39
CA ALA R 110 -25.47 -2.81 -21.65
C ALA R 110 -25.37 -2.56 -20.15
N VAL R 111 -26.38 -3.02 -19.41
CA VAL R 111 -26.53 -2.70 -18.00
C VAL R 111 -26.64 -4.00 -17.21
N GLY R 112 -25.86 -4.10 -16.13
CA GLY R 112 -26.05 -5.19 -15.20
C GLY R 112 -25.44 -6.49 -15.70
N ASP R 113 -26.04 -7.60 -15.30
CA ASP R 113 -25.61 -8.90 -15.76
C ASP R 113 -26.30 -9.33 -17.04
N ILE R 114 -27.22 -8.53 -17.56
CA ILE R 114 -27.96 -8.91 -18.76
C ILE R 114 -27.05 -8.66 -19.94
N PRO R 115 -26.66 -9.68 -20.69
CA PRO R 115 -25.66 -9.49 -21.74
C PRO R 115 -26.28 -8.97 -23.03
N GLY R 116 -25.83 -7.80 -23.46
CA GLY R 116 -26.20 -7.27 -24.74
C GLY R 116 -27.58 -6.66 -24.86
N VAL R 117 -28.26 -6.41 -23.75
CA VAL R 117 -29.60 -5.84 -23.77
C VAL R 117 -29.53 -4.39 -23.34
N ARG R 118 -30.06 -3.51 -24.17
CA ARG R 118 -29.94 -2.07 -24.01
C ARG R 118 -31.28 -1.39 -23.85
N PHE R 119 -32.36 -2.14 -23.80
CA PHE R 119 -33.71 -1.60 -23.85
C PHE R 119 -34.57 -2.29 -22.82
N LYS R 120 -35.59 -1.58 -22.35
CA LYS R 120 -36.55 -2.14 -21.43
C LYS R 120 -37.95 -1.80 -21.91
N VAL R 121 -38.90 -2.62 -21.54
CA VAL R 121 -40.27 -2.41 -21.98
C VAL R 121 -40.98 -1.49 -21.00
N VAL R 122 -41.53 -0.41 -21.53
CA VAL R 122 -42.48 0.46 -20.85
C VAL R 122 -43.73 0.45 -21.71
N LYS R 123 -44.91 0.24 -21.10
CA LYS R 123 -46.19 0.29 -21.82
C LYS R 123 -46.28 -0.75 -22.95
N VAL R 124 -46.43 -2.02 -22.55
CA VAL R 124 -47.07 -3.02 -23.42
C VAL R 124 -48.48 -2.50 -23.71
N ALA R 125 -49.15 -3.00 -24.76
CA ALA R 125 -50.23 -2.32 -25.50
C ALA R 125 -51.13 -1.45 -24.65
N ASN R 126 -51.46 -0.25 -25.13
CA ASN R 126 -51.16 1.03 -24.48
C ASN R 126 -51.21 1.18 -22.95
N VAL R 127 -51.81 0.26 -22.21
CA VAL R 127 -51.76 0.37 -20.74
C VAL R 127 -50.34 0.19 -20.22
N SER R 128 -49.89 1.10 -19.36
CA SER R 128 -48.51 1.09 -18.93
C SER R 128 -48.18 -0.12 -18.07
N LEU R 129 -46.92 -0.54 -18.11
CA LEU R 129 -46.50 -1.77 -17.45
C LEU R 129 -46.50 -1.62 -15.94
N LEU R 130 -46.23 -0.42 -15.43
CA LEU R 130 -46.29 -0.19 -13.99
C LEU R 130 -47.71 -0.26 -13.48
N ALA R 131 -48.67 0.28 -14.23
CA ALA R 131 -50.06 0.20 -13.81
C ALA R 131 -50.58 -1.22 -13.86
N LEU R 132 -50.10 -2.01 -14.85
CA LEU R 132 -50.46 -3.41 -14.90
C LEU R 132 -49.87 -4.17 -13.72
N TYR R 133 -48.62 -3.88 -13.38
CA TYR R 133 -47.97 -4.57 -12.27
C TYR R 133 -48.61 -4.21 -10.94
N LYS R 134 -48.98 -2.95 -10.77
CA LYS R 134 -49.57 -2.48 -9.53
C LYS R 134 -51.08 -2.67 -9.46
N GLY R 135 -51.68 -3.26 -10.49
CA GLY R 135 -53.10 -3.50 -10.49
C GLY R 135 -53.96 -2.30 -10.80
N LYS R 136 -53.36 -1.16 -11.15
CA LYS R 136 -54.12 0.06 -11.40
C LYS R 136 -55.07 -0.12 -12.58
N LYS R 137 -54.60 -0.72 -13.66
CA LYS R 137 -55.41 -0.97 -14.85
C LYS R 137 -55.16 -2.40 -15.30
N GLU R 138 -55.90 -2.82 -16.32
CA GLU R 138 -55.82 -4.19 -16.79
C GLU R 138 -55.83 -4.16 -18.32
N ARG R 139 -55.46 -5.29 -18.92
CA ARG R 139 -55.33 -5.40 -20.36
C ARG R 139 -56.66 -5.09 -21.05
N PRO R 140 -56.65 -4.39 -22.17
CA PRO R 140 -57.91 -3.92 -22.78
C PRO R 140 -58.63 -5.05 -23.49
N ARG R 141 -59.31 -5.88 -22.71
CA ARG R 141 -59.94 -7.08 -23.24
C ARG R 141 -61.45 -6.96 -23.26
N THR S 1 10.58 -1.34 -13.66
CA THR S 1 11.37 -0.20 -13.24
C THR S 1 12.84 -0.38 -13.58
N LYS S 2 13.56 0.73 -13.67
CA LYS S 2 14.96 0.71 -14.05
C LYS S 2 15.81 0.17 -12.91
N LYS S 3 16.53 -0.90 -13.16
CA LYS S 3 17.24 -1.59 -12.10
C LYS S 3 18.59 -0.95 -11.78
N ARG S 4 19.36 -0.56 -12.79
CA ARG S 4 20.66 0.06 -12.57
C ARG S 4 20.75 1.34 -13.39
N ARG S 5 21.54 2.28 -12.88
CA ARG S 5 21.73 3.60 -13.52
C ARG S 5 22.51 3.50 -14.81
N ASN S 6 23.65 2.83 -14.80
CA ASN S 6 24.16 2.28 -16.04
C ASN S 6 23.25 1.11 -16.40
N ASN S 7 23.15 0.77 -17.66
CA ASN S 7 22.07 -0.18 -17.91
C ASN S 7 22.56 -1.61 -17.84
N GLY S 8 23.53 -1.86 -16.97
CA GLY S 8 24.19 -3.13 -16.86
C GLY S 8 25.46 -3.22 -17.66
N ARG S 9 26.02 -2.10 -18.09
CA ARG S 9 27.17 -2.10 -18.97
C ARG S 9 27.87 -0.76 -18.87
N ALA S 10 29.11 -0.73 -19.36
CA ALA S 10 29.89 0.51 -19.43
C ALA S 10 29.84 1.10 -20.83
N LYS S 11 28.69 1.67 -21.18
CA LYS S 11 28.50 2.35 -22.47
C LYS S 11 28.01 3.76 -22.20
N LYS S 12 28.92 4.72 -22.16
CA LYS S 12 28.50 6.07 -21.82
C LYS S 12 28.53 7.03 -22.99
N GLY S 13 29.61 7.06 -23.76
CA GLY S 13 29.70 8.08 -24.78
C GLY S 13 29.76 7.60 -26.21
N ARG S 14 29.01 6.56 -26.54
CA ARG S 14 29.11 5.94 -27.85
C ARG S 14 27.82 5.21 -28.15
N GLY S 15 27.65 4.87 -29.42
CA GLY S 15 26.45 4.17 -29.85
C GLY S 15 26.57 2.66 -29.83
N HIS S 16 27.69 2.11 -30.28
CA HIS S 16 27.81 0.67 -30.49
C HIS S 16 29.17 0.16 -30.05
N VAL S 17 29.18 -0.96 -29.34
CA VAL S 17 30.41 -1.65 -28.97
C VAL S 17 30.42 -3.01 -29.65
N GLN S 18 31.59 -3.54 -29.87
CA GLN S 18 31.72 -4.77 -30.64
C GLN S 18 31.41 -5.98 -29.74
N PRO S 19 30.62 -6.93 -30.21
CA PRO S 19 30.35 -8.11 -29.41
C PRO S 19 31.52 -9.10 -29.36
N ILE S 20 31.53 -9.88 -28.29
CA ILE S 20 32.48 -10.96 -28.07
C ILE S 20 31.68 -12.23 -27.80
N ARG S 21 32.37 -13.35 -27.68
CA ARG S 21 31.74 -14.64 -27.43
C ARG S 21 32.08 -15.10 -26.03
N CYS S 22 31.06 -15.50 -25.27
CA CYS S 22 31.25 -16.00 -23.91
C CYS S 22 32.10 -17.28 -23.93
N THR S 23 32.99 -17.40 -22.95
CA THR S 23 34.03 -18.40 -23.07
C THR S 23 33.56 -19.83 -22.82
N ASN S 24 32.40 -20.05 -22.22
CA ASN S 24 31.96 -21.42 -22.00
C ASN S 24 30.61 -21.75 -22.60
N CYS S 25 29.91 -20.79 -23.19
CA CYS S 25 28.74 -21.14 -23.98
C CYS S 25 28.71 -20.52 -25.35
N ALA S 26 29.59 -19.57 -25.67
CA ALA S 26 29.69 -18.87 -26.96
C ALA S 26 28.43 -18.07 -27.27
N ARG S 27 27.90 -17.39 -26.28
CA ARG S 27 26.88 -16.39 -26.51
C ARG S 27 27.52 -15.07 -26.88
N CYS S 28 26.87 -14.32 -27.78
CA CYS S 28 27.31 -12.98 -28.13
C CYS S 28 26.97 -12.03 -26.99
N VAL S 29 27.99 -11.44 -26.39
CA VAL S 29 27.84 -10.43 -25.35
C VAL S 29 28.50 -9.15 -25.84
N PRO S 30 27.90 -7.98 -25.63
CA PRO S 30 28.66 -6.75 -25.86
C PRO S 30 29.83 -6.66 -24.91
N LYS S 31 30.93 -6.10 -25.40
CA LYS S 31 32.21 -6.16 -24.69
C LYS S 31 32.17 -5.40 -23.38
N ASP S 32 31.42 -4.30 -23.33
CA ASP S 32 31.27 -3.53 -22.11
C ASP S 32 30.37 -4.19 -21.08
N LYS S 33 29.49 -5.08 -21.50
CA LYS S 33 28.56 -5.73 -20.59
C LYS S 33 29.12 -7.01 -20.00
N ALA S 34 30.10 -7.62 -20.65
CA ALA S 34 30.61 -8.93 -20.27
C ALA S 34 31.30 -8.89 -18.91
N ILE S 35 31.31 -10.04 -18.25
CA ILE S 35 32.03 -10.22 -17.01
C ILE S 35 33.42 -10.71 -17.40
N LYS S 36 34.39 -9.81 -17.32
CA LYS S 36 35.74 -10.17 -17.70
C LYS S 36 36.54 -10.57 -16.47
N LYS S 37 37.51 -11.47 -16.68
CA LYS S 37 38.30 -12.01 -15.60
C LYS S 37 39.65 -12.44 -16.13
N PHE S 38 40.71 -12.01 -15.45
CA PHE S 38 42.07 -12.32 -15.85
C PHE S 38 42.70 -13.32 -14.89
N VAL S 39 43.27 -14.38 -15.43
CA VAL S 39 43.76 -15.51 -14.65
C VAL S 39 45.24 -15.68 -14.93
N ILE S 40 46.05 -15.68 -13.87
CA ILE S 40 47.50 -15.70 -13.97
C ILE S 40 47.98 -16.97 -13.25
N ARG S 41 47.16 -18.02 -13.35
CA ARG S 41 47.43 -19.28 -12.69
C ARG S 41 48.75 -19.91 -13.15
N ASN S 42 49.36 -20.68 -12.26
CA ASN S 42 50.56 -21.46 -12.55
C ASN S 42 50.27 -22.67 -13.41
N ILE S 43 51.20 -22.97 -14.31
CA ILE S 43 51.08 -24.16 -15.14
C ILE S 43 51.24 -25.43 -14.31
N VAL S 44 52.06 -25.36 -13.26
CA VAL S 44 52.58 -26.55 -12.61
C VAL S 44 51.83 -26.83 -11.29
N GLU S 45 50.82 -26.01 -10.97
CA GLU S 45 49.73 -26.43 -10.08
C GLU S 45 50.16 -26.83 -8.68
N ALA S 46 50.55 -25.86 -7.86
CA ALA S 46 51.48 -25.96 -6.74
C ALA S 46 51.27 -27.10 -5.75
N ALA S 47 50.12 -27.77 -5.79
CA ALA S 47 50.02 -29.07 -5.12
C ALA S 47 51.04 -30.08 -5.63
N ALA S 48 51.48 -29.95 -6.88
CA ALA S 48 52.46 -30.85 -7.49
C ALA S 48 53.76 -30.13 -7.84
N VAL S 49 54.13 -29.08 -7.10
CA VAL S 49 55.28 -28.29 -7.49
C VAL S 49 56.59 -28.99 -7.12
N ARG S 50 56.60 -29.75 -6.01
CA ARG S 50 57.86 -30.27 -5.52
C ARG S 50 58.38 -31.41 -6.38
N ASP S 51 57.47 -32.22 -6.96
CA ASP S 51 57.91 -33.32 -7.81
C ASP S 51 58.54 -32.81 -9.09
N ILE S 52 57.93 -31.80 -9.70
CA ILE S 52 58.49 -31.16 -10.88
C ILE S 52 59.82 -30.49 -10.54
N SER S 53 59.89 -29.86 -9.37
CA SER S 53 61.10 -29.17 -8.97
C SER S 53 62.27 -30.13 -8.75
N GLU S 54 62.01 -31.26 -8.08
CA GLU S 54 63.08 -32.22 -7.85
C GLU S 54 63.42 -33.02 -9.11
N ALA S 55 62.49 -33.17 -10.04
CA ALA S 55 62.77 -33.88 -11.27
C ALA S 55 63.41 -33.00 -12.34
N SER S 56 63.55 -31.70 -12.08
CA SER S 56 64.07 -30.78 -13.08
C SER S 56 65.56 -31.01 -13.30
N VAL S 57 66.00 -30.74 -14.53
CA VAL S 57 67.41 -30.90 -14.87
C VAL S 57 68.21 -29.64 -14.58
N PHE S 58 67.56 -28.49 -14.47
CA PHE S 58 68.23 -27.27 -14.06
C PHE S 58 68.24 -27.17 -12.55
N ASP S 59 69.03 -26.22 -12.03
CA ASP S 59 69.08 -25.95 -10.60
C ASP S 59 68.16 -24.82 -10.19
N ALA S 60 68.20 -23.70 -10.91
CA ALA S 60 67.34 -22.56 -10.64
C ALA S 60 66.43 -22.37 -11.85
N TYR S 61 65.23 -22.94 -11.77
CA TYR S 61 64.23 -22.78 -12.81
C TYR S 61 62.95 -22.25 -12.18
N VAL S 62 62.40 -21.20 -12.77
CA VAL S 62 61.15 -20.60 -12.30
C VAL S 62 60.03 -21.03 -13.25
N LEU S 63 58.93 -21.48 -12.66
CA LEU S 63 57.88 -22.12 -13.44
C LEU S 63 57.06 -21.08 -14.20
N PRO S 64 56.70 -21.34 -15.45
CA PRO S 64 55.92 -20.37 -16.22
C PRO S 64 54.50 -20.25 -15.71
N LYS S 65 53.93 -19.08 -15.94
CA LYS S 65 52.54 -18.80 -15.63
C LYS S 65 51.68 -19.05 -16.85
N LEU S 66 50.38 -19.15 -16.61
CA LEU S 66 49.38 -19.29 -17.66
C LEU S 66 48.51 -18.04 -17.63
N TYR S 67 48.34 -17.40 -18.78
CA TYR S 67 47.65 -16.12 -18.86
C TYR S 67 46.44 -16.26 -19.76
N VAL S 68 45.26 -16.40 -19.17
CA VAL S 68 44.03 -16.44 -19.94
C VAL S 68 43.11 -15.34 -19.45
N LYS S 69 42.40 -14.73 -20.39
CA LYS S 69 41.40 -13.73 -20.11
C LYS S 69 40.04 -14.33 -20.44
N LEU S 70 39.14 -14.33 -19.46
CA LEU S 70 37.85 -14.97 -19.61
C LEU S 70 36.77 -13.92 -19.78
N HIS S 71 35.81 -14.21 -20.63
CA HIS S 71 34.63 -13.39 -20.82
C HIS S 71 33.40 -14.24 -20.55
N TYR S 72 32.53 -13.78 -19.68
CA TYR S 72 31.32 -14.51 -19.35
C TYR S 72 30.10 -13.70 -19.74
N CYS S 73 29.06 -14.41 -20.18
CA CYS S 73 27.76 -13.78 -20.19
C CYS S 73 27.21 -13.74 -18.78
N VAL S 74 26.14 -12.99 -18.59
CA VAL S 74 25.56 -12.83 -17.26
C VAL S 74 25.09 -14.17 -16.71
N SER S 75 24.44 -14.97 -17.55
CA SER S 75 23.92 -16.25 -17.11
C SER S 75 25.02 -17.22 -16.71
N CYS S 76 26.11 -17.28 -17.49
CA CYS S 76 27.20 -18.17 -17.13
C CYS S 76 27.95 -17.68 -15.91
N ALA S 77 28.06 -16.37 -15.72
CA ALA S 77 28.73 -15.85 -14.53
C ALA S 77 27.92 -16.13 -13.28
N ILE S 78 26.59 -16.05 -13.37
CA ILE S 78 25.74 -16.37 -12.23
C ILE S 78 25.80 -17.87 -11.94
N HIS S 79 25.70 -18.70 -12.98
CA HIS S 79 25.64 -20.13 -12.76
C HIS S 79 26.98 -20.71 -12.32
N SER S 80 28.07 -20.13 -12.79
CA SER S 80 29.38 -20.57 -12.33
C SER S 80 29.83 -19.83 -11.09
N LYS S 81 28.96 -19.01 -10.51
CA LYS S 81 29.17 -18.33 -9.23
C LYS S 81 30.37 -17.39 -9.28
N VAL S 82 30.62 -16.79 -10.44
CA VAL S 82 31.57 -15.70 -10.50
C VAL S 82 31.01 -14.45 -9.81
N VAL S 83 29.74 -14.15 -10.08
CA VAL S 83 29.05 -13.06 -9.41
C VAL S 83 27.78 -13.60 -8.76
N ARG S 84 27.23 -12.82 -7.85
CA ARG S 84 26.00 -13.18 -7.15
C ARG S 84 25.08 -11.98 -7.08
N ASN S 85 23.80 -12.25 -6.86
CA ASN S 85 22.84 -11.20 -6.60
C ASN S 85 23.19 -10.48 -5.30
N ARG S 86 22.95 -9.18 -5.26
CA ARG S 86 23.18 -8.36 -4.09
C ARG S 86 21.97 -7.50 -3.83
N SER S 87 21.87 -6.94 -2.62
CA SER S 87 20.79 -6.02 -2.31
C SER S 87 21.05 -4.69 -3.00
N ARG S 88 20.08 -3.76 -2.89
CA ARG S 88 20.13 -2.51 -3.65
C ARG S 88 21.37 -1.68 -3.30
N GLU S 89 21.56 -1.37 -2.03
CA GLU S 89 22.73 -0.60 -1.63
C GLU S 89 24.00 -1.41 -1.78
N ALA S 90 23.91 -2.73 -1.68
CA ALA S 90 25.06 -3.55 -2.00
C ALA S 90 25.30 -3.60 -3.51
N ARG S 91 24.23 -3.50 -4.31
CA ARG S 91 24.38 -3.47 -5.76
C ARG S 91 25.21 -2.28 -6.21
N LYS S 92 24.99 -1.13 -5.62
CA LYS S 92 25.72 0.01 -6.15
C LYS S 92 27.14 0.16 -5.60
N ASP S 93 27.74 -0.91 -5.09
CA ASP S 93 29.12 -0.91 -4.62
C ASP S 93 30.04 -1.48 -5.70
N ARG S 94 31.03 -0.69 -6.12
CA ARG S 94 31.87 -1.01 -7.27
C ARG S 94 33.25 -1.53 -6.90
N THR S 95 33.58 -1.63 -5.62
CA THR S 95 34.88 -2.11 -5.20
C THR S 95 35.05 -3.58 -5.57
N PRO S 96 36.22 -3.99 -6.06
CA PRO S 96 36.48 -5.41 -6.23
C PRO S 96 36.51 -6.12 -4.89
N PRO S 97 36.30 -7.43 -4.88
CA PRO S 97 36.37 -8.16 -3.62
C PRO S 97 37.77 -8.11 -3.06
N PRO S 98 37.90 -8.22 -1.73
CA PRO S 98 39.23 -8.12 -1.10
C PRO S 98 40.11 -9.29 -1.51
N ARG S 99 41.42 -9.04 -1.51
CA ARG S 99 42.37 -9.97 -2.10
C ARG S 99 42.71 -11.16 -1.21
N PHE S 100 42.08 -11.27 -0.03
CA PHE S 100 42.32 -12.30 1.00
C PHE S 100 43.81 -12.62 1.16
N ARG S 101 44.60 -11.55 1.32
CA ARG S 101 46.05 -11.71 1.39
C ARG S 101 46.53 -12.53 2.60
N PRO S 102 46.04 -12.30 3.83
CA PRO S 102 46.50 -13.25 4.84
C PRO S 102 45.51 -14.40 5.06
N ARG T 1 53.53 -54.36 -11.54
CA ARG T 1 53.32 -53.22 -12.42
C ARG T 1 52.87 -52.02 -11.61
N VAL T 2 52.05 -52.27 -10.60
CA VAL T 2 51.59 -51.22 -9.71
C VAL T 2 52.70 -50.85 -8.75
N GLN T 3 52.75 -49.58 -8.38
CA GLN T 3 53.59 -49.14 -7.28
C GLN T 3 53.14 -49.86 -6.01
N PRO T 4 54.08 -50.22 -5.13
CA PRO T 4 53.73 -51.05 -3.97
C PRO T 4 52.78 -50.37 -2.99
N ILE T 5 52.36 -51.15 -2.00
CA ILE T 5 51.50 -50.66 -0.94
C ILE T 5 52.26 -49.63 -0.11
N LYS T 6 51.69 -48.46 0.08
CA LYS T 6 52.29 -47.40 0.85
C LYS T 6 51.49 -47.17 2.12
N LEU T 7 52.17 -47.00 3.23
CA LEU T 7 51.54 -46.66 4.50
C LEU T 7 51.67 -45.17 4.74
N ALA T 8 50.61 -44.58 5.30
CA ALA T 8 50.54 -43.13 5.43
C ALA T 8 49.93 -42.75 6.77
N ARG T 9 50.55 -41.80 7.46
CA ARG T 9 50.13 -41.37 8.77
C ARG T 9 49.34 -40.07 8.66
N VAL T 10 48.23 -39.99 9.39
CA VAL T 10 47.24 -38.94 9.19
C VAL T 10 47.59 -37.74 10.06
N THR T 11 47.88 -36.61 9.41
CA THR T 11 48.06 -35.31 10.03
C THR T 11 46.64 -34.69 10.07
N LYS T 12 46.48 -33.39 10.33
CA LYS T 12 45.20 -32.82 10.73
C LYS T 12 44.07 -33.08 9.74
N VAL T 13 42.87 -33.32 10.28
CA VAL T 13 41.69 -33.61 9.48
C VAL T 13 41.17 -32.32 8.86
N LEU T 14 40.75 -32.40 7.60
CA LEU T 14 40.35 -31.21 6.85
C LEU T 14 38.84 -31.16 6.62
N GLY T 15 38.06 -31.90 7.38
CA GLY T 15 36.62 -31.75 7.34
C GLY T 15 35.93 -32.82 6.51
N ARG T 16 34.61 -32.72 6.51
CA ARG T 16 33.73 -33.74 5.96
C ARG T 16 33.31 -33.37 4.55
N THR T 17 33.03 -34.40 3.76
CA THR T 17 32.68 -34.21 2.35
C THR T 17 31.88 -35.43 1.91
N GLY T 18 31.53 -35.48 0.63
CA GLY T 18 30.90 -36.63 0.06
C GLY T 18 29.40 -36.56 -0.06
N SER T 19 28.80 -35.37 0.06
CA SER T 19 27.41 -35.07 -0.26
C SER T 19 26.41 -35.71 0.69
N GLN T 20 26.88 -36.51 1.64
CA GLN T 20 26.09 -36.96 2.77
C GLN T 20 26.92 -36.89 4.04
N GLY T 21 28.09 -36.26 3.97
CA GLY T 21 29.00 -36.19 5.09
C GLY T 21 29.58 -37.52 5.48
N GLN T 22 30.00 -38.30 4.49
CA GLN T 22 30.44 -39.67 4.70
C GLN T 22 31.94 -39.86 4.62
N CYS T 23 32.65 -38.97 3.90
CA CYS T 23 34.10 -39.04 3.77
C CYS T 23 34.74 -37.86 4.45
N THR T 24 36.03 -37.98 4.75
CA THR T 24 36.82 -36.90 5.30
C THR T 24 38.08 -36.71 4.49
N GLN T 25 38.64 -35.51 4.54
CA GLN T 25 39.95 -35.21 3.99
C GLN T 25 40.96 -35.13 5.12
N VAL T 26 42.14 -35.71 4.91
CA VAL T 26 43.00 -36.04 6.05
C VAL T 26 44.41 -35.48 5.98
N ARG T 27 44.99 -35.19 4.82
CA ARG T 27 46.38 -34.71 4.68
C ARG T 27 47.38 -35.68 5.32
N VAL T 28 47.49 -36.87 4.73
CA VAL T 28 48.40 -37.90 5.22
C VAL T 28 49.85 -37.55 4.95
N GLU T 29 50.78 -38.23 5.63
CA GLU T 29 52.21 -38.16 5.33
C GLU T 29 52.80 -39.57 5.37
N PHE T 30 53.78 -39.81 4.51
CA PHE T 30 54.07 -41.15 3.99
C PHE T 30 54.98 -42.01 4.85
N MET T 31 55.57 -41.48 5.93
CA MET T 31 56.39 -42.14 6.96
C MET T 31 57.61 -42.88 6.42
N ASP T 32 57.88 -42.81 5.12
CA ASP T 32 59.16 -43.18 4.55
C ASP T 32 59.92 -41.95 4.09
N ASP T 33 59.28 -41.12 3.28
CA ASP T 33 59.68 -39.72 3.08
C ASP T 33 58.64 -38.81 3.74
N THR T 34 58.87 -38.56 5.03
CA THR T 34 57.95 -37.83 5.89
C THR T 34 57.67 -36.42 5.39
N SER T 35 58.61 -35.83 4.66
CA SER T 35 58.38 -34.54 4.00
C SER T 35 57.29 -34.60 2.94
N ARG T 36 57.06 -35.77 2.33
CA ARG T 36 56.05 -35.90 1.29
C ARG T 36 54.69 -36.14 1.91
N SER T 37 53.71 -35.33 1.52
CA SER T 37 52.39 -35.35 2.13
C SER T 37 51.34 -34.97 1.11
N ILE T 38 50.22 -35.69 1.10
CA ILE T 38 49.13 -35.44 0.16
C ILE T 38 47.79 -35.47 0.88
N ILE T 39 46.80 -34.85 0.25
CA ILE T 39 45.41 -34.89 0.71
C ILE T 39 44.77 -36.16 0.18
N ARG T 40 43.94 -36.82 0.99
CA ARG T 40 43.25 -38.03 0.57
C ARG T 40 41.85 -38.07 1.18
N ASN T 41 40.97 -38.82 0.54
CA ASN T 41 39.60 -39.01 1.00
C ASN T 41 39.45 -40.36 1.69
N VAL T 42 38.96 -40.35 2.92
CA VAL T 42 38.86 -41.54 3.75
C VAL T 42 37.41 -41.72 4.18
N LYS T 43 36.91 -42.94 4.05
CA LYS T 43 35.64 -43.30 4.66
C LYS T 43 35.89 -44.07 5.94
N GLY T 44 34.95 -43.96 6.87
CA GLY T 44 35.14 -44.47 8.20
C GLY T 44 35.59 -43.37 9.14
N PRO T 45 35.39 -43.57 10.45
CA PRO T 45 35.88 -42.59 11.43
C PRO T 45 37.40 -42.62 11.50
N VAL T 46 38.02 -41.45 11.39
CA VAL T 46 39.42 -41.36 11.00
C VAL T 46 40.37 -41.19 12.19
N ARG T 47 40.12 -40.19 13.06
CA ARG T 47 40.93 -39.99 14.28
C ARG T 47 42.39 -39.74 13.96
N GLU T 48 42.72 -38.53 13.48
CA GLU T 48 44.07 -38.14 13.09
C GLU T 48 45.15 -38.62 14.06
N GLY T 49 46.25 -39.11 13.53
CA GLY T 49 47.27 -39.76 14.31
C GLY T 49 47.46 -41.23 14.01
N ASP T 50 46.67 -41.83 13.13
CA ASP T 50 46.81 -43.24 12.82
C ASP T 50 47.18 -43.43 11.34
N VAL T 51 47.32 -44.69 10.97
CA VAL T 51 48.04 -45.09 9.78
C VAL T 51 47.06 -45.64 8.75
N LEU T 52 47.15 -45.14 7.54
CA LEU T 52 46.40 -45.69 6.41
C LEU T 52 47.26 -46.60 5.55
N THR T 53 46.60 -47.32 4.67
CA THR T 53 47.24 -48.07 3.61
C THR T 53 46.71 -47.56 2.28
N LEU T 54 47.60 -47.39 1.32
CA LEU T 54 47.25 -46.80 0.02
C LEU T 54 47.62 -47.79 -1.07
N LEU T 55 46.61 -48.38 -1.71
CA LEU T 55 46.89 -49.30 -2.81
C LEU T 55 47.42 -48.55 -4.02
N GLU T 56 46.74 -47.47 -4.39
CA GLU T 56 47.21 -46.59 -5.46
C GLU T 56 47.58 -45.28 -4.80
N SER T 57 48.87 -44.97 -4.78
CA SER T 57 49.37 -43.93 -3.89
C SER T 57 49.04 -42.53 -4.41
N GLU T 58 49.47 -42.20 -5.61
CA GLU T 58 49.49 -40.82 -6.08
C GLU T 58 48.25 -40.45 -6.91
N ARG T 59 47.06 -40.51 -6.29
CA ARG T 59 45.93 -40.12 -7.13
C ARG T 59 45.69 -38.62 -7.13
N GLU T 60 44.99 -38.11 -6.09
CA GLU T 60 44.86 -36.71 -5.67
C GLU T 60 43.77 -36.66 -4.60
N ALA T 61 43.56 -35.50 -4.00
CA ALA T 61 42.24 -35.16 -3.48
C ALA T 61 41.97 -33.70 -3.78
N ARG T 62 40.77 -33.40 -4.28
CA ARG T 62 40.42 -32.02 -4.56
C ARG T 62 40.23 -31.26 -3.26
N ARG T 63 40.80 -30.07 -3.20
CA ARG T 63 40.70 -29.23 -2.02
C ARG T 63 39.27 -28.74 -1.82
N LEU T 64 38.78 -28.86 -0.59
CA LEU T 64 37.41 -28.47 -0.27
C LEU T 64 37.16 -26.97 -0.37
N GLY U 1 -45.13 -50.22 30.90
CA GLY U 1 -46.29 -50.99 31.28
C GLY U 1 -46.46 -52.21 30.40
N HIS U 2 -47.00 -53.30 30.95
CA HIS U 2 -47.38 -53.38 32.35
C HIS U 2 -46.21 -53.83 33.21
N GLN U 3 -46.49 -54.13 34.47
CA GLN U 3 -45.43 -54.26 35.48
C GLN U 3 -44.50 -55.42 35.21
N GLN U 4 -45.02 -56.54 34.72
CA GLN U 4 -44.20 -57.73 34.61
C GLN U 4 -43.40 -57.81 33.30
N LEU U 5 -43.52 -56.84 32.39
CA LEU U 5 -42.59 -56.80 31.27
C LEU U 5 -42.04 -55.41 30.96
N TYR U 6 -42.12 -54.45 31.88
CA TYR U 6 -41.67 -53.10 31.54
C TYR U 6 -40.14 -53.01 31.53
N TRP U 7 -39.50 -53.30 32.64
CA TRP U 7 -38.06 -53.18 32.80
C TRP U 7 -37.48 -54.55 33.05
N SER U 8 -38.05 -55.56 32.39
CA SER U 8 -37.89 -56.94 32.82
C SER U 8 -36.59 -57.56 32.35
N HIS U 9 -35.97 -57.03 31.31
CA HIS U 9 -34.66 -57.53 30.90
C HIS U 9 -33.64 -57.20 31.98
N PRO U 10 -32.88 -58.17 32.45
CA PRO U 10 -32.03 -57.95 33.62
C PRO U 10 -30.85 -57.03 33.38
N ARG U 11 -30.84 -55.86 34.02
CA ARG U 11 -29.67 -54.99 34.01
C ARG U 11 -28.76 -55.32 35.18
N LYS U 12 -28.30 -56.56 35.18
CA LYS U 12 -27.10 -56.99 35.88
C LYS U 12 -25.93 -56.58 35.00
N PHE U 13 -24.81 -57.27 35.10
CA PHE U 13 -23.57 -57.08 34.37
C PHE U 13 -23.67 -56.56 32.93
N GLY U 14 -22.73 -55.70 32.52
CA GLY U 14 -22.65 -55.27 31.15
C GLY U 14 -22.86 -53.77 31.02
N GLN U 15 -22.73 -53.31 29.77
CA GLN U 15 -22.80 -51.88 29.52
C GLN U 15 -24.19 -51.29 29.72
N GLY U 16 -25.24 -52.11 29.71
CA GLY U 16 -26.53 -51.59 30.06
C GLY U 16 -26.75 -51.41 31.55
N SER U 17 -25.81 -51.89 32.37
CA SER U 17 -25.89 -51.66 33.81
C SER U 17 -25.32 -50.30 34.19
N ARG U 18 -24.15 -49.99 33.67
CA ARG U 18 -23.34 -48.91 34.21
C ARG U 18 -23.45 -47.68 33.35
N SER U 19 -23.39 -46.51 34.00
CA SER U 19 -23.46 -45.25 33.30
C SER U 19 -22.67 -44.23 34.09
N CYS U 20 -22.33 -43.13 33.43
CA CYS U 20 -21.57 -42.07 34.07
C CYS U 20 -22.38 -41.44 35.18
N ARG U 21 -21.71 -41.07 36.27
CA ARG U 21 -22.40 -40.47 37.40
C ARG U 21 -22.63 -38.99 37.20
N VAL U 22 -22.18 -38.43 36.09
CA VAL U 22 -22.37 -37.03 35.76
C VAL U 22 -23.34 -36.86 34.61
N CYS U 23 -23.11 -37.57 33.50
CA CYS U 23 -23.86 -37.35 32.28
C CYS U 23 -24.77 -38.51 31.91
N SER U 24 -24.71 -39.63 32.64
CA SER U 24 -25.50 -40.84 32.41
C SER U 24 -25.28 -41.46 31.04
N ASN U 25 -24.13 -41.18 30.41
CA ASN U 25 -23.69 -41.86 29.21
C ASN U 25 -23.07 -43.20 29.57
N ARG U 26 -22.92 -44.06 28.57
CA ARG U 26 -22.52 -45.44 28.81
C ARG U 26 -21.18 -45.82 28.18
N HIS U 27 -20.52 -44.91 27.49
CA HIS U 27 -19.34 -45.25 26.70
C HIS U 27 -18.12 -44.55 27.26
N GLY U 28 -16.99 -45.24 27.22
CA GLY U 28 -15.75 -44.70 27.75
C GLY U 28 -15.78 -44.51 29.24
N LEU U 29 -16.38 -45.45 29.95
CA LEU U 29 -16.62 -45.29 31.38
C LEU U 29 -15.41 -45.79 32.17
N ILE U 30 -14.90 -44.95 33.06
CA ILE U 30 -13.80 -45.31 33.94
C ILE U 30 -14.41 -45.84 35.22
N ARG U 31 -14.26 -47.13 35.48
CA ARG U 31 -14.74 -47.68 36.74
C ARG U 31 -13.62 -48.09 37.68
N LYS U 32 -12.39 -47.66 37.39
CA LYS U 32 -11.28 -47.88 38.31
C LYS U 32 -11.42 -46.99 39.53
N TYR U 33 -11.08 -47.54 40.70
CA TYR U 33 -11.22 -46.92 42.02
C TYR U 33 -12.64 -46.47 42.32
N GLY U 34 -13.63 -47.02 41.63
CA GLY U 34 -15.00 -46.60 41.82
C GLY U 34 -15.29 -45.18 41.39
N LEU U 35 -14.62 -44.69 40.36
CA LEU U 35 -14.93 -43.38 39.83
C LEU U 35 -16.31 -43.35 39.18
N ASN U 36 -16.54 -44.27 38.24
CA ASN U 36 -17.78 -44.38 37.48
C ASN U 36 -18.10 -43.08 36.75
N MET U 37 -17.08 -42.48 36.16
CA MET U 37 -17.22 -41.32 35.30
C MET U 37 -16.73 -41.69 33.91
N CYS U 38 -17.35 -41.09 32.90
CA CYS U 38 -16.83 -41.25 31.55
C CYS U 38 -15.56 -40.44 31.40
N ARG U 39 -14.79 -40.75 30.37
CA ARG U 39 -13.43 -40.21 30.24
C ARG U 39 -13.44 -38.70 30.03
N GLN U 40 -14.45 -38.19 29.34
CA GLN U 40 -14.53 -36.75 29.12
C GLN U 40 -14.87 -36.01 30.40
N CYS U 41 -15.86 -36.52 31.15
CA CYS U 41 -16.19 -35.93 32.44
C CYS U 41 -15.05 -36.07 33.43
N PHE U 42 -14.28 -37.16 33.35
CA PHE U 42 -13.13 -37.27 34.23
C PHE U 42 -12.08 -36.25 33.89
N ARG U 43 -11.83 -36.01 32.60
CA ARG U 43 -10.88 -34.97 32.23
C ARG U 43 -11.36 -33.60 32.70
N GLN U 44 -12.67 -33.37 32.68
CA GLN U 44 -13.20 -32.12 33.18
C GLN U 44 -13.01 -31.95 34.68
N TYR U 45 -13.24 -33.00 35.46
CA TYR U 45 -13.27 -32.88 36.91
C TYR U 45 -12.03 -33.42 37.61
N ALA U 46 -10.99 -33.79 36.86
CA ALA U 46 -9.86 -34.47 37.48
C ALA U 46 -9.04 -33.55 38.37
N LYS U 47 -8.98 -32.26 38.04
CA LYS U 47 -8.14 -31.35 38.81
C LYS U 47 -8.70 -31.12 40.21
N ASP U 48 -10.02 -30.95 40.33
CA ASP U 48 -10.60 -30.76 41.65
C ASP U 48 -11.08 -32.05 42.29
N ILE U 49 -10.98 -33.19 41.61
CA ILE U 49 -11.04 -34.46 42.33
C ILE U 49 -9.77 -34.64 43.14
N GLY U 50 -8.62 -34.34 42.54
CA GLY U 50 -7.35 -34.49 43.21
C GLY U 50 -6.29 -35.10 42.31
N PHE U 51 -6.67 -35.47 41.10
CA PHE U 51 -5.71 -36.02 40.15
C PHE U 51 -5.01 -34.89 39.44
N ILE U 52 -3.69 -34.92 39.43
CA ILE U 52 -2.90 -33.87 38.80
C ILE U 52 -2.01 -34.47 37.72
N LYS U 53 -1.93 -33.80 36.59
CA LYS U 53 -0.92 -34.13 35.59
C LYS U 53 0.43 -33.72 36.13
N LEU U 54 1.29 -34.69 36.40
CA LEU U 54 2.52 -34.44 37.12
C LEU U 54 3.76 -34.93 36.39
N ASP U 55 3.61 -35.84 35.43
CA ASP U 55 4.72 -36.30 34.63
C ASP U 55 4.20 -36.73 33.27
N THR V 1 70.28 -16.39 59.16
CA THR V 1 71.17 -17.53 58.94
C THR V 1 70.39 -18.85 58.94
N GLU V 2 69.10 -18.76 59.24
CA GLU V 2 68.22 -19.92 59.31
C GLU V 2 67.29 -19.89 58.10
N GLN V 3 67.24 -20.99 57.38
CA GLN V 3 66.38 -21.14 56.21
C GLN V 3 65.49 -22.35 56.39
N MET V 4 64.37 -22.36 55.65
CA MET V 4 63.45 -23.48 55.68
C MET V 4 63.55 -24.22 54.35
N THR V 5 63.62 -25.53 54.42
CA THR V 5 63.78 -26.35 53.22
C THR V 5 62.79 -27.50 53.25
N LEU V 6 62.12 -27.74 52.13
CA LEU V 6 61.07 -28.75 52.10
C LEU V 6 61.68 -30.13 51.94
N ARG V 7 61.41 -31.01 52.90
CA ARG V 7 61.79 -32.41 52.79
C ARG V 7 60.61 -33.25 52.32
N GLY V 8 60.19 -32.99 51.08
CA GLY V 8 59.19 -33.82 50.46
C GLY V 8 57.77 -33.40 50.77
N THR V 9 56.84 -34.13 50.15
CA THR V 9 55.42 -33.85 50.22
C THR V 9 54.70 -35.04 50.87
N LEU V 10 53.46 -34.81 51.26
CA LEU V 10 52.58 -35.90 51.70
C LEU V 10 51.39 -35.96 50.74
N LYS V 11 51.44 -36.93 49.84
CA LYS V 11 50.35 -37.22 48.93
C LYS V 11 49.41 -38.23 49.59
N GLY V 12 48.18 -38.32 49.05
CA GLY V 12 47.29 -39.35 49.55
C GLY V 12 45.84 -38.99 49.75
N HIS V 13 45.45 -37.74 49.55
CA HIS V 13 44.03 -37.40 49.55
C HIS V 13 43.76 -36.31 48.53
N ASN V 14 42.68 -36.46 47.78
CA ASN V 14 42.36 -35.57 46.67
C ASN V 14 41.32 -34.56 47.11
N GLY V 15 41.77 -33.38 47.51
CA GLY V 15 40.90 -32.30 47.91
C GLY V 15 41.75 -31.18 48.46
N TRP V 16 41.09 -30.05 48.69
CA TRP V 16 41.74 -28.96 49.38
C TRP V 16 41.97 -29.37 50.82
N VAL V 17 43.23 -29.50 51.22
CA VAL V 17 43.50 -29.64 52.64
C VAL V 17 43.27 -28.29 53.31
N THR V 18 42.48 -28.31 54.39
CA THR V 18 42.00 -27.08 55.01
C THR V 18 42.49 -26.90 56.44
N GLN V 19 43.12 -27.90 57.03
CA GLN V 19 43.56 -27.82 58.41
C GLN V 19 44.60 -28.89 58.67
N ILE V 20 45.63 -28.53 59.42
CA ILE V 20 46.62 -29.49 59.91
C ILE V 20 46.66 -29.39 61.42
N ALA V 21 46.66 -30.53 62.08
CA ALA V 21 46.75 -30.58 63.54
C ALA V 21 47.88 -31.50 63.95
N THR V 22 48.67 -31.06 64.94
CA THR V 22 49.78 -31.84 65.45
C THR V 22 49.61 -32.02 66.95
N THR V 23 50.22 -33.06 67.47
CA THR V 23 50.13 -33.32 68.89
C THR V 23 51.51 -33.29 69.55
N PRO V 24 51.61 -32.81 70.79
CA PRO V 24 52.92 -32.83 71.46
C PRO V 24 53.28 -34.17 72.06
N GLN V 25 52.29 -35.01 72.41
CA GLN V 25 52.61 -36.22 73.15
C GLN V 25 53.20 -37.31 72.25
N PHE V 26 52.75 -37.41 71.00
CA PHE V 26 53.22 -38.45 70.09
C PHE V 26 53.59 -37.82 68.76
N PRO V 27 54.83 -37.38 68.61
CA PRO V 27 55.25 -36.64 67.42
C PRO V 27 55.58 -37.53 66.22
N ASP V 28 54.67 -38.43 65.88
CA ASP V 28 54.77 -39.20 64.65
C ASP V 28 53.46 -39.24 63.89
N MET V 29 52.43 -38.54 64.35
CA MET V 29 51.15 -38.50 63.68
C MET V 29 50.68 -37.06 63.56
N ILE V 30 50.08 -36.73 62.42
CA ILE V 30 49.43 -35.45 62.20
C ILE V 30 48.08 -35.73 61.58
N LEU V 31 47.20 -34.73 61.64
CA LEU V 31 45.90 -34.83 61.01
C LEU V 31 45.79 -33.88 59.83
N SER V 32 44.97 -34.27 58.87
CA SER V 32 44.76 -33.50 57.64
C SER V 32 43.26 -33.46 57.37
N ALA V 33 42.61 -32.38 57.80
CA ALA V 33 41.21 -32.18 57.49
C ALA V 33 41.10 -31.56 56.11
N SER V 34 40.60 -32.31 55.15
CA SER V 34 40.61 -31.87 53.77
C SER V 34 39.18 -31.77 53.24
N ARG V 35 39.07 -31.36 51.98
CA ARG V 35 37.79 -31.08 51.37
C ARG V 35 37.20 -32.28 50.65
N ASP V 36 37.83 -33.45 50.74
CA ASP V 36 37.20 -34.67 50.25
C ASP V 36 36.45 -35.41 51.35
N LYS V 37 35.96 -34.66 52.34
CA LYS V 37 35.12 -35.13 53.44
C LYS V 37 35.83 -36.15 54.33
N THR V 38 37.16 -36.16 54.34
CA THR V 38 37.89 -37.13 55.13
C THR V 38 38.93 -36.44 56.01
N ILE V 39 39.37 -37.16 57.03
CA ILE V 39 40.48 -36.78 57.90
C ILE V 39 41.47 -37.94 57.88
N ILE V 40 42.75 -37.63 57.73
CA ILE V 40 43.79 -38.64 57.54
C ILE V 40 44.78 -38.55 58.70
N MET V 41 45.02 -39.69 59.34
CA MET V 41 46.19 -39.83 60.20
C MET V 41 47.36 -40.31 59.37
N TRP V 42 48.53 -39.78 59.65
CA TRP V 42 49.73 -40.09 58.88
C TRP V 42 50.78 -40.73 59.78
N LYS V 43 51.50 -41.69 59.22
CA LYS V 43 52.71 -42.21 59.85
C LYS V 43 53.89 -41.40 59.35
N LEU V 44 54.42 -40.54 60.20
CA LEU V 44 55.53 -39.67 59.82
C LEU V 44 56.80 -40.50 59.85
N THR V 45 57.00 -41.31 58.82
CA THR V 45 58.20 -42.12 58.69
C THR V 45 59.18 -41.32 57.84
N ARG V 46 60.23 -40.82 58.48
CA ARG V 46 61.15 -39.91 57.81
C ARG V 46 62.03 -40.67 56.82
N ASP V 47 61.58 -40.76 55.58
CA ASP V 47 62.24 -41.51 54.52
C ASP V 47 62.39 -40.62 53.30
N GLU V 48 62.92 -41.19 52.23
CA GLU V 48 62.99 -40.52 50.94
C GLU V 48 61.75 -40.86 50.13
N THR V 49 61.06 -39.81 49.65
CA THR V 49 59.83 -39.86 48.86
C THR V 49 58.67 -40.53 49.58
N ASN V 50 58.87 -40.89 50.85
CA ASN V 50 57.89 -41.57 51.67
C ASN V 50 57.82 -40.92 53.04
N TYR V 51 57.95 -39.60 53.07
CA TYR V 51 58.05 -38.87 54.33
C TYR V 51 56.80 -39.05 55.19
N GLY V 52 55.65 -39.24 54.56
CA GLY V 52 54.45 -39.62 55.27
C GLY V 52 53.62 -40.57 54.43
N ILE V 53 53.01 -41.53 55.11
CA ILE V 53 52.11 -42.48 54.48
C ILE V 53 50.78 -42.39 55.22
N PRO V 54 49.65 -42.31 54.53
CA PRO V 54 48.36 -42.36 55.22
C PRO V 54 48.19 -43.67 55.95
N GLN V 55 47.64 -43.58 57.15
CA GLN V 55 47.54 -44.74 58.02
C GLN V 55 46.11 -45.10 58.39
N ARG V 56 45.21 -44.12 58.46
CA ARG V 56 43.80 -44.38 58.68
C ARG V 56 43.01 -43.15 58.29
N ALA V 57 41.91 -43.35 57.57
CA ALA V 57 41.04 -42.27 57.12
C ALA V 57 39.75 -42.28 57.93
N LEU V 58 39.36 -41.11 58.43
CA LEU V 58 38.17 -40.97 59.25
C LEU V 58 37.03 -40.40 58.40
N ARG V 59 35.95 -41.16 58.25
CA ARG V 59 34.81 -40.67 57.50
C ARG V 59 33.57 -40.60 58.36
N GLY V 60 32.56 -39.91 57.85
CA GLY V 60 31.35 -39.73 58.59
C GLY V 60 30.81 -38.32 58.46
N HIS V 61 31.55 -37.46 57.78
CA HIS V 61 31.10 -36.10 57.53
C HIS V 61 30.48 -36.01 56.16
N SER V 62 29.31 -35.35 56.10
CA SER V 62 28.52 -35.28 54.89
C SER V 62 29.09 -34.33 53.85
N HIS V 63 29.88 -33.33 54.25
CA HIS V 63 30.31 -32.32 53.32
C HIS V 63 31.70 -31.90 53.80
N PHE V 64 32.26 -30.82 53.24
CA PHE V 64 33.65 -30.42 53.48
C PHE V 64 33.98 -30.31 54.96
N VAL V 65 35.17 -30.76 55.33
CA VAL V 65 35.62 -30.71 56.72
C VAL V 65 36.39 -29.42 56.93
N SER V 66 36.01 -28.66 57.94
CA SER V 66 36.54 -27.30 58.08
C SER V 66 37.68 -27.21 59.08
N ASP V 67 37.59 -27.89 60.22
CA ASP V 67 38.59 -27.73 61.27
C ASP V 67 38.81 -29.06 61.96
N VAL V 68 39.93 -29.17 62.67
CA VAL V 68 40.26 -30.37 63.42
C VAL V 68 41.24 -30.00 64.52
N VAL V 69 41.16 -30.70 65.65
CA VAL V 69 42.05 -30.49 66.79
C VAL V 69 42.43 -31.83 67.41
N ILE V 70 43.35 -31.76 68.38
CA ILE V 70 43.84 -32.93 69.12
C ILE V 70 43.73 -32.64 70.60
N SER V 71 43.36 -33.66 71.37
CA SER V 71 43.34 -33.54 72.83
C SER V 71 44.75 -33.46 73.40
N SER V 72 44.84 -33.03 74.65
CA SER V 72 46.14 -32.86 75.30
C SER V 72 46.86 -34.18 75.49
N ASP V 73 46.11 -35.26 75.74
CA ASP V 73 46.70 -36.58 75.83
C ASP V 73 46.88 -37.24 74.47
N GLY V 74 46.41 -36.61 73.40
CA GLY V 74 46.55 -37.15 72.06
C GLY V 74 45.81 -38.45 71.83
N GLN V 75 44.64 -38.60 72.44
CA GLN V 75 43.84 -39.79 72.27
C GLN V 75 42.54 -39.53 71.51
N PHE V 76 41.94 -38.37 71.68
CA PHE V 76 40.71 -37.99 71.01
C PHE V 76 41.02 -36.93 69.97
N ALA V 77 40.23 -36.93 68.90
CA ALA V 77 40.28 -35.89 67.89
C ALA V 77 38.88 -35.34 67.70
N LEU V 78 38.79 -34.03 67.53
CA LEU V 78 37.52 -33.36 67.33
C LEU V 78 37.58 -32.58 66.04
N SER V 79 36.50 -32.63 65.26
CA SER V 79 36.49 -31.97 63.96
C SER V 79 35.10 -31.50 63.62
N GLY V 80 35.00 -30.28 63.11
CA GLY V 80 33.76 -29.77 62.59
C GLY V 80 33.77 -29.71 61.08
N SER V 81 32.61 -29.76 60.43
CA SER V 81 32.58 -29.83 58.98
C SER V 81 31.43 -29.00 58.45
N TRP V 82 31.32 -28.94 57.13
CA TRP V 82 30.35 -28.06 56.51
C TRP V 82 28.95 -28.65 56.44
N ASP V 83 28.69 -29.75 57.12
CA ASP V 83 27.32 -30.24 57.23
C ASP V 83 26.63 -29.76 58.48
N GLY V 84 27.22 -28.81 59.18
CA GLY V 84 26.59 -28.21 60.34
C GLY V 84 26.65 -29.03 61.59
N THR V 85 27.68 -29.86 61.74
CA THR V 85 27.77 -30.72 62.91
C THR V 85 29.22 -30.95 63.26
N LEU V 86 29.47 -31.28 64.52
CA LEU V 86 30.79 -31.63 64.99
C LEU V 86 30.84 -33.12 65.26
N ARG V 87 32.05 -33.63 65.45
CA ARG V 87 32.24 -35.07 65.53
C ARG V 87 33.51 -35.36 66.32
N LEU V 88 33.38 -36.13 67.38
CA LEU V 88 34.50 -36.45 68.27
C LEU V 88 35.00 -37.84 67.95
N TRP V 89 36.20 -37.92 67.41
CA TRP V 89 36.79 -39.18 66.97
C TRP V 89 37.71 -39.72 68.06
N ASP V 90 38.43 -40.78 67.74
CA ASP V 90 39.46 -41.30 68.61
C ASP V 90 40.52 -42.00 67.78
N LEU V 91 41.59 -42.41 68.43
CA LEU V 91 42.51 -43.38 67.87
C LEU V 91 41.87 -44.75 68.12
N THR V 92 42.59 -45.84 67.84
CA THR V 92 42.07 -47.21 67.97
C THR V 92 40.84 -47.40 67.08
N THR V 93 41.14 -47.41 65.77
CA THR V 93 40.38 -47.66 64.54
C THR V 93 39.43 -46.53 64.19
N GLY V 94 39.46 -45.41 64.92
CA GLY V 94 38.90 -44.17 64.45
C GLY V 94 37.42 -44.15 64.18
N THR V 95 36.62 -44.69 65.09
CA THR V 95 35.19 -44.62 65.00
C THR V 95 34.70 -43.45 65.84
N THR V 96 33.73 -42.71 65.33
CA THR V 96 33.21 -41.59 66.09
C THR V 96 32.45 -42.08 67.32
N THR V 97 32.65 -41.38 68.44
CA THR V 97 31.98 -41.74 69.67
C THR V 97 30.81 -40.82 69.95
N ARG V 98 31.00 -39.52 69.86
CA ARG V 98 29.95 -38.55 70.08
C ARG V 98 29.87 -37.61 68.89
N ARG V 99 28.68 -37.10 68.65
CA ARG V 99 28.48 -36.10 67.62
C ARG V 99 27.53 -35.03 68.15
N PHE V 100 27.81 -33.78 67.79
CA PHE V 100 27.23 -32.62 68.42
C PHE V 100 26.24 -31.99 67.45
N VAL V 101 24.95 -32.21 67.69
CA VAL V 101 23.90 -31.73 66.80
C VAL V 101 23.73 -30.25 67.11
N GLY V 102 24.36 -29.43 66.28
CA GLY V 102 24.52 -28.02 66.58
C GLY V 102 23.80 -27.03 65.71
N HIS V 103 24.61 -26.20 65.07
CA HIS V 103 24.17 -25.00 64.39
C HIS V 103 23.28 -25.35 63.19
N THR V 104 22.43 -24.40 62.82
CA THR V 104 21.62 -24.58 61.62
C THR V 104 22.47 -24.60 60.38
N LYS V 105 23.40 -23.66 60.27
CA LYS V 105 24.34 -23.61 59.15
C LYS V 105 25.66 -24.23 59.57
N ASP V 106 26.61 -24.19 58.65
CA ASP V 106 27.79 -25.03 58.78
C ASP V 106 28.87 -24.39 59.64
N VAL V 107 29.61 -25.23 60.36
CA VAL V 107 30.60 -24.75 61.30
C VAL V 107 31.87 -24.40 60.54
N LEU V 108 32.73 -23.62 61.18
CA LEU V 108 33.97 -23.23 60.53
C LEU V 108 35.18 -23.52 61.39
N SER V 109 35.01 -23.57 62.71
CA SER V 109 36.15 -23.80 63.58
C SER V 109 35.72 -24.37 64.92
N VAL V 110 36.57 -25.23 65.48
CA VAL V 110 36.39 -25.83 66.78
C VAL V 110 37.66 -25.61 67.59
N ALA V 111 37.55 -25.76 68.91
CA ALA V 111 38.71 -25.57 69.78
C ALA V 111 38.49 -26.30 71.10
N PHE V 112 39.43 -27.17 71.45
CA PHE V 112 39.51 -27.74 72.79
C PHE V 112 39.87 -26.69 73.82
N SER V 113 39.33 -26.85 75.02
CA SER V 113 39.72 -26.02 76.14
C SER V 113 41.10 -26.45 76.64
N SER V 114 41.58 -25.74 77.66
CA SER V 114 42.90 -26.02 78.20
C SER V 114 42.95 -27.38 78.89
N ASP V 115 41.88 -27.76 79.57
CA ASP V 115 41.81 -29.01 80.30
C ASP V 115 41.04 -30.09 79.55
N ASN V 116 40.77 -29.87 78.25
CA ASN V 116 39.97 -30.75 77.41
C ASN V 116 38.59 -31.00 78.01
N ARG V 117 37.98 -29.97 78.61
CA ARG V 117 36.65 -30.11 79.17
C ARG V 117 35.59 -29.32 78.43
N GLN V 118 35.90 -28.12 77.95
CA GLN V 118 34.95 -27.31 77.21
C GLN V 118 35.23 -27.41 75.72
N ILE V 119 34.15 -27.48 74.95
CA ILE V 119 34.22 -27.58 73.49
C ILE V 119 33.52 -26.35 72.96
N VAL V 120 34.16 -25.65 72.03
CA VAL V 120 33.54 -24.47 71.44
C VAL V 120 33.56 -24.61 69.93
N SER V 121 32.57 -24.00 69.27
CA SER V 121 32.45 -24.05 67.82
C SER V 121 31.95 -22.72 67.32
N GLY V 122 32.61 -22.19 66.30
CA GLY V 122 32.16 -20.98 65.62
C GLY V 122 31.63 -21.37 64.25
N SER V 123 30.48 -20.80 63.89
CA SER V 123 29.77 -21.27 62.72
C SER V 123 29.24 -20.12 61.88
N ARG V 124 28.80 -20.48 60.67
CA ARG V 124 28.35 -19.54 59.67
C ARG V 124 26.94 -19.01 59.94
N ASP V 125 26.24 -19.57 60.91
CA ASP V 125 24.95 -19.04 61.31
C ASP V 125 25.07 -17.94 62.36
N LYS V 126 26.25 -17.33 62.47
CA LYS V 126 26.49 -16.13 63.29
C LYS V 126 26.26 -16.39 64.78
N THR V 127 26.57 -17.62 65.22
CA THR V 127 26.46 -17.97 66.63
C THR V 127 27.71 -18.72 67.05
N ILE V 128 28.00 -18.68 68.35
CA ILE V 128 29.06 -19.45 68.97
C ILE V 128 28.44 -20.24 70.11
N LYS V 129 28.80 -21.52 70.22
CA LYS V 129 28.29 -22.37 71.28
C LYS V 129 29.45 -22.99 72.03
N LEU V 130 29.33 -23.07 73.35
CA LEU V 130 30.24 -23.89 74.14
C LEU V 130 29.53 -25.18 74.51
N TRP V 131 30.26 -26.29 74.40
CA TRP V 131 29.68 -27.62 74.53
C TRP V 131 30.28 -28.36 75.71
N ASN V 132 29.49 -29.24 76.31
CA ASN V 132 30.01 -30.24 77.21
C ASN V 132 30.71 -31.32 76.39
N THR V 133 31.59 -32.07 77.05
CA THR V 133 32.36 -33.08 76.32
C THR V 133 31.53 -34.30 75.96
N LEU V 134 30.32 -34.43 76.50
CA LEU V 134 29.48 -35.58 76.20
C LEU V 134 28.49 -35.31 75.07
N GLY V 135 28.41 -34.09 74.57
CA GLY V 135 27.56 -33.80 73.44
C GLY V 135 26.59 -32.65 73.62
N VAL V 136 26.15 -32.41 74.85
CA VAL V 136 25.14 -31.39 75.09
C VAL V 136 25.78 -30.01 75.07
N CYS V 137 25.08 -29.04 74.50
CA CYS V 137 25.52 -27.66 74.54
C CYS V 137 25.14 -27.03 75.88
N LYS V 138 26.05 -26.22 76.41
CA LYS V 138 25.72 -25.51 77.64
C LYS V 138 24.78 -24.35 77.37
N TYR V 139 25.20 -23.38 76.57
CA TYR V 139 24.33 -22.36 76.01
C TYR V 139 25.05 -21.61 74.89
N THR V 140 24.30 -21.27 73.85
CA THR V 140 24.84 -20.44 72.78
C THR V 140 24.95 -19.00 73.24
N VAL V 141 25.77 -18.23 72.53
CA VAL V 141 25.84 -16.79 72.70
C VAL V 141 25.26 -16.14 71.45
N GLN V 142 24.39 -15.17 71.63
CA GLN V 142 23.67 -14.53 70.54
C GLN V 142 23.39 -13.08 70.91
N ASP V 143 23.06 -12.29 69.87
CA ASP V 143 22.60 -10.89 69.91
C ASP V 143 23.59 -9.92 70.58
N GLU V 144 24.80 -10.36 70.90
CA GLU V 144 25.96 -9.47 70.94
C GLU V 144 27.16 -10.07 70.25
N SER V 145 27.00 -11.16 69.52
CA SER V 145 28.08 -11.78 68.77
C SER V 145 28.26 -11.03 67.45
N HIS V 146 29.07 -11.59 66.56
CA HIS V 146 29.25 -11.01 65.24
C HIS V 146 27.95 -11.03 64.47
N SER V 147 27.71 -9.99 63.68
CA SER V 147 26.55 -9.93 62.81
C SER V 147 26.82 -10.53 61.43
N GLU V 148 28.00 -11.08 61.23
CA GLU V 148 28.36 -11.85 60.05
C GLU V 148 28.87 -13.22 60.50
N TRP V 149 29.35 -14.00 59.53
CA TRP V 149 29.83 -15.35 59.80
C TRP V 149 30.93 -15.36 60.84
N VAL V 150 30.80 -16.23 61.83
CA VAL V 150 31.82 -16.37 62.85
C VAL V 150 32.90 -17.28 62.29
N SER V 151 34.03 -16.69 61.92
CA SER V 151 35.19 -17.44 61.51
C SER V 151 35.95 -17.94 62.73
N CYS V 152 37.21 -18.36 62.52
CA CYS V 152 38.03 -19.10 63.48
C CYS V 152 37.92 -18.61 64.92
N VAL V 153 37.79 -19.57 65.83
CA VAL V 153 37.61 -19.33 67.25
C VAL V 153 38.68 -20.12 68.00
N ARG V 154 39.40 -19.45 68.90
CA ARG V 154 40.51 -20.06 69.60
C ARG V 154 40.39 -19.82 71.10
N PHE V 155 40.85 -20.80 71.88
CA PHE V 155 40.97 -20.64 73.32
C PHE V 155 42.35 -20.09 73.68
N SER V 156 42.43 -19.45 74.83
CA SER V 156 43.73 -19.09 75.38
C SER V 156 44.41 -20.36 75.88
N PRO V 157 45.70 -20.56 75.59
CA PRO V 157 46.34 -21.84 75.94
C PRO V 157 46.57 -22.01 77.42
N ASN V 158 46.54 -20.95 78.21
CA ASN V 158 46.77 -21.03 79.64
C ASN V 158 45.46 -21.15 80.40
N SER V 159 45.47 -21.94 81.47
CA SER V 159 44.30 -22.04 82.33
C SER V 159 44.08 -20.75 83.09
N SER V 160 45.16 -20.07 83.47
CA SER V 160 45.03 -18.75 84.08
C SER V 160 44.49 -17.76 83.05
N ASN V 161 43.55 -16.92 83.49
CA ASN V 161 42.82 -15.96 82.67
C ASN V 161 42.17 -16.65 81.48
N PRO V 162 41.11 -17.45 81.69
CA PRO V 162 40.50 -18.17 80.56
C PRO V 162 39.84 -17.22 79.57
N ILE V 163 40.39 -17.20 78.36
CA ILE V 163 40.04 -16.21 77.35
C ILE V 163 39.75 -16.94 76.05
N ILE V 164 38.66 -16.59 75.40
CA ILE V 164 38.32 -17.12 74.09
C ILE V 164 38.14 -15.97 73.10
N VAL V 165 38.76 -16.10 71.94
CA VAL V 165 38.77 -15.06 70.92
C VAL V 165 37.96 -15.54 69.72
N SER V 166 37.41 -14.59 68.97
CA SER V 166 36.51 -14.93 67.87
C SER V 166 36.63 -13.85 66.81
N CYS V 167 37.22 -14.20 65.66
CA CYS V 167 37.21 -13.31 64.52
C CYS V 167 35.89 -13.50 63.77
N GLY V 168 35.78 -12.90 62.60
CA GLY V 168 34.59 -13.07 61.81
C GLY V 168 34.62 -12.17 60.60
N TRP V 169 33.57 -12.29 59.80
CA TRP V 169 33.40 -11.44 58.64
C TRP V 169 32.75 -10.11 59.02
N ASP V 170 32.51 -9.90 60.31
CA ASP V 170 32.10 -8.63 60.88
C ASP V 170 33.26 -7.66 61.04
N LYS V 171 34.47 -8.09 60.70
CA LYS V 171 35.70 -7.31 60.84
C LYS V 171 35.92 -6.86 62.28
N LEU V 172 35.59 -7.74 63.22
CA LEU V 172 35.81 -7.51 64.64
C LEU V 172 36.53 -8.71 65.24
N VAL V 173 37.23 -8.48 66.34
CA VAL V 173 38.11 -9.47 66.94
C VAL V 173 37.55 -9.69 68.35
N LYS V 174 36.21 -9.72 68.45
CA LYS V 174 35.46 -9.97 69.67
C LYS V 174 36.10 -11.03 70.59
N VAL V 175 36.28 -10.68 71.86
CA VAL V 175 36.95 -11.55 72.82
C VAL V 175 36.01 -11.77 74.00
N TRP V 176 35.82 -13.03 74.38
CA TRP V 176 34.88 -13.41 75.41
C TRP V 176 35.64 -14.04 76.57
N ASN V 177 35.10 -13.91 77.78
CA ASN V 177 35.69 -14.55 78.94
C ASN V 177 34.88 -15.79 79.32
N LEU V 178 35.56 -16.81 79.82
CA LEU V 178 34.89 -18.08 80.05
C LEU V 178 34.07 -18.11 81.32
N ALA V 179 34.15 -17.07 82.15
CA ALA V 179 33.42 -17.08 83.42
C ALA V 179 31.91 -17.02 83.19
N ASN V 180 31.47 -16.09 82.37
CA ASN V 180 30.04 -15.96 82.07
C ASN V 180 29.73 -15.73 80.59
N CYS V 181 30.72 -15.89 79.71
CA CYS V 181 30.57 -15.70 78.26
C CYS V 181 30.02 -14.32 77.91
N LYS V 182 30.51 -13.30 78.60
CA LYS V 182 30.20 -11.93 78.25
C LYS V 182 31.34 -11.33 77.45
N LEU V 183 31.03 -10.28 76.70
CA LEU V 183 32.03 -9.59 75.90
C LEU V 183 32.94 -8.78 76.81
N LYS V 184 34.24 -8.81 76.56
CA LYS V 184 35.17 -8.00 77.32
C LYS V 184 35.92 -6.97 76.50
N THR V 185 36.15 -7.21 75.20
CA THR V 185 36.71 -6.17 74.36
C THR V 185 36.19 -6.33 72.94
N ASN V 186 36.26 -5.23 72.20
CA ASN V 186 35.52 -5.04 70.95
C ASN V 186 36.45 -4.55 69.84
N HIS V 187 37.64 -5.14 69.73
CA HIS V 187 38.71 -4.69 68.84
C HIS V 187 38.24 -4.37 67.42
N ILE V 188 38.51 -3.13 66.98
CA ILE V 188 38.19 -2.63 65.66
C ILE V 188 39.52 -2.28 64.99
N GLY V 189 39.51 -2.21 63.66
CA GLY V 189 40.69 -1.77 62.94
C GLY V 189 41.02 -2.56 61.69
N HIS V 190 40.26 -3.60 61.41
CA HIS V 190 40.42 -4.32 60.15
C HIS V 190 39.51 -3.73 59.08
N THR V 191 39.90 -3.93 57.83
CA THR V 191 39.15 -3.38 56.70
C THR V 191 38.40 -4.42 55.89
N GLY V 192 38.78 -5.70 55.98
CA GLY V 192 38.07 -6.76 55.30
C GLY V 192 37.71 -7.88 56.26
N TYR V 193 37.12 -8.93 55.71
CA TYR V 193 36.72 -10.06 56.52
C TYR V 193 37.94 -10.79 57.06
N LEU V 194 37.77 -11.46 58.19
CA LEU V 194 38.86 -12.11 58.89
C LEU V 194 38.79 -13.61 58.69
N ASN V 195 39.92 -14.21 58.33
CA ASN V 195 39.96 -15.64 58.14
C ASN V 195 40.30 -16.39 59.42
N THR V 196 41.29 -15.92 60.17
CA THR V 196 41.76 -16.69 61.32
C THR V 196 42.35 -15.78 62.37
N VAL V 197 42.38 -16.29 63.60
CA VAL V 197 43.16 -15.73 64.70
C VAL V 197 43.96 -16.84 65.33
N THR V 198 45.03 -16.45 66.03
CA THR V 198 45.87 -17.39 66.74
C THR V 198 46.36 -16.72 68.00
N VAL V 199 46.43 -17.49 69.09
CA VAL V 199 46.92 -17.00 70.37
C VAL V 199 48.29 -17.61 70.63
N SER V 200 49.22 -16.78 71.10
CA SER V 200 50.58 -17.22 71.39
C SER V 200 50.57 -18.23 72.53
N PRO V 201 51.63 -19.07 72.64
CA PRO V 201 51.69 -20.04 73.74
C PRO V 201 51.63 -19.42 75.13
N ASP V 202 52.15 -18.21 75.30
CA ASP V 202 51.80 -17.39 76.44
C ASP V 202 50.56 -16.58 76.08
N GLY V 203 49.61 -16.53 77.00
CA GLY V 203 48.35 -15.87 76.70
C GLY V 203 48.42 -14.35 76.81
N SER V 204 49.30 -13.74 76.02
CA SER V 204 49.52 -12.30 76.08
C SER V 204 49.18 -11.57 74.79
N LEU V 205 49.42 -12.18 73.64
CA LEU V 205 49.23 -11.51 72.36
C LEU V 205 48.62 -12.46 71.34
N CYS V 206 47.80 -11.91 70.47
CA CYS V 206 47.15 -12.66 69.40
C CYS V 206 47.27 -11.89 68.10
N ALA V 207 47.22 -12.64 66.99
CA ALA V 207 47.38 -12.07 65.66
C ALA V 207 46.19 -12.45 64.80
N SER V 208 45.67 -11.50 64.04
CA SER V 208 44.50 -11.70 63.20
C SER V 208 44.83 -11.37 61.75
N GLY V 209 44.29 -12.16 60.83
CA GLY V 209 44.52 -11.95 59.42
C GLY V 209 43.23 -12.08 58.63
N GLY V 210 43.28 -11.61 57.39
CA GLY V 210 42.11 -11.67 56.54
C GLY V 210 42.33 -11.12 55.15
N LYS V 211 41.34 -10.41 54.60
CA LYS V 211 41.47 -9.87 53.26
C LYS V 211 42.31 -8.61 53.23
N ASP V 212 42.60 -8.03 54.40
CA ASP V 212 43.46 -6.86 54.45
C ASP V 212 44.86 -7.17 53.98
N GLY V 213 45.38 -8.33 54.36
CA GLY V 213 46.78 -8.64 54.19
C GLY V 213 47.64 -8.21 55.35
N GLN V 214 47.08 -7.49 56.31
CA GLN V 214 47.79 -7.11 57.53
C GLN V 214 47.65 -8.22 58.56
N ALA V 215 48.77 -8.83 58.92
CA ALA V 215 48.82 -9.70 60.09
C ALA V 215 48.85 -8.78 61.29
N MET V 216 47.66 -8.51 61.82
CA MET V 216 47.45 -7.37 62.71
C MET V 216 47.48 -7.87 64.15
N LEU V 217 48.60 -7.62 64.84
CA LEU V 217 48.78 -8.12 66.19
C LEU V 217 47.91 -7.37 67.19
N TRP V 218 47.59 -8.05 68.28
CA TRP V 218 46.87 -7.47 69.40
C TRP V 218 47.54 -7.90 70.69
N ASP V 219 46.97 -7.44 71.79
CA ASP V 219 47.42 -7.75 73.13
C ASP V 219 46.25 -8.28 73.93
N LEU V 220 46.54 -9.11 74.93
CA LEU V 220 45.49 -9.73 75.71
C LEU V 220 45.40 -9.22 77.14
N ASN V 221 46.53 -8.92 77.76
CA ASN V 221 46.51 -8.55 79.17
C ASN V 221 46.01 -7.11 79.34
N GLU V 222 46.72 -6.14 78.77
CA GLU V 222 46.19 -4.79 78.71
C GLU V 222 45.16 -4.63 77.61
N GLY V 223 45.30 -5.37 76.51
CA GLY V 223 44.25 -5.50 75.51
C GLY V 223 43.85 -4.24 74.78
N LYS V 224 44.82 -3.40 74.41
CA LYS V 224 44.49 -2.22 73.63
C LYS V 224 44.89 -2.35 72.17
N HIS V 225 46.14 -2.68 71.85
CA HIS V 225 46.68 -2.75 70.49
C HIS V 225 48.14 -3.15 70.60
N LEU V 226 48.69 -3.59 69.47
CA LEU V 226 50.13 -3.68 69.26
C LEU V 226 50.40 -3.27 67.82
N TYR V 227 51.65 -3.43 67.40
CA TYR V 227 52.06 -3.10 66.04
C TYR V 227 51.35 -3.96 65.01
N THR V 228 51.16 -3.40 63.82
CA THR V 228 50.54 -4.09 62.69
C THR V 228 51.57 -4.23 61.59
N LEU V 229 51.79 -5.46 61.13
CA LEU V 229 52.73 -5.72 60.06
C LEU V 229 52.00 -6.37 58.89
N ASP V 230 52.24 -5.86 57.69
CA ASP V 230 51.45 -6.20 56.51
C ASP V 230 52.28 -7.09 55.60
N GLY V 231 51.79 -8.30 55.34
CA GLY V 231 52.42 -9.12 54.33
C GLY V 231 51.50 -9.52 53.19
N GLY V 232 51.82 -9.04 51.99
CA GLY V 232 51.29 -9.58 50.75
C GLY V 232 49.78 -9.53 50.60
N ASP V 233 49.26 -10.59 50.00
CA ASP V 233 47.86 -10.76 49.63
C ASP V 233 47.09 -11.40 50.79
N ILE V 234 45.92 -11.97 50.47
CA ILE V 234 45.01 -12.67 51.39
C ILE V 234 45.72 -13.57 52.39
N ILE V 235 45.37 -13.42 53.65
CA ILE V 235 45.98 -14.18 54.74
C ILE V 235 45.08 -15.35 55.08
N ASN V 236 45.60 -16.56 54.97
CA ASN V 236 44.81 -17.76 55.16
C ASN V 236 45.02 -18.38 56.53
N ALA V 237 46.26 -18.49 56.99
CA ALA V 237 46.56 -19.15 58.24
C ALA V 237 47.56 -18.34 59.05
N LEU V 238 47.50 -18.50 60.37
CA LEU V 238 48.42 -17.86 61.28
C LEU V 238 48.71 -18.83 62.42
N CYS V 239 49.99 -19.02 62.75
CA CYS V 239 50.33 -19.78 63.94
C CYS V 239 51.70 -19.36 64.42
N PHE V 240 51.84 -19.26 65.74
CA PHE V 240 53.11 -18.95 66.37
C PHE V 240 53.96 -20.21 66.48
N SER V 241 55.27 -20.02 66.52
CA SER V 241 56.16 -21.14 66.78
C SER V 241 55.95 -21.62 68.22
N PRO V 242 56.03 -22.92 68.48
CA PRO V 242 55.56 -23.42 69.79
C PRO V 242 56.49 -23.09 70.94
N ASN V 243 57.80 -23.25 70.76
CA ASN V 243 58.76 -22.99 71.81
C ASN V 243 59.41 -21.63 71.70
N ARG V 244 59.28 -20.99 70.53
CA ARG V 244 60.15 -19.89 70.13
C ARG V 244 59.28 -18.81 69.51
N TYR V 245 59.91 -17.69 69.17
CA TYR V 245 59.33 -16.63 68.36
C TYR V 245 59.39 -17.05 66.90
N TRP V 246 59.27 -16.10 65.96
CA TRP V 246 59.00 -16.28 64.54
C TRP V 246 57.58 -16.75 64.25
N LEU V 247 56.60 -15.90 64.51
CA LEU V 247 55.25 -16.06 63.97
C LEU V 247 55.28 -16.17 62.45
N CYS V 248 54.51 -17.11 61.90
CA CYS V 248 54.38 -17.28 60.47
C CYS V 248 52.95 -16.99 60.02
N ALA V 249 52.79 -16.80 58.71
CA ALA V 249 51.51 -16.51 58.10
C ALA V 249 51.46 -17.12 56.71
N ALA V 250 50.28 -17.58 56.32
CA ALA V 250 50.05 -18.11 54.97
C ALA V 250 49.39 -17.02 54.15
N THR V 251 50.16 -16.39 53.29
CA THR V 251 49.70 -15.27 52.47
C THR V 251 49.81 -15.65 51.00
N GLY V 252 48.70 -16.10 50.42
CA GLY V 252 48.69 -16.48 49.04
C GLY V 252 49.47 -17.73 48.80
N PRO V 253 50.06 -17.87 47.62
CA PRO V 253 50.83 -19.07 47.32
C PRO V 253 52.26 -18.99 47.81
N SER V 254 52.43 -18.61 49.07
CA SER V 254 53.71 -18.45 49.75
C SER V 254 53.42 -18.17 51.21
N ILE V 255 54.34 -18.55 52.07
CA ILE V 255 54.21 -18.30 53.51
C ILE V 255 55.35 -17.43 53.97
N LYS V 256 55.01 -16.37 54.71
CA LYS V 256 55.96 -15.36 55.13
C LYS V 256 56.18 -15.48 56.63
N ILE V 257 57.44 -15.51 57.04
CA ILE V 257 57.83 -15.76 58.42
C ILE V 257 58.47 -14.49 58.98
N TRP V 258 57.98 -14.04 60.12
CA TRP V 258 58.42 -12.78 60.72
C TRP V 258 58.83 -13.02 62.16
N ASP V 259 59.94 -12.40 62.58
CA ASP V 259 60.30 -12.39 63.99
C ASP V 259 59.44 -11.36 64.71
N LEU V 260 59.73 -11.12 65.98
CA LEU V 260 58.99 -10.13 66.75
C LEU V 260 59.87 -9.05 67.38
N GLU V 261 61.12 -9.37 67.75
CA GLU V 261 62.09 -8.35 68.12
C GLU V 261 62.68 -7.85 66.81
N GLY V 262 62.11 -6.76 66.29
CA GLY V 262 62.37 -6.38 64.93
C GLY V 262 61.31 -7.00 64.04
N LYS V 263 60.90 -6.29 62.98
CA LYS V 263 59.77 -6.71 62.18
C LYS V 263 60.19 -7.08 60.76
N ILE V 264 61.37 -7.65 60.63
CA ILE V 264 61.90 -8.00 59.31
C ILE V 264 61.31 -9.32 58.85
N ILE V 265 61.18 -9.47 57.54
CA ILE V 265 60.83 -10.75 56.95
C ILE V 265 62.02 -11.68 57.12
N VAL V 266 61.78 -12.88 57.66
CA VAL V 266 62.88 -13.80 57.91
C VAL V 266 63.19 -14.62 56.67
N ASP V 267 62.16 -15.12 56.00
CA ASP V 267 62.35 -15.96 54.83
C ASP V 267 61.07 -15.96 54.01
N GLU V 268 61.22 -16.29 52.73
CA GLU V 268 60.10 -16.47 51.80
C GLU V 268 60.12 -17.91 51.32
N LEU V 269 59.00 -18.60 51.46
CA LEU V 269 58.90 -20.01 51.11
C LEU V 269 57.89 -20.17 49.99
N LYS V 270 58.37 -20.52 48.80
CA LYS V 270 57.50 -20.73 47.65
C LYS V 270 57.73 -22.12 47.09
N GLN V 271 56.67 -22.68 46.51
CA GLN V 271 56.82 -23.85 45.67
C GLN V 271 57.51 -23.45 44.38
N GLU V 272 58.39 -24.32 43.89
CA GLU V 272 59.15 -24.00 42.70
C GLU V 272 58.28 -24.23 41.48
N VAL V 273 57.91 -23.15 40.80
CA VAL V 273 56.95 -23.22 39.70
C VAL V 273 57.62 -23.81 38.48
N ILE V 274 57.00 -24.84 37.90
CA ILE V 274 57.48 -25.49 36.69
C ILE V 274 56.42 -25.36 35.61
N SER V 275 56.88 -25.25 34.36
CA SER V 275 56.02 -25.11 33.17
C SER V 275 55.09 -23.91 33.31
N THR V 276 55.70 -22.73 33.44
CA THR V 276 54.94 -21.49 33.63
C THR V 276 54.25 -21.15 32.32
N SER V 277 52.96 -21.45 32.25
CA SER V 277 52.16 -21.15 31.06
C SER V 277 51.48 -19.79 31.15
N SER V 278 51.64 -19.09 32.29
CA SER V 278 51.01 -17.80 32.56
C SER V 278 49.50 -17.84 32.45
N LYS V 279 48.90 -19.00 32.75
CA LYS V 279 47.45 -19.14 32.72
C LYS V 279 46.87 -19.36 34.10
N ALA V 280 47.50 -20.17 34.93
CA ALA V 280 46.94 -20.55 36.22
C ALA V 280 47.75 -19.91 37.34
N GLU V 281 47.07 -19.17 38.20
CA GLU V 281 47.69 -18.61 39.38
C GLU V 281 48.10 -19.73 40.33
N PRO V 282 49.23 -19.59 41.03
CA PRO V 282 49.82 -20.74 41.75
C PRO V 282 48.95 -21.19 42.90
N PRO V 283 49.07 -22.44 43.32
CA PRO V 283 48.22 -22.95 44.41
C PRO V 283 48.51 -22.27 45.73
N GLN V 284 47.46 -21.73 46.34
CA GLN V 284 47.53 -21.04 47.62
C GLN V 284 47.86 -22.04 48.73
N CYS V 285 48.23 -21.47 49.88
CA CYS V 285 48.44 -22.24 51.11
C CYS V 285 47.28 -21.97 52.05
N THR V 286 46.70 -23.04 52.60
CA THR V 286 45.45 -22.93 53.33
C THR V 286 45.58 -23.18 54.83
N SER V 287 46.67 -23.80 55.28
CA SER V 287 46.79 -24.14 56.69
C SER V 287 48.25 -24.27 57.07
N LEU V 288 48.54 -23.98 58.34
CA LEU V 288 49.88 -24.09 58.89
C LEU V 288 49.81 -24.78 60.25
N ALA V 289 50.83 -25.58 60.55
CA ALA V 289 50.91 -26.22 61.85
C ALA V 289 52.36 -26.57 62.16
N TRP V 290 52.85 -26.10 63.30
CA TRP V 290 54.16 -26.50 63.79
C TRP V 290 54.08 -27.87 64.42
N SER V 291 55.23 -28.53 64.55
CA SER V 291 55.29 -29.89 65.06
C SER V 291 55.61 -29.95 66.54
N ALA V 292 55.23 -28.92 67.31
CA ALA V 292 55.34 -28.85 68.77
C ALA V 292 56.79 -28.90 69.27
N ASP V 293 57.75 -28.80 68.37
CA ASP V 293 59.15 -28.67 68.74
C ASP V 293 59.84 -27.54 67.97
N GLY V 294 59.14 -26.87 67.07
CA GLY V 294 59.72 -25.78 66.32
C GLY V 294 60.70 -26.21 65.25
N GLN V 295 60.78 -27.50 64.94
CA GLN V 295 61.74 -27.99 63.96
C GLN V 295 61.16 -28.10 62.57
N THR V 296 59.97 -28.65 62.42
CA THR V 296 59.32 -28.78 61.13
C THR V 296 58.00 -28.06 61.14
N LEU V 297 57.63 -27.51 59.99
CA LEU V 297 56.33 -26.91 59.78
C LEU V 297 55.63 -27.63 58.64
N PHE V 298 54.35 -27.92 58.84
CA PHE V 298 53.51 -28.50 57.80
C PHE V 298 52.59 -27.42 57.25
N ALA V 299 52.64 -27.21 55.94
CA ALA V 299 51.86 -26.17 55.29
C ALA V 299 50.91 -26.84 54.32
N GLY V 300 49.62 -26.62 54.50
CA GLY V 300 48.61 -27.24 53.66
C GLY V 300 48.19 -26.39 52.48
N TYR V 301 48.37 -26.90 51.28
CA TYR V 301 48.13 -26.13 50.07
C TYR V 301 46.78 -26.45 49.44
N THR V 302 46.38 -25.61 48.50
CA THR V 302 45.04 -25.71 47.95
C THR V 302 44.95 -26.73 46.83
N ASP V 303 46.07 -27.26 46.36
CA ASP V 303 46.01 -28.50 45.63
C ASP V 303 46.03 -29.64 46.64
N ASN V 304 46.09 -30.87 46.17
CA ASN V 304 45.82 -32.01 47.03
C ASN V 304 47.06 -32.48 47.78
N LEU V 305 48.04 -31.61 47.97
CA LEU V 305 49.29 -31.92 48.63
C LEU V 305 49.44 -31.08 49.88
N VAL V 306 50.18 -31.61 50.84
CA VAL V 306 50.62 -30.85 52.01
C VAL V 306 52.14 -30.97 52.08
N ARG V 307 52.79 -29.83 52.28
CA ARG V 307 54.24 -29.75 52.29
C ARG V 307 54.76 -29.65 53.70
N VAL V 308 55.91 -30.29 53.93
CA VAL V 308 56.65 -30.15 55.18
C VAL V 308 57.83 -29.24 54.90
N TRP V 309 58.07 -28.30 55.81
CA TRP V 309 59.21 -27.39 55.73
C TRP V 309 60.10 -27.63 56.93
N GLN V 310 61.39 -27.84 56.66
CA GLN V 310 62.36 -28.20 57.67
C GLN V 310 63.36 -27.08 57.86
N VAL V 311 63.65 -26.75 59.13
CA VAL V 311 64.64 -25.72 59.40
C VAL V 311 66.04 -26.25 59.07
N THR V 312 66.90 -25.34 58.58
CA THR V 312 68.24 -25.69 58.15
C THR V 312 69.24 -24.73 58.80
N ILE V 313 70.41 -25.27 59.14
CA ILE V 313 71.53 -24.54 59.75
C ILE V 313 71.11 -23.84 61.04
N GLU W 1 -3.49 12.37 37.50
CA GLU W 1 -2.91 13.67 37.82
C GLU W 1 -1.62 13.89 37.04
N TRP W 2 -1.46 15.10 36.50
CA TRP W 2 -0.39 15.40 35.55
C TRP W 2 0.90 15.66 36.31
N MET W 3 1.88 14.77 36.13
CA MET W 3 3.24 14.97 36.60
C MET W 3 4.15 15.17 35.40
N PRO W 4 4.55 16.40 35.09
CA PRO W 4 5.24 16.65 33.83
C PRO W 4 6.71 16.28 33.88
N VAL W 5 7.20 15.71 32.78
CA VAL W 5 8.65 15.60 32.62
C VAL W 5 9.07 16.27 31.31
N THR W 6 9.32 17.57 31.41
CA THR W 6 9.72 18.49 30.35
C THR W 6 9.95 19.81 31.06
N LYS W 7 10.88 20.65 30.59
CA LYS W 7 10.96 21.99 31.15
C LYS W 7 9.73 22.80 30.81
N LEU W 8 9.23 22.65 29.58
CA LEU W 8 8.04 23.39 29.15
C LEU W 8 6.82 22.98 29.94
N GLY W 9 6.65 21.68 30.20
CA GLY W 9 5.53 21.24 31.02
C GLY W 9 5.64 21.74 32.45
N ARG W 10 6.86 21.79 32.98
CA ARG W 10 7.06 22.31 34.33
C ARG W 10 6.72 23.78 34.43
N LEU W 11 7.08 24.56 33.40
CA LEU W 11 6.74 25.97 33.40
C LEU W 11 5.25 26.19 33.21
N VAL W 12 4.62 25.37 32.38
CA VAL W 12 3.19 25.53 32.12
C VAL W 12 2.38 25.17 33.36
N LYS W 13 2.76 24.10 34.06
CA LYS W 13 1.99 23.65 35.21
C LYS W 13 2.10 24.63 36.37
N ASP W 14 3.20 25.34 36.48
CA ASP W 14 3.43 26.24 37.60
C ASP W 14 2.98 27.66 37.30
N MET W 15 2.19 27.86 36.25
CA MET W 15 1.67 29.16 35.82
C MET W 15 2.78 30.19 35.61
N LYS W 16 3.91 29.77 35.05
CA LYS W 16 4.95 30.75 34.76
C LYS W 16 4.78 31.35 33.38
N ILE W 17 4.33 30.54 32.41
CA ILE W 17 3.99 31.03 31.09
C ILE W 17 2.52 30.73 30.82
N LYS W 18 1.81 31.72 30.32
CA LYS W 18 0.41 31.60 29.96
C LYS W 18 0.23 31.95 28.50
N SER W 19 -0.97 31.69 27.97
CA SER W 19 -1.31 32.12 26.62
C SER W 19 -0.40 31.53 25.54
N LEU W 20 -0.60 30.27 25.17
CA LEU W 20 0.23 29.41 24.32
C LEU W 20 0.99 30.07 23.15
N GLU W 21 0.57 31.28 22.79
CA GLU W 21 1.19 32.02 21.72
C GLU W 21 2.69 32.25 21.89
N GLU W 22 3.24 32.33 23.11
CA GLU W 22 4.70 32.49 23.11
C GLU W 22 5.40 31.15 22.99
N ILE W 23 4.74 30.06 23.35
CA ILE W 23 5.26 28.74 23.00
C ILE W 23 5.35 28.61 21.49
N TYR W 24 4.34 29.12 20.78
CA TYR W 24 4.45 29.20 19.32
C TYR W 24 5.54 30.18 18.89
N LEU W 25 5.65 31.31 19.58
CA LEU W 25 6.55 32.37 19.17
C LEU W 25 7.99 31.94 19.20
N PHE W 26 8.39 31.19 20.22
CA PHE W 26 9.74 30.68 20.27
C PHE W 26 9.86 29.31 19.62
N SER W 27 8.77 28.82 19.04
CA SER W 27 8.77 27.69 18.11
C SER W 27 9.22 26.40 18.78
N LEU W 28 8.92 26.24 20.05
CA LEU W 28 9.35 25.10 20.82
C LEU W 28 8.52 23.87 20.50
N PRO W 29 9.10 22.67 20.61
CA PRO W 29 8.31 21.45 20.42
C PRO W 29 7.49 21.15 21.66
N ILE W 30 6.19 20.93 21.47
CA ILE W 30 5.29 20.54 22.54
C ILE W 30 5.22 19.02 22.55
N LYS W 31 5.63 18.41 23.65
CA LYS W 31 5.70 16.96 23.73
C LYS W 31 4.79 16.38 24.80
N GLU W 32 3.88 17.19 25.34
CA GLU W 32 2.88 16.72 26.28
C GLU W 32 1.55 17.32 25.88
N SER W 33 0.51 16.49 25.75
CA SER W 33 -0.79 17.02 25.37
C SER W 33 -1.45 17.77 26.51
N GLU W 34 -0.99 17.53 27.75
CA GLU W 34 -1.59 18.17 28.91
C GLU W 34 -1.39 19.68 28.89
N ILE W 35 -0.31 20.15 28.25
CA ILE W 35 -0.14 21.58 28.00
C ILE W 35 -1.28 22.11 27.14
N ILE W 36 -1.63 21.36 26.09
CA ILE W 36 -2.62 21.82 25.13
C ILE W 36 -4.00 21.84 25.77
N ASP W 37 -4.36 20.81 26.53
CA ASP W 37 -5.65 20.92 27.18
C ASP W 37 -5.59 21.74 28.46
N PHE W 38 -4.41 22.17 28.89
CA PHE W 38 -4.32 23.17 29.94
C PHE W 38 -4.70 24.55 29.40
N PHE W 39 -4.18 24.90 28.23
CA PHE W 39 -4.43 26.24 27.69
C PHE W 39 -5.77 26.31 26.96
N LEU W 40 -6.07 25.30 26.15
CA LEU W 40 -7.28 25.29 25.34
C LEU W 40 -8.34 24.34 25.86
N GLY W 41 -8.40 24.14 27.17
CA GLY W 41 -9.44 23.31 27.73
C GLY W 41 -10.80 23.96 27.62
N ALA W 42 -11.81 23.11 27.54
CA ALA W 42 -13.23 23.45 27.43
C ALA W 42 -13.57 24.26 26.18
N SER W 43 -12.67 24.34 25.21
CA SER W 43 -12.99 24.91 23.91
C SER W 43 -12.61 24.01 22.75
N LEU W 44 -11.80 22.98 22.97
CA LEU W 44 -11.44 22.06 21.91
C LEU W 44 -12.58 21.11 21.64
N LYS W 45 -12.96 21.00 20.37
CA LYS W 45 -13.87 19.97 19.89
C LYS W 45 -13.09 19.02 18.99
N ASP W 46 -13.41 17.74 19.07
CA ASP W 46 -12.78 16.75 18.22
C ASP W 46 -13.84 15.94 17.51
N GLU W 47 -13.51 15.51 16.29
CA GLU W 47 -14.42 14.72 15.48
C GLU W 47 -13.61 13.75 14.64
N VAL W 48 -14.17 12.57 14.42
CA VAL W 48 -13.47 11.53 13.67
C VAL W 48 -13.81 11.70 12.19
N LEU W 49 -12.79 12.00 11.39
CA LEU W 49 -13.02 12.09 9.96
C LEU W 49 -13.21 10.73 9.31
N LYS W 50 -12.46 9.73 9.76
CA LYS W 50 -12.42 8.45 9.05
C LYS W 50 -11.81 7.39 9.94
N ILE W 51 -12.37 6.19 9.88
CA ILE W 51 -11.75 4.99 10.42
C ILE W 51 -11.48 4.07 9.24
N MET W 52 -10.20 3.80 8.96
CA MET W 52 -9.96 2.88 7.86
C MET W 52 -9.34 1.59 8.35
N PRO W 53 -9.87 0.47 7.91
CA PRO W 53 -9.33 -0.84 8.31
C PRO W 53 -8.14 -1.31 7.50
N VAL W 54 -6.94 -0.91 7.87
CA VAL W 54 -5.73 -1.30 7.17
C VAL W 54 -5.38 -2.75 7.44
N GLN W 55 -4.63 -3.38 6.53
CA GLN W 55 -4.31 -4.81 6.65
C GLN W 55 -2.88 -5.09 6.18
N LYS W 56 -2.25 -6.08 6.82
CA LYS W 56 -1.03 -6.66 6.32
C LYS W 56 -1.14 -8.18 6.29
N GLN W 57 -0.47 -8.79 5.34
CA GLN W 57 -0.65 -10.20 5.04
C GLN W 57 0.39 -11.03 5.80
N THR W 58 -0.08 -12.04 6.50
CA THR W 58 0.76 -13.02 7.18
C THR W 58 0.41 -14.39 6.64
N ARG W 59 1.14 -15.41 7.10
CA ARG W 59 0.86 -16.75 6.60
C ARG W 59 -0.42 -17.32 7.21
N ALA W 60 -0.77 -16.88 8.41
CA ALA W 60 -2.09 -17.19 8.96
C ALA W 60 -3.08 -16.07 8.69
N GLY W 61 -3.30 -15.74 7.42
CA GLY W 61 -4.26 -14.73 7.05
C GLY W 61 -3.80 -13.31 7.29
N GLN W 62 -4.74 -12.38 7.16
CA GLN W 62 -4.44 -10.97 7.29
C GLN W 62 -4.54 -10.52 8.73
N ARG W 63 -3.69 -9.56 9.09
CA ARG W 63 -3.71 -8.90 10.38
C ARG W 63 -4.32 -7.52 10.17
N THR W 64 -5.52 -7.32 10.71
CA THR W 64 -6.29 -6.10 10.46
C THR W 64 -6.13 -5.11 11.59
N ARG W 65 -5.57 -3.95 11.28
CA ARG W 65 -5.47 -2.85 12.22
C ARG W 65 -6.34 -1.70 11.73
N PHE W 66 -6.55 -0.73 12.61
CA PHE W 66 -7.50 0.34 12.35
C PHE W 66 -6.83 1.68 12.55
N LYS W 67 -7.01 2.55 11.57
CA LYS W 67 -6.38 3.86 11.55
C LYS W 67 -7.45 4.93 11.72
N ALA W 68 -7.22 5.86 12.62
CA ALA W 68 -8.19 6.88 12.97
C ALA W 68 -7.68 8.25 12.58
N PHE W 69 -8.54 9.07 11.98
CA PHE W 69 -8.21 10.44 11.62
C PHE W 69 -9.09 11.36 12.45
N VAL W 70 -8.47 12.10 13.36
CA VAL W 70 -9.19 12.99 14.26
C VAL W 70 -8.71 14.41 13.99
N ALA W 71 -9.65 15.31 13.74
CA ALA W 71 -9.37 16.73 13.63
C ALA W 71 -9.86 17.41 14.90
N ILE W 72 -9.04 18.29 15.45
CA ILE W 72 -9.33 18.96 16.71
C ILE W 72 -9.21 20.45 16.52
N GLY W 73 -9.85 21.20 17.40
CA GLY W 73 -9.63 22.63 17.43
C GLY W 73 -10.73 23.43 18.09
N ASP W 74 -10.35 24.50 18.79
CA ASP W 74 -11.32 25.52 19.12
C ASP W 74 -11.64 26.31 17.87
N TYR W 75 -12.78 26.98 17.86
CA TYR W 75 -13.24 27.59 16.62
C TYR W 75 -12.72 29.01 16.46
N ASN W 76 -11.56 29.32 17.05
CA ASN W 76 -11.03 30.67 17.10
C ASN W 76 -9.55 30.73 16.75
N GLY W 77 -9.06 29.83 15.91
CA GLY W 77 -7.74 29.97 15.36
C GLY W 77 -6.71 28.92 15.67
N HIS W 78 -7.11 27.71 16.06
CA HIS W 78 -6.18 26.61 16.26
C HIS W 78 -6.78 25.34 15.72
N VAL W 79 -6.01 24.59 14.93
CA VAL W 79 -6.35 23.21 14.58
C VAL W 79 -5.14 22.32 14.75
N GLY W 80 -5.42 21.06 14.97
CA GLY W 80 -4.46 20.01 14.80
C GLY W 80 -5.14 18.84 14.13
N LEU W 81 -4.35 17.97 13.55
CA LEU W 81 -4.86 16.78 12.88
C LEU W 81 -3.92 15.63 13.22
N GLY W 82 -4.44 14.65 13.95
CA GLY W 82 -3.63 13.52 14.34
C GLY W 82 -4.10 12.24 13.70
N VAL W 83 -3.21 11.27 13.58
CA VAL W 83 -3.55 9.98 13.01
C VAL W 83 -2.75 8.88 13.71
N LYS W 84 -3.44 7.82 14.12
CA LYS W 84 -2.86 6.72 14.87
C LYS W 84 -3.48 5.43 14.37
N CYS W 85 -2.71 4.34 14.42
CA CYS W 85 -3.15 3.04 13.99
C CYS W 85 -3.00 2.05 15.14
N SER W 86 -4.00 1.19 15.33
CA SER W 86 -3.99 0.28 16.47
C SER W 86 -4.74 -1.00 16.12
N LYS W 87 -4.61 -2.00 17.00
CA LYS W 87 -5.31 -3.25 16.81
C LYS W 87 -6.80 -3.12 17.07
N GLU W 88 -7.22 -2.12 17.83
CA GLU W 88 -8.63 -1.90 18.09
C GLU W 88 -8.95 -0.42 17.98
N VAL W 89 -10.23 -0.14 17.75
CA VAL W 89 -10.65 1.17 17.26
C VAL W 89 -10.57 2.23 18.35
N ALA W 90 -11.01 1.89 19.57
CA ALA W 90 -11.08 2.89 20.63
C ALA W 90 -9.70 3.36 21.03
N THR W 91 -8.73 2.45 21.07
CA THR W 91 -7.35 2.83 21.33
C THR W 91 -6.83 3.75 20.24
N ALA W 92 -7.18 3.46 18.98
CA ALA W 92 -6.74 4.29 17.87
C ALA W 92 -7.33 5.69 17.95
N ILE W 93 -8.60 5.80 18.35
CA ILE W 93 -9.23 7.11 18.47
C ILE W 93 -8.61 7.91 19.61
N ARG W 94 -8.33 7.25 20.74
CA ARG W 94 -7.68 7.93 21.85
C ARG W 94 -6.30 8.44 21.47
N GLY W 95 -5.50 7.59 20.82
CA GLY W 95 -4.17 7.98 20.41
C GLY W 95 -4.18 9.06 19.35
N ALA W 96 -5.16 9.00 18.44
CA ALA W 96 -5.29 10.04 17.43
C ALA W 96 -5.66 11.37 18.04
N ILE W 97 -6.48 11.37 19.10
CA ILE W 97 -6.83 12.62 19.76
C ILE W 97 -5.60 13.22 20.44
N ILE W 98 -4.81 12.38 21.11
CA ILE W 98 -3.59 12.87 21.75
C ILE W 98 -2.62 13.44 20.71
N LEU W 99 -2.47 12.74 19.60
CA LEU W 99 -1.58 13.20 18.54
C LEU W 99 -2.09 14.47 17.89
N ALA W 100 -3.41 14.62 17.79
CA ALA W 100 -3.98 15.84 17.22
C ALA W 100 -3.74 17.02 18.15
N LYS W 101 -3.85 16.79 19.45
CA LYS W 101 -3.52 17.85 20.42
C LYS W 101 -2.06 18.26 20.31
N LEU W 102 -1.17 17.29 20.13
CA LEU W 102 0.26 17.62 20.09
C LEU W 102 0.62 18.43 18.85
N SER W 103 -0.08 18.22 17.75
CA SER W 103 0.26 18.84 16.48
C SER W 103 -0.56 20.07 16.18
N ILE W 104 -1.01 20.77 17.20
CA ILE W 104 -1.90 21.90 17.01
C ILE W 104 -1.09 23.11 16.57
N VAL W 105 -1.72 24.00 15.80
CA VAL W 105 -0.97 25.04 15.09
C VAL W 105 -1.87 26.28 15.04
N PRO W 106 -1.33 27.50 15.02
CA PRO W 106 -2.18 28.67 14.92
C PRO W 106 -2.52 29.04 13.49
N VAL W 107 -3.71 29.59 13.31
CA VAL W 107 -4.27 29.92 12.01
C VAL W 107 -4.31 31.42 11.88
N ARG W 108 -3.73 31.94 10.80
CA ARG W 108 -3.77 33.36 10.53
C ARG W 108 -5.00 33.69 9.73
N ARG W 109 -5.68 34.75 10.12
CA ARG W 109 -6.87 35.15 9.43
C ARG W 109 -6.69 36.56 8.90
N GLY W 110 -7.39 36.86 7.83
CA GLY W 110 -7.25 38.14 7.18
C GLY W 110 -8.56 38.65 6.64
N TYR W 111 -8.51 39.66 5.80
CA TYR W 111 -9.68 40.28 5.21
C TYR W 111 -9.67 40.10 3.70
N TRP W 112 -10.85 39.99 3.13
CA TRP W 112 -10.97 39.96 1.68
C TRP W 112 -10.74 41.33 1.08
N GLY W 113 -11.18 42.37 1.77
CA GLY W 113 -10.96 43.75 1.41
C GLY W 113 -11.81 44.60 2.31
N ASN W 114 -11.45 45.88 2.50
CA ASN W 114 -12.15 46.77 3.43
C ASN W 114 -12.15 46.19 4.84
N LYS W 115 -10.98 46.25 5.46
CA LYS W 115 -10.71 45.58 6.73
C LYS W 115 -11.47 46.27 7.85
N ILE W 116 -12.75 45.90 8.00
CA ILE W 116 -13.65 46.59 8.91
C ILE W 116 -13.62 45.99 10.31
N GLY W 117 -13.96 44.71 10.44
CA GLY W 117 -14.21 44.17 11.77
C GLY W 117 -13.20 43.14 12.23
N LYS W 118 -13.68 41.99 12.64
CA LYS W 118 -12.80 40.87 12.91
C LYS W 118 -12.32 40.27 11.60
N PRO W 119 -11.11 39.71 11.57
CA PRO W 119 -10.68 38.97 10.39
C PRO W 119 -11.48 37.69 10.23
N HIS W 120 -11.79 37.36 8.99
CA HIS W 120 -12.74 36.28 8.72
C HIS W 120 -12.25 35.26 7.71
N THR W 121 -11.22 35.54 6.93
CA THR W 121 -10.81 34.67 5.84
C THR W 121 -9.29 34.50 5.91
N VAL W 122 -8.75 33.70 5.00
CA VAL W 122 -7.30 33.50 4.91
C VAL W 122 -6.64 34.79 4.44
N PRO W 123 -5.42 35.10 4.88
CA PRO W 123 -4.83 36.40 4.54
C PRO W 123 -4.31 36.49 3.11
N CYS W 124 -4.06 35.36 2.45
CA CYS W 124 -3.65 35.32 1.05
C CYS W 124 -4.01 33.92 0.56
N LYS W 125 -3.63 33.61 -0.67
CA LYS W 125 -3.90 32.27 -1.16
C LYS W 125 -2.73 31.36 -0.89
N VAL W 126 -2.99 30.27 -0.18
CA VAL W 126 -1.98 29.32 0.25
C VAL W 126 -2.32 27.96 -0.33
N THR W 127 -1.30 27.11 -0.42
CA THR W 127 -1.43 25.81 -1.05
C THR W 127 -0.67 24.76 -0.25
N GLY W 128 -1.34 23.67 0.07
CA GLY W 128 -0.70 22.55 0.74
C GLY W 128 -0.67 21.33 -0.15
N ARG W 129 0.39 20.54 0.00
CA ARG W 129 0.62 19.33 -0.77
C ARG W 129 0.79 18.15 0.16
N CYS W 130 0.18 17.03 -0.20
CA CYS W 130 0.43 15.75 0.48
C CYS W 130 0.11 14.64 -0.50
N GLY W 131 1.11 13.85 -0.86
CA GLY W 131 0.91 12.85 -1.89
C GLY W 131 0.65 13.53 -3.22
N SER W 132 -0.44 13.15 -3.87
CA SER W 132 -0.85 13.81 -5.10
C SER W 132 -1.87 14.91 -4.88
N VAL W 133 -2.25 15.18 -3.64
CA VAL W 133 -3.34 16.10 -3.36
C VAL W 133 -2.78 17.51 -3.24
N LEU W 134 -3.42 18.45 -3.92
CA LEU W 134 -3.07 19.87 -3.88
C LEU W 134 -4.32 20.65 -3.50
N VAL W 135 -4.30 21.29 -2.34
CA VAL W 135 -5.44 22.05 -1.83
C VAL W 135 -5.07 23.52 -1.84
N ARG W 136 -5.89 24.34 -2.46
CA ARG W 136 -5.64 25.77 -2.57
C ARG W 136 -6.74 26.55 -1.86
N LEU W 137 -6.37 27.36 -0.88
CA LEU W 137 -7.31 28.20 -0.17
C LEU W 137 -7.29 29.60 -0.73
N ILE W 138 -8.46 30.19 -0.95
CA ILE W 138 -8.57 31.46 -1.66
C ILE W 138 -9.43 32.41 -0.84
N PRO W 139 -9.02 33.67 -0.65
CA PRO W 139 -9.81 34.59 0.16
C PRO W 139 -11.16 34.91 -0.44
N ALA W 140 -12.18 34.94 0.41
CA ALA W 140 -13.57 35.11 0.00
C ALA W 140 -14.21 36.22 0.83
N PRO W 141 -15.20 36.91 0.27
CA PRO W 141 -15.85 38.00 1.01
C PRO W 141 -16.74 37.46 2.12
N ARG W 142 -17.25 38.38 2.93
CA ARG W 142 -18.01 38.00 4.12
C ARG W 142 -19.34 37.37 3.74
N GLY W 143 -19.74 36.37 4.53
CA GLY W 143 -21.00 35.70 4.31
C GLY W 143 -20.98 34.66 3.22
N THR W 144 -19.85 34.49 2.54
CA THR W 144 -19.72 33.47 1.52
C THR W 144 -19.80 32.07 2.11
N GLY W 145 -19.29 31.88 3.30
CA GLY W 145 -19.14 30.57 3.84
C GLY W 145 -17.94 29.89 3.24
N ILE W 146 -17.83 28.60 3.50
CA ILE W 146 -16.73 27.79 3.00
C ILE W 146 -17.25 26.98 1.82
N VAL W 147 -16.62 27.16 0.67
CA VAL W 147 -17.01 26.48 -0.56
C VAL W 147 -15.98 25.36 -0.76
N SER W 148 -16.30 24.16 -0.26
CA SER W 148 -15.34 23.07 -0.27
C SER W 148 -16.05 21.74 -0.26
N ALA W 149 -15.24 20.68 -0.39
CA ALA W 149 -15.64 19.33 -0.05
C ALA W 149 -15.85 19.24 1.45
N PRO W 150 -16.61 18.24 1.94
CA PRO W 150 -16.87 18.13 3.38
C PRO W 150 -15.66 18.01 4.29
N VAL W 151 -14.59 17.35 3.87
CA VAL W 151 -13.43 17.16 4.75
C VAL W 151 -12.65 18.46 4.96
N PRO W 152 -12.24 19.20 3.92
CA PRO W 152 -11.63 20.51 4.21
C PRO W 152 -12.62 21.48 4.78
N LYS W 153 -13.92 21.29 4.55
CA LYS W 153 -14.91 22.12 5.23
C LYS W 153 -14.86 21.90 6.73
N LYS W 154 -14.73 20.66 7.17
CA LYS W 154 -14.64 20.37 8.60
C LYS W 154 -13.39 20.98 9.20
N LEU W 155 -12.26 20.83 8.52
CA LEU W 155 -11.01 21.38 9.04
C LEU W 155 -11.04 22.90 9.08
N LEU W 156 -11.59 23.54 8.04
CA LEU W 156 -11.58 24.98 7.97
C LEU W 156 -12.58 25.60 8.92
N MET W 157 -13.71 24.91 9.19
CA MET W 157 -14.60 25.39 10.23
C MET W 157 -13.98 25.30 11.59
N MET W 158 -13.23 24.23 11.85
CA MET W 158 -12.54 24.18 13.15
C MET W 158 -11.40 25.18 13.22
N ALA W 159 -10.90 25.67 12.09
CA ALA W 159 -9.86 26.69 12.17
C ALA W 159 -10.40 28.06 12.55
N GLY W 160 -11.70 28.26 12.47
CA GLY W 160 -12.26 29.58 12.66
C GLY W 160 -12.26 30.43 11.42
N ILE W 161 -11.88 29.87 10.28
CA ILE W 161 -12.03 30.55 9.01
C ILE W 161 -13.48 30.43 8.58
N ASP W 162 -14.13 31.57 8.38
CA ASP W 162 -15.56 31.59 8.07
C ASP W 162 -15.85 31.59 6.59
N ASP W 163 -14.95 32.12 5.76
CA ASP W 163 -15.23 32.41 4.37
C ASP W 163 -14.02 32.03 3.54
N CYS W 164 -14.17 31.06 2.65
CA CYS W 164 -13.01 30.60 1.89
C CYS W 164 -13.45 29.91 0.63
N TYR W 165 -12.93 30.36 -0.51
CA TYR W 165 -13.00 29.61 -1.74
C TYR W 165 -11.88 28.58 -1.74
N THR W 166 -12.17 27.39 -2.26
CA THR W 166 -11.14 26.38 -2.32
C THR W 166 -11.02 25.82 -3.73
N SER W 167 -10.00 24.98 -3.90
CA SER W 167 -9.72 24.29 -5.15
C SER W 167 -8.85 23.10 -4.80
N ALA W 168 -9.11 21.97 -5.43
CA ALA W 168 -8.36 20.76 -5.14
C ALA W 168 -7.95 20.09 -6.43
N ARG W 169 -7.04 19.14 -6.29
CA ARG W 169 -6.47 18.44 -7.43
C ARG W 169 -5.86 17.15 -6.91
N GLY W 170 -5.95 16.10 -7.72
CA GLY W 170 -5.35 14.83 -7.36
C GLY W 170 -6.40 13.86 -6.85
N CYS W 171 -5.90 12.78 -6.27
CA CYS W 171 -6.77 11.73 -5.75
C CYS W 171 -7.26 12.19 -4.39
N THR W 172 -8.39 12.91 -4.37
CA THR W 172 -8.95 13.40 -3.14
C THR W 172 -9.80 12.36 -2.42
N ALA W 173 -9.92 11.16 -2.98
CA ALA W 173 -10.57 10.04 -2.33
C ALA W 173 -9.62 9.28 -1.41
N THR W 174 -8.52 9.93 -1.08
CA THR W 174 -7.41 9.45 -0.28
C THR W 174 -7.40 10.36 0.93
N LEU W 175 -8.56 10.42 1.59
CA LEU W 175 -8.93 11.34 2.67
C LEU W 175 -7.83 11.70 3.65
N GLY W 176 -6.93 10.76 3.95
CA GLY W 176 -5.76 11.09 4.73
C GLY W 176 -4.90 12.16 4.08
N ASN W 177 -4.59 11.98 2.80
CA ASN W 177 -3.77 12.97 2.09
C ASN W 177 -4.49 14.29 1.96
N PHE W 178 -5.80 14.25 1.77
CA PHE W 178 -6.58 15.45 1.50
C PHE W 178 -6.77 16.28 2.77
N ALA W 179 -6.98 15.60 3.90
CA ALA W 179 -6.96 16.27 5.19
C ALA W 179 -5.58 16.84 5.50
N LYS W 180 -4.52 16.09 5.21
CA LYS W 180 -3.18 16.59 5.51
C LYS W 180 -2.81 17.79 4.65
N ALA W 181 -3.30 17.83 3.40
CA ALA W 181 -3.02 18.99 2.54
C ALA W 181 -3.77 20.23 3.01
N THR W 182 -5.01 20.07 3.47
CA THR W 182 -5.72 21.20 4.06
C THR W 182 -5.01 21.72 5.30
N PHE W 183 -4.53 20.80 6.14
CA PHE W 183 -3.77 21.18 7.33
C PHE W 183 -2.48 21.88 6.97
N ASP W 184 -1.85 21.46 5.87
CA ASP W 184 -0.60 22.06 5.41
C ASP W 184 -0.82 23.52 5.00
N ALA W 185 -1.87 23.78 4.23
CA ALA W 185 -2.17 25.17 3.83
C ALA W 185 -2.49 26.04 5.04
N ILE W 186 -3.25 25.48 5.98
CA ILE W 186 -3.62 26.20 7.19
C ILE W 186 -2.39 26.62 7.97
N SER W 187 -1.41 25.72 8.09
CA SER W 187 -0.18 26.08 8.81
C SER W 187 0.70 27.06 8.02
N LYS W 188 0.67 26.99 6.70
CA LYS W 188 1.52 27.96 6.05
C LYS W 188 0.87 29.33 5.90
N THR W 189 -0.30 29.55 6.50
CA THR W 189 -0.73 30.94 6.73
C THR W 189 0.29 31.81 7.49
N TYR W 190 0.57 31.52 8.78
CA TYR W 190 1.81 31.98 9.43
C TYR W 190 3.12 31.51 8.86
N SER W 191 3.17 30.54 7.96
CA SER W 191 4.50 30.51 7.33
C SER W 191 4.74 31.69 6.36
N TYR W 192 3.71 32.42 5.94
CA TYR W 192 3.80 33.33 4.81
C TYR W 192 4.22 34.73 5.26
N LEU W 193 4.86 35.46 4.36
CA LEU W 193 5.36 36.80 4.66
C LEU W 193 4.59 37.83 3.85
N THR W 194 4.09 38.85 4.55
CA THR W 194 3.19 39.88 4.05
C THR W 194 3.78 41.23 4.42
N PRO W 195 3.52 42.28 3.61
CA PRO W 195 4.11 43.60 3.91
C PRO W 195 3.81 44.18 5.28
N ASP W 196 2.71 43.80 5.91
CA ASP W 196 2.48 44.28 7.27
C ASP W 196 3.32 43.55 8.31
N LEU W 197 3.99 42.47 7.94
CA LEU W 197 4.95 41.79 8.80
C LEU W 197 6.39 42.15 8.48
N TRP W 198 6.61 43.22 7.72
CA TRP W 198 7.96 43.62 7.34
C TRP W 198 8.70 44.29 8.47
N LYS W 199 7.98 44.78 9.49
CA LYS W 199 8.58 45.53 10.57
C LYS W 199 9.60 44.68 11.31
N GLU W 200 10.71 45.29 11.70
CA GLU W 200 11.83 44.52 12.23
C GLU W 200 11.47 43.95 13.60
N THR W 201 11.82 42.69 13.80
CA THR W 201 11.42 41.99 15.00
C THR W 201 12.29 42.41 16.18
N VAL W 202 11.72 42.36 17.36
CA VAL W 202 12.43 42.65 18.60
C VAL W 202 12.46 41.39 19.44
N PHE W 203 13.63 41.03 19.93
CA PHE W 203 13.84 39.73 20.54
C PHE W 203 13.66 39.84 22.05
N THR W 204 12.63 39.16 22.56
CA THR W 204 12.39 39.04 23.98
C THR W 204 13.03 37.75 24.50
N LYS W 205 13.00 37.58 25.81
CA LYS W 205 13.66 36.44 26.42
C LYS W 205 12.84 35.17 26.23
N SER W 206 13.53 34.10 25.86
CA SER W 206 12.90 32.80 25.76
C SER W 206 12.46 32.32 27.14
N PRO W 207 11.40 31.51 27.21
CA PRO W 207 10.96 31.01 28.53
C PRO W 207 12.00 30.17 29.24
N TYR W 208 12.94 29.58 28.51
CA TYR W 208 13.96 28.76 29.15
C TYR W 208 14.98 29.60 29.90
N GLN W 209 15.17 30.87 29.51
CA GLN W 209 16.06 31.73 30.28
C GLN W 209 15.31 32.72 31.15
N GLU W 210 14.04 32.98 30.88
CA GLU W 210 13.28 33.88 31.71
C GLU W 210 13.03 33.29 33.09
N PHE W 211 12.83 31.98 33.17
CA PHE W 211 12.53 31.28 34.40
C PHE W 211 13.55 30.19 34.67
N THR W 212 14.83 30.47 34.39
CA THR W 212 15.85 29.46 34.59
C THR W 212 16.11 29.18 36.08
N ASP W 213 15.86 30.17 36.94
CA ASP W 213 16.01 29.95 38.37
C ASP W 213 14.88 29.07 38.92
N HIS W 214 13.67 29.28 38.45
CA HIS W 214 12.56 28.40 38.81
C HIS W 214 12.82 26.98 38.34
N LEU W 215 13.40 26.85 37.15
CA LEU W 215 13.65 25.52 36.60
C LEU W 215 14.80 24.82 37.32
N VAL W 216 15.77 25.57 37.83
CA VAL W 216 16.86 24.90 38.53
C VAL W 216 16.41 24.52 39.94
N LYS W 217 15.49 25.29 40.54
CA LYS W 217 15.07 24.91 41.88
C LYS W 217 14.00 23.81 41.87
N THR W 218 13.00 23.89 41.00
CA THR W 218 11.87 22.98 41.10
C THR W 218 11.89 21.82 40.12
N HIS W 219 12.49 21.97 38.95
CA HIS W 219 12.35 20.89 37.98
C HIS W 219 13.41 19.81 38.15
N THR W 220 14.66 20.21 38.36
CA THR W 220 15.79 19.28 38.36
C THR W 220 16.42 19.22 39.76
N ARG W 221 16.22 18.10 40.45
CA ARG W 221 15.22 17.10 40.10
C ARG W 221 14.13 17.11 41.16
N VAL W 222 14.56 17.27 42.42
CA VAL W 222 13.79 17.21 43.66
C VAL W 222 12.59 16.26 43.63
N MET X 1 -81.32 21.36 -85.30
CA MET X 1 -80.66 22.64 -85.21
C MET X 1 -81.67 23.75 -85.01
N LYS X 2 -81.68 24.37 -83.83
CA LYS X 2 -82.49 25.55 -83.66
C LYS X 2 -81.92 26.71 -84.47
N LEU X 3 -82.78 27.66 -84.81
CA LEU X 3 -82.36 28.88 -85.50
C LEU X 3 -82.86 30.06 -84.71
N ASN X 4 -81.94 30.85 -84.17
CA ASN X 4 -82.28 32.02 -83.37
C ASN X 4 -82.28 33.22 -84.30
N ILE X 5 -83.46 33.72 -84.63
CA ILE X 5 -83.64 34.73 -85.67
C ILE X 5 -84.06 36.03 -85.03
N SER X 6 -83.38 37.12 -85.40
CA SER X 6 -83.67 38.44 -84.90
C SER X 6 -83.76 39.42 -86.05
N PHE X 7 -84.63 40.43 -85.90
CA PHE X 7 -84.87 41.44 -86.92
C PHE X 7 -84.55 42.80 -86.33
N PRO X 8 -83.36 43.34 -86.60
CA PRO X 8 -82.93 44.58 -85.93
C PRO X 8 -83.76 45.79 -86.27
N ALA X 9 -84.53 45.77 -87.36
CA ALA X 9 -85.41 46.89 -87.66
C ALA X 9 -86.56 46.99 -86.68
N THR X 10 -87.01 45.87 -86.12
CA THR X 10 -88.12 45.87 -85.20
C THR X 10 -87.85 45.16 -83.87
N GLY X 11 -86.67 44.60 -83.67
CA GLY X 11 -86.45 43.73 -82.53
C GLY X 11 -86.96 42.34 -82.84
N CYS X 12 -87.92 41.86 -82.04
CA CYS X 12 -88.74 40.69 -82.36
C CYS X 12 -87.89 39.44 -82.60
N GLN X 13 -87.19 39.04 -81.55
CA GLN X 13 -86.45 37.79 -81.60
C GLN X 13 -87.41 36.60 -81.60
N LYS X 14 -86.97 35.50 -82.20
CA LYS X 14 -87.80 34.30 -82.27
C LYS X 14 -86.92 33.10 -82.55
N LEU X 15 -87.17 32.01 -81.83
CA LEU X 15 -86.44 30.76 -82.01
C LEU X 15 -87.34 29.75 -82.69
N ILE X 16 -86.83 29.10 -83.74
CA ILE X 16 -87.58 28.08 -84.45
C ILE X 16 -86.77 26.79 -84.44
N GLU X 17 -87.45 25.69 -84.71
CA GLU X 17 -86.84 24.38 -84.83
C GLU X 17 -86.91 23.91 -86.27
N VAL X 18 -85.76 23.57 -86.83
CA VAL X 18 -85.67 23.11 -88.22
C VAL X 18 -84.92 21.79 -88.24
N ASP X 19 -85.55 20.76 -88.82
CA ASP X 19 -84.91 19.47 -89.00
C ASP X 19 -84.84 19.03 -90.46
N ASP X 20 -85.54 19.69 -91.36
CA ASP X 20 -85.45 19.42 -92.79
C ASP X 20 -84.04 19.86 -93.20
N GLU X 21 -83.24 18.93 -93.70
CA GLU X 21 -81.83 19.22 -93.87
C GLU X 21 -81.49 19.85 -95.22
N ARG X 22 -82.47 20.06 -96.10
CA ARG X 22 -82.19 20.80 -97.32
C ARG X 22 -81.93 22.27 -97.02
N LYS X 23 -82.72 22.84 -96.11
CA LYS X 23 -82.50 24.22 -95.67
C LYS X 23 -81.16 24.34 -94.93
N LEU X 24 -80.83 23.34 -94.13
CA LEU X 24 -79.51 23.32 -93.52
C LEU X 24 -78.43 23.21 -94.58
N ARG X 25 -78.65 22.41 -95.63
CA ARG X 25 -77.67 22.30 -96.72
C ARG X 25 -77.46 23.63 -97.43
N THR X 26 -78.52 24.44 -97.56
CA THR X 26 -78.23 25.76 -98.13
C THR X 26 -77.63 26.69 -97.09
N PHE X 27 -77.61 26.30 -95.81
CA PHE X 27 -76.86 27.07 -94.83
C PHE X 27 -75.42 26.60 -94.59
N TYR X 28 -75.10 25.33 -94.87
CA TYR X 28 -73.77 24.79 -94.57
C TYR X 28 -72.67 25.45 -95.39
N GLU X 29 -71.43 25.21 -94.96
CA GLU X 29 -70.19 25.51 -95.68
C GLU X 29 -69.92 27.01 -95.77
N LYS X 30 -70.81 27.84 -95.24
CA LYS X 30 -70.62 29.29 -95.22
C LYS X 30 -69.80 29.68 -94.00
N ARG X 31 -69.55 30.97 -93.88
CA ARG X 31 -68.81 31.52 -92.75
C ARG X 31 -69.76 32.28 -91.84
N MET X 32 -69.19 32.78 -90.74
CA MET X 32 -69.89 33.78 -89.95
C MET X 32 -69.91 35.09 -90.73
N ALA X 33 -70.96 35.89 -90.49
CA ALA X 33 -71.11 37.25 -91.03
C ALA X 33 -71.14 37.25 -92.55
N THR X 34 -71.82 36.28 -93.14
CA THR X 34 -72.10 36.27 -94.56
C THR X 34 -73.61 36.36 -94.76
N GLU X 35 -74.00 36.95 -95.89
CA GLU X 35 -75.41 37.16 -96.20
C GLU X 35 -75.86 36.14 -97.23
N VAL X 36 -76.88 35.35 -96.88
CA VAL X 36 -77.41 34.33 -97.77
C VAL X 36 -78.92 34.52 -97.88
N ALA X 37 -79.46 34.10 -99.01
CA ALA X 37 -80.90 34.19 -99.23
C ALA X 37 -81.60 33.09 -98.45
N ALA X 38 -82.57 33.47 -97.64
CA ALA X 38 -83.30 32.53 -96.80
C ALA X 38 -84.50 31.93 -97.50
N ASP X 39 -84.49 31.92 -98.84
CA ASP X 39 -85.67 31.52 -99.60
C ASP X 39 -85.94 30.02 -99.46
N ALA X 40 -84.91 29.23 -99.17
CA ALA X 40 -85.05 27.78 -99.23
C ALA X 40 -85.91 27.23 -98.10
N LEU X 41 -85.79 27.79 -96.90
CA LEU X 41 -86.55 27.29 -95.77
C LEU X 41 -87.92 27.97 -95.75
N GLY X 42 -88.98 27.16 -95.72
CA GLY X 42 -90.32 27.68 -95.73
C GLY X 42 -90.72 28.29 -97.07
N GLU X 43 -91.96 28.77 -97.16
CA GLU X 43 -92.39 29.51 -98.33
C GLU X 43 -92.68 30.97 -98.02
N GLU X 44 -92.98 31.29 -96.76
CA GLU X 44 -93.13 32.68 -96.37
C GLU X 44 -91.81 33.40 -96.27
N TRP X 45 -90.69 32.69 -96.31
CA TRP X 45 -89.37 33.30 -96.30
C TRP X 45 -88.86 33.66 -97.69
N LYS X 46 -89.74 33.76 -98.68
CA LYS X 46 -89.29 34.18 -100.00
C LYS X 46 -88.91 35.65 -99.96
N GLY X 47 -87.80 35.98 -100.60
CA GLY X 47 -87.36 37.35 -100.65
C GLY X 47 -86.62 37.83 -99.42
N TYR X 48 -86.39 36.97 -98.44
CA TYR X 48 -85.63 37.32 -97.24
C TYR X 48 -84.16 36.99 -97.46
N VAL X 49 -83.29 37.86 -96.97
CA VAL X 49 -81.86 37.59 -96.90
C VAL X 49 -81.41 37.78 -95.46
N VAL X 50 -80.64 36.82 -94.96
CA VAL X 50 -80.24 36.79 -93.56
C VAL X 50 -78.73 36.77 -93.47
N ARG X 51 -78.22 37.13 -92.30
CA ARG X 51 -76.80 37.16 -92.01
C ARG X 51 -76.49 36.13 -90.94
N ILE X 52 -75.45 35.33 -91.15
CA ILE X 52 -75.04 34.33 -90.17
C ILE X 52 -74.23 35.03 -89.09
N SER X 53 -74.85 35.29 -87.95
CA SER X 53 -74.21 36.09 -86.91
C SER X 53 -73.54 35.26 -85.83
N GLY X 54 -73.52 33.94 -85.97
CA GLY X 54 -72.85 33.13 -84.98
C GLY X 54 -73.70 31.96 -84.57
N GLY X 55 -73.31 31.31 -83.48
CA GLY X 55 -74.05 30.16 -83.02
C GLY X 55 -73.29 29.47 -81.90
N ASN X 56 -73.73 28.25 -81.62
CA ASN X 56 -73.15 27.44 -80.56
C ASN X 56 -72.92 26.04 -81.07
N ASP X 57 -72.00 25.34 -80.42
CA ASP X 57 -71.63 23.99 -80.80
C ASP X 57 -72.62 23.02 -80.15
N LYS X 58 -72.45 21.72 -80.39
CA LYS X 58 -73.29 20.72 -79.76
C LYS X 58 -73.10 20.67 -78.26
N GLN X 59 -71.93 21.10 -77.78
CA GLN X 59 -71.61 21.08 -76.35
C GLN X 59 -71.72 22.46 -75.71
N GLY X 60 -72.21 23.45 -76.45
CA GLY X 60 -72.41 24.77 -75.91
C GLY X 60 -71.32 25.77 -76.20
N PHE X 61 -70.21 25.35 -76.78
CA PHE X 61 -69.10 26.26 -77.03
C PHE X 61 -69.46 27.22 -78.14
N PRO X 62 -69.21 28.51 -77.97
CA PRO X 62 -69.66 29.50 -78.95
C PRO X 62 -68.78 29.53 -80.18
N MET X 63 -69.33 30.11 -81.24
CA MET X 63 -68.59 30.31 -82.49
C MET X 63 -67.88 31.65 -82.44
N LYS X 64 -66.61 31.66 -82.84
CA LYS X 64 -65.79 32.86 -82.79
C LYS X 64 -65.39 33.26 -84.20
N GLN X 65 -65.50 34.55 -84.50
CA GLN X 65 -65.18 35.04 -85.84
C GLN X 65 -63.69 34.98 -86.10
N GLY X 66 -63.31 34.38 -87.22
CA GLY X 66 -61.95 34.41 -87.69
C GLY X 66 -61.12 33.17 -87.43
N VAL X 67 -61.69 32.15 -86.80
CA VAL X 67 -60.93 30.92 -86.56
C VAL X 67 -60.76 30.14 -87.87
N LEU X 68 -61.78 30.14 -88.74
CA LEU X 68 -61.73 29.57 -90.09
C LEU X 68 -61.48 28.07 -90.06
N THR X 69 -62.26 27.37 -89.24
CA THR X 69 -62.19 25.92 -89.15
C THR X 69 -63.52 25.43 -88.62
N HIS X 70 -64.03 24.35 -89.19
CA HIS X 70 -65.12 23.62 -88.56
C HIS X 70 -64.52 22.66 -87.56
N GLY X 71 -64.97 22.73 -86.33
CA GLY X 71 -64.35 22.00 -85.26
C GLY X 71 -64.07 22.91 -84.10
N ARG X 72 -63.33 22.39 -83.12
CA ARG X 72 -63.17 23.07 -81.86
C ARG X 72 -61.69 23.23 -81.58
N VAL X 73 -61.27 24.43 -81.17
CA VAL X 73 -59.88 24.74 -80.90
C VAL X 73 -59.77 25.42 -79.54
N ARG X 74 -58.53 25.65 -79.12
CA ARG X 74 -58.24 26.33 -77.86
C ARG X 74 -57.49 27.62 -78.16
N LEU X 75 -57.92 28.70 -77.53
CA LEU X 75 -57.32 30.01 -77.75
C LEU X 75 -56.95 30.63 -76.41
N LEU X 76 -55.89 31.43 -76.43
CA LEU X 76 -55.54 32.25 -75.27
C LEU X 76 -56.27 33.57 -75.44
N LEU X 77 -57.38 33.71 -74.74
CA LEU X 77 -58.22 34.88 -74.89
C LEU X 77 -57.83 35.93 -73.86
N SER X 78 -57.53 37.11 -74.36
CA SER X 78 -57.20 38.25 -73.53
C SER X 78 -58.43 39.13 -73.40
N LYS X 79 -58.28 40.28 -72.76
CA LYS X 79 -59.39 41.20 -72.58
C LYS X 79 -59.81 41.80 -73.91
N GLY X 80 -61.12 41.78 -74.17
CA GLY X 80 -61.67 42.39 -75.35
C GLY X 80 -61.74 41.52 -76.58
N HIS X 81 -61.53 40.20 -76.46
CA HIS X 81 -61.61 39.40 -77.67
C HIS X 81 -63.05 39.05 -78.03
N SER X 82 -63.56 38.04 -77.33
CA SER X 82 -64.92 37.50 -77.41
C SER X 82 -64.92 36.29 -76.50
N CYS X 83 -66.10 35.74 -76.18
CA CYS X 83 -66.23 34.41 -75.56
C CYS X 83 -65.48 34.28 -74.25
N TYR X 84 -65.16 35.41 -73.60
CA TYR X 84 -64.35 35.40 -72.40
C TYR X 84 -64.54 36.75 -71.72
N ARG X 85 -64.72 36.71 -70.40
CA ARG X 85 -64.85 37.91 -69.59
C ARG X 85 -63.82 37.87 -68.48
N PRO X 86 -62.81 38.74 -68.51
CA PRO X 86 -61.73 38.64 -67.52
C PRO X 86 -62.18 39.07 -66.14
N ARG X 87 -61.76 38.31 -65.13
CA ARG X 87 -62.19 38.64 -63.77
C ARG X 87 -61.32 39.72 -63.15
N ARG X 88 -60.01 39.54 -63.14
CA ARG X 88 -59.10 40.60 -62.72
C ARG X 88 -58.40 41.18 -63.94
N THR X 89 -57.84 42.37 -63.76
CA THR X 89 -57.19 43.05 -64.87
C THR X 89 -55.92 42.32 -65.28
N GLY X 90 -55.72 42.20 -66.59
CA GLY X 90 -54.57 41.52 -67.12
C GLY X 90 -54.68 40.02 -67.19
N GLU X 91 -55.83 39.45 -66.84
CA GLU X 91 -55.98 38.01 -66.83
C GLU X 91 -56.27 37.48 -68.21
N ARG X 92 -55.54 36.46 -68.62
CA ARG X 92 -55.79 35.73 -69.85
C ARG X 92 -56.04 34.27 -69.49
N LYS X 93 -57.03 33.68 -70.13
CA LYS X 93 -57.38 32.29 -69.89
C LYS X 93 -57.43 31.55 -71.21
N ARG X 94 -57.09 30.27 -71.17
CA ARG X 94 -57.23 29.42 -72.34
C ARG X 94 -58.62 28.81 -72.33
N LYS X 95 -59.43 29.15 -73.33
CA LYS X 95 -60.79 28.68 -73.44
C LYS X 95 -60.96 27.92 -74.74
N SER X 96 -61.77 26.89 -74.71
CA SER X 96 -62.05 26.09 -75.89
C SER X 96 -63.22 26.72 -76.62
N VAL X 97 -63.02 27.03 -77.90
CA VAL X 97 -63.99 27.76 -78.69
C VAL X 97 -64.16 27.03 -80.02
N ARG X 98 -65.31 27.24 -80.64
CA ARG X 98 -65.65 26.58 -81.89
C ARG X 98 -65.48 27.56 -83.04
N GLY X 99 -65.00 27.05 -84.18
CA GLY X 99 -64.63 27.92 -85.27
C GLY X 99 -65.83 28.47 -86.02
N CYS X 100 -65.56 29.31 -87.01
CA CYS X 100 -66.59 30.09 -87.67
C CYS X 100 -67.19 29.42 -88.90
N ILE X 101 -66.67 28.29 -89.35
CA ILE X 101 -67.27 27.58 -90.47
C ILE X 101 -68.49 26.82 -89.98
N VAL X 102 -69.62 27.04 -90.61
CA VAL X 102 -70.87 26.41 -90.21
C VAL X 102 -70.98 25.04 -90.88
N ASP X 103 -71.40 24.05 -90.09
CA ASP X 103 -71.58 22.69 -90.56
C ASP X 103 -72.73 22.08 -89.80
N ALA X 104 -72.94 20.77 -90.00
CA ALA X 104 -74.10 20.09 -89.43
C ALA X 104 -74.02 19.92 -87.92
N ASN X 105 -72.83 20.02 -87.33
CA ASN X 105 -72.64 19.72 -85.92
C ASN X 105 -72.77 20.98 -85.07
N LEU X 106 -73.96 21.57 -85.13
CA LEU X 106 -74.30 22.72 -84.31
C LEU X 106 -75.60 22.46 -83.58
N SER X 107 -75.87 23.27 -82.58
CA SER X 107 -77.13 23.24 -81.86
C SER X 107 -78.01 24.44 -82.14
N VAL X 108 -77.42 25.63 -82.19
CA VAL X 108 -78.14 26.86 -82.51
C VAL X 108 -77.32 27.62 -83.54
N LEU X 109 -77.98 28.11 -84.58
CA LEU X 109 -77.39 29.05 -85.51
C LEU X 109 -78.14 30.36 -85.40
N ASN X 110 -77.43 31.44 -85.11
CA ASN X 110 -78.04 32.75 -84.97
C ASN X 110 -78.09 33.42 -86.33
N LEU X 111 -79.28 33.85 -86.73
CA LEU X 111 -79.50 34.51 -88.01
C LEU X 111 -80.04 35.91 -87.77
N VAL X 112 -79.66 36.83 -88.65
CA VAL X 112 -80.06 38.22 -88.55
C VAL X 112 -80.67 38.64 -89.87
N ILE X 113 -81.96 38.99 -89.85
CA ILE X 113 -82.63 39.44 -91.07
C ILE X 113 -82.15 40.84 -91.41
N VAL X 114 -81.67 41.03 -92.64
CA VAL X 114 -81.10 42.30 -93.05
C VAL X 114 -81.92 43.01 -94.11
N LYS X 115 -82.78 42.30 -94.84
CA LYS X 115 -83.63 42.95 -95.83
C LYS X 115 -84.92 42.17 -95.96
N LYS X 116 -86.04 42.88 -96.00
CA LYS X 116 -87.36 42.29 -95.93
C LYS X 116 -87.80 41.75 -97.29
N GLY X 117 -88.69 40.76 -97.24
CA GLY X 117 -89.24 40.15 -98.43
C GLY X 117 -90.50 40.87 -98.89
N GLU X 118 -91.50 40.09 -99.27
CA GLU X 118 -92.76 40.64 -99.75
C GLU X 118 -93.95 40.33 -98.85
N LYS X 119 -93.80 39.47 -97.86
CA LYS X 119 -94.92 39.16 -96.98
C LYS X 119 -94.45 39.15 -95.53
N ASP X 120 -95.39 39.45 -94.64
CA ASP X 120 -95.11 39.59 -93.22
C ASP X 120 -95.13 38.23 -92.55
N ILE X 121 -94.07 37.92 -91.82
CA ILE X 121 -93.98 36.66 -91.08
C ILE X 121 -94.41 36.92 -89.63
N PRO X 122 -95.20 36.03 -89.02
CA PRO X 122 -95.64 36.27 -87.65
C PRO X 122 -94.50 36.13 -86.65
N GLY X 123 -94.41 37.09 -85.74
CA GLY X 123 -93.45 37.06 -84.66
C GLY X 123 -92.15 37.79 -84.94
N LEU X 124 -91.77 37.96 -86.20
CA LEU X 124 -90.51 38.59 -86.55
C LEU X 124 -90.67 39.95 -87.23
N THR X 125 -91.61 40.06 -88.15
CA THR X 125 -91.76 41.30 -88.92
C THR X 125 -92.95 42.13 -88.49
N ASP X 126 -93.75 41.63 -87.56
CA ASP X 126 -94.88 42.35 -87.02
C ASP X 126 -94.72 42.52 -85.52
N THR X 127 -95.56 43.39 -84.95
CA THR X 127 -95.59 43.71 -83.52
C THR X 127 -94.22 44.19 -83.03
N THR X 128 -93.78 45.30 -83.60
CA THR X 128 -92.49 45.89 -83.25
C THR X 128 -92.47 46.35 -81.80
N VAL X 129 -91.27 46.38 -81.23
CA VAL X 129 -91.06 46.68 -79.81
C VAL X 129 -90.26 47.98 -79.70
N PRO X 130 -90.62 48.90 -78.82
CA PRO X 130 -89.86 50.14 -78.70
C PRO X 130 -88.53 49.92 -78.00
N ARG X 131 -87.59 50.81 -78.31
CA ARG X 131 -86.34 50.86 -77.56
C ARG X 131 -86.58 51.47 -76.19
N ARG X 132 -85.85 50.97 -75.19
CA ARG X 132 -86.19 51.25 -73.80
C ARG X 132 -85.92 52.69 -73.42
N LEU X 133 -84.75 53.21 -73.78
CA LEU X 133 -84.27 54.47 -73.25
C LEU X 133 -84.06 55.48 -74.37
N GLY X 134 -84.45 56.71 -74.12
CA GLY X 134 -84.13 57.79 -75.01
C GLY X 134 -82.72 58.27 -74.79
N PRO X 135 -82.29 59.22 -75.62
CA PRO X 135 -80.94 59.76 -75.49
C PRO X 135 -80.77 60.54 -74.20
N LYS X 136 -79.54 60.55 -73.69
CA LYS X 136 -79.19 61.20 -72.44
C LYS X 136 -78.23 62.36 -72.60
N ARG X 137 -77.27 62.25 -73.51
CA ARG X 137 -76.31 63.32 -73.75
C ARG X 137 -76.95 64.42 -74.56
N ALA X 138 -76.64 65.68 -74.23
CA ALA X 138 -77.28 66.76 -74.97
C ALA X 138 -76.53 67.11 -76.25
N SER X 139 -76.19 66.10 -77.01
CA SER X 139 -75.91 66.23 -78.43
C SER X 139 -76.60 65.18 -79.26
N ARG X 140 -77.01 64.06 -78.65
CA ARG X 140 -77.86 63.10 -79.30
C ARG X 140 -79.33 63.49 -79.19
N ILE X 141 -79.69 64.21 -78.14
CA ILE X 141 -81.07 64.69 -78.03
C ILE X 141 -81.36 65.71 -79.10
N ARG X 142 -80.45 66.66 -79.31
CA ARG X 142 -80.65 67.64 -80.36
C ARG X 142 -80.43 67.06 -81.74
N LYS X 143 -79.76 65.91 -81.84
CA LYS X 143 -79.65 65.23 -83.12
C LYS X 143 -80.95 64.49 -83.46
N LEU X 144 -81.59 63.90 -82.45
CA LEU X 144 -82.79 63.12 -82.70
C LEU X 144 -83.95 63.99 -83.15
N PHE X 145 -84.11 65.16 -82.52
CA PHE X 145 -85.21 66.06 -82.83
C PHE X 145 -84.82 67.14 -83.83
N ASN X 146 -83.64 67.02 -84.44
CA ASN X 146 -83.15 67.92 -85.49
C ASN X 146 -83.13 69.37 -85.00
N LEU X 147 -82.36 69.60 -83.94
CA LEU X 147 -82.18 70.93 -83.37
C LEU X 147 -80.83 71.49 -83.79
N SER X 148 -80.78 72.81 -83.95
CA SER X 148 -79.57 73.47 -84.44
C SER X 148 -78.68 73.97 -83.31
N LYS X 149 -79.19 74.86 -82.47
CA LYS X 149 -78.51 75.47 -81.33
C LYS X 149 -79.51 76.38 -80.64
N GLU X 150 -79.22 76.72 -79.39
CA GLU X 150 -80.02 77.55 -78.48
C GLU X 150 -81.51 77.21 -78.47
N ASP X 151 -81.87 75.94 -78.65
CA ASP X 151 -83.26 75.53 -78.71
C ASP X 151 -83.77 74.98 -77.38
N ASP X 152 -83.01 75.15 -76.29
CA ASP X 152 -83.42 74.77 -74.94
C ASP X 152 -83.77 73.28 -74.86
N VAL X 153 -82.74 72.47 -75.05
CA VAL X 153 -82.82 71.01 -75.17
C VAL X 153 -83.46 70.35 -73.94
N ARG X 154 -83.60 71.10 -72.84
CA ARG X 154 -84.19 70.54 -71.63
C ARG X 154 -85.66 70.18 -71.83
N GLN X 155 -86.40 70.98 -72.59
CA GLN X 155 -87.81 70.69 -72.79
C GLN X 155 -88.07 69.74 -73.95
N TYR X 156 -87.03 69.26 -74.63
CA TYR X 156 -87.20 68.28 -75.69
C TYR X 156 -86.85 66.86 -75.26
N VAL X 157 -86.45 66.67 -74.00
CA VAL X 157 -86.06 65.33 -73.56
C VAL X 157 -87.31 64.46 -73.42
N VAL X 158 -87.13 63.17 -73.65
CA VAL X 158 -88.23 62.22 -73.57
C VAL X 158 -88.56 61.97 -72.10
N ARG X 159 -89.84 61.85 -71.79
CA ARG X 159 -90.32 61.56 -70.45
C ARG X 159 -90.91 60.16 -70.43
N LYS X 160 -90.53 59.37 -69.44
CA LYS X 160 -90.98 58.00 -69.33
C LYS X 160 -92.05 57.89 -68.26
N PRO X 161 -93.29 57.56 -68.61
CA PRO X 161 -94.34 57.46 -67.59
C PRO X 161 -94.28 56.13 -66.86
N LEU X 162 -94.61 56.16 -65.57
CA LEU X 162 -94.56 54.99 -64.70
C LEU X 162 -95.95 54.73 -64.16
N ASN X 163 -96.47 53.53 -64.41
CA ASN X 163 -97.88 53.23 -64.20
C ASN X 163 -98.06 51.99 -63.34
N LYS X 164 -97.25 51.84 -62.30
CA LYS X 164 -97.41 50.71 -61.40
C LYS X 164 -98.74 50.81 -60.65
N GLU X 165 -99.24 49.64 -60.23
CA GLU X 165 -100.61 49.51 -59.74
C GLU X 165 -100.82 50.20 -58.41
N GLY X 166 -99.94 49.98 -57.44
CA GLY X 166 -100.14 50.53 -56.11
C GLY X 166 -99.85 52.00 -56.01
N LYS X 167 -98.75 52.45 -56.60
CA LYS X 167 -98.27 53.81 -56.44
C LYS X 167 -98.97 54.76 -57.41
N LYS X 168 -98.84 56.06 -57.14
CA LYS X 168 -99.41 57.05 -58.02
C LYS X 168 -98.64 57.09 -59.34
N PRO X 169 -99.32 57.28 -60.47
CA PRO X 169 -98.61 57.45 -61.74
C PRO X 169 -97.74 58.70 -61.73
N ARG X 170 -96.47 58.52 -62.08
CA ARG X 170 -95.53 59.62 -62.21
C ARG X 170 -94.70 59.40 -63.47
N THR X 171 -94.03 60.46 -63.91
CA THR X 171 -93.17 60.38 -65.07
C THR X 171 -91.73 60.66 -64.68
N LYS X 172 -90.80 60.08 -65.44
CA LYS X 172 -89.38 60.10 -65.13
C LYS X 172 -88.60 60.58 -66.33
N ALA X 173 -87.58 61.39 -66.07
CA ALA X 173 -86.68 61.85 -67.12
C ALA X 173 -85.25 61.69 -66.66
N PRO X 174 -84.34 61.37 -67.57
CA PRO X 174 -82.94 61.22 -67.18
C PRO X 174 -82.27 62.56 -66.96
N LYS X 175 -81.16 62.51 -66.24
CA LYS X 175 -80.33 63.68 -66.02
C LYS X 175 -79.45 63.89 -67.24
N ILE X 176 -79.48 65.10 -67.79
CA ILE X 176 -78.79 65.39 -69.05
C ILE X 176 -77.30 65.54 -68.78
N GLN X 177 -76.49 64.83 -69.54
CA GLN X 177 -75.04 64.95 -69.45
C GLN X 177 -74.51 65.76 -70.64
N ARG X 178 -73.34 66.36 -70.43
CA ARG X 178 -72.71 67.29 -71.37
C ARG X 178 -73.66 68.42 -71.74
N LEU X 179 -74.32 68.97 -70.72
CA LEU X 179 -75.22 70.09 -70.87
C LEU X 179 -74.58 71.32 -70.26
N VAL X 180 -74.58 72.43 -70.97
CA VAL X 180 -74.03 73.67 -70.45
C VAL X 180 -75.00 74.26 -69.44
N THR X 181 -74.49 74.51 -68.25
CA THR X 181 -75.18 74.90 -67.03
C THR X 181 -74.40 76.08 -66.50
N PRO X 182 -75.05 77.03 -65.82
CA PRO X 182 -74.26 78.10 -65.19
C PRO X 182 -73.26 77.63 -64.15
N ARG X 183 -73.44 76.43 -63.59
CA ARG X 183 -72.39 75.83 -62.77
C ARG X 183 -71.14 75.55 -63.59
N VAL X 184 -71.32 75.04 -64.82
CA VAL X 184 -70.18 74.75 -65.68
C VAL X 184 -69.43 76.02 -66.05
N LEU X 185 -70.17 77.08 -66.37
CA LEU X 185 -69.54 78.35 -66.68
C LEU X 185 -68.87 78.95 -65.47
N GLN X 186 -69.43 78.73 -64.28
CA GLN X 186 -68.79 79.19 -63.06
C GLN X 186 -67.47 78.48 -62.84
N HIS X 187 -67.44 77.17 -63.12
CA HIS X 187 -66.19 76.42 -63.00
C HIS X 187 -65.15 76.92 -63.98
N LYS X 188 -65.56 77.22 -65.22
CA LYS X 188 -64.62 77.74 -66.21
C LYS X 188 -64.06 79.10 -65.78
N ARG X 189 -64.92 79.98 -65.25
CA ARG X 189 -64.45 81.26 -64.74
C ARG X 189 -63.50 81.07 -63.57
N ARG X 190 -63.77 80.10 -62.71
CA ARG X 190 -62.89 79.83 -61.58
C ARG X 190 -61.51 79.38 -62.06
N ARG X 191 -61.47 78.53 -63.09
CA ARG X 191 -60.19 78.07 -63.63
C ARG X 191 -59.39 79.23 -64.22
N ILE X 192 -60.07 80.12 -64.96
CA ILE X 192 -59.37 81.28 -65.52
C ILE X 192 -58.86 82.20 -64.41
N ALA X 193 -59.64 82.32 -63.32
CA ALA X 193 -59.23 83.16 -62.21
C ALA X 193 -58.01 82.60 -61.49
N LEU X 194 -57.92 81.27 -61.37
CA LEU X 194 -56.69 80.66 -60.85
C LEU X 194 -55.49 80.98 -61.73
N LYS X 195 -55.67 80.95 -63.05
CA LYS X 195 -54.57 81.35 -63.94
C LYS X 195 -54.14 82.79 -63.69
N LYS X 196 -55.12 83.69 -63.54
CA LYS X 196 -54.84 85.10 -63.29
C LYS X 196 -54.05 85.28 -62.00
N GLN X 197 -54.51 84.65 -60.92
CA GLN X 197 -53.86 84.89 -59.65
C GLN X 197 -52.48 84.28 -59.60
N ARG X 198 -52.24 83.16 -60.28
CA ARG X 198 -50.90 82.60 -60.21
C ARG X 198 -49.92 83.36 -61.12
N THR X 199 -50.37 83.94 -62.24
CA THR X 199 -49.42 84.76 -63.00
C THR X 199 -49.13 86.08 -62.30
N LYS X 200 -50.12 86.63 -61.56
CA LYS X 200 -49.85 87.81 -60.75
C LYS X 200 -48.86 87.50 -59.63
N LYS X 201 -49.01 86.32 -59.02
CA LYS X 201 -48.06 85.85 -58.01
C LYS X 201 -46.65 85.78 -58.56
N ASN X 202 -46.50 85.22 -59.77
CA ASN X 202 -45.18 85.09 -60.37
C ASN X 202 -44.54 86.46 -60.60
N LYS X 203 -45.33 87.41 -61.11
CA LYS X 203 -44.79 88.74 -61.37
C LYS X 203 -44.35 89.44 -60.10
N GLU X 204 -45.18 89.37 -59.05
CA GLU X 204 -44.84 90.05 -57.79
C GLU X 204 -43.60 89.44 -57.14
N GLU X 205 -43.52 88.10 -57.13
CA GLU X 205 -42.36 87.44 -56.55
C GLU X 205 -41.08 87.79 -57.29
N ALA X 206 -41.15 87.82 -58.63
CA ALA X 206 -39.95 88.15 -59.40
C ALA X 206 -39.50 89.58 -59.17
N ALA X 207 -40.42 90.53 -59.08
CA ALA X 207 -40.03 91.92 -58.84
C ALA X 207 -39.40 92.10 -57.46
N GLU X 208 -39.99 91.47 -56.44
CA GLU X 208 -39.43 91.56 -55.09
C GLU X 208 -38.03 90.95 -55.04
N TYR X 209 -37.84 89.82 -55.71
CA TYR X 209 -36.50 89.23 -55.72
C TYR X 209 -35.52 90.07 -56.53
N ALA X 210 -36.00 90.80 -57.54
CA ALA X 210 -35.12 91.70 -58.27
C ALA X 210 -34.57 92.80 -57.37
N LYS X 211 -35.44 93.41 -56.56
CA LYS X 211 -34.90 94.44 -55.67
C LYS X 211 -34.04 93.84 -54.56
N LEU X 212 -34.33 92.61 -54.13
CA LEU X 212 -33.46 91.96 -53.16
C LEU X 212 -32.07 91.67 -53.73
N LEU X 213 -32.02 91.19 -54.98
CA LEU X 213 -30.73 90.99 -55.64
C LEU X 213 -30.05 92.30 -56.01
N ALA X 214 -30.77 93.41 -56.01
CA ALA X 214 -30.08 94.70 -56.09
C ALA X 214 -29.35 94.98 -54.78
N LYS X 215 -30.10 95.01 -53.68
CA LYS X 215 -29.54 95.44 -52.39
C LYS X 215 -28.46 94.49 -51.89
N ARG X 216 -28.77 93.19 -51.82
CA ARG X 216 -27.71 92.22 -51.72
C ARG X 216 -26.91 92.25 -53.00
N MET X 217 -25.61 92.05 -52.86
CA MET X 217 -24.51 92.14 -53.82
C MET X 217 -24.33 93.56 -54.37
N LYS X 218 -25.23 94.50 -54.09
CA LYS X 218 -24.77 95.88 -53.96
C LYS X 218 -23.90 96.02 -52.73
N GLU X 219 -24.32 95.38 -51.65
CA GLU X 219 -23.48 95.32 -50.46
C GLU X 219 -22.16 94.58 -50.71
N ALA X 220 -22.21 93.49 -51.49
CA ALA X 220 -20.97 92.76 -51.75
C ALA X 220 -20.04 93.53 -52.67
N LYS X 221 -20.59 94.25 -53.65
CA LYS X 221 -19.76 95.14 -54.46
C LYS X 221 -19.11 96.23 -53.61
N GLU X 222 -19.87 96.82 -52.67
CA GLU X 222 -19.24 97.86 -51.87
C GLU X 222 -18.23 97.29 -50.87
N LYS X 223 -18.38 96.02 -50.47
CA LYS X 223 -17.33 95.40 -49.67
C LYS X 223 -16.08 95.11 -50.50
N ARG X 224 -16.24 94.73 -51.77
CA ARG X 224 -15.06 94.58 -52.62
C ARG X 224 -14.38 95.92 -52.85
N GLN X 225 -15.18 96.98 -53.02
CA GLN X 225 -14.60 98.32 -53.14
C GLN X 225 -13.91 98.75 -51.86
N GLU X 226 -14.44 98.34 -50.70
CA GLU X 226 -13.78 98.59 -49.44
C GLU X 226 -12.45 97.85 -49.35
N GLN X 227 -12.40 96.62 -49.86
CA GLN X 227 -11.15 95.87 -49.85
C GLN X 227 -10.12 96.52 -50.77
N ILE X 228 -10.56 97.02 -51.93
CA ILE X 228 -9.65 97.72 -52.83
C ILE X 228 -9.17 99.02 -52.19
N ALA X 229 -10.06 99.73 -51.48
CA ALA X 229 -9.65 100.94 -50.78
C ALA X 229 -8.70 100.61 -49.62
N LYS X 230 -8.85 99.45 -49.00
CA LYS X 230 -7.89 99.01 -47.98
C LYS X 230 -6.53 98.73 -48.60
N ARG X 231 -6.52 98.14 -49.80
CA ARG X 231 -5.27 97.96 -50.53
C ARG X 231 -4.62 99.30 -50.85
N ARG X 232 -5.42 100.27 -51.30
CA ARG X 232 -4.89 101.59 -51.62
C ARG X 232 -4.39 102.33 -50.37
N ARG X 233 -5.06 102.13 -49.24
CA ARG X 233 -4.65 102.76 -47.99
C ARG X 233 -3.32 102.20 -47.49
N LEU X 234 -3.11 100.90 -47.66
CA LEU X 234 -1.90 100.25 -47.18
C LEU X 234 -0.81 100.19 -48.25
N SER X 235 -1.01 100.89 -49.37
CA SER X 235 0.02 101.00 -50.40
C SER X 235 0.67 102.37 -50.44
N SER X 236 0.32 103.27 -49.52
CA SER X 236 0.84 104.63 -49.54
C SER X 236 1.46 105.07 -48.22
N LEU X 237 1.42 104.25 -47.18
CA LEU X 237 2.01 104.64 -45.90
C LEU X 237 3.52 104.49 -45.94
N PRO Y 1 -47.70 38.28 -34.04
CA PRO Y 1 -48.93 37.51 -33.92
C PRO Y 1 -49.66 37.45 -32.60
N VAL Y 2 -49.06 37.79 -31.46
CA VAL Y 2 -49.88 37.77 -30.25
C VAL Y 2 -49.35 38.81 -29.29
N ALA Y 3 -50.23 39.30 -28.39
CA ALA Y 3 -49.92 40.40 -27.48
C ALA Y 3 -49.63 39.91 -26.08
N ARG Y 4 -48.96 38.77 -25.99
CA ARG Y 4 -48.53 38.18 -24.72
C ARG Y 4 -47.16 38.71 -24.35
N SER Y 5 -46.68 38.37 -23.16
CA SER Y 5 -45.38 38.84 -22.69
C SER Y 5 -44.35 37.74 -22.55
N TRP Y 6 -44.73 36.56 -22.05
CA TRP Y 6 -43.87 35.39 -21.85
C TRP Y 6 -42.70 35.58 -20.90
N VAL Y 7 -42.58 36.74 -20.26
CA VAL Y 7 -41.45 37.02 -19.39
C VAL Y 7 -41.74 36.46 -18.01
N CYS Y 8 -40.86 35.60 -17.53
CA CYS Y 8 -41.02 34.95 -16.23
C CYS Y 8 -39.65 34.46 -15.79
N ARG Y 9 -39.54 34.14 -14.51
CA ARG Y 9 -38.32 33.56 -13.99
C ARG Y 9 -38.64 32.73 -12.76
N LYS Y 10 -37.75 31.78 -12.47
CA LYS Y 10 -37.80 31.06 -11.21
C LYS Y 10 -37.34 31.95 -10.08
N THR Y 11 -37.81 31.63 -8.87
CA THR Y 11 -37.51 32.44 -7.70
C THR Y 11 -36.74 31.67 -6.64
N TYR Y 12 -36.14 30.55 -6.99
CA TYR Y 12 -35.42 29.72 -6.03
C TYR Y 12 -34.40 28.89 -6.78
N VAL Y 13 -33.57 28.18 -6.01
CA VAL Y 13 -32.60 27.25 -6.59
C VAL Y 13 -32.41 26.11 -5.60
N THR Y 14 -32.32 24.91 -6.12
CA THR Y 14 -32.13 23.75 -5.26
C THR Y 14 -30.67 23.64 -4.84
N PRO Y 15 -30.40 23.04 -3.68
CA PRO Y 15 -29.02 22.82 -3.27
C PRO Y 15 -28.32 21.78 -4.15
N ARG Y 16 -27.00 21.89 -4.20
CA ARG Y 16 -26.20 21.04 -5.05
C ARG Y 16 -26.20 19.60 -4.55
N ARG Y 17 -25.98 19.40 -3.25
CA ARG Y 17 -25.94 18.06 -2.69
C ARG Y 17 -27.22 17.77 -1.95
N PRO Y 18 -28.01 16.79 -2.36
CA PRO Y 18 -29.11 16.34 -1.51
C PRO Y 18 -28.55 15.52 -0.36
N PHE Y 19 -29.35 15.41 0.70
CA PHE Y 19 -29.05 14.56 1.85
C PHE Y 19 -27.74 14.94 2.52
N GLU Y 20 -27.53 16.23 2.71
CA GLU Y 20 -26.46 16.71 3.57
C GLU Y 20 -27.07 16.95 4.95
N LYS Y 21 -26.49 16.31 5.96
CA LYS Y 21 -27.10 16.27 7.29
C LYS Y 21 -27.19 17.65 7.92
N SER Y 22 -26.11 18.42 7.84
CA SER Y 22 -26.07 19.72 8.48
C SER Y 22 -27.02 20.70 7.81
N ARG Y 23 -27.04 20.70 6.48
CA ARG Y 23 -27.94 21.59 5.75
C ARG Y 23 -29.39 21.24 6.04
N LEU Y 24 -29.72 19.95 6.06
CA LEU Y 24 -31.08 19.51 6.35
C LEU Y 24 -31.50 19.97 7.74
N ASP Y 25 -30.62 19.85 8.72
CA ASP Y 25 -30.93 20.31 10.08
C ASP Y 25 -31.13 21.81 10.15
N GLN Y 26 -30.27 22.59 9.47
CA GLN Y 26 -30.40 24.04 9.55
C GLN Y 26 -31.69 24.53 8.89
N GLU Y 27 -32.02 24.01 7.71
CA GLU Y 27 -33.23 24.52 7.10
C GLU Y 27 -34.48 23.94 7.77
N LEU Y 28 -34.38 22.81 8.45
CA LEU Y 28 -35.51 22.38 9.26
C LEU Y 28 -35.70 23.27 10.48
N LYS Y 29 -34.60 23.74 11.08
CA LYS Y 29 -34.72 24.71 12.16
C LYS Y 29 -35.38 25.99 11.69
N LEU Y 30 -35.01 26.44 10.50
CA LEU Y 30 -35.64 27.64 9.95
C LEU Y 30 -37.12 27.43 9.66
N ILE Y 31 -37.49 26.25 9.14
CA ILE Y 31 -38.89 25.97 8.86
C ILE Y 31 -39.70 25.93 10.14
N GLY Y 32 -39.22 25.18 11.13
CA GLY Y 32 -39.98 25.02 12.35
C GLY Y 32 -40.09 26.29 13.17
N GLU Y 33 -39.01 27.07 13.19
CA GLU Y 33 -38.97 28.26 14.04
C GLU Y 33 -39.66 29.45 13.38
N TYR Y 34 -39.86 29.41 12.07
CA TYR Y 34 -40.59 30.48 11.39
C TYR Y 34 -41.90 30.03 10.77
N GLY Y 35 -42.30 28.78 10.94
CA GLY Y 35 -43.60 28.31 10.49
C GLY Y 35 -43.82 28.31 9.01
N LEU Y 36 -42.87 27.79 8.25
CA LEU Y 36 -42.93 27.76 6.80
C LEU Y 36 -43.61 26.49 6.32
N ARG Y 37 -43.93 26.43 5.02
CA ARG Y 37 -44.63 25.29 4.48
C ARG Y 37 -43.70 24.20 3.96
N ASN Y 38 -42.62 24.55 3.29
CA ASN Y 38 -41.74 23.56 2.68
C ASN Y 38 -40.34 24.13 2.61
N LYS Y 39 -39.42 23.33 2.06
CA LYS Y 39 -38.05 23.81 1.88
C LYS Y 39 -37.97 24.88 0.81
N ARG Y 40 -38.95 24.92 -0.09
CA ARG Y 40 -38.92 25.87 -1.20
C ARG Y 40 -38.97 27.31 -0.72
N GLU Y 41 -39.63 27.57 0.41
CA GLU Y 41 -39.68 28.93 0.93
C GLU Y 41 -38.35 29.36 1.51
N VAL Y 42 -37.66 28.46 2.19
CA VAL Y 42 -36.28 28.72 2.63
C VAL Y 42 -35.39 28.98 1.43
N TRP Y 43 -35.54 28.19 0.39
CA TRP Y 43 -34.68 28.32 -0.78
C TRP Y 43 -34.96 29.62 -1.52
N ARG Y 44 -36.22 30.03 -1.56
CA ARG Y 44 -36.60 31.30 -2.18
C ARG Y 44 -35.99 32.48 -1.43
N VAL Y 45 -36.01 32.42 -0.09
CA VAL Y 45 -35.43 33.51 0.69
C VAL Y 45 -33.92 33.57 0.52
N LYS Y 46 -33.25 32.43 0.51
CA LYS Y 46 -31.80 32.49 0.38
C LYS Y 46 -31.39 32.82 -1.05
N PHE Y 47 -32.23 32.53 -2.03
CA PHE Y 47 -31.99 32.99 -3.39
C PHE Y 47 -32.07 34.51 -3.49
N THR Y 48 -33.06 35.09 -2.81
CA THR Y 48 -33.17 36.55 -2.77
C THR Y 48 -31.94 37.18 -2.15
N LEU Y 49 -31.50 36.64 -1.01
CA LEU Y 49 -30.30 37.15 -0.36
C LEU Y 49 -29.07 36.98 -1.25
N ALA Y 50 -28.95 35.85 -1.95
CA ALA Y 50 -27.79 35.63 -2.80
C ALA Y 50 -27.73 36.63 -3.95
N LYS Y 51 -28.88 36.97 -4.52
CA LYS Y 51 -28.88 37.97 -5.59
C LYS Y 51 -28.49 39.34 -5.07
N ILE Y 52 -28.95 39.71 -3.87
CA ILE Y 52 -28.55 40.97 -3.26
C ILE Y 52 -27.04 40.98 -3.03
N ARG Y 53 -26.50 39.87 -2.53
CA ARG Y 53 -25.07 39.79 -2.24
C ARG Y 53 -24.25 39.83 -3.52
N LYS Y 54 -24.76 39.26 -4.61
CA LYS Y 54 -24.05 39.34 -5.87
C LYS Y 54 -23.97 40.76 -6.38
N ALA Y 55 -25.08 41.50 -6.27
CA ALA Y 55 -25.06 42.92 -6.65
C ALA Y 55 -24.08 43.71 -5.79
N ALA Y 56 -24.08 43.44 -4.49
CA ALA Y 56 -23.21 44.18 -3.57
C ALA Y 56 -21.74 43.86 -3.83
N ARG Y 57 -21.42 42.60 -4.12
CA ARG Y 57 -20.06 42.22 -4.45
C ARG Y 57 -19.58 42.93 -5.71
N GLU Y 58 -20.41 42.93 -6.75
CA GLU Y 58 -20.02 43.56 -8.00
C GLU Y 58 -19.83 45.06 -7.83
N LEU Y 59 -20.64 45.68 -6.98
CA LEU Y 59 -20.41 47.10 -6.70
C LEU Y 59 -19.15 47.32 -5.88
N LEU Y 60 -18.83 46.39 -4.98
CA LEU Y 60 -17.65 46.56 -4.14
C LEU Y 60 -16.38 46.43 -4.94
N THR Y 61 -16.41 45.63 -5.99
CA THR Y 61 -15.21 45.51 -6.84
C THR Y 61 -14.94 46.79 -7.62
N LEU Y 62 -15.97 47.59 -7.88
CA LEU Y 62 -15.81 48.82 -8.63
C LEU Y 62 -15.08 49.86 -7.80
N ASP Y 63 -14.65 50.92 -8.46
CA ASP Y 63 -13.94 51.99 -7.80
C ASP Y 63 -14.90 52.87 -7.01
N GLU Y 64 -14.43 53.35 -5.87
CA GLU Y 64 -15.16 54.36 -5.13
C GLU Y 64 -15.24 55.64 -5.97
N LYS Y 65 -16.32 56.39 -5.80
CA LYS Y 65 -16.69 57.61 -6.50
C LYS Y 65 -17.07 57.36 -7.95
N ASP Y 66 -17.15 56.12 -8.39
CA ASP Y 66 -17.70 55.82 -9.70
C ASP Y 66 -19.18 56.14 -9.62
N PRO Y 67 -19.75 56.85 -10.61
CA PRO Y 67 -21.17 57.20 -10.56
C PRO Y 67 -22.11 56.00 -10.45
N ARG Y 68 -21.80 54.90 -11.14
CA ARG Y 68 -22.66 53.73 -11.06
C ARG Y 68 -22.61 53.12 -9.67
N ARG Y 69 -21.43 53.06 -9.07
CA ARG Y 69 -21.30 52.53 -7.71
C ARG Y 69 -22.10 53.36 -6.72
N LEU Y 70 -21.98 54.69 -6.81
CA LEU Y 70 -22.73 55.56 -5.92
C LEU Y 70 -24.23 55.39 -6.10
N PHE Y 71 -24.70 55.42 -7.35
CA PHE Y 71 -26.13 55.38 -7.62
C PHE Y 71 -26.75 54.05 -7.18
N GLU Y 72 -26.18 52.93 -7.64
CA GLU Y 72 -26.80 51.65 -7.32
C GLU Y 72 -26.54 51.23 -5.88
N GLY Y 73 -25.41 51.62 -5.29
CA GLY Y 73 -25.19 51.33 -3.89
C GLY Y 73 -26.16 52.09 -3.00
N ASN Y 74 -26.40 53.36 -3.30
CA ASN Y 74 -27.36 54.13 -2.52
C ASN Y 74 -28.77 53.59 -2.69
N ALA Y 75 -29.14 53.18 -3.90
CA ALA Y 75 -30.47 52.62 -4.12
C ALA Y 75 -30.64 51.30 -3.38
N LEU Y 76 -29.63 50.43 -3.44
CA LEU Y 76 -29.70 49.15 -2.75
C LEU Y 76 -29.75 49.32 -1.23
N LEU Y 77 -28.93 50.23 -0.71
CA LEU Y 77 -28.92 50.48 0.74
C LEU Y 77 -30.25 51.07 1.19
N ARG Y 78 -30.80 51.99 0.41
CA ARG Y 78 -32.10 52.57 0.74
C ARG Y 78 -33.19 51.52 0.73
N ARG Y 79 -33.13 50.59 -0.22
CA ARG Y 79 -34.14 49.53 -0.28
C ARG Y 79 -34.07 48.61 0.93
N LEU Y 80 -32.86 48.16 1.26
CA LEU Y 80 -32.69 47.28 2.41
C LEU Y 80 -33.05 47.98 3.72
N VAL Y 81 -32.82 49.29 3.80
CA VAL Y 81 -33.22 50.02 5.00
C VAL Y 81 -34.73 50.16 5.07
N ARG Y 82 -35.38 50.44 3.94
CA ARG Y 82 -36.83 50.66 3.98
C ARG Y 82 -37.60 49.38 4.24
N ILE Y 83 -37.01 48.20 3.97
CA ILE Y 83 -37.69 46.98 4.40
C ILE Y 83 -37.21 46.48 5.75
N GLY Y 84 -36.29 47.17 6.40
CA GLY Y 84 -35.99 46.91 7.79
C GLY Y 84 -34.97 45.85 8.08
N VAL Y 85 -34.30 45.28 7.07
CA VAL Y 85 -33.29 44.27 7.36
C VAL Y 85 -31.93 44.86 7.63
N LEU Y 86 -31.78 46.18 7.50
CA LEU Y 86 -30.51 46.85 7.70
C LEU Y 86 -30.77 48.17 8.40
N ASP Y 87 -29.90 48.51 9.34
CA ASP Y 87 -30.09 49.72 10.13
C ASP Y 87 -29.64 50.95 9.36
N GLU Y 88 -30.06 52.13 9.83
CA GLU Y 88 -29.68 53.37 9.17
C GLU Y 88 -28.23 53.75 9.47
N GLY Y 89 -27.70 53.33 10.62
CA GLY Y 89 -26.31 53.60 10.90
C GLY Y 89 -25.37 52.83 10.00
N LYS Y 90 -25.76 51.61 9.62
CA LYS Y 90 -24.94 50.75 8.77
C LYS Y 90 -25.35 50.98 7.32
N MET Y 91 -24.70 51.95 6.68
CA MET Y 91 -25.13 52.42 5.37
C MET Y 91 -23.97 52.21 4.40
N LYS Y 92 -23.29 51.07 4.51
CA LYS Y 92 -22.21 50.72 3.61
C LYS Y 92 -22.41 49.31 3.09
N LEU Y 93 -21.77 49.00 1.96
CA LEU Y 93 -22.00 47.72 1.29
C LEU Y 93 -21.42 46.55 2.09
N ASP Y 94 -20.46 46.81 2.98
CA ASP Y 94 -19.94 45.75 3.83
C ASP Y 94 -21.01 45.21 4.76
N TYR Y 95 -21.86 46.09 5.28
CA TYR Y 95 -22.95 45.62 6.11
C TYR Y 95 -24.00 44.90 5.31
N ILE Y 96 -24.09 45.19 4.00
CA ILE Y 96 -24.92 44.36 3.12
C ILE Y 96 -24.34 42.97 3.06
N LEU Y 97 -23.02 42.86 2.96
CA LEU Y 97 -22.40 41.55 2.95
C LEU Y 97 -22.49 40.84 4.30
N GLY Y 98 -22.85 41.54 5.36
CA GLY Y 98 -23.03 40.88 6.64
C GLY Y 98 -24.41 40.33 6.95
N LEU Y 99 -25.34 40.31 6.00
CA LEU Y 99 -26.72 39.94 6.28
C LEU Y 99 -26.90 38.42 6.26
N LYS Y 100 -28.00 37.98 6.88
CA LYS Y 100 -28.36 36.57 6.98
C LYS Y 100 -29.84 36.43 6.71
N ILE Y 101 -30.28 35.23 6.32
CA ILE Y 101 -31.68 35.09 5.93
C ILE Y 101 -32.62 35.10 7.11
N GLU Y 102 -32.11 34.96 8.33
CA GLU Y 102 -32.95 35.15 9.50
C GLU Y 102 -33.37 36.59 9.66
N ASP Y 103 -32.68 37.52 9.01
CA ASP Y 103 -33.09 38.92 8.99
C ASP Y 103 -34.24 39.13 8.02
N PHE Y 104 -34.24 38.43 6.89
CA PHE Y 104 -35.31 38.56 5.91
C PHE Y 104 -36.56 37.81 6.36
N LEU Y 105 -36.37 36.66 6.99
CA LEU Y 105 -37.50 35.86 7.43
C LEU Y 105 -38.26 36.51 8.56
N GLU Y 106 -37.63 37.44 9.28
CA GLU Y 106 -38.30 38.15 10.36
C GLU Y 106 -39.25 39.20 9.83
N ARG Y 107 -39.07 39.66 8.61
CA ARG Y 107 -39.86 40.74 8.05
C ARG Y 107 -41.11 40.27 7.33
N ARG Y 108 -41.41 38.97 7.37
CA ARG Y 108 -42.63 38.48 6.76
C ARG Y 108 -43.84 38.94 7.54
N LEU Y 109 -45.00 38.92 6.89
CA LEU Y 109 -46.22 39.34 7.57
C LEU Y 109 -46.59 38.35 8.66
N GLN Y 110 -46.35 37.05 8.43
CA GLN Y 110 -46.67 36.02 9.42
C GLN Y 110 -45.88 36.23 10.70
N THR Y 111 -44.58 36.50 10.57
CA THR Y 111 -43.74 36.75 11.73
C THR Y 111 -44.16 38.03 12.44
N GLN Y 112 -44.55 39.05 11.69
CA GLN Y 112 -44.97 40.30 12.31
C GLN Y 112 -46.27 40.13 13.08
N VAL Y 113 -47.21 39.37 12.52
CA VAL Y 113 -48.49 39.13 13.20
C VAL Y 113 -48.26 38.35 14.48
N PHE Y 114 -47.37 37.36 14.45
CA PHE Y 114 -47.09 36.63 15.69
C PHE Y 114 -46.36 37.51 16.71
N LYS Y 115 -45.39 38.32 16.26
CA LYS Y 115 -44.59 39.09 17.19
C LYS Y 115 -45.27 40.35 17.68
N LEU Y 116 -46.35 40.79 17.04
CA LEU Y 116 -47.10 41.94 17.51
C LEU Y 116 -48.11 41.57 18.57
N GLY Y 117 -48.17 40.31 18.95
CA GLY Y 117 -49.10 39.85 19.95
C GLY Y 117 -50.50 39.68 19.38
N LEU Y 118 -50.62 39.91 18.07
CA LEU Y 118 -51.91 39.87 17.42
C LEU Y 118 -52.42 38.45 17.27
N ALA Y 119 -51.52 37.47 17.34
CA ALA Y 119 -51.87 36.06 17.36
C ALA Y 119 -50.73 35.32 18.01
N LYS Y 120 -51.07 34.40 18.91
CA LYS Y 120 -50.06 33.54 19.49
C LYS Y 120 -49.58 32.53 18.45
N SER Y 121 -48.43 31.92 18.72
CA SER Y 121 -48.07 30.65 18.09
C SER Y 121 -48.00 30.65 16.57
N ILE Y 122 -46.89 31.11 15.99
CA ILE Y 122 -46.66 31.42 14.57
C ILE Y 122 -47.44 30.58 13.55
N HIS Y 123 -47.75 29.32 13.89
CA HIS Y 123 -48.62 28.53 13.04
C HIS Y 123 -50.06 29.03 13.08
N HIS Y 124 -50.50 29.56 14.21
CA HIS Y 124 -51.79 30.24 14.26
C HIS Y 124 -51.74 31.56 13.51
N ALA Y 125 -50.58 32.20 13.49
CA ALA Y 125 -50.43 33.45 12.74
C ALA Y 125 -50.51 33.20 11.24
N ARG Y 126 -50.07 32.03 10.78
CA ARG Y 126 -50.22 31.75 9.35
C ARG Y 126 -51.68 31.56 8.97
N VAL Y 127 -52.42 30.78 9.75
CA VAL Y 127 -53.79 30.48 9.37
C VAL Y 127 -54.70 31.67 9.63
N LEU Y 128 -54.29 32.59 10.49
CA LEU Y 128 -55.08 33.79 10.69
C LEU Y 128 -55.00 34.70 9.46
N ILE Y 129 -53.82 34.78 8.86
CA ILE Y 129 -53.64 35.60 7.67
C ILE Y 129 -54.36 34.98 6.49
N ARG Y 130 -54.19 33.67 6.29
CA ARG Y 130 -54.77 32.96 5.16
C ARG Y 130 -56.29 32.90 5.21
N GLN Y 131 -56.89 33.19 6.35
CA GLN Y 131 -58.34 33.27 6.49
C GLN Y 131 -58.85 34.71 6.50
N ARG Y 132 -58.02 35.66 6.07
CA ARG Y 132 -58.41 37.05 5.80
C ARG Y 132 -58.88 37.78 7.05
N HIS Y 133 -58.14 37.67 8.13
CA HIS Y 133 -58.42 38.43 9.35
C HIS Y 133 -57.53 39.66 9.51
N ILE Y 134 -56.47 39.79 8.72
CA ILE Y 134 -55.40 40.75 8.95
C ILE Y 134 -55.35 41.75 7.81
N ARG Y 135 -55.11 43.02 8.14
CA ARG Y 135 -54.92 44.05 7.12
C ARG Y 135 -53.70 44.90 7.44
N VAL Y 136 -52.85 45.11 6.44
CA VAL Y 136 -51.91 46.23 6.39
C VAL Y 136 -52.78 47.40 5.94
N ARG Y 137 -52.28 48.65 6.04
CA ARG Y 137 -52.99 49.82 6.53
C ARG Y 137 -54.50 49.82 6.37
N LYS Y 138 -54.99 49.65 5.15
CA LYS Y 138 -56.40 49.42 4.95
C LYS Y 138 -56.68 48.26 4.02
N GLN Y 139 -55.64 47.62 3.49
CA GLN Y 139 -55.78 46.56 2.51
C GLN Y 139 -55.76 45.22 3.20
N VAL Y 140 -56.76 44.39 2.92
CA VAL Y 140 -56.82 43.05 3.48
C VAL Y 140 -55.83 42.18 2.72
N VAL Y 141 -54.90 41.56 3.45
CA VAL Y 141 -53.82 40.77 2.87
C VAL Y 141 -53.95 39.33 3.37
N ASN Y 142 -54.07 38.38 2.46
CA ASN Y 142 -53.87 36.98 2.82
C ASN Y 142 -52.67 36.45 2.05
N ILE Y 143 -51.48 36.82 2.50
CA ILE Y 143 -50.23 36.38 1.90
C ILE Y 143 -49.24 36.28 3.04
N PRO Y 144 -48.90 35.08 3.50
CA PRO Y 144 -47.94 34.97 4.61
C PRO Y 144 -46.55 35.47 4.28
N SER Y 145 -46.17 35.54 3.01
CA SER Y 145 -44.84 35.99 2.62
C SER Y 145 -44.79 37.46 2.23
N PHE Y 146 -45.81 38.22 2.59
CA PHE Y 146 -45.78 39.67 2.45
C PHE Y 146 -44.63 40.23 3.28
N ILE Y 147 -43.81 41.07 2.68
CA ILE Y 147 -42.65 41.62 3.35
C ILE Y 147 -43.00 43.00 3.86
N VAL Y 148 -43.07 43.14 5.18
CA VAL Y 148 -43.62 44.33 5.82
C VAL Y 148 -42.54 45.41 5.87
N ARG Y 149 -42.83 46.55 5.26
CA ARG Y 149 -41.91 47.68 5.30
C ARG Y 149 -41.94 48.34 6.67
N LEU Y 150 -40.93 49.16 6.94
CA LEU Y 150 -40.86 49.86 8.22
C LEU Y 150 -41.97 50.88 8.37
N ASP Y 151 -42.33 51.54 7.28
CA ASP Y 151 -43.38 52.54 7.36
C ASP Y 151 -44.75 51.90 7.54
N SER Y 152 -45.02 50.81 6.84
CA SER Y 152 -46.27 50.09 7.03
C SER Y 152 -46.13 49.00 8.07
N GLN Y 153 -45.64 49.37 9.25
CA GLN Y 153 -45.44 48.44 10.36
C GLN Y 153 -46.37 48.71 11.52
N LYS Y 154 -46.64 49.98 11.81
CA LYS Y 154 -47.55 50.35 12.87
C LYS Y 154 -49.01 50.15 12.47
N HIS Y 155 -49.30 49.84 11.21
CA HIS Y 155 -50.66 49.77 10.71
C HIS Y 155 -51.13 48.34 10.47
N ILE Y 156 -50.45 47.35 11.04
CA ILE Y 156 -50.94 45.98 10.98
C ILE Y 156 -52.00 45.82 12.06
N ASP Y 157 -53.17 45.33 11.66
CA ASP Y 157 -54.31 45.27 12.55
C ASP Y 157 -55.26 44.21 12.02
N PHE Y 158 -56.20 43.78 12.87
CA PHE Y 158 -57.30 42.96 12.41
C PHE Y 158 -58.16 43.75 11.44
N SER Y 159 -58.73 43.04 10.47
CA SER Y 159 -59.57 43.69 9.48
C SER Y 159 -60.94 44.00 10.07
N LEU Y 160 -61.59 45.00 9.49
CA LEU Y 160 -62.84 45.53 10.02
C LEU Y 160 -64.01 44.58 9.85
N ARG Y 161 -63.86 43.50 9.10
CA ARG Y 161 -64.95 42.58 8.83
C ARG Y 161 -64.80 41.24 9.53
N SER Y 162 -63.63 40.91 10.01
CA SER Y 162 -63.39 39.66 10.72
C SER Y 162 -64.04 39.69 12.09
N PRO Y 163 -64.36 38.52 12.68
CA PRO Y 163 -64.89 38.53 14.04
C PRO Y 163 -63.79 38.57 15.09
N TYR Y 164 -62.80 39.42 14.87
CA TYR Y 164 -61.84 39.84 15.88
C TYR Y 164 -61.66 41.34 15.89
N GLY Y 165 -62.07 42.03 14.85
CA GLY Y 165 -62.24 43.47 14.79
C GLY Y 165 -63.71 43.76 14.97
N GLY Y 166 -64.34 44.28 13.93
CA GLY Y 166 -65.78 44.53 13.93
C GLY Y 166 -66.63 43.29 14.06
N GLY Y 167 -67.94 43.45 13.90
CA GLY Y 167 -68.86 42.39 14.27
C GLY Y 167 -69.03 41.30 13.25
N ARG Y 168 -70.28 40.84 13.06
CA ARG Y 168 -70.67 39.77 12.16
C ARG Y 168 -69.89 38.49 12.50
N PRO Y 169 -70.23 37.82 13.60
CA PRO Y 169 -69.53 36.59 13.95
C PRO Y 169 -69.74 35.50 12.91
N GLY Y 170 -68.76 34.60 12.81
CA GLY Y 170 -68.67 33.63 11.75
C GLY Y 170 -69.78 32.60 11.71
N ARG Y 171 -69.72 31.70 10.73
CA ARG Y 171 -70.84 30.80 10.49
C ARG Y 171 -70.98 29.75 11.59
N VAL Y 172 -69.89 29.44 12.30
CA VAL Y 172 -69.97 28.45 13.37
C VAL Y 172 -70.70 29.02 14.58
N LYS Y 173 -70.32 30.24 14.99
CA LYS Y 173 -70.99 30.87 16.12
C LYS Y 173 -72.44 31.19 15.79
N ARG Y 174 -72.69 31.67 14.57
CA ARG Y 174 -74.06 31.94 14.14
C ARG Y 174 -74.90 30.68 14.13
N LYS Y 175 -74.32 29.57 13.65
CA LYS Y 175 -75.04 28.30 13.60
C LYS Y 175 -75.36 27.79 15.00
N ASN Y 176 -74.37 27.85 15.90
CA ASN Y 176 -74.58 27.38 17.27
C ASN Y 176 -75.61 28.24 17.98
N ALA Y 177 -75.53 29.57 17.80
CA ALA Y 177 -76.50 30.46 18.44
C ALA Y 177 -77.91 30.23 17.89
N LYS Y 178 -78.04 30.04 16.57
CA LYS Y 178 -79.40 29.89 16.04
C LYS Y 178 -79.98 28.52 16.38
N LYS Y 179 -79.15 27.47 16.48
CA LYS Y 179 -79.69 26.19 16.90
C LYS Y 179 -79.99 26.20 18.40
N GLY Y 180 -79.24 26.97 19.17
CA GLY Y 180 -79.55 27.13 20.58
C GLY Y 180 -80.86 27.87 20.81
N GLN Y 181 -81.08 28.95 20.07
CA GLN Y 181 -82.32 29.69 20.19
C GLN Y 181 -83.49 29.04 19.48
N GLY Y 182 -83.24 28.08 18.58
CA GLY Y 182 -84.30 27.28 18.04
C GLY Y 182 -84.69 26.20 19.02
N GLY Y 183 -83.70 25.71 19.78
CA GLY Y 183 -83.98 24.75 20.84
C GLY Y 183 -84.50 25.37 22.11
N ALA Y 184 -84.47 26.70 22.23
CA ALA Y 184 -84.91 27.36 23.44
C ALA Y 184 -85.86 28.52 23.14
N GLY Y 185 -86.28 29.24 24.16
CA GLY Y 185 -87.16 30.38 23.99
C GLY Y 185 -86.44 31.72 24.04
N VAL Z 1 -83.46 -25.10 63.94
CA VAL Z 1 -83.13 -26.02 62.86
C VAL Z 1 -81.72 -25.70 62.35
N MET Z 2 -81.25 -24.49 62.67
CA MET Z 2 -79.88 -24.13 62.33
C MET Z 2 -78.88 -24.98 63.12
N ASP Z 3 -79.17 -25.23 64.39
CA ASP Z 3 -78.29 -25.94 65.29
C ASP Z 3 -78.25 -27.44 65.06
N VAL Z 4 -78.94 -27.94 64.03
CA VAL Z 4 -78.77 -29.31 63.57
C VAL Z 4 -78.20 -29.38 62.16
N ASN Z 5 -78.70 -28.56 61.22
CA ASN Z 5 -78.21 -28.65 59.86
C ASN Z 5 -76.79 -28.07 59.74
N THR Z 6 -76.55 -26.89 60.34
CA THR Z 6 -75.19 -26.37 60.39
C THR Z 6 -74.29 -27.27 61.24
N ALA Z 7 -74.89 -27.97 62.18
CA ALA Z 7 -74.15 -28.90 63.01
C ALA Z 7 -73.60 -30.06 62.17
N LEU Z 8 -74.42 -30.68 61.33
CA LEU Z 8 -73.83 -31.76 60.53
C LEU Z 8 -73.03 -31.20 59.36
N GLN Z 9 -73.22 -29.92 59.00
CA GLN Z 9 -72.26 -29.27 58.11
C GLN Z 9 -70.86 -29.32 58.70
N GLU Z 10 -70.74 -28.89 59.96
CA GLU Z 10 -69.44 -28.92 60.63
C GLU Z 10 -68.94 -30.35 60.79
N VAL Z 11 -69.85 -31.29 61.05
CA VAL Z 11 -69.47 -32.68 61.24
C VAL Z 11 -68.87 -33.25 59.95
N LEU Z 12 -69.57 -33.09 58.82
CA LEU Z 12 -69.04 -33.65 57.58
C LEU Z 12 -67.81 -32.89 57.11
N LYS Z 13 -67.71 -31.59 57.41
CA LYS Z 13 -66.51 -30.85 57.05
C LYS Z 13 -65.29 -31.35 57.78
N THR Z 14 -65.39 -31.55 59.10
CA THR Z 14 -64.24 -32.05 59.85
C THR Z 14 -63.96 -33.50 59.50
N ALA Z 15 -65.00 -34.25 59.09
CA ALA Z 15 -64.79 -35.63 58.67
C ALA Z 15 -64.00 -35.70 57.37
N LEU Z 16 -64.36 -34.86 56.40
CA LEU Z 16 -63.66 -34.93 55.11
C LEU Z 16 -62.29 -34.29 55.17
N ILE Z 17 -62.08 -33.28 56.02
CA ILE Z 17 -60.72 -32.75 56.10
C ILE Z 17 -59.85 -33.64 56.98
N HIS Z 18 -60.46 -34.49 57.81
CA HIS Z 18 -59.67 -35.36 58.66
C HIS Z 18 -59.43 -36.73 58.07
N ASP Z 19 -60.34 -37.23 57.24
CA ASP Z 19 -60.22 -38.54 56.63
C ASP Z 19 -61.10 -38.56 55.38
N GLY Z 20 -61.29 -39.73 54.80
CA GLY Z 20 -62.21 -39.85 53.68
C GLY Z 20 -63.57 -40.39 54.08
N LEU Z 21 -64.62 -39.62 53.84
CA LEU Z 21 -65.98 -40.11 53.96
C LEU Z 21 -66.49 -40.54 52.58
N ALA Z 22 -67.29 -41.59 52.56
CA ALA Z 22 -67.75 -42.20 51.32
C ALA Z 22 -68.76 -41.31 50.62
N ARG Z 23 -68.54 -41.06 49.33
CA ARG Z 23 -69.38 -40.19 48.52
C ARG Z 23 -69.82 -40.96 47.29
N GLY Z 24 -71.11 -41.13 47.11
CA GLY Z 24 -71.66 -41.90 46.01
C GLY Z 24 -72.14 -43.27 46.46
N ILE Z 25 -72.96 -43.88 45.61
CA ILE Z 25 -73.73 -45.06 46.01
C ILE Z 25 -72.84 -46.26 46.30
N ARG Z 26 -71.80 -46.49 45.48
CA ARG Z 26 -71.04 -47.72 45.66
C ARG Z 26 -70.16 -47.67 46.89
N GLU Z 27 -69.47 -46.56 47.12
CA GLU Z 27 -68.70 -46.43 48.34
C GLU Z 27 -69.60 -46.36 49.56
N ALA Z 28 -70.80 -45.79 49.42
CA ALA Z 28 -71.74 -45.77 50.54
C ALA Z 28 -72.15 -47.17 50.93
N ALA Z 29 -72.48 -48.00 49.94
CA ALA Z 29 -72.86 -49.39 50.21
C ALA Z 29 -71.70 -50.15 50.86
N LYS Z 30 -70.52 -50.05 50.27
CA LYS Z 30 -69.38 -50.78 50.78
C LYS Z 30 -68.85 -50.22 52.09
N ALA Z 31 -69.28 -49.02 52.48
CA ALA Z 31 -68.84 -48.47 53.74
C ALA Z 31 -69.84 -48.73 54.86
N LEU Z 32 -71.13 -48.80 54.56
CA LEU Z 32 -72.06 -49.03 55.65
C LEU Z 32 -72.29 -50.52 55.88
N ASP Z 33 -72.04 -51.37 54.86
CA ASP Z 33 -72.10 -52.81 55.11
C ASP Z 33 -71.03 -53.24 56.09
N LYS Z 34 -69.90 -52.56 56.10
CA LYS Z 34 -68.92 -52.78 57.15
C LYS Z 34 -69.43 -52.18 58.46
N ARG Z 35 -69.14 -52.86 59.56
CA ARG Z 35 -69.77 -52.54 60.84
C ARG Z 35 -68.96 -51.50 61.63
N GLN Z 36 -68.65 -50.38 61.00
CA GLN Z 36 -68.06 -49.24 61.69
C GLN Z 36 -68.70 -47.91 61.31
N ALA Z 37 -69.60 -47.89 60.34
CA ALA Z 37 -70.06 -46.63 59.77
C ALA Z 37 -71.02 -45.90 60.70
N HIS Z 38 -70.87 -44.59 60.76
CA HIS Z 38 -71.79 -43.71 61.46
C HIS Z 38 -72.95 -43.36 60.51
N LEU Z 39 -73.73 -42.36 60.86
CA LEU Z 39 -74.95 -41.97 60.17
C LEU Z 39 -74.80 -41.75 58.66
N CYS Z 40 -75.88 -41.93 57.93
CA CYS Z 40 -75.94 -41.67 56.51
C CYS Z 40 -76.73 -40.40 56.25
N VAL Z 41 -76.39 -39.72 55.16
CA VAL Z 41 -77.12 -38.56 54.68
C VAL Z 41 -77.48 -38.83 53.23
N GLN Z 42 -78.77 -38.71 52.90
CA GLN Z 42 -79.20 -38.96 51.53
C GLN Z 42 -80.26 -37.94 51.14
N ALA Z 43 -80.41 -37.76 49.83
CA ALA Z 43 -81.20 -36.68 49.27
C ALA Z 43 -82.69 -37.06 49.26
N SER Z 44 -83.54 -36.07 48.96
CA SER Z 44 -84.97 -36.30 48.88
C SER Z 44 -85.53 -36.19 47.48
N ASN Z 45 -84.85 -35.52 46.56
CA ASN Z 45 -85.37 -35.30 45.22
C ASN Z 45 -85.00 -36.39 44.23
N CYS Z 46 -84.73 -37.60 44.70
CA CYS Z 46 -84.46 -38.71 43.80
C CYS Z 46 -85.70 -39.04 42.96
N ASP Z 47 -85.48 -39.42 41.71
CA ASP Z 47 -86.56 -39.58 40.75
C ASP Z 47 -87.04 -41.01 40.61
N GLU Z 48 -86.39 -41.97 41.27
CA GLU Z 48 -86.73 -43.37 41.08
C GLU Z 48 -86.90 -44.06 42.43
N PRO Z 49 -87.90 -44.94 42.56
CA PRO Z 49 -88.22 -45.48 43.89
C PRO Z 49 -87.31 -46.59 44.35
N MET Z 50 -86.70 -47.36 43.44
CA MET Z 50 -85.87 -48.48 43.87
C MET Z 50 -84.60 -47.99 44.54
N TYR Z 51 -84.09 -46.82 44.12
CA TYR Z 51 -82.89 -46.27 44.74
C TYR Z 51 -83.14 -45.91 46.20
N VAL Z 52 -84.22 -45.18 46.46
CA VAL Z 52 -84.52 -44.76 47.83
C VAL Z 52 -84.97 -45.93 48.67
N LYS Z 53 -85.79 -46.84 48.13
CA LYS Z 53 -86.21 -47.97 48.94
C LYS Z 53 -85.02 -48.87 49.24
N LEU Z 54 -84.04 -48.93 48.32
CA LEU Z 54 -82.81 -49.64 48.58
C LEU Z 54 -82.04 -49.02 49.74
N VAL Z 55 -81.81 -47.70 49.69
CA VAL Z 55 -80.91 -47.10 50.66
C VAL Z 55 -81.56 -47.06 52.06
N GLU Z 56 -82.83 -46.64 52.17
CA GLU Z 56 -83.48 -46.71 53.48
C GLU Z 56 -83.71 -48.14 53.97
N ALA Z 57 -84.13 -49.07 53.11
CA ALA Z 57 -84.38 -50.42 53.58
C ALA Z 57 -83.09 -51.14 53.96
N LEU Z 58 -81.96 -50.65 53.44
CA LEU Z 58 -80.68 -51.27 53.72
C LEU Z 58 -79.89 -50.54 54.79
N LEU Z 59 -80.30 -49.34 55.18
CA LEU Z 59 -79.74 -48.75 56.39
C LEU Z 59 -80.60 -49.05 57.63
N ALA Z 60 -81.91 -49.27 57.44
CA ALA Z 60 -82.77 -49.53 58.58
C ALA Z 60 -82.49 -50.90 59.19
N GLU Z 61 -82.07 -51.87 58.37
CA GLU Z 61 -81.71 -53.17 58.90
C GLU Z 61 -80.36 -53.15 59.62
N HIS Z 62 -79.58 -52.10 59.45
CA HIS Z 62 -78.46 -51.85 60.35
C HIS Z 62 -78.92 -50.95 61.49
N GLN Z 63 -77.97 -50.54 62.33
CA GLN Z 63 -78.26 -49.76 63.53
C GLN Z 63 -77.74 -48.33 63.38
N ILE Z 64 -77.81 -47.80 62.17
CA ILE Z 64 -77.20 -46.52 61.84
C ILE Z 64 -78.26 -45.46 61.64
N ASN Z 65 -77.93 -44.24 62.06
CA ASN Z 65 -78.85 -43.12 62.03
C ASN Z 65 -79.01 -42.65 60.58
N LEU Z 66 -80.05 -41.84 60.34
CA LEU Z 66 -80.29 -41.30 59.01
C LEU Z 66 -80.83 -39.88 59.13
N ILE Z 67 -80.27 -38.97 58.33
CA ILE Z 67 -80.77 -37.61 58.19
C ILE Z 67 -81.00 -37.36 56.71
N LYS Z 68 -82.18 -36.84 56.37
CA LYS Z 68 -82.58 -36.66 54.99
C LYS Z 68 -82.59 -35.18 54.64
N VAL Z 69 -81.98 -34.85 53.49
CA VAL Z 69 -81.86 -33.47 53.01
C VAL Z 69 -82.61 -33.38 51.68
N ASP Z 70 -83.15 -32.20 51.38
CA ASP Z 70 -84.09 -32.08 50.27
C ASP Z 70 -83.43 -32.27 48.89
N ASP Z 71 -82.39 -31.51 48.57
CA ASP Z 71 -81.85 -31.58 47.21
C ASP Z 71 -80.48 -32.24 47.20
N ASN Z 72 -80.19 -33.00 46.14
CA ASN Z 72 -78.90 -33.65 46.01
C ASN Z 72 -77.82 -32.68 45.59
N LYS Z 73 -78.17 -31.69 44.77
CA LYS Z 73 -77.19 -30.77 44.19
C LYS Z 73 -76.52 -29.93 45.26
N LYS Z 74 -77.33 -29.32 46.12
CA LYS Z 74 -76.80 -28.38 47.11
C LYS Z 74 -76.12 -29.15 48.22
N LEU Z 75 -76.56 -30.39 48.45
CA LEU Z 75 -75.85 -31.32 49.31
C LEU Z 75 -74.46 -31.62 48.76
N GLY Z 76 -74.36 -31.87 47.46
CA GLY Z 76 -73.06 -32.15 46.86
C GLY Z 76 -72.14 -30.96 46.91
N GLU Z 77 -72.71 -29.76 46.81
CA GLU Z 77 -71.95 -28.55 47.08
C GLU Z 77 -71.46 -28.53 48.52
N TRP Z 78 -72.29 -29.01 49.46
CA TRP Z 78 -71.93 -29.04 50.87
C TRP Z 78 -70.85 -30.05 51.19
N VAL Z 79 -70.82 -31.17 50.46
CA VAL Z 79 -70.02 -32.32 50.86
C VAL Z 79 -68.60 -32.19 50.33
N GLY Z 80 -68.29 -31.05 49.72
CA GLY Z 80 -66.95 -30.79 49.22
C GLY Z 80 -66.68 -31.37 47.86
N LEU Z 81 -67.65 -32.08 47.28
CA LEU Z 81 -67.50 -32.73 45.98
C LEU Z 81 -67.70 -31.67 44.90
N CYS Z 82 -66.70 -30.80 44.76
CA CYS Z 82 -66.72 -29.76 43.74
C CYS Z 82 -65.30 -29.18 43.61
N LYS Z 83 -65.19 -28.17 42.74
CA LYS Z 83 -63.94 -27.52 42.41
C LYS Z 83 -64.07 -26.04 42.74
N ILE Z 84 -64.67 -25.74 43.89
CA ILE Z 84 -65.20 -24.41 44.21
C ILE Z 84 -64.07 -23.39 44.22
N ASP Z 85 -64.11 -22.48 43.26
CA ASP Z 85 -63.41 -21.21 43.37
C ASP Z 85 -64.35 -20.20 44.01
N ARG Z 86 -63.78 -19.21 44.68
CA ARG Z 86 -64.66 -18.35 45.47
C ARG Z 86 -65.38 -17.30 44.63
N GLU Z 87 -65.14 -17.28 43.32
CA GLU Z 87 -65.81 -16.35 42.43
C GLU Z 87 -66.49 -17.05 41.26
N GLY Z 88 -66.53 -18.39 41.24
CA GLY Z 88 -67.10 -19.11 40.13
C GLY Z 88 -68.27 -19.99 40.49
N ASN Z 89 -68.27 -21.23 40.04
CA ASN Z 89 -69.40 -22.12 40.28
C ASN Z 89 -69.42 -22.58 41.74
N PRO Z 90 -70.58 -22.61 42.39
CA PRO Z 90 -70.66 -23.31 43.67
C PRO Z 90 -70.65 -24.83 43.51
N ARG Z 91 -71.44 -25.36 42.56
CA ARG Z 91 -71.47 -26.80 42.29
C ARG Z 91 -71.55 -27.00 40.77
N LYS Z 92 -70.42 -27.31 40.15
CA LYS Z 92 -70.37 -27.59 38.73
C LYS Z 92 -70.70 -29.05 38.42
N VAL Z 93 -70.82 -29.88 39.43
CA VAL Z 93 -71.15 -31.28 39.26
C VAL Z 93 -72.60 -31.47 39.65
N VAL Z 94 -73.21 -32.54 39.14
CA VAL Z 94 -74.43 -33.05 39.74
C VAL Z 94 -74.04 -33.51 41.15
N GLY Z 95 -74.71 -32.96 42.16
CA GLY Z 95 -74.31 -33.20 43.52
C GLY Z 95 -74.52 -34.64 43.94
N CYS Z 96 -73.94 -34.97 45.09
CA CYS Z 96 -74.03 -36.34 45.57
C CYS Z 96 -75.45 -36.65 46.03
N SER Z 97 -75.80 -37.93 45.96
CA SER Z 97 -77.13 -38.36 46.37
C SER Z 97 -77.15 -39.04 47.72
N CYS Z 98 -76.05 -39.67 48.15
CA CYS Z 98 -76.00 -40.29 49.46
C CYS Z 98 -74.54 -40.43 49.89
N VAL Z 99 -74.27 -40.06 51.15
CA VAL Z 99 -72.96 -40.24 51.74
C VAL Z 99 -73.09 -41.09 52.98
N VAL Z 100 -71.95 -41.45 53.56
CA VAL Z 100 -71.89 -42.03 54.89
C VAL Z 100 -70.60 -41.58 55.54
N VAL Z 101 -70.68 -41.21 56.82
CA VAL Z 101 -69.53 -40.73 57.56
C VAL Z 101 -68.86 -41.94 58.20
N LYS Z 102 -67.65 -42.25 57.74
CA LYS Z 102 -66.91 -43.36 58.35
C LYS Z 102 -66.40 -42.98 59.73
N ASP Z 103 -65.86 -41.77 59.86
CA ASP Z 103 -65.26 -41.33 61.10
C ASP Z 103 -65.49 -39.83 61.26
N TYR Z 104 -65.62 -39.39 62.51
CA TYR Z 104 -65.83 -37.99 62.81
C TYR Z 104 -64.53 -37.19 62.90
N GLY Z 105 -63.40 -37.85 62.98
CA GLY Z 105 -62.13 -37.17 63.21
C GLY Z 105 -61.86 -36.90 64.66
N LYS Z 106 -62.74 -36.16 65.32
CA LYS Z 106 -62.63 -35.90 66.75
C LYS Z 106 -64.03 -35.65 67.31
N GLU Z 107 -64.10 -35.48 68.62
CA GLU Z 107 -65.36 -35.47 69.36
C GLU Z 107 -65.80 -34.06 69.73
N SER Z 108 -65.50 -33.07 68.90
CA SER Z 108 -65.82 -31.69 69.23
C SER Z 108 -67.32 -31.44 69.20
N GLN Z 109 -67.98 -31.86 68.13
CA GLN Z 109 -69.38 -31.55 67.89
C GLN Z 109 -70.16 -32.86 67.70
N ALA Z 110 -69.93 -33.82 68.59
CA ALA Z 110 -70.72 -35.06 68.55
C ALA Z 110 -72.04 -34.93 69.30
N LYS Z 111 -72.21 -33.88 70.10
CA LYS Z 111 -73.43 -33.72 70.91
C LYS Z 111 -74.66 -33.50 70.02
N ASP Z 112 -74.45 -32.93 68.83
CA ASP Z 112 -75.54 -32.72 67.88
C ASP Z 112 -76.13 -34.03 67.40
N VAL Z 113 -75.28 -34.99 67.02
CA VAL Z 113 -75.82 -36.27 66.58
C VAL Z 113 -76.23 -37.11 67.78
N ILE Z 114 -75.69 -36.80 68.96
CA ILE Z 114 -76.18 -37.44 70.18
C ILE Z 114 -77.65 -37.08 70.41
N GLU Z 115 -77.97 -35.79 70.36
CA GLU Z 115 -79.37 -35.39 70.54
C GLU Z 115 -80.23 -35.73 69.32
N GLU Z 116 -79.63 -35.83 68.14
CA GLU Z 116 -80.32 -36.40 66.99
C GLU Z 116 -80.74 -37.84 67.24
N TYR Z 117 -79.86 -38.66 67.78
CA TYR Z 117 -80.21 -40.03 68.12
C TYR Z 117 -81.21 -40.07 69.26
N PHE Z 118 -81.13 -39.11 70.18
CA PHE Z 118 -82.13 -39.00 71.25
C PHE Z 118 -83.52 -38.76 70.68
N LYS Z 119 -83.66 -37.80 69.75
CA LYS Z 119 -84.99 -37.51 69.23
C LYS Z 119 -85.43 -38.59 68.24
N CYS Z 120 -84.47 -39.32 67.65
CA CYS Z 120 -84.83 -40.50 66.88
C CYS Z 120 -85.39 -41.60 67.78
N LYS Z 121 -84.84 -41.74 69.00
CA LYS Z 121 -85.36 -42.71 69.94
C LYS Z 121 -86.52 -42.17 70.75
N LYS Z 122 -86.86 -40.89 70.61
CA LYS Z 122 -88.06 -40.34 71.23
C LYS Z 122 -89.31 -40.88 70.55
N GLY AA 1 24.60 27.95 -29.72
CA GLY AA 1 25.52 26.94 -30.21
C GLY AA 1 25.78 27.11 -31.68
N ARG AA 2 26.49 26.17 -32.29
CA ARG AA 2 26.82 26.29 -33.69
C ARG AA 2 25.57 26.12 -34.55
N MET AA 3 25.63 26.70 -35.75
CA MET AA 3 24.51 26.58 -36.67
C MET AA 3 24.30 25.14 -37.10
N HIS AA 4 25.37 24.45 -37.49
CA HIS AA 4 25.27 23.13 -38.09
C HIS AA 4 26.17 22.11 -37.40
N ALA AA 5 26.48 22.32 -36.14
CA ALA AA 5 27.28 21.41 -35.34
C ALA AA 5 26.68 21.36 -33.95
N PRO AA 6 26.87 20.26 -33.22
CA PRO AA 6 26.46 20.20 -31.82
C PRO AA 6 27.51 20.72 -30.84
N GLY AA 7 28.02 21.92 -31.09
CA GLY AA 7 29.07 22.50 -30.27
C GLY AA 7 28.54 23.72 -29.53
N LYS AA 8 28.84 23.78 -28.24
CA LYS AA 8 28.50 24.92 -27.40
C LYS AA 8 29.76 25.68 -27.01
N GLY AA 9 30.70 25.76 -27.95
CA GLY AA 9 31.98 26.36 -27.65
C GLY AA 9 31.85 27.84 -27.34
N LEU AA 10 32.68 28.30 -26.43
CA LEU AA 10 32.75 29.69 -26.04
C LEU AA 10 34.20 30.11 -26.21
N SER AA 11 34.54 30.60 -27.39
CA SER AA 11 35.87 31.16 -27.59
C SER AA 11 35.74 32.20 -28.68
N GLN AA 12 36.23 33.39 -28.39
CA GLN AA 12 36.02 34.58 -29.21
C GLN AA 12 37.00 35.62 -28.71
N SER AA 13 36.91 36.83 -29.25
CA SER AA 13 37.78 37.92 -28.86
C SER AA 13 37.08 38.76 -27.80
N ALA AA 14 37.86 39.30 -26.88
CA ALA AA 14 37.34 40.16 -25.82
C ALA AA 14 37.95 41.55 -26.01
N LEU AA 15 37.21 42.41 -26.69
CA LEU AA 15 37.66 43.78 -26.91
C LEU AA 15 37.74 44.52 -25.57
N PRO AA 16 38.75 45.33 -25.36
CA PRO AA 16 38.88 46.05 -24.09
C PRO AA 16 37.94 47.24 -24.00
N TYR AA 17 37.78 47.74 -22.78
CA TYR AA 17 36.90 48.88 -22.53
C TYR AA 17 37.44 50.15 -23.16
N ARG AA 18 38.73 50.39 -23.07
CA ARG AA 18 39.31 51.64 -23.53
C ARG AA 18 39.40 51.64 -25.06
N ARG AA 19 38.71 52.58 -25.68
CA ARG AA 19 38.71 52.74 -27.13
C ARG AA 19 39.76 53.73 -27.60
N SER AA 20 40.51 54.33 -26.70
CA SER AA 20 41.48 55.32 -27.11
C SER AA 20 42.69 54.64 -27.74
N VAL AA 21 43.26 55.32 -28.74
CA VAL AA 21 44.52 54.86 -29.35
C VAL AA 21 45.63 54.94 -28.32
N PRO AA 22 46.47 53.93 -28.17
CA PRO AA 22 47.56 54.00 -27.20
C PRO AA 22 48.57 55.07 -27.60
N THR AA 23 49.23 55.64 -26.59
CA THR AA 23 50.17 56.72 -26.84
C THR AA 23 51.42 56.24 -27.56
N TRP AA 24 51.76 54.96 -27.44
CA TRP AA 24 52.96 54.47 -28.09
C TRP AA 24 52.78 54.20 -29.57
N LEU AA 25 51.55 54.19 -30.07
CA LEU AA 25 51.32 53.91 -31.48
C LEU AA 25 51.63 55.18 -32.27
N LYS AA 26 52.81 55.22 -32.88
CA LYS AA 26 53.21 56.35 -33.70
C LYS AA 26 52.78 56.16 -35.15
N LEU AA 27 51.49 55.90 -35.35
CA LEU AA 27 50.90 55.78 -36.67
C LEU AA 27 49.61 56.58 -36.70
N THR AA 28 49.51 57.51 -37.63
CA THR AA 28 48.31 58.30 -37.81
C THR AA 28 47.32 57.54 -38.69
N SER AA 29 46.22 58.18 -39.05
CA SER AA 29 45.16 57.47 -39.73
C SER AA 29 45.51 57.18 -41.18
N ASP AA 30 46.08 58.17 -41.89
CA ASP AA 30 46.17 58.06 -43.34
C ASP AA 30 47.24 57.06 -43.77
N ASP AA 31 48.36 57.00 -43.05
CA ASP AA 31 49.36 56.00 -43.43
C ASP AA 31 48.93 54.58 -43.04
N VAL AA 32 48.10 54.45 -42.01
CA VAL AA 32 47.47 53.16 -41.73
C VAL AA 32 46.55 52.77 -42.87
N LYS AA 33 45.81 53.75 -43.41
CA LYS AA 33 45.03 53.50 -44.61
C LYS AA 33 45.92 53.11 -45.79
N GLU AA 34 47.12 53.67 -45.86
CA GLU AA 34 48.03 53.31 -46.94
C GLU AA 34 48.54 51.88 -46.81
N GLN AA 35 48.81 51.44 -45.58
CA GLN AA 35 49.14 50.04 -45.36
C GLN AA 35 47.98 49.14 -45.76
N ILE AA 36 46.76 49.56 -45.46
CA ILE AA 36 45.57 48.80 -45.87
C ILE AA 36 45.51 48.70 -47.39
N TYR AA 37 45.79 49.81 -48.08
CA TYR AA 37 45.75 49.82 -49.53
C TYR AA 37 46.80 48.90 -50.14
N LYS AA 38 48.02 48.93 -49.58
CA LYS AA 38 49.09 48.08 -50.06
C LYS AA 38 48.76 46.60 -49.88
N LEU AA 39 48.27 46.23 -48.69
CA LEU AA 39 47.94 44.84 -48.43
C LEU AA 39 46.78 44.37 -49.29
N ALA AA 40 45.79 45.25 -49.52
CA ALA AA 40 44.65 44.86 -50.33
C ALA AA 40 45.03 44.71 -51.79
N LYS AA 41 45.94 45.54 -52.28
CA LYS AA 41 46.44 45.35 -53.64
C LYS AA 41 47.29 44.10 -53.74
N LYS AA 42 47.94 43.70 -52.66
CA LYS AA 42 48.64 42.42 -52.64
C LYS AA 42 47.69 41.23 -52.70
N GLY AA 43 46.39 41.44 -52.52
CA GLY AA 43 45.41 40.40 -52.75
C GLY AA 43 44.86 39.77 -51.49
N LEU AA 44 44.90 40.50 -50.39
CA LEU AA 44 44.47 39.97 -49.11
C LEU AA 44 43.03 40.36 -48.83
N THR AA 45 42.38 39.58 -48.01
CA THR AA 45 41.05 39.83 -47.50
C THR AA 45 41.11 40.76 -46.31
N PRO AA 46 40.00 41.45 -45.98
CA PRO AA 46 39.99 42.31 -44.79
C PRO AA 46 40.34 41.61 -43.48
N SER AA 47 39.97 40.34 -43.33
CA SER AA 47 40.40 39.58 -42.15
C SER AA 47 41.91 39.48 -42.10
N GLN AA 48 42.53 39.19 -43.24
CA GLN AA 48 43.99 39.05 -43.29
C GLN AA 48 44.69 40.38 -43.08
N ILE AA 49 44.10 41.47 -43.58
CA ILE AA 49 44.69 42.78 -43.38
C ILE AA 49 44.67 43.16 -41.90
N GLY AA 50 43.54 42.89 -41.24
CA GLY AA 50 43.46 43.14 -39.81
C GLY AA 50 44.42 42.28 -39.02
N VAL AA 51 44.59 41.03 -39.42
CA VAL AA 51 45.49 40.11 -38.71
C VAL AA 51 46.94 40.59 -38.84
N ILE AA 52 47.34 41.01 -40.04
CA ILE AA 52 48.72 41.47 -40.24
C ILE AA 52 48.96 42.77 -39.48
N LEU AA 53 48.02 43.71 -39.56
CA LEU AA 53 48.19 44.98 -38.87
C LEU AA 53 48.24 44.80 -37.37
N ARG AA 54 47.47 43.85 -36.84
CA ARG AA 54 47.55 43.57 -35.41
C ARG AA 54 48.84 42.89 -35.04
N ASP AA 55 49.30 41.96 -35.88
CA ASP AA 55 50.42 41.11 -35.49
C ASP AA 55 51.74 41.85 -35.54
N SER AA 56 51.96 42.66 -36.58
CA SER AA 56 53.29 43.21 -36.76
C SER AA 56 53.30 44.72 -37.01
N HIS AA 57 52.25 45.43 -36.66
CA HIS AA 57 52.28 46.88 -36.77
C HIS AA 57 51.75 47.62 -35.55
N GLY AA 58 51.22 46.93 -34.56
CA GLY AA 58 50.73 47.59 -33.37
C GLY AA 58 49.32 48.11 -33.44
N VAL AA 59 48.64 47.97 -34.58
CA VAL AA 59 47.28 48.46 -34.73
C VAL AA 59 46.34 47.38 -34.24
N ALA AA 60 45.84 47.53 -33.01
CA ALA AA 60 44.94 46.55 -32.44
C ALA AA 60 43.56 46.59 -33.08
N GLN AA 61 43.06 47.78 -33.36
CA GLN AA 61 41.77 47.96 -34.02
C GLN AA 61 41.90 49.15 -34.96
N VAL AA 62 41.62 48.97 -36.25
CA VAL AA 62 41.72 50.11 -37.14
C VAL AA 62 40.51 51.02 -36.99
N ARG AA 63 39.43 50.52 -36.39
CA ARG AA 63 38.25 51.34 -36.18
C ARG AA 63 38.52 52.41 -35.14
N PHE AA 64 39.39 52.13 -34.19
CA PHE AA 64 39.74 53.11 -33.18
C PHE AA 64 40.79 54.09 -33.70
N VAL AA 65 41.61 53.66 -34.65
CA VAL AA 65 42.62 54.55 -35.20
C VAL AA 65 42.04 55.40 -36.32
N THR AA 66 41.55 54.75 -37.37
CA THR AA 66 41.10 55.49 -38.55
C THR AA 66 39.73 56.12 -38.34
N GLY AA 67 38.87 55.48 -37.57
CA GLY AA 67 37.51 55.93 -37.36
C GLY AA 67 36.46 55.08 -38.03
N ASN AA 68 36.84 54.22 -38.97
CA ASN AA 68 35.91 53.32 -39.62
C ASN AA 68 36.62 51.99 -39.89
N LYS AA 69 35.92 51.08 -40.54
CA LYS AA 69 36.34 49.69 -40.64
C LYS AA 69 37.02 49.41 -41.96
N ILE AA 70 37.61 48.22 -42.06
CA ILE AA 70 38.50 47.90 -43.18
C ILE AA 70 37.73 47.83 -44.48
N LEU AA 71 36.58 47.17 -44.48
CA LEU AA 71 35.81 47.03 -45.72
C LEU AA 71 35.24 48.36 -46.17
N ARG AA 72 34.91 49.25 -45.23
CA ARG AA 72 34.48 50.59 -45.60
C ARG AA 72 35.61 51.38 -46.26
N ILE AA 73 36.83 51.21 -45.76
CA ILE AA 73 37.99 51.87 -46.35
C ILE AA 73 38.23 51.37 -47.77
N LEU AA 74 38.18 50.05 -47.95
CA LEU AA 74 38.37 49.46 -49.27
C LEU AA 74 37.28 49.87 -50.24
N LYS AA 75 36.03 49.98 -49.74
CA LYS AA 75 34.94 50.40 -50.61
C LYS AA 75 35.07 51.86 -51.01
N SER AA 76 35.50 52.70 -50.06
CA SER AA 76 35.69 54.11 -50.38
C SER AA 76 36.82 54.31 -51.39
N LYS AA 77 37.87 53.49 -51.29
CA LYS AA 77 38.91 53.55 -52.30
C LYS AA 77 38.50 52.88 -53.61
N GLY AA 78 37.38 52.16 -53.63
CA GLY AA 78 36.93 51.54 -54.85
C GLY AA 78 37.62 50.25 -55.20
N LEU AA 79 38.17 49.55 -54.21
CA LEU AA 79 38.84 48.28 -54.46
C LEU AA 79 38.39 47.20 -53.48
N ALA AA 80 37.18 47.30 -52.97
CA ALA AA 80 36.57 46.23 -52.19
C ALA AA 80 36.22 45.05 -53.10
N PRO AA 81 36.30 43.83 -52.58
CA PRO AA 81 36.01 42.65 -53.41
C PRO AA 81 34.56 42.61 -53.87
N ASP AA 82 34.36 42.01 -55.05
CA ASP AA 82 33.05 42.00 -55.69
C ASP AA 82 32.07 41.06 -54.98
N LEU AA 83 32.55 39.94 -54.50
CA LEU AA 83 31.78 39.10 -53.59
C LEU AA 83 32.18 39.39 -52.16
N PRO AA 84 31.27 39.25 -51.21
CA PRO AA 84 31.68 39.26 -49.80
C PRO AA 84 32.56 38.05 -49.50
N GLU AA 85 33.50 38.26 -48.58
CA GLU AA 85 34.58 37.30 -48.39
C GLU AA 85 34.11 35.99 -47.76
N ASP AA 86 33.10 36.05 -46.90
CA ASP AA 86 32.63 34.84 -46.25
C ASP AA 86 31.82 33.98 -47.22
N LEU AA 87 31.02 34.61 -48.07
CA LEU AA 87 30.34 33.89 -49.13
C LEU AA 87 31.34 33.29 -50.11
N TYR AA 88 32.42 34.02 -50.39
CA TYR AA 88 33.48 33.51 -51.23
C TYR AA 88 34.11 32.26 -50.64
N HIS AA 89 34.41 32.28 -49.35
CA HIS AA 89 35.06 31.14 -48.73
C HIS AA 89 34.12 29.95 -48.64
N LEU AA 90 32.83 30.19 -48.42
CA LEU AA 90 31.88 29.10 -48.40
C LEU AA 90 31.77 28.45 -49.79
N ILE AA 91 31.77 29.26 -50.84
CA ILE AA 91 31.71 28.69 -52.18
C ILE AA 91 32.99 27.94 -52.52
N LYS AA 92 34.14 28.45 -52.07
CA LYS AA 92 35.41 27.74 -52.25
C LYS AA 92 35.39 26.37 -51.59
N LYS AA 93 34.89 26.32 -50.36
CA LYS AA 93 34.80 25.06 -49.65
C LYS AA 93 33.83 24.10 -50.33
N ALA AA 94 32.71 24.62 -50.84
CA ALA AA 94 31.74 23.80 -51.55
C ALA AA 94 32.35 23.20 -52.81
N VAL AA 95 33.13 23.99 -53.53
CA VAL AA 95 33.76 23.51 -54.75
C VAL AA 95 34.79 22.42 -54.45
N ALA AA 96 35.56 22.60 -53.37
CA ALA AA 96 36.53 21.57 -52.98
C ALA AA 96 35.84 20.26 -52.63
N VAL AA 97 34.75 20.35 -51.86
CA VAL AA 97 34.05 19.13 -51.46
C VAL AA 97 33.41 18.46 -52.67
N ARG AA 98 32.86 19.24 -53.59
CA ARG AA 98 32.20 18.66 -54.75
C ARG AA 98 33.19 17.96 -55.68
N LYS AA 99 34.38 18.54 -55.85
CA LYS AA 99 35.39 17.89 -56.67
C LYS AA 99 35.88 16.59 -56.04
N HIS AA 100 36.13 16.63 -54.72
CA HIS AA 100 36.50 15.40 -54.01
C HIS AA 100 35.40 14.36 -54.12
N LEU AA 101 34.16 14.80 -54.08
CA LEU AA 101 33.04 13.88 -54.03
C LEU AA 101 32.82 13.23 -55.39
N GLU AA 102 33.08 13.96 -56.47
CA GLU AA 102 32.96 13.34 -57.77
C GLU AA 102 34.11 12.40 -58.07
N ARG AA 103 35.28 12.56 -57.44
CA ARG AA 103 36.23 11.46 -57.61
C ARG AA 103 36.07 10.34 -56.60
N ASN AA 104 35.48 10.59 -55.42
CA ASN AA 104 35.23 9.55 -54.41
C ASN AA 104 33.73 9.49 -54.16
N ARG AA 105 33.05 8.58 -54.84
CA ARG AA 105 31.60 8.58 -54.84
C ARG AA 105 30.99 7.87 -53.63
N LYS AA 106 31.77 7.12 -52.87
CA LYS AA 106 31.24 6.37 -51.74
C LYS AA 106 31.37 7.13 -50.43
N ASP AA 107 31.77 8.40 -50.45
CA ASP AA 107 31.91 9.21 -49.24
C ASP AA 107 30.57 9.85 -48.92
N LYS AA 108 29.76 9.15 -48.12
CA LYS AA 108 28.45 9.68 -47.76
C LYS AA 108 28.57 10.78 -46.72
N ASP AA 109 29.65 10.76 -45.94
CA ASP AA 109 29.93 11.83 -45.01
C ASP AA 109 30.18 13.15 -45.73
N ALA AA 110 30.93 13.11 -46.82
CA ALA AA 110 31.15 14.32 -47.61
C ALA AA 110 29.88 14.80 -48.26
N LYS AA 111 28.99 13.89 -48.64
CA LYS AA 111 27.70 14.26 -49.18
C LYS AA 111 26.87 15.03 -48.16
N PHE AA 112 26.85 14.51 -46.92
CA PHE AA 112 26.18 15.19 -45.83
C PHE AA 112 26.78 16.56 -45.56
N ARG AA 113 28.11 16.65 -45.58
CA ARG AA 113 28.76 17.92 -45.29
C ARG AA 113 28.53 18.91 -46.41
N LEU AA 114 28.48 18.46 -47.66
CA LEU AA 114 28.20 19.34 -48.78
C LEU AA 114 26.79 19.92 -48.70
N ILE AA 115 25.84 19.10 -48.25
CA ILE AA 115 24.49 19.61 -48.00
C ILE AA 115 24.51 20.73 -46.97
N LEU AA 116 25.29 20.54 -45.90
CA LEU AA 116 25.39 21.59 -44.88
C LEU AA 116 26.02 22.87 -45.42
N ILE AA 117 27.10 22.73 -46.20
CA ILE AA 117 27.79 23.91 -46.73
C ILE AA 117 26.88 24.70 -47.67
N GLU AA 118 26.14 23.99 -48.52
CA GLU AA 118 25.28 24.68 -49.46
C GLU AA 118 24.08 25.31 -48.78
N SER AA 119 23.57 24.71 -47.71
CA SER AA 119 22.52 25.36 -46.92
C SER AA 119 23.02 26.67 -46.32
N ARG AA 120 24.25 26.68 -45.80
CA ARG AA 120 24.82 27.91 -45.27
C ARG AA 120 25.00 28.96 -46.35
N ILE AA 121 25.43 28.54 -47.54
CA ILE AA 121 25.57 29.44 -48.68
C ILE AA 121 24.24 30.11 -49.00
N HIS AA 122 23.17 29.32 -49.02
CA HIS AA 122 21.87 29.87 -49.41
C HIS AA 122 21.32 30.83 -48.38
N ARG AA 123 21.50 30.53 -47.09
CA ARG AA 123 21.08 31.46 -46.04
C ARG AA 123 21.85 32.77 -46.11
N LEU AA 124 23.17 32.68 -46.31
CA LEU AA 124 24.00 33.86 -46.42
C LEU AA 124 23.63 34.70 -47.65
N ALA AA 125 23.37 34.03 -48.77
CA ALA AA 125 23.01 34.75 -49.99
C ALA AA 125 21.67 35.43 -49.86
N ARG AA 126 20.72 34.81 -49.16
CA ARG AA 126 19.44 35.48 -48.92
C ARG AA 126 19.62 36.73 -48.08
N TYR AA 127 20.50 36.66 -47.07
CA TYR AA 127 20.79 37.86 -46.28
C TYR AA 127 21.42 38.96 -47.13
N TYR AA 128 22.41 38.60 -47.96
CA TYR AA 128 23.06 39.63 -48.76
C TYR AA 128 22.14 40.18 -49.83
N LYS AA 129 21.17 39.39 -50.29
CA LYS AA 129 20.18 39.89 -51.22
C LYS AA 129 19.27 40.93 -50.56
N THR AA 130 18.87 40.70 -49.31
CA THR AA 130 18.01 41.68 -48.66
C THR AA 130 18.72 43.00 -48.41
N LYS AA 131 20.05 42.99 -48.27
CA LYS AA 131 20.79 44.20 -47.96
C LYS AA 131 21.39 44.85 -49.20
N ARG AA 132 21.02 44.37 -50.39
CA ARG AA 132 21.45 44.92 -51.68
C ARG AA 132 22.97 44.91 -51.86
N VAL AA 133 23.64 43.94 -51.22
CA VAL AA 133 25.04 43.73 -51.50
C VAL AA 133 25.21 42.83 -52.72
N LEU AA 134 24.28 41.94 -52.94
CA LEU AA 134 24.25 41.10 -54.12
C LEU AA 134 23.13 41.55 -55.04
N PRO AA 135 23.26 41.31 -56.35
CA PRO AA 135 22.15 41.59 -57.24
C PRO AA 135 20.97 40.70 -56.91
N PRO AA 136 19.74 41.18 -57.15
CA PRO AA 136 18.57 40.37 -56.82
C PRO AA 136 18.44 39.11 -57.65
N ASN AA 137 19.10 39.03 -58.81
CA ASN AA 137 19.07 37.84 -59.64
C ASN AA 137 20.22 36.89 -59.36
N TRP AA 138 21.05 37.19 -58.35
CA TRP AA 138 22.18 36.34 -58.02
C TRP AA 138 21.68 34.99 -57.55
N LYS AA 139 22.42 33.94 -57.92
CA LYS AA 139 22.00 32.60 -57.56
C LYS AA 139 23.22 31.71 -57.57
N TYR AA 140 23.42 30.98 -56.49
CA TYR AA 140 24.52 30.04 -56.42
C TYR AA 140 24.20 28.85 -57.31
N GLU AA 141 24.82 28.81 -58.48
CA GLU AA 141 24.71 27.65 -59.37
C GLU AA 141 25.94 26.79 -59.13
N SER AA 142 25.72 25.51 -58.86
CA SER AA 142 26.84 24.62 -58.59
C SER AA 142 27.68 24.39 -59.84
N SER AA 143 27.06 24.45 -61.01
CA SER AA 143 27.75 24.11 -62.26
C SER AA 143 28.74 25.18 -62.70
N THR AA 144 28.53 26.44 -62.33
CA THR AA 144 29.42 27.52 -62.75
C THR AA 144 30.14 28.17 -61.58
N ALA AA 145 30.12 27.57 -60.41
CA ALA AA 145 30.67 28.22 -59.23
C ALA AA 145 32.19 28.19 -59.22
N SER AA 146 32.79 27.18 -59.85
CA SER AA 146 34.24 27.02 -59.75
C SER AA 146 34.98 28.11 -60.51
N ALA AA 147 34.37 28.63 -61.58
CA ALA AA 147 34.99 29.71 -62.33
C ALA AA 147 34.96 31.03 -61.57
N LEU AA 148 34.23 31.09 -60.47
CA LEU AA 148 34.11 32.29 -59.67
C LEU AA 148 35.13 32.35 -58.55
N VAL AA 149 35.75 31.22 -58.23
CA VAL AA 149 36.46 31.08 -56.98
C VAL AA 149 37.78 30.39 -57.24
N ALA AA 150 38.77 30.72 -56.41
CA ALA AA 150 40.11 30.10 -56.40
C ALA AA 150 40.83 30.20 -57.75
N GLU BA 1 67.58 -52.33 -20.67
CA GLU BA 1 68.80 -51.61 -21.07
C GLU BA 1 70.02 -52.48 -20.81
N GLN BA 2 70.96 -52.53 -21.77
CA GLN BA 2 70.86 -51.80 -23.03
C GLN BA 2 70.63 -52.78 -24.18
N VAL BA 3 70.13 -52.27 -25.31
CA VAL BA 3 69.66 -53.14 -26.38
C VAL BA 3 70.82 -53.84 -27.13
N ILE BA 4 71.79 -53.11 -27.72
CA ILE BA 4 72.19 -51.70 -27.58
C ILE BA 4 71.89 -50.88 -28.83
N SER BA 5 71.26 -51.52 -29.82
CA SER BA 5 70.95 -50.81 -31.07
C SER BA 5 69.91 -49.73 -30.85
N LEU BA 6 68.83 -50.04 -30.14
CA LEU BA 6 67.86 -49.03 -29.78
C LEU BA 6 68.42 -48.15 -28.66
N GLY BA 7 68.54 -46.85 -28.96
CA GLY BA 7 69.13 -45.91 -28.03
C GLY BA 7 70.44 -45.36 -28.53
N PRO BA 8 70.67 -44.07 -28.29
CA PRO BA 8 71.92 -43.45 -28.72
C PRO BA 8 73.09 -43.91 -27.86
N GLN BA 9 74.27 -43.88 -28.46
CA GLN BA 9 75.51 -44.27 -27.77
C GLN BA 9 76.07 -43.02 -27.11
N VAL BA 10 75.77 -42.86 -25.82
CA VAL BA 10 76.06 -41.64 -25.09
C VAL BA 10 76.93 -41.97 -23.88
N ALA BA 11 77.24 -40.94 -23.10
CA ALA BA 11 77.96 -41.10 -21.84
C ALA BA 11 76.98 -41.56 -20.76
N GLU BA 12 77.45 -41.64 -19.52
CA GLU BA 12 76.59 -42.08 -18.44
C GLU BA 12 76.04 -40.93 -17.60
N GLY BA 13 76.68 -39.76 -17.64
CA GLY BA 13 76.21 -38.65 -16.84
C GLY BA 13 75.27 -37.72 -17.59
N GLU BA 14 75.60 -37.41 -18.84
CA GLU BA 14 74.78 -36.47 -19.59
C GLU BA 14 73.56 -37.17 -20.17
N ASN BA 15 72.50 -36.40 -20.40
CA ASN BA 15 71.20 -36.94 -20.74
C ASN BA 15 70.72 -36.43 -22.10
N VAL BA 16 69.92 -37.27 -22.77
CA VAL BA 16 69.41 -36.99 -24.10
C VAL BA 16 67.96 -36.55 -23.99
N PHE BA 17 67.59 -35.55 -24.77
CA PHE BA 17 66.33 -34.85 -24.61
C PHE BA 17 65.32 -35.23 -25.68
N GLY BA 18 64.04 -35.15 -25.31
CA GLY BA 18 62.96 -35.18 -26.27
C GLY BA 18 61.97 -34.07 -25.93
N VAL BA 19 60.92 -33.99 -26.73
CA VAL BA 19 59.85 -33.03 -26.52
C VAL BA 19 58.57 -33.82 -26.27
N CYS BA 20 57.87 -33.49 -25.21
CA CYS BA 20 56.60 -34.14 -24.88
C CYS BA 20 55.47 -33.15 -25.14
N HIS BA 21 54.74 -33.37 -26.23
CA HIS BA 21 53.58 -32.53 -26.57
C HIS BA 21 52.37 -33.09 -25.84
N ILE BA 22 51.93 -32.40 -24.81
CA ILE BA 22 50.76 -32.83 -24.04
C ILE BA 22 49.58 -32.00 -24.50
N PHE BA 23 48.72 -32.60 -25.31
CA PHE BA 23 47.44 -32.00 -25.69
C PHE BA 23 46.43 -32.47 -24.66
N ALA BA 24 46.14 -31.62 -23.70
CA ALA BA 24 45.16 -31.92 -22.66
C ALA BA 24 43.94 -31.06 -22.94
N SER BA 25 43.01 -31.60 -23.69
CA SER BA 25 41.74 -30.94 -23.92
C SER BA 25 40.70 -31.52 -23.00
N PHE BA 26 39.48 -31.03 -23.13
CA PHE BA 26 38.35 -31.79 -22.64
C PHE BA 26 38.06 -32.86 -23.67
N ASN BA 27 37.46 -33.95 -23.22
CA ASN BA 27 37.12 -35.18 -23.90
C ASN BA 27 38.31 -36.09 -24.20
N ASP BA 28 39.56 -35.70 -23.92
CA ASP BA 28 40.73 -36.55 -24.19
C ASP BA 28 42.00 -35.87 -23.70
N THR BA 29 43.08 -36.66 -23.66
CA THR BA 29 44.42 -36.16 -23.41
C THR BA 29 45.42 -36.95 -24.25
N PHE BA 30 46.51 -36.29 -24.65
CA PHE BA 30 47.55 -36.88 -25.50
C PHE BA 30 48.89 -36.72 -24.81
N VAL BA 31 49.73 -37.76 -24.83
CA VAL BA 31 51.02 -37.71 -24.15
C VAL BA 31 52.10 -38.01 -25.21
N HIS BA 32 51.89 -37.46 -26.41
CA HIS BA 32 52.85 -37.58 -27.52
C HIS BA 32 54.26 -37.15 -27.12
N VAL BA 33 55.26 -37.97 -27.46
CA VAL BA 33 56.67 -37.65 -27.25
C VAL BA 33 57.39 -37.75 -28.58
N THR BA 34 58.15 -36.72 -28.94
CA THR BA 34 58.91 -36.69 -30.17
C THR BA 34 60.39 -36.50 -29.90
N ASP BA 35 61.20 -36.37 -30.96
CA ASP BA 35 62.58 -35.97 -30.83
C ASP BA 35 62.64 -34.44 -30.72
N LEU BA 36 63.85 -33.87 -30.77
CA LEU BA 36 64.01 -32.44 -30.54
C LEU BA 36 63.39 -31.62 -31.66
N SER BA 37 63.50 -32.09 -32.90
CA SER BA 37 62.88 -31.41 -34.02
C SER BA 37 61.36 -31.53 -33.98
N GLY BA 38 60.83 -32.58 -33.39
CA GLY BA 38 59.42 -32.84 -33.43
C GLY BA 38 58.96 -33.62 -34.65
N LYS BA 39 59.86 -33.94 -35.57
CA LYS BA 39 59.50 -34.65 -36.78
C LYS BA 39 59.48 -36.16 -36.60
N GLU BA 40 60.25 -36.70 -35.65
CA GLU BA 40 60.27 -38.13 -35.38
C GLU BA 40 59.51 -38.40 -34.09
N THR BA 41 58.50 -39.26 -34.18
CA THR BA 41 57.71 -39.65 -33.02
C THR BA 41 58.37 -40.83 -32.33
N ILE BA 42 58.59 -40.71 -31.03
CA ILE BA 42 59.07 -41.83 -30.23
C ILE BA 42 57.93 -42.69 -29.73
N CYS BA 43 56.96 -42.07 -29.05
CA CYS BA 43 55.81 -42.80 -28.53
C CYS BA 43 54.62 -41.86 -28.49
N ARG BA 44 53.43 -42.43 -28.52
CA ARG BA 44 52.21 -41.65 -28.35
C ARG BA 44 51.15 -42.53 -27.70
N VAL BA 45 50.78 -42.19 -26.47
CA VAL BA 45 49.68 -42.84 -25.77
C VAL BA 45 48.67 -41.77 -25.41
N THR BA 46 47.40 -42.05 -25.68
CA THR BA 46 46.31 -41.15 -25.37
C THR BA 46 45.49 -41.72 -24.23
N GLY BA 47 44.65 -40.87 -23.64
CA GLY BA 47 43.82 -41.30 -22.53
C GLY BA 47 42.80 -42.36 -22.91
N GLY BA 48 42.30 -42.31 -24.14
CA GLY BA 48 41.33 -43.28 -24.60
C GLY BA 48 41.91 -44.63 -24.94
N MET BA 49 43.22 -44.75 -24.90
CA MET BA 49 43.89 -46.04 -25.07
C MET BA 49 43.92 -46.84 -23.77
N LYS BA 50 43.54 -46.24 -22.65
CA LYS BA 50 43.68 -46.89 -21.35
C LYS BA 50 42.35 -47.20 -20.68
N VAL BA 51 41.28 -46.50 -21.03
CA VAL BA 51 39.98 -46.73 -20.43
C VAL BA 51 39.00 -47.14 -21.51
N LYS BA 52 37.97 -47.88 -21.11
CA LYS BA 52 36.95 -48.36 -22.03
C LYS BA 52 35.58 -47.87 -21.60
N ALA BA 53 35.52 -46.63 -21.11
CA ALA BA 53 34.27 -46.07 -20.63
C ALA BA 53 33.80 -44.83 -21.38
N ASP BA 54 34.64 -44.21 -22.20
CA ASP BA 54 34.28 -43.22 -23.22
C ASP BA 54 33.79 -41.89 -22.62
N ARG BA 55 33.71 -41.81 -21.30
CA ARG BA 55 33.40 -40.56 -20.62
C ARG BA 55 34.54 -40.09 -19.74
N ASP BA 56 35.52 -40.95 -19.50
CA ASP BA 56 36.67 -40.64 -18.67
C ASP BA 56 37.97 -40.74 -19.46
N GLU BA 57 37.90 -40.51 -20.78
CA GLU BA 57 39.12 -40.35 -21.54
C GLU BA 57 39.87 -39.09 -21.11
N SER BA 58 39.15 -38.11 -20.56
CA SER BA 58 39.74 -36.89 -20.07
C SER BA 58 39.94 -36.89 -18.56
N SER BA 59 39.72 -38.02 -17.91
CA SER BA 59 39.94 -38.10 -16.47
C SER BA 59 41.43 -38.06 -16.14
N PRO BA 60 41.80 -37.55 -14.96
CA PRO BA 60 43.21 -37.52 -14.57
C PRO BA 60 43.85 -38.89 -14.44
N TYR BA 61 43.08 -39.91 -14.06
CA TYR BA 61 43.63 -41.26 -13.91
C TYR BA 61 44.12 -41.81 -15.24
N ALA BA 62 43.33 -41.64 -16.30
CA ALA BA 62 43.73 -42.13 -17.61
C ALA BA 62 44.94 -41.36 -18.13
N ALA BA 63 45.03 -40.07 -17.84
CA ALA BA 63 46.21 -39.30 -18.21
C ALA BA 63 47.44 -39.81 -17.48
N MET BA 64 47.29 -40.16 -16.20
CA MET BA 64 48.41 -40.72 -15.46
C MET BA 64 48.87 -42.05 -16.05
N LEU BA 65 47.92 -42.91 -16.41
CA LEU BA 65 48.28 -44.20 -16.98
C LEU BA 65 48.98 -44.04 -18.33
N ALA BA 66 48.48 -43.12 -19.16
CA ALA BA 66 49.13 -42.84 -20.43
C ALA BA 66 50.53 -42.30 -20.24
N ALA BA 67 50.71 -41.41 -19.26
CA ALA BA 67 52.03 -40.85 -19.00
C ALA BA 67 53.01 -41.91 -18.52
N GLN BA 68 52.53 -42.85 -17.70
CA GLN BA 68 53.41 -43.93 -17.24
C GLN BA 68 53.84 -44.83 -18.38
N ASP BA 69 52.92 -45.18 -19.28
CA ASP BA 69 53.27 -46.03 -20.40
C ASP BA 69 54.26 -45.32 -21.34
N VAL BA 70 54.02 -44.03 -21.60
CA VAL BA 70 54.94 -43.23 -22.41
C VAL BA 70 56.32 -43.17 -21.77
N ALA BA 71 56.37 -42.98 -20.46
CA ALA BA 71 57.66 -42.89 -19.78
C ALA BA 71 58.42 -44.20 -19.87
N GLN BA 72 57.72 -45.33 -19.73
CA GLN BA 72 58.41 -46.62 -19.81
C GLN BA 72 58.96 -46.86 -21.22
N ARG BA 73 58.17 -46.55 -22.25
CA ARG BA 73 58.65 -46.77 -23.62
C ARG BA 73 59.82 -45.85 -23.96
N CYS BA 74 59.72 -44.58 -23.58
CA CYS BA 74 60.80 -43.64 -23.90
C CYS BA 74 62.04 -43.96 -23.10
N LYS BA 75 61.87 -44.55 -21.92
CA LYS BA 75 63.02 -44.96 -21.13
C LYS BA 75 63.73 -46.13 -21.79
N GLU BA 76 62.96 -47.07 -22.38
CA GLU BA 76 63.65 -48.17 -23.03
C GLU BA 76 64.19 -47.80 -24.41
N LEU BA 77 63.76 -46.67 -24.98
CA LEU BA 77 64.42 -46.16 -26.19
C LEU BA 77 65.62 -45.27 -25.91
N GLY BA 78 65.95 -45.00 -24.66
CA GLY BA 78 67.15 -44.27 -24.30
C GLY BA 78 66.91 -42.82 -23.93
N ILE BA 79 65.74 -42.27 -24.27
CA ILE BA 79 65.41 -40.91 -23.87
C ILE BA 79 65.30 -40.83 -22.37
N THR BA 80 65.96 -39.85 -21.78
CA THR BA 80 65.97 -39.68 -20.34
C THR BA 80 65.42 -38.35 -19.86
N ALA BA 81 65.41 -37.31 -20.70
CA ALA BA 81 64.92 -36.01 -20.32
C ALA BA 81 63.89 -35.53 -21.33
N LEU BA 82 63.03 -34.61 -20.89
CA LEU BA 82 61.94 -34.14 -21.74
C LEU BA 82 61.72 -32.65 -21.56
N HIS BA 83 61.56 -31.95 -22.67
CA HIS BA 83 60.96 -30.63 -22.66
C HIS BA 83 59.46 -30.80 -22.83
N ILE BA 84 58.68 -29.95 -22.14
CA ILE BA 84 57.24 -30.09 -22.10
C ILE BA 84 56.59 -28.96 -22.90
N LYS BA 85 55.66 -29.33 -23.77
CA LYS BA 85 54.88 -28.37 -24.55
C LYS BA 85 53.41 -28.59 -24.26
N LEU BA 86 52.86 -27.82 -23.33
CA LEU BA 86 51.48 -27.99 -22.91
C LEU BA 86 50.53 -27.25 -23.85
N ARG BA 87 49.35 -27.82 -24.05
CA ARG BA 87 48.45 -27.32 -25.09
C ARG BA 87 46.99 -27.60 -24.71
N ALA BA 88 46.13 -26.60 -24.91
CA ALA BA 88 44.68 -26.74 -24.87
C ALA BA 88 44.15 -26.78 -26.31
N THR BA 89 42.83 -26.91 -26.45
CA THR BA 89 42.23 -26.92 -27.79
C THR BA 89 42.54 -25.63 -28.53
N GLY BA 90 42.22 -24.50 -27.93
CA GLY BA 90 42.66 -23.23 -28.43
C GLY BA 90 42.03 -22.86 -29.76
N GLY BA 91 42.64 -21.89 -30.40
CA GLY BA 91 42.07 -21.31 -31.59
C GLY BA 91 40.75 -20.65 -31.25
N ASN BA 92 39.71 -21.15 -31.88
CA ASN BA 92 38.37 -20.59 -31.68
C ASN BA 92 37.83 -20.92 -30.30
N ARG BA 93 38.11 -22.11 -29.81
CA ARG BA 93 37.56 -22.73 -28.63
C ARG BA 93 38.42 -22.39 -27.41
N THR BA 94 38.20 -23.10 -26.31
CA THR BA 94 38.72 -22.74 -24.99
C THR BA 94 40.25 -22.73 -24.95
N LYS BA 95 40.79 -21.86 -24.11
CA LYS BA 95 42.23 -21.74 -23.93
C LYS BA 95 42.71 -22.33 -22.62
N THR BA 96 41.82 -22.82 -21.77
CA THR BA 96 42.21 -23.50 -20.55
C THR BA 96 42.54 -24.95 -20.85
N PRO BA 97 43.69 -25.45 -20.41
CA PRO BA 97 43.99 -26.87 -20.60
C PRO BA 97 43.05 -27.74 -19.79
N GLY BA 98 42.83 -28.95 -20.27
CA GLY BA 98 41.83 -29.82 -19.72
C GLY BA 98 42.23 -30.45 -18.39
N PRO BA 99 41.41 -31.37 -17.91
CA PRO BA 99 41.68 -31.98 -16.60
C PRO BA 99 42.88 -32.93 -16.57
N GLY BA 100 43.44 -33.29 -17.71
CA GLY BA 100 44.49 -34.28 -17.73
C GLY BA 100 45.90 -33.76 -17.83
N ALA BA 101 46.10 -32.45 -17.85
CA ALA BA 101 47.45 -31.92 -17.87
C ALA BA 101 48.17 -32.17 -16.55
N GLN BA 102 47.43 -32.03 -15.46
CA GLN BA 102 47.88 -32.19 -14.08
C GLN BA 102 48.61 -33.49 -13.86
N SER BA 103 47.86 -34.57 -14.01
CA SER BA 103 48.37 -35.88 -13.65
C SER BA 103 49.35 -36.39 -14.69
N ALA BA 104 49.21 -35.98 -15.95
CA ALA BA 104 50.17 -36.39 -16.96
C ALA BA 104 51.55 -35.83 -16.67
N LEU BA 105 51.62 -34.53 -16.38
CA LEU BA 105 52.91 -33.92 -16.07
C LEU BA 105 53.49 -34.47 -14.77
N ARG BA 106 52.64 -34.61 -13.75
CA ARG BA 106 53.08 -35.21 -12.48
C ARG BA 106 53.59 -36.62 -12.67
N ALA BA 107 52.92 -37.43 -13.48
CA ALA BA 107 53.29 -38.82 -13.64
C ALA BA 107 54.55 -38.96 -14.47
N LEU BA 108 54.75 -38.08 -15.44
CA LEU BA 108 56.02 -38.07 -16.16
C LEU BA 108 57.17 -37.76 -15.23
N ALA BA 109 56.98 -36.78 -14.34
CA ALA BA 109 58.05 -36.45 -13.40
C ALA BA 109 58.29 -37.58 -12.40
N ARG BA 110 57.22 -38.20 -11.90
CA ARG BA 110 57.36 -39.22 -10.88
C ARG BA 110 57.74 -40.57 -11.44
N SER BA 111 57.66 -40.76 -12.75
CA SER BA 111 58.02 -42.05 -13.33
C SER BA 111 59.52 -42.16 -13.60
N GLY BA 112 60.30 -41.15 -13.28
CA GLY BA 112 61.74 -41.27 -13.41
C GLY BA 112 62.29 -40.54 -14.60
N MET BA 113 61.63 -39.46 -14.99
CA MET BA 113 62.05 -38.65 -16.14
C MET BA 113 62.54 -37.30 -15.67
N LYS BA 114 63.58 -36.80 -16.32
CA LYS BA 114 64.10 -35.48 -16.03
C LYS BA 114 63.33 -34.45 -16.84
N ILE BA 115 63.00 -33.33 -16.21
CA ILE BA 115 62.13 -32.32 -16.80
C ILE BA 115 62.98 -31.13 -17.22
N GLY BA 116 62.80 -30.70 -18.47
CA GLY BA 116 63.53 -29.55 -18.98
C GLY BA 116 62.72 -28.27 -18.92
N ARG BA 117 62.50 -27.66 -20.07
CA ARG BA 117 61.71 -26.44 -20.15
C ARG BA 117 60.23 -26.76 -20.31
N ILE BA 118 59.39 -25.93 -19.72
CA ILE BA 118 57.94 -26.04 -19.83
C ILE BA 118 57.44 -24.80 -20.55
N GLU BA 119 56.51 -24.99 -21.49
CA GLU BA 119 56.01 -23.89 -22.28
C GLU BA 119 54.59 -24.20 -22.74
N ASP BA 120 53.82 -23.15 -22.95
CA ASP BA 120 52.46 -23.25 -23.47
C ASP BA 120 52.46 -22.99 -24.97
N VAL BA 121 51.88 -23.91 -25.73
CA VAL BA 121 51.87 -23.78 -27.19
C VAL BA 121 50.45 -23.81 -27.73
N THR BA 122 49.50 -23.37 -26.91
CA THR BA 122 48.11 -23.29 -27.35
C THR BA 122 47.97 -22.31 -28.51
N PRO BA 123 47.25 -22.66 -29.56
CA PRO BA 123 47.07 -21.75 -30.70
C PRO BA 123 46.17 -20.57 -30.34
N ILE BA 124 46.72 -19.37 -30.42
CA ILE BA 124 46.01 -18.15 -30.07
C ILE BA 124 45.79 -17.35 -31.34
N PRO BA 125 44.54 -17.14 -31.77
CA PRO BA 125 44.31 -16.34 -32.96
C PRO BA 125 44.29 -14.85 -32.67
N SER BA 126 44.55 -14.08 -33.71
CA SER BA 126 44.39 -12.63 -33.68
C SER BA 126 42.98 -12.24 -34.12
N ASP BA 127 41.99 -12.73 -33.39
CA ASP BA 127 40.56 -12.55 -33.64
C ASP BA 127 40.17 -13.04 -35.04
N SER BA 128 40.17 -14.35 -35.20
CA SER BA 128 39.76 -14.98 -36.45
C SER BA 128 38.53 -15.87 -36.27
N THR BA 129 37.84 -16.13 -37.40
CA THR BA 129 37.05 -17.33 -37.68
C THR BA 129 35.96 -17.74 -36.70
N ARG BA 130 34.79 -17.11 -36.79
CA ARG BA 130 33.61 -17.25 -35.93
C ARG BA 130 33.28 -18.64 -35.38
N ARG BA 131 33.00 -18.72 -34.09
CA ARG BA 131 32.78 -19.93 -33.30
C ARG BA 131 31.36 -20.46 -33.46
N LYS BA 132 31.17 -21.74 -33.14
CA LYS BA 132 29.86 -22.38 -33.22
C LYS BA 132 29.17 -22.36 -31.86
N GLY BA 133 28.15 -21.52 -31.72
CA GLY BA 133 27.06 -21.86 -30.84
C GLY BA 133 25.76 -21.32 -31.38
N GLY BA 134 25.84 -20.61 -32.48
CA GLY BA 134 24.84 -19.62 -32.79
C GLY BA 134 25.06 -18.38 -31.94
N ARG BA 135 24.15 -17.44 -32.07
CA ARG BA 135 24.29 -16.18 -31.38
C ARG BA 135 23.93 -16.28 -29.90
N ARG BA 136 23.02 -17.17 -29.56
CA ARG BA 136 22.56 -17.36 -28.20
C ARG BA 136 23.35 -18.42 -27.46
N GLY BA 137 24.34 -19.00 -28.09
CA GLY BA 137 25.15 -20.00 -27.46
C GLY BA 137 24.41 -21.32 -27.36
N ARG BA 138 25.00 -22.25 -26.61
CA ARG BA 138 24.37 -23.54 -26.40
C ARG BA 138 23.50 -23.46 -25.15
N ARG BA 139 22.20 -23.64 -25.33
CA ARG BA 139 21.24 -23.48 -24.25
C ARG BA 139 20.99 -24.84 -23.60
N LEU BA 140 22.00 -25.31 -22.88
CA LEU BA 140 21.84 -26.52 -22.11
C LEU BA 140 20.97 -26.22 -20.88
N VAL CA 1 17.48 33.17 -29.60
CA VAL CA 1 17.83 32.13 -28.63
C VAL CA 1 17.57 32.64 -27.21
N ARG CA 2 17.72 33.93 -26.99
CA ARG CA 2 17.27 34.60 -25.78
C ARG CA 2 16.28 35.65 -26.25
N MET CA 3 15.01 35.30 -26.28
CA MET CA 3 13.99 36.16 -26.85
C MET CA 3 13.51 37.23 -25.88
N ASN CA 4 13.83 37.10 -24.59
CA ASN CA 4 13.26 37.97 -23.56
C ASN CA 4 14.33 38.18 -22.49
N VAL CA 5 14.82 39.42 -22.36
CA VAL CA 5 15.81 39.68 -21.33
C VAL CA 5 15.13 39.94 -19.98
N LEU CA 6 13.90 40.46 -20.00
CA LEU CA 6 13.19 40.70 -18.75
C LEU CA 6 12.82 39.38 -18.07
N ALA CA 7 12.46 38.38 -18.86
CA ALA CA 7 12.12 37.07 -18.31
C ALA CA 7 13.31 36.45 -17.60
N ASP CA 8 14.48 36.52 -18.22
CA ASP CA 8 15.66 35.93 -17.62
C ASP CA 8 16.12 36.72 -16.41
N ALA CA 9 15.95 38.05 -16.44
CA ALA CA 9 16.31 38.86 -15.29
C ALA CA 9 15.45 38.52 -14.08
N LEU CA 10 14.13 38.42 -14.29
CA LEU CA 10 13.24 38.14 -13.17
C LEU CA 10 13.37 36.71 -12.69
N LYS CA 11 13.69 35.77 -13.59
CA LYS CA 11 13.97 34.41 -13.16
C LYS CA 11 15.23 34.34 -12.31
N SER CA 12 16.28 35.08 -12.68
CA SER CA 12 17.51 35.09 -11.88
C SER CA 12 17.26 35.69 -10.52
N ILE CA 13 16.52 36.80 -10.46
CA ILE CA 13 16.16 37.43 -9.19
C ILE CA 13 15.38 36.45 -8.32
N ASN CA 14 14.41 35.76 -8.92
CA ASN CA 14 13.58 34.83 -8.18
C ASN CA 14 14.38 33.66 -7.62
N ASN CA 15 15.25 33.07 -8.45
CA ASN CA 15 16.03 31.92 -8.01
C ASN CA 15 17.00 32.28 -6.91
N ALA CA 16 17.69 33.41 -7.04
CA ALA CA 16 18.66 33.78 -6.02
C ALA CA 16 17.99 34.24 -4.75
N GLU CA 17 16.80 34.86 -4.85
CA GLU CA 17 16.03 35.18 -3.67
C GLU CA 17 15.57 33.92 -2.94
N LYS CA 18 15.19 32.89 -3.69
CA LYS CA 18 14.78 31.65 -3.06
C LYS CA 18 15.97 30.91 -2.45
N ARG CA 19 17.18 31.14 -2.95
CA ARG CA 19 18.34 30.50 -2.36
C ARG CA 19 18.84 31.23 -1.10
N GLY CA 20 18.29 32.39 -0.78
CA GLY CA 20 18.73 33.13 0.38
C GLY CA 20 19.90 34.06 0.16
N LYS CA 21 20.27 34.33 -1.08
CA LYS CA 21 21.44 35.13 -1.38
C LYS CA 21 21.17 36.61 -1.14
N ARG CA 22 22.26 37.37 -1.06
CA ARG CA 22 22.17 38.78 -0.69
C ARG CA 22 22.37 39.73 -1.87
N GLN CA 23 22.98 39.28 -2.95
CA GLN CA 23 23.12 40.08 -4.16
C GLN CA 23 22.94 39.19 -5.38
N VAL CA 24 22.48 39.79 -6.47
CA VAL CA 24 22.26 39.07 -7.73
C VAL CA 24 22.97 39.85 -8.82
N LEU CA 25 23.63 39.16 -9.74
CA LEU CA 25 24.13 39.76 -10.96
C LEU CA 25 23.18 39.40 -12.09
N ILE CA 26 22.58 40.41 -12.70
CA ILE CA 26 21.67 40.24 -13.83
C ILE CA 26 22.44 40.53 -15.10
N ARG CA 27 22.58 39.54 -15.97
CA ARG CA 27 23.68 39.60 -16.91
C ARG CA 27 23.43 40.49 -18.12
N PRO CA 28 22.35 40.35 -18.92
CA PRO CA 28 22.10 41.40 -19.90
C PRO CA 28 21.14 42.47 -19.37
N CYS CA 29 21.45 43.72 -19.63
CA CYS CA 29 20.72 44.85 -19.10
C CYS CA 29 19.91 45.53 -20.19
N SER CA 30 18.81 46.14 -19.79
CA SER CA 30 17.99 46.96 -20.68
C SER CA 30 17.19 47.93 -19.84
N LYS CA 31 16.65 48.95 -20.48
CA LYS CA 31 15.95 49.96 -19.71
C LYS CA 31 14.58 49.49 -19.25
N VAL CA 32 14.00 48.49 -19.89
CA VAL CA 32 12.78 47.87 -19.35
C VAL CA 32 13.09 47.20 -18.03
N ILE CA 33 14.23 46.53 -17.94
CA ILE CA 33 14.69 45.92 -16.69
C ILE CA 33 14.89 46.99 -15.63
N VAL CA 34 15.46 48.14 -16.01
CA VAL CA 34 15.72 49.19 -15.05
C VAL CA 34 14.41 49.82 -14.55
N ARG CA 35 13.44 50.01 -15.45
CA ARG CA 35 12.17 50.58 -15.01
C ARG CA 35 11.38 49.61 -14.13
N PHE CA 36 11.42 48.32 -14.47
CA PHE CA 36 10.79 47.31 -13.63
C PHE CA 36 11.43 47.28 -12.25
N LEU CA 37 12.76 47.32 -12.19
CA LEU CA 37 13.45 47.32 -10.91
C LEU CA 37 13.19 48.59 -10.14
N THR CA 38 13.01 49.71 -10.82
CA THR CA 38 12.72 50.96 -10.13
C THR CA 38 11.33 50.92 -9.50
N VAL CA 39 10.36 50.31 -10.18
CA VAL CA 39 9.05 50.11 -9.55
C VAL CA 39 9.17 49.22 -8.32
N MET CA 40 9.87 48.10 -8.47
CA MET CA 40 10.04 47.12 -7.39
C MET CA 40 10.78 47.73 -6.20
N MET CA 41 11.74 48.61 -6.47
CA MET CA 41 12.53 49.25 -5.44
C MET CA 41 11.81 50.41 -4.78
N LYS CA 42 10.95 51.12 -5.53
CA LYS CA 42 10.15 52.16 -4.91
C LYS CA 42 9.09 51.57 -4.01
N HIS CA 43 8.62 50.36 -4.31
CA HIS CA 43 7.62 49.76 -3.44
C HIS CA 43 8.22 49.00 -2.26
N GLY CA 44 9.53 48.91 -2.16
CA GLY CA 44 10.15 48.36 -0.98
C GLY CA 44 10.48 46.89 -1.02
N TYR CA 45 10.49 46.26 -2.19
CA TYR CA 45 10.72 44.83 -2.25
C TYR CA 45 12.17 44.46 -2.48
N ILE CA 46 12.96 45.33 -3.11
CA ILE CA 46 14.38 45.11 -3.28
C ILE CA 46 15.13 46.32 -2.75
N GLY CA 47 16.44 46.20 -2.70
CA GLY CA 47 17.28 47.25 -2.19
C GLY CA 47 17.86 48.09 -3.30
N GLU CA 48 19.05 48.62 -3.05
CA GLU CA 48 19.76 49.39 -4.05
C GLU CA 48 20.18 48.49 -5.21
N PHE CA 49 20.41 49.09 -6.36
CA PHE CA 49 21.04 48.34 -7.42
C PHE CA 49 21.95 49.25 -8.21
N GLU CA 50 22.91 48.65 -8.88
CA GLU CA 50 23.97 49.37 -9.56
C GLU CA 50 24.16 48.80 -10.95
N ILE CA 51 24.20 49.68 -11.93
CA ILE CA 51 24.39 49.30 -13.33
C ILE CA 51 25.87 49.41 -13.65
N ILE CA 52 26.43 48.36 -14.24
CA ILE CA 52 27.83 48.30 -14.57
C ILE CA 52 27.97 48.54 -16.06
N ASP CA 53 28.69 49.59 -16.43
CA ASP CA 53 28.77 50.01 -17.82
C ASP CA 53 30.03 49.37 -18.42
N ASP CA 54 29.84 48.33 -19.20
CA ASP CA 54 30.74 48.02 -20.30
C ASP CA 54 30.07 48.51 -21.57
N HIS CA 55 30.82 48.57 -22.65
CA HIS CA 55 30.30 49.22 -23.83
C HIS CA 55 29.36 48.35 -24.64
N ARG CA 56 29.13 47.13 -24.18
CA ARG CA 56 28.04 46.27 -24.61
C ARG CA 56 26.82 46.57 -23.76
N ALA CA 57 25.80 45.70 -23.82
CA ALA CA 57 24.74 45.78 -22.84
C ALA CA 57 25.30 45.56 -21.45
N GLY CA 58 24.83 46.34 -20.49
CA GLY CA 58 25.46 46.37 -19.19
C GLY CA 58 25.10 45.17 -18.33
N LYS CA 59 25.42 45.30 -17.05
CA LYS CA 59 25.07 44.34 -16.03
C LYS CA 59 24.53 45.09 -14.83
N ILE CA 60 23.71 44.42 -14.03
CA ILE CA 60 23.10 45.04 -12.86
C ILE CA 60 23.38 44.15 -11.66
N VAL CA 61 23.84 44.75 -10.57
CA VAL CA 61 24.02 44.05 -9.30
C VAL CA 61 22.95 44.55 -8.36
N VAL CA 62 22.01 43.69 -8.01
CA VAL CA 62 20.83 44.05 -7.23
C VAL CA 62 21.04 43.59 -5.79
N ASN CA 63 20.72 44.45 -4.83
CA ASN CA 63 20.74 44.09 -3.43
C ASN CA 63 19.37 43.58 -3.02
N LEU CA 64 19.32 42.38 -2.48
CA LEU CA 64 18.06 41.80 -2.04
C LEU CA 64 17.83 42.05 -0.56
N THR CA 65 16.56 42.07 -0.18
CA THR CA 65 16.17 42.41 1.17
C THR CA 65 15.54 41.27 1.95
N GLY CA 66 15.10 40.21 1.28
CA GLY CA 66 14.34 39.17 1.94
C GLY CA 66 12.84 39.36 1.91
N ARG CA 67 12.35 40.36 1.20
CA ARG CA 67 10.92 40.67 1.16
C ARG CA 67 10.25 40.22 -0.11
N LEU CA 68 10.91 39.42 -0.93
CA LEU CA 68 10.39 39.05 -2.23
C LEU CA 68 9.94 37.60 -2.23
N ASN CA 69 8.77 37.36 -2.82
CA ASN CA 69 8.25 36.01 -2.97
C ASN CA 69 8.37 35.49 -4.39
N LYS CA 70 7.95 36.28 -5.37
CA LYS CA 70 7.82 35.85 -6.74
C LYS CA 70 7.74 37.10 -7.59
N CYS CA 71 8.53 37.14 -8.67
CA CYS CA 71 8.58 38.32 -9.53
C CYS CA 71 8.45 37.96 -11.00
N GLY CA 72 7.58 37.00 -11.31
CA GLY CA 72 7.48 36.48 -12.67
C GLY CA 72 6.99 37.46 -13.72
N VAL CA 73 7.09 37.02 -14.98
CA VAL CA 73 6.83 37.82 -16.17
C VAL CA 73 5.64 37.19 -16.87
N ILE CA 74 4.97 37.97 -17.72
CA ILE CA 74 3.90 37.47 -18.58
C ILE CA 74 4.41 37.46 -20.02
N SER CA 75 4.35 36.28 -20.65
CA SER CA 75 5.29 35.99 -21.73
C SER CA 75 4.93 36.63 -23.07
N PRO CA 76 3.66 36.70 -23.51
CA PRO CA 76 3.34 37.73 -24.49
C PRO CA 76 2.84 38.96 -23.78
N ARG CA 77 3.21 40.14 -24.26
CA ARG CA 77 2.74 41.37 -23.63
C ARG CA 77 1.32 41.61 -24.10
N PHE CA 78 0.38 41.01 -23.39
CA PHE CA 78 -1.03 41.17 -23.68
C PHE CA 78 -1.44 42.61 -23.45
N ASP CA 79 -2.16 43.16 -24.41
CA ASP CA 79 -2.73 44.50 -24.28
C ASP CA 79 -3.97 44.50 -23.40
N VAL CA 80 -3.94 45.32 -22.35
CA VAL CA 80 -4.92 45.28 -21.27
C VAL CA 80 -5.66 46.60 -21.20
N GLN CA 81 -6.98 46.53 -21.25
CA GLN CA 81 -7.81 47.69 -21.01
C GLN CA 81 -8.14 47.81 -19.53
N LEU CA 82 -8.57 49.00 -19.12
CA LEU CA 82 -8.88 49.25 -17.72
C LEU CA 82 -10.05 48.40 -17.23
N LYS CA 83 -10.95 48.01 -18.14
CA LYS CA 83 -12.03 47.11 -17.78
C LYS CA 83 -11.50 45.75 -17.36
N ASP CA 84 -10.46 45.26 -18.03
CA ASP CA 84 -9.97 43.91 -17.81
C ASP CA 84 -8.88 43.83 -16.74
N LEU CA 85 -8.55 44.93 -16.09
CA LEU CA 85 -7.47 44.91 -15.11
C LEU CA 85 -7.85 44.12 -13.86
N GLU CA 86 -9.13 44.15 -13.50
CA GLU CA 86 -9.62 43.37 -12.36
C GLU CA 86 -9.40 41.89 -12.57
N LYS CA 87 -9.63 41.40 -13.79
CA LYS CA 87 -9.48 39.98 -14.10
C LYS CA 87 -8.03 39.54 -13.92
N TRP CA 88 -7.09 40.36 -14.40
CA TRP CA 88 -5.68 40.05 -14.25
C TRP CA 88 -5.24 40.16 -12.80
N GLN CA 89 -5.82 41.10 -12.05
CA GLN CA 89 -5.52 41.20 -10.63
C GLN CA 89 -5.94 39.94 -9.89
N ASN CA 90 -7.11 39.40 -10.22
CA ASN CA 90 -7.57 38.20 -9.54
C ASN CA 90 -6.75 36.99 -9.95
N ASN CA 91 -6.39 36.87 -11.23
CA ASN CA 91 -5.64 35.71 -11.66
C ASN CA 91 -4.21 35.72 -11.14
N LEU CA 92 -3.60 36.90 -11.01
CA LEU CA 92 -2.18 36.96 -10.75
C LEU CA 92 -1.81 37.27 -9.31
N LEU CA 93 -2.60 37.97 -8.62
CA LEU CA 93 -2.11 38.47 -7.34
C LEU CA 93 -2.66 37.66 -6.17
N PRO CA 94 -1.89 37.50 -5.11
CA PRO CA 94 -2.32 36.62 -4.01
C PRO CA 94 -3.45 37.18 -3.18
N SER CA 95 -3.65 38.50 -3.17
CA SER CA 95 -4.75 39.08 -2.41
C SER CA 95 -5.06 40.46 -2.97
N ARG CA 96 -6.04 41.11 -2.37
CA ARG CA 96 -6.37 42.49 -2.68
C ARG CA 96 -5.67 43.46 -1.75
N GLN CA 97 -4.79 42.97 -0.88
CA GLN CA 97 -4.10 43.83 0.07
C GLN CA 97 -2.68 44.17 -0.34
N PHE CA 98 -2.04 43.30 -1.12
CA PHE CA 98 -0.65 43.53 -1.50
C PHE CA 98 -0.39 42.84 -2.83
N GLY CA 99 0.69 43.25 -3.47
CA GLY CA 99 1.09 42.71 -4.76
C GLY CA 99 0.75 43.67 -5.88
N PHE CA 100 1.62 43.70 -6.89
CA PHE CA 100 1.48 44.67 -7.97
C PHE CA 100 1.62 44.00 -9.32
N ILE CA 101 0.91 44.54 -10.30
CA ILE CA 101 1.04 44.17 -11.70
C ILE CA 101 1.72 45.34 -12.40
N VAL CA 102 2.85 45.07 -13.04
CA VAL CA 102 3.58 46.12 -13.74
C VAL CA 102 3.12 46.15 -15.19
N LEU CA 103 2.54 47.26 -15.60
CA LEU CA 103 2.18 47.50 -16.98
C LEU CA 103 3.15 48.48 -17.60
N THR CA 104 3.22 48.45 -18.93
CA THR CA 104 3.79 49.56 -19.68
C THR CA 104 2.65 50.29 -20.37
N THR CA 105 2.54 51.58 -20.10
CA THR CA 105 1.50 52.43 -20.66
C THR CA 105 2.19 53.55 -21.42
N SER CA 106 1.41 54.34 -22.14
CA SER CA 106 2.01 55.49 -22.80
C SER CA 106 2.44 56.57 -21.83
N ALA CA 107 2.01 56.50 -20.57
CA ALA CA 107 2.48 57.41 -19.54
C ALA CA 107 3.73 56.91 -18.84
N GLY CA 108 4.20 55.72 -19.18
CA GLY CA 108 5.39 55.14 -18.57
C GLY CA 108 5.12 53.75 -18.06
N ILE CA 109 6.17 53.16 -17.50
CA ILE CA 109 6.08 51.85 -16.87
C ILE CA 109 5.71 52.04 -15.41
N MET CA 110 4.63 51.40 -14.98
CA MET CA 110 4.06 51.68 -13.67
C MET CA 110 3.27 50.47 -13.19
N ASP CA 111 3.00 50.46 -11.89
CA ASP CA 111 2.18 49.43 -11.29
C ASP CA 111 0.69 49.69 -11.56
N HIS CA 112 -0.14 48.73 -11.19
CA HIS CA 112 -1.54 48.78 -11.60
C HIS CA 112 -2.36 49.78 -10.79
N GLU CA 113 -1.98 50.04 -9.54
CA GLU CA 113 -2.67 51.06 -8.76
C GLU CA 113 -2.49 52.43 -9.38
N GLU CA 114 -1.26 52.75 -9.78
CA GLU CA 114 -1.00 54.02 -10.43
C GLU CA 114 -1.66 54.09 -11.80
N ALA CA 115 -1.72 52.97 -12.50
CA ALA CA 115 -2.37 52.95 -13.81
C ALA CA 115 -3.87 53.19 -13.69
N ARG CA 116 -4.49 52.67 -12.64
CA ARG CA 116 -5.90 53.00 -12.41
C ARG CA 116 -6.05 54.43 -11.94
N ARG CA 117 -5.07 54.97 -11.22
CA ARG CA 117 -5.13 56.36 -10.79
C ARG CA 117 -5.06 57.31 -11.97
N LYS CA 118 -4.23 57.01 -12.95
CA LYS CA 118 -4.01 57.91 -14.08
C LYS CA 118 -4.93 57.63 -15.25
N HIS CA 119 -5.86 56.68 -15.11
CA HIS CA 119 -6.89 56.35 -16.10
C HIS CA 119 -6.27 55.96 -17.44
N THR CA 120 -5.44 54.93 -17.41
CA THR CA 120 -4.77 54.46 -18.62
C THR CA 120 -4.70 52.95 -18.59
N GLY CA 121 -4.62 52.36 -19.78
CA GLY CA 121 -4.32 50.96 -19.94
C GLY CA 121 -2.99 50.79 -20.68
N GLY CA 122 -2.65 49.53 -20.92
CA GLY CA 122 -1.42 49.26 -21.63
C GLY CA 122 -1.15 47.79 -21.83
N LYS CA 123 0.12 47.44 -21.98
CA LYS CA 123 0.53 46.05 -22.11
C LYS CA 123 1.13 45.61 -20.78
N ILE CA 124 0.84 44.38 -20.39
CA ILE CA 124 1.27 43.88 -19.09
C ILE CA 124 2.68 43.33 -19.20
N LEU CA 125 3.56 43.79 -18.30
CA LEU CA 125 4.92 43.30 -18.27
C LEU CA 125 5.07 42.10 -17.35
N GLY CA 126 4.62 42.23 -16.11
CA GLY CA 126 4.73 41.14 -15.17
C GLY CA 126 4.14 41.54 -13.84
N PHE CA 127 4.44 40.75 -12.82
CA PHE CA 127 3.88 40.92 -11.50
C PHE CA 127 4.98 40.72 -10.49
N PHE CA 128 4.73 41.17 -9.26
CA PHE CA 128 5.59 40.82 -8.14
C PHE CA 128 4.80 40.97 -6.85
N PHE CA 129 5.07 40.10 -5.90
CA PHE CA 129 4.48 40.20 -4.57
C PHE CA 129 5.38 39.55 -3.54
N ASN DA 1 -77.85 51.74 0.55
CA ASN DA 1 -77.54 52.90 -0.27
C ASN DA 1 -77.15 54.10 0.58
N ASP DA 2 -77.42 53.98 1.88
CA ASP DA 2 -77.13 55.07 2.81
C ASP DA 2 -75.64 55.33 2.93
N THR DA 3 -74.83 54.28 2.98
CA THR DA 3 -73.38 54.42 3.02
C THR DA 3 -72.81 53.88 1.71
N VAL DA 4 -72.81 54.75 0.70
CA VAL DA 4 -72.13 54.56 -0.58
C VAL DA 4 -71.67 55.94 -1.00
N THR DA 5 -70.37 56.12 -1.16
CA THR DA 5 -69.83 57.42 -1.53
C THR DA 5 -69.21 57.34 -2.91
N ILE DA 6 -69.25 58.46 -3.63
CA ILE DA 6 -68.69 58.57 -4.97
C ILE DA 6 -67.64 59.66 -4.94
N ARG DA 7 -66.44 59.34 -5.39
CA ARG DA 7 -65.37 60.30 -5.56
C ARG DA 7 -64.95 60.30 -7.03
N THR DA 8 -64.52 61.45 -7.52
CA THR DA 8 -64.06 61.56 -8.89
C THR DA 8 -62.68 62.17 -8.92
N ARG DA 9 -61.76 61.51 -9.61
CA ARG DA 9 -60.41 62.01 -9.79
C ARG DA 9 -60.06 61.94 -11.26
N LYS DA 10 -59.00 62.68 -11.63
CA LYS DA 10 -58.55 62.82 -13.01
C LYS DA 10 -59.67 63.32 -13.90
N PHE DA 11 -60.41 64.30 -13.41
CA PHE DA 11 -61.49 64.92 -14.16
C PHE DA 11 -60.94 65.77 -15.30
N MET DA 12 -61.65 65.76 -16.42
CA MET DA 12 -61.28 66.59 -17.54
C MET DA 12 -62.50 66.85 -18.40
N THR DA 13 -62.67 68.09 -18.82
CA THR DA 13 -63.68 68.46 -19.81
C THR DA 13 -62.98 68.58 -21.16
N ASN DA 14 -63.37 67.78 -22.12
CA ASN DA 14 -62.88 67.96 -23.48
C ASN DA 14 -64.04 68.37 -24.35
N ARG DA 15 -63.89 69.49 -25.04
CA ARG DA 15 -64.90 69.96 -25.96
C ARG DA 15 -64.78 69.31 -27.32
N LEU DA 16 -63.82 68.42 -27.48
CA LEU DA 16 -63.61 67.75 -28.75
C LEU DA 16 -64.69 66.70 -28.99
N LEU DA 17 -65.12 66.04 -27.92
CA LEU DA 17 -66.26 65.12 -27.96
C LEU DA 17 -67.46 65.63 -27.17
N GLN DA 18 -67.41 66.87 -26.69
CA GLN DA 18 -68.53 67.54 -26.02
C GLN DA 18 -68.99 66.75 -24.80
N ARG DA 19 -68.04 66.44 -23.92
CA ARG DA 19 -68.31 65.59 -22.78
C ARG DA 19 -67.30 65.89 -21.69
N LYS DA 20 -67.57 65.39 -20.49
CA LYS DA 20 -66.66 65.47 -19.37
C LYS DA 20 -66.31 64.06 -18.94
N GLN DA 21 -65.03 63.72 -18.96
CA GLN DA 21 -64.59 62.36 -18.65
C GLN DA 21 -63.76 62.39 -17.37
N MET DA 22 -63.82 61.29 -16.64
CA MET DA 22 -63.35 61.24 -15.26
C MET DA 22 -63.37 59.82 -14.73
N VAL DA 23 -62.54 59.57 -13.71
CA VAL DA 23 -62.43 58.28 -13.06
C VAL DA 23 -63.26 58.33 -11.79
N ILE DA 24 -64.03 57.27 -11.55
CA ILE DA 24 -65.00 57.22 -10.46
C ILE DA 24 -64.52 56.22 -9.42
N ASP DA 25 -64.53 56.63 -8.16
CA ASP DA 25 -64.26 55.75 -7.04
C ASP DA 25 -65.54 55.53 -6.25
N VAL DA 26 -65.86 54.27 -5.99
CA VAL DA 26 -67.05 53.89 -5.25
C VAL DA 26 -66.61 53.19 -3.98
N LEU DA 27 -67.15 53.61 -2.85
CA LEU DA 27 -66.83 53.02 -1.55
C LEU DA 27 -68.09 52.33 -1.03
N HIS DA 28 -68.06 51.00 -0.99
CA HIS DA 28 -69.17 50.19 -0.51
C HIS DA 28 -68.60 49.21 0.50
N PRO DA 29 -68.36 49.65 1.74
CA PRO DA 29 -67.55 48.84 2.67
C PRO DA 29 -68.15 47.50 3.05
N GLY DA 30 -69.47 47.35 3.02
CA GLY DA 30 -70.05 46.08 3.41
C GLY DA 30 -70.83 45.39 2.32
N LYS DA 31 -71.21 46.12 1.28
CA LYS DA 31 -72.13 45.61 0.28
C LYS DA 31 -71.37 44.94 -0.86
N ALA DA 32 -72.14 44.45 -1.83
CA ALA DA 32 -71.58 43.91 -3.05
C ALA DA 32 -71.14 45.05 -3.97
N THR DA 33 -70.69 44.70 -5.16
CA THR DA 33 -70.34 45.71 -6.14
C THR DA 33 -71.59 46.48 -6.55
N VAL DA 34 -71.48 47.80 -6.57
CA VAL DA 34 -72.65 48.64 -6.77
C VAL DA 34 -73.11 48.56 -8.21
N PRO DA 35 -74.41 48.39 -8.47
CA PRO DA 35 -74.89 48.45 -9.85
C PRO DA 35 -74.64 49.81 -10.48
N LYS DA 36 -74.49 49.79 -11.82
CA LYS DA 36 -74.14 51.01 -12.53
C LYS DA 36 -75.30 52.00 -12.57
N THR DA 37 -76.53 51.55 -12.37
CA THR DA 37 -77.68 52.43 -12.45
C THR DA 37 -77.69 53.45 -11.31
N GLU DA 38 -77.50 52.98 -10.07
CA GLU DA 38 -77.48 53.98 -9.02
C GLU DA 38 -76.18 54.76 -8.99
N ILE DA 39 -75.10 54.22 -9.56
CA ILE DA 39 -73.89 55.01 -9.74
C ILE DA 39 -74.17 56.20 -10.66
N ARG DA 40 -74.87 55.95 -11.78
CA ARG DA 40 -75.09 57.04 -12.70
C ARG DA 40 -76.15 58.01 -12.21
N GLU DA 41 -77.12 57.57 -11.41
CA GLU DA 41 -78.04 58.58 -10.86
C GLU DA 41 -77.39 59.37 -9.72
N LYS DA 42 -76.49 58.75 -8.95
CA LYS DA 42 -75.70 59.52 -8.00
C LYS DA 42 -74.84 60.55 -8.70
N LEU DA 43 -74.26 60.19 -9.84
CA LEU DA 43 -73.50 61.16 -10.61
C LEU DA 43 -74.40 62.24 -11.18
N ALA DA 44 -75.65 61.89 -11.49
CA ALA DA 44 -76.62 62.88 -11.96
C ALA DA 44 -76.89 63.92 -10.89
N LYS DA 45 -77.07 63.49 -9.64
CA LYS DA 45 -77.22 64.45 -8.57
C LYS DA 45 -75.92 65.21 -8.32
N MET DA 46 -74.79 64.55 -8.50
CA MET DA 46 -73.50 65.15 -8.17
C MET DA 46 -73.10 66.24 -9.14
N TYR DA 47 -73.39 66.08 -10.43
CA TYR DA 47 -73.04 67.06 -11.44
C TYR DA 47 -74.27 67.77 -12.01
N LYS DA 48 -75.38 67.76 -11.27
CA LYS DA 48 -76.55 68.61 -11.55
C LYS DA 48 -77.14 68.37 -12.93
N THR DA 49 -77.14 67.11 -13.37
CA THR DA 49 -77.67 66.76 -14.68
C THR DA 49 -78.63 65.59 -14.53
N THR DA 50 -79.11 65.12 -15.64
CA THR DA 50 -80.03 64.00 -15.80
C THR DA 50 -79.27 62.71 -16.06
N PRO DA 51 -79.77 61.55 -15.63
CA PRO DA 51 -79.03 60.30 -15.90
C PRO DA 51 -79.34 59.71 -17.25
N ASP DA 52 -79.35 60.53 -18.29
CA ASP DA 52 -79.44 60.07 -19.67
C ASP DA 52 -78.19 60.36 -20.45
N VAL DA 53 -77.38 61.32 -20.00
CA VAL DA 53 -76.14 61.66 -20.65
C VAL DA 53 -74.94 61.07 -19.90
N ILE DA 54 -75.17 60.11 -19.03
CA ILE DA 54 -74.14 59.58 -18.16
C ILE DA 54 -73.89 58.12 -18.51
N PHE DA 55 -72.65 57.80 -18.84
CA PHE DA 55 -72.25 56.47 -19.27
C PHE DA 55 -71.06 56.04 -18.43
N VAL DA 56 -71.19 54.93 -17.73
CA VAL DA 56 -70.15 54.42 -16.85
C VAL DA 56 -69.78 53.01 -17.26
N PHE DA 57 -68.50 52.68 -17.13
CA PHE DA 57 -68.03 51.39 -17.62
C PHE DA 57 -66.72 51.03 -16.93
N GLY DA 58 -66.39 49.75 -17.01
CA GLY DA 58 -65.11 49.25 -16.55
C GLY DA 58 -64.90 49.30 -15.06
N PHE DA 59 -65.87 48.79 -14.29
CA PHE DA 59 -65.84 48.88 -12.84
C PHE DA 59 -65.23 47.60 -12.28
N ARG DA 60 -64.03 47.72 -11.74
CA ARG DA 60 -63.32 46.61 -11.12
C ARG DA 60 -63.10 46.91 -9.66
N THR DA 61 -63.49 46.00 -8.78
CA THR DA 61 -63.40 46.21 -7.35
C THR DA 61 -62.17 45.51 -6.77
N HIS DA 62 -61.62 46.12 -5.72
CA HIS DA 62 -60.32 45.73 -5.18
C HIS DA 62 -60.43 44.45 -4.38
N PHE DA 63 -59.27 43.90 -4.02
CA PHE DA 63 -59.26 42.70 -3.20
C PHE DA 63 -59.63 43.03 -1.77
N GLY DA 64 -60.56 42.28 -1.21
CA GLY DA 64 -61.00 42.49 0.15
C GLY DA 64 -62.21 43.39 0.29
N GLY DA 65 -62.77 43.89 -0.81
CA GLY DA 65 -63.97 44.70 -0.73
C GLY DA 65 -63.66 46.16 -0.50
N GLY DA 66 -64.72 46.96 -0.49
CA GLY DA 66 -64.53 48.38 -0.32
C GLY DA 66 -64.53 49.15 -1.62
N LYS DA 67 -63.35 49.60 -2.03
CA LYS DA 67 -63.19 50.46 -3.19
C LYS DA 67 -63.51 49.75 -4.49
N THR DA 68 -64.05 50.51 -5.43
CA THR DA 68 -64.25 50.12 -6.82
C THR DA 68 -63.85 51.28 -7.70
N THR DA 69 -63.22 50.98 -8.83
CA THR DA 69 -62.71 52.00 -9.74
C THR DA 69 -63.26 51.77 -11.13
N GLY DA 70 -63.80 52.83 -11.74
CA GLY DA 70 -64.26 52.78 -13.11
C GLY DA 70 -64.27 54.17 -13.69
N PHE DA 71 -64.61 54.25 -14.97
CA PHE DA 71 -64.62 55.51 -15.70
C PHE DA 71 -66.04 55.91 -16.04
N GLY DA 72 -66.22 57.20 -16.32
CA GLY DA 72 -67.51 57.70 -16.74
C GLY DA 72 -67.35 58.93 -17.61
N MET DA 73 -68.29 59.10 -18.54
CA MET DA 73 -68.40 60.35 -19.29
C MET DA 73 -69.76 60.98 -19.08
N ILE DA 74 -69.78 62.30 -18.98
CA ILE DA 74 -71.00 63.08 -18.83
C ILE DA 74 -71.14 63.91 -20.09
N TYR DA 75 -72.21 63.70 -20.84
CA TYR DA 75 -72.35 64.42 -22.10
C TYR DA 75 -73.14 65.70 -21.93
N ASP DA 76 -72.96 66.60 -22.89
CA ASP DA 76 -73.70 67.86 -22.87
C ASP DA 76 -75.16 67.66 -23.22
N SER DA 77 -75.45 66.79 -24.18
CA SER DA 77 -76.83 66.50 -24.55
C SER DA 77 -76.89 65.12 -25.19
N LEU DA 78 -78.10 64.59 -25.28
CA LEU DA 78 -78.27 63.21 -25.72
C LEU DA 78 -77.96 63.02 -27.20
N ASP DA 79 -78.14 64.06 -28.01
CA ASP DA 79 -77.82 63.95 -29.43
C ASP DA 79 -76.32 63.73 -29.64
N TYR DA 80 -75.49 64.41 -28.85
CA TYR DA 80 -74.06 64.12 -28.89
C TYR DA 80 -73.77 62.72 -28.39
N ALA DA 81 -74.45 62.28 -27.32
CA ALA DA 81 -74.18 60.95 -26.77
C ALA DA 81 -74.52 59.86 -27.77
N LYS DA 82 -75.55 60.08 -28.58
CA LYS DA 82 -75.79 59.15 -29.69
C LYS DA 82 -74.80 59.37 -30.82
N LYS DA 83 -74.28 60.59 -30.96
CA LYS DA 83 -73.38 60.89 -32.06
C LYS DA 83 -72.03 60.21 -31.86
N ASN DA 84 -71.34 60.49 -30.75
CA ASN DA 84 -70.00 59.96 -30.55
C ASN DA 84 -69.89 59.19 -29.24
N GLU DA 85 -70.16 57.89 -29.32
CA GLU DA 85 -70.08 56.93 -28.23
C GLU DA 85 -70.23 55.53 -28.81
N PRO DA 86 -69.51 54.54 -28.30
CA PRO DA 86 -69.62 53.18 -28.84
C PRO DA 86 -71.02 52.63 -28.71
N LYS DA 87 -71.45 51.92 -29.76
CA LYS DA 87 -72.85 51.51 -29.84
C LYS DA 87 -73.19 50.43 -28.84
N HIS DA 88 -72.20 49.73 -28.30
CA HIS DA 88 -72.53 48.80 -27.23
C HIS DA 88 -72.87 49.52 -25.94
N ARG DA 89 -72.27 50.69 -25.70
CA ARG DA 89 -72.66 51.46 -24.53
C ARG DA 89 -73.99 52.16 -24.72
N LEU DA 90 -74.35 52.48 -25.97
CA LEU DA 90 -75.73 52.89 -26.22
C LEU DA 90 -76.70 51.74 -26.06
N ALA DA 91 -76.24 50.52 -26.34
CA ALA DA 91 -77.13 49.37 -26.20
C ALA DA 91 -77.28 48.94 -24.75
N ARG DA 92 -76.29 49.23 -23.89
CA ARG DA 92 -76.29 48.69 -22.54
C ARG DA 92 -77.45 49.21 -21.71
N HIS DA 93 -77.75 50.49 -21.83
CA HIS DA 93 -79.05 51.01 -21.44
C HIS DA 93 -79.71 51.50 -22.71
N GLY DA 94 -80.76 50.80 -23.13
CA GLY DA 94 -81.15 50.71 -24.52
C GLY DA 94 -81.47 51.98 -25.26
N LEU DA 95 -80.56 52.38 -26.14
CA LEU DA 95 -80.79 53.40 -27.15
C LEU DA 95 -80.48 52.93 -28.55
N TYR DA 96 -79.78 51.81 -28.69
CA TYR DA 96 -79.38 51.30 -30.00
C TYR DA 96 -79.58 49.80 -29.94
N GLU DA 97 -80.64 49.31 -30.53
CA GLU DA 97 -80.94 47.89 -30.55
C GLU DA 97 -80.60 47.37 -31.92
N LYS DA 98 -79.42 46.78 -32.06
CA LYS DA 98 -79.01 46.14 -33.30
C LYS DA 98 -79.56 44.72 -33.32
N LYS DA 99 -79.98 44.28 -34.50
CA LYS DA 99 -80.23 42.87 -34.74
C LYS DA 99 -79.40 42.49 -35.96
N LYS DA 100 -78.24 41.92 -35.71
CA LYS DA 100 -77.40 41.36 -36.76
C LYS DA 100 -77.34 39.84 -36.60
N THR DA 101 -77.21 39.17 -37.73
CA THR DA 101 -77.10 37.73 -37.73
C THR DA 101 -75.65 37.30 -37.48
N SER DA 102 -75.44 35.99 -37.47
CA SER DA 102 -74.11 35.45 -37.25
C SER DA 102 -73.19 35.80 -38.42
N ARG DA 103 -71.91 35.94 -38.13
CA ARG DA 103 -70.99 36.32 -39.19
C ARG DA 103 -70.71 35.17 -40.15
N LYS DA 104 -70.93 33.93 -39.72
CA LYS DA 104 -70.90 32.80 -40.65
C LYS DA 104 -71.97 32.97 -41.72
N GLN DA 105 -73.18 33.35 -41.30
CA GLN DA 105 -74.27 33.51 -42.25
C GLN DA 105 -74.00 34.65 -43.22
N ARG DA 106 -73.45 35.76 -42.72
CA ARG DA 106 -73.09 36.87 -43.59
C ARG DA 106 -72.03 36.48 -44.59
N LYS DA 107 -71.02 35.73 -44.15
CA LYS DA 107 -69.92 35.36 -45.05
C LYS DA 107 -70.38 34.36 -46.11
N GLU DA 108 -71.23 33.41 -45.73
CA GLU DA 108 -71.74 32.46 -46.71
C GLU DA 108 -72.68 33.14 -47.69
N ARG DA 109 -73.50 34.08 -47.21
CA ARG DA 109 -74.32 34.91 -48.09
C ARG DA 109 -73.45 35.66 -49.09
N LYS DA 110 -72.33 36.21 -48.60
CA LYS DA 110 -71.45 37.00 -49.45
C LYS DA 110 -70.79 36.14 -50.52
N ASN DA 111 -70.35 34.94 -50.16
CA ASN DA 111 -69.73 34.07 -51.15
C ASN DA 111 -70.74 33.57 -52.17
N ARG DA 112 -71.97 33.27 -51.72
CA ARG DA 112 -73.01 32.88 -52.66
C ARG DA 112 -73.36 34.00 -53.62
N MET DA 113 -73.44 35.24 -53.14
CA MET DA 113 -73.64 36.38 -54.03
C MET DA 113 -72.49 36.53 -55.00
N LYS DA 114 -71.26 36.27 -54.55
CA LYS DA 114 -70.12 36.31 -55.43
C LYS DA 114 -70.22 35.28 -56.54
N LYS DA 115 -70.91 34.18 -56.29
CA LYS DA 115 -71.00 33.12 -57.29
C LYS DA 115 -71.98 33.43 -58.42
N VAL DA 116 -72.97 34.29 -58.19
CA VAL DA 116 -73.94 34.65 -59.22
C VAL DA 116 -73.63 36.06 -59.71
N ARG DA 117 -73.79 36.28 -61.00
CA ARG DA 117 -73.19 37.44 -61.64
C ARG DA 117 -74.25 38.46 -62.03
N GLY DA 118 -74.03 39.70 -61.62
CA GLY DA 118 -74.50 40.84 -62.36
C GLY DA 118 -75.96 41.18 -62.22
N THR DA 119 -76.84 40.27 -62.63
CA THR DA 119 -78.25 40.61 -62.72
C THR DA 119 -78.81 40.86 -61.33
N ALA DA 120 -79.51 41.99 -61.19
CA ALA DA 120 -79.94 42.43 -59.87
C ALA DA 120 -80.88 41.42 -59.25
N LYS DA 121 -81.78 40.88 -60.05
CA LYS DA 121 -82.75 39.91 -59.56
C LYS DA 121 -82.07 38.65 -59.05
N ALA DA 122 -81.06 38.15 -59.78
CA ALA DA 122 -80.40 36.93 -59.33
C ALA DA 122 -79.44 37.21 -58.18
N ASN DA 123 -78.75 38.35 -58.22
CA ASN DA 123 -77.80 38.67 -57.16
C ASN DA 123 -78.51 39.02 -55.87
N VAL DA 124 -79.80 39.35 -55.92
CA VAL DA 124 -80.58 39.56 -54.72
C VAL DA 124 -81.32 38.29 -54.29
N GLY DA 125 -81.87 37.55 -55.24
CA GLY DA 125 -82.51 36.29 -54.95
C GLY DA 125 -81.59 35.12 -54.72
N ALA DA 126 -80.28 35.35 -54.71
CA ALA DA 126 -79.35 34.30 -54.29
C ALA DA 126 -79.57 33.85 -52.86
N GLY DA 127 -80.12 34.72 -52.01
CA GLY DA 127 -80.46 34.33 -50.66
C GLY DA 127 -81.92 33.98 -50.50
N LYS DA 128 -82.57 33.60 -51.60
CA LYS DA 128 -83.96 33.16 -51.57
C LYS DA 128 -84.13 31.67 -51.84
N LYS DA 129 -83.27 31.08 -52.68
CA LYS DA 129 -83.41 29.65 -52.98
C LYS DA 129 -82.88 28.76 -51.86
N PRO DA 130 -81.59 28.87 -51.41
CA PRO DA 130 -81.14 27.89 -50.39
C PRO DA 130 -81.44 28.32 -48.97
N LYS DA 131 -82.71 28.29 -48.59
CA LYS DA 131 -83.13 28.61 -47.24
C LYS DA 131 -83.59 27.39 -46.46
N ARG EA 1 23.02 -80.79 -6.15
CA ARG EA 1 22.62 -80.73 -4.75
C ARG EA 1 21.12 -80.60 -4.63
N ASP EA 2 20.43 -81.74 -4.64
CA ASP EA 2 18.98 -81.75 -4.49
C ASP EA 2 18.52 -82.23 -3.12
N LYS EA 3 18.97 -83.39 -2.67
CA LYS EA 3 18.60 -83.94 -1.38
C LYS EA 3 19.71 -84.85 -0.89
N LEU EA 4 19.83 -84.98 0.43
CA LEU EA 4 20.80 -85.87 1.02
C LEU EA 4 20.22 -87.28 1.14
N ASN EA 5 19.11 -87.40 1.86
CA ASN EA 5 18.13 -88.49 1.81
C ASN EA 5 18.72 -89.89 2.02
N ASN EA 6 19.98 -89.99 2.48
CA ASN EA 6 20.61 -91.30 2.63
C ASN EA 6 21.49 -91.35 3.88
N LEU EA 7 20.96 -91.90 4.98
CA LEU EA 7 21.46 -93.14 5.60
C LEU EA 7 20.78 -93.33 6.95
N VAL EA 8 20.74 -94.57 7.45
CA VAL EA 8 20.58 -94.92 8.87
C VAL EA 8 20.92 -96.40 8.99
N LEU EA 9 21.53 -96.80 10.10
CA LEU EA 9 21.95 -98.18 10.38
C LEU EA 9 22.83 -98.73 9.24
N PHE EA 10 23.99 -98.08 9.08
CA PHE EA 10 24.92 -98.34 8.00
C PHE EA 10 25.33 -99.79 7.83
N ASP EA 11 25.82 -100.13 6.64
CA ASP EA 11 26.24 -101.48 6.30
C ASP EA 11 27.66 -101.77 6.80
N LYS EA 12 28.22 -102.90 6.38
CA LYS EA 12 29.57 -103.26 6.82
C LYS EA 12 30.62 -102.38 6.16
N ALA EA 13 30.39 -101.97 4.91
CA ALA EA 13 31.35 -101.12 4.21
C ALA EA 13 31.50 -99.78 4.90
N THR EA 14 30.38 -99.16 5.27
CA THR EA 14 30.45 -97.91 6.02
C THR EA 14 30.99 -98.14 7.42
N TYR EA 15 30.71 -99.30 8.02
CA TYR EA 15 31.21 -99.61 9.36
C TYR EA 15 32.73 -99.65 9.40
N ASP EA 16 33.34 -100.44 8.52
CA ASP EA 16 34.79 -100.53 8.61
C ASP EA 16 35.47 -99.33 7.95
N LYS EA 17 34.77 -98.63 7.05
CA LYS EA 17 35.26 -97.34 6.58
C LYS EA 17 35.36 -96.35 7.72
N LEU EA 18 34.35 -96.35 8.60
CA LEU EA 18 34.41 -95.57 9.83
C LEU EA 18 35.58 -96.02 10.70
N CYS EA 19 35.66 -97.32 10.96
CA CYS EA 19 36.64 -97.84 11.91
C CYS EA 19 38.08 -97.63 11.47
N LYS EA 20 38.34 -97.50 10.16
CA LYS EA 20 39.69 -97.21 9.70
C LYS EA 20 39.92 -95.76 9.28
N GLU EA 21 38.88 -94.95 9.08
CA GLU EA 21 39.09 -93.60 8.60
C GLU EA 21 38.82 -92.53 9.65
N VAL EA 22 37.88 -92.76 10.56
CA VAL EA 22 37.49 -91.75 11.54
C VAL EA 22 38.51 -91.54 12.66
N PRO EA 23 39.00 -92.58 13.39
CA PRO EA 23 39.72 -92.29 14.64
C PRO EA 23 41.11 -91.70 14.49
N ASN EA 24 41.55 -91.30 13.29
CA ASN EA 24 42.89 -90.76 13.16
C ASN EA 24 42.96 -89.36 12.55
N TYR EA 25 41.85 -88.68 12.30
CA TYR EA 25 41.93 -87.28 11.94
C TYR EA 25 41.36 -86.39 13.03
N LYS EA 26 41.75 -85.12 12.97
CA LYS EA 26 41.81 -84.28 14.16
C LYS EA 26 40.43 -83.93 14.68
N LEU EA 27 39.61 -83.28 13.87
CA LEU EA 27 38.30 -82.84 14.32
C LEU EA 27 37.27 -83.93 14.07
N ILE EA 28 36.70 -84.46 15.15
CA ILE EA 28 35.69 -85.51 15.08
C ILE EA 28 34.46 -84.99 15.80
N THR EA 29 33.50 -84.51 15.04
CA THR EA 29 32.19 -84.09 15.54
C THR EA 29 31.15 -84.94 14.83
N PRO EA 30 29.94 -85.05 15.40
CA PRO EA 30 28.87 -85.74 14.68
C PRO EA 30 28.52 -85.11 13.35
N ALA EA 31 28.69 -83.80 13.20
CA ALA EA 31 28.36 -83.16 11.93
C ALA EA 31 29.38 -83.52 10.85
N VAL EA 32 30.67 -83.53 11.19
CA VAL EA 32 31.67 -83.76 10.16
C VAL EA 32 31.72 -85.23 9.78
N VAL EA 33 31.35 -86.13 10.69
CA VAL EA 33 31.30 -87.53 10.32
C VAL EA 33 29.96 -87.88 9.71
N SER EA 34 28.92 -87.08 9.93
CA SER EA 34 27.68 -87.26 9.21
C SER EA 34 27.84 -86.85 7.76
N GLU EA 35 28.40 -85.67 7.51
CA GLU EA 35 28.64 -85.24 6.14
C GLU EA 35 29.81 -85.98 5.52
N ARG EA 36 30.65 -86.60 6.33
CA ARG EA 36 31.82 -87.28 5.80
C ARG EA 36 31.45 -88.63 5.21
N LEU EA 37 30.84 -89.52 6.00
CA LEU EA 37 30.62 -90.84 5.43
C LEU EA 37 29.35 -90.88 4.59
N LYS EA 38 28.19 -91.08 5.22
CA LYS EA 38 26.91 -90.62 4.70
C LYS EA 38 25.92 -90.44 5.85
N ILE EA 39 26.42 -90.54 7.08
CA ILE EA 39 25.62 -90.88 8.25
C ILE EA 39 24.53 -89.83 8.53
N ARG EA 40 23.40 -90.30 9.08
CA ARG EA 40 22.26 -89.43 9.34
C ARG EA 40 22.59 -88.35 10.35
N GLY EA 41 23.20 -88.70 11.46
CA GLY EA 41 23.57 -87.67 12.42
C GLY EA 41 23.15 -87.92 13.85
N SER EA 42 22.06 -88.65 14.06
CA SER EA 42 21.84 -89.26 15.37
C SER EA 42 22.61 -90.56 15.48
N LEU EA 43 22.65 -91.30 14.37
CA LEU EA 43 23.53 -92.45 14.23
C LEU EA 43 24.98 -92.07 14.41
N ALA EA 44 25.35 -90.87 13.95
CA ALA EA 44 26.71 -90.37 14.15
C ALA EA 44 27.02 -90.18 15.62
N ARG EA 45 26.08 -89.60 16.37
CA ARG EA 45 26.27 -89.41 17.80
C ARG EA 45 26.42 -90.74 18.51
N ALA EA 46 25.57 -91.70 18.16
CA ALA EA 46 25.63 -93.03 18.77
C ALA EA 46 26.96 -93.71 18.45
N ALA EA 47 27.40 -93.61 17.20
CA ALA EA 47 28.65 -94.25 16.79
C ALA EA 47 29.85 -93.61 17.47
N LEU EA 48 29.84 -92.29 17.64
CA LEU EA 48 30.96 -91.64 18.31
C LEU EA 48 31.00 -91.97 19.79
N GLN EA 49 29.83 -92.07 20.44
CA GLN EA 49 29.83 -92.51 21.84
C GLN EA 49 30.30 -93.95 21.97
N GLU EA 50 29.95 -94.81 21.01
CA GLU EA 50 30.41 -96.18 21.07
C GLU EA 50 31.92 -96.29 20.83
N LEU EA 51 32.46 -95.47 19.92
CA LEU EA 51 33.90 -95.44 19.71
C LEU EA 51 34.63 -94.92 20.94
N LEU EA 52 34.06 -93.91 21.61
CA LEU EA 52 34.65 -93.45 22.86
C LEU EA 52 34.58 -94.51 23.94
N SER EA 53 33.53 -95.34 23.92
CA SER EA 53 33.43 -96.43 24.89
C SER EA 53 34.52 -97.46 24.65
N LYS EA 54 34.82 -97.78 23.38
CA LYS EA 54 36.00 -98.60 23.12
C LYS EA 54 37.28 -97.89 23.53
N GLY EA 55 37.40 -96.61 23.21
CA GLY EA 55 38.57 -95.85 23.58
C GLY EA 55 39.49 -95.49 22.44
N LEU EA 56 38.96 -95.48 21.21
CA LEU EA 56 39.74 -95.09 20.05
C LEU EA 56 39.81 -93.59 19.84
N ILE EA 57 38.95 -92.81 20.52
CA ILE EA 57 38.93 -91.36 20.38
C ILE EA 57 38.92 -90.74 21.77
N LYS EA 58 39.06 -89.42 21.80
CA LYS EA 58 39.22 -88.65 23.02
C LYS EA 58 38.13 -87.59 23.10
N LEU EA 59 37.44 -87.51 24.23
CA LEU EA 59 36.42 -86.49 24.42
C LEU EA 59 37.06 -85.16 24.81
N VAL EA 60 36.59 -84.07 24.20
CA VAL EA 60 37.15 -82.76 24.49
C VAL EA 60 36.15 -81.85 25.20
N SER EA 61 35.02 -81.55 24.56
CA SER EA 61 34.14 -80.49 25.07
C SER EA 61 32.91 -81.01 25.81
N LYS EA 62 32.09 -81.83 25.15
CA LYS EA 62 30.86 -82.41 25.71
C LYS EA 62 29.92 -81.32 26.24
N HIS EA 63 29.38 -80.56 25.29
CA HIS EA 63 28.26 -79.67 25.54
C HIS EA 63 27.00 -80.26 24.90
N ARG EA 64 25.84 -79.85 25.40
CA ARG EA 64 24.58 -80.40 24.91
C ARG EA 64 24.27 -79.95 23.49
N ALA EA 65 24.90 -78.88 23.01
CA ALA EA 65 24.68 -78.39 21.67
C ALA EA 65 25.84 -78.69 20.74
N GLN EA 66 26.99 -79.07 21.28
CA GLN EA 66 28.18 -79.32 20.47
C GLN EA 66 29.09 -80.25 21.26
N VAL EA 67 29.40 -81.40 20.68
CA VAL EA 67 30.34 -82.33 21.30
C VAL EA 67 31.53 -82.50 20.36
N ILE EA 68 32.73 -82.43 20.92
CA ILE EA 68 33.97 -82.38 20.16
C ILE EA 68 34.86 -83.54 20.57
N TYR EA 69 35.33 -84.30 19.60
CA TYR EA 69 36.27 -85.38 19.85
C TYR EA 69 37.56 -85.15 19.06
N THR EA 70 38.59 -85.91 19.40
CA THR EA 70 39.85 -85.84 18.69
C THR EA 70 40.53 -87.19 18.73
N ARG EA 71 41.50 -87.37 17.83
CA ARG EA 71 42.28 -88.59 17.79
C ARG EA 71 43.18 -88.69 19.01
N ASN EA 72 43.55 -89.93 19.33
CA ASN EA 72 44.54 -90.13 20.39
C ASN EA 72 45.89 -89.60 19.94
N THR EA 73 46.63 -89.02 20.88
CA THR EA 73 47.94 -88.48 20.56
C THR EA 73 48.93 -89.60 20.28
N LYS EA 74 49.97 -89.27 19.51
CA LYS EA 74 50.99 -90.23 19.11
C LYS EA 74 52.34 -89.79 19.65
N GLY EA 75 53.03 -90.71 20.32
CA GLY EA 75 54.33 -90.43 20.88
C GLY EA 75 55.27 -91.61 20.85
N PRO FA 1 28.58 30.73 0.23
CA PRO FA 1 28.49 32.03 0.90
C PRO FA 1 27.32 32.87 0.41
N LEU FA 2 26.41 33.21 1.33
CA LEU FA 2 25.23 33.96 0.96
C LEU FA 2 25.50 35.43 0.75
N ALA FA 3 26.60 35.95 1.27
CA ALA FA 3 26.86 37.39 1.22
C ALA FA 3 28.18 37.69 0.53
N LYS FA 4 28.47 36.94 -0.53
CA LYS FA 4 29.56 37.30 -1.43
C LYS FA 4 29.23 38.63 -2.09
N ASP FA 5 30.22 39.50 -2.17
CA ASP FA 5 30.05 40.83 -2.74
C ASP FA 5 30.44 40.78 -4.21
N LEU FA 6 29.45 40.92 -5.09
CA LEU FA 6 29.64 40.64 -6.50
C LEU FA 6 30.19 41.81 -7.31
N LEU FA 7 30.28 43.00 -6.73
CA LEU FA 7 30.76 44.14 -7.49
C LEU FA 7 32.02 44.75 -6.92
N HIS FA 8 32.64 44.13 -5.92
CA HIS FA 8 34.02 44.43 -5.55
C HIS FA 8 34.78 43.14 -5.34
N PRO FA 9 35.16 42.46 -6.42
CA PRO FA 9 35.99 41.26 -6.27
C PRO FA 9 37.45 41.62 -6.12
N SER FA 10 38.19 40.71 -5.52
CA SER FA 10 39.63 40.88 -5.38
C SER FA 10 40.29 40.72 -6.75
N PRO FA 11 41.43 41.38 -6.98
CA PRO FA 11 42.08 41.29 -8.29
C PRO FA 11 42.54 39.89 -8.67
N GLU FA 12 42.82 39.03 -7.68
CA GLU FA 12 43.21 37.66 -8.00
C GLU FA 12 42.03 36.86 -8.51
N GLU FA 13 40.84 37.07 -7.93
CA GLU FA 13 39.63 36.43 -8.46
C GLU FA 13 39.26 37.01 -9.81
N GLU FA 14 39.61 38.27 -10.04
CA GLU FA 14 39.32 38.88 -11.33
C GLU FA 14 40.22 38.29 -12.41
N LYS FA 15 41.51 38.13 -12.10
CA LYS FA 15 42.45 37.51 -13.03
C LYS FA 15 42.17 36.02 -13.22
N ARG FA 16 41.59 35.36 -12.23
CA ARG FA 16 41.38 33.93 -12.29
C ARG FA 16 40.29 33.52 -13.26
N LYS FA 17 39.29 34.36 -13.47
CA LYS FA 17 38.14 33.96 -14.27
C LYS FA 17 38.47 33.95 -15.75
N HIS FA 18 37.46 33.60 -16.54
CA HIS FA 18 37.52 33.67 -17.99
C HIS FA 18 37.71 35.12 -18.43
N LYS FA 19 38.04 35.33 -19.70
CA LYS FA 19 38.15 36.71 -20.14
C LYS FA 19 36.78 37.33 -20.37
N LYS FA 20 35.78 36.55 -20.76
CA LYS FA 20 34.39 36.89 -20.53
C LYS FA 20 34.07 36.49 -19.09
N LYS FA 21 32.81 36.54 -18.68
CA LYS FA 21 32.39 36.17 -17.33
C LYS FA 21 33.04 37.00 -16.23
N ARG FA 22 33.74 38.07 -16.59
CA ARG FA 22 34.19 39.09 -15.66
C ARG FA 22 33.10 40.14 -15.55
N LEU FA 23 33.25 41.09 -14.62
CA LEU FA 23 32.30 42.18 -14.58
C LEU FA 23 32.39 43.03 -15.84
N VAL FA 24 33.60 43.43 -16.21
CA VAL FA 24 33.85 44.07 -17.49
C VAL FA 24 34.92 43.25 -18.17
N GLN FA 25 34.62 42.75 -19.36
CA GLN FA 25 35.53 41.82 -20.01
C GLN FA 25 36.77 42.54 -20.52
N SER FA 26 37.89 41.83 -20.49
CA SER FA 26 39.17 42.39 -20.83
C SER FA 26 40.05 41.29 -21.38
N PRO FA 27 40.87 41.57 -22.38
CA PRO FA 27 41.70 40.52 -22.97
C PRO FA 27 42.87 40.15 -22.08
N ASN FA 28 43.35 38.93 -22.27
CA ASN FA 28 44.55 38.44 -21.62
C ASN FA 28 45.81 38.63 -22.46
N SER FA 29 45.68 39.25 -23.63
CA SER FA 29 46.81 39.45 -24.51
C SER FA 29 47.36 40.87 -24.37
N TYR FA 30 48.48 41.12 -25.02
CA TYR FA 30 49.20 42.38 -24.86
C TYR FA 30 50.10 42.57 -26.06
N PHE FA 31 50.74 43.73 -26.11
CA PHE FA 31 51.77 44.02 -27.10
C PHE FA 31 53.11 44.17 -26.42
N MET FA 32 54.18 44.08 -27.20
CA MET FA 32 55.52 44.06 -26.63
C MET FA 32 56.56 44.51 -27.65
N ASP FA 33 57.56 45.25 -27.18
CA ASP FA 33 58.72 45.62 -27.98
C ASP FA 33 59.69 44.46 -28.03
N VAL FA 34 59.85 43.84 -29.18
CA VAL FA 34 60.75 42.72 -29.36
C VAL FA 34 62.04 43.23 -29.99
N LYS FA 35 63.17 42.93 -29.34
CA LYS FA 35 64.48 43.34 -29.80
C LYS FA 35 65.31 42.10 -30.07
N CYS FA 36 65.87 42.02 -31.25
CA CYS FA 36 66.73 40.90 -31.56
C CYS FA 36 68.20 41.33 -31.54
N PRO FA 37 69.11 40.43 -31.19
CA PRO FA 37 70.53 40.79 -31.26
C PRO FA 37 70.99 40.95 -32.70
N GLY FA 38 71.99 41.80 -32.88
CA GLY FA 38 72.52 42.08 -34.20
C GLY FA 38 71.77 43.14 -34.96
N CYS FA 39 70.68 43.67 -34.43
CA CYS FA 39 69.98 44.80 -35.02
C CYS FA 39 69.84 45.88 -33.96
N TYR FA 40 69.26 47.01 -34.36
CA TYR FA 40 69.11 48.15 -33.48
C TYR FA 40 67.67 48.54 -33.23
N LYS FA 41 66.76 48.27 -34.17
CA LYS FA 41 65.38 48.70 -34.05
C LYS FA 41 64.54 47.64 -33.35
N ILE FA 42 63.38 48.05 -32.87
CA ILE FA 42 62.48 47.19 -32.14
C ILE FA 42 61.18 47.05 -32.93
N THR FA 43 60.46 45.97 -32.66
CA THR FA 43 59.23 45.63 -33.35
C THR FA 43 58.16 45.43 -32.29
N THR FA 44 56.89 45.57 -32.69
CA THR FA 44 55.79 45.72 -31.74
C THR FA 44 54.89 44.50 -31.89
N VAL FA 45 55.52 43.32 -31.80
CA VAL FA 45 54.82 42.05 -31.96
C VAL FA 45 53.69 41.87 -30.95
N PHE FA 46 52.53 41.44 -31.46
CA PHE FA 46 51.41 41.00 -30.64
C PHE FA 46 51.74 39.71 -29.91
N SER FA 47 51.21 39.54 -28.70
CA SER FA 47 51.58 38.38 -27.89
C SER FA 47 51.02 37.08 -28.46
N HIS FA 48 49.73 37.06 -28.76
CA HIS FA 48 49.14 35.87 -29.37
C HIS FA 48 49.15 35.96 -30.90
N ALA FA 49 50.34 36.17 -31.46
CA ALA FA 49 50.46 36.42 -32.89
C ALA FA 49 50.31 35.13 -33.69
N GLN FA 50 49.70 35.26 -34.87
CA GLN FA 50 49.54 34.13 -35.78
C GLN FA 50 50.46 34.20 -36.98
N THR FA 51 51.03 35.36 -37.26
CA THR FA 51 51.93 35.53 -38.38
C THR FA 51 53.35 35.17 -37.97
N VAL FA 52 54.13 34.67 -38.91
CA VAL FA 52 55.57 34.59 -38.71
C VAL FA 52 56.12 35.97 -38.96
N VAL FA 53 56.34 36.75 -37.90
CA VAL FA 53 56.76 38.13 -38.09
C VAL FA 53 58.25 38.16 -38.38
N LEU FA 54 58.67 39.17 -39.13
CA LEU FA 54 60.05 39.31 -39.58
C LEU FA 54 60.51 40.72 -39.27
N CYS FA 55 61.78 40.85 -38.89
CA CYS FA 55 62.36 42.18 -38.77
C CYS FA 55 62.60 42.72 -40.17
N VAL FA 56 62.19 43.96 -40.43
CA VAL FA 56 62.22 44.47 -41.80
C VAL FA 56 63.66 44.71 -42.25
N GLY FA 57 64.53 45.15 -41.33
CA GLY FA 57 65.93 45.37 -41.68
C GLY FA 57 66.67 44.09 -41.95
N CYS FA 58 66.81 43.26 -40.91
CA CYS FA 58 67.43 41.95 -41.04
C CYS FA 58 66.34 40.90 -41.15
N SER FA 59 66.30 40.19 -42.27
CA SER FA 59 65.22 39.25 -42.54
C SER FA 59 65.42 38.01 -41.67
N THR FA 60 65.04 38.15 -40.40
CA THR FA 60 65.13 37.07 -39.42
C THR FA 60 63.79 36.90 -38.74
N VAL FA 61 63.56 35.70 -38.26
CA VAL FA 61 62.27 35.35 -37.65
C VAL FA 61 62.29 35.78 -36.20
N LEU FA 62 61.27 36.54 -35.79
CA LEU FA 62 61.17 36.93 -34.40
C LEU FA 62 60.32 35.95 -33.60
N CYS FA 63 59.10 35.67 -34.05
CA CYS FA 63 58.20 34.82 -33.29
C CYS FA 63 57.63 33.74 -34.20
N GLN FA 64 57.40 32.58 -33.61
CA GLN FA 64 56.80 31.45 -34.29
C GLN FA 64 55.39 31.25 -33.78
N PRO FA 65 54.39 31.15 -34.65
CA PRO FA 65 53.01 31.02 -34.17
C PRO FA 65 52.75 29.62 -33.60
N THR FA 66 52.17 29.58 -32.42
CA THR FA 66 51.82 28.35 -31.73
C THR FA 66 50.31 28.36 -31.47
N GLY FA 67 49.85 27.38 -30.70
CA GLY FA 67 48.43 27.27 -30.42
C GLY FA 67 47.87 28.47 -29.70
N GLY FA 68 48.52 28.91 -28.63
CA GLY FA 68 47.97 30.03 -27.91
C GLY FA 68 48.76 31.32 -27.89
N LYS FA 69 50.08 31.22 -27.86
CA LYS FA 69 50.95 32.37 -27.71
C LYS FA 69 52.11 32.23 -28.66
N ALA FA 70 52.52 33.34 -29.24
CA ALA FA 70 53.69 33.34 -30.10
C ALA FA 70 54.92 32.98 -29.29
N ARG FA 71 55.72 32.08 -29.82
CA ARG FA 71 56.97 31.68 -29.19
C ARG FA 71 58.08 32.48 -29.86
N LEU FA 72 58.74 33.34 -29.08
CA LEU FA 72 59.84 34.13 -29.62
C LEU FA 72 61.04 33.24 -29.89
N THR FA 73 61.91 33.70 -30.78
CA THR FA 73 63.05 32.90 -31.19
C THR FA 73 64.12 32.91 -30.10
N GLU FA 74 65.26 32.30 -30.41
CA GLU FA 74 66.37 32.25 -29.48
C GLU FA 74 66.88 33.65 -29.19
N GLY FA 75 67.63 33.77 -28.09
CA GLY FA 75 67.55 34.88 -27.17
C GLY FA 75 67.31 36.27 -27.73
N CYS FA 76 66.20 36.85 -27.29
CA CYS FA 76 65.72 38.15 -27.76
C CYS FA 76 64.98 38.80 -26.61
N SER FA 77 65.35 40.03 -26.29
CA SER FA 77 64.65 40.74 -25.23
C SER FA 77 63.28 41.20 -25.70
N PHE FA 78 62.30 41.11 -24.81
CA PHE FA 78 60.98 41.65 -25.08
C PHE FA 78 60.54 42.44 -23.87
N ARG FA 79 59.92 43.59 -24.12
CA ARG FA 79 59.42 44.45 -23.06
C ARG FA 79 57.92 44.61 -23.28
N ARG FA 80 57.12 44.08 -22.37
CA ARG FA 80 55.69 44.30 -22.42
C ARG FA 80 55.40 45.78 -22.22
N LYS FA 81 54.54 46.34 -23.06
CA LYS FA 81 54.45 47.77 -23.18
C LYS FA 81 53.03 48.24 -22.90
N GLN FA 82 52.94 49.35 -22.14
CA GLN FA 82 51.75 49.97 -21.55
C GLN FA 82 50.92 49.01 -20.69
N HIS FA 83 51.49 47.85 -20.35
CA HIS FA 83 50.84 46.75 -19.62
C HIS FA 83 49.59 46.24 -20.32
N VAL GA 1 -36.28 -21.11 -28.73
CA VAL GA 1 -36.24 -20.72 -27.33
C VAL GA 1 -36.20 -21.98 -26.46
N HIS GA 2 -35.36 -21.96 -25.42
CA HIS GA 2 -35.07 -23.17 -24.65
C HIS GA 2 -36.25 -23.60 -23.79
N GLY GA 3 -37.25 -22.75 -23.62
CA GLY GA 3 -38.38 -23.09 -22.76
C GLY GA 3 -38.09 -22.97 -21.29
N SER GA 4 -37.01 -22.30 -20.92
CA SER GA 4 -36.60 -22.12 -19.52
C SER GA 4 -37.38 -21.02 -18.82
N LEU GA 5 -38.23 -20.30 -19.54
CA LEU GA 5 -38.97 -19.15 -19.01
C LEU GA 5 -40.34 -19.57 -18.49
N ALA GA 6 -40.44 -20.82 -18.03
CA ALA GA 6 -41.71 -21.39 -17.59
C ALA GA 6 -42.13 -20.94 -16.21
N ARG GA 7 -41.21 -20.49 -15.37
CA ARG GA 7 -41.53 -20.14 -13.99
C ARG GA 7 -41.42 -18.64 -13.73
N ALA GA 8 -41.84 -17.84 -14.70
CA ALA GA 8 -41.95 -16.41 -14.50
C ALA GA 8 -43.08 -16.09 -13.53
N GLY GA 9 -42.83 -15.13 -12.64
CA GLY GA 9 -43.83 -14.72 -11.67
C GLY GA 9 -44.01 -15.67 -10.51
N LYS GA 10 -42.98 -16.41 -10.14
CA LYS GA 10 -43.14 -17.48 -9.17
C LYS GA 10 -43.31 -16.95 -7.75
N VAL GA 11 -42.33 -16.18 -7.28
CA VAL GA 11 -42.29 -15.80 -5.87
C VAL GA 11 -43.40 -14.82 -5.53
N ARG GA 12 -43.70 -13.89 -6.44
CA ARG GA 12 -44.79 -12.96 -6.23
C ARG GA 12 -46.15 -13.66 -6.20
N GLY GA 13 -46.25 -14.87 -6.71
CA GLY GA 13 -47.46 -15.66 -6.59
C GLY GA 13 -47.47 -16.48 -5.32
N GLN GA 14 -46.31 -16.98 -4.91
CA GLN GA 14 -46.25 -17.78 -3.69
C GLN GA 14 -46.44 -16.94 -2.44
N THR GA 15 -46.19 -15.65 -2.51
CA THR GA 15 -46.15 -14.83 -1.30
C THR GA 15 -47.55 -14.70 -0.72
N PRO GA 16 -47.74 -15.06 0.55
CA PRO GA 16 -49.06 -14.93 1.16
C PRO GA 16 -49.52 -13.49 1.21
N LYS GA 17 -50.80 -13.28 0.95
CA LYS GA 17 -51.37 -11.94 0.88
C LYS GA 17 -51.74 -11.46 2.27
N VAL GA 18 -51.20 -10.31 2.64
CA VAL GA 18 -51.48 -9.67 3.92
C VAL GA 18 -52.10 -8.31 3.64
N ALA GA 19 -53.27 -8.07 4.21
CA ALA GA 19 -54.00 -6.83 3.95
C ALA GA 19 -53.37 -5.65 4.68
N LYS GA 20 -53.54 -4.48 4.10
CA LYS GA 20 -53.12 -3.24 4.73
C LYS GA 20 -53.94 -3.00 5.99
N GLN GA 21 -53.36 -2.23 6.91
CA GLN GA 21 -54.05 -1.86 8.14
C GLN GA 21 -54.67 -0.49 8.01
N GLU GA 22 -55.79 -0.30 8.67
CA GLU GA 22 -56.47 0.98 8.67
C GLU GA 22 -55.81 1.87 9.72
N LYS GA 23 -55.13 2.92 9.26
CA LYS GA 23 -54.49 3.88 10.15
C LYS GA 23 -54.96 5.28 9.80
N LYS GA 24 -54.97 6.14 10.81
CA LYS GA 24 -55.51 7.48 10.63
C LYS GA 24 -54.56 8.29 9.76
N LYS GA 25 -55.13 9.21 8.98
CA LYS GA 25 -54.39 9.91 7.94
C LYS GA 25 -53.29 10.78 8.52
N LYS GA 26 -52.26 11.01 7.70
CA LYS GA 26 -51.12 11.80 8.11
C LYS GA 26 -51.37 13.27 7.83
N LYS GA 27 -50.75 14.13 8.62
CA LYS GA 27 -50.78 15.55 8.32
C LYS GA 27 -49.98 15.84 7.06
N THR GA 28 -50.34 16.91 6.37
CA THR GA 28 -49.64 17.32 5.18
C THR GA 28 -49.36 18.81 5.25
N GLY GA 29 -48.28 19.23 4.59
CA GLY GA 29 -47.97 20.63 4.49
C GLY GA 29 -47.23 21.20 5.68
N ARG GA 30 -47.70 22.34 6.17
CA ARG GA 30 -47.02 23.00 7.28
C ARG GA 30 -47.14 22.20 8.57
N ALA GA 31 -48.24 21.48 8.75
CA ALA GA 31 -48.43 20.74 9.99
C ALA GA 31 -47.51 19.52 10.06
N LYS GA 32 -47.28 18.87 8.93
CA LYS GA 32 -46.33 17.76 8.91
C LYS GA 32 -44.92 18.23 9.20
N ARG GA 33 -44.52 19.38 8.64
CA ARG GA 33 -43.20 19.91 8.93
C ARG GA 33 -43.09 20.37 10.38
N ARG GA 34 -44.17 20.89 10.94
CA ARG GA 34 -44.16 21.29 12.34
C ARG GA 34 -44.02 20.08 13.26
N MET GA 35 -44.75 19.02 12.95
CA MET GA 35 -44.66 17.78 13.72
C MET GA 35 -43.29 17.17 13.60
N GLN GA 36 -42.68 17.29 12.42
CA GLN GA 36 -41.34 16.77 12.21
C GLN GA 36 -40.29 17.59 12.95
N TYR GA 37 -40.46 18.92 12.98
CA TYR GA 37 -39.57 19.77 13.75
C TYR GA 37 -39.67 19.51 15.24
N ASN GA 38 -40.88 19.24 15.73
CA ASN GA 38 -41.09 19.10 17.16
C ASN GA 38 -40.50 17.84 17.74
N ARG GA 39 -40.27 16.81 16.92
CA ARG GA 39 -39.74 15.56 17.42
C ARG GA 39 -38.25 15.40 17.15
N ARG GA 40 -37.62 16.34 16.46
CA ARG GA 40 -36.18 16.32 16.25
C ARG GA 40 -35.44 17.40 17.01
N PHE GA 41 -36.10 18.48 17.40
CA PHE GA 41 -35.48 19.52 18.21
C PHE GA 41 -36.28 19.68 19.49
N VAL GA 42 -35.75 20.48 20.40
CA VAL GA 42 -36.40 20.70 21.68
C VAL GA 42 -37.69 21.50 21.50
N TYR HA 1 -45.11 -47.44 8.33
CA TYR HA 1 -45.80 -47.09 7.10
C TYR HA 1 -46.35 -48.34 6.42
N THR HA 2 -45.96 -49.51 6.94
CA THR HA 2 -46.36 -50.77 6.31
C THR HA 2 -47.85 -51.01 6.42
N THR HA 3 -48.45 -50.69 7.59
CA THR HA 3 -49.88 -50.65 7.86
C THR HA 3 -50.63 -51.90 7.40
N PRO HA 4 -50.42 -53.07 8.01
CA PRO HA 4 -51.10 -54.27 7.53
C PRO HA 4 -52.54 -54.39 8.04
N LYS HA 5 -52.87 -53.60 9.05
CA LYS HA 5 -54.13 -53.72 9.77
C LYS HA 5 -54.84 -52.39 9.99
N LYS HA 6 -54.25 -51.29 9.54
CA LYS HA 6 -54.81 -49.95 9.41
C LYS HA 6 -55.12 -49.22 10.71
N ASN HA 7 -55.04 -49.89 11.87
CA ASN HA 7 -55.24 -49.41 13.24
C ASN HA 7 -54.98 -50.56 14.20
N LYS HA 8 -54.98 -50.21 15.49
CA LYS HA 8 -55.34 -51.12 16.57
C LYS HA 8 -56.29 -50.35 17.48
N HIS HA 9 -57.53 -50.77 17.51
CA HIS HA 9 -58.51 -50.16 18.40
C HIS HA 9 -58.16 -50.46 19.86
N LYS HA 10 -58.29 -49.45 20.69
CA LYS HA 10 -58.12 -49.62 22.13
C LYS HA 10 -59.48 -49.68 22.81
N ARG HA 11 -59.51 -50.38 23.94
CA ARG HA 11 -60.76 -50.70 24.60
C ARG HA 11 -61.50 -49.46 25.08
N LYS HA 12 -62.79 -49.42 24.78
CA LYS HA 12 -63.74 -48.51 25.39
C LYS HA 12 -64.44 -49.23 26.53
N LYS HA 13 -64.65 -48.53 27.64
CA LYS HA 13 -65.36 -49.12 28.76
C LYS HA 13 -66.84 -49.32 28.42
N VAL HA 14 -67.49 -50.21 29.18
CA VAL HA 14 -68.87 -50.60 28.88
C VAL HA 14 -69.83 -49.44 29.13
N LYS HA 15 -69.62 -48.71 30.23
CA LYS HA 15 -70.37 -47.52 30.61
C LYS HA 15 -71.87 -47.84 30.77
N LEU HA 16 -72.14 -48.65 31.78
CA LEU HA 16 -73.52 -48.94 32.19
C LEU HA 16 -73.83 -48.21 33.50
N ALA HA 17 -74.90 -47.42 33.48
CA ALA HA 17 -75.15 -46.44 34.53
C ALA HA 17 -76.02 -46.95 35.67
N VAL HA 18 -75.65 -48.09 36.26
CA VAL HA 18 -76.41 -48.67 37.36
C VAL HA 18 -75.54 -49.74 38.01
N LEU HA 19 -75.85 -50.09 39.25
CA LEU HA 19 -75.23 -51.29 39.81
C LEU HA 19 -76.11 -52.53 39.65
N LYS HA 20 -77.37 -52.49 40.13
CA LYS HA 20 -78.27 -53.66 40.17
C LYS HA 20 -77.61 -54.89 40.77
N TYR HA 21 -77.18 -54.75 42.02
CA TYR HA 21 -76.52 -55.83 42.74
C TYR HA 21 -77.41 -56.40 43.84
N TYR HA 22 -78.53 -55.74 44.11
CA TYR HA 22 -79.41 -55.97 45.25
C TYR HA 22 -80.86 -56.08 44.78
N LYS HA 23 -81.64 -56.87 45.50
CA LYS HA 23 -83.07 -56.97 45.28
C LYS HA 23 -83.77 -56.89 46.63
N VAL HA 24 -84.99 -56.37 46.63
CA VAL HA 24 -85.81 -56.24 47.83
C VAL HA 24 -87.16 -56.87 47.58
N ASP HA 25 -87.67 -57.60 48.57
CA ASP HA 25 -88.90 -58.38 48.41
C ASP HA 25 -89.80 -58.20 49.63
N GLU HA 26 -91.10 -58.05 49.35
CA GLU HA 26 -92.20 -57.87 50.30
C GLU HA 26 -91.84 -56.85 51.37
N ASN HA 27 -91.65 -55.60 50.90
CA ASN HA 27 -91.25 -54.43 51.68
C ASN HA 27 -89.79 -54.51 52.12
N GLY HA 28 -89.07 -55.46 51.55
CA GLY HA 28 -87.62 -55.35 51.45
C GLY HA 28 -86.76 -56.03 52.50
N LYS HA 29 -85.89 -56.92 52.03
CA LYS HA 29 -84.71 -57.35 52.78
C LYS HA 29 -83.51 -57.20 51.86
N ILE HA 30 -82.32 -57.15 52.45
CA ILE HA 30 -81.11 -57.20 51.64
C ILE HA 30 -80.98 -58.58 51.01
N SER HA 31 -80.64 -58.60 49.73
CA SER HA 31 -80.53 -59.85 48.99
C SER HA 31 -79.26 -59.77 48.14
N ARG HA 32 -78.22 -60.46 48.60
CA ARG HA 32 -77.03 -60.62 47.79
C ARG HA 32 -77.33 -61.54 46.62
N LEU HA 33 -76.68 -61.30 45.48
CA LEU HA 33 -76.89 -62.15 44.31
C LEU HA 33 -75.74 -63.09 44.00
N ARG HA 34 -74.51 -62.73 44.33
CA ARG HA 34 -73.36 -63.58 44.03
C ARG HA 34 -72.70 -64.12 45.28
N ARG HA 35 -72.04 -65.26 45.11
CA ARG HA 35 -71.29 -65.92 46.17
C ARG HA 35 -70.19 -64.99 46.67
N GLU HA 36 -70.28 -64.64 47.95
CA GLU HA 36 -69.45 -63.61 48.52
C GLU HA 36 -68.01 -64.10 48.63
N CYS HA 37 -67.06 -63.23 48.29
CA CYS HA 37 -65.66 -63.64 48.24
C CYS HA 37 -65.12 -63.89 49.63
N PRO HA 38 -64.47 -65.01 49.87
CA PRO HA 38 -63.99 -65.32 51.22
C PRO HA 38 -62.62 -64.75 51.50
N SER HA 39 -62.12 -63.89 50.59
CA SER HA 39 -60.81 -63.29 50.77
C SER HA 39 -60.78 -62.41 52.01
N ASP HA 40 -59.64 -62.39 52.68
CA ASP HA 40 -59.53 -61.75 53.98
C ASP HA 40 -59.71 -60.24 53.89
N GLU HA 41 -59.21 -59.64 52.81
CA GLU HA 41 -59.29 -58.19 52.64
C GLU HA 41 -60.73 -57.73 52.48
N CYS HA 42 -61.53 -58.48 51.72
CA CYS HA 42 -62.89 -58.06 51.37
C CYS HA 42 -63.92 -59.12 51.71
N GLY HA 43 -63.72 -59.84 52.82
CA GLY HA 43 -64.72 -60.80 53.28
C GLY HA 43 -65.98 -60.08 53.74
N ALA HA 44 -67.12 -60.56 53.22
CA ALA HA 44 -68.42 -59.87 53.32
C ALA HA 44 -68.33 -58.43 52.81
N GLY HA 45 -67.48 -58.24 51.79
CA GLY HA 45 -67.23 -56.96 51.20
C GLY HA 45 -67.77 -56.84 49.79
N VAL HA 46 -66.87 -56.60 48.84
CA VAL HA 46 -67.25 -56.50 47.44
C VAL HA 46 -67.71 -57.85 46.92
N PHE HA 47 -68.45 -57.84 45.82
CA PHE HA 47 -68.98 -59.09 45.29
C PHE HA 47 -68.14 -59.61 44.14
N MET HA 48 -68.33 -60.88 43.85
CA MET HA 48 -67.65 -61.57 42.78
C MET HA 48 -68.50 -61.51 41.52
N ALA HA 49 -67.88 -61.86 40.40
CA ALA HA 49 -68.54 -61.86 39.12
C ALA HA 49 -69.47 -63.06 39.01
N SER HA 50 -70.37 -62.99 38.03
CA SER HA 50 -71.22 -64.12 37.67
C SER HA 50 -71.04 -64.34 36.17
N HIS HA 51 -70.07 -65.17 35.81
CA HIS HA 51 -69.92 -65.55 34.42
C HIS HA 51 -70.80 -66.77 34.15
N PHE HA 52 -70.73 -67.30 32.94
CA PHE HA 52 -71.58 -68.43 32.60
C PHE HA 52 -71.13 -69.71 33.29
N ASP HA 53 -69.88 -69.80 33.70
CA ASP HA 53 -69.42 -71.01 34.35
C ASP HA 53 -68.83 -70.78 35.74
N ARG HA 54 -68.22 -69.63 35.99
CA ARG HA 54 -67.42 -69.43 37.19
C ARG HA 54 -67.78 -68.10 37.85
N HIS HA 55 -67.26 -67.93 39.06
CA HIS HA 55 -67.31 -66.66 39.77
C HIS HA 55 -65.92 -66.06 39.81
N TYR HA 56 -65.83 -64.75 39.98
CA TYR HA 56 -64.55 -64.05 39.82
C TYR HA 56 -64.55 -62.76 40.61
N CYS HA 57 -63.53 -62.55 41.42
CA CYS HA 57 -63.39 -61.36 42.24
C CYS HA 57 -62.47 -60.34 41.57
N GLY HA 58 -62.93 -59.09 41.51
CA GLY HA 58 -62.16 -58.05 40.85
C GLY HA 58 -60.98 -57.54 41.65
N LYS HA 59 -61.11 -57.53 42.97
CA LYS HA 59 -60.01 -57.10 43.84
C LYS HA 59 -59.03 -58.23 44.10
N CYS HA 60 -59.51 -59.30 44.72
CA CYS HA 60 -58.64 -60.38 45.16
C CYS HA 60 -58.17 -61.27 44.02
N CYS HA 61 -58.82 -61.17 42.85
CA CYS HA 61 -58.36 -61.79 41.61
C CYS HA 61 -58.30 -63.32 41.72
N LEU HA 62 -59.31 -63.90 42.36
CA LEU HA 62 -59.41 -65.34 42.49
C LEU HA 62 -60.75 -65.81 41.96
N THR HA 63 -60.79 -67.03 41.46
CA THR HA 63 -61.97 -67.57 40.81
C THR HA 63 -62.38 -68.92 41.38
N TYR HA 64 -63.67 -69.21 41.28
CA TYR HA 64 -64.25 -70.49 41.67
C TYR HA 64 -64.99 -71.05 40.48
N CYS HA 65 -64.51 -72.16 39.95
CA CYS HA 65 -65.17 -72.80 38.82
C CYS HA 65 -66.11 -73.91 39.30
N PHE HA 66 -67.12 -74.19 38.50
CA PHE HA 66 -68.06 -75.29 38.76
C PHE HA 66 -68.02 -76.21 37.55
N ASN HA 67 -67.19 -77.25 37.65
CA ASN HA 67 -67.06 -78.24 36.60
C ASN HA 67 -68.20 -79.24 36.62
N LYS JA 1 -8.52 -44.45 -22.83
CA LYS JA 1 -8.60 -43.17 -22.16
C LYS JA 1 -9.65 -43.19 -21.08
N PHE JA 2 -9.27 -42.80 -19.87
CA PHE JA 2 -10.21 -42.74 -18.77
C PHE JA 2 -11.24 -41.65 -19.01
N ASN JA 3 -12.49 -41.94 -18.71
CA ASN JA 3 -13.60 -41.02 -18.93
C ASN JA 3 -13.94 -40.37 -17.59
N TRP JA 4 -13.64 -39.08 -17.46
CA TRP JA 4 -13.78 -38.41 -16.17
C TRP JA 4 -15.24 -38.12 -15.84
N LYS JA 5 -15.95 -37.45 -16.74
CA LYS JA 5 -17.32 -37.04 -16.47
C LYS JA 5 -18.25 -38.24 -16.34
N GLY JA 6 -18.04 -39.27 -17.16
CA GLY JA 6 -18.87 -40.46 -17.06
C GLY JA 6 -18.68 -41.21 -15.77
N THR JA 7 -17.43 -41.32 -15.31
CA THR JA 7 -17.17 -41.98 -14.04
C THR JA 7 -17.74 -41.19 -12.87
N ILE JA 8 -17.61 -39.85 -12.91
CA ILE JA 8 -18.16 -39.04 -11.83
C ILE JA 8 -19.68 -39.13 -11.81
N LYS JA 9 -20.32 -39.14 -13.00
CA LYS JA 9 -21.76 -39.28 -13.08
C LYS JA 9 -22.21 -40.66 -12.60
N ALA JA 10 -21.45 -41.71 -12.92
CA ALA JA 10 -21.77 -43.05 -12.46
C ALA JA 10 -21.67 -43.15 -10.95
N ILE JA 11 -20.64 -42.54 -10.35
CA ILE JA 11 -20.50 -42.55 -8.90
C ILE JA 11 -21.64 -41.77 -8.25
N LEU JA 12 -22.01 -40.63 -8.83
CA LEU JA 12 -23.09 -39.83 -8.27
C LEU JA 12 -24.43 -40.52 -8.41
N LYS JA 13 -24.58 -41.39 -9.41
CA LYS JA 13 -25.81 -42.16 -9.54
C LYS JA 13 -25.93 -43.21 -8.44
N GLN JA 14 -24.84 -43.91 -8.13
CA GLN JA 14 -24.84 -44.88 -7.06
C GLN JA 14 -24.53 -44.23 -5.72
N ALA JA 15 -25.36 -43.29 -5.30
CA ALA JA 15 -25.15 -42.52 -4.09
C ALA JA 15 -26.49 -42.18 -3.47
N PRO JA 16 -26.56 -42.00 -2.15
CA PRO JA 16 -27.84 -41.60 -1.54
C PRO JA 16 -28.15 -40.14 -1.86
N ASP JA 17 -29.34 -39.94 -2.43
CA ASP JA 17 -29.86 -38.62 -2.83
C ASP JA 17 -28.98 -37.94 -3.86
N ASN JA 18 -28.29 -38.76 -4.67
CA ASN JA 18 -27.35 -38.34 -5.70
C ASN JA 18 -26.33 -37.37 -5.14
N GLU JA 19 -25.79 -37.71 -3.97
CA GLU JA 19 -25.06 -36.76 -3.14
C GLU JA 19 -23.85 -37.45 -2.56
N ILE JA 20 -22.69 -36.79 -2.60
CA ILE JA 20 -21.47 -37.37 -2.08
C ILE JA 20 -20.53 -36.25 -1.65
N THR JA 21 -19.77 -36.51 -0.59
CA THR JA 21 -18.73 -35.60 -0.14
C THR JA 21 -17.59 -35.60 -1.15
N ILE JA 22 -16.91 -34.45 -1.27
CA ILE JA 22 -15.84 -34.27 -2.25
C ILE JA 22 -14.70 -35.26 -2.00
N LYS JA 23 -14.41 -35.55 -0.72
CA LYS JA 23 -13.31 -36.44 -0.40
C LYS JA 23 -13.57 -37.87 -0.88
N LYS JA 24 -14.78 -38.38 -0.61
CA LYS JA 24 -15.13 -39.74 -1.04
C LYS JA 24 -15.15 -39.84 -2.56
N LEU JA 25 -15.69 -38.82 -3.22
CA LEU JA 25 -15.72 -38.80 -4.68
C LEU JA 25 -14.32 -38.79 -5.25
N ARG JA 26 -13.43 -37.98 -4.68
CA ARG JA 26 -12.04 -37.92 -5.13
C ARG JA 26 -11.35 -39.25 -4.93
N LYS JA 27 -11.59 -39.91 -3.79
CA LYS JA 27 -10.99 -41.20 -3.52
C LYS JA 27 -11.41 -42.24 -4.56
N LYS JA 28 -12.71 -42.32 -4.84
CA LYS JA 28 -13.21 -43.32 -5.79
C LYS JA 28 -12.74 -43.03 -7.21
N VAL JA 29 -12.74 -41.76 -7.61
CA VAL JA 29 -12.30 -41.40 -8.96
C VAL JA 29 -10.82 -41.70 -9.16
N LEU JA 30 -9.98 -41.37 -8.17
CA LEU JA 30 -8.56 -41.64 -8.34
C LEU JA 30 -8.26 -43.13 -8.35
N ALA JA 31 -8.97 -43.92 -7.52
CA ALA JA 31 -8.79 -45.37 -7.56
C ALA JA 31 -9.19 -45.95 -8.92
N GLN JA 32 -10.32 -45.47 -9.47
CA GLN JA 32 -10.73 -45.90 -10.81
C GLN JA 32 -9.70 -45.53 -11.86
N TYR JA 33 -9.17 -44.30 -11.79
CA TYR JA 33 -8.18 -43.86 -12.77
C TYR JA 33 -6.94 -44.72 -12.72
N TYR JA 34 -6.44 -45.01 -11.52
CA TYR JA 34 -5.26 -45.85 -11.42
C TYR JA 34 -5.54 -47.28 -11.86
N THR JA 35 -6.79 -47.75 -11.75
CA THR JA 35 -7.01 -49.13 -12.14
C THR JA 35 -7.43 -49.30 -13.60
N VAL JA 36 -7.69 -48.23 -14.35
CA VAL JA 36 -8.00 -48.41 -15.77
C VAL JA 36 -6.99 -47.78 -16.71
N THR JA 37 -6.07 -46.95 -16.25
CA THR JA 37 -5.35 -46.10 -17.19
C THR JA 37 -4.21 -46.84 -17.89
N ASP JA 38 -3.74 -46.22 -18.98
CA ASP JA 38 -2.62 -46.69 -19.77
C ASP JA 38 -1.49 -45.67 -19.80
N GLU JA 39 -1.76 -44.40 -19.48
CA GLU JA 39 -0.77 -43.36 -19.47
C GLU JA 39 -0.17 -43.20 -18.07
N HIS JA 40 1.13 -42.91 -18.03
CA HIS JA 40 1.86 -42.90 -16.77
C HIS JA 40 2.61 -41.61 -16.46
N HIS JA 41 2.71 -40.66 -17.40
CA HIS JA 41 3.52 -39.48 -17.14
C HIS JA 41 2.81 -38.50 -16.22
N ARG JA 42 1.49 -38.61 -16.11
CA ARG JA 42 0.73 -37.64 -15.33
C ARG JA 42 1.05 -37.80 -13.84
N SER JA 43 1.21 -36.66 -13.18
CA SER JA 43 1.61 -36.65 -11.78
C SER JA 43 0.39 -36.59 -10.87
N GLU JA 44 0.65 -36.65 -9.57
CA GLU JA 44 -0.43 -36.58 -8.59
C GLU JA 44 -1.07 -35.21 -8.55
N GLU JA 45 -0.26 -34.16 -8.66
CA GLU JA 45 -0.82 -32.80 -8.62
C GLU JA 45 -1.57 -32.46 -9.90
N GLU JA 46 -1.09 -32.94 -11.05
CA GLU JA 46 -1.82 -32.74 -12.29
C GLU JA 46 -3.16 -33.46 -12.27
N LEU JA 47 -3.18 -34.68 -11.71
CA LEU JA 47 -4.44 -35.40 -11.55
C LEU JA 47 -5.38 -34.67 -10.59
N LEU JA 48 -4.84 -34.08 -9.53
CA LEU JA 48 -5.68 -33.36 -8.59
C LEU JA 48 -6.31 -32.12 -9.22
N VAL JA 49 -5.51 -31.36 -9.99
CA VAL JA 49 -6.08 -30.18 -10.63
C VAL JA 49 -7.03 -30.56 -11.76
N ILE JA 50 -6.78 -31.69 -12.43
CA ILE JA 50 -7.71 -32.19 -13.44
C ILE JA 50 -9.05 -32.55 -12.80
N PHE JA 51 -9.01 -33.21 -11.64
CA PHE JA 51 -10.24 -33.56 -10.95
C PHE JA 51 -10.99 -32.32 -10.47
N ASN JA 52 -10.26 -31.32 -9.97
CA ASN JA 52 -10.92 -30.09 -9.53
C ASN JA 52 -11.60 -29.37 -10.69
N LYS JA 53 -10.94 -29.36 -11.86
CA LYS JA 53 -11.58 -28.82 -13.05
C LYS JA 53 -12.77 -29.68 -13.47
N LYS JA 54 -12.70 -30.99 -13.27
CA LYS JA 54 -13.82 -31.85 -13.66
C LYS JA 54 -15.05 -31.59 -12.81
N ILE JA 55 -14.88 -31.41 -11.50
CA ILE JA 55 -16.06 -31.31 -10.65
C ILE JA 55 -16.57 -29.87 -10.59
N SER JA 56 -15.69 -28.88 -10.43
CA SER JA 56 -16.15 -27.52 -10.21
C SER JA 56 -16.57 -26.82 -11.50
N LYS JA 57 -16.25 -27.38 -12.66
CA LYS JA 57 -16.45 -26.75 -13.95
C LYS JA 57 -17.30 -27.62 -14.85
N ASN JA 58 -18.38 -28.18 -14.31
CA ASN JA 58 -19.32 -28.97 -15.09
C ASN JA 58 -20.75 -28.51 -14.81
N PRO JA 59 -21.55 -28.27 -15.84
CA PRO JA 59 -22.93 -27.80 -15.61
C PRO JA 59 -23.85 -28.84 -15.02
N THR JA 60 -23.49 -30.12 -15.07
CA THR JA 60 -24.32 -31.17 -14.51
C THR JA 60 -24.10 -31.36 -13.01
N PHE JA 61 -23.09 -30.72 -12.43
CA PHE JA 61 -22.76 -30.89 -11.03
C PHE JA 61 -22.88 -29.55 -10.30
N LYS JA 62 -23.12 -29.64 -8.99
CA LYS JA 62 -23.21 -28.47 -8.14
C LYS JA 62 -22.38 -28.71 -6.89
N LEU JA 63 -21.86 -27.64 -6.30
CA LEU JA 63 -21.06 -27.74 -5.08
C LEU JA 63 -21.81 -27.12 -3.91
N LEU JA 64 -22.30 -27.96 -3.01
CA LEU JA 64 -22.93 -27.48 -1.77
C LEU JA 64 -21.88 -27.34 -0.66
N LYS JA 65 -20.88 -26.53 -0.98
CA LYS JA 65 -19.87 -25.96 -0.09
C LYS JA 65 -18.91 -26.95 0.57
N ASP JA 66 -19.23 -28.23 0.54
CA ASP JA 66 -18.21 -29.25 0.78
C ASP JA 66 -18.48 -30.53 0.00
N LYS JA 67 -19.45 -30.55 -0.90
CA LYS JA 67 -20.01 -31.76 -1.48
C LYS JA 67 -20.29 -31.52 -2.96
N VAL JA 68 -20.61 -32.61 -3.66
CA VAL JA 68 -20.98 -32.56 -5.07
C VAL JA 68 -22.38 -33.14 -5.20
N LYS JA 69 -23.24 -32.44 -5.93
CA LYS JA 69 -24.62 -32.88 -6.14
C LYS JA 69 -24.89 -32.99 -7.63
N LEU JA 70 -25.59 -34.06 -8.02
CA LEU JA 70 -26.04 -34.24 -9.40
C LEU JA 70 -27.29 -33.41 -9.61
N VAL JA 71 -27.22 -32.46 -10.53
CA VAL JA 71 -28.40 -31.65 -10.86
C VAL JA 71 -29.18 -32.37 -11.96
N LYS JA 72 -30.44 -32.71 -11.64
CA LYS JA 72 -31.38 -33.53 -12.43
C LYS JA 72 -30.73 -34.66 -13.25
N SER KA 1 -40.17 24.78 28.29
CA SER KA 1 -41.59 25.02 28.52
C SER KA 1 -42.21 25.81 27.39
N LYS KA 2 -43.43 25.42 26.99
CA LYS KA 2 -44.10 26.07 25.86
C LYS KA 2 -44.40 27.53 26.14
N GLN KA 3 -44.86 27.83 27.36
CA GLN KA 3 -45.23 29.21 27.70
C GLN KA 3 -44.01 30.12 27.67
N ALA KA 4 -42.90 29.69 28.27
CA ALA KA 4 -41.71 30.52 28.30
C ALA KA 4 -41.07 30.63 26.91
N ILE KA 5 -41.14 29.57 26.11
CA ILE KA 5 -40.57 29.61 24.77
C ILE KA 5 -41.35 30.57 23.87
N LEU KA 6 -42.69 30.47 23.90
CA LEU KA 6 -43.49 31.40 23.13
C LEU KA 6 -43.40 32.82 23.68
N ALA KA 7 -43.14 32.96 24.97
CA ALA KA 7 -42.92 34.30 25.53
C ALA KA 7 -41.60 34.88 25.03
N ALA KA 8 -40.58 34.05 24.91
CA ALA KA 8 -39.27 34.54 24.47
C ALA KA 8 -39.27 34.81 22.97
N GLN KA 9 -40.09 34.09 22.21
CA GLN KA 9 -40.08 34.27 20.76
C GLN KA 9 -40.87 35.49 20.29
N ARG KA 10 -41.68 36.09 21.16
CA ARG KA 10 -42.39 37.32 20.81
C ARG KA 10 -41.58 38.57 21.10
N ARG KA 11 -40.33 38.42 21.51
CA ARG KA 11 -39.46 39.54 21.87
C ARG KA 11 -38.03 39.12 21.59
N GLY KA 12 -37.07 39.91 22.09
CA GLY KA 12 -35.64 39.63 21.98
C GLY KA 12 -35.24 38.20 22.25
N GLU KA 13 -34.57 37.59 21.28
CA GLU KA 13 -34.39 36.14 21.24
C GLU KA 13 -33.20 35.71 22.09
N ASP KA 14 -33.45 34.74 22.96
CA ASP KA 14 -32.39 34.07 23.70
C ASP KA 14 -32.57 32.56 23.71
N VAL KA 15 -33.46 32.02 22.86
CA VAL KA 15 -33.77 30.61 22.91
C VAL KA 15 -32.64 29.78 22.31
N GLU KA 16 -32.54 28.53 22.75
CA GLU KA 16 -31.56 27.59 22.23
C GLU KA 16 -32.28 26.33 21.76
N THR KA 17 -32.05 25.97 20.50
CA THR KA 17 -32.55 24.72 19.95
C THR KA 17 -31.40 23.74 19.82
N SER KA 18 -31.73 22.45 19.92
CA SER KA 18 -30.71 21.41 19.85
C SER KA 18 -31.38 20.12 19.37
N LYS KA 19 -30.62 19.31 18.65
CA LYS KA 19 -31.18 18.08 18.11
C LYS KA 19 -31.24 16.99 19.17
N LYS KA 20 -32.29 16.17 19.11
CA LYS KA 20 -32.41 15.02 19.99
C LYS KA 20 -31.37 13.96 19.62
N TRP KA 21 -31.20 12.99 20.51
CA TRP KA 21 -30.18 11.96 20.29
C TRP KA 21 -30.57 11.03 19.16
N ALA KA 22 -31.64 10.26 19.33
CA ALA KA 22 -32.13 9.36 18.29
C ALA KA 22 -33.28 10.01 17.53
N ALA KA 23 -32.96 11.11 16.85
CA ALA KA 23 -33.94 11.89 16.12
C ALA KA 23 -33.81 11.62 14.63
N GLY KA 24 -34.92 11.30 13.98
CA GLY KA 24 -34.93 11.05 12.55
C GLY KA 24 -34.50 9.68 12.13
N GLN KA 25 -34.79 8.65 12.93
CA GLN KA 25 -34.40 7.29 12.60
C GLN KA 25 -35.28 6.33 13.37
N ASN KA 26 -35.34 5.09 12.90
CA ASN KA 26 -36.11 4.05 13.57
C ASN KA 26 -35.16 2.96 14.06
N LYS KA 27 -34.90 2.96 15.36
CA LYS KA 27 -34.25 1.83 16.01
C LYS KA 27 -35.32 0.79 16.28
N GLN KA 28 -35.21 -0.36 15.63
CA GLN KA 28 -36.30 -1.34 15.70
C GLN KA 28 -36.37 -1.99 17.08
N HIS KA 29 -35.22 -2.27 17.68
CA HIS KA 29 -35.15 -2.86 19.01
C HIS KA 29 -34.59 -1.81 19.96
N SER KA 30 -35.44 -1.26 20.81
CA SER KA 30 -35.00 -0.33 21.84
C SER KA 30 -34.40 -1.09 23.01
N ILE KA 31 -33.30 -0.57 23.54
CA ILE KA 31 -32.59 -1.26 24.63
C ILE KA 31 -33.34 -1.08 25.93
N THR KA 32 -33.32 -2.12 26.77
CA THR KA 32 -34.16 -2.10 27.96
C THR KA 32 -33.43 -1.53 29.17
N LYS KA 33 -32.14 -1.78 29.31
CA LYS KA 33 -31.41 -1.35 30.48
C LYS KA 33 -30.36 -0.32 30.09
N ASN KA 34 -30.24 0.73 30.91
CA ASN KA 34 -29.33 1.82 30.59
C ASN KA 34 -27.90 1.33 30.69
N THR KA 35 -27.18 1.41 29.57
CA THR KA 35 -25.81 0.93 29.51
C THR KA 35 -24.85 1.76 30.34
N ALA KA 36 -25.23 2.99 30.70
CA ALA KA 36 -24.43 3.76 31.65
C ALA KA 36 -24.42 3.08 33.01
N LYS KA 37 -25.56 2.51 33.42
CA LYS KA 37 -25.58 1.75 34.67
C LYS KA 37 -24.94 0.39 34.48
N LEU KA 38 -25.12 -0.21 33.31
CA LEU KA 38 -24.70 -1.59 33.10
C LEU KA 38 -23.19 -1.69 32.95
N ASP KA 39 -22.55 -0.67 32.38
CA ASP KA 39 -21.10 -0.62 32.32
C ASP KA 39 -20.50 -0.26 33.67
N ARG KA 40 -21.16 0.61 34.42
CA ARG KA 40 -20.68 1.00 35.75
C ARG KA 40 -20.78 -0.13 36.77
N GLU KA 41 -21.82 -0.95 36.70
CA GLU KA 41 -22.14 -1.87 37.79
C GLU KA 41 -21.14 -3.02 37.86
N THR KA 42 -20.65 -3.29 39.06
CA THR KA 42 -19.74 -4.41 39.29
C THR KA 42 -20.27 -5.35 40.36
N GLU KA 43 -21.13 -4.86 41.24
CA GLU KA 43 -21.52 -5.64 42.41
C GLU KA 43 -22.72 -6.53 42.12
N GLU KA 44 -23.83 -5.95 41.67
CA GLU KA 44 -25.07 -6.70 41.56
C GLU KA 44 -25.00 -7.60 40.33
N LEU KA 45 -25.47 -8.84 40.49
CA LEU KA 45 -25.05 -9.88 39.56
C LEU KA 45 -26.22 -10.74 39.08
N HIS KA 46 -27.44 -10.19 39.06
CA HIS KA 46 -28.60 -11.01 38.73
C HIS KA 46 -29.57 -10.22 37.84
N HIS KA 47 -30.29 -10.95 37.00
CA HIS KA 47 -31.36 -10.39 36.18
C HIS KA 47 -32.68 -11.05 36.55
N ASP KA 48 -33.68 -10.24 36.83
CA ASP KA 48 -34.99 -10.77 37.16
C ASP KA 48 -35.73 -11.15 35.89
N ARG KA 49 -36.26 -12.37 35.85
CA ARG KA 49 -37.00 -12.85 34.70
C ARG KA 49 -38.47 -12.45 34.83
N VAL KA 50 -39.27 -12.83 33.85
CA VAL KA 50 -40.70 -12.58 33.92
C VAL KA 50 -41.32 -13.54 34.92
N THR KA 51 -42.35 -13.07 35.62
CA THR KA 51 -43.01 -13.90 36.61
C THR KA 51 -43.91 -14.91 35.92
N LEU KA 52 -44.30 -15.95 36.67
CA LEU KA 52 -45.19 -16.95 36.11
C LEU KA 52 -46.59 -16.40 35.90
N GLU KA 53 -46.98 -15.42 36.71
CA GLU KA 53 -48.27 -14.77 36.53
C GLU KA 53 -48.36 -14.06 35.19
N VAL KA 54 -47.28 -13.41 34.78
CA VAL KA 54 -47.26 -12.69 33.51
C VAL KA 54 -47.40 -13.66 32.35
N GLY KA 55 -46.70 -14.77 32.41
CA GLY KA 55 -46.82 -15.79 31.38
C GLY KA 55 -48.21 -16.41 31.33
N LYS KA 56 -48.83 -16.60 32.49
CA LYS KA 56 -50.19 -17.12 32.52
C LYS KA 56 -51.18 -16.10 31.94
N VAL KA 57 -50.95 -14.82 32.20
CA VAL KA 57 -51.82 -13.77 31.65
C VAL KA 57 -51.72 -13.76 30.13
N ILE KA 58 -50.49 -13.84 29.60
CA ILE KA 58 -50.29 -13.88 28.16
C ILE KA 58 -50.95 -15.13 27.57
N GLN KA 59 -50.78 -16.26 28.23
CA GLN KA 59 -51.37 -17.52 27.78
C GLN KA 59 -52.89 -17.44 27.70
N GLN KA 60 -53.52 -16.94 28.76
CA GLN KA 60 -54.98 -16.91 28.82
C GLN KA 60 -55.55 -15.87 27.86
N GLY KA 61 -54.90 -14.72 27.76
CA GLY KA 61 -55.37 -13.70 26.82
C GLY KA 61 -55.22 -14.12 25.38
N ARG KA 62 -54.12 -14.80 25.05
CA ARG KA 62 -53.91 -15.25 23.69
C ARG KA 62 -54.86 -16.39 23.32
N GLN KA 63 -55.06 -17.34 24.24
CA GLN KA 63 -55.93 -18.47 23.99
C GLN KA 63 -57.39 -18.06 23.89
N SER KA 64 -57.79 -16.95 24.48
CA SER KA 64 -59.17 -16.49 24.45
C SER KA 64 -59.48 -15.66 23.21
N LYS KA 65 -58.56 -15.60 22.24
CA LYS KA 65 -58.81 -14.85 21.02
C LYS KA 65 -58.47 -15.67 19.78
N GLY KA 66 -58.42 -17.00 19.94
CA GLY KA 66 -58.18 -17.91 18.84
C GLY KA 66 -56.84 -17.70 18.17
N LEU KA 67 -55.81 -17.46 18.98
CA LEU KA 67 -54.55 -16.93 18.50
C LEU KA 67 -53.45 -17.85 18.99
N THR KA 68 -52.47 -18.16 18.13
CA THR KA 68 -51.39 -19.04 18.54
C THR KA 68 -50.14 -18.23 18.82
N GLN KA 69 -49.08 -18.92 19.23
CA GLN KA 69 -47.80 -18.24 19.45
C GLN KA 69 -47.23 -17.72 18.14
N LYS KA 70 -47.34 -18.50 17.06
CA LYS KA 70 -46.87 -18.05 15.77
C LYS KA 70 -47.62 -16.81 15.31
N ASP KA 71 -48.94 -16.83 15.44
CA ASP KA 71 -49.75 -15.71 14.96
C ASP KA 71 -49.54 -14.46 15.81
N LEU KA 72 -49.44 -14.63 17.13
CA LEU KA 72 -49.15 -13.48 17.99
C LEU KA 72 -47.77 -12.90 17.70
N ALA KA 73 -46.78 -13.76 17.50
CA ALA KA 73 -45.43 -13.29 17.21
C ALA KA 73 -45.36 -12.58 15.87
N THR KA 74 -46.07 -13.11 14.86
CA THR KA 74 -46.10 -12.44 13.57
C THR KA 74 -46.86 -11.12 13.65
N LYS KA 75 -47.92 -11.08 14.46
CA LYS KA 75 -48.70 -9.86 14.62
C LYS KA 75 -47.89 -8.76 15.30
N ILE KA 76 -47.06 -9.10 16.28
CA ILE KA 76 -46.25 -8.10 16.96
C ILE KA 76 -44.84 -8.02 16.40
N ASN KA 77 -44.58 -8.66 15.26
CA ASN KA 77 -43.31 -8.59 14.54
C ASN KA 77 -42.14 -9.04 15.40
N GLU KA 78 -42.28 -10.22 15.99
CA GLU KA 78 -41.18 -10.86 16.71
C GLU KA 78 -41.11 -12.33 16.33
N LYS KA 79 -39.99 -12.96 16.67
CA LYS KA 79 -39.83 -14.38 16.42
C LYS KA 79 -40.70 -15.18 17.39
N PRO KA 80 -41.16 -16.37 16.99
CA PRO KA 80 -42.00 -17.15 17.91
C PRO KA 80 -41.32 -17.58 19.19
N GLN KA 81 -39.99 -17.69 19.19
CA GLN KA 81 -39.29 -18.16 20.38
C GLN KA 81 -39.30 -17.12 21.48
N VAL KA 82 -39.35 -15.83 21.16
CA VAL KA 82 -39.39 -14.86 22.25
C VAL KA 82 -40.77 -14.84 22.90
N ILE KA 83 -41.82 -15.14 22.14
CA ILE KA 83 -43.15 -15.29 22.75
C ILE KA 83 -43.19 -16.54 23.62
N ALA KA 84 -42.64 -17.64 23.11
CA ALA KA 84 -42.62 -18.88 23.88
C ALA KA 84 -41.71 -18.76 25.11
N ASP KA 85 -40.75 -17.84 25.09
CA ASP KA 85 -39.91 -17.62 26.25
C ASP KA 85 -40.54 -16.65 27.23
N TYR KA 86 -41.35 -15.71 26.75
CA TYR KA 86 -42.12 -14.88 27.68
C TYR KA 86 -43.17 -15.70 28.40
N GLU KA 87 -43.82 -16.62 27.71
CA GLU KA 87 -44.86 -17.41 28.34
C GLU KA 87 -44.33 -18.46 29.30
N SER KA 88 -43.06 -18.83 29.18
CA SER KA 88 -42.51 -19.92 29.97
C SER KA 88 -41.60 -19.45 31.09
N GLY KA 89 -41.64 -18.16 31.42
CA GLY KA 89 -40.87 -17.62 32.52
C GLY KA 89 -39.38 -17.73 32.36
N ARG KA 90 -38.88 -17.53 31.15
CA ARG KA 90 -37.48 -17.73 30.86
C ARG KA 90 -36.78 -16.48 30.35
N ALA KA 91 -37.52 -15.55 29.77
CA ALA KA 91 -36.91 -14.42 29.10
C ALA KA 91 -36.89 -13.18 29.98
N ILE KA 92 -35.80 -12.43 29.89
CA ILE KA 92 -35.68 -11.15 30.60
C ILE KA 92 -36.67 -10.16 29.99
N PRO KA 93 -37.52 -9.54 30.80
CA PRO KA 93 -38.58 -8.69 30.24
C PRO KA 93 -38.04 -7.46 29.54
N ASN KA 94 -38.72 -7.09 28.46
CA ASN KA 94 -38.43 -5.88 27.70
C ASN KA 94 -39.72 -5.09 27.64
N ASN KA 95 -39.69 -3.85 28.12
CA ASN KA 95 -40.91 -3.06 28.27
C ASN KA 95 -41.54 -2.75 26.93
N GLN KA 96 -40.72 -2.62 25.89
CA GLN KA 96 -41.22 -2.30 24.56
C GLN KA 96 -41.97 -3.50 23.98
N VAL KA 97 -41.39 -4.70 24.12
CA VAL KA 97 -42.05 -5.92 23.67
C VAL KA 97 -43.29 -6.20 24.51
N LEU KA 98 -43.22 -5.97 25.82
CA LEU KA 98 -44.38 -6.13 26.67
C LEU KA 98 -45.52 -5.22 26.25
N GLY KA 99 -45.21 -3.97 25.92
CA GLY KA 99 -46.25 -3.06 25.46
C GLY KA 99 -46.87 -3.48 24.15
N LYS KA 100 -46.06 -4.03 23.25
CA LYS KA 100 -46.62 -4.55 22.01
C LYS KA 100 -47.55 -5.73 22.27
N ILE KA 101 -47.20 -6.58 23.24
CA ILE KA 101 -48.08 -7.70 23.59
C ILE KA 101 -49.39 -7.19 24.20
N GLU KA 102 -49.31 -6.15 25.05
CA GLU KA 102 -50.53 -5.60 25.65
C GLU KA 102 -51.47 -5.02 24.59
N ARG KA 103 -50.93 -4.28 23.62
CA ARG KA 103 -51.81 -3.82 22.54
C ARG KA 103 -52.26 -4.96 21.64
N ALA KA 104 -51.53 -6.07 21.60
CA ALA KA 104 -51.99 -7.19 20.80
C ALA KA 104 -53.15 -7.93 21.44
N ILE KA 105 -53.09 -8.20 22.73
CA ILE KA 105 -54.09 -9.03 23.40
C ILE KA 105 -55.04 -8.25 24.29
N GLY KA 106 -54.83 -6.95 24.47
CA GLY KA 106 -55.80 -6.14 25.18
C GLY KA 106 -55.79 -6.27 26.68
N LEU KA 107 -54.74 -6.84 27.26
CA LEU KA 107 -54.60 -6.96 28.70
C LEU KA 107 -53.52 -5.99 29.17
N LYS KA 108 -53.32 -5.95 30.48
CA LYS KA 108 -52.32 -5.08 31.08
C LYS KA 108 -51.29 -5.94 31.81
N LEU KA 109 -50.03 -5.79 31.42
CA LEU KA 109 -48.97 -6.71 31.85
C LEU KA 109 -48.04 -6.09 32.88
N ARG KA 110 -48.01 -4.77 32.96
CA ARG KA 110 -47.23 -4.12 34.02
C ARG KA 110 -48.13 -3.67 35.16
MG MG LA . 4.61 3.89 -21.95
MG MG MA . 11.74 -7.17 -13.41
MG MG NA . 22.28 1.53 -31.00
MG MG OA . -4.76 14.06 -17.74
MG MG PA . -52.99 47.13 -57.30
MG MG QA . -40.10 36.75 -40.32
MG MG RA . -42.07 34.53 -54.07
MG MG SA . -44.92 31.08 -59.40
MG MG TA . -32.52 22.75 -43.88
MG MG UA . -33.93 31.71 -36.30
MG MG VA . -57.26 16.58 0.18
MG MG WA . -38.58 -3.52 2.31
MG MG XA . -18.67 18.92 -19.60
MG MG YA . 11.33 29.61 -41.90
MG MG ZA . 14.08 44.29 -28.49
MG MG AB . 21.64 -3.23 -44.20
MG MG BB . -8.11 4.92 -26.20
MG MG CB . 9.59 -41.19 5.84
MG MG DB . 10.36 -24.98 29.62
MG MG EB . 4.64 -81.93 9.49
MG MG FB . 11.44 -53.53 24.89
MG MG GB . 11.91 -20.09 -20.71
MG MG HB . 6.93 -22.74 -19.65
MG MG IB . 19.64 -22.76 -17.49
MG MG JB . 23.36 -8.67 -46.81
MG MG KB . 10.55 -19.53 -24.57
MG MG LB . 29.30 -27.33 -39.63
MG MG MB . 10.35 25.27 -22.56
ZN ZN NB . 27.72 -17.92 -21.43
ZN ZN OB . -15.85 -37.77 34.75
MG MG PB . -71.19 65.74 -66.45
MG MG QB . 37.00 -40.58 -27.34
ZN ZN RB . -61.62 -59.91 46.80
#